data_8XLS
#
_entry.id   8XLS
#
_cell.length_a   1.00
_cell.length_b   1.00
_cell.length_c   1.00
_cell.angle_alpha   90.00
_cell.angle_beta   90.00
_cell.angle_gamma   90.00
#
_symmetry.space_group_name_H-M   'P 1'
#
loop_
_entity.id
_entity.type
_entity.pdbx_description
1 polymer 'Photosystem I P700 chlorophyll a apoprotein A1'
2 polymer 'Photosystem I P700 chlorophyll a apoprotein A2'
3 polymer 'Photosystem I iron-sulfur center'
4 polymer 'Photosystem I reaction center subunit II'
5 polymer 'Photosystem I reaction center subunit IV'
6 polymer 'Photosystem I reaction center subunit III'
7 polymer 'Photosystem I reaction center subunit VIII'
8 polymer 'Photosystem I reaction center subunit IX'
9 polymer 'Photosystem I reaction center subunit XI'
10 polymer 'Photosystem I reaction center subunit XII'
11 polymer 'Photosystem I reaction center subunit Psa29'
12 polymer 'Unknown protein'
13 polymer 'Fucoxanthin chlorophyll a/c-binding protein RedCAP'
14 polymer 'Fucoxanthin chl a/c light-harvesting protein'
15 polymer 'Pt17531-like protein'
16 polymer 'Fucoxanthin chl a/c light-harvesting protein, major type'
17 polymer 'Fucoxanthin chlorophyll a/c-binding protein Lhcq8'
18 non-polymer 'CHLOROPHYLL A ISOMER'
19 non-polymer 'CHLOROPHYLL A'
20 non-polymer PHYLLOQUINONE
21 non-polymer 'IRON/SULFUR CLUSTER'
22 non-polymer BETA-CAROTENE
23 non-polymer 1,2-DIPALMITOYL-PHOSPHATIDYL-GLYCEROLE
24 non-polymer DODECYL-BETA-D-MALTOSIDE
25 non-polymer 'UNKNOWN LIGAND'
26 non-polymer 'DIGALACTOSYL DIACYL GLYCEROL (DGDG)'
27 non-polymer Zeaxanthin
28 non-polymer "(3S,3'R,5R,6S,7cis)-7',8'-didehydro-5,6-dihydro-5,6-epoxy-beta,beta-carotene-3,3'-diol"
29 non-polymer 1,2-DISTEAROYL-MONOGALACTOSYL-DIGLYCERIDE
30 non-polymer 'Chlorophyll c1'
31 non-polymer "(3S,3'S,5R,5'R,6S,6'R,8'R)-3,5'-dihydroxy-8-oxo-6',7'-didehydro-5,5',6,6',7,8-hexahydro-5,6-epoxy-beta,beta-caroten-3'- yl acetate"
32 water water
#
loop_
_entity_poly.entity_id
_entity_poly.type
_entity_poly.pdbx_seq_one_letter_code
_entity_poly.pdbx_strand_id
1 'polypeptide(L)'
;MAISSTERRSKNVQVFVEKDAVETSFAKWAQPGHFSRTLAKGPKTTTWIWNLHADAHDFDSQTSSLEEVSRKIFSAHFGQ
LAIIFLWISGMHFHGAYFSNYSAWLTDPISIKQSSQVVWPIVGQEILNADVGGNFQGIQTTSGWFQMWRAEGITSEVELY
WTAIGGLAMSAIMLFAGWFHYHKAAPKLEWFQNAESMMNHHLAGLLGLGCLSWSGHQIHIALPINKLLDAGVSPQEIPLP
HEFLINRDLMAQLYPSFSKGLAPFFGGNWGEYSDFLTFKGGLNPVTGGLWLSDIAHHHLALSVLFIIAGHMYRTNWGIGH
NMKEILEAHKGPFTGEGHKGLYEILTTSWHAQLAINLAMMGSLSIIVAHHMYAMPPYPYLATDYATQLSLFTHHMWIGGF
CVVGGAAHGAIFMVRDYTPANNYNNLLDRVLRHRDAIISHLNWVCIFLGCHAFGFYIHNDTMRALGRPQDMFSDKAIQLQ
PIFAQWIQNIHLLAPGTTAPNALATTSYAFGGDVIEVGGKIAMMPIKLGTADFMVHHIHAFTIHVTVLILLKGVLYARSS
KLIPDKANLGFRFPCDGPGRGGTCQSSSWDHVFLGLFWMYNSISVVIFHFSWKMQSDVWGTITPDGAISHITGGNFAQSS
ITINGWLRDFLWSQASQVIQSYGSASSAYGLIFLGAHFIWAFSLMFLFSGRGYWQELIESIVWAHNKLNFAPTIQPRALS
ITQGRAVGLAHYLLGGIGTTWAFFLARAISIT
;
A
2 'polypeptide(L)'
;MATKFPKFSQALAQDPATRRIWYGIATAHDLEAHDGMTEENLYQKIFASHFGHLAIIFLWTSGNLFHVAWQGNFEKWVSN
PLKTRPIAHSIWDPHFGESALKAFSKGNTYPVNITFSGLYQWWYTIGFRTNQELYKGSIGLLLLASVLLIAGWLHLQPKF
RPSLSWFKNNESRLNHHLSGLLGFSSLAWTGHLVHVAIPASRGVHVGWDNFLTTPPHPAGLTPFFTGNWTVYAENPDSAT
HVFNTSEGSGTAILTFLGGFHPQTQSLWLSDMAHHHLAIAVVFIVAGHMYRTNFGIGHNMKEILDAHRPPGGRLGAGHVG
LFETITNSLHMQLGLALACLGVATSLTAQHMYALTPYAYLSKDFTTEAALYTHHQYIAGFLMVGAFAHGAIFFVRDYDPE
LNKNNVLARMLEHKEAIISHLSWASLFLGFHTLGLYIHNDTVVAFGQPEKQILFEPLFAEYIQAASGKAVYQFNVLLASS
TSPATAAGNQVWLPGWLEAINNPKTDLFLKIGPGDFLVHHAIALGLHVTALILVKGALDARGSKLMPDKKDFGYSFPCDG
PGRGGTCDISAWDAFYLAMFWMLNTIGWVTFYWHWKHMTIWGGNPGQFDESSNYIMGWLRDYLWLNSSPLINGYNPFGMN
NLSVWSWMFLFGHLIWATGFMFLISWRGYWQELIETLVWAHERTPLANLIRWRDKPVALSIVQARLVGLVHFSVGYILTY
AAFVIASTSGKFA
;
B
3 'polypeptide(L)'
;MSHTVKIYDTCIGCTQCVRACPTDVLEMVPWDGCKSGQIASSPRVEDCVGCKRCETACPTDFLSVRVYLGAETTRSLGLA
Y
;
C
4 'polypeptide(L)'
;MTLNLKTPFPTFGGSTGGWLRAAEVEEKYAITWTSTKEQIFEMPTGGAAIMRNGENLLYLARKEQCLALSTQLRTFKIND
YKIYRIFPSGEVQYLHPKDGVFPEKVNPGRTSVNSRGFSIGKNPNPASIKFSGITTYES
;
D
5 'polypeptide(L)' MIDRNSKVRILRKESYWFNQIGTVATVDQSGIRYPAVVRFESVNYAGTNTNNFALDELVEVKKEK E
6 'polypeptide(L)'
;MKRVNLLTLLFAVLIALTPNQALAEIGGLTKCSESAAFTKRLNASVKKLEQRASQYEADSPPALALKQQVERTQARFDKY
SRSELLCGADGLPHLVADGRWSHAAEFILPGFGFIYISGWIGWVGRKYLRAVSTSANPSESEIIINVPLALKIMTTGYIW
PISAWQELISNDLVAVSEEITVSPR
;
F
7 'polypeptide(L)' MAASFLPSILVPLVGLIFPAFSMALFFLYVQTDDIA I
8 'polypeptide(L)' MNDFQKYLSTAPVLLTLWMTFTAGFIIEVNRFFPDMLGLYF J
9 'polypeptide(L)'
;MANFIKPYNDDPFVGHLATPITSSSLTRALLKNLPAYRFGLTPLLRGLEIGLAHGYFLIGPFAQLGPLRNSDIGLLAGFL
STIGLILILTLGLTIYGAAAFGQEKSNGSELQTKKSWDQFKGGFFVGACGSAGFAFICLSSIPTFALN
;
L
10 'polypeptide(L)' MITDFQVYIALMAALLASVLAIRLGATLYQ M
11 'polypeptide(L)'
;MKIVLIALSAASVSAFAPNAFGVRRTCYFEWLDLTIPSCGETTSLNVDLDYGMKNSYVPATGGDGGQGQFGAQSPNDWRV
AGTSPVGETSYAGAADGGEEPWFAEAISTVSLDLQKADETLKAFTKDAAAFKIEEFAAEKPYGFTSSDAAMEELVGKLGY
SKFLEMSTKQLMKTWGTLHPDPAAAKEE
;
W
12 'polypeptide(L)'
;(UNK)(UNK)(UNK)(UNK)(UNK)(UNK)(UNK)(UNK)(UNK)(UNK)(UNK)(UNK)(UNK)(UNK)(UNK)(UNK)
(UNK)(UNK)(UNK)(UNK)(UNK)(UNK)(UNK)(UNK)(UNK)(UNK)(UNK)(UNK)(UNK)(UNK)(UNK)(UNK)
(UNK)(UNK)(UNK)(UNK)(UNK)(UNK)(UNK)(UNK)(UNK)(UNK)(UNK)(UNK)(UNK)(UNK)(UNK)(UNK)
(UNK)(UNK)(UNK)(UNK)(UNK)(UNK)(UNK)(UNK)(UNK)(UNK)(UNK)(UNK)(UNK)(UNK)(UNK)(UNK)
(UNK)(UNK)(UNK)(UNK)(UNK)(UNK)(UNK)(UNK)(UNK)(UNK)(UNK)(UNK)(UNK)(UNK)(UNK)(UNK)
(UNK)(UNK)(UNK)(UNK)
;
u
13 'polypeptide(L)'
;MKTAALVTLALAGSAQAFAPSTSRVSVSRTSTSVASSVFDDAVKDWAEEYPQFAAWGWGPSVQAEIWNGRHAMFGWVVMC
ACAYAKGHGLIPDADQTLDLKEWGTLATISGKNTITNERAIILIANVHALMVGLAATISPNSFADTLLLDPNHPMYEWQM
ERNSKLGGVMPNLGKMGVTPEAELANGRMAMMGIITCIAYSGIQGQSMIDTINEWVGGAYF
;
1
14 'polypeptide(L)'
;MLKAVLTTSLIAAASAFAPASVGRSTVALNEMSKSIPFLTVPEKLDGSMAGDVGFDPMGLSDIQTDLNYARWAELKHGRI
CMLAVVGMVWQEYGPHLPGDAYATKDPWEAISSVGFASNFQTLLAIGVVELANWNKYYGDGTPGDIGWTGGQLSKMNDAQ
IKTRMESEIVHCRLAMIAFIGATHQTFLLHKGLLDFSY
;
2
15 'polypeptide(L)'
;MKTAILATLAASAAAFAPASISSPSTTQLSAWRDEVVVGITAPVGFFDPLGLSKGKDDATMAYYREAELKNGRVAMAACL
GWYLNAGGVHPAFNSELSNDPLKAMVELPAVGWLQFVLGCGAIEWLGQQIKERPGYVPGDLLGASYWVDNSDEGWVMYQN
KELNNGRLAMLAIVGMVYQDVFVGDYGDMMYKQLVR
;
3
16 'polypeptide(L)'
;MKTACLIASSLIASASAFAPAPVAKSTTALSADFSGEIGAANAELGCWDPLNFCTDQASFDKMRYAELKHGRVAQLAAWG
YATTWSGARFPGCEDFPAGHEAVLKIGTENLIPVLVVAGALETLWKQKEGSFPGDFSATSFPVGFGPFAKTEADMIDLRT
KELNNGRAAMMGILGMIVHEQIDGKPFIFFDKFEIYAPFGN
;
4
17 'polypeptide(L)'
;MKSVCIALLASSVSAFAPSQQGPVKSALSYASELDSMTGTGIESPKVFDPLNLSDYVPVDWARRAELSNGRSAMLATVGW
FFPKVFGTFDSTDVTTTDPIDAIMQADPQWWAQWILICGVFETWKYKKEMEGKSFLGGADPAVDYLKLWPADAAAQEEMK
TKELKNARLAMIGIAGFAANHFIPGSCPVPDFIA
;
5
#
loop_
_chem_comp.id
_chem_comp.type
_chem_comp.name
_chem_comp.formula
5X6 non-polymer Zeaxanthin 'C40 H56 O2'
A86 non-polymer '(3S,3'S,5R,5'R,6S,6'R,8'R)-3,5'-dihydroxy-8-oxo-6',7'-didehydro-5,5',6,6',7,8-hexahydro-5,6-epoxy-beta,beta-caroten-3'- yl acetate' 'C42 H58 O6'
BCR non-polymer BETA-CAROTENE 'C40 H56'
CL0 non-polymer 'CHLOROPHYLL A ISOMER' 'C55 H72 Mg N4 O5 2'
CLA non-polymer 'CHLOROPHYLL A' 'C55 H72 Mg N4 O5'
DD6 non-polymer (3S,3'R,5R,6S,7cis)-7',8'-didehydro-5,6-dihydro-5,6-epoxy-beta,beta-carotene-3,3'-diol 'C40 H54 O3'
DGD saccharide 'DIGALACTOSYL DIACYL GLYCEROL (DGDG)' 'C51 H96 O15'
KC1 non-polymer 'Chlorophyll c1' 'C35 H30 Mg N4 O5'
LHG non-polymer 1,2-DIPALMITOYL-PHOSPHATIDYL-GLYCEROLE 'C38 H75 O10 P'
LMG non-polymer 1,2-DISTEAROYL-MONOGALACTOSYL-DIGLYCERIDE 'C45 H86 O10'
LMT D-saccharide DODECYL-BETA-D-MALTOSIDE 'C24 H46 O11'
PQN non-polymer PHYLLOQUINONE 'C31 H46 O2'
SF4 non-polymer 'IRON/SULFUR CLUSTER' 'Fe4 S4'
UNL non-polymer 'UNKNOWN LIGAND' ?
#
# COMPACT_ATOMS: atom_id res chain seq x y z
N ASN A 12 -33.00 11.89 49.13
CA ASN A 12 -34.41 11.59 49.14
C ASN A 12 -34.92 11.35 47.72
N VAL A 13 -35.30 10.10 47.44
CA VAL A 13 -35.78 9.71 46.12
C VAL A 13 -37.25 10.11 46.05
N GLN A 14 -37.56 11.09 45.20
CA GLN A 14 -38.91 11.62 45.10
C GLN A 14 -39.30 11.82 43.65
N VAL A 15 -40.61 11.84 43.43
CA VAL A 15 -41.18 12.07 42.11
C VAL A 15 -41.50 13.55 41.97
N PHE A 16 -40.83 14.21 41.03
CA PHE A 16 -41.08 15.62 40.74
C PHE A 16 -41.52 15.74 39.29
N VAL A 17 -42.74 16.23 39.07
CA VAL A 17 -43.31 16.33 37.74
C VAL A 17 -43.92 17.72 37.56
N GLU A 18 -43.67 18.32 36.41
CA GLU A 18 -44.34 19.55 36.01
C GLU A 18 -45.54 19.21 35.14
N LYS A 19 -46.68 19.83 35.43
CA LYS A 19 -47.92 19.53 34.73
C LYS A 19 -48.20 20.56 33.64
N ASP A 20 -48.75 20.06 32.53
CA ASP A 20 -49.03 20.88 31.34
C ASP A 20 -47.78 21.58 30.83
N ALA A 21 -46.71 20.80 30.67
CA ALA A 21 -45.44 21.37 30.26
C ALA A 21 -45.50 21.94 28.86
N VAL A 22 -46.10 21.22 27.93
CA VAL A 22 -46.10 21.61 26.52
C VAL A 22 -47.51 21.47 25.97
N GLU A 23 -47.98 22.51 25.27
CA GLU A 23 -49.28 22.46 24.64
C GLU A 23 -49.31 21.44 23.51
N THR A 24 -50.48 20.88 23.26
CA THR A 24 -50.67 19.96 22.15
C THR A 24 -51.35 20.73 21.02
N SER A 25 -50.68 20.84 19.89
CA SER A 25 -51.16 21.67 18.80
C SER A 25 -50.42 21.27 17.53
N PHE A 26 -51.03 21.56 16.39
CA PHE A 26 -50.44 21.25 15.09
C PHE A 26 -49.68 22.42 14.48
N ALA A 27 -49.57 23.54 15.17
CA ALA A 27 -48.88 24.71 14.63
C ALA A 27 -47.45 24.36 14.21
N LYS A 28 -46.68 23.76 15.11
CA LYS A 28 -45.28 23.46 14.80
C LYS A 28 -45.13 22.36 13.77
N TRP A 29 -46.14 21.49 13.63
CA TRP A 29 -46.14 20.54 12.51
C TRP A 29 -46.14 21.27 11.17
N ALA A 30 -46.66 22.49 11.13
CA ALA A 30 -46.68 23.30 9.93
C ALA A 30 -45.45 24.18 9.79
N GLN A 31 -44.57 24.18 10.79
CA GLN A 31 -43.37 24.99 10.79
C GLN A 31 -42.18 24.05 10.79
N PRO A 32 -41.85 23.43 9.65
CA PRO A 32 -40.73 22.48 9.63
C PRO A 32 -39.45 23.17 10.06
N GLY A 33 -38.67 22.49 10.90
CA GLY A 33 -37.45 23.04 11.44
C GLY A 33 -37.63 23.93 12.65
N HIS A 34 -38.81 23.93 13.26
CA HIS A 34 -39.10 24.78 14.41
C HIS A 34 -38.10 24.56 15.54
N PHE A 35 -37.57 23.35 15.66
CA PHE A 35 -36.70 23.00 16.78
C PHE A 35 -35.35 23.70 16.74
N SER A 36 -34.95 24.21 15.57
CA SER A 36 -33.64 24.80 15.39
C SER A 36 -33.77 26.27 15.06
N ARG A 37 -33.00 27.10 15.77
CA ARG A 37 -33.07 28.54 15.56
C ARG A 37 -32.67 28.92 14.13
N THR A 38 -31.61 28.31 13.61
CA THR A 38 -31.18 28.58 12.24
C THR A 38 -32.19 28.03 11.24
N LEU A 39 -32.58 26.77 11.41
CA LEU A 39 -33.49 26.15 10.45
C LEU A 39 -34.90 26.73 10.53
N ALA A 40 -35.23 27.43 11.62
CA ALA A 40 -36.57 27.99 11.76
C ALA A 40 -36.86 29.11 10.77
N LYS A 41 -35.83 29.80 10.27
CA LYS A 41 -36.06 30.90 9.33
C LYS A 41 -36.55 30.44 7.98
N GLY A 42 -36.51 29.15 7.68
CA GLY A 42 -36.98 28.64 6.41
C GLY A 42 -35.85 28.43 5.44
N PRO A 43 -36.11 27.67 4.37
CA PRO A 43 -35.04 27.30 3.44
C PRO A 43 -34.68 28.41 2.46
N LYS A 44 -33.40 28.51 2.16
CA LYS A 44 -32.90 29.29 1.05
C LYS A 44 -32.18 28.44 0.01
N THR A 45 -31.73 27.24 0.39
CA THR A 45 -31.12 26.27 -0.49
C THR A 45 -31.60 24.89 -0.08
N THR A 46 -31.41 23.92 -0.97
CA THR A 46 -31.83 22.55 -0.65
C THR A 46 -31.07 21.96 0.52
N THR A 47 -29.89 22.50 0.85
CA THR A 47 -29.15 22.05 2.02
C THR A 47 -30.01 22.10 3.28
N TRP A 48 -30.76 23.19 3.46
CA TRP A 48 -31.73 23.30 4.55
C TRP A 48 -32.51 22.00 4.72
N ILE A 49 -33.06 21.48 3.64
CA ILE A 49 -33.90 20.28 3.73
C ILE A 49 -33.13 19.15 4.38
N TRP A 50 -31.93 18.86 3.87
CA TRP A 50 -31.14 17.78 4.46
C TRP A 50 -30.84 18.07 5.91
N ASN A 51 -30.46 19.31 6.23
CA ASN A 51 -30.13 19.65 7.61
C ASN A 51 -31.30 19.34 8.52
N LEU A 52 -32.52 19.58 8.03
CA LEU A 52 -33.71 19.37 8.86
C LEU A 52 -33.78 17.93 9.34
N HIS A 53 -33.46 16.98 8.47
CA HIS A 53 -33.53 15.59 8.90
C HIS A 53 -32.33 15.22 9.76
N ALA A 54 -31.18 15.85 9.52
CA ALA A 54 -29.98 15.48 10.24
C ALA A 54 -30.02 15.93 11.70
N ASP A 55 -30.69 17.05 11.97
CA ASP A 55 -30.70 17.64 13.30
C ASP A 55 -32.01 17.40 14.04
N ALA A 56 -32.86 16.51 13.53
CA ALA A 56 -34.20 16.36 14.11
C ALA A 56 -34.15 15.80 15.53
N HIS A 57 -33.34 14.77 15.77
CA HIS A 57 -33.25 14.15 17.09
C HIS A 57 -32.01 14.55 17.86
N ASP A 58 -31.28 15.56 17.38
CA ASP A 58 -30.11 16.06 18.10
C ASP A 58 -30.61 17.05 19.15
N PHE A 59 -31.15 16.49 20.23
CA PHE A 59 -31.87 17.29 21.21
C PHE A 59 -30.97 18.31 21.90
N ASP A 60 -29.74 17.92 22.25
CA ASP A 60 -28.89 18.84 23.00
C ASP A 60 -28.44 20.04 22.17
N SER A 61 -28.56 19.99 20.85
CA SER A 61 -28.30 21.16 20.03
C SER A 61 -29.55 22.02 19.83
N GLN A 62 -30.72 21.51 20.20
CA GLN A 62 -31.97 22.26 20.09
C GLN A 62 -32.28 23.06 21.36
N THR A 63 -31.54 22.82 22.44
CA THR A 63 -31.79 23.47 23.73
C THR A 63 -30.59 23.24 24.61
N SER A 64 -30.32 24.19 25.51
CA SER A 64 -29.22 24.07 26.45
C SER A 64 -29.64 23.58 27.83
N SER A 65 -30.91 23.20 28.00
CA SER A 65 -31.39 22.70 29.29
C SER A 65 -31.39 21.18 29.29
N LEU A 66 -30.72 20.60 30.30
CA LEU A 66 -30.64 19.14 30.40
C LEU A 66 -31.98 18.52 30.73
N GLU A 67 -32.82 19.23 31.48
CA GLU A 67 -34.15 18.74 31.84
C GLU A 67 -35.02 18.54 30.61
N GLU A 68 -34.98 19.50 29.69
CA GLU A 68 -35.77 19.41 28.46
C GLU A 68 -35.28 18.26 27.59
N VAL A 69 -33.96 18.08 27.49
CA VAL A 69 -33.41 16.95 26.75
C VAL A 69 -33.89 15.63 27.35
N SER A 70 -33.87 15.54 28.69
CA SER A 70 -34.33 14.33 29.35
C SER A 70 -35.79 14.05 29.03
N ARG A 71 -36.64 15.08 29.07
CA ARG A 71 -38.06 14.89 28.79
C ARG A 71 -38.29 14.42 27.35
N LYS A 72 -37.59 15.05 26.40
CA LYS A 72 -37.71 14.63 25.01
C LYS A 72 -37.27 13.18 24.84
N ILE A 73 -36.18 12.80 25.51
CA ILE A 73 -35.66 11.43 25.40
C ILE A 73 -36.66 10.43 25.95
N PHE A 74 -37.25 10.73 27.11
CA PHE A 74 -38.22 9.83 27.74
C PHE A 74 -39.41 9.59 26.82
N SER A 75 -40.00 10.67 26.31
CA SER A 75 -41.17 10.53 25.44
C SER A 75 -40.82 9.80 24.15
N ALA A 76 -39.65 10.12 23.55
CA ALA A 76 -39.23 9.42 22.34
C ALA A 76 -39.02 7.94 22.59
N HIS A 77 -38.55 7.57 23.78
CA HIS A 77 -38.43 6.16 24.14
C HIS A 77 -39.80 5.49 24.15
N PHE A 78 -40.80 6.18 24.70
CA PHE A 78 -42.15 5.64 24.61
C PHE A 78 -42.58 5.44 23.16
N GLY A 79 -42.27 6.40 22.30
CA GLY A 79 -42.60 6.25 20.89
C GLY A 79 -41.97 5.03 20.25
N GLN A 80 -40.69 4.79 20.55
CA GLN A 80 -40.01 3.59 20.07
C GLN A 80 -40.68 2.33 20.58
N LEU A 81 -41.09 2.33 21.85
CA LEU A 81 -41.79 1.17 22.40
C LEU A 81 -43.12 0.92 21.68
N ALA A 82 -43.84 1.99 21.37
CA ALA A 82 -45.08 1.85 20.62
C ALA A 82 -44.83 1.23 19.25
N ILE A 83 -43.77 1.67 18.57
CA ILE A 83 -43.42 1.09 17.27
C ILE A 83 -43.09 -0.39 17.41
N ILE A 84 -42.32 -0.75 18.44
CA ILE A 84 -41.94 -2.14 18.62
C ILE A 84 -43.16 -3.02 18.90
N PHE A 85 -44.09 -2.52 19.73
CA PHE A 85 -45.32 -3.27 19.97
C PHE A 85 -46.14 -3.43 18.71
N LEU A 86 -46.20 -2.38 17.88
CA LEU A 86 -46.90 -2.50 16.61
C LEU A 86 -46.29 -3.59 15.74
N TRP A 87 -44.95 -3.64 15.70
CA TRP A 87 -44.24 -4.63 14.90
C TRP A 87 -44.53 -6.06 15.40
N ILE A 88 -44.45 -6.26 16.71
CA ILE A 88 -44.72 -7.60 17.27
C ILE A 88 -46.18 -8.00 17.01
N SER A 89 -47.11 -7.07 17.20
CA SER A 89 -48.52 -7.35 16.97
C SER A 89 -48.76 -7.72 15.50
N GLY A 90 -48.09 -7.03 14.59
CA GLY A 90 -48.20 -7.39 13.18
C GLY A 90 -47.69 -8.78 12.89
N MET A 91 -46.56 -9.15 13.48
CA MET A 91 -46.06 -10.51 13.30
C MET A 91 -47.06 -11.55 13.80
N HIS A 92 -47.66 -11.30 14.97
CA HIS A 92 -48.67 -12.24 15.48
C HIS A 92 -49.91 -12.29 14.60
N PHE A 93 -50.33 -11.15 14.06
N PHE A 93 -50.34 -11.14 14.06
CA PHE A 93 -51.48 -11.14 13.17
CA PHE A 93 -51.48 -11.11 13.15
C PHE A 93 -51.21 -11.89 11.87
C PHE A 93 -51.20 -11.91 11.88
N HIS A 94 -50.00 -11.76 11.32
CA HIS A 94 -49.65 -12.51 10.13
C HIS A 94 -49.53 -14.00 10.42
N GLY A 95 -49.06 -14.36 11.61
CA GLY A 95 -49.14 -15.75 12.03
C GLY A 95 -50.57 -16.24 12.16
N ALA A 96 -51.48 -15.38 12.61
CA ALA A 96 -52.86 -15.77 12.79
C ALA A 96 -53.65 -15.87 11.50
N TYR A 97 -53.33 -15.09 10.47
CA TYR A 97 -54.16 -15.07 9.26
C TYR A 97 -53.43 -15.35 7.96
N PHE A 98 -52.11 -15.31 7.91
CA PHE A 98 -51.40 -15.51 6.66
C PHE A 98 -50.27 -16.52 6.83
N SER A 99 -50.51 -17.58 7.59
CA SER A 99 -49.47 -18.55 7.91
C SER A 99 -50.01 -19.97 7.84
N ASN A 100 -49.09 -20.93 7.78
CA ASN A 100 -49.42 -22.34 7.91
C ASN A 100 -49.04 -22.89 9.27
N TYR A 101 -49.19 -22.08 10.33
CA TYR A 101 -48.76 -22.48 11.65
C TYR A 101 -49.50 -23.71 12.14
N SER A 102 -50.82 -23.77 11.91
CA SER A 102 -51.59 -24.94 12.35
C SER A 102 -51.10 -26.22 11.70
N ALA A 103 -50.85 -26.16 10.38
CA ALA A 103 -50.36 -27.34 9.68
C ALA A 103 -48.94 -27.68 10.12
N TRP A 104 -48.10 -26.67 10.30
CA TRP A 104 -46.73 -26.89 10.74
C TRP A 104 -46.70 -27.55 12.10
N LEU A 105 -47.66 -27.22 12.96
CA LEU A 105 -47.74 -27.85 14.28
C LEU A 105 -47.84 -29.36 14.19
N THR A 106 -48.65 -29.87 13.26
CA THR A 106 -48.82 -31.32 13.14
C THR A 106 -47.57 -32.01 12.64
N ASP A 107 -46.87 -31.43 11.67
CA ASP A 107 -45.63 -32.00 11.13
C ASP A 107 -44.57 -30.91 10.98
N PRO A 108 -43.85 -30.60 12.06
CA PRO A 108 -42.84 -29.52 11.99
C PRO A 108 -41.68 -29.82 11.07
N ILE A 109 -41.50 -31.08 10.66
CA ILE A 109 -40.31 -31.51 9.93
C ILE A 109 -40.44 -31.28 8.42
N SER A 110 -41.58 -31.60 7.83
CA SER A 110 -41.72 -31.53 6.38
C SER A 110 -42.35 -30.25 5.88
N ILE A 111 -43.09 -29.54 6.72
CA ILE A 111 -43.77 -28.32 6.31
C ILE A 111 -42.83 -27.13 6.52
N LYS A 112 -42.73 -26.29 5.50
CA LYS A 112 -41.89 -25.09 5.58
C LYS A 112 -42.70 -23.96 6.20
N GLN A 113 -42.14 -23.35 7.24
CA GLN A 113 -42.77 -22.21 7.89
C GLN A 113 -42.95 -21.06 6.91
N SER A 114 -44.13 -20.45 6.94
CA SER A 114 -44.44 -19.35 6.04
C SER A 114 -45.47 -18.46 6.71
N SER A 115 -45.18 -17.16 6.80
CA SER A 115 -46.07 -16.19 7.41
C SER A 115 -46.24 -14.93 6.58
N GLN A 116 -45.79 -14.93 5.33
CA GLN A 116 -46.02 -13.82 4.43
C GLN A 116 -46.58 -14.35 3.12
N VAL A 117 -47.64 -13.71 2.64
CA VAL A 117 -48.31 -14.05 1.39
C VAL A 117 -48.36 -12.78 0.54
N VAL A 118 -48.14 -12.95 -0.76
CA VAL A 118 -48.15 -11.83 -1.71
C VAL A 118 -49.40 -11.90 -2.58
N TRP A 119 -49.86 -10.75 -3.02
CA TRP A 119 -51.01 -10.67 -3.90
C TRP A 119 -50.63 -11.04 -5.33
N PRO A 120 -51.55 -11.62 -6.10
CA PRO A 120 -51.29 -11.91 -7.51
C PRO A 120 -51.35 -10.61 -8.32
N ILE A 121 -50.20 -10.13 -8.74
CA ILE A 121 -50.11 -8.93 -9.56
C ILE A 121 -48.78 -8.99 -10.30
N VAL A 122 -48.81 -8.58 -11.57
CA VAL A 122 -47.65 -8.58 -12.48
C VAL A 122 -46.80 -9.84 -12.41
N GLY A 123 -47.40 -10.97 -12.03
CA GLY A 123 -46.70 -12.23 -11.99
C GLY A 123 -45.95 -12.52 -10.71
N GLN A 124 -45.97 -11.61 -9.74
CA GLN A 124 -45.21 -11.79 -8.50
C GLN A 124 -45.72 -12.94 -7.65
N GLU A 125 -46.89 -13.50 -7.95
CA GLU A 125 -47.44 -14.57 -7.14
C GLU A 125 -46.56 -15.82 -7.14
N ILE A 126 -45.63 -15.92 -8.09
CA ILE A 126 -44.63 -16.99 -8.09
C ILE A 126 -43.89 -17.04 -6.76
N LEU A 127 -43.81 -15.91 -6.06
CA LEU A 127 -43.18 -15.87 -4.75
C LEU A 127 -43.92 -16.66 -3.69
N ASN A 128 -45.18 -17.03 -3.93
CA ASN A 128 -45.94 -17.86 -2.99
C ASN A 128 -45.49 -19.30 -3.19
N ALA A 129 -44.47 -19.72 -2.44
CA ALA A 129 -43.87 -21.03 -2.61
C ALA A 129 -44.81 -22.12 -2.13
N ASP A 130 -44.59 -23.33 -2.65
CA ASP A 130 -45.33 -24.52 -2.24
C ASP A 130 -44.72 -25.03 -0.94
N VAL A 131 -45.06 -24.33 0.16
CA VAL A 131 -44.42 -24.60 1.45
C VAL A 131 -45.07 -25.73 2.24
N GLY A 132 -46.18 -26.27 1.75
CA GLY A 132 -46.82 -27.38 2.44
C GLY A 132 -47.90 -26.94 3.39
N GLY A 133 -48.77 -27.88 3.74
CA GLY A 133 -49.90 -27.58 4.59
C GLY A 133 -51.07 -26.92 3.88
N ASN A 134 -51.25 -27.20 2.59
CA ASN A 134 -52.31 -26.58 1.79
C ASN A 134 -52.21 -25.06 1.81
N PHE A 135 -50.98 -24.58 1.71
CA PHE A 135 -50.70 -23.17 1.90
C PHE A 135 -49.58 -22.75 0.97
N GLN A 136 -49.71 -21.58 0.37
CA GLN A 136 -48.68 -21.00 -0.48
C GLN A 136 -48.26 -19.66 0.08
N GLY A 137 -46.95 -19.43 0.13
CA GLY A 137 -46.45 -18.18 0.64
C GLY A 137 -44.94 -18.12 0.58
N ILE A 138 -44.40 -17.16 1.27
CA ILE A 138 -42.96 -16.96 1.36
C ILE A 138 -42.45 -17.69 2.58
N GLN A 139 -41.34 -18.40 2.42
CA GLN A 139 -40.72 -19.09 3.54
C GLN A 139 -40.03 -18.06 4.43
N THR A 140 -40.47 -17.94 5.68
CA THR A 140 -39.94 -16.96 6.60
C THR A 140 -38.96 -17.59 7.58
N THR A 141 -37.97 -16.81 8.00
CA THR A 141 -36.80 -17.34 8.69
C THR A 141 -36.55 -16.65 10.03
N SER A 142 -37.53 -15.95 10.57
CA SER A 142 -37.30 -15.24 11.82
C SER A 142 -37.61 -16.08 13.05
N GLY A 143 -38.02 -17.33 12.89
CA GLY A 143 -38.22 -18.23 14.01
C GLY A 143 -39.52 -18.11 14.75
N TRP A 144 -40.57 -17.56 14.13
CA TRP A 144 -41.82 -17.33 14.84
C TRP A 144 -42.50 -18.62 15.25
N PHE A 145 -42.55 -19.61 14.35
CA PHE A 145 -43.25 -20.86 14.67
C PHE A 145 -42.58 -21.58 15.82
N GLN A 146 -41.24 -21.64 15.83
CA GLN A 146 -40.53 -22.30 16.91
C GLN A 146 -40.78 -21.62 18.24
N MET A 147 -40.75 -20.28 18.26
CA MET A 147 -41.01 -19.54 19.49
C MET A 147 -42.43 -19.76 19.98
N TRP A 148 -43.40 -19.69 19.08
CA TRP A 148 -44.80 -19.89 19.45
C TRP A 148 -45.04 -21.30 19.98
N ARG A 149 -44.45 -22.31 19.35
N ARG A 149 -44.45 -22.31 19.35
CA ARG A 149 -44.59 -23.67 19.84
CA ARG A 149 -44.59 -23.67 19.85
C ARG A 149 -43.93 -23.82 21.21
C ARG A 149 -43.93 -23.82 21.21
N ALA A 150 -42.79 -23.17 21.42
CA ALA A 150 -42.14 -23.23 22.73
C ALA A 150 -42.98 -22.57 23.81
N GLU A 151 -43.70 -21.49 23.46
CA GLU A 151 -44.59 -20.81 24.41
C GLU A 151 -45.83 -21.62 24.77
N GLY A 152 -46.16 -22.63 23.99
CA GLY A 152 -47.40 -23.36 24.16
C GLY A 152 -48.54 -22.94 23.25
N ILE A 153 -48.27 -22.08 22.27
CA ILE A 153 -49.31 -21.62 21.36
C ILE A 153 -49.68 -22.76 20.42
N THR A 154 -50.95 -23.17 20.43
CA THR A 154 -51.40 -24.26 19.58
C THR A 154 -52.47 -23.86 18.57
N SER A 155 -52.98 -22.63 18.63
CA SER A 155 -54.07 -22.24 17.76
C SER A 155 -53.85 -20.82 17.27
N GLU A 156 -54.44 -20.53 16.10
CA GLU A 156 -54.34 -19.18 15.55
C GLU A 156 -55.15 -18.18 16.36
N VAL A 157 -56.13 -18.65 17.13
CA VAL A 157 -56.90 -17.73 17.99
C VAL A 157 -56.03 -17.16 19.10
N GLU A 158 -55.14 -17.97 19.68
CA GLU A 158 -54.19 -17.45 20.65
C GLU A 158 -53.28 -16.40 20.03
N LEU A 159 -52.84 -16.64 18.79
CA LEU A 159 -52.04 -15.64 18.09
C LEU A 159 -52.82 -14.37 17.84
N TYR A 160 -54.10 -14.48 17.49
CA TYR A 160 -54.93 -13.30 17.29
C TYR A 160 -55.04 -12.49 18.58
N TRP A 161 -55.23 -13.16 19.71
CA TRP A 161 -55.33 -12.43 20.97
C TRP A 161 -54.00 -11.79 21.37
N THR A 162 -52.89 -12.47 21.13
CA THR A 162 -51.59 -11.86 21.36
C THR A 162 -51.39 -10.62 20.49
N ALA A 163 -51.82 -10.69 19.23
CA ALA A 163 -51.76 -9.51 18.36
C ALA A 163 -52.65 -8.38 18.85
N ILE A 164 -53.86 -8.70 19.33
CA ILE A 164 -54.74 -7.66 19.85
C ILE A 164 -54.12 -6.97 21.05
N GLY A 165 -53.55 -7.76 21.96
CA GLY A 165 -52.85 -7.18 23.10
C GLY A 165 -51.65 -6.35 22.68
N GLY A 166 -50.95 -6.78 21.64
CA GLY A 166 -49.85 -5.98 21.11
C GLY A 166 -50.30 -4.63 20.62
N LEU A 167 -51.44 -4.58 19.90
CA LEU A 167 -52.02 -3.31 19.48
C LEU A 167 -52.38 -2.45 20.68
N ALA A 168 -53.01 -3.04 21.69
CA ALA A 168 -53.38 -2.29 22.89
C ALA A 168 -52.16 -1.69 23.56
N MET A 169 -51.09 -2.49 23.70
CA MET A 169 -49.86 -2.00 24.31
C MET A 169 -49.21 -0.91 23.48
N SER A 170 -49.25 -1.04 22.15
CA SER A 170 -48.71 0.01 21.30
C SER A 170 -49.43 1.33 21.51
N ALA A 171 -50.77 1.29 21.57
CA ALA A 171 -51.54 2.50 21.87
C ALA A 171 -51.21 3.04 23.25
N ILE A 172 -51.05 2.16 24.23
CA ILE A 172 -50.73 2.60 25.59
C ILE A 172 -49.38 3.30 25.62
N MET A 173 -48.38 2.74 24.94
CA MET A 173 -47.07 3.40 24.90
C MET A 173 -47.15 4.76 24.23
N LEU A 174 -47.92 4.86 23.14
CA LEU A 174 -48.06 6.14 22.47
C LEU A 174 -48.72 7.18 23.37
N PHE A 175 -49.80 6.79 24.06
CA PHE A 175 -50.42 7.71 25.00
C PHE A 175 -49.47 8.09 26.13
N ALA A 176 -48.69 7.13 26.62
CA ALA A 176 -47.77 7.41 27.71
C ALA A 176 -46.71 8.42 27.28
N GLY A 177 -46.24 8.30 26.04
CA GLY A 177 -45.28 9.28 25.55
C GLY A 177 -45.87 10.67 25.45
N TRP A 178 -47.08 10.76 24.88
CA TRP A 178 -47.75 12.05 24.84
C TRP A 178 -47.95 12.62 26.24
N PHE A 179 -48.39 11.77 27.17
CA PHE A 179 -48.68 12.21 28.53
C PHE A 179 -47.44 12.71 29.25
N HIS A 180 -46.33 11.98 29.12
CA HIS A 180 -45.12 12.38 29.82
C HIS A 180 -44.32 13.44 29.09
N TYR A 181 -44.70 13.83 27.87
CA TYR A 181 -44.14 15.06 27.33
C TYR A 181 -45.02 16.28 27.57
N HIS A 182 -46.32 16.16 27.31
CA HIS A 182 -47.20 17.31 27.23
C HIS A 182 -47.99 17.56 28.52
N LYS A 183 -48.26 16.52 29.31
CA LYS A 183 -49.09 16.64 30.50
C LYS A 183 -48.32 16.53 31.81
N ALA A 184 -47.46 15.53 31.96
CA ALA A 184 -46.74 15.31 33.21
C ALA A 184 -45.27 15.01 32.87
N ALA A 185 -44.46 16.05 32.77
CA ALA A 185 -43.06 15.91 32.39
C ALA A 185 -42.20 15.89 33.63
N PRO A 186 -41.45 14.82 33.89
CA PRO A 186 -40.64 14.76 35.12
C PRO A 186 -39.52 15.80 35.09
N LYS A 187 -39.17 16.28 36.28
CA LYS A 187 -38.07 17.21 36.46
C LYS A 187 -36.73 16.48 36.32
N LEU A 188 -35.67 17.26 36.06
CA LEU A 188 -34.35 16.66 35.89
C LEU A 188 -33.94 15.88 37.12
N GLU A 189 -34.28 16.38 38.31
CA GLU A 189 -33.96 15.65 39.54
C GLU A 189 -34.55 14.24 39.54
N TRP A 190 -35.71 14.06 38.89
CA TRP A 190 -36.28 12.72 38.77
C TRP A 190 -35.37 11.81 37.95
N PHE A 191 -34.88 12.31 36.81
CA PHE A 191 -34.06 11.49 35.93
C PHE A 191 -32.75 11.09 36.60
N GLN A 192 -32.16 12.00 37.37
CA GLN A 192 -30.89 11.72 38.07
C GLN A 192 -31.13 10.89 39.33
N ASN A 193 -31.59 9.67 39.11
CA ASN A 193 -31.90 8.71 40.17
C ASN A 193 -31.31 7.36 39.81
N ALA A 194 -30.01 7.36 39.49
CA ALA A 194 -29.33 6.17 39.03
C ALA A 194 -29.52 5.00 39.99
N GLU A 195 -29.42 5.25 41.29
CA GLU A 195 -29.59 4.18 42.27
C GLU A 195 -30.98 3.57 42.19
N SER A 196 -32.02 4.40 42.25
CA SER A 196 -33.39 3.89 42.20
C SER A 196 -33.70 3.24 40.86
N MET A 197 -33.19 3.82 39.77
CA MET A 197 -33.41 3.23 38.45
C MET A 197 -32.78 1.85 38.37
N MET A 198 -31.55 1.69 38.87
CA MET A 198 -30.92 0.37 38.87
C MET A 198 -31.69 -0.60 39.74
N ASN A 199 -32.13 -0.17 40.93
CA ASN A 199 -32.88 -1.06 41.80
C ASN A 199 -34.15 -1.57 41.12
N HIS A 200 -34.90 -0.66 40.49
CA HIS A 200 -36.14 -1.07 39.82
C HIS A 200 -35.87 -1.94 38.60
N HIS A 201 -34.91 -1.54 37.76
CA HIS A 201 -34.68 -2.28 36.52
C HIS A 201 -34.07 -3.65 36.77
N LEU A 202 -33.28 -3.81 37.84
CA LEU A 202 -32.80 -5.13 38.19
C LEU A 202 -33.90 -5.96 38.83
N ALA A 203 -34.45 -5.48 39.96
CA ALA A 203 -35.41 -6.28 40.70
C ALA A 203 -36.75 -6.37 39.99
N GLY A 204 -37.27 -5.25 39.52
CA GLY A 204 -38.57 -5.24 38.88
C GLY A 204 -38.57 -5.69 37.44
N LEU A 205 -37.86 -5.00 36.57
CA LEU A 205 -37.93 -5.31 35.16
C LEU A 205 -37.32 -6.68 34.85
N LEU A 206 -36.10 -6.92 35.33
CA LEU A 206 -35.42 -8.17 35.01
C LEU A 206 -35.84 -9.31 35.93
N GLY A 207 -35.87 -9.06 37.24
CA GLY A 207 -36.25 -10.06 38.20
C GLY A 207 -37.69 -10.52 38.11
N LEU A 208 -38.65 -9.58 38.18
CA LEU A 208 -40.05 -9.96 38.03
C LEU A 208 -40.36 -10.46 36.64
N GLY A 209 -39.70 -9.92 35.61
CA GLY A 209 -39.87 -10.47 34.27
C GLY A 209 -39.46 -11.92 34.20
N CYS A 210 -38.29 -12.25 34.75
CA CYS A 210 -37.85 -13.65 34.78
C CYS A 210 -38.78 -14.51 35.62
N LEU A 211 -39.22 -14.02 36.78
CA LEU A 211 -40.10 -14.81 37.64
C LEU A 211 -41.42 -15.12 36.95
N SER A 212 -42.02 -14.10 36.32
CA SER A 212 -43.30 -14.31 35.65
C SER A 212 -43.16 -15.20 34.42
N TRP A 213 -42.06 -15.05 33.67
CA TRP A 213 -41.86 -15.93 32.53
C TRP A 213 -41.63 -17.37 32.97
N SER A 214 -40.91 -17.56 34.08
CA SER A 214 -40.77 -18.90 34.63
C SER A 214 -42.11 -19.44 35.05
N GLY A 215 -42.99 -18.58 35.57
CA GLY A 215 -44.34 -19.01 35.89
C GLY A 215 -45.10 -19.50 34.67
N HIS A 216 -45.02 -18.73 33.58
CA HIS A 216 -45.66 -19.17 32.34
C HIS A 216 -45.08 -20.50 31.86
N GLN A 217 -43.76 -20.64 31.91
CA GLN A 217 -43.11 -21.84 31.42
C GLN A 217 -43.50 -23.05 32.26
N ILE A 218 -43.47 -22.90 33.58
CA ILE A 218 -43.81 -24.00 34.48
C ILE A 218 -45.27 -24.41 34.29
N HIS A 219 -46.18 -23.44 34.20
CA HIS A 219 -47.59 -23.75 34.23
C HIS A 219 -48.20 -24.01 32.86
N ILE A 220 -47.64 -23.44 31.79
CA ILE A 220 -48.30 -23.50 30.49
C ILE A 220 -47.41 -24.19 29.48
N ALA A 221 -46.22 -23.62 29.24
CA ALA A 221 -45.38 -24.09 28.15
C ALA A 221 -44.87 -25.50 28.38
N LEU A 222 -44.47 -25.82 29.61
CA LEU A 222 -43.92 -27.14 29.90
C LEU A 222 -44.89 -28.28 29.62
N PRO A 223 -46.09 -28.32 30.21
CA PRO A 223 -46.99 -29.46 29.92
C PRO A 223 -47.45 -29.52 28.48
N ILE A 224 -47.67 -28.36 27.84
CA ILE A 224 -48.08 -28.36 26.45
C ILE A 224 -47.00 -28.95 25.56
N ASN A 225 -45.74 -28.57 25.81
CA ASN A 225 -44.64 -29.14 25.03
C ASN A 225 -44.40 -30.61 25.36
N LYS A 226 -44.60 -31.02 26.61
CA LYS A 226 -44.48 -32.44 26.93
C LYS A 226 -45.50 -33.27 26.16
N LEU A 227 -46.74 -32.78 26.09
CA LEU A 227 -47.77 -33.44 25.28
C LEU A 227 -47.42 -33.42 23.80
N LEU A 228 -47.04 -32.24 23.28
CA LEU A 228 -46.74 -32.11 21.86
C LEU A 228 -45.58 -33.01 21.43
N ASP A 229 -44.55 -33.11 22.27
CA ASP A 229 -43.45 -34.02 21.98
C ASP A 229 -43.90 -35.47 22.04
N ALA A 230 -44.75 -35.81 23.02
CA ALA A 230 -45.25 -37.17 23.15
C ALA A 230 -46.09 -37.63 21.97
N GLY A 231 -46.40 -36.74 21.03
CA GLY A 231 -47.19 -37.10 19.87
C GLY A 231 -48.66 -36.75 19.94
N VAL A 232 -49.09 -36.04 20.97
CA VAL A 232 -50.49 -35.65 21.08
C VAL A 232 -50.79 -34.57 20.04
N SER A 233 -51.97 -34.67 19.42
CA SER A 233 -52.36 -33.69 18.43
C SER A 233 -52.63 -32.34 19.09
N PRO A 234 -52.37 -31.23 18.39
CA PRO A 234 -52.68 -29.92 18.97
C PRO A 234 -54.16 -29.73 19.29
N GLN A 235 -55.05 -30.37 18.54
CA GLN A 235 -56.49 -30.21 18.74
C GLN A 235 -57.02 -31.04 19.91
N GLU A 236 -56.20 -31.89 20.51
CA GLU A 236 -56.59 -32.64 21.70
C GLU A 236 -55.92 -32.16 22.98
N ILE A 237 -54.96 -31.25 22.89
CA ILE A 237 -54.25 -30.79 24.08
C ILE A 237 -55.17 -29.87 24.88
N PRO A 238 -55.24 -30.02 26.20
CA PRO A 238 -56.13 -29.17 27.00
C PRO A 238 -55.78 -27.69 26.85
N LEU A 239 -56.80 -26.84 26.94
CA LEU A 239 -56.59 -25.42 26.87
C LEU A 239 -55.69 -24.97 28.03
N PRO A 240 -54.92 -23.89 27.85
CA PRO A 240 -53.93 -23.51 28.87
C PRO A 240 -54.48 -23.28 30.26
N HIS A 241 -55.70 -22.73 30.39
CA HIS A 241 -56.24 -22.47 31.72
C HIS A 241 -56.63 -23.75 32.45
N GLU A 242 -56.86 -24.85 31.73
CA GLU A 242 -57.15 -26.11 32.40
C GLU A 242 -55.97 -26.57 33.24
N PHE A 243 -54.74 -26.34 32.76
CA PHE A 243 -53.58 -26.68 33.56
C PHE A 243 -53.51 -25.85 34.84
N LEU A 244 -54.06 -24.64 34.82
CA LEU A 244 -54.15 -23.83 36.04
C LEU A 244 -55.24 -24.33 36.97
N ILE A 245 -56.42 -24.68 36.44
CA ILE A 245 -57.56 -25.03 37.29
C ILE A 245 -57.65 -26.52 37.57
N ASN A 246 -56.68 -27.32 37.13
CA ASN A 246 -56.72 -28.77 37.30
C ASN A 246 -55.31 -29.20 37.71
N ARG A 247 -55.08 -29.23 39.02
CA ARG A 247 -53.79 -29.73 39.52
C ARG A 247 -53.61 -31.20 39.21
N ASP A 248 -54.71 -31.93 38.97
CA ASP A 248 -54.61 -33.34 38.57
C ASP A 248 -54.06 -33.48 37.16
N LEU A 249 -54.42 -32.55 36.27
CA LEU A 249 -53.87 -32.58 34.91
C LEU A 249 -52.35 -32.48 34.93
N MET A 250 -51.82 -31.58 35.77
CA MET A 250 -50.38 -31.45 35.93
C MET A 250 -49.78 -32.64 36.66
N ALA A 251 -50.50 -33.17 37.65
CA ALA A 251 -50.02 -34.35 38.37
C ALA A 251 -49.88 -35.56 37.46
N GLN A 252 -50.72 -35.66 36.42
CA GLN A 252 -50.53 -36.73 35.45
C GLN A 252 -49.20 -36.59 34.73
N LEU A 253 -48.81 -35.36 34.37
CA LEU A 253 -47.58 -35.14 33.62
C LEU A 253 -46.37 -35.06 34.56
N TYR A 254 -46.38 -34.10 35.48
CA TYR A 254 -45.29 -33.93 36.45
C TYR A 254 -45.80 -34.27 37.83
N PRO A 255 -45.47 -35.45 38.35
CA PRO A 255 -46.12 -35.92 39.58
C PRO A 255 -45.90 -35.04 40.79
N SER A 256 -44.80 -34.29 40.85
CA SER A 256 -44.54 -33.46 42.02
C SER A 256 -45.55 -32.33 42.18
N PHE A 257 -46.34 -32.02 41.14
CA PHE A 257 -47.43 -31.07 41.30
C PHE A 257 -48.53 -31.59 42.22
N SER A 258 -48.61 -32.91 42.41
CA SER A 258 -49.56 -33.43 43.38
C SER A 258 -49.18 -33.11 44.81
N LYS A 259 -47.92 -32.72 45.06
CA LYS A 259 -47.55 -32.20 46.37
C LYS A 259 -47.85 -30.72 46.50
N GLY A 260 -47.85 -29.98 45.39
CA GLY A 260 -48.21 -28.58 45.40
C GLY A 260 -47.09 -27.65 45.82
N LEU A 261 -47.43 -26.59 46.55
CA LEU A 261 -46.44 -25.61 46.99
C LEU A 261 -45.90 -25.89 48.37
N ALA A 262 -46.29 -27.00 48.98
CA ALA A 262 -45.80 -27.37 50.31
C ALA A 262 -44.29 -27.55 50.32
N PRO A 263 -43.69 -28.27 49.37
CA PRO A 263 -42.22 -28.33 49.32
C PRO A 263 -41.53 -26.99 49.12
N PHE A 264 -42.14 -26.05 48.39
CA PHE A 264 -41.47 -24.77 48.14
C PHE A 264 -41.24 -24.01 49.45
N PHE A 265 -42.29 -23.87 50.26
CA PHE A 265 -42.17 -23.19 51.55
C PHE A 265 -41.58 -24.07 52.63
N GLY A 266 -41.62 -25.40 52.47
CA GLY A 266 -40.96 -26.27 53.42
C GLY A 266 -39.46 -26.34 53.21
N GLY A 267 -39.00 -25.99 52.02
CA GLY A 267 -37.59 -26.03 51.70
C GLY A 267 -37.12 -27.28 51.00
N ASN A 268 -37.94 -28.33 50.93
CA ASN A 268 -37.60 -29.52 50.17
C ASN A 268 -37.77 -29.26 48.69
N TRP A 269 -36.93 -28.40 48.13
CA TRP A 269 -37.03 -28.04 46.71
C TRP A 269 -36.65 -29.20 45.79
N GLY A 270 -35.89 -30.18 46.29
CA GLY A 270 -35.56 -31.34 45.47
C GLY A 270 -36.78 -32.07 44.93
N GLU A 271 -37.91 -31.97 45.62
CA GLU A 271 -39.15 -32.56 45.13
C GLU A 271 -39.51 -32.08 43.74
N TYR A 272 -39.19 -30.83 43.41
CA TYR A 272 -39.52 -30.28 42.09
C TYR A 272 -38.48 -30.67 41.03
N SER A 273 -37.69 -31.71 41.29
CA SER A 273 -36.67 -32.11 40.32
C SER A 273 -37.25 -32.65 39.02
N ASP A 274 -38.54 -33.00 39.00
CA ASP A 274 -39.12 -33.55 37.77
C ASP A 274 -39.41 -32.47 36.73
N PHE A 275 -39.66 -31.23 37.14
CA PHE A 275 -39.86 -30.15 36.18
C PHE A 275 -38.84 -29.02 36.25
N LEU A 276 -37.96 -29.02 37.24
CA LEU A 276 -36.83 -28.09 37.29
C LEU A 276 -35.56 -28.94 37.23
N THR A 277 -34.98 -29.07 36.05
CA THR A 277 -33.91 -30.02 35.81
C THR A 277 -32.59 -29.31 35.51
N PHE A 278 -31.55 -30.11 35.34
CA PHE A 278 -30.24 -29.64 34.93
C PHE A 278 -29.68 -30.62 33.91
N LYS A 279 -30.48 -30.99 32.90
CA LYS A 279 -30.08 -32.02 31.96
C LYS A 279 -28.97 -31.57 31.00
N GLY A 280 -29.03 -30.34 30.52
CA GLY A 280 -28.07 -29.98 29.49
C GLY A 280 -28.40 -30.72 28.20
N GLY A 281 -27.48 -30.61 27.25
CA GLY A 281 -27.69 -31.24 25.96
C GLY A 281 -28.88 -30.64 25.23
N LEU A 282 -29.54 -31.47 24.44
CA LEU A 282 -30.73 -31.08 23.69
C LEU A 282 -31.81 -32.14 23.84
N ASN A 283 -33.06 -31.71 23.67
CA ASN A 283 -34.18 -32.64 23.65
C ASN A 283 -34.08 -33.48 22.37
N PRO A 284 -34.01 -34.81 22.47
CA PRO A 284 -33.81 -35.62 21.25
C PRO A 284 -34.93 -35.51 20.25
N VAL A 285 -36.18 -35.31 20.69
CA VAL A 285 -37.30 -35.22 19.77
C VAL A 285 -37.30 -33.90 19.02
N THR A 286 -37.12 -32.78 19.73
CA THR A 286 -37.20 -31.46 19.12
C THR A 286 -35.86 -30.93 18.62
N GLY A 287 -34.74 -31.35 19.19
CA GLY A 287 -33.47 -30.74 18.86
C GLY A 287 -33.22 -29.40 19.54
N GLY A 288 -34.05 -29.03 20.52
CA GLY A 288 -33.87 -27.81 21.27
C GLY A 288 -33.59 -28.11 22.75
N LEU A 289 -33.29 -27.05 23.49
CA LEU A 289 -33.03 -27.18 24.92
C LEU A 289 -34.26 -27.73 25.63
N TRP A 290 -34.02 -28.49 26.70
CA TRP A 290 -35.13 -28.96 27.53
C TRP A 290 -35.83 -27.78 28.18
N LEU A 291 -37.16 -27.75 28.05
CA LEU A 291 -37.93 -26.63 28.61
C LEU A 291 -37.85 -26.60 30.14
N SER A 292 -37.66 -27.75 30.78
CA SER A 292 -37.46 -27.77 32.22
C SER A 292 -36.15 -27.10 32.65
N ASP A 293 -35.07 -27.30 31.88
CA ASP A 293 -33.84 -26.56 32.12
C ASP A 293 -34.05 -25.07 31.96
N ILE A 294 -34.78 -24.66 30.92
CA ILE A 294 -35.03 -23.24 30.67
C ILE A 294 -35.84 -22.63 31.80
N ALA A 295 -36.84 -23.35 32.30
CA ALA A 295 -37.63 -22.86 33.43
C ALA A 295 -36.77 -22.70 34.68
N HIS A 296 -35.95 -23.71 34.99
CA HIS A 296 -35.05 -23.59 36.14
C HIS A 296 -34.10 -22.40 35.96
N HIS A 297 -33.61 -22.22 34.74
CA HIS A 297 -32.71 -21.12 34.41
C HIS A 297 -33.37 -19.77 34.70
N HIS A 298 -34.59 -19.58 34.20
CA HIS A 298 -35.29 -18.31 34.42
C HIS A 298 -35.63 -18.09 35.89
N LEU A 299 -35.97 -19.15 36.62
CA LEU A 299 -36.25 -18.99 38.05
C LEU A 299 -35.00 -18.56 38.82
N ALA A 300 -33.87 -19.24 38.59
CA ALA A 300 -32.62 -18.86 39.24
C ALA A 300 -32.20 -17.44 38.86
N LEU A 301 -32.33 -17.09 37.59
CA LEU A 301 -32.01 -15.74 37.15
C LEU A 301 -32.89 -14.70 37.82
N SER A 302 -34.19 -14.99 37.95
CA SER A 302 -35.09 -14.07 38.63
C SER A 302 -34.61 -13.82 40.04
N VAL A 303 -34.23 -14.89 40.74
CA VAL A 303 -33.73 -14.72 42.11
C VAL A 303 -32.48 -13.84 42.12
N LEU A 304 -31.54 -14.12 41.20
CA LEU A 304 -30.30 -13.36 41.14
C LEU A 304 -30.58 -11.87 40.91
N PHE A 305 -31.46 -11.55 39.96
CA PHE A 305 -31.77 -10.17 39.65
C PHE A 305 -32.48 -9.46 40.79
N ILE A 306 -33.41 -10.15 41.46
CA ILE A 306 -34.08 -9.54 42.59
C ILE A 306 -33.08 -9.22 43.69
N ILE A 307 -32.11 -10.12 43.92
CA ILE A 307 -31.05 -9.82 44.88
C ILE A 307 -30.26 -8.59 44.42
N ALA A 308 -29.85 -8.58 43.15
CA ALA A 308 -29.03 -7.49 42.63
C ALA A 308 -29.74 -6.15 42.76
N GLY A 309 -31.06 -6.15 42.73
CA GLY A 309 -31.82 -4.93 42.81
C GLY A 309 -31.98 -4.33 44.18
N HIS A 310 -31.30 -4.87 45.20
CA HIS A 310 -31.31 -4.29 46.53
C HIS A 310 -29.93 -3.78 46.95
N MET A 311 -29.06 -3.53 45.97
CA MET A 311 -27.69 -3.15 46.27
C MET A 311 -27.56 -1.66 46.56
N TYR A 312 -28.36 -0.83 45.90
CA TYR A 312 -28.18 0.61 45.92
C TYR A 312 -29.14 1.29 46.89
N ARG A 313 -28.66 2.35 47.53
CA ARG A 313 -29.42 3.05 48.56
C ARG A 313 -30.39 4.02 47.92
N THR A 314 -31.66 3.97 48.32
CA THR A 314 -32.62 4.95 47.84
C THR A 314 -33.17 5.76 48.99
N ASN A 315 -33.94 5.17 49.91
CA ASN A 315 -34.66 5.95 50.91
C ASN A 315 -34.61 5.35 52.30
N TRP A 316 -34.03 4.17 52.46
CA TRP A 316 -34.15 3.44 53.72
C TRP A 316 -32.81 3.25 54.43
N GLY A 317 -31.86 4.12 54.18
CA GLY A 317 -30.57 4.04 54.86
C GLY A 317 -29.62 3.02 54.29
N ILE A 318 -30.08 1.78 54.15
CA ILE A 318 -29.23 0.70 53.66
C ILE A 318 -29.02 0.84 52.15
N GLY A 319 -27.93 0.24 51.67
CA GLY A 319 -27.60 0.24 50.26
C GLY A 319 -26.33 1.02 49.97
N HIS A 320 -25.87 0.89 48.73
CA HIS A 320 -24.63 1.48 48.28
C HIS A 320 -24.90 2.76 47.51
N ASN A 321 -24.03 3.74 47.69
CA ASN A 321 -23.98 4.91 46.83
C ASN A 321 -22.95 4.66 45.73
N MET A 322 -23.38 4.77 44.48
CA MET A 322 -22.48 4.49 43.37
C MET A 322 -21.28 5.42 43.35
N LYS A 323 -21.50 6.69 43.63
CA LYS A 323 -20.40 7.65 43.65
C LYS A 323 -19.35 7.29 44.69
N GLU A 324 -19.77 6.81 45.86
CA GLU A 324 -18.82 6.37 46.88
C GLU A 324 -17.96 5.21 46.39
N ILE A 325 -18.61 4.18 45.82
CA ILE A 325 -17.87 3.03 45.33
C ILE A 325 -16.86 3.44 44.28
N LEU A 326 -17.30 4.25 43.33
CA LEU A 326 -16.41 4.69 42.27
C LEU A 326 -15.24 5.48 42.85
N GLU A 327 -15.52 6.38 43.79
CA GLU A 327 -14.46 7.21 44.36
C GLU A 327 -13.43 6.39 45.11
N ALA A 328 -13.84 5.25 45.70
CA ALA A 328 -12.88 4.47 46.47
C ALA A 328 -11.90 3.69 45.59
N HIS A 329 -12.23 3.43 44.33
CA HIS A 329 -11.41 2.55 43.49
C HIS A 329 -10.37 3.38 42.75
N LYS A 330 -9.21 3.56 43.39
CA LYS A 330 -8.07 4.24 42.78
C LYS A 330 -6.79 3.62 43.32
N GLY A 331 -5.77 3.58 42.49
CA GLY A 331 -4.53 2.94 42.85
C GLY A 331 -3.31 3.78 42.57
N PRO A 332 -2.12 3.19 42.77
CA PRO A 332 -0.88 3.95 42.55
C PRO A 332 -0.54 4.19 41.10
N PHE A 333 -1.23 3.55 40.15
CA PHE A 333 -0.98 3.78 38.72
C PHE A 333 -1.99 4.72 38.09
N THR A 334 -3.03 5.14 38.81
CA THR A 334 -4.18 5.75 38.16
C THR A 334 -4.66 7.04 38.83
N GLY A 335 -3.81 7.67 39.63
CA GLY A 335 -4.14 8.98 40.16
C GLY A 335 -5.42 8.96 40.96
N GLU A 336 -6.38 9.79 40.56
CA GLU A 336 -7.65 9.87 41.25
C GLU A 336 -8.59 8.72 40.91
N GLY A 337 -8.22 7.87 39.97
CA GLY A 337 -9.04 6.73 39.60
C GLY A 337 -10.41 7.10 39.07
N HIS A 338 -11.46 6.53 39.66
CA HIS A 338 -12.80 6.60 39.10
C HIS A 338 -13.58 7.85 39.52
N LYS A 339 -12.98 8.76 40.28
CA LYS A 339 -13.65 10.00 40.66
C LYS A 339 -14.04 10.80 39.43
N GLY A 340 -15.24 11.37 39.47
CA GLY A 340 -15.80 12.13 38.37
C GLY A 340 -16.66 11.32 37.43
N LEU A 341 -16.53 10.00 37.45
CA LEU A 341 -17.31 9.16 36.54
C LEU A 341 -18.80 9.24 36.84
N TYR A 342 -19.16 9.26 38.13
CA TYR A 342 -20.57 9.35 38.50
C TYR A 342 -21.20 10.62 37.95
N GLU A 343 -20.50 11.75 38.07
CA GLU A 343 -21.02 13.01 37.53
C GLU A 343 -21.17 12.94 36.02
N ILE A 344 -20.21 12.31 35.35
CA ILE A 344 -20.31 12.16 33.90
C ILE A 344 -21.55 11.35 33.53
N LEU A 345 -21.74 10.22 34.18
CA LEU A 345 -22.81 9.30 33.82
C LEU A 345 -24.17 9.71 34.37
N THR A 346 -24.24 10.76 35.19
CA THR A 346 -25.51 11.32 35.61
C THR A 346 -25.78 12.70 35.01
N THR A 347 -24.86 13.22 34.18
CA THR A 347 -25.10 14.48 33.49
C THR A 347 -25.04 14.39 31.97
N SER A 348 -24.54 13.31 31.40
CA SER A 348 -24.38 13.19 29.97
C SER A 348 -25.21 12.01 29.48
N TRP A 349 -26.16 12.30 28.58
CA TRP A 349 -26.88 11.22 27.92
C TRP A 349 -25.98 10.49 26.92
N HIS A 350 -25.02 11.20 26.34
CA HIS A 350 -24.12 10.57 25.37
C HIS A 350 -23.20 9.55 26.02
N ALA A 351 -22.71 9.85 27.23
CA ALA A 351 -21.87 8.88 27.93
C ALA A 351 -22.64 7.60 28.23
N GLN A 352 -23.87 7.75 28.74
CA GLN A 352 -24.72 6.60 29.01
C GLN A 352 -25.01 5.83 27.72
N LEU A 353 -25.31 6.54 26.64
CA LEU A 353 -25.60 5.86 25.38
C LEU A 353 -24.39 5.14 24.83
N ALA A 354 -23.19 5.71 24.98
CA ALA A 354 -21.98 5.03 24.56
C ALA A 354 -21.84 3.69 25.28
N ILE A 355 -21.95 3.72 26.60
CA ILE A 355 -21.86 2.48 27.37
C ILE A 355 -22.95 1.50 26.93
N ASN A 356 -24.18 1.98 26.81
CA ASN A 356 -25.30 1.07 26.62
C ASN A 356 -25.33 0.48 25.22
N LEU A 357 -24.97 1.27 24.22
CA LEU A 357 -24.84 0.73 22.87
C LEU A 357 -23.72 -0.29 22.80
N ALA A 358 -22.57 0.00 23.42
CA ALA A 358 -21.50 -0.98 23.42
C ALA A 358 -21.97 -2.29 24.03
N MET A 359 -22.65 -2.22 25.17
CA MET A 359 -23.11 -3.42 25.86
C MET A 359 -24.17 -4.16 25.06
N MET A 360 -25.16 -3.44 24.53
CA MET A 360 -26.25 -4.10 23.81
C MET A 360 -25.74 -4.77 22.54
N GLY A 361 -24.81 -4.12 21.83
CA GLY A 361 -24.23 -4.75 20.65
C GLY A 361 -23.42 -5.99 20.98
N SER A 362 -22.56 -5.89 22.01
CA SER A 362 -21.81 -7.08 22.41
C SER A 362 -22.75 -8.21 22.83
N LEU A 363 -23.84 -7.86 23.50
CA LEU A 363 -24.84 -8.83 23.92
C LEU A 363 -25.52 -9.48 22.72
N SER A 364 -25.79 -8.70 21.67
CA SER A 364 -26.38 -9.26 20.46
C SER A 364 -25.45 -10.28 19.83
N ILE A 365 -24.15 -9.97 19.78
CA ILE A 365 -23.16 -10.92 19.26
C ILE A 365 -23.15 -12.19 20.10
N ILE A 366 -23.19 -12.04 21.42
CA ILE A 366 -23.20 -13.18 22.34
C ILE A 366 -24.45 -14.03 22.10
N VAL A 367 -25.60 -13.39 21.93
CA VAL A 367 -26.87 -14.03 21.63
C VAL A 367 -26.73 -14.87 20.36
N ALA A 368 -26.13 -14.30 19.33
CA ALA A 368 -25.97 -15.04 18.08
C ALA A 368 -25.20 -16.34 18.31
N HIS A 369 -24.05 -16.23 18.98
CA HIS A 369 -23.25 -17.44 19.27
C HIS A 369 -24.03 -18.46 20.10
N HIS A 370 -24.60 -18.01 21.22
CA HIS A 370 -25.23 -18.93 22.15
C HIS A 370 -26.47 -19.58 21.56
N MET A 371 -27.23 -18.83 20.76
CA MET A 371 -28.41 -19.38 20.11
C MET A 371 -28.07 -20.37 19.02
N TYR A 372 -26.95 -20.20 18.30
CA TYR A 372 -26.62 -21.29 17.39
C TYR A 372 -26.17 -22.53 18.15
N ALA A 373 -25.26 -22.39 19.13
CA ALA A 373 -24.65 -23.55 19.74
C ALA A 373 -25.54 -24.30 20.71
N MET A 374 -26.50 -23.60 21.34
CA MET A 374 -27.44 -24.21 22.28
C MET A 374 -28.83 -23.80 21.83
N PRO A 375 -29.33 -24.39 20.73
CA PRO A 375 -30.58 -23.91 20.13
C PRO A 375 -31.73 -23.99 21.12
N PRO A 376 -32.31 -22.85 21.48
CA PRO A 376 -33.27 -22.84 22.58
C PRO A 376 -34.69 -23.19 22.19
N TYR A 377 -35.02 -23.12 20.90
CA TYR A 377 -36.39 -23.40 20.54
C TYR A 377 -36.52 -24.76 19.86
N PRO A 378 -37.67 -25.43 19.98
CA PRO A 378 -37.83 -26.73 19.32
C PRO A 378 -37.84 -26.59 17.80
N TYR A 379 -37.22 -27.54 17.12
CA TYR A 379 -37.14 -27.58 15.66
C TYR A 379 -36.46 -26.34 15.07
N LEU A 380 -35.69 -25.62 15.86
CA LEU A 380 -34.88 -24.52 15.33
C LEU A 380 -33.58 -25.05 14.73
N ALA A 381 -32.96 -26.03 15.39
CA ALA A 381 -31.62 -26.47 15.01
C ALA A 381 -31.58 -27.03 13.59
N THR A 382 -32.64 -27.72 13.19
CA THR A 382 -32.70 -28.32 11.86
C THR A 382 -33.37 -27.42 10.83
N ASP A 383 -33.84 -26.23 11.23
CA ASP A 383 -34.28 -25.22 10.29
C ASP A 383 -33.05 -24.37 9.95
N TYR A 384 -32.24 -24.88 9.03
CA TYR A 384 -30.95 -24.25 8.76
C TYR A 384 -31.10 -22.82 8.28
N ALA A 385 -32.15 -22.53 7.50
CA ALA A 385 -32.40 -21.16 7.07
C ALA A 385 -32.60 -20.23 8.25
N THR A 386 -33.40 -20.66 9.22
CA THR A 386 -33.65 -19.82 10.40
C THR A 386 -32.38 -19.64 11.22
N GLN A 387 -31.63 -20.72 11.44
CA GLN A 387 -30.40 -20.61 12.22
C GLN A 387 -29.41 -19.63 11.58
N LEU A 388 -29.21 -19.78 10.26
CA LEU A 388 -28.32 -18.85 9.55
C LEU A 388 -28.82 -17.43 9.67
N SER A 389 -30.12 -17.21 9.44
CA SER A 389 -30.64 -15.85 9.45
C SER A 389 -30.56 -15.22 10.83
N LEU A 390 -30.86 -15.96 11.88
CA LEU A 390 -30.79 -15.42 13.23
C LEU A 390 -29.36 -15.08 13.63
N PHE A 391 -28.42 -16.01 13.40
CA PHE A 391 -27.03 -15.72 13.69
C PHE A 391 -26.56 -14.46 12.96
N THR A 392 -26.81 -14.40 11.65
CA THR A 392 -26.33 -13.29 10.85
C THR A 392 -26.97 -11.97 11.28
N HIS A 393 -28.28 -11.99 11.51
CA HIS A 393 -29.00 -10.79 11.89
C HIS A 393 -28.46 -10.23 13.21
N HIS A 394 -28.29 -11.09 14.20
CA HIS A 394 -27.82 -10.60 15.49
C HIS A 394 -26.36 -10.16 15.44
N MET A 395 -25.54 -10.81 14.61
CA MET A 395 -24.19 -10.29 14.38
C MET A 395 -24.22 -8.88 13.84
N TRP A 396 -25.05 -8.62 12.82
CA TRP A 396 -25.10 -7.29 12.23
C TRP A 396 -25.60 -6.25 13.23
N ILE A 397 -26.66 -6.58 13.98
CA ILE A 397 -27.18 -5.66 14.97
C ILE A 397 -26.11 -5.31 16.00
N GLY A 398 -25.39 -6.33 16.47
CA GLY A 398 -24.33 -6.09 17.43
C GLY A 398 -23.22 -5.22 16.90
N GLY A 399 -22.81 -5.47 15.66
CA GLY A 399 -21.77 -4.63 15.06
C GLY A 399 -22.17 -3.17 14.99
N PHE A 400 -23.40 -2.92 14.53
CA PHE A 400 -23.88 -1.54 14.48
C PHE A 400 -23.92 -0.91 15.86
N CYS A 401 -24.39 -1.66 16.87
CA CYS A 401 -24.53 -1.07 18.20
C CYS A 401 -23.18 -0.78 18.84
N VAL A 402 -22.18 -1.65 18.65
CA VAL A 402 -20.86 -1.35 19.20
C VAL A 402 -20.25 -0.11 18.53
N VAL A 403 -20.42 0.01 17.20
CA VAL A 403 -19.93 1.21 16.53
C VAL A 403 -20.65 2.46 17.04
N GLY A 404 -21.96 2.37 17.25
CA GLY A 404 -22.70 3.51 17.78
C GLY A 404 -22.25 3.90 19.17
N GLY A 405 -21.95 2.92 20.01
CA GLY A 405 -21.38 3.24 21.31
C GLY A 405 -20.10 4.02 21.19
N ALA A 406 -19.23 3.62 20.26
CA ALA A 406 -18.02 4.39 19.99
C ALA A 406 -18.34 5.82 19.56
N ALA A 407 -19.29 5.97 18.62
CA ALA A 407 -19.65 7.29 18.12
C ALA A 407 -20.13 8.21 19.25
N HIS A 408 -20.93 7.66 20.16
CA HIS A 408 -21.48 8.50 21.22
C HIS A 408 -20.47 8.77 22.32
N GLY A 409 -19.49 7.88 22.50
CA GLY A 409 -18.32 8.25 23.28
C GLY A 409 -17.59 9.45 22.71
N ALA A 410 -17.41 9.47 21.39
CA ALA A 410 -16.77 10.61 20.75
C ALA A 410 -17.58 11.89 20.96
N ILE A 411 -18.91 11.78 20.82
CA ILE A 411 -19.79 12.92 21.04
C ILE A 411 -19.66 13.42 22.47
N PHE A 412 -19.57 12.50 23.44
CA PHE A 412 -19.34 12.92 24.82
C PHE A 412 -18.05 13.73 24.92
N MET A 413 -16.97 13.21 24.34
CA MET A 413 -15.69 13.90 24.43
C MET A 413 -15.79 15.32 23.87
N VAL A 414 -16.48 15.48 22.75
CA VAL A 414 -16.58 16.80 22.12
C VAL A 414 -17.46 17.74 22.94
N ARG A 415 -18.62 17.27 23.39
CA ARG A 415 -19.64 18.17 23.92
C ARG A 415 -19.76 18.21 25.44
N ASP A 416 -19.73 17.06 26.12
CA ASP A 416 -20.01 17.02 27.55
C ASP A 416 -18.77 16.85 28.42
N TYR A 417 -17.61 16.61 27.84
CA TYR A 417 -16.39 16.53 28.64
C TYR A 417 -15.98 17.93 29.08
N THR A 418 -15.74 18.08 30.38
CA THR A 418 -15.22 19.31 30.95
C THR A 418 -13.87 19.01 31.59
N PRO A 419 -12.81 19.73 31.23
CA PRO A 419 -11.52 19.53 31.91
C PRO A 419 -11.58 19.71 33.42
N ALA A 420 -12.37 20.67 33.90
CA ALA A 420 -12.38 20.98 35.33
C ALA A 420 -12.86 19.80 36.15
N ASN A 421 -13.82 19.04 35.64
CA ASN A 421 -14.37 17.91 36.36
C ASN A 421 -13.60 16.62 36.14
N ASN A 422 -12.52 16.66 35.36
CA ASN A 422 -11.74 15.46 35.07
C ASN A 422 -10.26 15.68 35.25
N TYR A 423 -9.84 16.22 36.38
CA TYR A 423 -8.43 16.46 36.66
C TYR A 423 -7.82 15.23 37.31
N ASN A 424 -6.86 14.62 36.64
CA ASN A 424 -6.07 13.50 37.13
C ASN A 424 -6.90 12.25 37.44
N ASN A 425 -8.09 12.12 36.84
CA ASN A 425 -8.86 10.88 36.91
C ASN A 425 -8.49 9.98 35.74
N LEU A 426 -9.19 8.85 35.62
CA LEU A 426 -8.84 7.87 34.60
C LEU A 426 -8.96 8.45 33.19
N LEU A 427 -10.03 9.19 32.94
CA LEU A 427 -10.25 9.79 31.62
C LEU A 427 -9.12 10.75 31.26
N ASP A 428 -8.72 11.59 32.23
CA ASP A 428 -7.63 12.53 32.01
C ASP A 428 -6.35 11.82 31.65
N ARG A 429 -6.02 10.74 32.37
CA ARG A 429 -4.76 10.05 32.15
C ARG A 429 -4.76 9.28 30.82
N VAL A 430 -5.91 8.74 30.43
CA VAL A 430 -6.05 8.14 29.10
C VAL A 430 -5.76 9.19 28.02
N LEU A 431 -6.37 10.37 28.17
CA LEU A 431 -6.07 11.45 27.22
C LEU A 431 -4.60 11.84 27.26
N ARG A 432 -3.96 11.73 28.42
CA ARG A 432 -2.56 12.08 28.54
C ARG A 432 -1.59 11.05 27.97
N HIS A 433 -2.02 9.81 27.73
CA HIS A 433 -1.15 8.87 27.03
C HIS A 433 -1.80 8.29 25.76
N ARG A 434 -2.68 9.07 25.14
CA ARG A 434 -3.27 8.67 23.86
C ARG A 434 -2.23 8.30 22.81
N ASP A 435 -1.11 9.02 22.74
CA ASP A 435 -0.09 8.68 21.73
C ASP A 435 0.45 7.28 21.94
N ALA A 436 0.75 6.91 23.18
CA ALA A 436 1.22 5.55 23.46
C ALA A 436 0.15 4.52 23.12
N ILE A 437 -1.10 4.78 23.52
CA ILE A 437 -2.17 3.83 23.26
C ILE A 437 -2.32 3.58 21.75
N ILE A 438 -2.41 4.67 20.98
CA ILE A 438 -2.70 4.54 19.56
C ILE A 438 -1.50 3.95 18.82
N SER A 439 -0.28 4.33 19.20
CA SER A 439 0.89 3.73 18.54
C SER A 439 0.97 2.24 18.79
N HIS A 440 0.75 1.79 20.03
CA HIS A 440 0.77 0.35 20.30
C HIS A 440 -0.37 -0.39 19.61
N LEU A 441 -1.57 0.18 19.59
CA LEU A 441 -2.66 -0.46 18.86
C LEU A 441 -2.38 -0.53 17.36
N ASN A 442 -1.78 0.52 16.79
CA ASN A 442 -1.38 0.51 15.40
C ASN A 442 -0.41 -0.65 15.12
N TRP A 443 0.59 -0.81 15.97
CA TRP A 443 1.54 -1.89 15.80
C TRP A 443 0.87 -3.26 15.91
N VAL A 444 -0.04 -3.41 16.88
CA VAL A 444 -0.76 -4.68 17.03
C VAL A 444 -1.56 -4.99 15.77
N CYS A 445 -2.21 -3.97 15.21
CA CYS A 445 -2.97 -4.18 13.99
C CYS A 445 -2.08 -4.62 12.84
N ILE A 446 -0.92 -3.97 12.68
CA ILE A 446 -0.01 -4.36 11.61
C ILE A 446 0.47 -5.80 11.81
N PHE A 447 0.85 -6.15 13.04
CA PHE A 447 1.31 -7.51 13.32
C PHE A 447 0.23 -8.53 13.00
N LEU A 448 -0.98 -8.32 13.53
CA LEU A 448 -2.09 -9.24 13.27
C LEU A 448 -2.38 -9.34 11.79
N GLY A 449 -2.51 -8.21 11.10
CA GLY A 449 -2.84 -8.23 9.69
C GLY A 449 -1.79 -8.97 8.88
N CYS A 450 -0.52 -8.57 9.05
CA CYS A 450 0.56 -9.20 8.32
C CYS A 450 0.57 -10.71 8.54
N HIS A 451 0.55 -11.17 9.79
CA HIS A 451 0.65 -12.61 10.01
C HIS A 451 -0.60 -13.36 9.58
N ALA A 452 -1.78 -12.93 10.07
CA ALA A 452 -3.01 -13.64 9.80
C ALA A 452 -3.32 -13.70 8.31
N PHE A 453 -3.26 -12.56 7.61
CA PHE A 453 -3.54 -12.57 6.18
C PHE A 453 -2.38 -13.11 5.37
N GLY A 454 -1.14 -13.00 5.86
CA GLY A 454 -0.02 -13.55 5.16
C GLY A 454 -0.03 -15.05 5.15
N PHE A 455 -0.65 -15.67 6.17
CA PHE A 455 -0.89 -17.11 6.12
C PHE A 455 -1.64 -17.48 4.85
N TYR A 456 -2.77 -16.81 4.60
CA TYR A 456 -3.56 -17.06 3.41
C TYR A 456 -2.78 -16.76 2.13
N ILE A 457 -2.06 -15.64 2.10
CA ILE A 457 -1.32 -15.28 0.89
C ILE A 457 -0.21 -16.28 0.62
N HIS A 458 0.51 -16.69 1.66
CA HIS A 458 1.52 -17.73 1.56
C HIS A 458 0.91 -19.02 1.02
N ASN A 459 -0.26 -19.40 1.53
CA ASN A 459 -0.89 -20.64 1.08
C ASN A 459 -1.30 -20.57 -0.38
N ASP A 460 -1.89 -19.44 -0.79
CA ASP A 460 -2.27 -19.27 -2.19
C ASP A 460 -1.06 -19.37 -3.10
N THR A 461 0.04 -18.73 -2.71
CA THR A 461 1.26 -18.78 -3.51
C THR A 461 1.83 -20.19 -3.56
N MET A 462 1.88 -20.88 -2.42
CA MET A 462 2.42 -22.25 -2.40
C MET A 462 1.59 -23.18 -3.26
N ARG A 463 0.27 -23.13 -3.12
CA ARG A 463 -0.60 -24.00 -3.93
C ARG A 463 -0.46 -23.67 -5.41
N ALA A 464 -0.38 -22.38 -5.75
CA ALA A 464 -0.23 -22.01 -7.15
C ALA A 464 1.09 -22.49 -7.74
N LEU A 465 2.16 -22.49 -6.95
CA LEU A 465 3.47 -22.94 -7.40
C LEU A 465 3.62 -24.46 -7.37
N GLY A 466 2.56 -25.19 -7.06
CA GLY A 466 2.65 -26.63 -6.95
C GLY A 466 3.49 -27.10 -5.78
N ARG A 467 3.40 -26.42 -4.64
CA ARG A 467 4.12 -26.79 -3.43
C ARG A 467 3.14 -26.94 -2.27
N PRO A 468 2.24 -27.92 -2.35
CA PRO A 468 1.28 -28.11 -1.24
C PRO A 468 1.94 -28.44 0.09
N GLN A 469 3.06 -29.14 0.07
CA GLN A 469 3.74 -29.54 1.31
C GLN A 469 4.35 -28.36 2.06
N ASP A 470 4.43 -27.19 1.43
CA ASP A 470 4.95 -25.99 2.09
C ASP A 470 3.85 -25.09 2.64
N MET A 471 2.59 -25.51 2.56
CA MET A 471 1.49 -24.68 3.01
C MET A 471 1.32 -24.74 4.53
N PHE A 472 0.60 -23.76 5.06
CA PHE A 472 0.07 -23.84 6.41
C PHE A 472 -1.25 -24.61 6.31
N SER A 473 -1.26 -25.84 6.81
CA SER A 473 -2.45 -26.69 6.73
C SER A 473 -2.30 -27.84 7.71
N ASP A 474 -3.39 -28.61 7.85
CA ASP A 474 -3.34 -29.83 8.64
C ASP A 474 -2.41 -30.88 8.02
N LYS A 475 -2.36 -30.98 6.70
CA LYS A 475 -1.53 -31.95 6.00
C LYS A 475 -0.10 -31.47 5.78
N ALA A 476 0.29 -30.37 6.42
CA ALA A 476 1.54 -29.68 6.15
C ALA A 476 1.97 -28.98 7.43
N ILE A 477 2.74 -27.89 7.31
CA ILE A 477 3.03 -27.05 8.47
C ILE A 477 1.71 -26.69 9.15
N GLN A 478 1.57 -27.11 10.40
CA GLN A 478 0.30 -27.03 11.10
C GLN A 478 0.27 -25.85 12.05
N LEU A 479 -0.91 -25.24 12.18
CA LEU A 479 -1.16 -24.19 13.17
C LEU A 479 -2.39 -24.64 13.95
N GLN A 480 -2.17 -25.49 14.93
CA GLN A 480 -3.29 -26.05 15.69
C GLN A 480 -3.72 -25.08 16.77
N PRO A 481 -5.00 -24.79 16.90
CA PRO A 481 -5.48 -23.93 18.01
C PRO A 481 -5.57 -24.73 19.31
N ILE A 482 -4.40 -25.01 19.89
CA ILE A 482 -4.32 -25.92 21.01
C ILE A 482 -5.06 -25.41 22.24
N PHE A 483 -5.08 -24.09 22.46
CA PHE A 483 -5.81 -23.54 23.60
C PHE A 483 -7.31 -23.77 23.46
N ALA A 484 -7.85 -23.51 22.27
CA ALA A 484 -9.26 -23.76 22.02
C ALA A 484 -9.59 -25.24 22.18
N GLN A 485 -8.71 -26.11 21.69
CA GLN A 485 -8.92 -27.55 21.81
C GLN A 485 -8.90 -27.99 23.27
N TRP A 486 -7.98 -27.44 24.06
CA TRP A 486 -7.92 -27.72 25.48
C TRP A 486 -9.22 -27.32 26.17
N ILE A 487 -9.74 -26.13 25.85
CA ILE A 487 -11.01 -25.68 26.41
C ILE A 487 -12.16 -26.59 25.98
N GLN A 488 -12.16 -27.00 24.71
CA GLN A 488 -13.19 -27.92 24.21
C GLN A 488 -13.18 -29.22 24.99
N ASN A 489 -11.99 -29.78 25.23
CA ASN A 489 -11.91 -31.01 26.01
C ASN A 489 -12.44 -30.80 27.43
N ILE A 490 -12.06 -29.68 28.06
CA ILE A 490 -12.53 -29.40 29.41
C ILE A 490 -14.05 -29.36 29.46
N HIS A 491 -14.66 -28.66 28.50
CA HIS A 491 -16.12 -28.55 28.49
C HIS A 491 -16.77 -29.89 28.19
N LEU A 492 -16.15 -30.72 27.36
CA LEU A 492 -16.66 -32.05 27.10
C LEU A 492 -16.62 -32.92 28.35
N LEU A 493 -15.58 -32.79 29.17
CA LEU A 493 -15.48 -33.56 30.40
C LEU A 493 -16.27 -32.97 31.57
N ALA A 494 -16.78 -31.74 31.43
CA ALA A 494 -17.45 -31.08 32.55
C ALA A 494 -18.64 -31.83 33.12
N PRO A 495 -19.55 -32.42 32.32
CA PRO A 495 -20.84 -32.89 32.87
C PRO A 495 -20.78 -33.82 34.08
N GLY A 496 -19.79 -34.69 34.17
CA GLY A 496 -19.68 -35.56 35.33
C GLY A 496 -18.82 -35.05 36.46
N THR A 497 -17.90 -34.14 36.21
CA THR A 497 -16.86 -33.85 37.18
C THR A 497 -16.90 -32.44 37.75
N THR A 498 -16.77 -31.42 36.91
CA THR A 498 -16.78 -30.04 37.41
C THR A 498 -18.17 -29.45 37.44
N ALA A 499 -19.12 -30.07 36.74
CA ALA A 499 -20.55 -29.79 36.88
C ALA A 499 -21.26 -31.10 37.17
N PRO A 500 -21.03 -31.68 38.35
CA PRO A 500 -21.49 -33.06 38.61
C PRO A 500 -22.99 -33.27 38.50
N ASN A 501 -23.80 -32.23 38.72
CA ASN A 501 -25.25 -32.38 38.62
C ASN A 501 -25.78 -32.18 37.21
N ALA A 502 -24.92 -31.84 36.25
CA ALA A 502 -25.34 -31.76 34.87
C ALA A 502 -25.26 -33.16 34.25
N LEU A 503 -26.33 -33.54 33.56
CA LEU A 503 -26.38 -34.87 32.95
C LEU A 503 -25.73 -34.92 31.57
N ALA A 504 -25.72 -33.80 30.84
CA ALA A 504 -25.07 -33.73 29.54
C ALA A 504 -24.34 -32.40 29.39
N THR A 505 -23.58 -32.30 28.31
CA THR A 505 -22.78 -31.10 28.06
C THR A 505 -23.67 -29.90 27.79
N THR A 506 -23.15 -28.71 28.08
CA THR A 506 -23.89 -27.50 27.78
C THR A 506 -24.20 -27.37 26.30
N SER A 507 -23.28 -27.82 25.45
CA SER A 507 -23.49 -27.78 24.01
C SER A 507 -22.70 -28.90 23.36
N TYR A 508 -23.30 -29.54 22.36
CA TYR A 508 -22.64 -30.62 21.65
C TYR A 508 -21.51 -30.12 20.75
N ALA A 509 -21.45 -28.82 20.50
CA ALA A 509 -20.36 -28.27 19.70
C ALA A 509 -19.00 -28.56 20.32
N PHE A 510 -18.95 -28.69 21.64
CA PHE A 510 -17.71 -29.00 22.36
C PHE A 510 -17.31 -30.46 22.25
N GLY A 511 -18.20 -31.34 21.78
CA GLY A 511 -17.94 -32.76 21.83
C GLY A 511 -19.17 -33.55 22.25
N GLY A 512 -19.18 -34.84 21.91
CA GLY A 512 -20.31 -35.70 22.21
C GLY A 512 -20.91 -36.28 20.94
N ASP A 513 -22.12 -36.80 21.07
CA ASP A 513 -22.77 -37.48 19.96
C ASP A 513 -23.32 -36.47 18.97
N VAL A 514 -23.88 -36.99 17.89
CA VAL A 514 -24.57 -36.19 16.89
C VAL A 514 -26.06 -36.21 17.23
N ILE A 515 -26.65 -35.03 17.34
CA ILE A 515 -28.08 -34.89 17.61
C ILE A 515 -28.80 -34.83 16.27
N GLU A 516 -29.69 -35.79 16.06
CA GLU A 516 -30.34 -35.99 14.77
C GLU A 516 -31.84 -35.80 14.92
N VAL A 517 -32.42 -34.95 14.06
CA VAL A 517 -33.85 -34.66 14.09
C VAL A 517 -34.36 -34.78 12.66
N GLY A 518 -35.30 -35.69 12.43
CA GLY A 518 -35.85 -35.87 11.10
C GLY A 518 -34.81 -36.22 10.05
N GLY A 519 -33.75 -36.91 10.43
CA GLY A 519 -32.68 -37.21 9.51
C GLY A 519 -31.70 -36.09 9.27
N LYS A 520 -31.89 -34.93 9.88
CA LYS A 520 -30.99 -33.80 9.75
C LYS A 520 -30.23 -33.60 11.05
N ILE A 521 -29.01 -33.09 10.93
CA ILE A 521 -28.15 -32.91 12.10
C ILE A 521 -28.51 -31.60 12.78
N ALA A 522 -28.87 -31.69 14.06
CA ALA A 522 -29.16 -30.51 14.87
C ALA A 522 -27.87 -29.89 15.41
N MET A 523 -27.03 -30.70 16.03
CA MET A 523 -25.72 -30.22 16.48
C MET A 523 -24.82 -31.43 16.65
N MET A 524 -23.54 -31.21 16.37
CA MET A 524 -22.50 -32.21 16.57
C MET A 524 -21.20 -31.46 16.90
N PRO A 525 -20.19 -32.16 17.40
CA PRO A 525 -18.95 -31.45 17.78
C PRO A 525 -18.33 -30.70 16.62
N ILE A 526 -17.88 -29.48 16.89
CA ILE A 526 -17.28 -28.61 15.90
C ILE A 526 -15.77 -28.63 16.15
N LYS A 527 -15.05 -29.38 15.34
CA LYS A 527 -13.61 -29.57 15.53
C LYS A 527 -12.83 -28.38 14.96
N LEU A 528 -11.74 -28.04 15.64
CA LEU A 528 -10.95 -26.86 15.31
C LEU A 528 -9.55 -27.30 14.89
N GLY A 529 -9.13 -26.88 13.69
CA GLY A 529 -7.83 -27.19 13.15
C GLY A 529 -7.13 -25.94 12.66
N THR A 530 -6.23 -26.13 11.69
CA THR A 530 -5.42 -25.03 11.17
C THR A 530 -6.29 -23.94 10.53
N ALA A 531 -7.30 -24.34 9.76
CA ALA A 531 -8.17 -23.37 9.12
C ALA A 531 -8.91 -22.51 10.13
N ASP A 532 -9.38 -23.13 11.23
CA ASP A 532 -10.04 -22.40 12.30
C ASP A 532 -9.07 -21.45 13.00
N PHE A 533 -7.82 -21.87 13.19
CA PHE A 533 -6.80 -20.96 13.73
C PHE A 533 -6.67 -19.72 12.85
N MET A 534 -6.51 -19.92 11.55
CA MET A 534 -6.31 -18.80 10.64
C MET A 534 -7.50 -17.86 10.66
N VAL A 535 -8.72 -18.41 10.63
CA VAL A 535 -9.90 -17.54 10.58
C VAL A 535 -10.12 -16.80 11.90
N HIS A 536 -9.86 -17.46 13.04
CA HIS A 536 -9.97 -16.76 14.32
C HIS A 536 -8.96 -15.62 14.43
N HIS A 537 -7.76 -15.79 13.88
CA HIS A 537 -6.82 -14.67 13.90
C HIS A 537 -7.20 -13.57 12.93
N ILE A 538 -7.89 -13.92 11.82
CA ILE A 538 -8.47 -12.88 10.98
C ILE A 538 -9.53 -12.08 11.74
N HIS A 539 -10.36 -12.76 12.53
CA HIS A 539 -11.36 -12.07 13.34
C HIS A 539 -10.70 -11.13 14.34
N ALA A 540 -9.67 -11.62 15.02
CA ALA A 540 -8.92 -10.78 15.95
C ALA A 540 -8.36 -9.55 15.24
N PHE A 541 -7.82 -9.75 14.04
CA PHE A 541 -7.26 -8.65 13.27
C PHE A 541 -8.31 -7.60 12.94
N THR A 542 -9.45 -8.02 12.39
CA THR A 542 -10.46 -7.05 11.98
C THR A 542 -11.02 -6.29 13.16
N ILE A 543 -11.26 -6.98 14.28
CA ILE A 543 -11.75 -6.30 15.47
C ILE A 543 -10.73 -5.29 15.99
N HIS A 544 -9.45 -5.67 15.99
CA HIS A 544 -8.42 -4.74 16.45
C HIS A 544 -8.35 -3.49 15.58
N VAL A 545 -8.46 -3.65 14.26
CA VAL A 545 -8.45 -2.48 13.39
C VAL A 545 -9.67 -1.59 13.62
N THR A 546 -10.85 -2.20 13.78
CA THR A 546 -12.05 -1.41 14.06
C THR A 546 -11.90 -0.64 15.36
N VAL A 547 -11.34 -1.30 16.38
CA VAL A 547 -11.08 -0.62 17.65
C VAL A 547 -10.07 0.49 17.47
N LEU A 548 -9.05 0.28 16.65
CA LEU A 548 -8.06 1.32 16.40
C LEU A 548 -8.72 2.58 15.87
N ILE A 549 -9.55 2.43 14.83
CA ILE A 549 -10.20 3.58 14.21
C ILE A 549 -11.11 4.29 15.22
N LEU A 550 -11.94 3.52 15.94
CA LEU A 550 -12.91 4.15 16.83
C LEU A 550 -12.25 4.77 18.06
N LEU A 551 -11.25 4.10 18.63
CA LEU A 551 -10.55 4.65 19.78
C LEU A 551 -9.73 5.87 19.40
N LYS A 552 -9.17 5.90 18.19
CA LYS A 552 -8.52 7.10 17.72
C LYS A 552 -9.53 8.23 17.58
N GLY A 553 -10.75 7.92 17.10
CA GLY A 553 -11.79 8.93 17.03
C GLY A 553 -12.19 9.49 18.38
N VAL A 554 -12.24 8.64 19.40
CA VAL A 554 -12.59 9.14 20.73
C VAL A 554 -11.44 9.92 21.37
N LEU A 555 -10.23 9.37 21.34
CA LEU A 555 -9.09 9.98 22.03
C LEU A 555 -8.58 11.23 21.34
N TYR A 556 -8.73 11.35 20.03
CA TYR A 556 -8.35 12.56 19.31
C TYR A 556 -9.56 13.39 18.90
N ALA A 557 -10.65 13.28 19.65
CA ALA A 557 -11.87 14.01 19.32
C ALA A 557 -11.72 15.50 19.59
N ARG A 558 -11.06 15.86 20.70
CA ARG A 558 -10.94 17.25 21.12
C ARG A 558 -9.77 17.97 20.49
N SER A 559 -8.67 17.27 20.21
CA SER A 559 -7.44 17.91 19.79
C SER A 559 -6.53 16.85 19.19
N SER A 560 -5.51 17.32 18.49
CA SER A 560 -4.43 16.48 18.00
C SER A 560 -3.27 17.40 17.67
N LYS A 561 -2.12 16.80 17.38
CA LYS A 561 -0.98 17.59 16.96
C LYS A 561 -1.25 18.30 15.64
N LEU A 562 -2.12 17.72 14.81
CA LEU A 562 -2.47 18.34 13.54
C LEU A 562 -3.42 19.52 13.74
N ILE A 563 -4.56 19.28 14.39
CA ILE A 563 -5.55 20.33 14.65
C ILE A 563 -5.70 20.50 16.16
N PRO A 564 -5.01 21.47 16.76
CA PRO A 564 -5.02 21.59 18.23
C PRO A 564 -6.36 21.98 18.83
N ASP A 565 -7.30 22.49 18.04
CA ASP A 565 -8.56 22.99 18.56
C ASP A 565 -9.75 22.28 17.94
N LYS A 566 -9.67 20.95 17.84
CA LYS A 566 -10.70 20.18 17.12
C LYS A 566 -12.06 20.31 17.79
N ALA A 567 -12.10 20.40 19.13
CA ALA A 567 -13.38 20.45 19.83
C ALA A 567 -14.19 21.67 19.44
N ASN A 568 -13.53 22.81 19.21
CA ASN A 568 -14.19 23.99 18.71
C ASN A 568 -14.77 23.82 17.31
N LEU A 569 -14.23 22.88 16.53
CA LEU A 569 -14.82 22.57 15.23
C LEU A 569 -16.00 21.62 15.33
N GLY A 570 -16.19 20.96 16.46
CA GLY A 570 -17.34 20.14 16.73
C GLY A 570 -17.09 18.67 16.48
N PHE A 571 -18.12 17.88 16.76
CA PHE A 571 -18.05 16.44 16.52
C PHE A 571 -18.00 16.11 15.04
N ARG A 572 -18.80 16.82 14.24
CA ARG A 572 -19.02 16.47 12.84
C ARG A 572 -18.70 17.68 11.99
N PHE A 573 -17.56 17.64 11.30
CA PHE A 573 -17.15 18.66 10.36
C PHE A 573 -16.33 17.98 9.29
N PRO A 574 -16.36 18.47 8.07
CA PRO A 574 -15.71 17.74 6.97
C PRO A 574 -14.19 17.72 7.08
N CYS A 575 -13.62 18.85 7.49
CA CYS A 575 -12.17 19.03 7.47
C CYS A 575 -11.82 20.37 8.09
N ASP A 576 -10.53 20.69 8.11
CA ASP A 576 -10.06 22.02 8.46
C ASP A 576 -9.24 22.62 7.32
N GLY A 577 -9.57 22.24 6.09
CA GLY A 577 -8.95 22.84 4.94
C GLY A 577 -7.77 22.06 4.40
N PRO A 578 -7.33 22.41 3.19
CA PRO A 578 -6.25 21.67 2.55
C PRO A 578 -4.88 21.97 3.12
N GLY A 579 -4.77 22.92 4.03
CA GLY A 579 -3.51 23.23 4.66
C GLY A 579 -3.01 22.09 5.55
N ARG A 580 -1.80 22.29 6.06
CA ARG A 580 -1.10 21.28 6.85
C ARG A 580 -0.93 19.98 6.09
N GLY A 581 -0.84 20.06 4.77
CA GLY A 581 -0.84 18.90 3.92
C GLY A 581 -2.21 18.42 3.50
N GLY A 582 -3.26 18.79 4.24
CA GLY A 582 -4.61 18.30 3.99
C GLY A 582 -5.20 17.66 5.23
N THR A 583 -6.40 18.10 5.63
CA THR A 583 -6.99 17.66 6.89
C THR A 583 -8.34 16.99 6.72
N CYS A 584 -8.62 16.45 5.52
CA CYS A 584 -9.90 15.80 5.27
C CYS A 584 -10.10 14.65 6.24
N GLN A 585 -11.32 14.56 6.77
CA GLN A 585 -11.75 13.43 7.58
C GLN A 585 -11.00 13.33 8.91
N SER A 586 -10.60 14.47 9.45
CA SER A 586 -9.96 14.50 10.76
C SER A 586 -10.96 14.48 11.92
N SER A 587 -12.24 14.73 11.67
CA SER A 587 -13.25 14.78 12.72
C SER A 587 -13.55 13.37 13.24
N SER A 588 -14.07 13.32 14.47
CA SER A 588 -14.43 12.03 15.06
C SER A 588 -15.62 11.38 14.35
N TRP A 589 -16.50 12.19 13.74
CA TRP A 589 -17.56 11.62 12.90
C TRP A 589 -16.96 10.85 11.73
N ASP A 590 -15.88 11.37 11.15
CA ASP A 590 -15.18 10.66 10.08
C ASP A 590 -14.54 9.37 10.59
N HIS A 591 -14.08 9.35 11.84
CA HIS A 591 -13.61 8.10 12.41
C HIS A 591 -14.73 7.08 12.56
N VAL A 592 -15.92 7.53 12.95
CA VAL A 592 -17.07 6.63 12.94
C VAL A 592 -17.35 6.13 11.52
N PHE A 593 -17.24 7.02 10.53
CA PHE A 593 -17.47 6.69 9.13
C PHE A 593 -16.53 5.58 8.66
N LEU A 594 -15.24 5.68 8.99
CA LEU A 594 -14.28 4.64 8.59
C LEU A 594 -14.43 3.36 9.43
N GLY A 595 -14.71 3.52 10.72
CA GLY A 595 -14.96 2.36 11.54
C GLY A 595 -16.14 1.56 11.08
N LEU A 596 -17.15 2.22 10.49
CA LEU A 596 -18.29 1.48 9.96
C LEU A 596 -17.91 0.55 8.83
N PHE A 597 -17.07 1.01 7.90
CA PHE A 597 -16.56 0.13 6.86
C PHE A 597 -15.81 -1.04 7.46
N TRP A 598 -14.98 -0.77 8.47
CA TRP A 598 -14.20 -1.86 9.05
C TRP A 598 -15.07 -2.85 9.82
N MET A 599 -16.10 -2.36 10.49
CA MET A 599 -17.07 -3.26 11.13
C MET A 599 -17.78 -4.11 10.10
N TYR A 600 -18.14 -3.51 8.95
CA TYR A 600 -18.76 -4.29 7.89
C TYR A 600 -17.83 -5.41 7.42
N ASN A 601 -16.56 -5.08 7.21
CA ASN A 601 -15.59 -6.10 6.82
C ASN A 601 -15.52 -7.21 7.87
N SER A 602 -15.42 -6.83 9.15
CA SER A 602 -15.28 -7.81 10.21
C SER A 602 -16.49 -8.74 10.30
N ILE A 603 -17.70 -8.17 10.32
CA ILE A 603 -18.90 -8.97 10.47
C ILE A 603 -19.11 -9.84 9.23
N SER A 604 -18.81 -9.31 8.05
CA SER A 604 -18.89 -10.12 6.84
C SER A 604 -18.02 -11.36 6.96
N VAL A 605 -16.79 -11.20 7.43
CA VAL A 605 -15.92 -12.36 7.58
C VAL A 605 -16.48 -13.32 8.62
N VAL A 606 -17.00 -12.80 9.73
CA VAL A 606 -17.55 -13.66 10.79
C VAL A 606 -18.71 -14.50 10.27
N ILE A 607 -19.65 -13.87 9.57
CA ILE A 607 -20.81 -14.62 9.07
C ILE A 607 -20.45 -15.57 7.94
N PHE A 608 -19.44 -15.23 7.12
CA PHE A 608 -18.97 -16.20 6.13
C PHE A 608 -18.33 -17.40 6.78
N HIS A 609 -17.51 -17.18 7.81
CA HIS A 609 -16.92 -18.26 8.58
C HIS A 609 -18.01 -19.16 9.17
N PHE A 610 -19.03 -18.55 9.78
CA PHE A 610 -20.15 -19.33 10.30
C PHE A 610 -20.80 -20.17 9.21
N SER A 611 -21.19 -19.53 8.10
CA SER A 611 -21.92 -20.22 7.05
C SER A 611 -21.14 -21.42 6.53
N TRP A 612 -19.87 -21.19 6.16
CA TRP A 612 -19.09 -22.27 5.56
C TRP A 612 -18.78 -23.37 6.57
N LYS A 613 -18.36 -22.99 7.79
CA LYS A 613 -18.02 -24.00 8.77
C LYS A 613 -19.22 -24.88 9.12
N MET A 614 -20.39 -24.27 9.30
CA MET A 614 -21.58 -25.04 9.64
C MET A 614 -22.00 -25.94 8.48
N GLN A 615 -21.96 -25.42 7.25
CA GLN A 615 -22.33 -26.28 6.13
C GLN A 615 -21.35 -27.42 5.93
N SER A 616 -20.06 -27.18 6.14
CA SER A 616 -19.03 -28.15 5.82
C SER A 616 -18.86 -29.21 6.90
N ASP A 617 -19.07 -28.85 8.17
CA ASP A 617 -18.70 -29.73 9.26
C ASP A 617 -19.82 -30.06 10.24
N VAL A 618 -20.96 -29.38 10.18
CA VAL A 618 -22.01 -29.61 11.16
C VAL A 618 -23.29 -30.07 10.48
N TRP A 619 -23.87 -29.21 9.65
CA TRP A 619 -25.17 -29.49 9.06
C TRP A 619 -25.06 -30.55 7.98
N GLY A 620 -26.14 -31.27 7.78
CA GLY A 620 -26.21 -32.28 6.75
C GLY A 620 -27.20 -33.36 7.12
N THR A 621 -27.13 -34.46 6.40
CA THR A 621 -28.00 -35.60 6.65
C THR A 621 -27.21 -36.70 7.34
N ILE A 622 -27.94 -37.63 7.95
CA ILE A 622 -27.36 -38.69 8.75
C ILE A 622 -28.25 -39.92 8.61
N THR A 623 -27.70 -40.99 8.04
CA THR A 623 -28.52 -42.17 7.82
C THR A 623 -28.76 -42.90 9.15
N PRO A 624 -29.83 -43.69 9.24
CA PRO A 624 -30.07 -44.46 10.47
C PRO A 624 -28.92 -45.36 10.86
N ASP A 625 -28.14 -45.82 9.88
CA ASP A 625 -26.92 -46.57 10.16
C ASP A 625 -25.92 -45.71 10.94
N GLY A 626 -25.70 -44.48 10.49
CA GLY A 626 -24.76 -43.60 11.16
C GLY A 626 -23.85 -42.81 10.23
N ALA A 627 -24.05 -42.96 8.93
CA ALA A 627 -23.21 -42.30 7.93
C ALA A 627 -23.60 -40.84 7.82
N ILE A 628 -22.62 -39.94 7.96
CA ILE A 628 -22.85 -38.50 7.96
C ILE A 628 -22.50 -37.93 6.59
N SER A 629 -23.40 -37.14 6.02
CA SER A 629 -23.18 -36.47 4.74
C SER A 629 -23.41 -34.97 4.96
N HIS A 630 -22.32 -34.21 5.04
CA HIS A 630 -22.42 -32.78 5.30
C HIS A 630 -22.78 -32.02 4.03
N ILE A 631 -23.29 -30.81 4.22
CA ILE A 631 -23.88 -30.06 3.12
C ILE A 631 -22.85 -29.78 2.03
N THR A 632 -21.66 -29.34 2.42
CA THR A 632 -20.58 -29.11 1.47
C THR A 632 -19.45 -30.13 1.59
N GLY A 633 -19.70 -31.28 2.19
CA GLY A 633 -18.77 -32.41 2.14
C GLY A 633 -17.45 -32.25 2.88
N GLY A 634 -17.41 -31.43 3.91
CA GLY A 634 -16.20 -31.30 4.72
C GLY A 634 -15.04 -30.64 4.02
N ASN A 635 -15.30 -29.73 3.09
CA ASN A 635 -14.24 -29.09 2.33
C ASN A 635 -13.62 -27.88 3.03
N PHE A 636 -14.11 -27.51 4.21
CA PHE A 636 -13.62 -26.29 4.86
C PHE A 636 -12.13 -26.38 5.18
N ALA A 637 -11.68 -27.54 5.66
CA ALA A 637 -10.32 -27.66 6.18
C ALA A 637 -9.27 -27.43 5.11
N GLN A 638 -9.48 -27.95 3.90
CA GLN A 638 -8.50 -27.80 2.85
C GLN A 638 -8.80 -26.67 1.88
N SER A 639 -10.03 -26.18 1.84
CA SER A 639 -10.38 -25.10 0.93
C SER A 639 -10.37 -23.72 1.58
N SER A 640 -10.60 -23.62 2.89
CA SER A 640 -10.68 -22.30 3.51
C SER A 640 -9.33 -21.70 3.86
N ILE A 641 -8.23 -22.40 3.54
CA ILE A 641 -6.90 -21.93 3.89
C ILE A 641 -6.26 -21.10 2.78
N THR A 642 -6.96 -20.90 1.68
CA THR A 642 -6.51 -20.00 0.63
C THR A 642 -7.65 -19.07 0.26
N ILE A 643 -7.30 -17.91 -0.30
CA ILE A 643 -8.32 -17.00 -0.80
C ILE A 643 -9.00 -17.59 -2.01
N ASN A 644 -8.27 -18.31 -2.85
CA ASN A 644 -8.87 -18.98 -4.00
C ASN A 644 -9.93 -19.97 -3.57
N GLY A 645 -9.71 -20.67 -2.45
CA GLY A 645 -10.71 -21.59 -1.94
C GLY A 645 -11.97 -20.89 -1.46
N TRP A 646 -11.83 -19.70 -0.88
CA TRP A 646 -13.01 -18.91 -0.51
C TRP A 646 -13.74 -18.41 -1.76
N LEU A 647 -13.00 -17.92 -2.75
CA LEU A 647 -13.61 -17.40 -3.96
C LEU A 647 -14.32 -18.50 -4.75
N ARG A 648 -13.73 -19.69 -4.82
CA ARG A 648 -14.28 -20.80 -5.59
C ARG A 648 -15.23 -21.65 -4.77
N ASP A 649 -14.76 -22.23 -3.67
CA ASP A 649 -15.56 -23.20 -2.95
C ASP A 649 -16.62 -22.57 -2.05
N PHE A 650 -16.48 -21.30 -1.70
CA PHE A 650 -17.55 -20.68 -0.94
C PHE A 650 -18.44 -19.76 -1.80
N LEU A 651 -17.86 -18.69 -2.36
CA LEU A 651 -18.70 -17.71 -3.05
C LEU A 651 -19.25 -18.28 -4.35
N TRP A 652 -18.35 -18.71 -5.25
CA TRP A 652 -18.77 -19.17 -6.56
C TRP A 652 -19.71 -20.37 -6.45
N SER A 653 -19.38 -21.33 -5.57
CA SER A 653 -20.18 -22.54 -5.45
C SER A 653 -21.53 -22.26 -4.80
N GLN A 654 -21.54 -21.55 -3.68
CA GLN A 654 -22.78 -21.36 -2.93
C GLN A 654 -23.68 -20.27 -3.51
N ALA A 655 -23.17 -19.45 -4.42
CA ALA A 655 -23.99 -18.49 -5.15
C ALA A 655 -24.85 -19.14 -6.22
N SER A 656 -24.68 -20.44 -6.45
CA SER A 656 -25.44 -21.14 -7.48
C SER A 656 -26.93 -20.96 -7.27
N GLN A 657 -27.40 -21.14 -6.04
CA GLN A 657 -28.83 -21.04 -5.78
C GLN A 657 -29.34 -19.63 -6.06
N VAL A 658 -28.62 -18.61 -5.62
CA VAL A 658 -29.13 -17.25 -5.80
C VAL A 658 -29.14 -16.86 -7.27
N ILE A 659 -28.12 -17.28 -8.03
CA ILE A 659 -28.07 -16.92 -9.45
C ILE A 659 -28.93 -17.80 -10.34
N GLN A 660 -29.34 -18.98 -9.87
CA GLN A 660 -30.21 -19.86 -10.64
C GLN A 660 -31.65 -19.80 -10.17
N SER A 661 -32.00 -18.78 -9.40
CA SER A 661 -33.30 -18.72 -8.76
C SER A 661 -34.41 -18.17 -9.66
N TYR A 662 -34.08 -17.61 -10.82
CA TYR A 662 -35.10 -17.03 -11.70
C TYR A 662 -36.10 -18.08 -12.13
N GLY A 663 -37.39 -17.74 -12.06
CA GLY A 663 -38.44 -18.64 -12.44
C GLY A 663 -38.93 -19.56 -11.35
N SER A 664 -38.44 -19.40 -10.12
CA SER A 664 -38.90 -20.17 -8.97
C SER A 664 -39.38 -19.21 -7.89
N ALA A 665 -39.79 -19.78 -6.75
CA ALA A 665 -40.18 -18.98 -5.60
C ALA A 665 -39.02 -18.19 -5.00
N SER A 666 -37.79 -18.54 -5.34
CA SER A 666 -36.62 -17.84 -4.82
C SER A 666 -36.17 -16.69 -5.72
N SER A 667 -36.91 -16.38 -6.79
CA SER A 667 -36.49 -15.37 -7.74
C SER A 667 -36.35 -13.99 -7.11
N ALA A 668 -37.14 -13.71 -6.07
CA ALA A 668 -36.98 -12.45 -5.35
C ALA A 668 -35.56 -12.32 -4.81
N TYR A 669 -34.96 -13.44 -4.39
CA TYR A 669 -33.59 -13.39 -3.90
C TYR A 669 -32.59 -13.08 -5.00
N GLY A 670 -32.76 -13.65 -6.19
CA GLY A 670 -31.90 -13.27 -7.30
C GLY A 670 -32.03 -11.80 -7.65
N LEU A 671 -33.27 -11.30 -7.68
CA LEU A 671 -33.47 -9.89 -7.96
C LEU A 671 -32.82 -9.01 -6.89
N ILE A 672 -33.01 -9.33 -5.61
CA ILE A 672 -32.42 -8.54 -4.54
C ILE A 672 -30.90 -8.65 -4.53
N PHE A 673 -30.35 -9.82 -4.87
CA PHE A 673 -28.92 -9.99 -5.08
C PHE A 673 -28.40 -8.97 -6.09
N LEU A 674 -29.06 -8.89 -7.24
CA LEU A 674 -28.66 -7.93 -8.28
C LEU A 674 -28.83 -6.48 -7.82
N GLY A 675 -29.96 -6.17 -7.19
CA GLY A 675 -30.22 -4.80 -6.78
C GLY A 675 -29.27 -4.32 -5.70
N ALA A 676 -28.88 -5.24 -4.81
CA ALA A 676 -27.92 -4.91 -3.79
C ALA A 676 -26.53 -4.69 -4.39
N HIS A 677 -26.13 -5.51 -5.35
CA HIS A 677 -24.92 -5.19 -6.11
C HIS A 677 -25.01 -3.80 -6.71
N PHE A 678 -26.15 -3.46 -7.30
CA PHE A 678 -26.32 -2.16 -7.94
C PHE A 678 -26.18 -1.01 -6.95
N ILE A 679 -26.85 -1.12 -5.79
CA ILE A 679 -26.79 -0.05 -4.81
C ILE A 679 -25.39 0.08 -4.21
N TRP A 680 -24.71 -1.05 -4.00
CA TRP A 680 -23.33 -1.02 -3.52
C TRP A 680 -22.41 -0.29 -4.49
N ALA A 681 -22.54 -0.58 -5.78
CA ALA A 681 -21.74 0.13 -6.77
C ALA A 681 -22.15 1.60 -6.87
N PHE A 682 -23.43 1.88 -6.70
CA PHE A 682 -23.93 3.25 -6.72
C PHE A 682 -23.33 4.09 -5.60
N SER A 683 -23.07 3.47 -4.45
CA SER A 683 -22.47 4.19 -3.32
C SER A 683 -21.08 4.71 -3.65
N LEU A 684 -20.34 4.02 -4.51
CA LEU A 684 -18.97 4.42 -4.80
C LEU A 684 -18.89 5.77 -5.51
N MET A 685 -19.95 6.16 -6.22
CA MET A 685 -19.99 7.50 -6.80
C MET A 685 -19.87 8.57 -5.71
N PHE A 686 -20.61 8.39 -4.62
CA PHE A 686 -20.53 9.31 -3.49
C PHE A 686 -19.21 9.18 -2.75
N LEU A 687 -18.74 7.95 -2.55
CA LEU A 687 -17.54 7.77 -1.73
C LEU A 687 -16.28 8.25 -2.44
N PHE A 688 -16.21 8.12 -3.77
CA PHE A 688 -14.99 8.44 -4.49
C PHE A 688 -14.92 9.89 -4.99
N SER A 689 -16.04 10.61 -5.01
CA SER A 689 -16.08 11.94 -5.60
C SER A 689 -16.16 13.02 -4.54
N GLY A 690 -16.25 14.27 -4.99
CA GLY A 690 -16.38 15.40 -4.09
C GLY A 690 -17.40 16.38 -4.62
N ARG A 691 -17.95 17.17 -3.70
CA ARG A 691 -19.10 18.01 -4.02
C ARG A 691 -18.76 19.18 -4.94
N GLY A 692 -17.49 19.58 -5.04
CA GLY A 692 -17.15 20.68 -5.94
C GLY A 692 -17.55 20.38 -7.37
N TYR A 693 -17.23 19.17 -7.84
CA TYR A 693 -17.63 18.72 -9.17
C TYR A 693 -19.14 18.80 -9.35
N TRP A 694 -19.89 18.25 -8.38
CA TRP A 694 -21.34 18.18 -8.53
C TRP A 694 -21.99 19.55 -8.48
N GLN A 695 -21.49 20.44 -7.63
CA GLN A 695 -22.02 21.80 -7.61
C GLN A 695 -21.77 22.51 -8.93
N GLU A 696 -20.58 22.30 -9.50
CA GLU A 696 -20.32 22.89 -10.81
C GLU A 696 -21.24 22.34 -11.90
N LEU A 697 -21.52 21.03 -11.89
CA LEU A 697 -22.47 20.46 -12.83
C LEU A 697 -23.88 21.02 -12.63
N ILE A 698 -24.29 21.15 -11.37
CA ILE A 698 -25.59 21.71 -11.05
C ILE A 698 -25.71 23.13 -11.56
N GLU A 699 -24.59 23.87 -11.60
CA GLU A 699 -24.64 25.22 -12.18
C GLU A 699 -25.12 25.18 -13.63
N SER A 700 -24.58 24.25 -14.42
CA SER A 700 -25.00 24.11 -15.82
C SER A 700 -26.45 23.67 -15.92
N ILE A 701 -26.91 22.82 -15.01
CA ILE A 701 -28.31 22.38 -15.08
C ILE A 701 -29.28 23.51 -14.67
N VAL A 702 -28.92 24.25 -13.62
CA VAL A 702 -29.69 25.43 -13.23
C VAL A 702 -29.74 26.43 -14.36
N TRP A 703 -28.66 26.54 -15.13
CA TRP A 703 -28.68 27.39 -16.30
C TRP A 703 -29.78 26.97 -17.28
N ALA A 704 -29.90 25.68 -17.55
CA ALA A 704 -30.90 25.22 -18.49
C ALA A 704 -32.31 25.53 -18.00
N HIS A 705 -32.54 25.38 -16.70
CA HIS A 705 -33.85 25.73 -16.17
C HIS A 705 -34.11 27.24 -16.26
N ASN A 706 -33.10 28.06 -15.94
CA ASN A 706 -33.26 29.51 -16.04
C ASN A 706 -33.49 29.95 -17.48
N LYS A 707 -32.88 29.25 -18.45
CA LYS A 707 -33.07 29.55 -19.85
C LYS A 707 -34.51 29.36 -20.30
N LEU A 708 -35.33 28.62 -19.55
CA LEU A 708 -36.76 28.47 -19.82
C LEU A 708 -37.62 29.18 -18.78
N ASN A 709 -37.06 30.16 -18.07
CA ASN A 709 -37.83 31.10 -17.23
C ASN A 709 -38.32 30.48 -15.93
N PHE A 710 -37.70 29.43 -15.43
CA PHE A 710 -38.13 28.86 -14.18
C PHE A 710 -36.93 28.25 -13.45
N ALA A 711 -36.96 28.39 -12.14
CA ALA A 711 -35.94 27.83 -11.27
C ALA A 711 -36.46 27.95 -9.85
N PRO A 712 -36.17 26.97 -8.98
CA PRO A 712 -36.66 27.06 -7.61
C PRO A 712 -35.97 28.19 -6.85
N THR A 713 -36.72 28.83 -5.97
CA THR A 713 -36.13 29.76 -5.02
C THR A 713 -35.35 29.03 -3.94
N ILE A 714 -35.63 27.75 -3.74
CA ILE A 714 -34.79 26.88 -2.93
C ILE A 714 -33.68 26.40 -3.86
N GLN A 715 -32.58 27.13 -3.85
CA GLN A 715 -31.52 26.92 -4.82
C GLN A 715 -30.91 25.52 -4.68
N PRO A 716 -30.71 24.80 -5.77
CA PRO A 716 -30.16 23.44 -5.67
C PRO A 716 -28.69 23.48 -5.27
N ARG A 717 -28.34 22.60 -4.35
CA ARG A 717 -26.96 22.49 -3.88
C ARG A 717 -26.55 21.03 -3.87
N ALA A 718 -25.32 20.77 -4.30
CA ALA A 718 -24.72 19.47 -4.06
C ALA A 718 -24.71 19.19 -2.58
N LEU A 719 -24.78 17.92 -2.22
CA LEU A 719 -24.79 17.51 -0.82
C LEU A 719 -23.55 18.06 -0.13
N SER A 720 -23.62 18.28 1.17
CA SER A 720 -22.44 18.71 1.89
C SER A 720 -21.39 17.60 1.87
N ILE A 721 -20.16 17.97 2.23
CA ILE A 721 -19.07 16.97 2.26
C ILE A 721 -19.45 15.82 3.17
N THR A 722 -19.88 16.16 4.39
CA THR A 722 -20.26 15.13 5.35
C THR A 722 -21.48 14.34 4.90
N GLN A 723 -22.45 15.00 4.26
CA GLN A 723 -23.58 14.24 3.74
C GLN A 723 -23.19 13.36 2.57
N GLY A 724 -22.27 13.82 1.72
CA GLY A 724 -21.74 12.94 0.68
C GLY A 724 -21.16 11.67 1.27
N ARG A 725 -20.35 11.81 2.33
CA ARG A 725 -19.80 10.63 2.99
C ARG A 725 -20.90 9.77 3.60
N ALA A 726 -21.87 10.38 4.27
CA ALA A 726 -22.93 9.61 4.92
C ALA A 726 -23.75 8.82 3.91
N VAL A 727 -24.11 9.45 2.79
CA VAL A 727 -24.88 8.79 1.75
C VAL A 727 -24.08 7.65 1.13
N GLY A 728 -22.81 7.92 0.80
CA GLY A 728 -21.98 6.87 0.25
C GLY A 728 -21.88 5.66 1.16
N LEU A 729 -21.65 5.90 2.46
CA LEU A 729 -21.56 4.79 3.39
C LEU A 729 -22.89 4.07 3.57
N ALA A 730 -24.00 4.81 3.63
CA ALA A 730 -25.30 4.16 3.80
C ALA A 730 -25.62 3.24 2.63
N HIS A 731 -25.38 3.72 1.41
CA HIS A 731 -25.62 2.85 0.26
C HIS A 731 -24.62 1.71 0.18
N TYR A 732 -23.37 1.93 0.62
CA TYR A 732 -22.40 0.84 0.67
C TYR A 732 -22.89 -0.27 1.59
N LEU A 733 -23.31 0.09 2.80
CA LEU A 733 -23.75 -0.91 3.77
C LEU A 733 -25.02 -1.59 3.29
N LEU A 734 -25.99 -0.83 2.78
CA LEU A 734 -27.20 -1.45 2.26
C LEU A 734 -26.88 -2.43 1.15
N GLY A 735 -26.03 -2.03 0.20
CA GLY A 735 -25.72 -2.90 -0.92
C GLY A 735 -25.00 -4.17 -0.51
N GLY A 736 -23.91 -4.03 0.24
CA GLY A 736 -23.15 -5.20 0.64
C GLY A 736 -23.92 -6.16 1.54
N ILE A 737 -24.57 -5.60 2.56
CA ILE A 737 -25.35 -6.42 3.48
C ILE A 737 -26.53 -7.07 2.77
N GLY A 738 -27.23 -6.34 1.90
CA GLY A 738 -28.34 -6.92 1.18
C GLY A 738 -27.91 -7.99 0.20
N THR A 739 -26.74 -7.84 -0.40
CA THR A 739 -26.21 -8.90 -1.25
C THR A 739 -25.98 -10.17 -0.44
N THR A 740 -25.27 -10.05 0.69
CA THR A 740 -25.09 -11.20 1.56
C THR A 740 -26.43 -11.76 2.04
N TRP A 741 -27.42 -10.89 2.24
CA TRP A 741 -28.73 -11.30 2.70
C TRP A 741 -29.42 -12.19 1.67
N ALA A 742 -29.48 -11.73 0.43
CA ALA A 742 -30.10 -12.52 -0.63
C ALA A 742 -29.35 -13.83 -0.84
N PHE A 743 -28.01 -13.76 -0.85
CA PHE A 743 -27.20 -14.95 -1.06
C PHE A 743 -27.44 -15.99 0.03
N PHE A 744 -27.36 -15.57 1.30
CA PHE A 744 -27.61 -16.47 2.42
C PHE A 744 -29.00 -17.05 2.35
N LEU A 745 -30.01 -16.23 2.06
CA LEU A 745 -31.37 -16.73 2.14
C LEU A 745 -31.68 -17.74 1.04
N ALA A 746 -31.26 -17.47 -0.19
CA ALA A 746 -31.43 -18.45 -1.25
C ALA A 746 -30.69 -19.75 -0.93
N ARG A 747 -29.42 -19.64 -0.50
CA ARG A 747 -28.64 -20.84 -0.18
C ARG A 747 -29.30 -21.65 0.93
N ALA A 748 -29.73 -20.99 1.99
CA ALA A 748 -30.22 -21.68 3.17
C ALA A 748 -31.61 -22.25 2.94
N ILE A 749 -32.44 -21.57 2.15
CA ILE A 749 -33.74 -22.16 1.80
C ILE A 749 -33.55 -23.40 0.94
N SER A 750 -32.55 -23.39 0.05
CA SER A 750 -32.28 -24.61 -0.71
C SER A 750 -31.81 -25.74 0.20
N ILE A 751 -30.90 -25.46 1.13
CA ILE A 751 -30.29 -26.54 1.92
C ILE A 751 -31.09 -26.92 3.14
N THR A 752 -32.26 -26.33 3.36
CA THR A 752 -33.04 -26.67 4.54
C THR A 752 -34.33 -27.39 4.16
N ALA B 2 16.79 23.34 -5.72
CA ALA B 2 17.65 22.87 -6.80
C ALA B 2 18.98 22.33 -6.28
N THR B 3 19.17 22.41 -4.97
CA THR B 3 20.34 21.82 -4.33
C THR B 3 20.12 20.38 -3.91
N LYS B 4 18.88 19.97 -3.68
CA LYS B 4 18.52 18.59 -3.41
C LYS B 4 17.61 18.10 -4.52
N PHE B 5 17.32 16.81 -4.52
CA PHE B 5 16.30 16.29 -5.40
C PHE B 5 14.95 16.86 -4.99
N PRO B 6 14.11 17.28 -5.95
CA PRO B 6 14.37 17.35 -7.39
C PRO B 6 15.06 18.66 -7.73
N LYS B 7 16.12 18.65 -8.53
CA LYS B 7 16.82 19.89 -8.84
C LYS B 7 16.03 20.82 -9.74
N PHE B 8 14.94 20.35 -10.32
CA PHE B 8 14.11 21.19 -11.18
C PHE B 8 13.10 22.02 -10.40
N SER B 9 12.99 21.85 -9.08
CA SER B 9 11.98 22.56 -8.30
C SER B 9 12.59 22.97 -6.96
N GLN B 10 12.81 24.28 -6.81
CA GLN B 10 13.25 24.81 -5.53
C GLN B 10 12.20 24.57 -4.44
N ALA B 11 10.92 24.77 -4.77
CA ALA B 11 9.86 24.64 -3.79
C ALA B 11 9.81 23.23 -3.21
N LEU B 12 9.95 22.22 -4.08
CA LEU B 12 9.94 20.83 -3.61
C LEU B 12 11.23 20.48 -2.88
N ALA B 13 12.37 20.95 -3.40
CA ALA B 13 13.67 20.58 -2.81
C ALA B 13 13.80 21.08 -1.38
N GLN B 14 13.03 22.09 -0.99
CA GLN B 14 13.12 22.65 0.37
C GLN B 14 12.06 22.03 1.31
N ASP B 15 11.10 21.28 0.78
CA ASP B 15 10.14 20.62 1.65
C ASP B 15 10.90 19.63 2.54
N PRO B 16 10.64 19.61 3.85
CA PRO B 16 11.37 18.71 4.75
C PRO B 16 10.70 17.35 4.96
N ALA B 17 9.62 17.06 4.27
CA ALA B 17 8.85 15.85 4.47
C ALA B 17 9.11 14.87 3.33
N THR B 18 8.60 13.65 3.49
CA THR B 18 8.70 12.64 2.45
C THR B 18 8.01 13.08 1.17
N ARG B 19 7.09 14.05 1.28
CA ARG B 19 6.41 14.61 0.12
C ARG B 19 7.40 15.01 -0.96
N ARG B 20 8.53 15.61 -0.55
CA ARG B 20 9.56 16.05 -1.50
C ARG B 20 9.90 14.95 -2.49
N ILE B 21 10.07 13.72 -2.00
CA ILE B 21 10.41 12.64 -2.90
C ILE B 21 9.25 12.35 -3.85
N TRP B 22 8.06 12.14 -3.31
CA TRP B 22 6.94 11.72 -4.14
C TRP B 22 6.71 12.70 -5.27
N TYR B 23 6.54 13.97 -4.91
CA TYR B 23 6.25 14.99 -5.90
C TYR B 23 7.36 15.12 -6.93
N GLY B 24 8.61 14.99 -6.50
CA GLY B 24 9.69 15.03 -7.47
C GLY B 24 9.46 14.03 -8.58
N ILE B 25 9.19 12.78 -8.18
CA ILE B 25 8.96 11.72 -9.15
C ILE B 25 7.78 12.07 -10.04
N ALA B 26 6.73 12.64 -9.45
CA ALA B 26 5.52 12.89 -10.20
C ALA B 26 5.59 14.14 -11.06
N THR B 27 6.63 14.96 -10.91
CA THR B 27 6.71 16.18 -11.69
C THR B 27 7.90 16.20 -12.64
N ALA B 28 8.60 15.07 -12.79
CA ALA B 28 9.84 15.05 -13.56
C ALA B 28 9.60 15.31 -15.04
N HIS B 29 8.45 14.89 -15.57
CA HIS B 29 8.17 15.01 -16.99
C HIS B 29 7.32 16.22 -17.34
N ASP B 30 6.97 17.06 -16.36
CA ASP B 30 6.25 18.31 -16.61
C ASP B 30 7.27 19.43 -16.79
N LEU B 31 7.95 19.38 -17.94
CA LEU B 31 9.13 20.22 -18.14
C LEU B 31 8.79 21.71 -18.20
N GLU B 32 7.55 22.05 -18.58
CA GLU B 32 7.15 23.46 -18.63
C GLU B 32 7.19 24.10 -17.25
N ALA B 33 6.88 23.35 -16.20
CA ALA B 33 6.81 23.90 -14.86
C ALA B 33 8.18 23.99 -14.17
N HIS B 34 9.22 23.41 -14.74
CA HIS B 34 10.50 23.36 -14.05
C HIS B 34 11.15 24.73 -13.95
N ASP B 35 11.94 24.92 -12.90
CA ASP B 35 12.59 26.20 -12.63
C ASP B 35 13.54 26.58 -13.76
N GLY B 36 13.42 27.83 -14.22
CA GLY B 36 14.33 28.34 -15.21
C GLY B 36 14.13 27.80 -16.61
N MET B 37 13.05 27.09 -16.87
CA MET B 37 12.82 26.54 -18.20
C MET B 37 12.54 27.66 -19.19
N THR B 38 13.14 27.55 -20.37
CA THR B 38 12.83 28.37 -21.51
C THR B 38 12.11 27.53 -22.56
N GLU B 39 11.48 28.21 -23.51
CA GLU B 39 10.74 27.52 -24.55
C GLU B 39 11.66 26.67 -25.42
N GLU B 40 12.80 27.24 -25.81
CA GLU B 40 13.75 26.54 -26.69
C GLU B 40 14.28 25.29 -26.02
N ASN B 41 14.71 25.41 -24.76
CA ASN B 41 15.19 24.26 -24.01
C ASN B 41 14.10 23.22 -23.83
N LEU B 42 12.85 23.67 -23.66
CA LEU B 42 11.73 22.75 -23.55
C LEU B 42 11.59 21.90 -24.80
N TYR B 43 11.58 22.54 -25.98
CA TYR B 43 11.47 21.78 -27.22
C TYR B 43 12.66 20.84 -27.42
N GLN B 44 13.87 21.29 -27.09
CA GLN B 44 15.05 20.43 -27.27
C GLN B 44 15.01 19.20 -26.36
N LYS B 45 14.66 19.41 -25.08
CA LYS B 45 14.56 18.29 -24.15
C LYS B 45 13.47 17.31 -24.58
N ILE B 46 12.35 17.82 -25.09
CA ILE B 46 11.30 16.94 -25.58
C ILE B 46 11.79 16.11 -26.77
N PHE B 47 12.53 16.75 -27.69
CA PHE B 47 13.08 16.04 -28.84
C PHE B 47 13.95 14.88 -28.39
N ALA B 48 14.88 15.15 -27.46
CA ALA B 48 15.74 14.09 -26.96
C ALA B 48 14.96 12.99 -26.26
N SER B 49 13.97 13.36 -25.45
CA SER B 49 13.14 12.35 -24.79
C SER B 49 12.39 11.49 -25.80
N HIS B 50 11.98 12.09 -26.91
CA HIS B 50 11.31 11.32 -27.97
C HIS B 50 12.25 10.29 -28.58
N PHE B 51 13.52 10.69 -28.81
CA PHE B 51 14.49 9.70 -29.27
C PHE B 51 14.63 8.55 -28.28
N GLY B 52 14.66 8.87 -26.99
CA GLY B 52 14.73 7.82 -25.99
C GLY B 52 13.54 6.88 -26.02
N HIS B 53 12.34 7.45 -26.16
CA HIS B 53 11.12 6.63 -26.21
C HIS B 53 11.13 5.70 -27.43
N LEU B 54 11.56 6.22 -28.59
CA LEU B 54 11.64 5.36 -29.77
C LEU B 54 12.68 4.25 -29.59
N ALA B 55 13.79 4.57 -28.92
CA ALA B 55 14.75 3.52 -28.59
C ALA B 55 14.11 2.43 -27.72
N ILE B 56 13.32 2.83 -26.72
CA ILE B 56 12.64 1.85 -25.88
C ILE B 56 11.71 0.96 -26.71
N ILE B 57 10.95 1.56 -27.63
CA ILE B 57 10.04 0.77 -28.46
C ILE B 57 10.82 -0.25 -29.29
N PHE B 58 11.92 0.19 -29.93
CA PHE B 58 12.69 -0.74 -30.75
C PHE B 58 13.38 -1.82 -29.93
N LEU B 59 13.81 -1.49 -28.71
CA LEU B 59 14.34 -2.52 -27.82
C LEU B 59 13.29 -3.57 -27.48
N TRP B 60 12.06 -3.12 -27.22
CA TRP B 60 10.98 -4.04 -26.91
C TRP B 60 10.69 -4.98 -28.08
N THR B 61 10.64 -4.43 -29.29
CA THR B 61 10.39 -5.27 -30.47
C THR B 61 11.54 -6.24 -30.71
N SER B 62 12.78 -5.76 -30.59
CA SER B 62 13.93 -6.63 -30.77
C SER B 62 13.93 -7.75 -29.75
N GLY B 63 13.49 -7.44 -28.52
CA GLY B 63 13.40 -8.47 -27.50
C GLY B 63 12.35 -9.52 -27.78
N ASN B 64 11.18 -9.10 -28.27
CA ASN B 64 10.17 -10.08 -28.66
C ASN B 64 10.72 -11.01 -29.74
N LEU B 65 11.37 -10.43 -30.75
CA LEU B 65 11.97 -11.23 -31.81
C LEU B 65 13.03 -12.18 -31.26
N PHE B 66 13.89 -11.69 -30.37
CA PHE B 66 14.96 -12.52 -29.85
C PHE B 66 14.42 -13.67 -29.02
N HIS B 67 13.46 -13.40 -28.15
CA HIS B 67 12.94 -14.47 -27.30
C HIS B 67 12.19 -15.51 -28.10
N VAL B 68 11.43 -15.10 -29.11
CA VAL B 68 10.81 -16.10 -29.98
C VAL B 68 11.87 -16.92 -30.71
N ALA B 69 12.88 -16.25 -31.27
CA ALA B 69 13.91 -16.98 -32.03
C ALA B 69 14.66 -17.97 -31.14
N TRP B 70 15.02 -17.55 -29.93
CA TRP B 70 15.86 -18.30 -29.02
C TRP B 70 15.11 -19.41 -28.30
N GLN B 71 13.89 -19.13 -27.85
CA GLN B 71 13.17 -20.02 -26.96
C GLN B 71 11.80 -20.44 -27.48
N GLY B 72 11.31 -19.86 -28.57
CA GLY B 72 10.01 -20.18 -29.10
C GLY B 72 10.02 -21.40 -30.00
N ASN B 73 8.84 -21.73 -30.50
CA ASN B 73 8.63 -22.87 -31.39
C ASN B 73 8.12 -22.40 -32.75
N PHE B 74 8.66 -21.29 -33.23
CA PHE B 74 8.11 -20.65 -34.43
C PHE B 74 8.22 -21.54 -35.67
N GLU B 75 9.31 -22.30 -35.79
CA GLU B 75 9.43 -23.20 -36.93
C GLU B 75 8.41 -24.33 -36.86
N LYS B 76 8.22 -24.90 -35.66
CA LYS B 76 7.18 -25.91 -35.48
C LYS B 76 5.79 -25.34 -35.74
N TRP B 77 5.54 -24.10 -35.28
CA TRP B 77 4.27 -23.46 -35.56
C TRP B 77 4.05 -23.26 -37.05
N VAL B 78 5.10 -22.81 -37.76
CA VAL B 78 5.00 -22.60 -39.20
C VAL B 78 4.67 -23.90 -39.90
N SER B 79 5.34 -24.99 -39.51
CA SER B 79 5.07 -26.28 -40.13
C SER B 79 3.66 -26.80 -39.84
N ASN B 80 2.99 -26.29 -38.79
CA ASN B 80 1.73 -26.87 -38.32
C ASN B 80 0.98 -25.84 -37.48
N PRO B 81 0.43 -24.81 -38.12
CA PRO B 81 -0.13 -23.68 -37.35
C PRO B 81 -1.28 -24.04 -36.43
N LEU B 82 -2.17 -24.95 -36.84
CA LEU B 82 -3.41 -25.16 -36.11
C LEU B 82 -3.26 -26.03 -34.88
N LYS B 83 -2.17 -26.79 -34.75
CA LYS B 83 -1.99 -27.72 -33.65
C LYS B 83 -0.82 -27.37 -32.75
N THR B 84 -0.22 -26.19 -32.92
CA THR B 84 0.87 -25.75 -32.07
C THR B 84 0.40 -24.57 -31.24
N ARG B 85 0.85 -24.50 -30.00
CA ARG B 85 0.64 -23.32 -29.20
C ARG B 85 1.90 -22.48 -29.25
N PRO B 86 1.85 -21.28 -29.80
CA PRO B 86 3.08 -20.46 -29.93
C PRO B 86 3.65 -20.08 -28.58
N ILE B 87 4.96 -20.11 -28.48
CA ILE B 87 5.69 -19.82 -27.24
C ILE B 87 6.09 -18.35 -27.21
N ALA B 88 5.97 -17.73 -26.05
CA ALA B 88 6.45 -16.37 -25.84
C ALA B 88 7.90 -16.36 -25.35
N HIS B 89 8.16 -17.02 -24.23
CA HIS B 89 9.52 -17.14 -23.71
C HIS B 89 9.55 -18.25 -22.67
N SER B 90 10.76 -18.66 -22.31
CA SER B 90 10.95 -19.68 -21.31
C SER B 90 10.72 -19.10 -19.91
N ILE B 91 10.41 -19.99 -18.99
CA ILE B 91 10.29 -19.65 -17.57
C ILE B 91 11.54 -20.15 -16.86
N TRP B 92 12.14 -19.29 -16.04
CA TRP B 92 13.10 -19.72 -15.04
C TRP B 92 12.74 -19.06 -13.73
N ASP B 93 12.13 -19.83 -12.83
CA ASP B 93 11.63 -19.31 -11.57
C ASP B 93 11.97 -20.28 -10.45
N PRO B 94 12.94 -19.95 -9.60
CA PRO B 94 13.34 -20.87 -8.52
C PRO B 94 12.25 -21.17 -7.51
N HIS B 95 11.20 -20.35 -7.44
CA HIS B 95 10.09 -20.61 -6.52
C HIS B 95 9.18 -21.72 -6.99
N PHE B 96 9.25 -22.13 -8.26
CA PHE B 96 8.39 -23.20 -8.77
C PHE B 96 8.66 -24.51 -8.03
N GLY B 97 7.60 -25.26 -7.81
CA GLY B 97 7.75 -26.65 -7.43
C GLY B 97 7.90 -27.54 -8.65
N GLU B 98 8.14 -28.83 -8.40
CA GLU B 98 8.28 -29.80 -9.47
C GLU B 98 6.99 -29.93 -10.27
N SER B 99 5.86 -29.97 -9.56
CA SER B 99 4.55 -30.01 -10.22
C SER B 99 4.37 -28.81 -11.14
N ALA B 100 4.77 -27.62 -10.69
CA ALA B 100 4.62 -26.43 -11.51
C ALA B 100 5.47 -26.49 -12.77
N LEU B 101 6.72 -26.95 -12.65
CA LEU B 101 7.56 -27.09 -13.83
C LEU B 101 6.94 -28.03 -14.84
N LYS B 102 6.45 -29.18 -14.37
CA LYS B 102 5.80 -30.12 -15.29
C LYS B 102 4.57 -29.50 -15.93
N ALA B 103 3.74 -28.83 -15.13
CA ALA B 103 2.52 -28.24 -15.63
C ALA B 103 2.81 -27.20 -16.71
N PHE B 104 3.82 -26.38 -16.50
CA PHE B 104 4.15 -25.34 -17.47
C PHE B 104 5.00 -25.84 -18.63
N SER B 105 5.42 -27.11 -18.62
CA SER B 105 6.13 -27.67 -19.76
C SER B 105 5.28 -28.63 -20.60
N LYS B 106 3.96 -28.49 -20.57
CA LYS B 106 3.10 -29.32 -21.41
C LYS B 106 3.31 -29.01 -22.89
N GLY B 107 3.42 -30.07 -23.70
CA GLY B 107 3.67 -29.91 -25.11
C GLY B 107 5.07 -29.49 -25.46
N ASN B 108 5.97 -29.48 -24.48
CA ASN B 108 7.34 -29.00 -24.66
C ASN B 108 8.23 -29.77 -23.70
N THR B 109 9.54 -29.51 -23.77
CA THR B 109 10.48 -30.12 -22.86
C THR B 109 10.88 -29.21 -21.70
N TYR B 110 10.46 -27.96 -21.71
CA TYR B 110 10.85 -26.98 -20.71
C TYR B 110 9.71 -26.01 -20.47
N PRO B 111 9.61 -25.43 -19.27
CA PRO B 111 8.47 -24.55 -18.97
C PRO B 111 8.46 -23.30 -19.84
N VAL B 112 7.28 -22.93 -20.30
CA VAL B 112 7.10 -21.82 -21.23
C VAL B 112 5.82 -21.08 -20.88
N ASN B 113 5.77 -19.82 -21.30
CA ASN B 113 4.52 -19.09 -21.40
C ASN B 113 4.07 -19.14 -22.85
N ILE B 114 2.77 -19.32 -23.06
CA ILE B 114 2.21 -19.27 -24.40
C ILE B 114 1.89 -17.83 -24.75
N THR B 115 2.34 -17.37 -25.90
CA THR B 115 2.07 -16.00 -26.32
C THR B 115 0.63 -15.84 -26.81
N PHE B 116 0.02 -14.72 -26.42
CA PHE B 116 -1.31 -14.35 -26.90
C PHE B 116 -1.27 -13.02 -27.64
N SER B 117 -0.11 -12.59 -28.10
CA SER B 117 0.04 -11.29 -28.72
C SER B 117 -0.20 -11.32 -30.22
N GLY B 118 -0.38 -12.49 -30.81
CA GLY B 118 -0.53 -12.61 -32.24
C GLY B 118 0.74 -12.42 -33.05
N LEU B 119 1.90 -12.41 -32.40
CA LEU B 119 3.15 -12.16 -33.11
C LEU B 119 3.44 -13.25 -34.13
N TYR B 120 3.18 -14.52 -33.77
CA TYR B 120 3.46 -15.61 -34.71
C TYR B 120 2.64 -15.47 -35.98
N GLN B 121 1.35 -15.18 -35.85
CA GLN B 121 0.51 -15.05 -37.03
C GLN B 121 0.97 -13.89 -37.92
N TRP B 122 1.31 -12.75 -37.31
CA TRP B 122 1.75 -11.59 -38.07
C TRP B 122 3.08 -11.85 -38.77
N TRP B 123 4.07 -12.38 -38.04
CA TRP B 123 5.37 -12.69 -38.63
C TRP B 123 5.24 -13.74 -39.73
N TYR B 124 4.38 -14.72 -39.53
CA TYR B 124 4.11 -15.72 -40.56
C TYR B 124 3.51 -15.09 -41.80
N THR B 125 2.59 -14.14 -41.62
CA THR B 125 1.92 -13.53 -42.76
C THR B 125 2.88 -12.66 -43.56
N ILE B 126 3.84 -12.02 -42.91
CA ILE B 126 4.73 -11.08 -43.58
C ILE B 126 5.96 -11.75 -44.17
N GLY B 127 6.05 -13.07 -44.04
CA GLY B 127 7.06 -13.84 -44.76
C GLY B 127 8.13 -14.47 -43.89
N PHE B 128 8.12 -14.26 -42.57
CA PHE B 128 9.07 -14.92 -41.70
C PHE B 128 8.82 -16.42 -41.68
N ARG B 129 9.89 -17.21 -41.81
CA ARG B 129 9.77 -18.65 -41.81
C ARG B 129 10.75 -19.37 -40.88
N THR B 130 11.85 -18.76 -40.48
CA THR B 130 12.89 -19.45 -39.74
C THR B 130 13.34 -18.61 -38.55
N ASN B 131 13.97 -19.28 -37.58
CA ASN B 131 14.53 -18.59 -36.43
C ASN B 131 15.67 -17.65 -36.81
N GLN B 132 16.46 -18.01 -37.82
CA GLN B 132 17.58 -17.16 -38.25
C GLN B 132 17.09 -15.79 -38.71
N GLU B 133 15.99 -15.76 -39.47
CA GLU B 133 15.44 -14.49 -39.93
C GLU B 133 14.96 -13.63 -38.77
N LEU B 134 14.28 -14.25 -37.80
CA LEU B 134 13.84 -13.50 -36.63
C LEU B 134 15.03 -12.95 -35.85
N TYR B 135 16.08 -13.77 -35.69
CA TYR B 135 17.26 -13.29 -34.98
C TYR B 135 17.91 -12.12 -35.69
N LYS B 136 17.97 -12.17 -37.03
CA LYS B 136 18.51 -11.05 -37.78
C LYS B 136 17.68 -9.79 -37.59
N GLY B 137 16.36 -9.94 -37.56
CA GLY B 137 15.52 -8.79 -37.25
C GLY B 137 15.80 -8.22 -35.87
N SER B 138 15.98 -9.09 -34.88
CA SER B 138 16.28 -8.65 -33.53
C SER B 138 17.58 -7.87 -33.47
N ILE B 139 18.61 -8.38 -34.16
CA ILE B 139 19.91 -7.71 -34.18
C ILE B 139 19.77 -6.33 -34.84
N GLY B 140 19.07 -6.26 -35.96
CA GLY B 140 18.88 -4.99 -36.62
C GLY B 140 18.20 -3.96 -35.74
N LEU B 141 17.15 -4.39 -35.03
CA LEU B 141 16.44 -3.46 -34.17
C LEU B 141 17.27 -3.04 -32.96
N LEU B 142 18.12 -3.93 -32.44
CA LEU B 142 19.03 -3.56 -31.37
C LEU B 142 20.00 -2.46 -31.83
N LEU B 143 20.57 -2.63 -33.03
CA LEU B 143 21.46 -1.61 -33.57
C LEU B 143 20.71 -0.30 -33.83
N LEU B 144 19.47 -0.38 -34.32
CA LEU B 144 18.68 0.81 -34.57
C LEU B 144 18.39 1.55 -33.26
N ALA B 145 18.12 0.82 -32.19
CA ALA B 145 17.94 1.45 -30.88
C ALA B 145 19.20 2.18 -30.45
N SER B 146 20.38 1.58 -30.67
CA SER B 146 21.62 2.29 -30.38
C SER B 146 21.73 3.57 -31.20
N VAL B 147 21.33 3.52 -32.47
CA VAL B 147 21.39 4.71 -33.32
C VAL B 147 20.47 5.81 -32.80
N LEU B 148 19.27 5.43 -32.36
CA LEU B 148 18.34 6.42 -31.80
C LEU B 148 18.88 7.04 -30.52
N LEU B 149 19.49 6.23 -29.65
CA LEU B 149 20.10 6.78 -28.45
C LEU B 149 21.21 7.76 -28.79
N ILE B 150 22.03 7.42 -29.79
CA ILE B 150 23.09 8.33 -30.24
C ILE B 150 22.48 9.63 -30.75
N ALA B 151 21.41 9.55 -31.52
CA ALA B 151 20.76 10.74 -32.05
C ALA B 151 20.21 11.61 -30.92
N GLY B 152 19.59 10.98 -29.93
CA GLY B 152 19.11 11.72 -28.79
C GLY B 152 20.22 12.48 -28.07
N TRP B 153 21.35 11.80 -27.87
CA TRP B 153 22.51 12.47 -27.25
C TRP B 153 23.02 13.60 -28.12
N LEU B 154 23.09 13.37 -29.43
CA LEU B 154 23.71 14.35 -30.33
C LEU B 154 22.89 15.63 -30.42
N HIS B 155 21.58 15.49 -30.54
CA HIS B 155 20.72 16.67 -30.67
C HIS B 155 20.57 17.45 -29.37
N LEU B 156 21.24 17.02 -28.29
CA LEU B 156 21.42 17.83 -27.10
C LEU B 156 22.78 18.51 -27.05
N GLN B 157 23.64 18.27 -28.03
CA GLN B 157 24.92 18.97 -28.00
C GLN B 157 24.75 20.39 -28.54
N PRO B 158 25.54 21.35 -28.06
CA PRO B 158 25.26 22.76 -28.39
C PRO B 158 25.22 23.09 -29.87
N LYS B 159 26.06 22.47 -30.68
CA LYS B 159 26.06 22.74 -32.10
C LYS B 159 24.95 22.01 -32.86
N PHE B 160 24.24 21.09 -32.20
CA PHE B 160 23.22 20.29 -32.87
C PHE B 160 21.84 20.44 -32.26
N ARG B 161 21.66 21.35 -31.31
CA ARG B 161 20.33 21.63 -30.79
C ARG B 161 19.55 22.41 -31.84
N PRO B 162 18.41 21.91 -32.32
CA PRO B 162 17.61 22.69 -33.25
C PRO B 162 17.06 23.93 -32.57
N SER B 163 16.81 24.95 -33.38
CA SER B 163 16.25 26.19 -32.87
C SER B 163 14.73 26.11 -32.81
N LEU B 164 14.13 27.07 -32.12
CA LEU B 164 12.69 27.11 -31.95
C LEU B 164 11.97 27.25 -33.29
N SER B 165 12.57 27.98 -34.23
CA SER B 165 11.97 28.14 -35.56
C SER B 165 11.89 26.80 -36.27
N TRP B 166 12.87 25.93 -36.07
CA TRP B 166 12.82 24.60 -36.68
C TRP B 166 11.68 23.78 -36.10
N PHE B 167 11.49 23.83 -34.78
CA PHE B 167 10.38 23.11 -34.16
C PHE B 167 9.02 23.70 -34.52
N LYS B 168 8.96 24.97 -34.92
CA LYS B 168 7.69 25.60 -35.25
C LYS B 168 7.43 25.68 -36.75
N ASN B 169 8.18 24.93 -37.55
CA ASN B 169 7.98 24.90 -39.00
C ASN B 169 6.90 23.88 -39.30
N ASN B 170 5.64 24.34 -39.36
CA ASN B 170 4.51 23.43 -39.51
C ASN B 170 4.47 22.81 -40.90
N GLU B 171 4.58 23.64 -41.94
CA GLU B 171 4.34 23.17 -43.30
C GLU B 171 5.33 22.08 -43.69
N SER B 172 6.61 22.29 -43.35
CA SER B 172 7.64 21.31 -43.72
C SER B 172 7.48 20.01 -42.95
N ARG B 173 7.24 20.08 -41.64
CA ARG B 173 7.06 18.86 -40.85
C ARG B 173 5.87 18.07 -41.36
N LEU B 174 4.76 18.75 -41.64
CA LEU B 174 3.57 18.07 -42.13
C LEU B 174 3.82 17.45 -43.51
N ASN B 175 4.48 18.18 -44.41
CA ASN B 175 4.81 17.62 -45.72
C ASN B 175 5.64 16.36 -45.59
N HIS B 176 6.67 16.38 -44.75
CA HIS B 176 7.54 15.23 -44.62
C HIS B 176 6.85 14.06 -43.94
N HIS B 177 6.01 14.32 -42.93
CA HIS B 177 5.35 13.24 -42.23
C HIS B 177 4.24 12.62 -43.07
N LEU B 178 3.61 13.40 -43.94
CA LEU B 178 2.61 12.83 -44.84
C LEU B 178 3.27 12.07 -45.98
N SER B 179 4.13 12.73 -46.75
CA SER B 179 4.71 12.10 -47.92
C SER B 179 5.78 11.08 -47.58
N GLY B 180 6.64 11.36 -46.60
CA GLY B 180 7.74 10.47 -46.31
C GLY B 180 7.47 9.45 -45.22
N LEU B 181 7.06 9.93 -44.05
CA LEU B 181 6.85 9.03 -42.92
C LEU B 181 5.68 8.09 -43.16
N LEU B 182 4.65 8.55 -43.86
CA LEU B 182 3.49 7.72 -44.18
C LEU B 182 3.51 7.19 -45.61
N GLY B 183 3.58 8.10 -46.59
CA GLY B 183 3.44 7.67 -47.98
C GLY B 183 4.58 6.79 -48.46
N PHE B 184 5.81 7.21 -48.19
CA PHE B 184 6.94 6.40 -48.63
C PHE B 184 7.09 5.14 -47.78
N SER B 185 6.78 5.22 -46.49
CA SER B 185 6.79 4.01 -45.69
C SER B 185 5.76 3.01 -46.22
N SER B 186 4.58 3.48 -46.60
CA SER B 186 3.57 2.59 -47.19
C SER B 186 4.06 2.01 -48.51
N LEU B 187 4.73 2.81 -49.33
CA LEU B 187 5.28 2.31 -50.58
C LEU B 187 6.33 1.23 -50.33
N ALA B 188 7.23 1.47 -49.37
CA ALA B 188 8.23 0.47 -49.04
C ALA B 188 7.61 -0.80 -48.50
N TRP B 189 6.52 -0.66 -47.74
CA TRP B 189 5.82 -1.84 -47.25
C TRP B 189 5.18 -2.63 -48.38
N THR B 190 4.61 -1.92 -49.37
CA THR B 190 4.14 -2.62 -50.56
C THR B 190 5.28 -3.37 -51.23
N GLY B 191 6.44 -2.74 -51.31
CA GLY B 191 7.59 -3.41 -51.91
C GLY B 191 7.97 -4.66 -51.17
N HIS B 192 7.95 -4.60 -49.83
CA HIS B 192 8.21 -5.80 -49.04
C HIS B 192 7.18 -6.89 -49.33
N LEU B 193 5.90 -6.50 -49.39
CA LEU B 193 4.85 -7.48 -49.61
C LEU B 193 5.00 -8.17 -50.96
N VAL B 194 5.29 -7.40 -52.01
CA VAL B 194 5.44 -8.01 -53.33
C VAL B 194 6.72 -8.83 -53.45
N HIS B 195 7.84 -8.33 -52.92
CA HIS B 195 9.10 -9.05 -53.05
C HIS B 195 9.22 -10.22 -52.09
N VAL B 196 8.69 -10.13 -50.88
CA VAL B 196 8.97 -11.07 -49.81
C VAL B 196 7.75 -11.86 -49.37
N ALA B 197 6.69 -11.17 -48.94
CA ALA B 197 5.59 -11.86 -48.26
C ALA B 197 4.76 -12.71 -49.21
N ILE B 198 4.40 -12.18 -50.36
CA ILE B 198 3.61 -12.90 -51.36
C ILE B 198 4.34 -14.14 -51.87
N PRO B 199 5.62 -14.04 -52.29
CA PRO B 199 6.36 -15.27 -52.62
C PRO B 199 6.44 -16.28 -51.48
N ALA B 200 6.60 -15.79 -50.25
CA ALA B 200 6.63 -16.69 -49.10
C ALA B 200 5.30 -17.44 -48.97
N SER B 201 4.19 -16.73 -49.18
CA SER B 201 2.89 -17.38 -49.16
C SER B 201 2.71 -18.36 -50.31
N ARG B 202 3.47 -18.20 -51.39
CA ARG B 202 3.40 -19.12 -52.52
C ARG B 202 4.53 -20.15 -52.49
N GLY B 203 5.07 -20.42 -51.32
CA GLY B 203 6.12 -21.45 -51.20
C GLY B 203 7.39 -21.14 -51.94
N VAL B 204 7.84 -19.89 -51.90
CA VAL B 204 9.08 -19.47 -52.54
C VAL B 204 9.88 -18.63 -51.57
N HIS B 205 11.15 -18.95 -51.40
CA HIS B 205 12.01 -18.20 -50.50
C HIS B 205 12.64 -17.01 -51.23
N VAL B 206 12.35 -15.81 -50.75
CA VAL B 206 13.01 -14.61 -51.23
C VAL B 206 13.57 -13.90 -50.00
N GLY B 207 14.90 -13.85 -49.89
CA GLY B 207 15.55 -13.20 -48.77
C GLY B 207 16.66 -12.30 -49.26
N TRP B 208 17.46 -11.82 -48.31
CA TRP B 208 18.60 -10.98 -48.67
C TRP B 208 19.56 -11.69 -49.60
N ASP B 209 19.56 -13.02 -49.56
CA ASP B 209 20.48 -13.80 -50.41
C ASP B 209 20.12 -13.71 -51.88
N ASN B 210 18.83 -13.60 -52.21
CA ASN B 210 18.42 -13.79 -53.60
C ASN B 210 17.40 -12.79 -54.13
N PHE B 211 17.10 -11.71 -53.43
CA PHE B 211 16.01 -10.85 -53.85
C PHE B 211 16.35 -9.99 -55.06
N LEU B 212 17.63 -9.65 -55.26
CA LEU B 212 18.01 -8.84 -56.41
C LEU B 212 17.81 -9.58 -57.73
N THR B 213 17.79 -10.91 -57.72
CA THR B 213 17.69 -11.70 -58.94
C THR B 213 16.45 -12.59 -58.96
N THR B 214 15.42 -12.26 -58.18
CA THR B 214 14.16 -13.01 -58.15
C THR B 214 13.02 -12.03 -58.32
N PRO B 215 12.63 -11.71 -59.55
CA PRO B 215 11.58 -10.71 -59.77
C PRO B 215 10.27 -11.16 -59.14
N PRO B 216 9.56 -10.24 -58.48
CA PRO B 216 8.28 -10.60 -57.85
C PRO B 216 7.16 -10.88 -58.83
N HIS B 217 7.38 -10.72 -60.14
CA HIS B 217 6.39 -11.02 -61.16
C HIS B 217 7.15 -11.42 -62.43
N PRO B 218 6.71 -12.47 -63.12
CA PRO B 218 7.41 -12.91 -64.34
C PRO B 218 7.47 -11.86 -65.43
N ALA B 219 6.51 -10.94 -65.50
CA ALA B 219 6.52 -9.90 -66.51
C ALA B 219 7.43 -8.73 -66.16
N GLY B 220 8.02 -8.74 -64.97
CA GLY B 220 8.93 -7.69 -64.58
C GLY B 220 8.22 -6.35 -64.42
N LEU B 221 8.99 -5.29 -64.59
CA LEU B 221 8.50 -3.93 -64.48
C LEU B 221 8.08 -3.34 -65.83
N THR B 222 8.11 -4.14 -66.90
CA THR B 222 7.64 -3.64 -68.18
C THR B 222 6.18 -3.19 -68.15
N PRO B 223 5.23 -3.95 -67.61
CA PRO B 223 3.85 -3.43 -67.51
C PRO B 223 3.74 -2.13 -66.70
N PHE B 224 4.51 -1.99 -65.62
CA PHE B 224 4.42 -0.78 -64.81
C PHE B 224 4.78 0.46 -65.62
N PHE B 225 5.84 0.35 -66.43
CA PHE B 225 6.32 1.47 -67.21
C PHE B 225 5.58 1.65 -68.54
N THR B 226 4.87 0.62 -69.00
CA THR B 226 4.04 0.74 -70.19
C THR B 226 2.60 1.10 -69.87
N GLY B 227 2.24 1.24 -68.59
CA GLY B 227 0.88 1.53 -68.24
C GLY B 227 -0.10 0.39 -68.42
N ASN B 228 0.40 -0.78 -68.80
CA ASN B 228 -0.42 -1.99 -68.96
C ASN B 228 -0.49 -2.73 -67.63
N TRP B 229 -1.07 -2.05 -66.64
CA TRP B 229 -0.97 -2.48 -65.24
C TRP B 229 -1.84 -3.69 -64.92
N THR B 230 -2.86 -3.99 -65.73
CA THR B 230 -3.73 -5.12 -65.44
C THR B 230 -2.96 -6.43 -65.37
N VAL B 231 -1.79 -6.49 -65.99
CA VAL B 231 -0.97 -7.70 -65.96
C VAL B 231 -0.66 -8.10 -64.52
N TYR B 232 -0.51 -7.14 -63.62
CA TYR B 232 -0.20 -7.45 -62.24
C TYR B 232 -1.39 -8.02 -61.47
N ALA B 233 -2.59 -7.94 -62.03
CA ALA B 233 -3.78 -8.50 -61.41
C ALA B 233 -4.17 -9.86 -61.98
N GLU B 234 -3.65 -10.23 -63.14
CA GLU B 234 -4.00 -11.50 -63.77
C GLU B 234 -3.48 -12.67 -62.94
N ASN B 235 -4.25 -13.75 -62.92
CA ASN B 235 -3.90 -15.03 -62.29
C ASN B 235 -3.68 -14.90 -60.78
N PRO B 236 -4.72 -14.63 -60.00
CA PRO B 236 -4.57 -14.64 -58.54
C PRO B 236 -4.50 -16.07 -58.01
N ASP B 237 -4.22 -16.18 -56.72
CA ASP B 237 -4.26 -17.48 -56.06
C ASP B 237 -5.65 -18.08 -56.17
N SER B 238 -5.71 -19.37 -56.43
CA SER B 238 -7.00 -20.01 -56.61
C SER B 238 -7.67 -20.26 -55.27
N ALA B 239 -8.95 -20.63 -55.33
CA ALA B 239 -9.72 -20.99 -54.15
C ALA B 239 -9.20 -22.26 -53.48
N THR B 240 -8.40 -23.06 -54.16
CA THR B 240 -7.79 -24.24 -53.56
C THR B 240 -6.34 -24.01 -53.14
N HIS B 241 -5.88 -22.76 -53.15
CA HIS B 241 -4.48 -22.46 -52.84
C HIS B 241 -4.18 -22.84 -51.39
N VAL B 242 -3.15 -23.66 -51.20
CA VAL B 242 -2.69 -24.03 -49.87
C VAL B 242 -1.62 -23.02 -49.48
N PHE B 243 -1.88 -22.26 -48.43
CA PHE B 243 -0.97 -21.19 -48.02
C PHE B 243 0.38 -21.79 -47.64
N ASN B 244 1.45 -21.09 -48.01
CA ASN B 244 2.84 -21.44 -47.79
C ASN B 244 3.35 -22.49 -48.76
N THR B 245 2.51 -23.00 -49.66
CA THR B 245 2.92 -24.00 -50.64
C THR B 245 2.60 -23.47 -52.03
N SER B 246 3.12 -24.16 -53.05
CA SER B 246 2.92 -23.75 -54.44
C SER B 246 1.63 -24.27 -55.04
N GLU B 247 0.95 -25.22 -54.38
CA GLU B 247 -0.26 -25.81 -54.93
C GLU B 247 -1.40 -24.80 -55.00
N GLY B 248 -1.95 -24.60 -56.19
CA GLY B 248 -3.04 -23.67 -56.37
C GLY B 248 -2.63 -22.21 -56.43
N SER B 249 -1.35 -21.92 -56.42
CA SER B 249 -0.87 -20.55 -56.35
C SER B 249 -1.01 -19.85 -57.69
N GLY B 250 -1.20 -18.53 -57.63
CA GLY B 250 -1.18 -17.69 -58.79
C GLY B 250 0.06 -16.83 -58.85
N THR B 251 0.01 -15.80 -59.68
CA THR B 251 1.12 -14.87 -59.79
C THR B 251 0.73 -13.40 -59.67
N ALA B 252 -0.55 -13.10 -59.50
CA ALA B 252 -0.96 -11.72 -59.26
C ALA B 252 -0.26 -11.16 -58.04
N ILE B 253 0.20 -9.92 -58.16
CA ILE B 253 0.79 -9.20 -57.04
C ILE B 253 -0.09 -8.05 -56.55
N LEU B 254 -0.99 -7.55 -57.37
CA LEU B 254 -1.95 -6.52 -56.97
C LEU B 254 -3.34 -6.97 -57.42
N THR B 255 -4.27 -6.99 -56.48
CA THR B 255 -5.62 -7.46 -56.76
C THR B 255 -6.61 -6.62 -55.95
N PHE B 256 -7.89 -6.80 -56.26
CA PHE B 256 -8.99 -6.24 -55.50
C PHE B 256 -10.05 -7.33 -55.34
N LEU B 257 -9.59 -8.50 -54.90
CA LEU B 257 -10.46 -9.67 -54.76
C LEU B 257 -11.58 -9.46 -53.75
N GLY B 258 -11.26 -8.89 -52.60
CA GLY B 258 -12.23 -8.76 -51.54
C GLY B 258 -12.37 -10.04 -50.73
N GLY B 259 -12.89 -9.93 -49.52
CA GLY B 259 -13.11 -11.13 -48.72
C GLY B 259 -11.80 -11.75 -48.24
N PHE B 260 -11.84 -13.05 -48.04
CA PHE B 260 -10.76 -13.78 -47.37
C PHE B 260 -10.19 -14.86 -48.27
N HIS B 261 -8.93 -15.19 -48.00
CA HIS B 261 -8.34 -16.39 -48.56
C HIS B 261 -9.06 -17.60 -47.98
N PRO B 262 -9.48 -18.56 -48.82
CA PRO B 262 -10.34 -19.65 -48.33
C PRO B 262 -9.73 -20.51 -47.23
N GLN B 263 -8.42 -20.70 -47.20
N GLN B 263 -8.42 -20.71 -47.21
CA GLN B 263 -7.80 -21.54 -46.20
CA GLN B 263 -7.79 -21.56 -46.20
C GLN B 263 -7.39 -20.78 -44.94
C GLN B 263 -7.35 -20.80 -44.95
N THR B 264 -6.75 -19.62 -45.09
CA THR B 264 -6.34 -18.83 -43.95
C THR B 264 -7.49 -18.05 -43.32
N GLN B 265 -8.58 -17.84 -44.06
CA GLN B 265 -9.69 -16.98 -43.64
C GLN B 265 -9.19 -15.60 -43.22
N SER B 266 -8.22 -15.09 -43.96
CA SER B 266 -7.67 -13.76 -43.73
C SER B 266 -7.52 -13.07 -45.08
N LEU B 267 -7.19 -11.78 -45.03
CA LEU B 267 -7.14 -10.97 -46.23
C LEU B 267 -6.10 -11.49 -47.20
N TRP B 268 -6.39 -11.37 -48.50
CA TRP B 268 -5.43 -11.71 -49.53
C TRP B 268 -4.20 -10.81 -49.42
N LEU B 269 -3.02 -11.42 -49.57
CA LEU B 269 -1.79 -10.62 -49.52
C LEU B 269 -1.67 -9.69 -50.73
N SER B 270 -2.17 -10.11 -51.89
CA SER B 270 -2.23 -9.21 -53.04
C SER B 270 -3.16 -8.02 -52.76
N ASP B 271 -4.29 -8.26 -52.10
CA ASP B 271 -5.19 -7.18 -51.74
C ASP B 271 -4.52 -6.20 -50.79
N MET B 272 -3.79 -6.70 -49.79
CA MET B 272 -3.10 -5.82 -48.87
C MET B 272 -1.98 -5.04 -49.55
N ALA B 273 -1.25 -5.68 -50.47
CA ALA B 273 -0.22 -4.97 -51.22
C ALA B 273 -0.81 -3.84 -52.04
N HIS B 274 -1.93 -4.11 -52.72
CA HIS B 274 -2.59 -3.07 -53.50
C HIS B 274 -3.12 -1.95 -52.59
N HIS B 275 -3.65 -2.33 -51.42
CA HIS B 275 -4.10 -1.34 -50.46
C HIS B 275 -2.98 -0.40 -50.08
N HIS B 276 -1.82 -0.94 -49.73
CA HIS B 276 -0.70 -0.09 -49.35
C HIS B 276 -0.14 0.71 -50.51
N LEU B 277 -0.25 0.22 -51.75
CA LEU B 277 0.19 1.01 -52.89
C LEU B 277 -0.72 2.22 -53.13
N ALA B 278 -2.03 2.01 -53.09
CA ALA B 278 -2.97 3.12 -53.23
C ALA B 278 -2.80 4.11 -52.07
N ILE B 279 -2.60 3.59 -50.86
CA ILE B 279 -2.34 4.44 -49.69
C ILE B 279 -1.09 5.27 -49.90
N ALA B 280 -0.03 4.64 -50.43
CA ALA B 280 1.21 5.36 -50.68
C ALA B 280 0.98 6.51 -51.65
N VAL B 281 0.22 6.27 -52.70
CA VAL B 281 -0.07 7.35 -53.65
C VAL B 281 -0.82 8.48 -52.96
N VAL B 282 -1.86 8.14 -52.19
CA VAL B 282 -2.68 9.17 -51.55
C VAL B 282 -1.85 10.01 -50.58
N PHE B 283 -1.02 9.35 -49.77
CA PHE B 283 -0.25 10.10 -48.78
C PHE B 283 0.91 10.88 -49.39
N ILE B 284 1.57 10.35 -50.42
CA ILE B 284 2.61 11.11 -51.10
C ILE B 284 2.02 12.35 -51.75
N VAL B 285 0.86 12.20 -52.41
CA VAL B 285 0.17 13.36 -52.98
C VAL B 285 -0.18 14.37 -51.88
N ALA B 286 -0.74 13.89 -50.78
CA ALA B 286 -1.14 14.76 -49.68
C ALA B 286 0.03 15.55 -49.13
N GLY B 287 1.20 14.92 -49.03
CA GLY B 287 2.39 15.56 -48.53
C GLY B 287 2.98 16.64 -49.41
N HIS B 288 2.31 17.04 -50.48
CA HIS B 288 2.77 18.14 -51.33
C HIS B 288 1.86 19.37 -51.23
N MET B 289 1.10 19.47 -50.15
CA MET B 289 0.07 20.50 -50.07
C MET B 289 0.61 21.82 -49.55
N TYR B 290 1.64 21.78 -48.72
CA TYR B 290 2.06 22.95 -47.96
C TYR B 290 3.36 23.52 -48.50
N ARG B 291 3.52 24.83 -48.33
CA ARG B 291 4.62 25.58 -48.90
C ARG B 291 5.83 25.46 -47.98
N THR B 292 6.98 25.03 -48.52
CA THR B 292 8.16 24.89 -47.69
C THR B 292 9.24 25.85 -48.17
N ASN B 293 9.80 25.66 -49.37
CA ASN B 293 10.98 26.39 -49.80
C ASN B 293 10.92 26.71 -51.28
N PHE B 294 9.85 26.32 -51.96
CA PHE B 294 9.83 26.25 -53.42
C PHE B 294 8.65 27.00 -54.02
N GLY B 295 8.12 27.98 -53.30
CA GLY B 295 7.15 28.89 -53.86
C GLY B 295 5.74 28.36 -53.91
N ILE B 296 5.60 27.07 -54.16
CA ILE B 296 4.28 26.47 -54.32
C ILE B 296 3.78 25.95 -52.99
N GLY B 297 2.47 25.79 -52.90
CA GLY B 297 1.83 25.18 -51.75
C GLY B 297 1.06 26.19 -50.91
N HIS B 298 0.29 25.64 -49.99
CA HIS B 298 -0.54 26.44 -49.12
C HIS B 298 0.21 26.86 -47.87
N ASN B 299 -0.22 27.96 -47.29
N ASN B 299 -0.23 27.95 -47.27
CA ASN B 299 0.18 28.37 -45.94
CA ASN B 299 0.18 28.36 -45.94
C ASN B 299 -1.01 28.10 -45.02
C ASN B 299 -1.00 28.12 -45.01
N MET B 300 -0.76 27.38 -43.92
CA MET B 300 -1.85 26.94 -43.06
C MET B 300 -2.56 28.12 -42.40
N LYS B 301 -1.82 29.16 -42.03
CA LYS B 301 -2.43 30.32 -41.39
C LYS B 301 -3.46 30.97 -42.30
N GLU B 302 -3.12 31.12 -43.59
CA GLU B 302 -4.06 31.71 -44.54
C GLU B 302 -5.30 30.84 -44.70
N ILE B 303 -5.12 29.52 -44.77
CA ILE B 303 -6.26 28.61 -44.86
C ILE B 303 -7.19 28.82 -43.66
N LEU B 304 -6.63 28.82 -42.45
CA LEU B 304 -7.43 28.96 -41.26
C LEU B 304 -8.15 30.31 -41.23
N ASP B 305 -7.42 31.40 -41.45
CA ASP B 305 -8.02 32.72 -41.41
C ASP B 305 -9.07 32.94 -42.50
N ALA B 306 -9.04 32.18 -43.58
CA ALA B 306 -10.02 32.39 -44.63
C ALA B 306 -11.36 31.73 -44.35
N HIS B 307 -11.42 30.78 -43.42
CA HIS B 307 -12.64 30.00 -43.19
C HIS B 307 -13.47 30.62 -42.07
N ARG B 308 -14.22 31.65 -42.42
CA ARG B 308 -15.23 32.25 -41.55
C ARG B 308 -16.53 32.29 -42.33
N PRO B 309 -17.59 31.65 -41.86
CA PRO B 309 -18.87 31.70 -42.57
C PRO B 309 -19.35 33.13 -42.71
N PRO B 310 -19.76 33.54 -43.92
CA PRO B 310 -20.16 34.94 -44.13
C PRO B 310 -21.34 35.37 -43.29
N GLY B 311 -22.26 34.46 -42.97
CA GLY B 311 -23.40 34.82 -42.14
C GLY B 311 -22.99 35.27 -40.74
N GLY B 312 -21.99 34.62 -40.15
CA GLY B 312 -21.48 34.99 -38.86
C GLY B 312 -21.84 34.07 -37.72
N ARG B 313 -22.48 32.94 -37.99
CA ARG B 313 -22.92 32.04 -36.93
C ARG B 313 -21.75 31.38 -36.21
N LEU B 314 -20.54 31.47 -36.77
CA LEU B 314 -19.33 31.03 -36.09
C LEU B 314 -18.48 32.20 -35.61
N GLY B 315 -19.01 33.41 -35.66
CA GLY B 315 -18.27 34.57 -35.18
C GLY B 315 -17.05 34.84 -36.03
N ALA B 316 -15.90 35.01 -35.38
CA ALA B 316 -14.64 35.30 -36.06
C ALA B 316 -14.12 34.11 -36.85
N GLY B 317 -14.73 32.93 -36.72
CA GLY B 317 -14.32 31.78 -37.49
C GLY B 317 -13.12 31.09 -36.89
N HIS B 318 -12.09 30.86 -37.69
CA HIS B 318 -10.91 30.14 -37.22
C HIS B 318 -9.70 31.06 -37.03
N VAL B 319 -9.90 32.37 -37.08
CA VAL B 319 -8.81 33.32 -36.85
C VAL B 319 -8.30 33.19 -35.42
N GLY B 320 -6.99 33.15 -35.27
CA GLY B 320 -6.35 32.97 -33.98
C GLY B 320 -5.96 31.53 -33.68
N LEU B 321 -6.52 30.57 -34.41
CA LEU B 321 -6.26 29.16 -34.09
C LEU B 321 -4.86 28.73 -34.49
N PHE B 322 -4.29 29.32 -35.54
CA PHE B 322 -2.95 28.93 -35.97
C PHE B 322 -1.92 29.20 -34.89
N GLU B 323 -1.92 30.41 -34.33
CA GLU B 323 -1.00 30.75 -33.26
C GLU B 323 -1.28 29.92 -32.02
N THR B 324 -2.57 29.71 -31.72
CA THR B 324 -2.96 28.92 -30.55
C THR B 324 -2.41 27.51 -30.63
N ILE B 325 -2.59 26.84 -31.77
CA ILE B 325 -2.10 25.48 -31.95
C ILE B 325 -0.58 25.44 -31.95
N THR B 326 0.05 26.36 -32.68
CA THR B 326 1.49 26.36 -32.81
C THR B 326 2.18 26.58 -31.47
N ASN B 327 1.65 27.47 -30.64
CA ASN B 327 2.30 27.84 -29.40
C ASN B 327 1.90 26.97 -28.21
N SER B 328 1.00 26.02 -28.40
CA SER B 328 0.50 25.18 -27.31
C SER B 328 0.85 23.73 -27.58
N LEU B 329 1.82 23.20 -26.85
CA LEU B 329 2.11 21.77 -26.95
C LEU B 329 0.94 20.94 -26.42
N HIS B 330 0.19 21.47 -25.47
CA HIS B 330 -0.91 20.71 -24.88
C HIS B 330 -2.06 20.52 -25.87
N MET B 331 -2.39 21.54 -26.65
CA MET B 331 -3.42 21.36 -27.67
C MET B 331 -2.96 20.39 -28.77
N GLN B 332 -1.70 20.49 -29.19
CA GLN B 332 -1.17 19.55 -30.17
C GLN B 332 -1.23 18.12 -29.64
N LEU B 333 -0.83 17.93 -28.39
CA LEU B 333 -0.87 16.62 -27.78
C LEU B 333 -2.30 16.12 -27.65
N GLY B 334 -3.24 17.01 -27.31
CA GLY B 334 -4.63 16.60 -27.23
C GLY B 334 -5.17 16.13 -28.56
N LEU B 335 -4.85 16.84 -29.64
CA LEU B 335 -5.27 16.42 -30.97
C LEU B 335 -4.65 15.07 -31.33
N ALA B 336 -3.36 14.90 -31.03
CA ALA B 336 -2.67 13.65 -31.33
C ALA B 336 -3.29 12.49 -30.56
N LEU B 337 -3.56 12.68 -29.27
CA LEU B 337 -4.15 11.63 -28.45
C LEU B 337 -5.57 11.30 -28.90
N ALA B 338 -6.37 12.31 -29.28
CA ALA B 338 -7.72 12.04 -29.75
C ALA B 338 -7.70 11.20 -31.03
N CYS B 339 -6.88 11.60 -32.00
CA CYS B 339 -6.83 10.85 -33.25
C CYS B 339 -6.25 9.46 -33.05
N LEU B 340 -5.24 9.34 -32.19
CA LEU B 340 -4.70 8.02 -31.87
C LEU B 340 -5.73 7.14 -31.17
N GLY B 341 -6.55 7.70 -30.29
CA GLY B 341 -7.60 6.92 -29.66
C GLY B 341 -8.60 6.39 -30.66
N VAL B 342 -9.04 7.27 -31.58
CA VAL B 342 -9.94 6.82 -32.65
C VAL B 342 -9.28 5.71 -33.46
N ALA B 343 -8.00 5.89 -33.81
CA ALA B 343 -7.31 4.92 -34.65
C ALA B 343 -7.10 3.58 -33.93
N THR B 344 -6.88 3.61 -32.61
CA THR B 344 -6.72 2.38 -31.85
C THR B 344 -8.04 1.62 -31.74
N SER B 345 -9.14 2.36 -31.48
CA SER B 345 -10.45 1.72 -31.49
C SER B 345 -10.75 1.12 -32.85
N LEU B 346 -10.41 1.83 -33.93
CA LEU B 346 -10.63 1.29 -35.26
C LEU B 346 -9.79 0.06 -35.51
N THR B 347 -8.55 0.05 -35.00
CA THR B 347 -7.72 -1.15 -35.06
C THR B 347 -8.43 -2.33 -34.41
N ALA B 348 -8.91 -2.14 -33.18
CA ALA B 348 -9.61 -3.23 -32.48
C ALA B 348 -10.85 -3.68 -33.25
N GLN B 349 -11.62 -2.74 -33.77
CA GLN B 349 -12.88 -3.12 -34.44
C GLN B 349 -12.62 -3.80 -35.78
N HIS B 350 -11.59 -3.39 -36.50
CA HIS B 350 -11.38 -3.93 -37.83
C HIS B 350 -10.57 -5.23 -37.82
N MET B 351 -9.67 -5.39 -36.85
CA MET B 351 -8.87 -6.62 -36.81
C MET B 351 -9.71 -7.85 -36.54
N TYR B 352 -10.69 -7.75 -35.64
CA TYR B 352 -11.51 -8.92 -35.35
C TYR B 352 -12.42 -9.26 -36.53
N ALA B 353 -12.93 -8.25 -37.23
CA ALA B 353 -13.89 -8.52 -38.30
C ALA B 353 -13.19 -8.85 -39.61
N LEU B 354 -12.26 -8.00 -40.04
CA LEU B 354 -11.50 -8.21 -41.27
C LEU B 354 -10.12 -8.79 -41.01
N THR B 355 -10.05 -10.05 -40.55
CA THR B 355 -8.80 -10.69 -40.12
C THR B 355 -7.65 -10.49 -41.11
N PRO B 356 -6.58 -9.79 -40.70
CA PRO B 356 -5.47 -9.55 -41.63
C PRO B 356 -4.39 -10.61 -41.64
N TYR B 357 -4.29 -11.46 -40.63
CA TYR B 357 -3.16 -12.38 -40.49
C TYR B 357 -3.64 -13.82 -40.58
N ALA B 358 -2.82 -14.66 -41.22
CA ALA B 358 -3.18 -16.05 -41.47
C ALA B 358 -3.40 -16.78 -40.14
N TYR B 359 -4.49 -17.53 -40.08
CA TYR B 359 -4.85 -18.39 -38.96
C TYR B 359 -5.15 -17.64 -37.67
N LEU B 360 -5.24 -16.31 -37.72
CA LEU B 360 -5.48 -15.55 -36.49
C LEU B 360 -6.88 -15.79 -35.95
N SER B 361 -7.87 -15.92 -36.83
CA SER B 361 -9.24 -16.13 -36.39
C SER B 361 -9.44 -17.47 -35.69
N LYS B 362 -8.52 -18.42 -35.83
CA LYS B 362 -8.59 -19.68 -35.12
C LYS B 362 -7.94 -19.65 -33.74
N ASP B 363 -7.16 -18.61 -33.44
CA ASP B 363 -6.50 -18.46 -32.15
C ASP B 363 -7.40 -17.59 -31.28
N PHE B 364 -8.39 -18.23 -30.64
CA PHE B 364 -9.47 -17.48 -30.00
C PHE B 364 -8.95 -16.60 -28.86
N THR B 365 -8.08 -17.14 -28.02
CA THR B 365 -7.55 -16.37 -26.91
C THR B 365 -6.78 -15.15 -27.40
N THR B 366 -6.01 -15.32 -28.47
CA THR B 366 -5.26 -14.20 -29.04
C THR B 366 -6.22 -13.14 -29.56
N GLU B 367 -7.30 -13.54 -30.23
CA GLU B 367 -8.30 -12.59 -30.68
C GLU B 367 -8.86 -11.77 -29.52
N ALA B 368 -9.26 -12.46 -28.46
CA ALA B 368 -9.83 -11.77 -27.31
C ALA B 368 -8.82 -10.83 -26.68
N ALA B 369 -7.58 -11.29 -26.51
CA ALA B 369 -6.54 -10.47 -25.90
C ALA B 369 -6.24 -9.24 -26.75
N LEU B 370 -6.17 -9.40 -28.06
CA LEU B 370 -5.86 -8.26 -28.93
C LEU B 370 -6.97 -7.23 -28.91
N TYR B 371 -8.23 -7.67 -29.02
CA TYR B 371 -9.34 -6.73 -28.97
C TYR B 371 -9.35 -5.98 -27.63
N THR B 372 -9.24 -6.71 -26.53
CA THR B 372 -9.32 -6.07 -25.22
C THR B 372 -8.16 -5.11 -25.00
N HIS B 373 -6.95 -5.53 -25.37
CA HIS B 373 -5.75 -4.71 -25.26
C HIS B 373 -5.95 -3.39 -25.98
N HIS B 374 -6.33 -3.46 -27.26
CA HIS B 374 -6.43 -2.23 -28.05
C HIS B 374 -7.57 -1.34 -27.60
N GLN B 375 -8.68 -1.93 -27.15
CA GLN B 375 -9.78 -1.09 -26.66
C GLN B 375 -9.42 -0.36 -25.37
N TYR B 376 -8.74 -1.03 -24.45
CA TYR B 376 -8.30 -0.35 -23.22
C TYR B 376 -7.29 0.76 -23.53
N ILE B 377 -6.37 0.49 -24.44
CA ILE B 377 -5.42 1.54 -24.81
C ILE B 377 -6.14 2.72 -25.45
N ALA B 378 -7.15 2.45 -26.28
CA ALA B 378 -7.93 3.52 -26.88
C ALA B 378 -8.62 4.36 -25.80
N GLY B 379 -9.18 3.71 -24.79
CA GLY B 379 -9.79 4.44 -23.70
C GLY B 379 -8.80 5.35 -22.99
N PHE B 380 -7.62 4.82 -22.68
CA PHE B 380 -6.59 5.65 -22.05
C PHE B 380 -6.22 6.84 -22.93
N LEU B 381 -6.09 6.62 -24.23
CA LEU B 381 -5.73 7.71 -25.14
C LEU B 381 -6.81 8.77 -25.21
N MET B 382 -8.09 8.37 -25.25
CA MET B 382 -9.17 9.35 -25.27
C MET B 382 -9.21 10.19 -23.99
N VAL B 383 -9.05 9.52 -22.84
CA VAL B 383 -9.00 10.25 -21.57
C VAL B 383 -7.85 11.25 -21.58
N GLY B 384 -6.68 10.81 -22.06
CA GLY B 384 -5.54 11.70 -22.19
C GLY B 384 -5.78 12.89 -23.08
N ALA B 385 -6.46 12.66 -24.21
CA ALA B 385 -6.80 13.75 -25.12
C ALA B 385 -7.60 14.82 -24.39
N PHE B 386 -8.61 14.40 -23.63
CA PHE B 386 -9.40 15.40 -22.91
C PHE B 386 -8.65 16.05 -21.75
N ALA B 387 -7.80 15.28 -21.06
CA ALA B 387 -7.00 15.86 -19.98
C ALA B 387 -6.09 16.95 -20.53
N HIS B 388 -5.47 16.70 -21.68
CA HIS B 388 -4.57 17.71 -22.25
C HIS B 388 -5.33 18.88 -22.87
N GLY B 389 -6.56 18.65 -23.33
CA GLY B 389 -7.41 19.79 -23.67
C GLY B 389 -7.67 20.69 -22.48
N ALA B 390 -7.98 20.09 -21.33
CA ALA B 390 -8.20 20.87 -20.12
C ALA B 390 -6.93 21.60 -19.69
N ILE B 391 -5.78 20.93 -19.79
CA ILE B 391 -4.51 21.56 -19.47
C ILE B 391 -4.25 22.74 -20.39
N PHE B 392 -4.54 22.57 -21.68
CA PHE B 392 -4.42 23.67 -22.63
C PHE B 392 -5.28 24.86 -22.20
N PHE B 393 -6.51 24.58 -21.79
CA PHE B 393 -7.39 25.68 -21.37
C PHE B 393 -6.83 26.41 -20.16
N VAL B 394 -6.27 25.68 -19.20
CA VAL B 394 -5.70 26.34 -18.02
C VAL B 394 -4.45 27.14 -18.39
N ARG B 395 -3.49 26.50 -19.07
CA ARG B 395 -2.14 27.03 -19.19
C ARG B 395 -1.88 27.80 -20.48
N ASP B 396 -2.51 27.43 -21.59
CA ASP B 396 -2.13 27.97 -22.89
C ASP B 396 -3.16 28.88 -23.55
N TYR B 397 -4.43 28.78 -23.18
CA TYR B 397 -5.47 29.52 -23.87
C TYR B 397 -5.41 31.01 -23.51
N ASP B 398 -5.34 31.86 -24.53
CA ASP B 398 -5.37 33.30 -24.34
C ASP B 398 -6.68 33.86 -24.89
N PRO B 399 -7.55 34.42 -24.05
CA PRO B 399 -8.85 34.90 -24.55
C PRO B 399 -8.76 35.97 -25.62
N GLU B 400 -7.74 36.82 -25.58
CA GLU B 400 -7.67 37.91 -26.56
C GLU B 400 -7.18 37.42 -27.92
N LEU B 401 -6.27 36.44 -27.94
CA LEU B 401 -5.81 35.88 -29.21
C LEU B 401 -6.92 35.13 -29.93
N ASN B 402 -7.84 34.54 -29.17
CA ASN B 402 -8.92 33.74 -29.74
C ASN B 402 -10.26 34.44 -29.73
N LYS B 403 -10.28 35.77 -29.57
CA LYS B 403 -11.50 36.54 -29.37
C LYS B 403 -12.56 36.25 -30.41
N ASN B 404 -13.71 35.73 -29.97
CA ASN B 404 -14.88 35.48 -30.82
C ASN B 404 -14.66 34.38 -31.86
N ASN B 405 -13.62 33.57 -31.72
CA ASN B 405 -13.48 32.44 -32.63
C ASN B 405 -14.24 31.22 -32.09
N VAL B 406 -14.20 30.13 -32.86
CA VAL B 406 -14.95 28.92 -32.49
C VAL B 406 -14.50 28.39 -31.13
N LEU B 407 -13.20 28.46 -30.85
CA LEU B 407 -12.68 28.01 -29.57
C LEU B 407 -13.24 28.84 -28.42
N ALA B 408 -13.33 30.15 -28.59
CA ALA B 408 -13.91 31.01 -27.56
C ALA B 408 -15.41 30.80 -27.44
N ARG B 409 -16.10 30.56 -28.56
CA ARG B 409 -17.54 30.37 -28.53
C ARG B 409 -17.97 29.07 -27.87
N MET B 410 -17.09 28.05 -27.89
CA MET B 410 -17.33 26.89 -27.04
C MET B 410 -17.44 27.29 -25.58
N LEU B 411 -16.49 28.10 -25.11
CA LEU B 411 -16.56 28.61 -23.74
C LEU B 411 -17.82 29.44 -23.53
N GLU B 412 -18.21 30.21 -24.54
CA GLU B 412 -19.39 31.05 -24.43
C GLU B 412 -20.68 30.26 -24.26
N HIS B 413 -20.80 29.06 -24.83
CA HIS B 413 -22.02 28.28 -24.60
C HIS B 413 -21.77 26.95 -23.87
N LYS B 414 -20.72 26.92 -23.05
CA LYS B 414 -20.44 25.73 -22.24
C LYS B 414 -21.63 25.26 -21.42
N GLU B 415 -22.46 26.19 -20.91
CA GLU B 415 -23.62 25.75 -20.12
C GLU B 415 -24.61 24.94 -20.95
N ALA B 416 -24.94 25.41 -22.16
CA ALA B 416 -25.82 24.65 -23.02
C ALA B 416 -25.21 23.30 -23.38
N ILE B 417 -23.91 23.29 -23.69
CA ILE B 417 -23.24 22.04 -24.06
C ILE B 417 -23.34 21.03 -22.91
N ILE B 418 -22.99 21.47 -21.70
CA ILE B 418 -22.94 20.56 -20.56
C ILE B 418 -24.34 20.10 -20.16
N SER B 419 -25.32 21.01 -20.19
CA SER B 419 -26.68 20.64 -19.83
C SER B 419 -27.26 19.64 -20.82
N HIS B 420 -27.01 19.81 -22.11
CA HIS B 420 -27.55 18.87 -23.08
C HIS B 420 -26.84 17.52 -23.02
N LEU B 421 -25.52 17.52 -22.80
CA LEU B 421 -24.82 16.26 -22.58
C LEU B 421 -25.35 15.55 -21.34
N SER B 422 -25.66 16.30 -20.28
CA SER B 422 -26.27 15.73 -19.10
C SER B 422 -27.66 15.14 -19.41
N TRP B 423 -28.46 15.85 -20.21
CA TRP B 423 -29.78 15.31 -20.56
C TRP B 423 -29.65 14.01 -21.32
N ALA B 424 -28.74 13.97 -22.31
CA ALA B 424 -28.54 12.75 -23.08
C ALA B 424 -28.09 11.60 -22.19
N SER B 425 -27.14 11.87 -21.29
CA SER B 425 -26.67 10.85 -20.37
C SER B 425 -27.81 10.34 -19.49
N LEU B 426 -28.60 11.25 -18.94
CA LEU B 426 -29.69 10.85 -18.06
C LEU B 426 -30.73 10.04 -18.81
N PHE B 427 -31.07 10.44 -20.04
CA PHE B 427 -32.04 9.70 -20.82
C PHE B 427 -31.55 8.29 -21.09
N LEU B 428 -30.31 8.16 -21.58
CA LEU B 428 -29.76 6.84 -21.86
C LEU B 428 -29.70 5.98 -20.62
N GLY B 429 -29.24 6.54 -19.49
CA GLY B 429 -29.15 5.75 -18.28
C GLY B 429 -30.50 5.29 -17.79
N PHE B 430 -31.45 6.23 -17.66
CA PHE B 430 -32.79 5.88 -17.21
C PHE B 430 -33.37 4.76 -18.05
N HIS B 431 -33.38 4.93 -19.37
CA HIS B 431 -34.12 3.97 -20.20
C HIS B 431 -33.37 2.65 -20.39
N THR B 432 -32.04 2.67 -20.54
CA THR B 432 -31.30 1.42 -20.66
C THR B 432 -31.36 0.60 -19.38
N LEU B 433 -31.09 1.24 -18.23
CA LEU B 433 -31.21 0.52 -16.97
C LEU B 433 -32.64 0.08 -16.72
N GLY B 434 -33.63 0.89 -17.11
CA GLY B 434 -35.01 0.49 -16.91
C GLY B 434 -35.39 -0.72 -17.72
N LEU B 435 -34.97 -0.77 -18.99
CA LEU B 435 -35.27 -1.92 -19.84
C LEU B 435 -34.57 -3.17 -19.33
N TYR B 436 -33.30 -3.06 -18.93
CA TYR B 436 -32.63 -4.21 -18.34
C TYR B 436 -33.36 -4.69 -17.10
N ILE B 437 -33.79 -3.78 -16.23
CA ILE B 437 -34.44 -4.20 -14.99
C ILE B 437 -35.82 -4.80 -15.26
N HIS B 438 -36.58 -4.22 -16.19
CA HIS B 438 -37.87 -4.78 -16.56
C HIS B 438 -37.72 -6.21 -17.06
N ASN B 439 -36.72 -6.44 -17.93
CA ASN B 439 -36.47 -7.79 -18.43
C ASN B 439 -36.07 -8.72 -17.29
N ASP B 440 -35.18 -8.26 -16.41
CA ASP B 440 -34.78 -9.08 -15.26
C ASP B 440 -35.98 -9.48 -14.43
N THR B 441 -36.87 -8.53 -14.14
CA THR B 441 -38.03 -8.80 -13.30
C THR B 441 -38.98 -9.78 -13.96
N VAL B 442 -39.35 -9.54 -15.22
CA VAL B 442 -40.31 -10.42 -15.88
C VAL B 442 -39.73 -11.84 -16.03
N VAL B 443 -38.43 -11.95 -16.27
CA VAL B 443 -37.81 -13.27 -16.36
C VAL B 443 -37.76 -13.94 -15.00
N ALA B 444 -37.50 -13.17 -13.94
CA ALA B 444 -37.49 -13.72 -12.60
C ALA B 444 -38.85 -14.30 -12.23
N PHE B 445 -39.93 -13.63 -12.62
CA PHE B 445 -41.28 -14.13 -12.39
C PHE B 445 -41.71 -15.16 -13.41
N GLY B 446 -40.76 -15.73 -14.15
CA GLY B 446 -41.05 -16.81 -15.08
C GLY B 446 -41.95 -16.43 -16.24
N GLN B 447 -41.84 -15.21 -16.75
CA GLN B 447 -42.64 -14.75 -17.88
C GLN B 447 -41.75 -14.04 -18.91
N PRO B 448 -40.86 -14.79 -19.56
CA PRO B 448 -39.94 -14.16 -20.53
C PRO B 448 -40.61 -13.55 -21.74
N GLU B 449 -41.85 -13.93 -22.06
CA GLU B 449 -42.55 -13.33 -23.19
C GLU B 449 -42.99 -11.90 -22.93
N LYS B 450 -42.92 -11.43 -21.68
CA LYS B 450 -43.23 -10.03 -21.38
C LYS B 450 -42.02 -9.12 -21.50
N GLN B 451 -40.87 -9.65 -21.92
CA GLN B 451 -39.68 -8.83 -22.05
C GLN B 451 -39.86 -7.78 -23.14
N ILE B 452 -39.18 -6.66 -22.97
CA ILE B 452 -39.10 -5.61 -23.99
C ILE B 452 -37.82 -5.85 -24.77
N LEU B 453 -37.95 -6.22 -26.04
CA LEU B 453 -36.82 -6.66 -26.86
C LEU B 453 -36.84 -5.89 -28.18
N PHE B 454 -36.23 -4.72 -28.21
CA PHE B 454 -36.16 -3.96 -29.44
C PHE B 454 -35.16 -4.58 -30.40
N GLU B 455 -35.57 -4.71 -31.64
CA GLU B 455 -34.71 -5.25 -32.69
C GLU B 455 -33.79 -4.15 -33.20
N PRO B 456 -32.49 -4.39 -33.31
CA PRO B 456 -31.59 -3.33 -33.78
C PRO B 456 -31.76 -3.12 -35.28
N LEU B 457 -32.91 -2.56 -35.66
CA LEU B 457 -33.31 -2.51 -37.06
C LEU B 457 -32.37 -1.65 -37.90
N PHE B 458 -31.91 -0.51 -37.36
CA PHE B 458 -31.05 0.39 -38.13
C PHE B 458 -29.72 -0.27 -38.47
N ALA B 459 -29.11 -0.93 -37.48
CA ALA B 459 -27.85 -1.62 -37.72
C ALA B 459 -28.03 -2.80 -38.66
N GLU B 460 -29.13 -3.54 -38.51
CA GLU B 460 -29.39 -4.65 -39.42
C GLU B 460 -29.57 -4.14 -40.85
N TYR B 461 -30.17 -2.96 -41.00
CA TYR B 461 -30.29 -2.34 -42.31
C TYR B 461 -28.92 -1.98 -42.87
N ILE B 462 -28.03 -1.48 -42.03
CA ILE B 462 -26.66 -1.19 -42.48
C ILE B 462 -25.98 -2.47 -42.96
N GLN B 463 -26.11 -3.55 -42.19
CA GLN B 463 -25.53 -4.83 -42.59
C GLN B 463 -26.09 -5.28 -43.94
N ALA B 464 -27.40 -5.17 -44.11
CA ALA B 464 -28.02 -5.52 -45.39
C ALA B 464 -27.46 -4.66 -46.51
N ALA B 465 -27.30 -3.37 -46.27
CA ALA B 465 -26.75 -2.47 -47.27
C ALA B 465 -25.35 -2.88 -47.69
N SER B 466 -24.58 -3.48 -46.78
CA SER B 466 -23.29 -4.03 -47.17
C SER B 466 -23.38 -5.44 -47.75
N GLY B 467 -24.56 -6.02 -47.84
CA GLY B 467 -24.75 -7.30 -48.50
C GLY B 467 -25.24 -8.44 -47.63
N LYS B 468 -25.44 -8.25 -46.33
CA LYS B 468 -25.93 -9.34 -45.49
C LYS B 468 -27.38 -9.68 -45.83
N ALA B 469 -27.62 -10.96 -46.11
CA ALA B 469 -28.91 -11.42 -46.61
C ALA B 469 -29.87 -11.94 -45.54
N VAL B 470 -29.40 -12.11 -44.30
CA VAL B 470 -30.20 -12.78 -43.28
C VAL B 470 -31.44 -11.99 -42.86
N TYR B 471 -31.38 -10.66 -42.90
CA TYR B 471 -32.44 -9.83 -42.34
C TYR B 471 -33.58 -9.55 -43.31
N GLN B 472 -33.51 -10.05 -44.54
CA GLN B 472 -34.58 -9.92 -45.53
C GLN B 472 -34.81 -8.47 -45.96
N PHE B 473 -33.78 -7.63 -45.90
CA PHE B 473 -33.84 -6.28 -46.46
C PHE B 473 -33.21 -6.33 -47.85
N ASN B 474 -33.99 -5.95 -48.87
CA ASN B 474 -33.52 -5.95 -50.25
C ASN B 474 -33.09 -4.54 -50.62
N VAL B 475 -31.96 -4.12 -50.05
CA VAL B 475 -31.47 -2.75 -50.18
C VAL B 475 -30.01 -2.81 -50.62
N LEU B 476 -29.68 -2.01 -51.63
CA LEU B 476 -28.29 -1.82 -52.07
C LEU B 476 -27.58 -3.14 -52.40
N LEU B 477 -26.53 -3.48 -51.64
CA LEU B 477 -25.73 -4.64 -51.98
C LEU B 477 -26.42 -5.97 -51.68
N ALA B 478 -27.49 -5.97 -50.89
CA ALA B 478 -28.30 -7.17 -50.73
C ALA B 478 -29.32 -7.33 -51.85
N SER B 479 -29.43 -6.34 -52.74
CA SER B 479 -30.41 -6.34 -53.81
C SER B 479 -29.70 -6.64 -55.12
N SER B 480 -30.20 -7.64 -55.84
CA SER B 480 -29.58 -8.05 -57.10
C SER B 480 -29.61 -6.93 -58.13
N THR B 481 -30.71 -6.18 -58.18
CA THR B 481 -30.95 -5.18 -59.21
C THR B 481 -30.42 -3.79 -58.86
N SER B 482 -29.81 -3.63 -57.70
CA SER B 482 -29.38 -2.29 -57.29
C SER B 482 -28.21 -1.82 -58.15
N PRO B 483 -28.11 -0.51 -58.42
CA PRO B 483 -26.92 0.00 -59.11
C PRO B 483 -25.62 -0.27 -58.38
N ALA B 484 -25.66 -0.22 -57.04
CA ALA B 484 -24.47 -0.50 -56.25
C ALA B 484 -23.99 -1.92 -56.50
N THR B 485 -24.91 -2.87 -56.58
CA THR B 485 -24.53 -4.26 -56.83
C THR B 485 -23.92 -4.45 -58.21
N ALA B 486 -24.55 -3.88 -59.24
CA ALA B 486 -24.02 -4.02 -60.59
C ALA B 486 -22.64 -3.38 -60.71
N ALA B 487 -22.44 -2.25 -60.05
CA ALA B 487 -21.12 -1.63 -60.07
C ALA B 487 -20.10 -2.46 -59.31
N GLY B 488 -20.44 -2.89 -58.09
CA GLY B 488 -19.47 -3.55 -57.24
C GLY B 488 -19.11 -4.95 -57.72
N ASN B 489 -20.02 -5.62 -58.43
CA ASN B 489 -19.73 -6.95 -58.93
C ASN B 489 -18.54 -6.97 -59.86
N GLN B 490 -18.16 -5.82 -60.42
CA GLN B 490 -17.03 -5.72 -61.32
C GLN B 490 -15.68 -5.92 -60.63
N VAL B 491 -15.56 -5.61 -59.33
CA VAL B 491 -14.25 -5.65 -58.71
C VAL B 491 -14.17 -6.56 -57.49
N TRP B 492 -14.85 -6.19 -56.41
CA TRP B 492 -14.63 -6.80 -55.11
C TRP B 492 -15.85 -7.50 -54.57
N LEU B 493 -17.01 -7.26 -55.15
CA LEU B 493 -18.27 -7.72 -54.56
C LEU B 493 -18.37 -9.23 -54.41
N PRO B 494 -17.95 -10.07 -55.36
CA PRO B 494 -18.09 -11.52 -55.14
C PRO B 494 -17.39 -12.04 -53.89
N GLY B 495 -16.11 -11.71 -53.69
CA GLY B 495 -15.43 -12.14 -52.49
C GLY B 495 -16.02 -11.56 -51.22
N TRP B 496 -16.40 -10.28 -51.27
CA TRP B 496 -17.03 -9.64 -50.12
C TRP B 496 -18.34 -10.31 -49.76
N LEU B 497 -19.16 -10.62 -50.77
CA LEU B 497 -20.45 -11.27 -50.53
C LEU B 497 -20.26 -12.68 -49.99
N GLU B 498 -19.22 -13.37 -50.46
CA GLU B 498 -18.92 -14.70 -49.92
C GLU B 498 -18.54 -14.60 -48.44
N ALA B 499 -17.75 -13.59 -48.08
CA ALA B 499 -17.34 -13.45 -46.69
C ALA B 499 -18.50 -13.01 -45.80
N ILE B 500 -19.24 -11.98 -46.21
CA ILE B 500 -20.24 -11.37 -45.35
C ILE B 500 -21.42 -12.30 -45.08
N ASN B 501 -21.81 -13.10 -46.06
CA ASN B 501 -22.88 -14.07 -45.88
C ASN B 501 -22.36 -15.43 -45.43
N ASN B 502 -21.12 -15.48 -44.95
CA ASN B 502 -20.54 -16.70 -44.40
C ASN B 502 -20.63 -16.57 -42.88
N PRO B 503 -21.42 -17.42 -42.21
CA PRO B 503 -21.58 -17.26 -40.75
C PRO B 503 -20.37 -17.70 -39.95
N LYS B 504 -19.41 -18.37 -40.57
CA LYS B 504 -18.18 -18.75 -39.90
C LYS B 504 -17.21 -17.58 -39.73
N THR B 505 -17.45 -16.45 -40.39
CA THR B 505 -16.61 -15.27 -40.25
C THR B 505 -17.18 -14.32 -39.21
N ASP B 506 -16.37 -13.35 -38.81
CA ASP B 506 -16.82 -12.25 -37.96
C ASP B 506 -17.17 -11.01 -38.76
N LEU B 507 -17.29 -11.12 -40.08
CA LEU B 507 -17.66 -9.99 -40.92
C LEU B 507 -19.13 -9.65 -40.76
N PHE B 508 -19.43 -8.62 -39.97
CA PHE B 508 -20.80 -8.22 -39.65
C PHE B 508 -21.58 -9.33 -38.97
N LEU B 509 -21.19 -9.65 -37.74
CA LEU B 509 -21.87 -10.66 -36.94
C LEU B 509 -23.38 -10.40 -36.88
N LYS B 510 -24.14 -11.48 -36.84
CA LYS B 510 -25.58 -11.39 -36.70
C LYS B 510 -25.94 -10.75 -35.35
N ILE B 511 -26.89 -9.83 -35.36
CA ILE B 511 -27.26 -9.09 -34.15
C ILE B 511 -28.75 -9.21 -33.87
N GLY B 512 -29.11 -8.93 -32.62
CA GLY B 512 -30.47 -8.96 -32.16
C GLY B 512 -30.68 -8.03 -30.98
N PRO B 513 -31.79 -8.21 -30.26
CA PRO B 513 -32.14 -7.29 -29.16
C PRO B 513 -31.07 -7.12 -28.08
N GLY B 514 -30.36 -8.19 -27.73
CA GLY B 514 -29.26 -8.06 -26.78
C GLY B 514 -28.19 -7.10 -27.26
N ASP B 515 -27.87 -7.15 -28.54
CA ASP B 515 -26.95 -6.17 -29.13
C ASP B 515 -27.50 -4.76 -29.02
N PHE B 516 -28.81 -4.58 -29.22
CA PHE B 516 -29.44 -3.27 -29.09
C PHE B 516 -29.23 -2.70 -27.69
N LEU B 517 -29.57 -3.48 -26.67
CA LEU B 517 -29.46 -2.99 -25.29
C LEU B 517 -28.02 -2.72 -24.91
N VAL B 518 -27.10 -3.63 -25.27
CA VAL B 518 -25.71 -3.42 -24.90
C VAL B 518 -25.13 -2.21 -25.62
N HIS B 519 -25.54 -1.97 -26.87
CA HIS B 519 -25.08 -0.77 -27.58
C HIS B 519 -25.58 0.50 -26.91
N HIS B 520 -26.82 0.52 -26.43
CA HIS B 520 -27.27 1.71 -25.72
C HIS B 520 -26.53 1.89 -24.39
N ALA B 521 -26.16 0.79 -23.73
CA ALA B 521 -25.29 0.90 -22.56
C ALA B 521 -23.94 1.50 -22.92
N ILE B 522 -23.36 1.07 -24.04
CA ILE B 522 -22.08 1.60 -24.50
C ILE B 522 -22.20 3.10 -24.78
N ALA B 523 -23.30 3.50 -25.41
CA ALA B 523 -23.54 4.92 -25.65
C ALA B 523 -23.65 5.69 -24.35
N LEU B 524 -24.29 5.11 -23.34
CA LEU B 524 -24.32 5.73 -22.02
C LEU B 524 -22.91 5.97 -21.50
N GLY B 525 -22.06 4.94 -21.59
CA GLY B 525 -20.70 5.08 -21.10
C GLY B 525 -19.94 6.17 -21.85
N LEU B 526 -20.07 6.19 -23.18
CA LEU B 526 -19.39 7.20 -23.97
C LEU B 526 -19.87 8.61 -23.62
N HIS B 527 -21.19 8.79 -23.49
CA HIS B 527 -21.72 10.11 -23.20
C HIS B 527 -21.33 10.59 -21.81
N VAL B 528 -21.39 9.72 -20.80
CA VAL B 528 -21.03 10.15 -19.45
C VAL B 528 -19.54 10.44 -19.34
N THR B 529 -18.69 9.58 -19.95
CA THR B 529 -17.27 9.85 -19.94
C THR B 529 -16.97 11.19 -20.60
N ALA B 530 -17.62 11.43 -21.75
CA ALA B 530 -17.46 12.70 -22.44
C ALA B 530 -17.97 13.84 -21.59
N LEU B 531 -19.09 13.67 -20.89
CA LEU B 531 -19.63 14.73 -20.07
C LEU B 531 -18.64 15.14 -18.98
N ILE B 532 -18.07 14.16 -18.29
CA ILE B 532 -17.10 14.46 -17.25
C ILE B 532 -15.89 15.17 -17.84
N LEU B 533 -15.33 14.63 -18.93
CA LEU B 533 -14.14 15.23 -19.54
C LEU B 533 -14.42 16.62 -20.10
N VAL B 534 -15.57 16.81 -20.75
CA VAL B 534 -15.91 18.07 -21.37
C VAL B 534 -16.20 19.13 -20.31
N LYS B 535 -16.91 18.77 -19.25
CA LYS B 535 -17.15 19.71 -18.17
C LYS B 535 -15.85 20.07 -17.47
N GLY B 536 -14.94 19.11 -17.32
CA GLY B 536 -13.64 19.43 -16.74
C GLY B 536 -12.84 20.39 -17.60
N ALA B 537 -12.83 20.17 -18.91
CA ALA B 537 -12.11 21.07 -19.80
C ALA B 537 -12.75 22.45 -19.84
N LEU B 538 -14.08 22.51 -19.94
CA LEU B 538 -14.79 23.76 -20.11
C LEU B 538 -14.91 24.55 -18.81
N ASP B 539 -14.86 23.89 -17.66
CA ASP B 539 -14.81 24.57 -16.37
C ASP B 539 -13.41 24.63 -15.80
N ALA B 540 -12.39 24.30 -16.59
CA ALA B 540 -11.03 24.30 -16.08
C ALA B 540 -10.60 25.70 -15.67
N ARG B 541 -11.05 26.70 -16.41
CA ARG B 541 -10.66 28.08 -16.14
C ARG B 541 -11.46 28.72 -15.01
N GLY B 542 -12.68 28.27 -14.77
CA GLY B 542 -13.46 28.82 -13.67
C GLY B 542 -14.92 28.43 -13.77
N SER B 543 -15.61 28.64 -12.66
CA SER B 543 -17.03 28.36 -12.54
C SER B 543 -17.61 29.34 -11.52
N LYS B 544 -18.94 29.30 -11.35
CA LYS B 544 -19.56 30.14 -10.33
C LYS B 544 -18.99 29.84 -8.95
N LEU B 545 -18.74 28.57 -8.64
CA LEU B 545 -18.23 28.17 -7.34
C LEU B 545 -16.79 28.60 -7.13
N MET B 546 -15.99 28.68 -8.19
CA MET B 546 -14.59 29.09 -8.10
C MET B 546 -14.25 29.89 -9.34
N PRO B 547 -14.63 31.17 -9.37
CA PRO B 547 -14.46 31.97 -10.59
C PRO B 547 -13.01 32.21 -10.99
N ASP B 548 -12.05 32.06 -10.09
CA ASP B 548 -10.64 32.31 -10.41
C ASP B 548 -9.82 31.03 -10.49
N LYS B 549 -10.45 29.92 -10.91
CA LYS B 549 -9.80 28.62 -10.88
C LYS B 549 -8.50 28.58 -11.67
N LYS B 550 -8.40 29.37 -12.74
CA LYS B 550 -7.19 29.37 -13.56
C LYS B 550 -5.95 29.82 -12.82
N ASP B 551 -6.09 30.65 -11.79
CA ASP B 551 -4.96 31.06 -10.96
C ASP B 551 -4.39 29.92 -10.12
N PHE B 552 -5.14 28.83 -9.93
CA PHE B 552 -4.71 27.75 -9.07
C PHE B 552 -4.14 26.56 -9.83
N GLY B 553 -4.18 26.58 -11.15
CA GLY B 553 -3.57 25.54 -11.95
C GLY B 553 -4.53 24.42 -12.32
N TYR B 554 -4.00 23.50 -13.12
CA TYR B 554 -4.78 22.35 -13.57
C TYR B 554 -5.11 21.43 -12.41
N SER B 555 -4.13 21.15 -11.55
CA SER B 555 -4.28 20.22 -10.45
C SER B 555 -4.04 20.93 -9.14
N PHE B 556 -5.01 20.83 -8.22
CA PHE B 556 -4.88 21.30 -6.86
C PHE B 556 -5.95 20.58 -6.06
N PRO B 557 -5.74 20.37 -4.76
CA PRO B 557 -6.66 19.53 -3.99
C PRO B 557 -8.10 20.02 -3.99
N CYS B 558 -8.31 21.24 -3.55
CA CYS B 558 -9.64 21.80 -3.35
C CYS B 558 -9.45 23.29 -3.06
N ASP B 559 -10.55 23.97 -2.76
CA ASP B 559 -10.49 25.34 -2.29
C ASP B 559 -10.97 25.47 -0.85
N GLY B 560 -10.90 24.40 -0.07
CA GLY B 560 -11.28 24.44 1.31
C GLY B 560 -12.76 24.18 1.56
N PRO B 561 -13.15 24.06 2.82
CA PRO B 561 -14.54 23.74 3.17
C PRO B 561 -15.50 24.91 3.06
N GLY B 562 -15.03 26.11 2.76
CA GLY B 562 -15.90 27.27 2.62
C GLY B 562 -16.75 27.20 1.37
N ARG B 563 -17.76 28.07 1.33
CA ARG B 563 -18.70 28.16 0.22
C ARG B 563 -19.45 26.83 0.01
N GLY B 564 -19.71 26.10 1.08
CA GLY B 564 -20.40 24.84 1.01
C GLY B 564 -19.50 23.62 0.86
N GLY B 565 -18.24 23.81 0.48
CA GLY B 565 -17.31 22.70 0.30
C GLY B 565 -16.90 22.58 -1.15
N THR B 566 -15.61 22.33 -1.39
CA THR B 566 -15.06 22.41 -2.73
C THR B 566 -14.15 21.23 -3.08
N CYS B 567 -14.41 20.05 -2.51
CA CYS B 567 -13.60 18.89 -2.84
C CYS B 567 -13.74 18.54 -4.31
N ASP B 568 -12.64 18.11 -4.92
CA ASP B 568 -12.64 17.61 -6.31
C ASP B 568 -13.12 18.66 -7.30
N ILE B 569 -12.68 19.90 -7.12
CA ILE B 569 -13.14 21.00 -7.97
C ILE B 569 -12.23 21.26 -9.17
N SER B 570 -11.00 20.76 -9.16
CA SER B 570 -10.06 21.06 -10.23
C SER B 570 -10.38 20.24 -11.48
N ALA B 571 -9.75 20.63 -12.61
CA ALA B 571 -9.91 19.88 -13.85
C ALA B 571 -9.23 18.52 -13.78
N TRP B 572 -8.09 18.44 -13.08
CA TRP B 572 -7.47 17.15 -12.80
C TRP B 572 -8.47 16.22 -12.13
N ASP B 573 -9.32 16.75 -11.27
CA ASP B 573 -10.33 15.95 -10.61
C ASP B 573 -11.36 15.42 -11.59
N ALA B 574 -11.68 16.20 -12.63
CA ALA B 574 -12.52 15.69 -13.70
C ALA B 574 -11.86 14.54 -14.44
N PHE B 575 -10.54 14.66 -14.72
CA PHE B 575 -9.82 13.53 -15.29
C PHE B 575 -9.93 12.30 -14.39
N TYR B 576 -9.77 12.52 -13.08
CA TYR B 576 -9.78 11.42 -12.11
C TYR B 576 -11.14 10.73 -12.06
N LEU B 577 -12.22 11.51 -12.07
CA LEU B 577 -13.56 10.94 -12.11
C LEU B 577 -13.82 10.24 -13.44
N ALA B 578 -13.31 10.79 -14.54
CA ALA B 578 -13.60 10.20 -15.85
C ALA B 578 -12.81 8.92 -16.08
N MET B 579 -11.71 8.71 -15.35
CA MET B 579 -11.00 7.44 -15.47
C MET B 579 -11.88 6.27 -15.05
N PHE B 580 -12.67 6.44 -13.99
CA PHE B 580 -13.60 5.39 -13.56
C PHE B 580 -14.62 5.09 -14.66
N TRP B 581 -15.16 6.14 -15.27
CA TRP B 581 -16.16 5.94 -16.31
C TRP B 581 -15.57 5.36 -17.58
N MET B 582 -14.33 5.74 -17.92
CA MET B 582 -13.66 5.12 -19.05
C MET B 582 -13.45 3.64 -18.80
N LEU B 583 -12.97 3.27 -17.61
CA LEU B 583 -12.78 1.86 -17.29
C LEU B 583 -14.10 1.10 -17.34
N ASN B 584 -15.16 1.66 -16.77
CA ASN B 584 -16.45 1.00 -16.80
C ASN B 584 -16.97 0.82 -18.23
N THR B 585 -16.81 1.85 -19.06
CA THR B 585 -17.27 1.78 -20.44
C THR B 585 -16.50 0.75 -21.24
N ILE B 586 -15.17 0.82 -21.19
CA ILE B 586 -14.36 -0.16 -21.91
C ILE B 586 -14.64 -1.56 -21.40
N GLY B 587 -14.92 -1.69 -20.10
CA GLY B 587 -15.33 -2.97 -19.57
C GLY B 587 -16.62 -3.48 -20.19
N TRP B 588 -17.63 -2.62 -20.28
CA TRP B 588 -18.88 -3.04 -20.93
C TRP B 588 -18.62 -3.47 -22.37
N VAL B 589 -17.80 -2.70 -23.09
CA VAL B 589 -17.48 -3.00 -24.48
C VAL B 589 -16.82 -4.37 -24.60
N THR B 590 -15.79 -4.63 -23.78
CA THR B 590 -15.03 -5.86 -23.89
C THR B 590 -15.82 -7.05 -23.38
N PHE B 591 -16.61 -6.88 -22.32
CA PHE B 591 -17.53 -7.91 -21.87
C PHE B 591 -18.46 -8.32 -23.01
N TYR B 592 -19.04 -7.33 -23.71
CA TYR B 592 -19.91 -7.61 -24.84
C TYR B 592 -19.18 -8.41 -25.91
N TRP B 593 -18.02 -7.91 -26.35
CA TRP B 593 -17.23 -8.61 -27.37
C TRP B 593 -16.94 -10.04 -26.94
N HIS B 594 -16.45 -10.21 -25.71
CA HIS B 594 -16.00 -11.51 -25.25
C HIS B 594 -17.16 -12.48 -25.13
N TRP B 595 -18.28 -12.07 -24.55
CA TRP B 595 -19.40 -12.98 -24.37
C TRP B 595 -19.98 -13.41 -25.71
N LYS B 596 -20.16 -12.46 -26.63
CA LYS B 596 -20.68 -12.82 -27.94
C LYS B 596 -19.75 -13.80 -28.64
N HIS B 597 -18.44 -13.57 -28.55
CA HIS B 597 -17.50 -14.47 -29.20
C HIS B 597 -17.41 -15.82 -28.49
N MET B 598 -17.51 -15.85 -27.16
CA MET B 598 -17.46 -17.12 -26.45
C MET B 598 -18.65 -17.99 -26.81
N THR B 599 -19.83 -17.38 -26.93
CA THR B 599 -21.00 -18.16 -27.34
C THR B 599 -20.91 -18.59 -28.80
N ILE B 600 -20.36 -17.75 -29.67
CA ILE B 600 -20.13 -18.16 -31.06
C ILE B 600 -19.15 -19.32 -31.13
N TRP B 601 -18.01 -19.17 -30.47
CA TRP B 601 -16.95 -20.19 -30.48
C TRP B 601 -17.43 -21.47 -29.83
N GLY B 602 -18.29 -21.36 -28.82
CA GLY B 602 -18.86 -22.53 -28.20
C GLY B 602 -19.95 -23.20 -28.98
N GLY B 603 -20.33 -22.66 -30.13
CA GLY B 603 -21.33 -23.26 -30.98
C GLY B 603 -22.77 -22.95 -30.63
N ASN B 604 -23.00 -22.09 -29.63
CA ASN B 604 -24.35 -21.75 -29.19
C ASN B 604 -24.52 -20.24 -29.09
N PRO B 605 -24.65 -19.55 -30.23
CA PRO B 605 -24.98 -18.11 -30.16
C PRO B 605 -26.29 -17.81 -29.46
N GLY B 606 -27.25 -18.75 -29.51
CA GLY B 606 -28.53 -18.54 -28.89
C GLY B 606 -28.47 -18.27 -27.40
N GLN B 607 -27.43 -18.76 -26.72
CA GLN B 607 -27.30 -18.45 -25.30
C GLN B 607 -27.08 -16.96 -25.08
N PHE B 608 -26.16 -16.34 -25.82
CA PHE B 608 -26.04 -14.90 -25.74
C PHE B 608 -27.34 -14.23 -26.18
N ASP B 609 -27.89 -14.67 -27.31
CA ASP B 609 -29.06 -14.00 -27.88
C ASP B 609 -30.21 -13.95 -26.89
N GLU B 610 -30.35 -14.97 -26.04
CA GLU B 610 -31.45 -15.00 -25.10
C GLU B 610 -31.09 -14.44 -23.73
N SER B 611 -29.91 -14.74 -23.21
CA SER B 611 -29.59 -14.35 -21.85
C SER B 611 -28.97 -12.96 -21.73
N SER B 612 -28.57 -12.32 -22.82
CA SER B 612 -27.97 -11.00 -22.71
C SER B 612 -29.00 -9.90 -22.49
N ASN B 613 -30.29 -10.22 -22.55
CA ASN B 613 -31.35 -9.24 -22.44
C ASN B 613 -31.70 -8.85 -21.00
N TYR B 614 -31.08 -9.49 -20.01
CA TYR B 614 -31.24 -9.10 -18.62
C TYR B 614 -29.92 -9.30 -17.88
N ILE B 615 -29.74 -8.54 -16.80
CA ILE B 615 -28.46 -8.49 -16.12
C ILE B 615 -28.07 -9.85 -15.52
N MET B 616 -29.04 -10.58 -14.96
CA MET B 616 -28.72 -11.88 -14.40
C MET B 616 -28.14 -12.82 -15.45
N GLY B 617 -28.53 -12.67 -16.71
CA GLY B 617 -27.93 -13.47 -17.77
C GLY B 617 -26.44 -13.20 -17.90
N TRP B 618 -26.05 -11.94 -17.80
CA TRP B 618 -24.64 -11.58 -17.81
C TRP B 618 -23.91 -12.15 -16.60
N LEU B 619 -24.50 -11.97 -15.41
CA LEU B 619 -23.81 -12.42 -14.19
C LEU B 619 -23.64 -13.93 -14.18
N ARG B 620 -24.68 -14.67 -14.58
CA ARG B 620 -24.70 -16.12 -14.48
C ARG B 620 -24.04 -16.80 -15.67
N ASP B 621 -24.44 -16.45 -16.90
CA ASP B 621 -23.96 -17.15 -18.08
C ASP B 621 -22.67 -16.60 -18.64
N TYR B 622 -22.25 -15.40 -18.26
CA TYR B 622 -20.95 -14.94 -18.70
C TYR B 622 -19.89 -15.06 -17.61
N LEU B 623 -20.08 -14.35 -16.48
CA LEU B 623 -19.02 -14.29 -15.47
C LEU B 623 -18.94 -15.58 -14.68
N TRP B 624 -20.05 -16.00 -14.08
CA TRP B 624 -20.04 -17.18 -13.24
C TRP B 624 -19.69 -18.43 -14.04
N LEU B 625 -20.34 -18.63 -15.18
CA LEU B 625 -20.12 -19.84 -15.97
C LEU B 625 -18.68 -19.93 -16.47
N ASN B 626 -18.13 -18.82 -16.94
CA ASN B 626 -16.79 -18.83 -17.51
C ASN B 626 -15.68 -18.64 -16.49
N SER B 627 -16.02 -18.41 -15.22
CA SER B 627 -14.97 -18.35 -14.20
C SER B 627 -14.36 -19.72 -13.91
N SER B 628 -15.01 -20.80 -14.34
CA SER B 628 -14.67 -22.13 -13.83
C SER B 628 -13.23 -22.57 -14.08
N PRO B 629 -12.73 -22.62 -15.32
CA PRO B 629 -11.32 -23.04 -15.48
C PRO B 629 -10.33 -22.12 -14.80
N LEU B 630 -10.65 -20.83 -14.74
CA LEU B 630 -9.76 -19.86 -14.08
C LEU B 630 -9.62 -20.16 -12.60
N ILE B 631 -10.73 -20.40 -11.91
CA ILE B 631 -10.67 -20.61 -10.47
C ILE B 631 -10.14 -21.99 -10.09
N ASN B 632 -10.05 -22.91 -11.04
CA ASN B 632 -9.47 -24.21 -10.80
C ASN B 632 -8.06 -24.36 -11.34
N GLY B 633 -7.40 -23.25 -11.69
CA GLY B 633 -6.00 -23.31 -12.08
C GLY B 633 -5.14 -23.92 -11.00
N TYR B 634 -5.46 -23.66 -9.75
CA TYR B 634 -4.97 -24.45 -8.63
C TYR B 634 -6.12 -24.64 -7.63
N ASN B 635 -6.09 -25.77 -6.93
CA ASN B 635 -7.13 -26.16 -6.00
C ASN B 635 -6.54 -27.20 -5.05
N PRO B 636 -7.27 -27.73 -4.06
CA PRO B 636 -6.68 -28.73 -3.16
C PRO B 636 -6.12 -29.97 -3.85
N PHE B 637 -6.42 -30.19 -5.14
CA PHE B 637 -6.00 -31.42 -5.80
C PHE B 637 -4.78 -31.25 -6.70
N GLY B 638 -4.40 -30.03 -7.02
CA GLY B 638 -3.21 -29.83 -7.82
C GLY B 638 -3.23 -28.48 -8.51
N MET B 639 -2.47 -28.38 -9.59
CA MET B 639 -2.45 -27.17 -10.40
C MET B 639 -2.18 -27.54 -11.85
N ASN B 640 -2.48 -26.61 -12.74
CA ASN B 640 -2.16 -26.74 -14.16
C ASN B 640 -1.49 -25.44 -14.60
N ASN B 641 -1.30 -25.27 -15.90
CA ASN B 641 -0.62 -24.07 -16.38
C ASN B 641 -1.48 -22.80 -16.30
N LEU B 642 -2.77 -22.91 -15.98
CA LEU B 642 -3.58 -21.72 -15.75
C LEU B 642 -3.46 -21.18 -14.33
N SER B 643 -2.65 -21.80 -13.47
CA SER B 643 -2.55 -21.35 -12.09
C SER B 643 -2.01 -19.93 -12.01
N VAL B 644 -1.13 -19.55 -12.93
CA VAL B 644 -0.62 -18.19 -12.93
C VAL B 644 -1.75 -17.18 -13.16
N TRP B 645 -2.71 -17.53 -14.01
CA TRP B 645 -3.84 -16.65 -14.23
C TRP B 645 -4.79 -16.61 -13.03
N SER B 646 -4.96 -17.74 -12.35
CA SER B 646 -5.75 -17.74 -11.10
C SER B 646 -5.13 -16.80 -10.09
N TRP B 647 -3.81 -16.92 -9.91
CA TRP B 647 -3.09 -16.05 -8.99
C TRP B 647 -3.21 -14.59 -9.41
N MET B 648 -3.08 -14.30 -10.70
CA MET B 648 -3.20 -12.93 -11.18
C MET B 648 -4.62 -12.40 -11.00
N PHE B 649 -5.62 -13.26 -11.14
CA PHE B 649 -7.01 -12.89 -10.90
C PHE B 649 -7.20 -12.41 -9.47
N LEU B 650 -6.74 -13.21 -8.50
CA LEU B 650 -6.83 -12.81 -7.10
C LEU B 650 -5.97 -11.58 -6.82
N PHE B 651 -4.80 -11.51 -7.43
CA PHE B 651 -3.92 -10.34 -7.33
C PHE B 651 -4.64 -9.07 -7.76
N GLY B 652 -5.35 -9.14 -8.89
CA GLY B 652 -6.07 -7.98 -9.37
C GLY B 652 -7.21 -7.57 -8.46
N HIS B 653 -7.96 -8.56 -7.96
CA HIS B 653 -8.99 -8.25 -6.97
C HIS B 653 -8.39 -7.52 -5.76
N LEU B 654 -7.25 -8.01 -5.27
CA LEU B 654 -6.62 -7.40 -4.11
C LEU B 654 -6.15 -5.98 -4.39
N ILE B 655 -5.51 -5.75 -5.55
CA ILE B 655 -5.03 -4.41 -5.88
C ILE B 655 -6.20 -3.43 -6.00
N TRP B 656 -7.28 -3.85 -6.66
CA TRP B 656 -8.47 -3.02 -6.81
C TRP B 656 -9.04 -2.63 -5.44
N ALA B 657 -9.21 -3.62 -4.57
CA ALA B 657 -9.73 -3.34 -3.24
C ALA B 657 -8.79 -2.45 -2.43
N THR B 658 -7.48 -2.64 -2.58
CA THR B 658 -6.54 -1.77 -1.88
C THR B 658 -6.65 -0.34 -2.37
N GLY B 659 -6.93 -0.16 -3.66
CA GLY B 659 -7.20 1.17 -4.17
C GLY B 659 -8.39 1.82 -3.51
N PHE B 660 -9.42 1.02 -3.21
CA PHE B 660 -10.55 1.54 -2.45
C PHE B 660 -10.11 2.27 -1.18
N MET B 661 -9.08 1.77 -0.49
CA MET B 661 -8.63 2.40 0.75
C MET B 661 -8.19 3.84 0.52
N PHE B 662 -7.38 4.06 -0.52
CA PHE B 662 -6.97 5.42 -0.82
C PHE B 662 -8.13 6.27 -1.28
N LEU B 663 -9.08 5.69 -2.02
CA LEU B 663 -10.18 6.48 -2.58
C LEU B 663 -11.21 6.90 -1.53
N ILE B 664 -11.42 6.09 -0.50
CA ILE B 664 -12.49 6.33 0.46
C ILE B 664 -11.99 7.07 1.70
N SER B 665 -10.91 6.59 2.30
CA SER B 665 -10.34 7.23 3.46
C SER B 665 -9.42 8.37 3.02
N TRP B 666 -9.54 9.52 3.66
CA TRP B 666 -8.80 10.72 3.25
C TRP B 666 -7.74 11.11 4.28
N ARG B 667 -7.10 12.26 4.05
CA ARG B 667 -5.74 12.48 4.56
C ARG B 667 -5.67 12.66 6.07
N GLY B 668 -6.62 13.39 6.67
CA GLY B 668 -6.46 13.79 8.06
C GLY B 668 -6.30 12.62 9.02
N TYR B 669 -7.09 11.56 8.81
CA TYR B 669 -6.96 10.35 9.62
C TYR B 669 -5.53 9.82 9.57
N TRP B 670 -4.98 9.68 8.37
CA TRP B 670 -3.67 9.09 8.22
C TRP B 670 -2.58 9.98 8.81
N GLN B 671 -2.70 11.30 8.64
CA GLN B 671 -1.71 12.19 9.22
C GLN B 671 -1.68 12.10 10.74
N GLU B 672 -2.86 12.04 11.36
CA GLU B 672 -2.89 11.87 12.81
C GLU B 672 -2.30 10.53 13.25
N LEU B 673 -2.56 9.46 12.51
CA LEU B 673 -1.95 8.16 12.85
C LEU B 673 -0.42 8.23 12.73
N ILE B 674 0.08 8.83 11.65
CA ILE B 674 1.52 8.92 11.44
C ILE B 674 2.18 9.75 12.53
N GLU B 675 1.44 10.70 13.11
CA GLU B 675 1.97 11.43 14.26
C GLU B 675 2.30 10.50 15.42
N THR B 676 1.40 9.56 15.76
CA THR B 676 1.71 8.60 16.81
C THR B 676 2.85 7.68 16.40
N LEU B 677 2.94 7.33 15.12
CA LEU B 677 4.07 6.50 14.67
C LEU B 677 5.40 7.20 14.90
N VAL B 678 5.48 8.49 14.56
CA VAL B 678 6.69 9.28 14.82
C VAL B 678 7.00 9.30 16.30
N TRP B 679 5.96 9.52 17.13
CA TRP B 679 6.18 9.50 18.58
C TRP B 679 6.77 8.18 19.03
N ALA B 680 6.22 7.07 18.54
CA ALA B 680 6.69 5.76 18.97
C ALA B 680 8.15 5.56 18.59
N HIS B 681 8.53 5.92 17.36
CA HIS B 681 9.91 5.69 16.95
C HIS B 681 10.88 6.57 17.74
N GLU B 682 10.51 7.83 17.99
CA GLU B 682 11.41 8.69 18.76
C GLU B 682 11.61 8.21 20.19
N ARG B 683 10.66 7.48 20.74
CA ARG B 683 10.69 7.06 22.14
C ARG B 683 11.12 5.62 22.34
N THR B 684 11.47 4.90 21.28
CA THR B 684 11.82 3.50 21.41
C THR B 684 13.33 3.35 21.48
N PRO B 685 13.88 2.84 22.58
CA PRO B 685 15.33 2.63 22.66
C PRO B 685 15.80 1.63 21.60
N LEU B 686 17.05 1.82 21.18
CA LEU B 686 17.78 1.01 20.21
C LEU B 686 17.25 1.20 18.80
N ALA B 687 16.05 1.75 18.67
CA ALA B 687 15.53 2.10 17.37
C ALA B 687 15.69 3.58 17.11
N ASN B 688 15.68 4.39 18.18
CA ASN B 688 15.93 5.82 18.07
C ASN B 688 17.41 6.14 17.86
N LEU B 689 18.28 5.14 17.83
CA LEU B 689 19.61 5.32 17.26
C LEU B 689 19.55 5.70 15.79
N ILE B 690 18.48 5.32 15.10
CA ILE B 690 18.31 5.57 13.67
C ILE B 690 17.20 6.60 13.52
N ARG B 691 17.42 7.57 12.64
CA ARG B 691 16.39 8.58 12.42
C ARG B 691 16.22 8.80 10.92
N TRP B 692 14.98 9.10 10.54
CA TRP B 692 14.68 9.54 9.19
C TRP B 692 15.28 10.91 8.93
N ARG B 693 15.64 11.16 7.67
CA ARG B 693 16.08 12.47 7.24
C ARG B 693 15.02 13.19 6.42
N ASP B 694 13.85 12.57 6.25
CA ASP B 694 12.71 13.17 5.57
C ASP B 694 11.51 12.90 6.44
N LYS B 695 10.90 13.95 6.97
CA LYS B 695 9.86 13.77 7.97
C LYS B 695 8.70 12.98 7.40
N PRO B 696 8.29 11.88 8.04
CA PRO B 696 7.17 11.11 7.52
C PRO B 696 5.88 11.92 7.59
N VAL B 697 5.17 12.00 6.47
CA VAL B 697 3.86 12.64 6.41
C VAL B 697 2.92 11.75 5.62
N ALA B 698 1.63 11.94 5.87
CA ALA B 698 0.62 11.27 5.07
C ALA B 698 0.72 11.74 3.63
N LEU B 699 0.25 10.90 2.70
CA LEU B 699 0.20 11.28 1.30
C LEU B 699 -0.75 12.46 1.14
N SER B 700 -0.48 13.28 0.13
CA SER B 700 -1.28 14.46 -0.08
C SER B 700 -2.65 14.10 -0.66
N ILE B 701 -3.54 15.10 -0.70
CA ILE B 701 -4.91 14.88 -1.16
C ILE B 701 -4.93 14.40 -2.61
N VAL B 702 -4.25 15.15 -3.48
CA VAL B 702 -4.17 14.78 -4.89
C VAL B 702 -3.38 13.48 -5.07
N GLN B 703 -2.28 13.34 -4.32
CA GLN B 703 -1.48 12.12 -4.42
C GLN B 703 -2.30 10.89 -4.05
N ALA B 704 -3.10 10.99 -3.01
CA ALA B 704 -3.95 9.87 -2.64
C ALA B 704 -5.00 9.58 -3.69
N ARG B 705 -5.58 10.61 -4.30
CA ARG B 705 -6.50 10.36 -5.41
C ARG B 705 -5.80 9.60 -6.53
N LEU B 706 -4.58 10.02 -6.88
CA LEU B 706 -3.84 9.36 -7.95
C LEU B 706 -3.47 7.93 -7.58
N VAL B 707 -3.04 7.70 -6.34
CA VAL B 707 -2.63 6.36 -5.92
C VAL B 707 -3.83 5.43 -5.89
N GLY B 708 -4.95 5.90 -5.35
CA GLY B 708 -6.16 5.11 -5.41
C GLY B 708 -6.58 4.79 -6.84
N LEU B 709 -6.46 5.77 -7.73
CA LEU B 709 -6.85 5.55 -9.12
C LEU B 709 -5.93 4.54 -9.81
N VAL B 710 -4.62 4.62 -9.54
CA VAL B 710 -3.67 3.67 -10.12
C VAL B 710 -3.93 2.26 -9.61
N HIS B 711 -4.15 2.11 -8.30
CA HIS B 711 -4.47 0.79 -7.77
C HIS B 711 -5.76 0.25 -8.37
N PHE B 712 -6.79 1.09 -8.45
CA PHE B 712 -8.05 0.69 -9.06
C PHE B 712 -7.84 0.23 -10.50
N SER B 713 -7.11 1.03 -11.29
CA SER B 713 -6.93 0.74 -12.70
C SER B 713 -6.10 -0.53 -12.91
N VAL B 714 -5.02 -0.68 -12.16
CA VAL B 714 -4.18 -1.87 -12.30
C VAL B 714 -4.97 -3.11 -11.91
N GLY B 715 -5.70 -3.06 -10.80
CA GLY B 715 -6.50 -4.21 -10.41
C GLY B 715 -7.56 -4.56 -11.44
N TYR B 716 -8.26 -3.55 -11.96
CA TYR B 716 -9.23 -3.75 -13.02
C TYR B 716 -8.60 -4.46 -14.21
N ILE B 717 -7.47 -3.93 -14.70
CA ILE B 717 -6.83 -4.48 -15.90
C ILE B 717 -6.35 -5.90 -15.65
N LEU B 718 -5.64 -6.13 -14.55
CA LEU B 718 -5.06 -7.45 -14.31
C LEU B 718 -6.16 -8.49 -14.10
N THR B 719 -7.19 -8.15 -13.33
CA THR B 719 -8.32 -9.07 -13.14
C THR B 719 -8.93 -9.44 -14.48
N TYR B 720 -9.25 -8.45 -15.32
CA TYR B 720 -9.91 -8.80 -16.57
C TYR B 720 -9.00 -9.55 -17.52
N ALA B 721 -7.72 -9.19 -17.59
CA ALA B 721 -6.79 -9.90 -18.46
C ALA B 721 -6.70 -11.36 -18.05
N ALA B 722 -6.53 -11.61 -16.76
CA ALA B 722 -6.50 -12.99 -16.28
C ALA B 722 -7.78 -13.71 -16.65
N PHE B 723 -8.94 -13.09 -16.41
CA PHE B 723 -10.19 -13.75 -16.73
C PHE B 723 -10.31 -14.07 -18.22
N VAL B 724 -10.06 -13.09 -19.08
CA VAL B 724 -10.27 -13.31 -20.51
C VAL B 724 -9.32 -14.38 -21.03
N ILE B 725 -8.04 -14.31 -20.66
CA ILE B 725 -7.06 -15.29 -21.13
C ILE B 725 -7.40 -16.67 -20.58
N ALA B 726 -7.60 -16.78 -19.26
CA ALA B 726 -7.84 -18.08 -18.65
C ALA B 726 -9.14 -18.70 -19.14
N SER B 727 -10.23 -17.94 -19.18
CA SER B 727 -11.50 -18.49 -19.61
C SER B 727 -11.44 -18.95 -21.06
N THR B 728 -10.92 -18.11 -21.97
CA THR B 728 -10.85 -18.51 -23.37
C THR B 728 -9.92 -19.70 -23.57
N SER B 729 -8.75 -19.70 -22.93
CA SER B 729 -7.76 -20.75 -23.17
C SER B 729 -8.08 -22.05 -22.44
N GLY B 730 -8.74 -21.98 -21.29
CA GLY B 730 -9.13 -23.19 -20.60
C GLY B 730 -10.40 -23.81 -21.14
N LYS B 731 -11.21 -23.02 -21.84
CA LYS B 731 -12.37 -23.63 -22.49
C LYS B 731 -12.08 -24.19 -23.87
N PHE B 732 -11.34 -23.48 -24.70
CA PHE B 732 -11.08 -23.93 -26.07
C PHE B 732 -9.63 -24.37 -26.20
N SER C 2 6.48 28.27 1.76
CA SER C 2 5.51 29.15 2.38
C SER C 2 4.33 29.42 1.43
N HIS C 3 3.13 29.50 1.99
CA HIS C 3 1.94 29.83 1.21
C HIS C 3 1.89 31.32 0.92
N THR C 4 1.09 31.68 -0.09
CA THR C 4 0.87 33.07 -0.44
C THR C 4 -0.53 33.49 0.01
N VAL C 5 -0.65 34.65 0.63
CA VAL C 5 -1.93 35.19 1.06
C VAL C 5 -2.04 36.62 0.55
N LYS C 6 -3.01 36.87 -0.33
CA LYS C 6 -3.21 38.18 -0.92
C LYS C 6 -4.53 38.78 -0.47
N ILE C 7 -4.52 40.10 -0.30
CA ILE C 7 -5.72 40.87 0.03
C ILE C 7 -6.06 41.72 -1.19
N TYR C 8 -7.28 41.59 -1.69
CA TYR C 8 -7.74 42.40 -2.79
C TYR C 8 -8.56 43.57 -2.26
N ASP C 9 -8.69 44.61 -3.08
CA ASP C 9 -9.20 45.90 -2.63
C ASP C 9 -10.71 45.92 -2.39
N THR C 10 -11.39 44.80 -2.59
CA THR C 10 -12.79 44.65 -2.21
C THR C 10 -12.97 44.44 -0.71
N CYS C 11 -11.87 44.40 0.05
CA CYS C 11 -11.96 44.21 1.49
C CYS C 11 -12.74 45.36 2.13
N ILE C 12 -13.65 45.00 3.03
CA ILE C 12 -14.47 45.97 3.74
C ILE C 12 -14.02 46.13 5.20
N GLY C 13 -12.86 45.59 5.55
CA GLY C 13 -12.31 45.75 6.88
C GLY C 13 -13.18 45.21 8.00
N CYS C 14 -13.77 44.03 7.81
CA CYS C 14 -14.66 43.48 8.82
C CYS C 14 -13.91 42.72 9.91
N THR C 15 -12.61 42.49 9.72
CA THR C 15 -11.73 41.83 10.69
C THR C 15 -12.05 40.36 10.92
N GLN C 16 -12.92 39.76 10.11
N GLN C 16 -12.91 39.76 10.10
CA GLN C 16 -13.32 38.38 10.37
CA GLN C 16 -13.31 38.39 10.36
C GLN C 16 -12.24 37.38 9.99
C GLN C 16 -12.24 37.38 9.99
N CYS C 17 -11.52 37.62 8.89
CA CYS C 17 -10.41 36.75 8.54
C CYS C 17 -9.33 36.74 9.61
N VAL C 18 -9.03 37.91 10.19
CA VAL C 18 -8.02 38.01 11.23
C VAL C 18 -8.41 37.22 12.46
N ARG C 19 -9.69 37.31 12.86
CA ARG C 19 -10.17 36.54 13.99
C ARG C 19 -10.21 35.05 13.70
N ALA C 20 -10.42 34.67 12.44
CA ALA C 20 -10.48 33.26 12.06
C ALA C 20 -9.11 32.59 12.01
N CYS C 21 -8.03 33.35 11.80
CA CYS C 21 -6.73 32.75 11.55
C CYS C 21 -6.21 32.01 12.78
N PRO C 22 -5.86 30.73 12.67
CA PRO C 22 -5.34 29.97 13.82
C PRO C 22 -3.88 30.20 14.11
N THR C 23 -3.11 30.80 13.20
CA THR C 23 -1.68 30.98 13.38
C THR C 23 -1.24 32.43 13.32
N ASP C 24 -2.18 33.38 13.37
CA ASP C 24 -1.87 34.81 13.42
C ASP C 24 -0.98 35.23 12.24
N VAL C 25 -1.54 35.10 11.05
CA VAL C 25 -0.86 35.51 9.82
C VAL C 25 -1.30 36.91 9.46
N LEU C 26 -2.54 37.25 9.81
CA LEU C 26 -3.21 38.44 9.33
C LEU C 26 -3.32 39.48 10.43
N GLU C 27 -3.41 40.75 10.01
CA GLU C 27 -3.63 41.84 10.94
C GLU C 27 -4.33 42.98 10.22
N MET C 28 -5.00 43.83 10.99
CA MET C 28 -5.71 44.96 10.43
C MET C 28 -4.80 46.18 10.37
N VAL C 29 -4.79 46.88 9.24
CA VAL C 29 -3.96 48.07 9.08
C VAL C 29 -4.82 49.22 8.58
N PRO C 30 -4.44 50.45 8.88
CA PRO C 30 -5.23 51.60 8.40
C PRO C 30 -5.27 51.67 6.88
N TRP C 31 -6.41 52.13 6.37
CA TRP C 31 -6.61 52.24 4.93
C TRP C 31 -7.82 53.12 4.67
N ASP C 32 -7.73 53.96 3.64
CA ASP C 32 -8.81 54.87 3.29
C ASP C 32 -9.69 54.34 2.15
N GLY C 33 -9.50 53.09 1.74
CA GLY C 33 -10.25 52.56 0.61
C GLY C 33 -11.67 52.12 0.91
N CYS C 34 -12.01 51.97 2.19
CA CYS C 34 -13.34 51.50 2.55
C CYS C 34 -13.88 52.29 3.74
N LYS C 35 -15.17 52.09 4.01
CA LYS C 35 -15.87 52.82 5.07
C LYS C 35 -15.26 52.55 6.44
N SER C 36 -14.89 51.30 6.71
CA SER C 36 -14.35 50.95 8.02
C SER C 36 -12.98 51.56 8.28
N GLY C 37 -12.30 52.06 7.24
CA GLY C 37 -11.02 52.69 7.47
C GLY C 37 -9.89 51.74 7.79
N GLN C 38 -10.00 50.47 7.40
CA GLN C 38 -8.96 49.49 7.64
C GLN C 38 -9.04 48.41 6.58
N ILE C 39 -7.91 47.76 6.33
CA ILE C 39 -7.82 46.65 5.39
C ILE C 39 -7.06 45.52 6.06
N ALA C 40 -7.31 44.31 5.58
CA ALA C 40 -6.56 43.16 6.03
C ALA C 40 -5.15 43.18 5.45
N SER C 41 -4.23 42.53 6.16
CA SER C 41 -2.86 42.41 5.72
C SER C 41 -2.33 41.05 6.19
N SER C 42 -1.35 40.52 5.46
CA SER C 42 -0.75 39.24 5.76
C SER C 42 0.76 39.40 5.82
N PRO C 43 1.28 40.00 6.91
CA PRO C 43 2.73 40.17 7.01
C PRO C 43 3.48 38.92 7.44
N ARG C 44 2.80 37.90 7.95
CA ARG C 44 3.44 36.73 8.56
C ARG C 44 3.06 35.44 7.84
N VAL C 45 3.14 35.45 6.51
CA VAL C 45 2.77 34.27 5.73
C VAL C 45 3.66 33.08 6.02
N GLU C 46 4.81 33.28 6.66
CA GLU C 46 5.66 32.15 7.05
C GLU C 46 4.99 31.20 8.02
N ASP C 47 3.97 31.67 8.75
CA ASP C 47 3.23 30.85 9.70
C ASP C 47 1.89 30.38 9.17
N CYS C 48 1.55 30.66 7.91
CA CYS C 48 0.27 30.25 7.36
C CYS C 48 0.28 28.77 7.09
N VAL C 49 -0.71 28.06 7.65
CA VAL C 49 -0.83 26.63 7.37
C VAL C 49 -1.65 26.33 6.13
N GLY C 50 -2.47 27.27 5.66
CA GLY C 50 -3.30 27.05 4.51
C GLY C 50 -4.67 26.47 4.81
N CYS C 51 -5.15 26.62 6.04
CA CYS C 51 -6.44 26.04 6.42
C CYS C 51 -7.61 26.70 5.68
N LYS C 52 -7.44 27.94 5.23
CA LYS C 52 -8.45 28.71 4.52
C LYS C 52 -9.65 29.09 5.38
N ARG C 53 -9.48 29.09 6.71
CA ARG C 53 -10.55 29.60 7.57
C ARG C 53 -10.80 31.08 7.30
N CYS C 54 -9.73 31.82 6.97
CA CYS C 54 -9.89 33.22 6.63
C CYS C 54 -10.83 33.40 5.44
N GLU C 55 -10.66 32.57 4.40
CA GLU C 55 -11.55 32.63 3.24
C GLU C 55 -12.98 32.26 3.61
N THR C 56 -13.15 31.26 4.48
CA THR C 56 -14.47 30.89 4.94
C THR C 56 -15.15 32.05 5.68
N ALA C 57 -14.37 32.85 6.41
CA ALA C 57 -14.90 33.98 7.16
C ALA C 57 -15.18 35.21 6.32
N CYS C 58 -14.62 35.33 5.11
CA CYS C 58 -14.69 36.59 4.38
C CYS C 58 -16.08 36.79 3.77
N PRO C 59 -16.72 37.94 3.98
CA PRO C 59 -18.10 38.11 3.51
C PRO C 59 -18.25 38.64 2.10
N THR C 60 -17.18 39.07 1.44
CA THR C 60 -17.33 39.68 0.13
C THR C 60 -17.55 38.64 -0.96
N ASP C 61 -18.00 39.10 -2.13
CA ASP C 61 -18.28 38.24 -3.26
C ASP C 61 -17.68 38.88 -4.51
N PHE C 62 -16.61 38.31 -5.03
CA PHE C 62 -15.90 37.11 -4.57
C PHE C 62 -15.00 37.50 -3.39
N LEU C 63 -14.27 36.53 -2.86
CA LEU C 63 -13.38 36.71 -1.71
C LEU C 63 -12.47 37.92 -1.84
N SER C 64 -12.15 38.54 -0.70
CA SER C 64 -11.17 39.61 -0.65
C SER C 64 -9.82 39.15 -0.13
N VAL C 65 -9.78 38.04 0.58
CA VAL C 65 -8.55 37.38 0.98
C VAL C 65 -8.45 36.05 0.23
N ARG C 66 -7.29 35.80 -0.37
CA ARG C 66 -7.08 34.58 -1.13
C ARG C 66 -5.80 33.92 -0.69
N VAL C 67 -5.88 32.63 -0.40
CA VAL C 67 -4.74 31.82 0.00
C VAL C 67 -4.40 30.90 -1.16
N TYR C 68 -3.20 31.04 -1.69
CA TYR C 68 -2.67 30.17 -2.73
C TYR C 68 -1.59 29.31 -2.09
N LEU C 69 -1.80 27.99 -2.12
CA LEU C 69 -0.87 27.07 -1.50
C LEU C 69 0.38 26.92 -2.36
N GLY C 70 1.55 26.90 -1.72
CA GLY C 70 2.81 26.79 -2.42
C GLY C 70 3.84 25.88 -1.77
N ALA C 71 5.05 26.39 -1.58
CA ALA C 71 6.17 25.61 -1.09
C ALA C 71 5.96 25.23 0.38
N GLU C 72 6.03 23.94 0.67
CA GLU C 72 5.76 23.47 2.03
C GLU C 72 7.01 23.56 2.90
N THR C 73 6.80 23.95 4.15
CA THR C 73 7.83 24.00 5.17
C THR C 73 7.36 23.17 6.35
N THR C 74 8.17 23.12 7.41
CA THR C 74 7.68 22.55 8.65
C THR C 74 6.48 23.31 9.18
N ARG C 75 6.56 24.63 9.14
CA ARG C 75 5.47 25.48 9.68
C ARG C 75 4.18 25.30 8.88
N SER C 76 4.27 25.28 7.55
CA SER C 76 3.06 25.18 6.72
C SER C 76 2.45 23.78 6.77
N LEU C 77 3.23 22.76 7.08
CA LEU C 77 2.73 21.40 7.21
C LEU C 77 2.18 21.10 8.60
N GLY C 78 2.30 22.03 9.52
CA GLY C 78 1.75 21.86 10.86
C GLY C 78 2.36 20.70 11.63
N LEU C 79 3.67 20.53 11.52
CA LEU C 79 4.35 19.39 12.12
C LEU C 79 4.80 19.74 13.53
N ALA C 80 4.49 18.85 14.48
CA ALA C 80 5.02 18.92 15.84
C ALA C 80 6.31 18.12 16.00
N TYR C 81 6.97 17.80 14.90
CA TYR C 81 8.11 16.89 14.93
C TYR C 81 9.11 17.18 13.81
N PRO D 8 7.66 28.63 37.09
CA PRO D 8 6.33 29.21 36.83
C PRO D 8 5.52 28.31 35.90
N PHE D 9 5.78 27.01 35.95
CA PHE D 9 5.05 26.02 35.16
C PHE D 9 3.71 25.74 35.84
N PRO D 10 2.62 25.63 35.08
CA PRO D 10 1.35 25.18 35.65
C PRO D 10 1.45 23.78 36.25
N THR D 11 0.47 23.41 37.07
CA THR D 11 0.47 22.11 37.74
C THR D 11 0.01 21.05 36.74
N PHE D 12 0.94 20.29 36.20
CA PHE D 12 0.63 19.31 35.15
C PHE D 12 1.49 18.07 35.36
N GLY D 13 0.84 16.91 35.40
CA GLY D 13 1.48 15.63 35.61
C GLY D 13 2.18 15.03 34.41
N GLY D 14 2.09 15.66 33.25
CA GLY D 14 2.82 15.19 32.08
C GLY D 14 1.94 14.38 31.14
N SER D 15 2.39 14.28 29.90
CA SER D 15 1.67 13.50 28.89
C SER D 15 2.65 13.09 27.80
N THR D 16 2.21 12.17 26.96
CA THR D 16 2.98 11.77 25.80
C THR D 16 2.78 12.72 24.62
N GLY D 17 1.96 13.76 24.79
CA GLY D 17 1.61 14.66 23.71
C GLY D 17 2.52 15.87 23.57
N GLY D 18 3.49 16.02 24.47
CA GLY D 18 4.37 17.17 24.49
C GLY D 18 5.34 17.26 23.34
N TRP D 19 6.36 18.10 23.47
CA TRP D 19 7.28 18.33 22.36
C TRP D 19 8.24 17.16 22.15
N LEU D 20 8.81 17.11 20.96
CA LEU D 20 9.69 16.05 20.48
C LEU D 20 11.05 16.66 20.14
N ARG D 21 11.89 15.86 19.46
CA ARG D 21 13.26 16.27 19.17
C ARG D 21 13.31 17.60 18.44
N ALA D 22 12.27 17.91 17.66
CA ALA D 22 12.25 19.18 16.93
C ALA D 22 12.41 20.37 17.87
N ALA D 23 11.71 20.36 19.01
CA ALA D 23 11.85 21.43 19.99
C ALA D 23 13.31 21.63 20.42
N GLU D 24 14.10 20.56 20.41
CA GLU D 24 15.53 20.64 20.75
C GLU D 24 16.40 21.06 19.59
N VAL D 25 16.02 20.78 18.35
CA VAL D 25 16.93 20.95 17.23
C VAL D 25 16.42 21.92 16.17
N GLU D 26 15.13 22.18 16.11
CA GLU D 26 14.63 23.11 15.11
C GLU D 26 14.10 24.39 15.74
N GLU D 27 13.08 24.28 16.57
CA GLU D 27 12.44 25.45 17.15
C GLU D 27 11.42 25.01 18.19
N LYS D 28 11.12 25.91 19.11
CA LYS D 28 10.23 25.66 20.23
C LYS D 28 9.38 26.90 20.42
N TYR D 29 8.26 26.76 21.13
CA TYR D 29 7.42 27.91 21.39
C TYR D 29 7.13 27.99 22.88
N ALA D 30 6.94 29.20 23.36
CA ALA D 30 6.62 29.43 24.75
C ALA D 30 5.47 30.42 24.83
N ILE D 31 4.53 30.18 25.73
CA ILE D 31 3.47 31.12 26.04
C ILE D 31 3.50 31.44 27.52
N THR D 32 3.49 32.73 27.84
CA THR D 32 3.41 33.20 29.21
C THR D 32 2.11 33.97 29.38
N TRP D 33 1.60 33.96 30.60
CA TRP D 33 0.41 34.77 30.89
C TRP D 33 0.29 34.95 32.39
N THR D 34 -0.59 35.85 32.78
CA THR D 34 -0.86 36.09 34.19
C THR D 34 -2.29 35.68 34.50
N SER D 35 -2.45 34.77 35.44
CA SER D 35 -3.75 34.40 35.96
C SER D 35 -3.94 35.03 37.33
N THR D 36 -5.19 35.31 37.67
CA THR D 36 -5.53 35.89 38.96
C THR D 36 -6.06 34.86 39.95
N LYS D 37 -6.03 33.57 39.59
CA LYS D 37 -6.45 32.51 40.49
C LYS D 37 -6.01 31.17 39.91
N GLU D 38 -6.04 30.14 40.76
CA GLU D 38 -5.76 28.78 40.33
C GLU D 38 -7.00 28.22 39.65
N GLN D 39 -6.89 27.94 38.35
CA GLN D 39 -8.02 27.42 37.59
C GLN D 39 -7.56 26.35 36.62
N ILE D 40 -8.38 25.31 36.47
CA ILE D 40 -8.08 24.24 35.55
C ILE D 40 -8.38 24.69 34.12
N PHE D 41 -7.49 24.33 33.19
CA PHE D 41 -7.66 24.58 31.77
C PHE D 41 -7.28 23.32 31.00
N GLU D 42 -7.61 23.30 29.72
CA GLU D 42 -7.36 22.16 28.87
C GLU D 42 -6.04 22.35 28.15
N MET D 43 -5.12 21.43 28.36
CA MET D 43 -3.91 21.42 27.55
C MET D 43 -4.26 21.07 26.11
N PRO D 44 -3.75 21.83 25.14
CA PRO D 44 -4.00 21.46 23.74
C PRO D 44 -3.39 20.13 23.36
N THR D 45 -2.38 19.65 24.09
CA THR D 45 -1.74 18.38 23.84
C THR D 45 -2.45 17.21 24.51
N GLY D 46 -3.58 17.46 25.15
CA GLY D 46 -4.34 16.40 25.79
C GLY D 46 -4.24 16.44 27.30
N GLY D 47 -5.37 16.54 27.98
CA GLY D 47 -5.40 16.55 29.43
C GLY D 47 -5.57 17.94 30.00
N ALA D 48 -5.80 17.98 31.31
CA ALA D 48 -6.08 19.21 32.03
C ALA D 48 -4.90 19.59 32.92
N ALA D 49 -4.62 20.90 32.99
CA ALA D 49 -3.58 21.44 33.86
C ALA D 49 -4.17 22.54 34.73
N ILE D 50 -3.49 22.86 35.81
CA ILE D 50 -3.95 23.87 36.77
C ILE D 50 -3.06 25.09 36.65
N MET D 51 -3.64 26.21 36.22
CA MET D 51 -2.95 27.48 36.22
C MET D 51 -2.59 27.87 37.64
N ARG D 52 -1.45 28.56 37.77
N ARG D 52 -1.47 28.56 37.78
CA ARG D 52 -0.98 29.11 39.03
CA ARG D 52 -1.07 29.06 39.08
C ARG D 52 -1.48 30.54 39.18
C ARG D 52 -1.39 30.53 39.20
N ASN D 53 -1.66 30.98 40.43
CA ASN D 53 -1.93 32.37 40.70
C ASN D 53 -0.65 33.16 40.43
N GLY D 54 -0.69 34.05 39.43
CA GLY D 54 0.49 34.79 39.02
C GLY D 54 0.89 34.44 37.61
N GLU D 55 2.21 34.42 37.36
CA GLU D 55 2.74 34.17 36.03
C GLU D 55 2.80 32.67 35.74
N ASN D 56 2.47 32.32 34.51
CA ASN D 56 2.51 30.96 34.01
C ASN D 56 3.33 30.94 32.73
N LEU D 57 4.09 29.87 32.55
CA LEU D 57 4.89 29.65 31.36
C LEU D 57 4.67 28.22 30.90
N LEU D 58 4.50 28.07 29.58
CA LEU D 58 4.21 26.76 29.01
C LEU D 58 4.97 26.64 27.70
N TYR D 59 5.57 25.47 27.48
CA TYR D 59 6.31 25.20 26.26
C TYR D 59 5.50 24.29 25.33
N LEU D 60 5.53 24.61 24.05
CA LEU D 60 4.75 23.88 23.07
C LEU D 60 5.55 23.68 21.78
N ALA D 61 5.17 22.65 21.04
CA ALA D 61 5.85 22.29 19.81
C ALA D 61 5.50 23.19 18.64
N ARG D 62 4.29 23.75 18.62
CA ARG D 62 3.83 24.51 17.46
C ARG D 62 3.23 25.83 17.90
N LYS D 63 3.34 26.83 17.01
CA LYS D 63 2.70 28.10 17.25
C LYS D 63 1.18 27.95 17.32
N GLU D 64 0.62 27.05 16.51
CA GLU D 64 -0.83 26.86 16.51
C GLU D 64 -1.32 26.36 17.86
N GLN D 65 -0.52 25.54 18.55
CA GLN D 65 -0.87 25.10 19.89
C GLN D 65 -0.92 26.28 20.86
N CYS D 66 0.07 27.16 20.78
CA CYS D 66 0.08 28.35 21.64
C CYS D 66 -1.14 29.22 21.38
N LEU D 67 -1.50 29.40 20.11
CA LEU D 67 -2.65 30.24 19.80
C LEU D 67 -3.97 29.59 20.20
N ALA D 68 -4.07 28.26 20.09
CA ALA D 68 -5.24 27.57 20.62
C ALA D 68 -5.37 27.78 22.11
N LEU D 69 -4.26 27.66 22.83
CA LEU D 69 -4.28 27.91 24.28
C LEU D 69 -4.66 29.36 24.58
N SER D 70 -4.16 30.31 23.79
CA SER D 70 -4.51 31.71 24.02
C SER D 70 -5.98 31.97 23.76
N THR D 71 -6.54 31.36 22.72
CA THR D 71 -7.97 31.44 22.46
C THR D 71 -8.76 30.91 23.65
N GLN D 72 -8.30 29.81 24.23
CA GLN D 72 -8.94 29.29 25.43
C GLN D 72 -8.78 30.24 26.62
N LEU D 73 -7.60 30.88 26.75
CA LEU D 73 -7.37 31.80 27.85
C LEU D 73 -8.31 32.99 27.77
N ARG D 74 -8.64 33.41 26.54
CA ARG D 74 -9.58 34.52 26.37
C ARG D 74 -10.93 34.23 27.03
N THR D 75 -11.35 32.97 27.02
CA THR D 75 -12.58 32.60 27.72
C THR D 75 -12.44 32.72 29.23
N PHE D 76 -11.22 32.81 29.76
CA PHE D 76 -10.98 33.03 31.18
C PHE D 76 -10.84 34.50 31.53
N LYS D 77 -10.97 35.39 30.53
CA LYS D 77 -10.75 36.83 30.69
C LYS D 77 -9.28 37.17 30.89
N ILE D 78 -8.40 36.40 30.27
CA ILE D 78 -6.96 36.59 30.35
C ILE D 78 -6.46 37.08 28.99
N ASN D 79 -5.90 38.28 28.94
CA ASN D 79 -5.52 38.91 27.69
C ASN D 79 -4.06 39.35 27.64
N ASP D 80 -3.26 39.03 28.66
CA ASP D 80 -1.88 39.46 28.71
C ASP D 80 -0.90 38.40 28.20
N TYR D 81 -1.40 37.31 27.66
CA TYR D 81 -0.52 36.23 27.19
C TYR D 81 0.42 36.75 26.12
N LYS D 82 1.65 36.27 26.17
CA LYS D 82 2.67 36.59 25.16
C LYS D 82 3.24 35.29 24.65
N ILE D 83 3.51 35.26 23.35
CA ILE D 83 3.95 34.04 22.67
C ILE D 83 5.28 34.32 21.99
N TYR D 84 6.27 33.48 22.28
CA TYR D 84 7.63 33.59 21.78
C TYR D 84 8.02 32.31 21.05
N ARG D 85 8.96 32.44 20.13
CA ARG D 85 9.65 31.31 19.50
C ARG D 85 11.09 31.28 20.00
N ILE D 86 11.58 30.10 20.37
CA ILE D 86 12.93 29.93 20.88
C ILE D 86 13.68 28.95 19.99
N PHE D 87 14.86 29.33 19.56
CA PHE D 87 15.73 28.53 18.72
C PHE D 87 16.71 27.74 19.58
N PRO D 88 17.31 26.68 19.03
CA PRO D 88 18.19 25.84 19.85
C PRO D 88 19.38 26.58 20.43
N SER D 89 19.91 27.59 19.74
CA SER D 89 21.00 28.39 20.28
C SER D 89 20.58 29.19 21.51
N GLY D 90 19.29 29.31 21.76
CA GLY D 90 18.80 30.13 22.84
C GLY D 90 18.31 31.51 22.43
N GLU D 91 18.39 31.85 21.14
CA GLU D 91 17.83 33.10 20.67
C GLU D 91 16.31 33.04 20.74
N VAL D 92 15.69 34.17 21.07
CA VAL D 92 14.24 34.28 21.22
C VAL D 92 13.69 35.24 20.18
N GLN D 93 12.47 34.96 19.74
CA GLN D 93 11.70 35.87 18.89
C GLN D 93 10.36 36.12 19.58
N TYR D 94 10.03 37.38 19.79
CA TYR D 94 8.71 37.74 20.32
C TYR D 94 7.72 37.73 19.17
N LEU D 95 6.73 36.85 19.25
CA LEU D 95 5.82 36.63 18.13
C LEU D 95 4.44 37.24 18.32
N HIS D 96 3.86 37.17 19.52
CA HIS D 96 2.44 37.52 19.56
C HIS D 96 2.04 38.09 20.91
N PRO D 97 1.28 39.19 20.95
CA PRO D 97 0.85 40.01 19.80
C PRO D 97 2.02 40.85 19.33
N LYS D 98 2.26 40.92 18.02
CA LYS D 98 3.57 41.35 17.52
C LYS D 98 3.93 42.75 17.98
N ASP D 99 2.96 43.66 17.98
CA ASP D 99 3.21 45.07 18.30
C ASP D 99 2.59 45.49 19.62
N GLY D 100 2.24 44.53 20.47
CA GLY D 100 1.56 44.82 21.71
C GLY D 100 0.07 45.04 21.58
N VAL D 101 -0.46 44.99 20.36
CA VAL D 101 -1.87 45.17 20.07
C VAL D 101 -2.33 43.96 19.27
N PHE D 102 -3.50 43.44 19.61
CA PHE D 102 -4.02 42.27 18.92
C PHE D 102 -4.22 42.59 17.43
N PRO D 103 -3.92 41.65 16.53
CA PRO D 103 -4.04 41.93 15.09
C PRO D 103 -5.45 42.27 14.64
N GLU D 104 -6.48 41.81 15.34
CA GLU D 104 -7.86 42.12 14.95
C GLU D 104 -8.24 43.55 15.23
N LYS D 105 -7.43 44.28 15.99
CA LYS D 105 -7.68 45.69 16.29
C LYS D 105 -6.71 46.53 15.49
N VAL D 106 -7.25 47.42 14.64
CA VAL D 106 -6.42 48.21 13.75
C VAL D 106 -5.49 49.10 14.56
N ASN D 107 -4.25 49.25 14.09
CA ASN D 107 -3.23 49.96 14.84
C ASN D 107 -2.45 50.86 13.88
N PRO D 108 -2.27 52.13 14.22
CA PRO D 108 -1.38 52.98 13.42
C PRO D 108 0.05 52.49 13.51
N GLY D 109 0.81 52.71 12.43
CA GLY D 109 2.17 52.25 12.35
C GLY D 109 2.34 50.89 11.72
N ARG D 110 1.24 50.17 11.49
CA ARG D 110 1.29 48.97 10.68
C ARG D 110 1.16 49.35 9.21
N THR D 111 1.97 48.71 8.37
CA THR D 111 1.90 48.90 6.94
C THR D 111 1.24 47.69 6.29
N SER D 112 0.41 47.94 5.27
CA SER D 112 -0.27 46.85 4.59
C SER D 112 0.74 46.01 3.82
N VAL D 113 0.59 44.70 3.92
CA VAL D 113 1.46 43.75 3.25
C VAL D 113 0.58 42.85 2.38
N ASN D 114 1.01 42.65 1.14
CA ASN D 114 0.41 41.70 0.20
C ASN D 114 -0.94 42.15 -0.36
N SER D 115 -1.20 43.45 -0.43
CA SER D 115 -2.42 43.93 -1.07
C SER D 115 -2.25 44.02 -2.57
N ARG D 116 -3.32 43.75 -3.30
CA ARG D 116 -3.40 44.01 -4.73
C ARG D 116 -4.53 44.98 -4.97
N GLY D 117 -4.25 46.09 -5.63
CA GLY D 117 -5.20 47.18 -5.75
C GLY D 117 -6.29 46.99 -6.79
N PHE D 118 -6.90 45.81 -6.81
CA PHE D 118 -7.99 45.52 -7.73
C PHE D 118 -8.78 44.35 -7.15
N SER D 119 -9.97 44.13 -7.70
CA SER D 119 -10.75 42.97 -7.29
C SER D 119 -10.11 41.69 -7.82
N ILE D 120 -10.49 40.57 -7.21
CA ILE D 120 -9.85 39.29 -7.50
C ILE D 120 -10.00 38.88 -8.96
N GLY D 121 -10.98 39.42 -9.66
CA GLY D 121 -11.21 39.06 -11.04
C GLY D 121 -10.30 39.70 -12.06
N LYS D 122 -9.33 40.52 -11.65
CA LYS D 122 -8.47 41.24 -12.58
C LYS D 122 -7.06 40.68 -12.67
N ASN D 123 -6.79 39.52 -12.09
CA ASN D 123 -5.48 38.92 -12.23
C ASN D 123 -5.23 38.54 -13.69
N PRO D 124 -3.99 38.62 -14.17
CA PRO D 124 -3.73 38.31 -15.58
C PRO D 124 -3.95 36.85 -15.91
N ASN D 125 -3.97 36.56 -17.21
CA ASN D 125 -4.20 35.23 -17.75
C ASN D 125 -2.91 34.41 -17.70
N PRO D 126 -2.99 33.13 -17.35
CA PRO D 126 -1.78 32.30 -17.30
C PRO D 126 -0.97 32.27 -18.59
N ALA D 127 -1.64 32.15 -19.73
CA ALA D 127 -0.95 32.06 -21.01
C ALA D 127 -0.14 33.31 -21.32
N SER D 128 -0.42 34.41 -20.64
CA SER D 128 0.27 35.68 -20.85
C SER D 128 1.57 35.79 -20.07
N ILE D 129 1.86 34.86 -19.15
CA ILE D 129 3.10 34.94 -18.39
C ILE D 129 3.87 33.63 -18.42
N LYS D 130 3.70 32.85 -19.48
CA LYS D 130 4.39 31.56 -19.56
C LYS D 130 5.90 31.75 -19.65
N PHE D 131 6.62 30.90 -18.92
CA PHE D 131 8.08 30.85 -18.87
C PHE D 131 8.69 32.04 -18.14
N SER D 132 7.90 32.87 -17.48
CA SER D 132 8.43 34.00 -16.73
C SER D 132 8.86 33.63 -15.32
N GLY D 133 8.40 32.49 -14.82
CA GLY D 133 8.68 32.07 -13.46
C GLY D 133 7.74 32.64 -12.41
N ILE D 134 6.84 33.54 -12.80
CA ILE D 134 5.92 34.16 -11.88
C ILE D 134 4.57 33.45 -11.96
N THR D 135 3.72 33.70 -10.98
CA THR D 135 2.33 33.28 -11.04
C THR D 135 1.43 34.48 -11.33
N THR D 136 0.18 34.21 -11.65
CA THR D 136 -0.74 35.29 -11.98
C THR D 136 -1.07 36.14 -10.75
N TYR D 137 -1.13 35.54 -9.57
CA TYR D 137 -1.42 36.29 -8.36
C TYR D 137 -0.24 37.11 -7.86
N GLU D 138 0.96 36.89 -8.39
CA GLU D 138 2.11 37.70 -8.06
C GLU D 138 2.50 38.64 -9.19
N SER D 139 1.58 38.92 -10.11
CA SER D 139 1.87 39.78 -11.25
C SER D 139 0.58 40.29 -11.89
N ILE E 2 -28.53 55.40 -10.45
CA ILE E 2 -28.16 54.65 -9.25
C ILE E 2 -28.39 55.46 -7.97
N ASP E 3 -29.33 54.99 -7.16
CA ASP E 3 -29.65 55.60 -5.88
C ASP E 3 -30.24 54.51 -5.00
N ARG E 4 -30.55 54.86 -3.75
CA ARG E 4 -31.16 53.87 -2.86
C ARG E 4 -32.52 53.45 -3.40
N ASN E 5 -32.81 52.15 -3.28
CA ASN E 5 -34.00 51.46 -3.78
C ASN E 5 -33.97 51.21 -5.29
N SER E 6 -32.92 51.61 -6.00
CA SER E 6 -32.80 51.35 -7.42
C SER E 6 -32.52 49.87 -7.69
N LYS E 7 -33.07 49.36 -8.79
CA LYS E 7 -32.85 47.99 -9.22
C LYS E 7 -31.75 47.96 -10.27
N VAL E 8 -30.74 47.12 -10.05
CA VAL E 8 -29.54 47.13 -10.87
C VAL E 8 -29.21 45.72 -11.33
N ARG E 9 -28.58 45.63 -12.50
CA ARG E 9 -28.03 44.42 -13.05
C ARG E 9 -26.52 44.43 -12.80
N ILE E 10 -25.97 43.27 -12.46
CA ILE E 10 -24.59 43.14 -12.01
C ILE E 10 -23.68 42.85 -13.19
N LEU E 11 -22.60 43.61 -13.29
CA LEU E 11 -21.62 43.44 -14.35
C LEU E 11 -20.31 42.81 -13.89
N ARG E 12 -20.13 42.59 -12.59
CA ARG E 12 -18.91 41.96 -12.10
C ARG E 12 -18.95 40.47 -12.41
N LYS E 13 -17.99 39.98 -13.18
CA LYS E 13 -18.05 38.62 -13.70
C LYS E 13 -17.84 37.57 -12.61
N GLU E 14 -16.98 37.86 -11.64
CA GLU E 14 -16.73 36.90 -10.57
C GLU E 14 -17.83 36.89 -9.53
N SER E 15 -18.86 37.72 -9.70
CA SER E 15 -19.96 37.80 -8.75
C SER E 15 -20.89 36.60 -8.93
N TYR E 16 -21.37 36.07 -7.80
CA TYR E 16 -22.43 35.07 -7.85
C TYR E 16 -23.66 35.60 -8.56
N TRP E 17 -23.91 36.90 -8.45
CA TRP E 17 -25.11 37.52 -9.01
C TRP E 17 -24.84 38.18 -10.36
N PHE E 18 -23.76 37.82 -11.04
CA PHE E 18 -23.47 38.38 -12.36
C PHE E 18 -24.65 38.14 -13.28
N ASN E 19 -25.04 39.19 -14.00
CA ASN E 19 -26.21 39.24 -14.89
C ASN E 19 -27.55 39.25 -14.16
N GLN E 20 -27.56 39.22 -12.82
CA GLN E 20 -28.80 39.19 -12.09
C GLN E 20 -29.17 40.57 -11.56
N ILE E 21 -30.30 40.65 -10.86
CA ILE E 21 -30.88 41.91 -10.40
C ILE E 21 -30.80 41.99 -8.89
N GLY E 22 -30.31 43.12 -8.38
CA GLY E 22 -30.36 43.41 -6.97
C GLY E 22 -30.90 44.80 -6.74
N THR E 23 -31.12 45.14 -5.47
CA THR E 23 -31.61 46.45 -5.09
C THR E 23 -30.51 47.23 -4.38
N VAL E 24 -30.29 48.47 -4.81
CA VAL E 24 -29.31 49.34 -4.16
C VAL E 24 -29.90 49.85 -2.85
N ALA E 25 -29.32 49.43 -1.73
CA ALA E 25 -29.75 49.90 -0.42
C ALA E 25 -29.19 51.28 -0.10
N THR E 26 -27.93 51.52 -0.41
CA THR E 26 -27.31 52.82 -0.12
C THR E 26 -26.07 52.96 -0.98
N VAL E 27 -25.65 54.21 -1.19
CA VAL E 27 -24.41 54.53 -1.88
C VAL E 27 -23.61 55.46 -0.99
N ASP E 28 -22.41 55.04 -0.61
CA ASP E 28 -21.55 55.86 0.23
C ASP E 28 -20.99 57.03 -0.59
N GLN E 29 -20.95 58.20 0.05
CA GLN E 29 -20.53 59.44 -0.58
C GLN E 29 -19.24 59.95 0.05
N SER E 30 -18.27 59.05 0.26
CA SER E 30 -17.02 59.41 0.91
C SER E 30 -15.78 59.09 0.08
N GLY E 31 -15.94 58.54 -1.11
CA GLY E 31 -14.79 58.19 -1.93
C GLY E 31 -14.20 56.84 -1.63
N ILE E 32 -15.03 55.84 -1.31
CA ILE E 32 -14.54 54.48 -1.12
C ILE E 32 -14.54 53.76 -2.46
N ARG E 33 -13.78 52.68 -2.56
CA ARG E 33 -13.58 52.05 -3.86
C ARG E 33 -14.82 51.33 -4.38
N TYR E 34 -15.66 50.80 -3.49
CA TYR E 34 -16.91 50.14 -3.87
C TYR E 34 -18.04 50.71 -3.02
N PRO E 35 -18.64 51.82 -3.44
CA PRO E 35 -19.57 52.54 -2.55
C PRO E 35 -21.01 52.03 -2.52
N ALA E 36 -21.47 51.29 -3.52
CA ALA E 36 -22.88 50.94 -3.63
C ALA E 36 -23.16 49.59 -2.98
N VAL E 37 -24.03 49.56 -1.97
CA VAL E 37 -24.40 48.34 -1.28
C VAL E 37 -25.66 47.79 -1.95
N VAL E 38 -25.60 46.55 -2.40
CA VAL E 38 -26.69 45.92 -3.14
C VAL E 38 -27.12 44.67 -2.38
N ARG E 39 -28.43 44.54 -2.19
CA ARG E 39 -29.02 43.35 -1.60
C ARG E 39 -29.72 42.53 -2.68
N PHE E 40 -29.71 41.21 -2.51
CA PHE E 40 -30.30 40.30 -3.46
C PHE E 40 -31.32 39.41 -2.75
N GLU E 41 -32.21 38.81 -3.53
CA GLU E 41 -33.23 37.94 -2.98
C GLU E 41 -32.77 36.49 -2.79
N SER E 42 -31.62 36.12 -3.34
CA SER E 42 -31.06 34.79 -3.20
C SER E 42 -29.67 34.88 -2.59
N VAL E 43 -29.26 33.82 -1.95
CA VAL E 43 -27.96 33.77 -1.29
C VAL E 43 -26.93 33.20 -2.25
N ASN E 44 -25.67 33.56 -2.05
CA ASN E 44 -24.56 32.94 -2.78
C ASN E 44 -24.19 31.63 -2.09
N TYR E 45 -23.06 31.02 -2.50
CA TYR E 45 -22.65 29.77 -1.89
C TYR E 45 -22.19 29.95 -0.44
N ALA E 46 -21.79 31.17 -0.06
CA ALA E 46 -21.42 31.46 1.31
C ALA E 46 -22.61 31.83 2.18
N GLY E 47 -23.80 31.88 1.62
CA GLY E 47 -24.98 32.21 2.37
C GLY E 47 -25.25 33.68 2.56
N THR E 48 -24.50 34.54 1.90
CA THR E 48 -24.70 35.99 1.99
C THR E 48 -25.56 36.47 0.84
N ASN E 49 -26.27 37.57 1.08
CA ASN E 49 -27.18 38.15 0.09
C ASN E 49 -26.93 39.64 -0.13
N THR E 50 -25.82 40.18 0.36
CA THR E 50 -25.47 41.58 0.16
C THR E 50 -24.02 41.69 -0.29
N ASN E 51 -23.72 42.72 -1.07
CA ASN E 51 -22.37 42.92 -1.57
C ASN E 51 -22.19 44.39 -1.96
N ASN E 52 -20.95 44.84 -1.93
CA ASN E 52 -20.59 46.20 -2.31
C ASN E 52 -20.01 46.21 -3.72
N PHE E 53 -20.34 47.24 -4.48
CA PHE E 53 -19.98 47.36 -5.89
C PHE E 53 -19.59 48.79 -6.22
N ALA E 54 -18.79 48.94 -7.26
CA ALA E 54 -18.57 50.24 -7.86
C ALA E 54 -19.74 50.58 -8.79
N LEU E 55 -19.78 51.83 -9.25
CA LEU E 55 -20.89 52.28 -10.07
C LEU E 55 -20.80 51.81 -11.52
N ASP E 56 -19.61 51.50 -12.02
CA ASP E 56 -19.44 50.95 -13.36
C ASP E 56 -19.64 49.44 -13.41
N GLU E 57 -19.82 48.79 -12.27
CA GLU E 57 -20.18 47.39 -12.20
C GLU E 57 -21.69 47.18 -12.13
N LEU E 58 -22.47 48.25 -12.14
CA LEU E 58 -23.91 48.19 -12.02
C LEU E 58 -24.54 48.85 -13.24
N VAL E 59 -25.70 48.35 -13.65
CA VAL E 59 -26.50 49.02 -14.67
C VAL E 59 -27.92 49.20 -14.13
N GLU E 60 -28.44 50.42 -14.21
CA GLU E 60 -29.83 50.63 -13.87
C GLU E 60 -30.71 49.83 -14.82
N VAL E 61 -31.76 49.22 -14.27
CA VAL E 61 -32.80 48.59 -15.06
C VAL E 61 -34.12 49.25 -14.73
N LYS E 62 -35.00 49.34 -15.72
CA LYS E 62 -36.30 49.97 -15.56
C LYS E 62 -37.40 48.92 -15.39
N GLU F 25 -40.25 -11.91 -41.91
CA GLU F 25 -40.84 -10.62 -42.22
C GLU F 25 -39.77 -9.53 -42.09
N ILE F 26 -40.04 -8.54 -41.24
CA ILE F 26 -39.07 -7.50 -40.97
C ILE F 26 -37.90 -8.10 -40.21
N GLY F 27 -36.69 -7.83 -40.70
CA GLY F 27 -35.50 -8.35 -40.03
C GLY F 27 -35.39 -9.85 -40.02
N GLY F 28 -36.01 -10.53 -40.96
CA GLY F 28 -35.98 -11.99 -40.98
C GLY F 28 -36.64 -12.60 -39.77
N LEU F 29 -37.73 -12.01 -39.31
CA LEU F 29 -38.48 -12.49 -38.16
C LEU F 29 -39.76 -13.17 -38.65
N THR F 30 -40.55 -13.66 -37.70
CA THR F 30 -41.82 -14.29 -38.00
C THR F 30 -42.85 -13.92 -36.95
N LYS F 31 -44.11 -13.89 -37.36
CA LYS F 31 -45.22 -13.62 -36.45
C LYS F 31 -45.26 -14.66 -35.34
N CYS F 32 -45.54 -14.21 -34.12
CA CYS F 32 -45.61 -15.12 -32.99
C CYS F 32 -46.75 -16.11 -33.13
N SER F 33 -47.81 -15.75 -33.86
CA SER F 33 -48.88 -16.70 -34.15
C SER F 33 -48.45 -17.75 -35.15
N GLU F 34 -47.28 -17.61 -35.75
CA GLU F 34 -46.71 -18.62 -36.64
C GLU F 34 -45.41 -19.21 -36.10
N SER F 35 -45.05 -18.92 -34.86
CA SER F 35 -43.77 -19.35 -34.31
C SER F 35 -43.95 -20.62 -33.50
N ALA F 36 -43.24 -21.68 -33.88
CA ALA F 36 -43.28 -22.92 -33.12
C ALA F 36 -42.64 -22.76 -31.75
N ALA F 37 -41.57 -21.96 -31.67
CA ALA F 37 -40.92 -21.72 -30.39
C ALA F 37 -41.84 -20.98 -29.42
N PHE F 38 -42.64 -20.04 -29.93
CA PHE F 38 -43.60 -19.32 -29.10
C PHE F 38 -44.63 -20.28 -28.50
N THR F 39 -45.20 -21.15 -29.32
CA THR F 39 -46.19 -22.11 -28.82
C THR F 39 -45.55 -23.12 -27.86
N LYS F 40 -44.30 -23.52 -28.14
CA LYS F 40 -43.59 -24.38 -27.21
C LYS F 40 -43.42 -23.70 -25.86
N ARG F 41 -43.11 -22.40 -25.85
CA ARG F 41 -43.03 -21.65 -24.60
C ARG F 41 -44.36 -21.66 -23.85
N LEU F 42 -45.46 -21.45 -24.59
CA LEU F 42 -46.77 -21.47 -23.95
C LEU F 42 -47.03 -22.83 -23.31
N ASN F 43 -46.76 -23.91 -24.05
CA ASN F 43 -47.02 -25.25 -23.53
C ASN F 43 -46.16 -25.54 -22.32
N ALA F 44 -44.88 -25.15 -22.35
CA ALA F 44 -43.98 -25.39 -21.22
C ALA F 44 -44.44 -24.65 -19.97
N SER F 45 -44.82 -23.37 -20.12
CA SER F 45 -45.26 -22.60 -18.96
C SER F 45 -46.53 -23.19 -18.37
N VAL F 46 -47.49 -23.55 -19.22
CA VAL F 46 -48.72 -24.15 -18.74
C VAL F 46 -48.45 -25.48 -18.06
N LYS F 47 -47.55 -26.29 -18.63
CA LYS F 47 -47.24 -27.59 -18.05
C LYS F 47 -46.61 -27.47 -16.68
N LYS F 48 -45.69 -26.52 -16.50
CA LYS F 48 -45.11 -26.36 -15.17
C LYS F 48 -46.14 -25.88 -14.16
N LEU F 49 -47.02 -24.94 -14.56
CA LEU F 49 -48.08 -24.52 -13.65
C LEU F 49 -49.01 -25.69 -13.29
N GLU F 50 -49.40 -26.51 -14.27
CA GLU F 50 -50.30 -27.62 -13.98
C GLU F 50 -49.62 -28.73 -13.19
N GLN F 51 -48.32 -28.95 -13.38
CA GLN F 51 -47.59 -29.89 -12.54
C GLN F 51 -47.61 -29.44 -11.10
N ARG F 52 -47.41 -28.13 -10.87
CA ARG F 52 -47.55 -27.61 -9.51
C ARG F 52 -48.96 -27.80 -8.99
N ALA F 53 -49.98 -27.51 -9.82
CA ALA F 53 -51.36 -27.67 -9.40
C ALA F 53 -51.72 -29.11 -9.10
N SER F 54 -51.03 -30.08 -9.71
CA SER F 54 -51.41 -31.48 -9.54
C SER F 54 -51.08 -32.01 -8.16
N GLN F 55 -50.26 -31.31 -7.39
CA GLN F 55 -49.88 -31.75 -6.04
C GLN F 55 -50.95 -31.51 -5.00
N TYR F 56 -51.96 -30.69 -5.27
CA TYR F 56 -53.00 -30.36 -4.31
C TYR F 56 -54.31 -31.01 -4.72
N GLU F 57 -55.28 -30.95 -3.82
CA GLU F 57 -56.63 -31.36 -4.17
C GLU F 57 -57.28 -30.32 -5.08
N ALA F 58 -58.28 -30.75 -5.85
CA ALA F 58 -58.87 -29.88 -6.85
C ALA F 58 -59.54 -28.65 -6.24
N ASP F 59 -60.08 -28.77 -5.03
CA ASP F 59 -60.78 -27.63 -4.44
C ASP F 59 -59.92 -26.80 -3.49
N SER F 60 -58.64 -27.10 -3.36
CA SER F 60 -57.78 -26.34 -2.47
C SER F 60 -57.52 -24.95 -3.04
N PRO F 61 -57.38 -23.93 -2.18
CA PRO F 61 -57.05 -22.58 -2.67
C PRO F 61 -55.75 -22.55 -3.45
N PRO F 62 -54.71 -23.32 -3.08
CA PRO F 62 -53.56 -23.40 -3.99
C PRO F 62 -53.91 -23.86 -5.39
N ALA F 63 -54.80 -24.85 -5.51
CA ALA F 63 -55.19 -25.35 -6.82
C ALA F 63 -55.93 -24.29 -7.63
N LEU F 64 -56.88 -23.59 -6.99
CA LEU F 64 -57.62 -22.55 -7.67
C LEU F 64 -56.71 -21.41 -8.10
N ALA F 65 -55.77 -21.03 -7.23
CA ALA F 65 -54.82 -19.97 -7.57
C ALA F 65 -53.96 -20.39 -8.76
N LEU F 66 -53.49 -21.63 -8.76
CA LEU F 66 -52.66 -22.10 -9.86
C LEU F 66 -53.44 -22.17 -11.15
N LYS F 67 -54.70 -22.56 -11.10
CA LYS F 67 -55.49 -22.64 -12.32
C LYS F 67 -55.83 -21.25 -12.85
N GLN F 68 -56.02 -20.27 -11.96
CA GLN F 68 -56.17 -18.89 -12.41
C GLN F 68 -54.89 -18.37 -13.06
N GLN F 69 -53.73 -18.74 -12.50
CA GLN F 69 -52.47 -18.41 -13.15
C GLN F 69 -52.37 -19.06 -14.52
N VAL F 70 -52.86 -20.28 -14.65
CA VAL F 70 -52.86 -20.96 -15.95
C VAL F 70 -53.71 -20.19 -16.95
N GLU F 71 -54.90 -19.76 -16.53
CA GLU F 71 -55.78 -19.01 -17.41
C GLU F 71 -55.14 -17.69 -17.83
N ARG F 72 -54.50 -16.99 -16.89
CA ARG F 72 -53.87 -15.73 -17.22
C ARG F 72 -52.70 -15.93 -18.19
N THR F 73 -51.93 -17.01 -18.00
CA THR F 73 -50.85 -17.33 -18.94
C THR F 73 -51.39 -17.58 -20.33
N GLN F 74 -52.48 -18.36 -20.43
CA GLN F 74 -53.05 -18.68 -21.73
C GLN F 74 -53.61 -17.43 -22.40
N ALA F 75 -54.28 -16.57 -21.62
CA ALA F 75 -54.81 -15.33 -22.16
C ALA F 75 -53.70 -14.41 -22.67
N ARG F 76 -52.59 -14.34 -21.93
CA ARG F 76 -51.47 -13.51 -22.38
C ARG F 76 -50.87 -14.04 -23.68
N PHE F 77 -50.60 -15.34 -23.73
CA PHE F 77 -50.03 -15.91 -24.96
C PHE F 77 -50.97 -15.70 -26.14
N ASP F 78 -52.27 -15.89 -25.92
CA ASP F 78 -53.25 -15.69 -27.00
C ASP F 78 -53.29 -14.24 -27.44
N LYS F 79 -53.25 -13.31 -26.50
CA LYS F 79 -53.28 -11.89 -26.83
C LYS F 79 -52.06 -11.51 -27.66
N TYR F 80 -50.88 -12.04 -27.32
CA TYR F 80 -49.70 -11.77 -28.11
C TYR F 80 -49.82 -12.41 -29.49
N SER F 81 -50.45 -13.58 -29.57
CA SER F 81 -50.63 -14.26 -30.86
C SER F 81 -51.50 -13.43 -31.82
N ARG F 82 -52.64 -12.93 -31.32
CA ARG F 82 -53.56 -12.18 -32.17
C ARG F 82 -53.01 -10.82 -32.56
N SER F 83 -51.98 -10.33 -31.89
CA SER F 83 -51.45 -9.00 -32.16
C SER F 83 -50.56 -9.06 -33.41
N GLU F 84 -49.97 -7.93 -33.74
CA GLU F 84 -49.02 -7.83 -34.84
C GLU F 84 -47.59 -8.16 -34.42
N LEU F 85 -47.38 -8.55 -33.16
CA LEU F 85 -46.04 -8.75 -32.62
C LEU F 85 -45.27 -9.79 -33.40
N LEU F 86 -44.00 -9.51 -33.66
CA LEU F 86 -43.10 -10.42 -34.34
C LEU F 86 -42.25 -11.17 -33.33
N CYS F 87 -41.74 -12.32 -33.73
CA CYS F 87 -41.02 -13.21 -32.84
C CYS F 87 -39.70 -13.63 -33.47
N GLY F 88 -38.64 -13.64 -32.65
CA GLY F 88 -37.36 -14.15 -33.09
C GLY F 88 -37.28 -15.66 -32.96
N ALA F 89 -36.08 -16.18 -33.23
CA ALA F 89 -35.87 -17.61 -33.17
C ALA F 89 -36.11 -18.16 -31.76
N ASP F 90 -35.94 -17.32 -30.73
CA ASP F 90 -36.09 -17.76 -29.36
C ASP F 90 -37.54 -18.00 -28.97
N GLY F 91 -38.50 -17.52 -29.76
CA GLY F 91 -39.90 -17.65 -29.39
C GLY F 91 -40.39 -16.57 -28.46
N LEU F 92 -39.75 -15.41 -28.46
CA LEU F 92 -40.14 -14.28 -27.64
C LEU F 92 -40.48 -13.09 -28.53
N PRO F 93 -41.45 -12.26 -28.15
CA PRO F 93 -41.82 -11.13 -29.01
C PRO F 93 -40.70 -10.09 -29.09
N HIS F 94 -40.47 -9.60 -30.30
CA HIS F 94 -39.52 -8.53 -30.55
C HIS F 94 -40.27 -7.29 -31.04
N LEU F 95 -39.77 -6.12 -30.68
CA LEU F 95 -40.44 -4.86 -30.99
C LEU F 95 -39.79 -4.19 -32.20
N VAL F 96 -40.63 -3.62 -33.06
CA VAL F 96 -40.20 -2.87 -34.24
C VAL F 96 -40.43 -1.39 -33.96
N ALA F 97 -39.35 -0.62 -33.93
CA ALA F 97 -39.42 0.79 -33.54
C ALA F 97 -38.65 1.67 -34.51
N ASP F 98 -38.72 1.35 -35.81
CA ASP F 98 -38.11 2.18 -36.83
C ASP F 98 -39.02 3.30 -37.34
N GLY F 99 -40.25 3.35 -36.86
CA GLY F 99 -41.20 4.37 -37.29
C GLY F 99 -42.38 3.85 -38.08
N ARG F 100 -42.39 2.59 -38.49
CA ARG F 100 -43.52 2.03 -39.24
C ARG F 100 -44.80 2.14 -38.44
N TRP F 101 -45.87 2.51 -39.12
CA TRP F 101 -47.17 2.55 -38.48
C TRP F 101 -47.77 1.17 -38.27
N SER F 102 -47.39 0.18 -39.08
CA SER F 102 -47.91 -1.17 -38.89
C SER F 102 -47.52 -1.78 -37.56
N HIS F 103 -46.54 -1.21 -36.85
CA HIS F 103 -46.18 -1.65 -35.51
C HIS F 103 -46.27 -0.50 -34.52
N ALA F 104 -47.07 0.52 -34.85
CA ALA F 104 -47.10 1.74 -34.05
C ALA F 104 -47.56 1.47 -32.62
N ALA F 105 -48.28 0.37 -32.41
CA ALA F 105 -48.75 0.02 -31.07
C ALA F 105 -47.60 -0.34 -30.11
N GLU F 106 -46.38 -0.52 -30.63
CA GLU F 106 -45.27 -0.96 -29.80
C GLU F 106 -44.40 0.18 -29.29
N PHE F 107 -44.17 1.22 -30.09
CA PHE F 107 -43.39 2.35 -29.59
C PHE F 107 -44.06 3.69 -29.82
N ILE F 108 -44.73 3.87 -30.96
CA ILE F 108 -45.20 5.19 -31.36
C ILE F 108 -46.38 5.64 -30.51
N LEU F 109 -47.44 4.82 -30.44
CA LEU F 109 -48.59 5.19 -29.63
C LEU F 109 -48.29 5.26 -28.13
N PRO F 110 -47.62 4.28 -27.53
CA PRO F 110 -47.17 4.47 -26.14
C PRO F 110 -46.28 5.68 -25.97
N GLY F 111 -45.45 5.97 -26.97
CA GLY F 111 -44.62 7.16 -26.90
C GLY F 111 -45.43 8.44 -26.91
N PHE F 112 -46.50 8.48 -27.71
CA PHE F 112 -47.41 9.60 -27.71
C PHE F 112 -48.03 9.79 -26.35
N GLY F 113 -48.50 8.69 -25.75
CA GLY F 113 -49.06 8.78 -24.40
C GLY F 113 -48.06 9.28 -23.40
N PHE F 114 -46.82 8.78 -23.45
CA PHE F 114 -45.81 9.22 -22.50
C PHE F 114 -45.48 10.69 -22.67
N ILE F 115 -45.31 11.14 -23.91
CA ILE F 115 -44.99 12.54 -24.14
C ILE F 115 -46.12 13.42 -23.62
N TYR F 116 -47.37 13.05 -23.91
CA TYR F 116 -48.49 13.83 -23.42
C TYR F 116 -48.50 13.92 -21.89
N ILE F 117 -48.37 12.77 -21.21
CA ILE F 117 -48.41 12.77 -19.75
C ILE F 117 -47.22 13.56 -19.17
N SER F 118 -46.01 13.32 -19.69
CA SER F 118 -44.83 13.95 -19.12
C SER F 118 -44.80 15.45 -19.38
N GLY F 119 -45.22 15.86 -20.58
CA GLY F 119 -45.38 17.28 -20.83
C GLY F 119 -46.41 17.92 -19.92
N TRP F 120 -47.51 17.21 -19.64
CA TRP F 120 -48.50 17.71 -18.69
C TRP F 120 -47.86 17.94 -17.32
N ILE F 121 -47.17 16.92 -16.80
CA ILE F 121 -46.54 17.03 -15.48
C ILE F 121 -45.56 18.20 -15.45
N GLY F 122 -44.68 18.26 -16.44
CA GLY F 122 -43.66 19.29 -16.45
C GLY F 122 -44.24 20.69 -16.61
N TRP F 123 -45.23 20.83 -17.48
CA TRP F 123 -45.84 22.13 -17.71
C TRP F 123 -46.55 22.64 -16.46
N VAL F 124 -47.31 21.77 -15.78
CA VAL F 124 -47.98 22.21 -14.56
C VAL F 124 -46.98 22.50 -13.45
N GLY F 125 -45.90 21.73 -13.34
CA GLY F 125 -44.88 22.04 -12.35
C GLY F 125 -44.23 23.38 -12.59
N ARG F 126 -43.83 23.64 -13.85
CA ARG F 126 -43.24 24.92 -14.20
C ARG F 126 -44.21 26.07 -13.95
N LYS F 127 -45.48 25.88 -14.31
CA LYS F 127 -46.48 26.91 -14.09
C LYS F 127 -46.65 27.21 -12.61
N TYR F 128 -46.71 26.18 -11.78
CA TYR F 128 -46.86 26.41 -10.34
C TYR F 128 -45.66 27.15 -9.77
N LEU F 129 -44.45 26.73 -10.17
CA LEU F 129 -43.25 27.37 -9.65
C LEU F 129 -43.23 28.85 -10.04
N ARG F 130 -43.57 29.15 -11.29
CA ARG F 130 -43.62 30.53 -11.75
C ARG F 130 -44.72 31.32 -11.05
N ALA F 131 -45.86 30.70 -10.76
CA ALA F 131 -46.95 31.39 -10.09
C ALA F 131 -46.56 31.78 -8.66
N VAL F 132 -45.98 30.83 -7.91
CA VAL F 132 -45.58 31.12 -6.54
C VAL F 132 -44.27 31.88 -6.44
N SER F 133 -43.57 32.09 -7.56
CA SER F 133 -42.38 32.93 -7.53
C SER F 133 -42.66 34.36 -7.07
N THR F 134 -43.91 34.83 -7.18
CA THR F 134 -44.26 36.18 -6.77
C THR F 134 -45.09 36.21 -5.48
N SER F 135 -45.20 35.09 -4.77
CA SER F 135 -45.94 35.07 -3.53
C SER F 135 -45.17 35.83 -2.44
N ALA F 136 -45.79 35.94 -1.26
CA ALA F 136 -45.12 36.59 -0.14
C ALA F 136 -43.82 35.88 0.21
N ASN F 137 -43.88 34.56 0.36
CA ASN F 137 -42.72 33.74 0.67
C ASN F 137 -42.60 32.64 -0.37
N PRO F 138 -41.88 32.89 -1.47
CA PRO F 138 -41.77 31.86 -2.52
C PRO F 138 -41.19 30.54 -2.03
N SER F 139 -40.15 30.58 -1.18
CA SER F 139 -39.52 29.36 -0.72
C SER F 139 -40.47 28.52 0.13
N GLU F 140 -41.30 29.17 0.95
CA GLU F 140 -42.26 28.43 1.76
C GLU F 140 -43.26 27.67 0.90
N SER F 141 -43.66 28.26 -0.23
CA SER F 141 -44.60 27.61 -1.14
C SER F 141 -43.99 26.44 -1.89
N GLU F 142 -42.68 26.25 -1.82
CA GLU F 142 -42.05 25.10 -2.44
C GLU F 142 -41.96 23.90 -1.51
N ILE F 143 -41.82 24.13 -0.20
CA ILE F 143 -41.81 23.05 0.77
C ILE F 143 -43.19 22.77 1.37
N ILE F 144 -44.09 23.75 1.37
CA ILE F 144 -45.46 23.57 1.82
C ILE F 144 -46.33 24.01 0.65
N ILE F 145 -46.90 23.05 -0.06
CA ILE F 145 -47.61 23.35 -1.29
C ILE F 145 -48.93 24.05 -0.98
N ASN F 146 -49.22 25.13 -1.70
CA ASN F 146 -50.55 25.71 -1.71
C ASN F 146 -51.46 24.78 -2.52
N VAL F 147 -52.14 23.87 -1.82
CA VAL F 147 -52.89 22.81 -2.51
C VAL F 147 -53.97 23.33 -3.45
N PRO F 148 -54.80 24.32 -3.08
CA PRO F 148 -55.81 24.81 -4.04
C PRO F 148 -55.22 25.34 -5.34
N LEU F 149 -54.19 26.18 -5.25
CA LEU F 149 -53.53 26.67 -6.46
C LEU F 149 -52.94 25.53 -7.26
N ALA F 150 -52.34 24.56 -6.56
CA ALA F 150 -51.72 23.43 -7.25
C ALA F 150 -52.75 22.61 -8.01
N LEU F 151 -53.89 22.30 -7.37
CA LEU F 151 -54.92 21.51 -8.04
C LEU F 151 -55.52 22.26 -9.22
N LYS F 152 -55.78 23.56 -9.05
CA LYS F 152 -56.27 24.37 -10.15
C LYS F 152 -55.30 24.32 -11.32
N ILE F 153 -54.00 24.50 -11.05
CA ILE F 153 -53.02 24.53 -12.13
C ILE F 153 -52.86 23.16 -12.77
N MET F 154 -52.94 22.10 -11.96
CA MET F 154 -52.82 20.75 -12.49
C MET F 154 -53.96 20.40 -13.43
N THR F 155 -55.16 20.93 -13.18
CA THR F 155 -56.27 20.67 -14.08
C THR F 155 -56.09 21.32 -15.46
N THR F 156 -55.17 22.26 -15.61
CA THR F 156 -54.93 22.92 -16.88
C THR F 156 -53.87 22.22 -17.73
N GLY F 157 -53.40 21.05 -17.31
CA GLY F 157 -52.31 20.41 -18.02
C GLY F 157 -52.71 19.85 -19.38
N TYR F 158 -54.00 19.57 -19.56
CA TYR F 158 -54.45 18.85 -20.76
C TYR F 158 -54.24 19.64 -22.04
N ILE F 159 -54.10 20.96 -21.96
CA ILE F 159 -53.81 21.75 -23.14
C ILE F 159 -52.38 22.26 -23.09
N TRP F 160 -51.50 21.49 -22.46
CA TRP F 160 -50.10 21.91 -22.35
C TRP F 160 -49.41 22.23 -23.68
N PRO F 161 -49.62 21.50 -24.78
CA PRO F 161 -48.91 21.89 -26.01
C PRO F 161 -49.36 23.23 -26.57
N ILE F 162 -50.66 23.50 -26.53
CA ILE F 162 -51.18 24.78 -27.00
C ILE F 162 -50.65 25.92 -26.13
N SER F 163 -50.70 25.73 -24.81
CA SER F 163 -50.17 26.72 -23.88
C SER F 163 -48.69 26.95 -24.14
N ALA F 164 -47.94 25.88 -24.40
CA ALA F 164 -46.52 26.00 -24.69
C ALA F 164 -46.29 26.79 -25.97
N TRP F 165 -47.09 26.54 -27.00
CA TRP F 165 -46.96 27.31 -28.23
C TRP F 165 -47.23 28.79 -27.98
N GLN F 166 -48.29 29.10 -27.24
CA GLN F 166 -48.63 30.49 -26.98
C GLN F 166 -47.56 31.17 -26.14
N GLU F 167 -47.02 30.46 -25.15
CA GLU F 167 -45.92 30.99 -24.34
C GLU F 167 -44.69 31.24 -25.20
N LEU F 168 -44.43 30.37 -26.18
CA LEU F 168 -43.28 30.55 -27.05
C LEU F 168 -43.45 31.76 -27.97
N ILE F 169 -44.64 31.93 -28.54
CA ILE F 169 -44.88 33.05 -29.45
C ILE F 169 -44.89 34.37 -28.69
N SER F 170 -45.39 34.39 -27.46
CA SER F 170 -45.49 35.60 -26.66
C SER F 170 -44.21 35.93 -25.91
N ASN F 171 -43.13 35.18 -26.15
CA ASN F 171 -41.83 35.41 -25.51
C ASN F 171 -41.90 35.30 -23.99
N ASP F 172 -42.65 34.31 -23.50
CA ASP F 172 -42.67 33.99 -22.08
C ASP F 172 -42.03 32.64 -21.78
N LEU F 173 -41.71 31.85 -22.80
CA LEU F 173 -41.10 30.55 -22.59
C LEU F 173 -39.58 30.65 -22.44
N VAL F 174 -38.94 31.46 -23.28
CA VAL F 174 -37.49 31.51 -23.38
C VAL F 174 -37.00 32.85 -22.86
N ALA F 175 -36.02 32.80 -21.95
CA ALA F 175 -35.42 34.01 -21.41
C ALA F 175 -34.24 34.47 -22.27
N VAL F 176 -33.76 35.67 -21.98
CA VAL F 176 -32.62 36.24 -22.68
C VAL F 176 -31.35 35.84 -21.94
N SER F 177 -30.23 35.79 -22.68
CA SER F 177 -28.96 35.40 -22.07
C SER F 177 -28.48 36.46 -21.10
N GLU F 178 -28.68 37.74 -21.42
CA GLU F 178 -28.19 38.83 -20.58
C GLU F 178 -28.82 38.78 -19.19
N GLU F 179 -29.95 38.09 -19.05
CA GLU F 179 -30.66 37.99 -17.80
C GLU F 179 -30.34 36.72 -17.02
N ILE F 180 -29.42 35.89 -17.51
CA ILE F 180 -29.11 34.61 -16.89
C ILE F 180 -27.63 34.62 -16.49
N THR F 181 -27.34 34.21 -15.26
CA THR F 181 -25.96 34.23 -14.81
C THR F 181 -25.12 33.15 -15.50
N VAL F 182 -23.86 33.49 -15.72
CA VAL F 182 -22.85 32.56 -16.24
C VAL F 182 -21.55 32.79 -15.48
N SER F 183 -20.65 31.84 -15.61
CA SER F 183 -19.34 31.94 -14.98
C SER F 183 -18.35 32.56 -15.96
N PRO F 184 -17.22 33.06 -15.46
CA PRO F 184 -16.19 33.59 -16.38
C PRO F 184 -15.74 32.50 -17.34
N ARG F 185 -15.53 32.89 -18.59
CA ARG F 185 -15.17 31.95 -19.64
C ARG F 185 -13.66 31.72 -19.67
N MET G 1 31.02 -23.21 -21.43
CA MET G 1 29.97 -22.22 -21.28
C MET G 1 28.96 -22.33 -22.42
N ALA G 2 27.68 -22.21 -22.10
CA ALA G 2 26.61 -22.31 -23.08
C ALA G 2 25.54 -21.26 -22.79
N ALA G 3 24.81 -20.86 -23.83
CA ALA G 3 23.76 -19.88 -23.65
C ALA G 3 22.60 -20.41 -22.83
N SER G 4 22.41 -21.74 -22.82
CA SER G 4 21.33 -22.34 -22.04
C SER G 4 21.48 -22.10 -20.55
N PHE G 5 22.68 -21.74 -20.09
CA PHE G 5 22.94 -21.42 -18.70
C PHE G 5 22.50 -20.01 -18.34
N LEU G 6 22.27 -19.16 -19.33
CA LEU G 6 22.09 -17.73 -19.11
C LEU G 6 20.94 -17.36 -18.17
N PRO G 7 19.74 -17.98 -18.28
CA PRO G 7 18.68 -17.65 -17.31
C PRO G 7 19.11 -17.78 -15.86
N SER G 8 19.56 -18.96 -15.44
CA SER G 8 19.99 -19.16 -14.06
C SER G 8 21.16 -18.26 -13.68
N ILE G 9 21.90 -17.76 -14.68
CA ILE G 9 22.92 -16.76 -14.42
C ILE G 9 22.30 -15.37 -14.34
N LEU G 10 21.47 -15.03 -15.33
CA LEU G 10 21.09 -13.63 -15.51
C LEU G 10 19.89 -13.25 -14.64
N VAL G 11 18.93 -14.16 -14.46
CA VAL G 11 17.72 -13.82 -13.71
C VAL G 11 18.02 -13.31 -12.31
N PRO G 12 18.86 -13.97 -11.50
CA PRO G 12 19.23 -13.38 -10.20
C PRO G 12 19.92 -12.03 -10.31
N LEU G 13 20.66 -11.78 -11.38
CA LEU G 13 21.29 -10.47 -11.56
C LEU G 13 20.27 -9.39 -11.89
N VAL G 14 19.28 -9.72 -12.73
CA VAL G 14 18.26 -8.73 -13.09
C VAL G 14 17.26 -8.52 -11.96
N GLY G 15 16.85 -9.58 -11.27
CA GLY G 15 15.76 -9.46 -10.33
C GLY G 15 16.15 -9.23 -8.89
N LEU G 16 17.42 -9.45 -8.54
CA LEU G 16 17.88 -9.20 -7.17
C LEU G 16 18.98 -8.16 -7.09
N ILE G 17 20.06 -8.34 -7.83
CA ILE G 17 21.23 -7.47 -7.72
C ILE G 17 20.93 -6.09 -8.28
N PHE G 18 20.40 -6.05 -9.50
CA PHE G 18 20.11 -4.78 -10.15
C PHE G 18 19.10 -3.93 -9.39
N PRO G 19 17.94 -4.44 -8.96
CA PRO G 19 17.04 -3.58 -8.18
C PRO G 19 17.64 -3.10 -6.88
N ALA G 20 18.43 -3.94 -6.21
CA ALA G 20 19.03 -3.52 -4.95
C ALA G 20 20.02 -2.37 -5.17
N PHE G 21 20.90 -2.50 -6.15
CA PHE G 21 21.84 -1.42 -6.41
C PHE G 21 21.14 -0.17 -6.94
N SER G 22 20.13 -0.35 -7.80
CA SER G 22 19.40 0.81 -8.31
C SER G 22 18.68 1.54 -7.18
N MET G 23 18.05 0.81 -6.28
CA MET G 23 17.36 1.42 -5.15
C MET G 23 18.34 2.09 -4.19
N ALA G 24 19.50 1.46 -3.95
CA ALA G 24 20.52 2.09 -3.11
C ALA G 24 21.02 3.39 -3.75
N LEU G 25 21.26 3.37 -5.07
CA LEU G 25 21.73 4.56 -5.77
C LEU G 25 20.68 5.67 -5.73
N PHE G 26 19.42 5.33 -5.96
CA PHE G 26 18.38 6.36 -5.90
C PHE G 26 18.22 6.90 -4.49
N PHE G 27 18.30 6.03 -3.48
CA PHE G 27 18.26 6.49 -2.09
C PHE G 27 19.39 7.48 -1.81
N LEU G 28 20.61 7.12 -2.23
CA LEU G 28 21.76 8.00 -2.02
C LEU G 28 21.59 9.32 -2.77
N TYR G 29 21.01 9.28 -3.96
CA TYR G 29 20.81 10.50 -4.72
C TYR G 29 19.76 11.41 -4.09
N VAL G 30 18.66 10.82 -3.59
CA VAL G 30 17.63 11.63 -2.95
C VAL G 30 18.03 12.13 -1.57
N GLN G 31 18.98 11.44 -0.91
CA GLN G 31 19.48 11.93 0.37
C GLN G 31 20.62 12.93 0.23
N THR G 32 21.22 13.04 -0.95
CA THR G 32 22.28 14.00 -1.17
C THR G 32 21.77 15.42 -0.99
N ASP G 33 22.52 16.22 -0.24
CA ASP G 33 22.08 17.58 0.10
C ASP G 33 22.47 18.59 -0.95
N ASP G 34 23.59 18.40 -1.63
CA ASP G 34 24.05 19.25 -2.73
C ASP G 34 24.29 18.32 -3.92
N ILE G 35 23.37 18.34 -4.88
CA ILE G 35 23.53 17.53 -6.09
C ILE G 35 24.18 18.33 -7.21
N ALA G 36 23.91 19.63 -7.27
CA ALA G 36 24.55 20.49 -8.25
C ALA G 36 24.93 21.80 -7.59
N MET H 1 -57.29 22.88 12.82
CA MET H 1 -57.51 22.20 11.55
C MET H 1 -56.74 22.87 10.41
N ASN H 2 -56.57 24.19 10.50
CA ASN H 2 -55.72 24.89 9.53
C ASN H 2 -54.28 24.43 9.64
N ASP H 3 -53.77 24.29 10.88
CA ASP H 3 -52.40 23.85 11.07
C ASP H 3 -52.20 22.42 10.61
N PHE H 4 -53.15 21.54 10.89
CA PHE H 4 -53.04 20.15 10.46
C PHE H 4 -53.10 20.04 8.94
N GLN H 5 -53.97 20.84 8.29
CA GLN H 5 -54.01 20.88 6.84
C GLN H 5 -52.71 21.42 6.25
N LYS H 6 -52.10 22.41 6.89
CA LYS H 6 -50.82 22.90 6.39
C LYS H 6 -49.72 21.86 6.56
N TYR H 7 -49.78 21.07 7.65
CA TYR H 7 -48.84 19.97 7.77
C TYR H 7 -49.03 18.94 6.66
N LEU H 8 -50.29 18.63 6.35
CA LEU H 8 -50.57 17.72 5.24
C LEU H 8 -50.14 18.30 3.90
N SER H 9 -50.01 19.62 3.81
CA SER H 9 -49.59 20.29 2.58
C SER H 9 -48.08 20.34 2.42
N THR H 10 -47.31 19.83 3.39
CA THR H 10 -45.87 19.84 3.25
C THR H 10 -45.42 18.87 2.17
N ALA H 11 -44.24 19.13 1.62
CA ALA H 11 -43.72 18.41 0.46
C ALA H 11 -43.64 16.89 0.67
N PRO H 12 -43.08 16.39 1.77
CA PRO H 12 -42.99 14.93 1.92
C PRO H 12 -44.33 14.23 2.05
N VAL H 13 -45.26 14.81 2.82
CA VAL H 13 -46.57 14.20 2.99
C VAL H 13 -47.31 14.17 1.66
N LEU H 14 -47.26 15.27 0.91
CA LEU H 14 -47.94 15.29 -0.38
C LEU H 14 -47.29 14.35 -1.37
N LEU H 15 -45.96 14.26 -1.37
CA LEU H 15 -45.31 13.29 -2.25
C LEU H 15 -45.69 11.87 -1.89
N THR H 16 -45.73 11.55 -0.60
CA THR H 16 -46.14 10.20 -0.20
C THR H 16 -47.56 9.90 -0.64
N LEU H 17 -48.50 10.81 -0.39
CA LEU H 17 -49.88 10.58 -0.83
C LEU H 17 -49.98 10.48 -2.35
N TRP H 18 -49.30 11.36 -3.07
CA TRP H 18 -49.41 11.39 -4.52
C TRP H 18 -48.78 10.15 -5.14
N MET H 19 -47.61 9.74 -4.66
CA MET H 19 -46.98 8.54 -5.18
C MET H 19 -47.77 7.30 -4.81
N THR H 20 -48.36 7.25 -3.62
CA THR H 20 -49.22 6.13 -3.27
C THR H 20 -50.43 6.05 -4.20
N PHE H 21 -51.05 7.20 -4.49
CA PHE H 21 -52.19 7.23 -5.41
C PHE H 21 -51.78 6.79 -6.81
N THR H 22 -50.65 7.30 -7.30
CA THR H 22 -50.17 6.96 -8.64
C THR H 22 -49.83 5.47 -8.73
N ALA H 23 -49.13 4.95 -7.71
CA ALA H 23 -48.82 3.53 -7.67
C ALA H 23 -50.09 2.70 -7.61
N GLY H 24 -51.07 3.16 -6.83
CA GLY H 24 -52.34 2.46 -6.77
C GLY H 24 -53.04 2.37 -8.10
N PHE H 25 -53.07 3.47 -8.86
CA PHE H 25 -53.76 3.40 -10.13
C PHE H 25 -52.99 2.59 -11.16
N ILE H 26 -51.65 2.65 -11.14
CA ILE H 26 -50.86 1.76 -12.00
C ILE H 26 -51.14 0.30 -11.67
N ILE H 27 -51.16 -0.03 -10.37
CA ILE H 27 -51.41 -1.41 -9.94
C ILE H 27 -52.80 -1.85 -10.38
N GLU H 28 -53.81 -1.00 -10.20
CA GLU H 28 -55.17 -1.40 -10.56
C GLU H 28 -55.32 -1.56 -12.07
N VAL H 29 -54.70 -0.67 -12.84
CA VAL H 29 -54.71 -0.81 -14.29
C VAL H 29 -54.10 -2.13 -14.71
N ASN H 30 -53.00 -2.52 -14.06
CA ASN H 30 -52.40 -3.82 -14.37
C ASN H 30 -53.18 -4.99 -13.80
N ARG H 31 -54.01 -4.77 -12.79
CA ARG H 31 -54.86 -5.84 -12.29
C ARG H 31 -56.01 -6.13 -13.25
N PHE H 32 -56.60 -5.09 -13.84
CA PHE H 32 -57.71 -5.29 -14.75
C PHE H 32 -57.29 -5.44 -16.21
N PHE H 33 -56.12 -4.93 -16.58
CA PHE H 33 -55.62 -5.01 -17.95
C PHE H 33 -54.18 -5.48 -17.94
N PRO H 34 -53.94 -6.75 -17.61
CA PRO H 34 -52.58 -7.22 -17.40
C PRO H 34 -51.84 -7.46 -18.70
N ASP H 35 -50.52 -7.51 -18.59
CA ASP H 35 -49.64 -8.04 -19.64
C ASP H 35 -49.74 -7.27 -20.95
N MET H 36 -49.74 -5.95 -20.87
CA MET H 36 -49.84 -5.10 -22.05
C MET H 36 -48.44 -4.83 -22.58
N LEU H 37 -47.96 -5.69 -23.47
CA LEU H 37 -46.69 -5.47 -24.16
C LEU H 37 -46.99 -4.70 -25.44
N GLY H 38 -47.25 -3.41 -25.26
CA GLY H 38 -47.80 -2.62 -26.33
C GLY H 38 -49.32 -2.52 -26.23
N LEU H 39 -49.87 -1.60 -27.02
CA LEU H 39 -51.31 -1.36 -27.03
C LEU H 39 -51.96 -2.29 -28.05
N TYR H 40 -52.13 -3.54 -27.64
CA TYR H 40 -52.75 -4.54 -28.51
C TYR H 40 -54.07 -5.09 -27.97
N PHE H 41 -54.22 -5.18 -26.66
CA PHE H 41 -55.48 -5.60 -26.04
C PHE H 41 -55.94 -7.00 -26.44
N ALA I 2 2.76 5.19 45.55
CA ALA I 2 1.61 6.12 45.60
C ALA I 2 1.38 6.69 44.20
N ASN I 3 2.45 7.07 43.51
CA ASN I 3 2.32 7.54 42.11
C ASN I 3 3.49 6.93 41.33
N PHE I 4 3.19 5.98 40.44
CA PHE I 4 4.28 5.27 39.72
C PHE I 4 4.47 5.89 38.33
N ILE I 5 3.81 7.02 38.06
CA ILE I 5 4.00 7.72 36.81
C ILE I 5 4.30 9.18 37.13
N LYS I 6 5.33 9.72 36.51
CA LYS I 6 5.65 11.14 36.63
C LYS I 6 6.23 11.63 35.31
N PRO I 7 6.21 12.94 35.06
CA PRO I 7 6.77 13.45 33.80
C PRO I 7 8.25 13.12 33.70
N TYR I 8 8.69 12.79 32.48
CA TYR I 8 10.08 12.45 32.28
C TYR I 8 10.97 13.67 32.53
N ASN I 9 12.05 13.47 33.27
CA ASN I 9 13.02 14.52 33.57
C ASN I 9 12.39 15.68 34.34
N ASP I 10 11.31 15.40 35.08
CA ASP I 10 10.58 16.42 35.83
C ASP I 10 10.13 17.56 34.92
N ASP I 11 9.85 17.24 33.66
CA ASP I 11 9.44 18.21 32.66
C ASP I 11 8.05 17.84 32.17
N PRO I 12 7.00 18.51 32.67
CA PRO I 12 5.64 18.12 32.29
C PRO I 12 5.34 18.25 30.81
N PHE I 13 6.08 19.08 30.08
CA PHE I 13 5.71 19.44 28.72
C PHE I 13 6.49 18.70 27.65
N VAL I 14 7.44 17.85 28.01
CA VAL I 14 8.06 16.96 27.05
C VAL I 14 7.11 15.78 26.81
N GLY I 15 7.09 15.29 25.57
CA GLY I 15 6.21 14.19 25.22
C GLY I 15 6.71 12.83 25.67
N HIS I 16 6.87 12.66 26.98
CA HIS I 16 7.34 11.39 27.52
C HIS I 16 6.94 11.31 28.98
N LEU I 17 6.81 10.09 29.48
CA LEU I 17 6.49 9.85 30.87
C LEU I 17 7.48 8.84 31.42
N ALA I 18 7.87 9.05 32.67
CA ALA I 18 8.66 8.06 33.41
C ALA I 18 7.70 7.06 34.06
N THR I 19 7.66 5.86 33.52
CA THR I 19 6.83 4.78 34.04
C THR I 19 7.77 3.65 34.43
N PRO I 20 7.29 2.60 35.09
CA PRO I 20 8.17 1.44 35.32
C PRO I 20 8.76 0.86 34.05
N ILE I 21 8.05 0.94 32.93
CA ILE I 21 8.60 0.39 31.70
C ILE I 21 9.80 1.22 31.23
N THR I 22 9.68 2.55 31.25
CA THR I 22 10.76 3.38 30.75
C THR I 22 11.87 3.61 31.78
N SER I 23 11.57 3.53 33.08
CA SER I 23 12.49 4.06 34.08
C SER I 23 12.71 3.10 35.26
N SER I 24 12.35 1.84 35.12
CA SER I 24 12.68 0.90 36.18
C SER I 24 14.18 0.63 36.21
N SER I 25 14.65 0.12 37.34
CA SER I 25 16.06 -0.25 37.45
C SER I 25 16.44 -1.33 36.46
N LEU I 26 15.53 -2.29 36.23
CA LEU I 26 15.80 -3.34 35.24
C LEU I 26 16.01 -2.77 33.86
N THR I 27 15.10 -1.91 33.42
CA THR I 27 15.19 -1.29 32.11
C THR I 27 16.47 -0.48 31.97
N ARG I 28 16.80 0.30 33.00
N ARG I 28 16.79 0.31 33.00
CA ARG I 28 17.98 1.15 32.91
CA ARG I 28 17.98 1.15 32.94
C ARG I 28 19.26 0.32 32.88
C ARG I 28 19.25 0.31 32.87
N ALA I 29 19.36 -0.70 33.73
CA ALA I 29 20.55 -1.54 33.74
C ALA I 29 20.71 -2.28 32.41
N LEU I 30 19.62 -2.86 31.91
CA LEU I 30 19.67 -3.55 30.63
C LEU I 30 20.14 -2.61 29.53
N LEU I 31 19.46 -1.47 29.37
CA LEU I 31 19.76 -0.59 28.24
C LEU I 31 21.16 0.00 28.35
N LYS I 32 21.59 0.39 29.54
CA LYS I 32 22.93 0.92 29.66
C LYS I 32 24.00 -0.14 29.41
N ASN I 33 23.68 -1.42 29.60
CA ASN I 33 24.65 -2.45 29.35
C ASN I 33 24.65 -3.04 27.94
N LEU I 34 23.66 -2.72 27.10
CA LEU I 34 23.66 -3.22 25.73
C LEU I 34 24.78 -2.55 24.92
N PRO I 35 25.37 -3.28 23.97
CA PRO I 35 26.53 -2.72 23.25
C PRO I 35 26.24 -1.47 22.45
N ALA I 36 24.99 -1.24 22.06
CA ALA I 36 24.65 0.01 21.38
C ALA I 36 24.83 1.21 22.29
N TYR I 37 24.82 1.00 23.61
CA TYR I 37 24.92 2.08 24.58
C TYR I 37 26.07 1.96 25.56
N ARG I 38 26.66 0.77 25.74
CA ARG I 38 27.59 0.53 26.83
C ARG I 38 28.82 1.42 26.75
N PHE I 39 29.19 2.01 27.88
CA PHE I 39 30.32 2.91 27.94
C PHE I 39 31.62 2.17 27.62
N GLY I 40 32.48 2.81 26.82
CA GLY I 40 33.84 2.36 26.63
C GLY I 40 34.11 1.49 25.43
N LEU I 41 33.09 1.07 24.70
CA LEU I 41 33.29 0.20 23.55
C LEU I 41 33.75 1.01 22.34
N THR I 42 34.67 0.43 21.57
CA THR I 42 34.95 0.99 20.26
C THR I 42 33.77 0.70 19.33
N PRO I 43 33.54 1.56 18.32
CA PRO I 43 32.44 1.30 17.39
C PRO I 43 32.53 -0.07 16.75
N LEU I 44 33.75 -0.51 16.43
CA LEU I 44 33.94 -1.83 15.87
C LEU I 44 33.44 -2.92 16.82
N LEU I 45 33.69 -2.76 18.12
CA LEU I 45 33.27 -3.75 19.09
C LEU I 45 31.76 -3.72 19.33
N ARG I 46 31.15 -2.55 19.29
CA ARG I 46 29.69 -2.49 19.29
C ARG I 46 29.11 -3.26 18.11
N GLY I 47 29.63 -2.98 16.90
CA GLY I 47 29.16 -3.69 15.74
C GLY I 47 29.37 -5.19 15.85
N LEU I 48 30.54 -5.59 16.34
CA LEU I 48 30.85 -7.01 16.48
C LEU I 48 29.88 -7.69 17.43
N GLU I 49 29.65 -7.12 18.61
CA GLU I 49 28.74 -7.74 19.57
C GLU I 49 27.32 -7.84 19.02
N ILE I 50 26.85 -6.78 18.34
CA ILE I 50 25.51 -6.81 17.78
C ILE I 50 25.39 -7.87 16.69
N GLY I 51 26.39 -7.95 15.81
CA GLY I 51 26.38 -8.98 14.78
C GLY I 51 26.40 -10.38 15.37
N LEU I 52 27.21 -10.58 16.40
CA LEU I 52 27.27 -11.89 17.06
C LEU I 52 25.92 -12.26 17.64
N ALA I 53 25.21 -11.30 18.24
CA ALA I 53 23.89 -11.59 18.78
C ALA I 53 22.90 -11.96 17.68
N HIS I 54 22.92 -11.25 16.56
CA HIS I 54 21.84 -11.41 15.58
C HIS I 54 22.04 -12.61 14.66
N GLY I 55 23.25 -12.80 14.14
CA GLY I 55 23.49 -13.86 13.18
C GLY I 55 23.21 -15.25 13.76
N TYR I 56 23.39 -15.40 15.07
CA TYR I 56 23.16 -16.69 15.71
C TYR I 56 21.71 -17.11 15.63
N PHE I 57 20.78 -16.20 15.92
CA PHE I 57 19.37 -16.55 15.85
C PHE I 57 18.77 -16.47 14.46
N LEU I 58 19.37 -15.68 13.56
CA LEU I 58 18.81 -15.54 12.22
C LEU I 58 18.82 -16.84 11.42
N ILE I 59 19.74 -17.76 11.72
CA ILE I 59 19.81 -18.99 10.93
C ILE I 59 18.62 -19.91 11.20
N GLY I 60 18.05 -19.83 12.40
CA GLY I 60 16.98 -20.72 12.80
C GLY I 60 15.76 -20.75 11.90
N PRO I 61 15.17 -19.58 11.61
CA PRO I 61 14.03 -19.57 10.69
C PRO I 61 14.35 -20.16 9.33
N PHE I 62 15.52 -19.86 8.79
CA PHE I 62 15.88 -20.40 7.48
C PHE I 62 16.12 -21.90 7.54
N ALA I 63 16.85 -22.37 8.56
CA ALA I 63 17.15 -23.78 8.69
C ALA I 63 15.90 -24.61 8.91
N GLN I 64 14.98 -24.12 9.72
CA GLN I 64 13.84 -24.92 10.15
C GLN I 64 12.60 -24.73 9.29
N LEU I 65 12.51 -23.66 8.51
CA LEU I 65 11.28 -23.37 7.77
C LEU I 65 11.47 -23.04 6.31
N GLY I 66 12.70 -22.97 5.82
CA GLY I 66 12.97 -22.64 4.45
C GLY I 66 12.58 -23.75 3.49
N PRO I 67 12.63 -23.46 2.19
CA PRO I 67 12.17 -24.45 1.20
C PRO I 67 12.90 -25.79 1.28
N LEU I 68 14.20 -25.78 1.55
CA LEU I 68 14.99 -27.01 1.59
C LEU I 68 15.12 -27.58 3.01
N ARG I 69 14.16 -27.30 3.89
CA ARG I 69 14.27 -27.71 5.29
C ARG I 69 14.28 -29.22 5.44
N ASN I 70 13.65 -29.95 4.52
CA ASN I 70 13.55 -31.40 4.60
C ASN I 70 14.62 -32.13 3.81
N SER I 71 15.53 -31.40 3.18
CA SER I 71 16.67 -32.04 2.54
C SER I 71 17.79 -32.21 3.56
N ASP I 72 18.76 -33.06 3.21
CA ASP I 72 19.88 -33.24 4.13
C ASP I 72 20.93 -32.15 4.02
N ILE I 73 20.78 -31.21 3.09
CA ILE I 73 21.59 -30.00 3.07
C ILE I 73 20.81 -28.80 3.58
N GLY I 74 19.73 -29.03 4.32
CA GLY I 74 18.89 -27.98 4.82
C GLY I 74 19.60 -26.98 5.71
N LEU I 75 20.51 -27.46 6.56
CA LEU I 75 21.30 -26.58 7.41
C LEU I 75 22.22 -25.68 6.60
N LEU I 76 22.86 -26.24 5.58
CA LEU I 76 23.74 -25.45 4.72
C LEU I 76 22.94 -24.38 3.98
N ALA I 77 21.76 -24.75 3.47
CA ALA I 77 20.90 -23.75 2.82
C ALA I 77 20.44 -22.69 3.80
N GLY I 78 20.15 -23.08 5.05
CA GLY I 78 19.79 -22.09 6.04
C GLY I 78 20.92 -21.12 6.34
N PHE I 79 22.15 -21.63 6.41
CA PHE I 79 23.31 -20.76 6.60
C PHE I 79 23.47 -19.81 5.42
N LEU I 80 23.31 -20.32 4.20
CA LEU I 80 23.44 -19.46 3.02
C LEU I 80 22.38 -18.37 3.02
N SER I 81 21.14 -18.72 3.39
CA SER I 81 20.08 -17.74 3.48
C SER I 81 20.39 -16.68 4.55
N THR I 82 20.96 -17.12 5.67
CA THR I 82 21.35 -16.17 6.72
C THR I 82 22.42 -15.22 6.22
N ILE I 83 23.40 -15.73 5.49
CA ILE I 83 24.45 -14.87 4.93
C ILE I 83 23.85 -13.86 3.96
N GLY I 84 22.89 -14.30 3.13
CA GLY I 84 22.23 -13.38 2.22
C GLY I 84 21.47 -12.28 2.94
N LEU I 85 20.76 -12.65 4.00
CA LEU I 85 20.08 -11.65 4.83
C LEU I 85 21.07 -10.67 5.45
N ILE I 86 22.21 -11.18 5.93
CA ILE I 86 23.21 -10.31 6.52
C ILE I 86 23.76 -9.33 5.49
N LEU I 87 23.95 -9.80 4.27
CA LEU I 87 24.40 -8.90 3.21
C LEU I 87 23.37 -7.80 2.94
N ILE I 88 22.09 -8.16 2.91
CA ILE I 88 21.04 -7.15 2.73
C ILE I 88 21.09 -6.11 3.84
N LEU I 89 21.18 -6.58 5.09
CA LEU I 89 21.25 -5.67 6.22
C LEU I 89 22.50 -4.80 6.19
N THR I 90 23.63 -5.36 5.77
CA THR I 90 24.86 -4.58 5.68
C THR I 90 24.76 -3.51 4.62
N LEU I 91 24.12 -3.81 3.49
CA LEU I 91 23.85 -2.78 2.50
C LEU I 91 23.01 -1.67 3.11
N GLY I 92 21.99 -2.04 3.88
CA GLY I 92 21.19 -1.05 4.56
C GLY I 92 22.01 -0.15 5.48
N LEU I 93 22.88 -0.76 6.28
CA LEU I 93 23.74 0.00 7.18
C LEU I 93 24.68 0.94 6.41
N THR I 94 25.25 0.46 5.31
CA THR I 94 26.19 1.24 4.52
C THR I 94 25.51 2.48 3.95
N ILE I 95 24.38 2.29 3.25
CA ILE I 95 23.72 3.43 2.64
C ILE I 95 23.13 4.35 3.71
N TYR I 96 22.70 3.79 4.84
CA TYR I 96 22.27 4.63 5.95
C TYR I 96 23.39 5.55 6.42
N GLY I 97 24.58 4.99 6.64
CA GLY I 97 25.69 5.82 7.09
C GLY I 97 26.03 6.89 6.08
N ALA I 98 26.04 6.53 4.80
CA ALA I 98 26.31 7.51 3.75
C ALA I 98 25.30 8.65 3.78
N ALA I 99 24.02 8.33 3.92
CA ALA I 99 22.99 9.38 3.96
C ALA I 99 23.10 10.22 5.23
N ALA I 100 23.24 9.56 6.38
CA ALA I 100 23.11 10.24 7.66
C ALA I 100 24.31 11.12 7.95
N PHE I 101 25.50 10.75 7.47
CA PHE I 101 26.70 11.47 7.86
C PHE I 101 27.42 12.17 6.71
N GLY I 102 27.02 11.93 5.46
CA GLY I 102 27.73 12.48 4.33
C GLY I 102 28.99 11.70 4.03
N GLN I 103 29.83 12.30 3.18
CA GLN I 103 31.08 11.67 2.78
C GLN I 103 32.31 12.45 3.22
N GLU I 104 32.16 13.57 3.93
CA GLU I 104 33.30 14.32 4.43
C GLU I 104 34.01 13.54 5.52
N LYS I 105 35.28 13.90 5.75
CA LYS I 105 36.06 13.27 6.79
C LYS I 105 35.48 13.61 8.16
N SER I 106 35.27 12.58 8.98
CA SER I 106 34.69 12.77 10.30
C SER I 106 35.67 13.46 11.24
N ASN I 107 35.17 14.40 12.04
CA ASN I 107 35.99 15.16 12.96
C ASN I 107 36.12 14.52 14.33
N GLY I 108 35.39 13.43 14.59
CA GLY I 108 35.36 12.83 15.91
C GLY I 108 35.30 11.32 15.85
N SER I 109 35.41 10.71 17.04
CA SER I 109 35.35 9.26 17.20
C SER I 109 34.01 8.78 17.71
N GLU I 110 33.00 9.64 17.74
CA GLU I 110 31.69 9.24 18.22
C GLU I 110 31.01 8.33 17.21
N LEU I 111 30.23 7.39 17.73
CA LEU I 111 29.58 6.39 16.88
C LEU I 111 28.77 7.04 15.77
N GLN I 112 28.10 8.15 16.06
CA GLN I 112 27.27 8.85 15.10
C GLN I 112 28.12 9.75 14.19
N THR I 113 29.14 9.14 13.59
CA THR I 113 30.00 9.79 12.62
C THR I 113 30.32 8.77 11.53
N LYS I 114 30.76 9.27 10.38
CA LYS I 114 30.90 8.42 9.21
C LYS I 114 31.95 7.34 9.41
N LYS I 115 33.14 7.72 9.88
CA LYS I 115 34.22 6.76 10.07
C LYS I 115 33.84 5.73 11.13
N SER I 116 33.29 6.19 12.25
CA SER I 116 32.87 5.28 13.30
C SER I 116 31.74 4.38 12.82
N TRP I 117 30.80 4.92 12.04
CA TRP I 117 29.72 4.09 11.52
C TRP I 117 30.23 3.04 10.55
N ASP I 118 31.25 3.37 9.75
CA ASP I 118 31.85 2.36 8.88
C ASP I 118 32.49 1.25 9.71
N GLN I 119 33.20 1.61 10.77
CA GLN I 119 33.77 0.61 11.67
C GLN I 119 32.67 -0.26 12.28
N PHE I 120 31.58 0.37 12.72
CA PHE I 120 30.47 -0.35 13.32
C PHE I 120 29.83 -1.32 12.32
N LYS I 121 29.63 -0.86 11.09
CA LYS I 121 29.05 -1.69 10.06
C LYS I 121 29.94 -2.89 9.74
N GLY I 122 31.25 -2.67 9.66
CA GLY I 122 32.15 -3.79 9.41
C GLY I 122 32.15 -4.80 10.55
N GLY I 123 32.15 -4.30 11.79
CA GLY I 123 32.02 -5.17 12.94
C GLY I 123 30.74 -5.97 12.92
N PHE I 124 29.63 -5.32 12.52
CA PHE I 124 28.36 -6.03 12.44
C PHE I 124 28.42 -7.13 11.39
N PHE I 125 28.98 -6.84 10.22
CA PHE I 125 29.04 -7.86 9.18
C PHE I 125 29.86 -9.06 9.63
N VAL I 126 31.03 -8.81 10.22
CA VAL I 126 31.86 -9.92 10.68
C VAL I 126 31.16 -10.69 11.78
N GLY I 127 30.61 -10.00 12.77
CA GLY I 127 29.96 -10.67 13.87
C GLY I 127 28.79 -11.52 13.40
N ALA I 128 27.97 -10.97 12.51
CA ALA I 128 26.79 -11.68 12.03
C ALA I 128 27.18 -12.91 11.21
N CYS I 129 28.09 -12.77 10.25
CA CYS I 129 28.49 -13.91 9.45
C CYS I 129 29.16 -14.99 10.30
N GLY I 130 30.08 -14.59 11.18
CA GLY I 130 30.72 -15.55 12.06
C GLY I 130 29.74 -16.23 13.00
N SER I 131 28.76 -15.48 13.48
CA SER I 131 27.77 -16.04 14.38
C SER I 131 26.85 -17.02 13.67
N ALA I 132 26.48 -16.73 12.42
CA ALA I 132 25.73 -17.69 11.62
C ALA I 132 26.53 -18.96 11.41
N GLY I 133 27.84 -18.83 11.15
CA GLY I 133 28.68 -20.01 11.04
C GLY I 133 28.79 -20.81 12.32
N PHE I 134 28.90 -20.11 13.45
CA PHE I 134 28.95 -20.78 14.75
C PHE I 134 27.65 -21.53 15.02
N ALA I 135 26.51 -20.91 14.71
CA ALA I 135 25.23 -21.58 14.88
C ALA I 135 25.12 -22.78 13.94
N PHE I 136 25.66 -22.68 12.73
CA PHE I 136 25.71 -23.83 11.83
C PHE I 136 26.48 -24.97 12.47
N ILE I 137 27.64 -24.68 13.06
CA ILE I 137 28.41 -25.73 13.73
C ILE I 137 27.62 -26.34 14.88
N CYS I 138 26.99 -25.48 15.70
CA CYS I 138 26.25 -25.96 16.85
C CYS I 138 25.05 -26.82 16.42
N LEU I 139 24.40 -26.46 15.32
CA LEU I 139 23.26 -27.22 14.84
C LEU I 139 23.67 -28.48 14.09
N SER I 140 24.93 -28.56 13.66
CA SER I 140 25.42 -29.80 13.06
C SER I 140 25.38 -30.98 14.04
N SER I 141 25.51 -30.72 15.34
CA SER I 141 25.46 -31.80 16.33
C SER I 141 24.75 -31.25 17.57
N ILE I 142 23.52 -31.67 17.77
CA ILE I 142 22.70 -31.25 18.89
C ILE I 142 22.88 -32.27 20.01
N PRO I 143 23.32 -31.86 21.20
CA PRO I 143 23.48 -32.82 22.29
C PRO I 143 22.14 -33.15 22.93
N THR I 144 21.94 -34.44 23.18
CA THR I 144 20.76 -34.87 23.92
C THR I 144 20.88 -34.63 25.42
N PHE I 145 22.12 -34.50 25.91
CA PHE I 145 22.40 -34.34 27.35
C PHE I 145 22.00 -35.58 28.15
N ALA I 146 22.47 -36.75 27.74
CA ALA I 146 22.21 -38.00 28.44
C ALA I 146 23.52 -38.62 28.88
N LEU I 147 23.63 -38.92 30.17
CA LEU I 147 24.84 -39.54 30.72
C LEU I 147 24.99 -40.99 30.26
N MET J 1 18.72 -23.55 -35.13
CA MET J 1 18.64 -22.93 -33.81
C MET J 1 19.63 -21.79 -33.69
N ILE J 2 19.36 -20.88 -32.74
CA ILE J 2 20.29 -19.80 -32.45
C ILE J 2 21.49 -20.37 -31.72
N THR J 3 22.68 -20.08 -32.21
CA THR J 3 23.91 -20.58 -31.61
C THR J 3 24.26 -19.77 -30.36
N ASP J 4 25.21 -20.29 -29.59
CA ASP J 4 25.74 -19.54 -28.46
C ASP J 4 26.43 -18.26 -28.93
N PHE J 5 27.16 -18.34 -30.04
CA PHE J 5 27.85 -17.16 -30.56
C PHE J 5 26.88 -16.05 -30.91
N GLN J 6 25.75 -16.41 -31.53
CA GLN J 6 24.73 -15.41 -31.86
C GLN J 6 24.14 -14.76 -30.61
N VAL J 7 23.89 -15.56 -29.58
CA VAL J 7 23.40 -15.01 -28.32
C VAL J 7 24.41 -14.02 -27.74
N TYR J 8 25.69 -14.39 -27.75
CA TYR J 8 26.74 -13.51 -27.22
C TYR J 8 26.83 -12.23 -28.04
N ILE J 9 26.65 -12.32 -29.36
CA ILE J 9 26.64 -11.13 -30.20
C ILE J 9 25.50 -10.21 -29.80
N ALA J 10 24.31 -10.78 -29.59
CA ALA J 10 23.16 -9.98 -29.19
C ALA J 10 23.42 -9.30 -27.86
N LEU J 11 24.04 -10.02 -26.91
CA LEU J 11 24.37 -9.43 -25.62
C LEU J 11 25.38 -8.30 -25.73
N MET J 12 26.38 -8.43 -26.60
CA MET J 12 27.32 -7.32 -26.81
C MET J 12 26.62 -6.10 -27.37
N ALA J 13 25.73 -6.31 -28.34
CA ALA J 13 24.95 -5.20 -28.89
C ALA J 13 24.09 -4.55 -27.80
N ALA J 14 23.53 -5.36 -26.91
CA ALA J 14 22.75 -4.85 -25.79
C ALA J 14 23.62 -4.02 -24.87
N LEU J 15 24.85 -4.47 -24.61
CA LEU J 15 25.76 -3.72 -23.75
C LEU J 15 26.06 -2.35 -24.35
N LEU J 16 26.30 -2.31 -25.66
CA LEU J 16 26.48 -1.03 -26.34
C LEU J 16 25.26 -0.14 -26.16
N ALA J 17 24.07 -0.70 -26.39
CA ALA J 17 22.85 0.07 -26.25
C ALA J 17 22.69 0.60 -24.83
N SER J 18 23.11 -0.18 -23.84
CA SER J 18 22.98 0.23 -22.44
C SER J 18 23.91 1.38 -22.11
N VAL J 19 25.15 1.34 -22.59
CA VAL J 19 26.03 2.47 -22.31
C VAL J 19 25.57 3.73 -23.04
N LEU J 20 25.06 3.59 -24.27
CA LEU J 20 24.48 4.74 -24.94
C LEU J 20 23.25 5.25 -24.22
N ALA J 21 22.44 4.36 -23.65
CA ALA J 21 21.27 4.78 -22.89
C ALA J 21 21.66 5.55 -21.64
N ILE J 22 22.68 5.07 -20.91
CA ILE J 22 23.16 5.82 -19.75
C ILE J 22 23.66 7.19 -20.16
N ARG J 23 24.41 7.25 -21.25
CA ARG J 23 24.91 8.53 -21.75
C ARG J 23 23.76 9.49 -22.07
N LEU J 24 22.75 9.01 -22.80
CA LEU J 24 21.62 9.87 -23.13
C LEU J 24 20.87 10.30 -21.88
N GLY J 25 20.71 9.40 -20.91
CA GLY J 25 20.00 9.77 -19.71
C GLY J 25 20.71 10.85 -18.93
N ALA J 26 22.02 10.70 -18.76
CA ALA J 26 22.80 11.73 -18.07
C ALA J 26 22.77 13.05 -18.85
N THR J 27 22.80 12.99 -20.18
CA THR J 27 22.75 14.21 -20.98
C THR J 27 21.41 14.92 -20.84
N LEU J 28 20.31 14.17 -20.90
CA LEU J 28 18.99 14.76 -20.69
C LEU J 28 18.87 15.32 -19.28
N TYR J 29 19.55 14.71 -18.31
CA TYR J 29 19.51 15.19 -16.94
C TYR J 29 20.05 16.61 -16.82
N GLN J 30 21.13 16.90 -17.52
CA GLN J 30 21.73 18.24 -17.52
C GLN J 30 20.80 19.28 -18.12
N VAL K 47 21.15 41.30 21.16
CA VAL K 47 20.49 40.19 20.51
C VAL K 47 19.98 40.57 19.12
N ASP K 48 20.48 39.87 18.11
CA ASP K 48 20.08 40.17 16.73
C ASP K 48 18.60 39.87 16.54
N LEU K 49 17.93 40.75 15.78
CA LEU K 49 16.51 40.58 15.49
C LEU K 49 16.24 39.76 14.24
N ASP K 50 17.18 39.72 13.30
CA ASP K 50 17.03 38.96 12.06
C ASP K 50 17.60 37.55 12.18
N TYR K 51 17.85 37.07 13.39
CA TYR K 51 18.42 35.74 13.58
C TYR K 51 17.55 34.67 12.93
N GLY K 52 16.23 34.82 13.02
CA GLY K 52 15.34 33.90 12.34
C GLY K 52 15.43 33.98 10.83
N MET K 53 15.52 35.19 10.28
CA MET K 53 15.59 35.35 8.83
C MET K 53 16.88 34.80 8.24
N LYS K 54 17.97 34.76 9.02
CA LYS K 54 19.24 34.30 8.49
C LYS K 54 19.28 32.78 8.39
N ASN K 55 18.32 32.19 7.71
CA ASN K 55 18.25 30.77 7.49
C ASN K 55 18.76 30.44 6.08
N SER K 56 18.74 29.15 5.74
CA SER K 56 19.19 28.68 4.44
C SER K 56 18.05 28.51 3.45
N TYR K 57 16.84 28.91 3.82
CA TYR K 57 15.70 28.78 2.93
C TYR K 57 15.79 29.81 1.82
N VAL K 58 15.91 29.34 0.58
CA VAL K 58 16.02 30.21 -0.58
C VAL K 58 14.66 30.26 -1.25
N PRO K 59 13.94 31.38 -1.15
CA PRO K 59 12.56 31.42 -1.66
C PRO K 59 12.53 31.21 -3.16
N ALA K 60 11.58 30.39 -3.61
CA ALA K 60 11.45 30.12 -5.03
C ALA K 60 10.85 31.33 -5.75
N THR K 61 10.99 31.35 -7.08
CA THR K 61 10.55 32.51 -7.85
C THR K 61 9.04 32.53 -8.04
N GLY K 62 8.36 31.42 -7.80
CA GLY K 62 6.91 31.37 -7.93
C GLY K 62 6.30 30.36 -6.98
N GLY K 63 5.06 30.65 -6.57
CA GLY K 63 4.34 29.80 -5.64
C GLY K 63 5.01 29.69 -4.31
N ASP K 64 5.45 30.82 -3.75
CA ASP K 64 6.25 30.82 -2.55
C ASP K 64 6.16 32.20 -1.92
N GLY K 65 5.61 32.27 -0.70
CA GLY K 65 5.49 33.53 0.01
C GLY K 65 6.81 34.03 0.59
N GLY K 66 7.85 33.21 0.58
CA GLY K 66 9.13 33.62 1.09
C GLY K 66 9.19 33.65 2.61
N GLN K 67 10.20 34.35 3.11
CA GLN K 67 10.39 34.54 4.54
C GLN K 67 9.68 35.82 4.95
N GLY K 68 8.74 35.71 5.89
CA GLY K 68 7.89 36.84 6.21
C GLY K 68 8.51 37.76 7.24
N GLN K 69 7.84 37.96 8.37
CA GLN K 69 8.34 38.88 9.37
C GLN K 69 9.44 38.30 10.24
N PHE K 70 9.52 36.98 10.37
CA PHE K 70 10.48 36.35 11.27
C PHE K 70 11.34 35.29 10.60
N GLY K 71 11.06 34.94 9.35
CA GLY K 71 11.81 33.89 8.68
C GLY K 71 10.94 32.68 8.41
N ALA K 72 11.17 32.02 7.27
CA ALA K 72 10.34 30.90 6.88
C ALA K 72 10.61 29.66 7.73
N GLN K 73 11.83 29.54 8.26
CA GLN K 73 12.22 28.33 8.97
C GLN K 73 13.39 28.64 9.89
N SER K 74 13.65 27.69 10.78
CA SER K 74 14.71 27.84 11.76
C SER K 74 16.08 27.85 11.06
N PRO K 75 17.04 28.62 11.57
CA PRO K 75 18.40 28.55 11.01
C PRO K 75 19.17 27.30 11.39
N ASN K 76 18.56 26.43 12.20
CA ASN K 76 19.25 25.22 12.70
C ASN K 76 18.82 24.00 11.88
N ASP K 77 19.78 23.21 11.40
CA ASP K 77 19.48 22.02 10.62
C ASP K 77 18.87 20.96 11.53
N TRP K 78 17.59 20.64 11.30
CA TRP K 78 16.91 19.66 12.13
C TRP K 78 17.42 18.24 11.90
N ARG K 79 18.06 17.98 10.77
CA ARG K 79 18.51 16.63 10.45
C ARG K 79 19.76 16.28 11.24
N VAL K 80 19.59 15.80 12.46
CA VAL K 80 20.70 15.45 13.34
C VAL K 80 20.68 13.95 13.59
N ALA K 81 21.70 13.48 14.29
CA ALA K 81 21.89 12.05 14.51
C ALA K 81 20.91 11.53 15.56
N GLY K 82 20.70 10.22 15.54
CA GLY K 82 19.95 9.54 16.56
C GLY K 82 20.74 9.43 17.84
N THR K 83 20.17 8.72 18.81
CA THR K 83 20.77 8.62 20.13
C THR K 83 22.15 7.95 20.05
N SER K 84 22.92 8.10 21.11
CA SER K 84 24.33 7.74 21.16
C SER K 84 24.66 7.02 22.46
N PRO K 85 25.77 6.29 22.50
CA PRO K 85 26.11 5.52 23.71
C PRO K 85 26.40 6.40 24.91
N VAL K 86 26.51 5.74 26.08
CA VAL K 86 26.85 6.40 27.33
C VAL K 86 28.16 7.16 27.17
N GLY K 87 28.16 8.45 27.53
CA GLY K 87 29.35 9.27 27.47
C GLY K 87 29.54 10.04 26.18
N GLU K 88 28.62 9.95 25.24
CA GLU K 88 28.79 10.58 23.94
C GLU K 88 27.61 11.48 23.63
N THR K 89 27.83 12.44 22.74
CA THR K 89 26.79 13.36 22.32
C THR K 89 26.47 13.13 20.84
N SER K 90 25.18 13.14 20.52
CA SER K 90 24.76 12.89 19.14
C SER K 90 25.04 14.08 18.24
N TYR K 91 24.80 15.30 18.73
CA TYR K 91 25.02 16.52 17.96
C TYR K 91 25.62 17.57 18.89
N ALA K 92 26.01 18.69 18.29
CA ALA K 92 26.79 19.73 18.95
C ALA K 92 26.26 20.16 20.32
N GLY K 93 25.05 20.68 20.36
CA GLY K 93 24.46 21.15 21.61
C GLY K 93 23.58 20.15 22.33
N ALA K 94 23.64 18.86 21.98
CA ALA K 94 22.78 17.87 22.57
C ALA K 94 23.02 17.75 24.07
N ALA K 95 21.95 17.45 24.80
CA ALA K 95 22.05 17.19 26.22
C ALA K 95 22.66 15.82 26.45
N ASP K 96 23.49 15.72 27.48
CA ASP K 96 24.03 14.42 27.90
C ASP K 96 22.97 13.73 28.74
N GLY K 97 22.37 12.68 28.19
CA GLY K 97 21.37 11.90 28.88
C GLY K 97 21.88 11.10 30.06
N GLY K 98 23.13 11.31 30.45
CA GLY K 98 23.71 10.68 31.61
C GLY K 98 23.77 9.17 31.50
N GLU K 99 23.12 8.50 32.43
CA GLU K 99 23.03 7.05 32.43
C GLU K 99 21.88 6.53 31.58
N GLU K 100 21.14 7.42 30.93
CA GLU K 100 20.04 7.04 30.03
C GLU K 100 20.12 7.82 28.72
N PRO K 101 21.15 7.58 27.91
CA PRO K 101 21.28 8.31 26.64
C PRO K 101 20.16 8.04 25.64
N TRP K 102 19.45 6.91 25.76
CA TRP K 102 18.38 6.59 24.81
C TRP K 102 17.25 7.59 24.88
N PHE K 103 17.01 8.21 26.04
CA PHE K 103 16.04 9.29 26.19
C PHE K 103 16.71 10.66 26.23
N ALA K 104 17.93 10.78 25.68
CA ALA K 104 18.65 12.05 25.71
C ALA K 104 17.85 13.16 25.06
N GLU K 105 17.05 12.85 24.04
CA GLU K 105 16.28 13.88 23.35
C GLU K 105 15.12 14.41 24.18
N ALA K 106 14.78 13.75 25.28
CA ALA K 106 13.74 14.24 26.16
C ALA K 106 14.25 15.23 27.20
N ILE K 107 15.54 15.56 27.17
CA ILE K 107 16.13 16.54 28.08
C ILE K 107 16.15 17.88 27.35
N SER K 108 15.68 18.90 28.07
CA SER K 108 15.53 20.24 27.44
C SER K 108 16.76 21.11 27.60
N THR K 109 17.32 21.57 26.49
CA THR K 109 18.38 22.56 26.52
C THR K 109 17.91 23.91 26.02
N VAL K 110 16.62 24.07 25.75
CA VAL K 110 16.03 25.29 25.23
C VAL K 110 15.03 25.78 26.27
N SER K 111 15.26 26.98 26.79
CA SER K 111 14.41 27.54 27.82
C SER K 111 14.16 29.01 27.52
N LEU K 112 13.19 29.58 28.22
CA LEU K 112 12.85 30.99 28.13
C LEU K 112 12.77 31.52 29.55
N ASP K 113 13.85 32.14 30.01
CA ASP K 113 13.82 32.79 31.32
C ASP K 113 13.16 34.15 31.22
N LEU K 114 12.41 34.51 32.26
CA LEU K 114 11.55 35.70 32.23
C LEU K 114 12.30 36.97 31.84
N GLN K 115 13.56 37.10 32.25
CA GLN K 115 14.33 38.29 31.88
C GLN K 115 14.55 38.36 30.38
N LYS K 116 14.90 37.23 29.75
CA LYS K 116 15.04 37.21 28.31
C LYS K 116 13.73 37.55 27.63
N ALA K 117 12.61 37.07 28.20
CA ALA K 117 11.30 37.39 27.66
C ALA K 117 11.04 38.89 27.67
N ASP K 118 11.26 39.54 28.81
CA ASP K 118 11.05 40.99 28.89
C ASP K 118 11.97 41.72 27.91
N GLU K 119 13.25 41.33 27.89
CA GLU K 119 14.22 42.03 27.05
C GLU K 119 13.91 41.86 25.57
N THR K 120 13.53 40.66 25.12
CA THR K 120 13.17 40.48 23.72
C THR K 120 11.83 41.12 23.39
N LEU K 121 10.93 41.20 24.38
CA LEU K 121 9.71 41.98 24.19
C LEU K 121 10.04 43.43 23.87
N LYS K 122 10.96 44.01 24.64
CA LYS K 122 11.36 45.39 24.39
C LYS K 122 12.10 45.53 23.05
N ALA K 123 12.99 44.57 22.76
CA ALA K 123 13.80 44.67 21.54
C ALA K 123 12.95 44.54 20.29
N PHE K 124 12.00 43.61 20.29
CA PHE K 124 11.20 43.36 19.10
C PHE K 124 10.14 44.44 18.87
N THR K 125 9.74 45.15 19.92
CA THR K 125 8.73 46.21 19.83
C THR K 125 9.35 47.60 19.93
N LYS K 126 10.67 47.72 19.77
CA LYS K 126 11.32 49.02 19.86
C LYS K 126 10.82 49.96 18.77
N ASP K 127 10.60 49.45 17.56
CA ASP K 127 10.10 50.29 16.48
C ASP K 127 8.67 50.74 16.73
N ALA K 128 7.82 49.87 17.27
CA ALA K 128 6.44 50.27 17.57
C ALA K 128 6.40 51.34 18.66
N ALA K 129 7.25 51.20 19.69
CA ALA K 129 7.35 52.24 20.71
C ALA K 129 7.91 53.54 20.15
N ALA K 130 8.89 53.43 19.25
CA ALA K 130 9.42 54.62 18.60
C ALA K 130 8.33 55.34 17.81
N PHE K 131 7.51 54.58 17.10
CA PHE K 131 6.39 55.17 16.38
C PHE K 131 5.39 55.83 17.33
N LYS K 132 5.09 55.17 18.45
CA LYS K 132 4.11 55.74 19.38
C LYS K 132 4.61 57.04 20.01
N ILE K 133 5.90 57.12 20.34
CA ILE K 133 6.42 58.40 20.85
C ILE K 133 6.52 59.43 19.75
N GLU K 134 6.84 59.00 18.52
CA GLU K 134 6.89 59.94 17.40
C GLU K 134 5.53 60.58 17.15
N GLU K 135 4.45 59.82 17.34
CA GLU K 135 3.12 60.36 17.09
C GLU K 135 2.51 61.07 18.30
N PHE K 136 2.80 60.58 19.51
CA PHE K 136 2.30 61.25 20.71
C PHE K 136 2.90 62.63 20.88
N ALA K 137 4.19 62.78 20.59
CA ALA K 137 4.88 64.06 20.76
C ALA K 137 4.45 65.08 19.71
N ASP K 148 12.79 61.24 24.25
CA ASP K 148 13.47 60.21 25.04
C ASP K 148 12.91 60.18 26.46
N ALA K 149 13.00 61.32 27.15
CA ALA K 149 12.54 61.38 28.54
C ALA K 149 11.04 61.14 28.63
N ALA K 150 10.27 61.65 27.67
CA ALA K 150 8.83 61.43 27.70
C ALA K 150 8.48 59.96 27.64
N MET K 151 9.19 59.20 26.80
CA MET K 151 8.95 57.77 26.74
C MET K 151 9.28 57.10 28.08
N GLU K 152 10.36 57.53 28.72
CA GLU K 152 10.72 56.97 30.02
C GLU K 152 9.70 57.34 31.09
N GLU K 153 9.07 58.50 30.97
CA GLU K 153 7.97 58.84 31.88
C GLU K 153 6.78 57.90 31.65
N LEU K 154 6.38 57.75 30.38
CA LEU K 154 5.18 56.97 30.09
C LEU K 154 5.36 55.50 30.42
N VAL K 155 6.48 54.89 30.01
CA VAL K 155 6.66 53.46 30.18
C VAL K 155 6.98 53.05 31.60
N GLY K 156 7.30 54.00 32.48
CA GLY K 156 7.46 53.69 33.89
C GLY K 156 6.24 54.08 34.70
N LYS K 157 5.48 55.05 34.20
CA LYS K 157 4.27 55.49 34.88
C LYS K 157 3.17 54.43 34.82
N LEU K 158 2.92 53.90 33.63
CA LEU K 158 1.85 52.92 33.42
C LEU K 158 2.35 51.55 33.02
N GLY K 159 3.49 51.47 32.34
CA GLY K 159 3.99 50.19 31.88
C GLY K 159 4.42 50.22 30.44
N TYR K 160 5.17 49.22 30.00
CA TYR K 160 5.58 49.16 28.60
C TYR K 160 4.49 48.56 27.73
N SER K 161 3.90 47.45 28.18
CA SER K 161 2.81 46.83 27.45
C SER K 161 1.62 47.78 27.36
N LYS K 162 1.31 48.46 28.46
CA LYS K 162 0.23 49.43 28.47
C LYS K 162 0.55 50.61 27.55
N PHE K 163 1.81 51.05 27.54
CA PHE K 163 2.21 52.13 26.64
C PHE K 163 2.00 51.72 25.19
N LEU K 164 2.33 50.48 24.85
CA LEU K 164 2.03 49.98 23.51
C LEU K 164 0.54 49.94 23.24
N GLU K 165 -0.25 49.56 24.25
CA GLU K 165 -1.68 49.36 24.06
C GLU K 165 -2.48 50.65 24.00
N MET K 166 -2.01 51.72 24.64
CA MET K 166 -2.79 52.95 24.68
C MET K 166 -2.71 53.71 23.36
N SER K 167 -3.32 54.89 23.34
CA SER K 167 -3.39 55.71 22.14
C SER K 167 -2.69 57.04 22.39
N THR K 168 -2.28 57.69 21.30
CA THR K 168 -1.47 58.89 21.39
C THR K 168 -2.19 60.00 22.13
N LYS K 169 -3.49 60.17 21.88
CA LYS K 169 -4.26 61.13 22.65
C LYS K 169 -4.43 60.70 24.11
N GLN K 170 -4.65 59.39 24.36
CA GLN K 170 -4.73 58.91 25.73
C GLN K 170 -3.43 59.12 26.49
N LEU K 171 -2.28 58.90 25.82
CA LEU K 171 -0.99 59.17 26.44
C LEU K 171 -0.76 60.66 26.63
N MET K 172 -1.28 61.49 25.71
CA MET K 172 -1.33 62.93 25.92
C MET K 172 -2.16 63.30 27.15
N LYS K 173 -3.15 62.47 27.48
CA LYS K 173 -3.92 62.67 28.70
C LYS K 173 -3.15 62.25 29.95
N THR K 174 -2.48 61.09 29.92
CA THR K 174 -1.72 60.67 31.10
C THR K 174 -0.46 61.50 31.30
N TRP K 175 0.09 62.07 30.22
CA TRP K 175 1.19 63.02 30.39
C TRP K 175 0.73 64.30 31.08
N GLY K 176 -0.58 64.56 31.12
CA GLY K 176 -1.06 65.70 31.87
C GLY K 176 -0.71 65.62 33.34
N THR K 177 -0.78 64.43 33.92
CA THR K 177 -0.35 64.20 35.29
C THR K 177 1.17 64.25 35.32
N LEU K 178 1.72 65.37 35.81
CA LEU K 178 3.16 65.62 35.80
C LEU K 178 3.73 65.55 34.38
N UNK L 1 -5.64 36.63 -43.76
CA UNK L 1 -6.64 36.93 -44.77
C UNK L 1 -8.06 36.91 -44.19
N UNK L 2 -8.21 37.43 -42.97
CA UNK L 2 -9.52 37.55 -42.36
C UNK L 2 -10.37 38.52 -43.18
N UNK L 3 -11.68 38.27 -43.24
CA UNK L 3 -12.55 39.05 -44.11
C UNK L 3 -13.89 39.40 -43.46
N UNK L 4 -14.42 40.56 -43.81
CA UNK L 4 -15.71 41.00 -43.31
C UNK L 4 -16.80 40.77 -44.35
N UNK L 5 -18.02 41.20 -44.03
CA UNK L 5 -19.17 41.07 -44.91
C UNK L 5 -19.50 39.63 -45.31
N UNK L 6 -20.34 39.48 -46.33
CA UNK L 6 -20.74 38.16 -46.80
C UNK L 6 -20.13 37.87 -48.16
N UNK L 7 -18.93 38.38 -48.38
CA UNK L 7 -18.23 38.20 -49.65
C UNK L 7 -16.73 38.18 -49.44
N UNK L 8 -16.12 37.02 -49.72
CA UNK L 8 -14.68 36.86 -49.55
C UNK L 8 -13.91 37.65 -50.60
N UNK L 9 -12.63 37.91 -50.33
CA UNK L 9 -11.80 38.72 -51.22
C UNK L 9 -11.05 37.88 -52.24
N UNK L 10 -10.64 38.51 -53.33
CA UNK L 10 -9.99 37.82 -54.44
C UNK L 10 -8.61 37.28 -54.07
N UNK L 11 -8.03 37.82 -53.01
CA UNK L 11 -6.71 37.41 -52.54
C UNK L 11 -6.75 36.01 -51.93
N UNK L 12 -7.94 35.59 -51.52
CA UNK L 12 -8.13 34.24 -51.01
C UNK L 12 -8.23 33.26 -52.17
N UNK L 13 -8.14 33.76 -53.39
CA UNK L 13 -8.23 32.93 -54.59
C UNK L 13 -6.83 32.59 -55.14
N UNK L 14 -5.80 33.03 -54.43
CA UNK L 14 -4.39 32.79 -54.80
C UNK L 14 -3.86 33.66 -55.95
N UNK L 15 -2.65 33.33 -56.39
CA UNK L 15 -1.87 34.20 -57.28
C UNK L 15 -2.36 34.32 -58.72
N UNK L 16 -3.25 33.43 -59.16
CA UNK L 16 -3.66 33.45 -60.55
C UNK L 16 -5.19 33.42 -60.76
N UNK L 17 -5.89 32.69 -59.91
CA UNK L 17 -7.36 32.62 -60.01
C UNK L 17 -7.98 33.95 -59.60
N UNK L 18 -7.20 34.77 -58.90
CA UNK L 18 -7.65 36.08 -58.45
C UNK L 18 -8.16 36.91 -59.62
N UNK L 19 -7.45 36.86 -60.74
CA UNK L 19 -7.75 37.69 -61.89
C UNK L 19 -8.42 36.91 -63.03
N UNK L 20 -8.39 35.59 -62.96
CA UNK L 20 -9.08 34.76 -63.95
C UNK L 20 -10.57 35.04 -63.89
N UNK L 21 -11.08 35.70 -64.93
CA UNK L 21 -12.46 36.19 -64.99
C UNK L 21 -13.50 35.22 -64.43
N UNK L 22 -14.47 35.78 -63.72
CA UNK L 22 -15.59 35.02 -63.19
C UNK L 22 -16.37 34.34 -64.31
N UNK L 23 -16.32 34.93 -65.49
CA UNK L 23 -16.97 34.37 -66.67
C UNK L 23 -16.36 33.01 -66.97
N UNK L 24 -15.12 33.02 -67.45
CA UNK L 24 -14.40 31.80 -67.82
C UNK L 24 -14.29 30.79 -66.68
N UNK L 25 -14.31 31.26 -65.44
CA UNK L 25 -14.21 30.38 -64.29
C UNK L 25 -15.58 29.76 -63.98
N UNK L 26 -16.58 30.12 -64.77
CA UNK L 26 -17.88 29.46 -64.73
C UNK L 26 -18.00 28.54 -65.95
N UNK L 27 -17.46 29.00 -67.08
CA UNK L 27 -17.41 28.22 -68.30
C UNK L 27 -16.64 26.92 -68.07
N UNK L 28 -15.40 27.07 -67.60
CA UNK L 28 -14.55 25.92 -67.33
C UNK L 28 -15.15 25.09 -66.22
N UNK L 29 -15.84 25.73 -65.28
CA UNK L 29 -16.47 25.02 -64.17
C UNK L 29 -17.53 24.04 -64.68
N UNK L 30 -18.49 24.57 -65.44
CA UNK L 30 -19.54 23.74 -66.01
C UNK L 30 -18.94 22.69 -66.96
N UNK L 31 -17.89 23.05 -67.70
CA UNK L 31 -17.24 22.11 -68.61
C UNK L 31 -16.60 20.97 -67.83
N UNK L 32 -15.99 21.29 -66.69
CA UNK L 32 -15.33 20.29 -65.86
C UNK L 32 -16.38 19.40 -65.21
N UNK L 33 -17.52 19.97 -64.86
CA UNK L 33 -18.61 19.16 -64.31
C UNK L 33 -19.10 18.20 -65.39
N UNK L 34 -19.18 18.69 -66.62
CA UNK L 34 -19.57 17.86 -67.77
C UNK L 34 -18.58 16.72 -67.91
N UNK L 35 -17.30 17.04 -67.83
CA UNK L 35 -16.21 16.06 -67.86
C UNK L 35 -16.34 15.02 -66.76
N UNK L 36 -16.61 15.47 -65.54
CA UNK L 36 -16.71 14.61 -64.38
C UNK L 36 -17.88 13.65 -64.51
N UNK L 37 -19.05 14.20 -64.84
CA UNK L 37 -20.24 13.39 -65.06
C UNK L 37 -20.02 12.41 -66.21
N UNK L 38 -19.36 12.86 -67.29
CA UNK L 38 -19.08 12.01 -68.44
C UNK L 38 -18.17 10.86 -68.07
N UNK L 39 -17.15 11.14 -67.27
CA UNK L 39 -16.22 10.13 -66.81
C UNK L 39 -16.92 9.13 -65.91
N UNK L 40 -17.68 9.61 -64.94
CA UNK L 40 -18.40 8.72 -64.02
C UNK L 40 -19.39 7.86 -64.80
N UNK L 41 -20.03 8.45 -65.80
CA UNK L 41 -21.02 7.77 -66.62
C UNK L 41 -20.36 6.71 -67.50
N UNK L 42 -19.15 7.01 -67.97
CA UNK L 42 -18.37 6.02 -68.71
C UNK L 42 -17.97 4.87 -67.80
N UNK L 43 -17.45 5.21 -66.63
CA UNK L 43 -17.00 4.23 -65.65
C UNK L 43 -18.16 3.31 -65.25
N UNK L 44 -19.36 3.87 -65.22
CA UNK L 44 -20.57 3.10 -65.01
C UNK L 44 -20.95 2.30 -66.26
N UNK L 45 -21.65 2.96 -67.17
CA UNK L 45 -22.23 2.34 -68.37
C UNK L 45 -21.26 1.46 -69.17
N UNK L 46 -19.96 1.61 -68.95
CA UNK L 46 -19.00 0.68 -69.50
C UNK L 46 -19.08 -0.60 -68.69
N UNK L 47 -18.30 -0.65 -67.62
CA UNK L 47 -18.28 -1.80 -66.71
C UNK L 47 -19.67 -2.04 -66.13
N UNK L 56 -8.68 -5.45 -64.61
CA UNK L 56 -9.73 -4.47 -64.81
C UNK L 56 -9.32 -3.43 -65.84
N UNK L 57 -9.81 -3.59 -67.07
CA UNK L 57 -9.51 -2.64 -68.13
C UNK L 57 -10.45 -1.46 -68.06
N UNK L 58 -11.38 -1.48 -67.10
CA UNK L 58 -12.34 -0.40 -66.94
C UNK L 58 -11.73 0.78 -66.18
N UNK L 59 -10.58 0.55 -65.56
CA UNK L 59 -9.88 1.60 -64.81
C UNK L 59 -8.99 2.42 -65.74
N UNK L 60 -9.62 3.24 -66.58
CA UNK L 60 -8.91 4.06 -67.55
C UNK L 60 -8.18 5.23 -66.91
N UNK L 61 -6.98 5.52 -67.41
CA UNK L 61 -6.20 6.66 -66.94
C UNK L 61 -7.02 7.94 -67.02
N UNK L 62 -7.54 8.19 -68.22
CA UNK L 62 -8.35 9.38 -68.47
C UNK L 62 -9.60 9.37 -67.61
N UNK L 63 -10.14 8.19 -67.32
CA UNK L 63 -11.32 8.07 -66.48
C UNK L 63 -11.08 8.62 -65.08
N UNK L 64 -9.98 8.23 -64.45
CA UNK L 64 -9.65 8.75 -63.13
C UNK L 64 -9.18 10.20 -63.20
N UNK L 65 -8.63 10.59 -64.34
CA UNK L 65 -8.19 11.96 -64.55
C UNK L 65 -9.39 12.90 -64.67
N UNK L 66 -10.48 12.35 -65.16
CA UNK L 66 -11.67 13.13 -65.46
C UNK L 66 -12.70 13.01 -64.35
N UNK L 67 -12.55 12.01 -63.50
CA UNK L 67 -13.34 11.92 -62.27
C UNK L 67 -12.72 12.88 -61.26
N UNK L 68 -11.59 13.46 -61.64
CA UNK L 68 -10.89 14.42 -60.80
C UNK L 68 -11.39 15.82 -61.14
N UNK L 69 -12.52 15.89 -61.82
CA UNK L 69 -13.05 17.14 -62.35
C UNK L 69 -14.18 17.74 -61.50
N UNK L 70 -14.83 16.93 -60.69
CA UNK L 70 -15.96 17.39 -59.88
C UNK L 70 -15.56 18.44 -58.82
N UNK L 71 -14.54 18.10 -58.04
CA UNK L 71 -14.02 19.00 -57.01
C UNK L 71 -13.48 20.28 -57.65
N UNK L 72 -12.82 20.13 -58.80
CA UNK L 72 -12.30 21.27 -59.54
C UNK L 72 -13.44 22.18 -59.97
N UNK L 73 -14.52 21.58 -60.47
CA UNK L 73 -15.70 22.34 -60.88
C UNK L 73 -16.31 23.10 -59.71
N UNK L 74 -16.45 22.43 -58.57
CA UNK L 74 -17.00 23.08 -57.37
C UNK L 74 -16.17 24.29 -56.96
N UNK L 75 -14.85 24.06 -56.92
CA UNK L 75 -13.89 25.08 -56.54
C UNK L 75 -13.93 26.27 -57.49
N UNK L 76 -14.00 25.98 -58.79
CA UNK L 76 -14.06 27.01 -59.80
C UNK L 76 -15.34 27.82 -59.68
N UNK L 77 -16.47 27.13 -59.48
CA UNK L 77 -17.76 27.76 -59.28
C UNK L 77 -17.70 28.75 -58.11
N UNK L 78 -17.20 28.30 -56.97
CA UNK L 78 -17.10 29.15 -55.79
C UNK L 78 -16.19 30.35 -56.03
N UNK L 79 -15.03 30.09 -56.62
CA UNK L 79 -14.07 31.13 -56.94
C UNK L 79 -14.72 32.21 -57.82
N UNK L 80 -15.35 31.78 -58.91
CA UNK L 80 -15.96 32.70 -59.86
C UNK L 80 -17.12 33.45 -59.21
N UNK L 81 -17.84 32.78 -58.31
CA UNK L 81 -18.91 33.44 -57.57
C UNK L 81 -18.31 34.60 -56.79
N UNK L 82 -17.15 34.36 -56.19
CA UNK L 82 -16.45 35.40 -55.44
C UNK L 82 -16.00 36.54 -56.36
N UNK L 83 -15.51 36.18 -57.54
CA UNK L 83 -15.08 37.18 -58.52
C UNK L 83 -16.27 37.89 -59.18
N UNK L 84 -17.40 37.20 -59.27
CA UNK L 84 -18.59 37.80 -59.88
C UNK L 84 -19.28 38.74 -58.90
N SER M 37 47.90 12.95 -23.11
CA SER M 37 47.65 11.91 -24.10
C SER M 37 46.17 11.59 -24.21
N VAL M 38 45.84 10.61 -25.04
CA VAL M 38 44.46 10.12 -25.10
C VAL M 38 44.04 9.55 -23.76
N PHE M 39 45.01 9.01 -23.00
CA PHE M 39 44.70 8.41 -21.71
C PHE M 39 44.25 9.45 -20.70
N ASP M 40 45.01 10.53 -20.56
CA ASP M 40 44.65 11.57 -19.59
C ASP M 40 43.34 12.23 -19.97
N ASP M 41 43.16 12.57 -21.25
CA ASP M 41 41.92 13.15 -21.71
C ASP M 41 40.75 12.21 -21.46
N ALA M 42 40.94 10.93 -21.76
CA ALA M 42 39.88 9.93 -21.58
C ALA M 42 39.44 9.85 -20.13
N VAL M 43 40.41 9.70 -19.21
CA VAL M 43 40.09 9.58 -17.79
C VAL M 43 39.41 10.85 -17.29
N LYS M 44 39.94 12.02 -17.67
CA LYS M 44 39.36 13.28 -17.24
C LYS M 44 37.92 13.43 -17.73
N ASP M 45 37.65 13.08 -19.00
CA ASP M 45 36.30 13.22 -19.54
C ASP M 45 35.35 12.24 -18.87
N TRP M 46 35.81 11.01 -18.61
CA TRP M 46 34.97 10.05 -17.90
C TRP M 46 34.64 10.55 -16.50
N ALA M 47 35.62 11.11 -15.80
CA ALA M 47 35.36 11.68 -14.48
C ALA M 47 34.36 12.83 -14.56
N GLU M 48 34.48 13.68 -15.57
CA GLU M 48 33.53 14.77 -15.74
C GLU M 48 32.13 14.27 -16.03
N GLU M 49 32.00 13.13 -16.71
CA GLU M 49 30.67 12.61 -17.02
C GLU M 49 30.06 11.82 -15.86
N TYR M 50 30.90 11.20 -15.03
CA TYR M 50 30.42 10.41 -13.88
C TYR M 50 31.20 10.81 -12.63
N PRO M 51 30.89 11.98 -12.04
CA PRO M 51 31.68 12.45 -10.90
C PRO M 51 31.42 11.68 -9.61
N GLN M 52 30.17 11.29 -9.35
CA GLN M 52 29.85 10.58 -8.13
C GLN M 52 30.59 9.25 -8.05
N PHE M 53 30.66 8.51 -9.16
CA PHE M 53 31.38 7.25 -9.17
C PHE M 53 32.89 7.47 -9.19
N ALA M 54 33.35 8.48 -9.95
CA ALA M 54 34.78 8.75 -10.04
C ALA M 54 35.38 9.15 -8.70
N ALA M 55 34.55 9.61 -7.77
CA ALA M 55 35.04 9.99 -6.45
C ALA M 55 35.58 8.78 -5.68
N TRP M 56 34.90 7.63 -5.78
CA TRP M 56 35.26 6.46 -5.00
C TRP M 56 36.37 5.63 -5.63
N GLY M 57 36.81 5.97 -6.83
CA GLY M 57 37.75 5.15 -7.56
C GLY M 57 37.13 4.21 -8.57
N TRP M 58 35.83 4.30 -8.80
CA TRP M 58 35.17 3.50 -9.83
C TRP M 58 35.61 3.95 -11.22
N GLY M 59 35.54 3.03 -12.17
CA GLY M 59 35.78 3.35 -13.55
C GLY M 59 37.22 3.16 -13.98
N PRO M 60 37.68 3.98 -14.92
CA PRO M 60 39.06 3.86 -15.43
C PRO M 60 40.07 4.53 -14.50
N SER M 61 40.20 4.00 -13.30
CA SER M 61 41.11 4.52 -12.30
C SER M 61 42.29 3.57 -12.13
N VAL M 62 43.35 4.07 -11.49
CA VAL M 62 44.45 3.21 -11.10
C VAL M 62 43.99 2.18 -10.07
N GLN M 63 43.09 2.58 -9.17
CA GLN M 63 42.58 1.67 -8.16
C GLN M 63 41.86 0.49 -8.79
N ALA M 64 40.99 0.76 -9.77
CA ALA M 64 40.31 -0.31 -10.47
C ALA M 64 41.27 -1.19 -11.26
N GLU M 65 42.29 -0.59 -11.87
CA GLU M 65 43.28 -1.38 -12.59
C GLU M 65 44.01 -2.33 -11.66
N ILE M 66 44.40 -1.85 -10.47
CA ILE M 66 45.10 -2.67 -9.50
C ILE M 66 44.22 -3.82 -9.03
N TRP M 67 42.98 -3.50 -8.63
CA TRP M 67 42.11 -4.55 -8.09
C TRP M 67 41.75 -5.59 -9.14
N ASN M 68 41.42 -5.13 -10.35
CA ASN M 68 41.06 -6.08 -11.41
C ASN M 68 42.25 -6.90 -11.85
N GLY M 69 43.47 -6.34 -11.80
CA GLY M 69 44.65 -7.13 -12.06
C GLY M 69 44.92 -8.19 -11.02
N ARG M 70 44.72 -7.84 -9.74
CA ARG M 70 44.86 -8.84 -8.69
C ARG M 70 43.88 -9.99 -8.91
N HIS M 71 42.63 -9.66 -9.23
CA HIS M 71 41.64 -10.69 -9.50
C HIS M 71 42.01 -11.52 -10.72
N ALA M 72 42.53 -10.88 -11.78
CA ALA M 72 42.92 -11.62 -12.97
C ALA M 72 44.05 -12.62 -12.67
N MET M 73 45.02 -12.21 -11.85
CA MET M 73 46.09 -13.15 -11.48
C MET M 73 45.55 -14.33 -10.69
N PHE M 74 44.76 -14.07 -9.64
CA PHE M 74 44.16 -15.17 -8.89
C PHE M 74 43.33 -16.05 -9.80
N GLY M 75 42.65 -15.45 -10.77
CA GLY M 75 41.81 -16.21 -11.65
C GLY M 75 42.60 -17.06 -12.63
N TRP M 76 43.79 -16.60 -13.00
CA TRP M 76 44.68 -17.48 -13.76
C TRP M 76 45.04 -18.70 -12.94
N VAL M 77 45.32 -18.50 -11.66
CA VAL M 77 45.55 -19.64 -10.77
C VAL M 77 44.35 -20.59 -10.80
N VAL M 78 43.14 -20.04 -10.61
CA VAL M 78 41.95 -20.87 -10.52
C VAL M 78 41.67 -21.59 -11.83
N MET M 79 41.79 -20.88 -12.95
CA MET M 79 41.55 -21.51 -14.24
C MET M 79 42.55 -22.62 -14.52
N CYS M 80 43.83 -22.42 -14.19
CA CYS M 80 44.81 -23.50 -14.33
C CYS M 80 44.46 -24.68 -13.43
N ALA M 81 44.01 -24.42 -12.21
CA ALA M 81 43.61 -25.51 -11.33
C ALA M 81 42.42 -26.27 -11.90
N CYS M 82 41.46 -25.55 -12.48
CA CYS M 82 40.32 -26.21 -13.10
C CYS M 82 40.73 -27.05 -14.29
N ALA M 83 41.61 -26.53 -15.14
CA ALA M 83 42.11 -27.30 -16.27
C ALA M 83 42.83 -28.56 -15.81
N TYR M 84 43.67 -28.43 -14.78
CA TYR M 84 44.42 -29.57 -14.28
C TYR M 84 43.48 -30.60 -13.66
N ALA M 85 42.47 -30.15 -12.91
CA ALA M 85 41.54 -31.06 -12.28
C ALA M 85 40.59 -31.71 -13.27
N LYS M 86 40.31 -31.07 -14.39
CA LYS M 86 39.52 -31.69 -15.45
C LYS M 86 40.36 -32.70 -16.22
N GLY M 87 41.64 -32.38 -16.45
CA GLY M 87 42.50 -33.30 -17.19
C GLY M 87 42.75 -34.59 -16.45
N HIS M 88 42.83 -34.54 -15.12
CA HIS M 88 43.12 -35.70 -14.30
C HIS M 88 41.88 -36.30 -13.64
N GLY M 89 40.70 -35.78 -13.93
CA GLY M 89 39.46 -36.30 -13.36
C GLY M 89 39.42 -36.33 -11.85
N LEU M 90 39.91 -35.27 -11.22
CA LEU M 90 39.95 -35.17 -9.76
C LEU M 90 38.68 -34.63 -9.15
N ILE M 91 37.69 -34.28 -9.96
CA ILE M 91 36.40 -33.80 -9.47
C ILE M 91 35.42 -34.97 -9.49
N PRO M 92 34.79 -35.30 -8.36
CA PRO M 92 33.95 -36.51 -8.31
C PRO M 92 32.69 -36.35 -9.14
N ASP M 93 32.38 -37.39 -9.91
CA ASP M 93 31.18 -37.47 -10.76
C ASP M 93 30.89 -36.15 -11.47
N ALA M 94 31.85 -35.74 -12.30
CA ALA M 94 31.82 -34.41 -12.92
C ALA M 94 30.61 -34.24 -13.83
N ASP M 95 30.26 -35.26 -14.60
CA ASP M 95 29.16 -35.18 -15.55
C ASP M 95 27.81 -35.54 -14.94
N GLN M 96 27.79 -35.99 -13.68
CA GLN M 96 26.53 -36.26 -13.00
C GLN M 96 25.86 -34.96 -12.57
N THR M 97 24.54 -34.92 -12.62
CA THR M 97 23.80 -33.74 -12.25
C THR M 97 23.30 -33.82 -10.82
N LEU M 98 23.08 -32.65 -10.22
CA LEU M 98 22.61 -32.57 -8.84
C LEU M 98 21.16 -33.04 -8.73
N ASP M 99 20.85 -33.65 -7.58
CA ASP M 99 19.52 -34.17 -7.32
C ASP M 99 18.53 -33.02 -7.14
N LEU M 100 17.42 -33.08 -7.88
CA LEU M 100 16.39 -32.04 -7.75
C LEU M 100 15.74 -32.07 -6.38
N LYS M 101 15.45 -33.26 -5.84
CA LYS M 101 14.84 -33.33 -4.52
C LYS M 101 15.79 -32.93 -3.41
N GLU M 102 17.09 -32.83 -3.69
CA GLU M 102 18.07 -32.43 -2.69
C GLU M 102 18.30 -30.93 -2.70
N TRP M 103 18.54 -30.34 -3.87
CA TRP M 103 18.88 -28.94 -3.95
C TRP M 103 17.75 -28.05 -4.44
N GLY M 104 16.66 -28.63 -4.95
CA GLY M 104 15.51 -27.85 -5.31
C GLY M 104 15.65 -27.16 -6.66
N THR M 105 14.68 -26.27 -6.92
CA THR M 105 14.56 -25.62 -8.21
C THR M 105 15.74 -24.70 -8.53
N LEU M 106 16.40 -24.15 -7.51
CA LEU M 106 17.55 -23.27 -7.75
C LEU M 106 18.66 -23.98 -8.49
N ALA M 107 18.74 -25.30 -8.43
CA ALA M 107 19.79 -26.06 -9.09
C ALA M 107 19.41 -26.46 -10.51
N THR M 108 18.26 -26.03 -11.01
CA THR M 108 17.82 -26.39 -12.34
C THR M 108 18.41 -25.42 -13.37
N ILE M 109 18.64 -25.94 -14.56
CA ILE M 109 19.07 -25.12 -15.71
C ILE M 109 17.91 -24.81 -16.64
N SER M 110 17.09 -25.82 -16.95
CA SER M 110 15.92 -25.64 -17.80
C SER M 110 14.93 -26.72 -17.41
N GLY M 111 13.78 -26.32 -16.87
CA GLY M 111 12.83 -27.27 -16.34
C GLY M 111 13.37 -27.98 -15.12
N LYS M 112 13.43 -29.31 -15.18
CA LYS M 112 13.98 -30.10 -14.09
C LYS M 112 15.37 -30.64 -14.40
N ASN M 113 16.01 -30.20 -15.49
CA ASN M 113 17.38 -30.55 -15.75
C ASN M 113 18.31 -29.72 -14.88
N THR M 114 19.13 -30.38 -14.09
CA THR M 114 19.92 -29.73 -13.05
C THR M 114 21.35 -29.51 -13.49
N ILE M 115 22.03 -28.61 -12.79
CA ILE M 115 23.44 -28.33 -13.05
C ILE M 115 24.29 -29.54 -12.67
N THR M 116 25.41 -29.70 -13.38
CA THR M 116 26.31 -30.82 -13.13
C THR M 116 27.06 -30.62 -11.82
N ASN M 117 27.67 -31.71 -11.35
CA ASN M 117 28.45 -31.65 -10.12
C ASN M 117 29.70 -30.78 -10.31
N GLU M 118 30.35 -30.88 -11.46
CA GLU M 118 31.59 -30.13 -11.69
C GLU M 118 31.34 -28.62 -11.67
N ARG M 119 30.29 -28.17 -12.36
CA ARG M 119 30.00 -26.75 -12.38
C ARG M 119 29.65 -26.23 -10.97
N ALA M 120 28.85 -27.00 -10.23
CA ALA M 120 28.53 -26.62 -8.86
C ALA M 120 29.78 -26.53 -8.00
N ILE M 121 30.72 -27.47 -8.19
CA ILE M 121 31.95 -27.48 -7.40
C ILE M 121 32.82 -26.28 -7.71
N ILE M 122 32.98 -25.97 -9.00
CA ILE M 122 33.75 -24.79 -9.40
C ILE M 122 33.12 -23.53 -8.83
N LEU M 123 31.78 -23.44 -8.91
CA LEU M 123 31.07 -22.31 -8.35
C LEU M 123 31.35 -22.18 -6.86
N ILE M 124 31.36 -23.30 -6.14
CA ILE M 124 31.57 -23.25 -4.68
C ILE M 124 32.99 -22.80 -4.35
N ALA M 125 34.00 -23.25 -5.10
CA ALA M 125 35.36 -22.77 -4.87
C ALA M 125 35.46 -21.27 -5.09
N ASN M 126 34.88 -20.79 -6.19
CA ASN M 126 34.87 -19.35 -6.43
C ASN M 126 34.06 -18.62 -5.36
N VAL M 127 33.07 -19.29 -4.77
CA VAL M 127 32.27 -18.68 -3.71
C VAL M 127 33.09 -18.53 -2.44
N HIS M 128 33.95 -19.51 -2.15
CA HIS M 128 34.91 -19.32 -1.06
C HIS M 128 35.71 -18.04 -1.28
N ALA M 129 36.26 -17.88 -2.48
CA ALA M 129 37.05 -16.68 -2.75
C ALA M 129 36.21 -15.41 -2.67
N LEU M 130 34.97 -15.47 -3.15
CA LEU M 130 34.08 -14.31 -3.12
C LEU M 130 33.70 -13.92 -1.70
N MET M 131 33.50 -14.91 -0.82
CA MET M 131 33.23 -14.59 0.57
C MET M 131 34.42 -13.90 1.22
N VAL M 132 35.64 -14.34 0.89
CA VAL M 132 36.82 -13.61 1.36
C VAL M 132 36.77 -12.16 0.86
N GLY M 133 36.49 -11.98 -0.42
CA GLY M 133 36.46 -10.64 -0.99
C GLY M 133 35.39 -9.75 -0.39
N LEU M 134 34.22 -10.31 -0.09
CA LEU M 134 33.16 -9.53 0.53
C LEU M 134 33.55 -9.13 1.95
N ALA M 135 34.17 -10.04 2.69
CA ALA M 135 34.66 -9.68 4.02
C ALA M 135 35.67 -8.54 3.95
N ALA M 136 36.56 -8.59 2.94
CA ALA M 136 37.56 -7.53 2.79
C ALA M 136 36.94 -6.21 2.36
N THR M 137 35.94 -6.24 1.49
CA THR M 137 35.29 -5.02 1.04
C THR M 137 34.51 -4.37 2.18
N ILE M 138 33.79 -5.17 2.96
CA ILE M 138 32.87 -4.63 3.94
C ILE M 138 33.56 -4.25 5.25
N SER M 139 34.57 -5.00 5.66
CA SER M 139 35.22 -4.79 6.96
C SER M 139 36.73 -4.74 6.79
N PRO M 140 37.25 -3.74 6.10
CA PRO M 140 38.71 -3.62 5.98
C PRO M 140 39.34 -3.26 7.31
N ASN M 141 40.54 -3.78 7.54
CA ASN M 141 41.33 -3.30 8.66
C ASN M 141 41.97 -1.96 8.31
N SER M 142 42.55 -1.31 9.33
CA SER M 142 43.04 0.06 9.18
C SER M 142 44.22 0.18 8.22
N PHE M 143 45.09 -0.83 8.16
CA PHE M 143 46.26 -0.79 7.28
C PHE M 143 46.01 -1.47 5.95
N ALA M 144 44.77 -1.82 5.65
CA ALA M 144 44.45 -2.60 4.46
C ALA M 144 44.31 -1.70 3.24
N ASP M 145 44.61 -2.27 2.08
CA ASP M 145 44.30 -1.63 0.81
C ASP M 145 42.82 -1.84 0.55
N THR M 146 42.01 -0.81 0.76
CA THR M 146 40.57 -0.95 0.59
C THR M 146 40.20 -1.03 -0.88
N LEU M 147 39.00 -1.52 -1.13
CA LEU M 147 38.50 -1.60 -2.50
C LEU M 147 38.34 -0.21 -3.10
N LEU M 148 37.65 0.67 -2.38
CA LEU M 148 37.40 2.02 -2.83
C LEU M 148 38.19 3.01 -1.99
N LEU M 149 38.43 4.19 -2.56
CA LEU M 149 39.18 5.24 -1.89
C LEU M 149 38.24 5.99 -0.95
N ASP M 150 38.23 5.58 0.32
CA ASP M 150 37.39 6.18 1.33
C ASP M 150 38.18 7.23 2.09
N PRO M 151 37.76 8.50 2.07
CA PRO M 151 38.53 9.54 2.78
C PRO M 151 38.67 9.30 4.27
N ASN M 152 37.73 8.56 4.86
CA ASN M 152 37.74 8.31 6.29
C ASN M 152 38.64 7.14 6.69
N HIS M 153 39.07 6.32 5.75
CA HIS M 153 39.95 5.20 6.07
C HIS M 153 41.37 5.69 6.29
N PRO M 154 42.11 5.09 7.23
CA PRO M 154 43.47 5.57 7.52
C PRO M 154 44.48 5.33 6.41
N MET M 155 44.11 4.61 5.35
CA MET M 155 45.00 4.34 4.23
C MET M 155 44.76 5.25 3.03
N TYR M 156 43.83 6.20 3.13
CA TYR M 156 43.45 7.00 1.97
C TYR M 156 44.63 7.75 1.37
N GLU M 157 45.44 8.42 2.20
CA GLU M 157 46.56 9.21 1.69
C GLU M 157 47.61 8.33 1.04
N TRP M 158 47.95 7.22 1.69
CA TRP M 158 48.90 6.26 1.11
C TRP M 158 48.39 5.75 -0.22
N GLN M 159 47.09 5.45 -0.29
CA GLN M 159 46.51 4.96 -1.54
C GLN M 159 46.60 5.99 -2.65
N MET M 160 46.28 7.25 -2.34
CA MET M 160 46.34 8.29 -3.36
C MET M 160 47.76 8.53 -3.84
N GLU M 161 48.72 8.51 -2.92
CA GLU M 161 50.13 8.65 -3.28
C GLU M 161 50.57 7.53 -4.21
N ARG M 162 50.32 6.28 -3.80
CA ARG M 162 50.69 5.12 -4.63
C ARG M 162 50.04 5.20 -6.00
N ASN M 163 48.74 5.48 -6.04
CA ASN M 163 48.03 5.55 -7.32
C ASN M 163 48.55 6.69 -8.19
N SER M 164 49.01 7.79 -7.60
CA SER M 164 49.62 8.85 -8.37
C SER M 164 50.97 8.44 -8.94
N LYS M 165 51.74 7.63 -8.23
CA LYS M 165 53.03 7.15 -8.73
C LYS M 165 52.89 6.20 -9.90
N LEU M 166 51.93 5.29 -9.86
CA LEU M 166 51.78 4.28 -10.91
C LEU M 166 51.17 4.91 -12.16
N GLY M 167 51.64 4.50 -13.33
CA GLY M 167 51.16 5.05 -14.57
C GLY M 167 52.21 5.04 -15.66
N GLY M 168 51.78 4.78 -16.89
CA GLY M 168 52.72 4.66 -18.00
C GLY M 168 52.51 3.41 -18.83
N VAL M 169 53.18 3.35 -19.98
CA VAL M 169 53.04 2.19 -20.85
C VAL M 169 54.06 1.10 -20.50
N MET M 170 55.28 1.50 -20.17
CA MET M 170 56.10 0.33 -19.90
C MET M 170 56.27 0.12 -18.40
N PRO M 171 56.25 -1.13 -17.95
CA PRO M 171 56.47 -1.39 -16.53
C PRO M 171 57.85 -0.95 -16.10
N ASN M 172 57.93 -0.39 -14.90
CA ASN M 172 59.17 0.20 -14.40
C ASN M 172 60.15 -0.92 -14.10
N LEU M 173 61.07 -1.16 -15.02
CA LEU M 173 62.12 -2.15 -14.78
C LEU M 173 63.10 -1.73 -13.69
N GLY M 174 63.08 -0.46 -13.29
CA GLY M 174 63.85 -0.05 -12.14
C GLY M 174 63.33 -0.65 -10.85
N LYS M 175 62.01 -0.82 -10.75
CA LYS M 175 61.36 -1.31 -9.53
C LYS M 175 60.95 -2.76 -9.73
N MET M 176 61.50 -3.65 -8.90
CA MET M 176 61.23 -5.07 -8.98
C MET M 176 61.05 -5.64 -7.59
N GLY M 177 60.73 -6.92 -7.51
CA GLY M 177 60.38 -7.51 -6.25
C GLY M 177 58.94 -7.20 -5.89
N VAL M 178 58.66 -7.23 -4.59
CA VAL M 178 57.31 -7.04 -4.11
C VAL M 178 57.02 -5.55 -3.96
N THR M 179 56.62 -4.91 -5.05
CA THR M 179 56.37 -3.48 -5.09
C THR M 179 55.06 -3.24 -5.82
N PRO M 180 54.42 -2.08 -5.59
CA PRO M 180 53.21 -1.78 -6.37
C PRO M 180 53.41 -1.79 -7.87
N GLU M 181 54.58 -1.35 -8.35
CA GLU M 181 54.85 -1.34 -9.78
C GLU M 181 54.80 -2.74 -10.37
N ALA M 182 55.46 -3.69 -9.73
CA ALA M 182 55.45 -5.07 -10.18
C ALA M 182 54.04 -5.65 -10.12
N GLU M 183 53.31 -5.33 -9.05
CA GLU M 183 51.94 -5.81 -8.91
C GLU M 183 51.06 -5.31 -10.04
N LEU M 184 51.20 -4.03 -10.39
CA LEU M 184 50.43 -3.47 -11.49
C LEU M 184 50.80 -4.13 -12.81
N ALA M 185 52.09 -4.31 -13.05
CA ALA M 185 52.54 -4.93 -14.30
C ALA M 185 51.99 -6.34 -14.44
N ASN M 186 52.06 -7.13 -13.36
CA ASN M 186 51.58 -8.51 -13.44
C ASN M 186 50.07 -8.59 -13.55
N GLY M 187 49.35 -7.66 -12.91
CA GLY M 187 47.92 -7.60 -13.11
C GLY M 187 47.55 -7.29 -14.56
N ARG M 188 48.28 -6.35 -15.16
CA ARG M 188 48.06 -6.04 -16.57
C ARG M 188 48.34 -7.25 -17.44
N MET M 189 49.41 -7.98 -17.15
CA MET M 189 49.74 -9.16 -17.92
C MET M 189 48.66 -10.22 -17.80
N ALA M 190 48.11 -10.40 -16.59
CA ALA M 190 47.05 -11.38 -16.39
C ALA M 190 45.76 -11.00 -17.11
N MET M 191 45.38 -9.73 -17.08
CA MET M 191 44.20 -9.32 -17.83
C MET M 191 44.39 -9.47 -19.33
N MET M 192 45.58 -9.11 -19.83
CA MET M 192 45.88 -9.32 -21.24
C MET M 192 45.79 -10.80 -21.59
N GLY M 193 46.31 -11.66 -20.71
CA GLY M 193 46.25 -13.08 -20.95
C GLY M 193 44.83 -13.60 -21.00
N ILE M 194 43.96 -13.07 -20.14
CA ILE M 194 42.56 -13.48 -20.16
C ILE M 194 41.91 -13.10 -21.49
N ILE M 195 42.15 -11.86 -21.93
CA ILE M 195 41.61 -11.41 -23.21
C ILE M 195 42.11 -12.29 -24.35
N THR M 196 43.42 -12.51 -24.40
CA THR M 196 44.00 -13.32 -25.47
C THR M 196 43.50 -14.76 -25.41
N CYS M 197 43.30 -15.31 -24.22
CA CYS M 197 42.80 -16.67 -24.12
C CYS M 197 41.38 -16.77 -24.64
N ILE M 198 40.52 -15.82 -24.26
CA ILE M 198 39.15 -15.81 -24.80
C ILE M 198 39.18 -15.70 -26.31
N ALA M 199 39.99 -14.78 -26.85
CA ALA M 199 40.02 -14.55 -28.29
C ALA M 199 40.60 -15.74 -29.05
N TYR M 200 41.67 -16.34 -28.53
CA TYR M 200 42.27 -17.49 -29.19
C TYR M 200 41.34 -18.69 -29.16
N SER M 201 40.70 -18.94 -28.02
CA SER M 201 39.73 -20.02 -27.94
C SER M 201 38.59 -19.81 -28.90
N GLY M 202 38.13 -18.57 -29.06
CA GLY M 202 37.10 -18.27 -30.03
C GLY M 202 37.54 -18.51 -31.46
N ILE M 203 38.73 -18.02 -31.82
CA ILE M 203 39.23 -18.20 -33.19
C ILE M 203 39.41 -19.67 -33.52
N GLN M 204 40.01 -20.43 -32.60
CA GLN M 204 40.27 -21.84 -32.85
C GLN M 204 39.02 -22.70 -32.73
N GLY M 205 37.90 -22.13 -32.31
CA GLY M 205 36.69 -22.89 -32.11
C GLY M 205 36.86 -23.98 -31.07
N GLN M 206 37.45 -23.64 -29.93
CA GLN M 206 37.71 -24.59 -28.86
C GLN M 206 37.38 -23.94 -27.53
N SER M 207 37.45 -24.74 -26.48
CA SER M 207 37.14 -24.27 -25.13
C SER M 207 38.37 -23.61 -24.51
N MET M 208 38.11 -22.77 -23.50
CA MET M 208 39.19 -22.05 -22.83
C MET M 208 40.12 -23.01 -22.08
N ILE M 209 39.57 -24.08 -21.53
CA ILE M 209 40.39 -25.11 -20.89
C ILE M 209 41.31 -25.74 -21.92
N ASP M 210 40.81 -25.99 -23.14
CA ASP M 210 41.64 -26.57 -24.19
C ASP M 210 42.79 -25.64 -24.55
N THR M 211 42.52 -24.33 -24.64
CA THR M 211 43.58 -23.37 -24.90
C THR M 211 44.60 -23.36 -23.76
N ILE M 212 44.13 -23.37 -22.51
CA ILE M 212 45.05 -23.37 -21.38
C ILE M 212 45.96 -24.59 -21.43
N ASN M 213 45.38 -25.75 -21.73
CA ASN M 213 46.17 -26.98 -21.83
C ASN M 213 47.18 -26.91 -22.99
N GLU M 214 46.75 -26.41 -24.14
CA GLU M 214 47.65 -26.35 -25.30
C GLU M 214 48.68 -25.24 -25.19
N TRP M 215 48.53 -24.32 -24.23
CA TRP M 215 49.52 -23.28 -23.98
C TRP M 215 50.59 -23.71 -22.98
N VAL M 216 50.31 -24.72 -22.17
CA VAL M 216 51.32 -25.33 -21.31
C VAL M 216 51.87 -26.62 -21.93
N GLY M 217 51.77 -26.76 -23.25
CA GLY M 217 52.29 -27.91 -23.94
C GLY M 217 51.60 -29.21 -23.57
N GLY M 218 50.29 -29.16 -23.37
CA GLY M 218 49.52 -30.35 -23.03
C GLY M 218 49.96 -30.99 -21.72
N ALA M 219 50.24 -30.20 -20.70
CA ALA M 219 50.65 -30.73 -19.42
C ALA M 219 49.49 -31.23 -18.58
N TYR M 220 48.25 -30.84 -18.91
CA TYR M 220 47.08 -31.26 -18.16
C TYR M 220 46.32 -32.38 -18.86
N PHE M 221 46.14 -32.27 -20.18
CA PHE M 221 45.46 -33.29 -20.97
C PHE M 221 45.74 -33.07 -22.45
N GLU N 31 26.59 37.07 -53.43
CA GLU N 31 26.49 37.20 -54.88
C GLU N 31 25.83 35.95 -55.47
N MET N 32 26.45 35.40 -56.51
CA MET N 32 25.95 34.20 -57.15
C MET N 32 26.91 33.04 -56.92
N SER N 33 26.40 31.83 -57.12
CA SER N 33 27.21 30.63 -56.96
C SER N 33 28.08 30.40 -58.18
N LYS N 34 29.30 29.94 -57.95
CA LYS N 34 30.21 29.67 -59.06
C LYS N 34 29.80 28.41 -59.82
N SER N 35 29.47 27.33 -59.11
CA SER N 35 29.13 26.07 -59.77
C SER N 35 27.79 26.15 -60.48
N ILE N 36 26.80 26.76 -59.86
CA ILE N 36 25.48 26.93 -60.46
C ILE N 36 25.24 28.42 -60.59
N PRO N 37 25.59 29.03 -61.73
CA PRO N 37 25.70 30.49 -61.80
C PRO N 37 24.37 31.23 -61.71
N PHE N 38 23.23 30.56 -61.81
CA PHE N 38 21.94 31.22 -61.71
C PHE N 38 21.32 31.16 -60.32
N LEU N 39 22.03 30.66 -59.33
CA LEU N 39 21.56 30.61 -57.96
C LEU N 39 22.37 31.56 -57.08
N THR N 40 21.75 31.99 -55.97
CA THR N 40 22.45 32.74 -54.96
C THR N 40 23.23 31.79 -54.06
N VAL N 41 24.45 32.18 -53.73
CA VAL N 41 25.28 31.37 -52.81
C VAL N 41 24.67 31.43 -51.42
N PRO N 42 24.60 30.32 -50.69
CA PRO N 42 24.26 30.41 -49.27
C PRO N 42 25.37 31.11 -48.51
N GLU N 43 24.98 31.79 -47.43
CA GLU N 43 25.93 32.63 -46.70
C GLU N 43 27.07 31.85 -46.08
N LYS N 44 26.89 30.56 -45.80
CA LYS N 44 27.95 29.80 -45.13
C LYS N 44 29.11 29.46 -46.07
N LEU N 45 28.86 29.43 -47.38
CA LEU N 45 29.89 29.12 -48.36
C LEU N 45 30.60 30.41 -48.73
N ASP N 46 31.47 30.86 -47.83
CA ASP N 46 32.23 32.09 -47.99
C ASP N 46 33.51 31.92 -48.79
N GLY N 47 33.85 30.70 -49.19
CA GLY N 47 35.07 30.44 -49.91
C GLY N 47 36.29 30.17 -49.05
N SER N 48 36.14 30.13 -47.73
CA SER N 48 37.30 29.86 -46.87
C SER N 48 37.74 28.42 -46.96
N MET N 49 36.79 27.48 -46.81
CA MET N 49 37.13 26.06 -46.80
C MET N 49 37.56 25.60 -48.19
N ALA N 50 38.48 24.64 -48.21
CA ALA N 50 38.98 24.10 -49.47
C ALA N 50 37.88 23.32 -50.19
N GLY N 51 37.90 23.39 -51.51
CA GLY N 51 36.91 22.73 -52.33
C GLY N 51 35.58 23.44 -52.43
N ASP N 52 35.49 24.68 -51.95
CA ASP N 52 34.24 25.44 -51.99
C ASP N 52 34.08 26.07 -53.36
N VAL N 53 33.02 25.69 -54.07
CA VAL N 53 32.64 26.34 -55.32
C VAL N 53 31.17 26.75 -55.22
N GLY N 54 30.70 27.00 -54.01
CA GLY N 54 29.34 27.46 -53.80
C GLY N 54 28.27 26.48 -54.20
N PHE N 55 28.54 25.18 -54.05
CA PHE N 55 27.59 24.13 -54.43
C PHE N 55 26.83 23.70 -53.19
N ASP N 56 25.63 24.24 -53.01
CA ASP N 56 24.69 23.72 -52.02
C ASP N 56 23.27 24.05 -52.46
N PRO N 57 22.81 23.52 -53.60
CA PRO N 57 21.50 23.93 -54.12
C PRO N 57 20.35 23.65 -53.18
N MET N 58 20.44 22.60 -52.37
CA MET N 58 19.36 22.23 -51.46
C MET N 58 19.39 23.03 -50.16
N GLY N 59 20.37 23.90 -49.98
CA GLY N 59 20.45 24.72 -48.79
C GLY N 59 20.78 23.98 -47.52
N LEU N 60 21.42 22.81 -47.62
CA LEU N 60 21.65 21.97 -46.45
C LEU N 60 22.53 22.65 -45.41
N SER N 61 23.34 23.63 -45.81
CA SER N 61 24.23 24.29 -44.87
C SER N 61 23.55 25.37 -44.05
N ASP N 62 22.35 25.79 -44.46
CA ASP N 62 21.68 26.88 -43.74
C ASP N 62 21.27 26.48 -42.34
N ILE N 63 20.84 25.23 -42.13
CA ILE N 63 20.43 24.80 -40.80
C ILE N 63 21.60 24.52 -39.86
N GLN N 64 22.74 24.10 -40.39
CA GLN N 64 23.86 23.71 -39.52
C GLN N 64 24.48 24.93 -38.85
N THR N 65 24.99 24.73 -37.63
CA THR N 65 25.66 25.83 -36.93
C THR N 65 26.95 26.22 -37.63
N ASP N 66 27.72 25.22 -38.08
CA ASP N 66 28.94 25.44 -38.85
C ASP N 66 29.15 24.21 -39.71
N LEU N 67 30.11 24.29 -40.63
CA LEU N 67 30.36 23.23 -41.58
C LEU N 67 31.47 22.27 -41.13
N ASN N 68 31.92 22.37 -39.89
CA ASN N 68 33.03 21.53 -39.44
C ASN N 68 32.66 20.06 -39.42
N TYR N 69 31.52 19.72 -38.82
CA TYR N 69 31.09 18.32 -38.80
C TYR N 69 30.82 17.81 -40.21
N ALA N 70 30.20 18.64 -41.05
CA ALA N 70 29.94 18.25 -42.43
C ALA N 70 31.23 17.98 -43.19
N ARG N 71 32.26 18.80 -42.96
CA ARG N 71 33.53 18.59 -43.64
C ARG N 71 34.28 17.38 -43.09
N TRP N 72 34.24 17.17 -41.77
CA TRP N 72 34.77 15.93 -41.21
C TRP N 72 34.13 14.73 -41.87
N ALA N 73 32.80 14.75 -42.00
CA ALA N 73 32.09 13.64 -42.61
C ALA N 73 32.46 13.49 -44.08
N GLU N 74 32.56 14.60 -44.81
CA GLU N 74 32.91 14.53 -46.22
C GLU N 74 34.31 13.93 -46.42
N LEU N 75 35.27 14.38 -45.62
CA LEU N 75 36.62 13.83 -45.69
C LEU N 75 36.65 12.35 -45.29
N LYS N 76 35.93 11.99 -44.23
CA LYS N 76 35.96 10.59 -43.78
C LYS N 76 35.35 9.68 -44.83
N HIS N 77 34.17 10.04 -45.34
CA HIS N 77 33.54 9.28 -46.42
C HIS N 77 34.48 9.17 -47.62
N GLY N 78 35.09 10.28 -48.03
CA GLY N 78 35.93 10.26 -49.22
C GLY N 78 37.18 9.40 -49.05
N ARG N 79 37.82 9.49 -47.88
CA ARG N 79 39.00 8.67 -47.63
C ARG N 79 38.65 7.19 -47.64
N ILE N 80 37.54 6.82 -46.98
CA ILE N 80 37.11 5.44 -46.99
C ILE N 80 36.80 4.98 -48.41
N CYS N 81 36.14 5.84 -49.20
CA CYS N 81 35.82 5.48 -50.58
C CYS N 81 37.08 5.31 -51.43
N MET N 82 38.09 6.15 -51.19
CA MET N 82 39.36 5.98 -51.89
C MET N 82 39.96 4.61 -51.60
N LEU N 83 40.04 4.26 -50.32
CA LEU N 83 40.57 2.94 -49.97
C LEU N 83 39.69 1.83 -50.51
N ALA N 84 38.37 2.04 -50.50
CA ALA N 84 37.45 1.00 -50.95
C ALA N 84 37.59 0.74 -52.44
N VAL N 85 37.72 1.80 -53.24
CA VAL N 85 37.90 1.64 -54.68
C VAL N 85 39.23 0.95 -54.98
N VAL N 86 40.29 1.40 -54.31
CA VAL N 86 41.59 0.75 -54.50
C VAL N 86 41.50 -0.73 -54.14
N GLY N 87 40.84 -1.03 -53.01
CA GLY N 87 40.68 -2.42 -52.61
C GLY N 87 39.83 -3.23 -53.56
N MET N 88 38.76 -2.63 -54.10
CA MET N 88 37.94 -3.32 -55.08
C MET N 88 38.75 -3.69 -56.30
N VAL N 89 39.64 -2.81 -56.74
CA VAL N 89 40.47 -3.14 -57.90
C VAL N 89 41.50 -4.20 -57.56
N TRP N 90 42.18 -4.06 -56.42
CA TRP N 90 43.26 -4.99 -56.07
C TRP N 90 42.72 -6.39 -55.78
N GLN N 91 41.59 -6.51 -55.08
CA GLN N 91 41.04 -7.81 -54.73
C GLN N 91 40.35 -8.44 -55.94
N GLU N 92 40.60 -7.89 -57.12
CA GLU N 92 39.97 -8.38 -58.33
C GLU N 92 41.02 -8.63 -59.39
N TYR N 93 42.13 -7.91 -59.30
CA TYR N 93 43.19 -8.05 -60.29
C TYR N 93 44.56 -7.97 -59.61
N GLY N 94 44.65 -8.46 -58.38
CA GLY N 94 45.87 -8.31 -57.62
C GLY N 94 46.19 -9.50 -56.74
N PRO N 95 47.41 -9.54 -56.22
CA PRO N 95 47.84 -10.68 -55.40
C PRO N 95 47.22 -10.69 -54.02
N HIS N 96 46.37 -11.67 -53.75
CA HIS N 96 45.81 -11.79 -52.42
C HIS N 96 46.86 -12.34 -51.47
N LEU N 97 46.61 -12.15 -50.18
CA LEU N 97 47.45 -12.75 -49.17
C LEU N 97 47.26 -14.27 -49.21
N PRO N 98 48.33 -15.04 -48.97
CA PRO N 98 48.21 -16.51 -49.01
C PRO N 98 47.17 -17.00 -48.02
N GLY N 99 46.43 -18.03 -48.42
CA GLY N 99 45.39 -18.60 -47.58
C GLY N 99 44.16 -19.03 -48.35
N ASP N 100 43.47 -20.05 -47.84
CA ASP N 100 42.29 -20.56 -48.53
C ASP N 100 41.11 -19.60 -48.43
N ALA N 101 40.90 -19.00 -47.25
CA ALA N 101 39.78 -18.07 -47.09
C ALA N 101 40.01 -16.78 -47.86
N TYR N 102 41.26 -16.35 -47.99
CA TYR N 102 41.59 -15.04 -48.55
C TYR N 102 41.74 -15.07 -50.07
N ALA N 103 41.24 -16.11 -50.74
CA ALA N 103 41.56 -16.31 -52.14
C ALA N 103 40.51 -15.75 -53.09
N THR N 104 39.25 -15.67 -52.67
CA THR N 104 38.20 -15.26 -53.58
C THR N 104 38.39 -13.81 -54.02
N LYS N 105 38.12 -13.57 -55.30
CA LYS N 105 38.24 -12.25 -55.90
C LYS N 105 36.92 -11.49 -55.91
N ASP N 106 35.89 -12.03 -55.27
CA ASP N 106 34.61 -11.36 -55.23
C ASP N 106 34.50 -10.56 -53.94
N PRO N 107 34.54 -9.22 -54.00
CA PRO N 107 34.57 -8.42 -52.76
C PRO N 107 33.38 -8.64 -51.84
N TRP N 108 32.18 -8.84 -52.36
CA TRP N 108 31.07 -9.10 -51.45
C TRP N 108 31.24 -10.42 -50.72
N GLU N 109 31.71 -11.45 -51.43
CA GLU N 109 31.87 -12.76 -50.81
C GLU N 109 33.05 -12.79 -49.85
N ALA N 110 34.01 -11.86 -50.02
CA ALA N 110 35.17 -11.80 -49.13
C ALA N 110 34.74 -11.62 -47.67
N ILE N 111 33.70 -10.81 -47.45
CA ILE N 111 33.24 -10.52 -46.10
C ILE N 111 32.91 -11.80 -45.36
N SER N 112 32.17 -12.70 -46.01
CA SER N 112 31.84 -13.97 -45.40
C SER N 112 33.02 -14.95 -45.42
N SER N 113 33.86 -14.90 -46.45
CA SER N 113 34.89 -15.92 -46.58
C SER N 113 35.99 -15.75 -45.55
N VAL N 114 36.34 -14.51 -45.22
CA VAL N 114 37.43 -14.30 -44.28
C VAL N 114 37.01 -14.59 -42.85
N GLY N 115 35.72 -14.58 -42.57
CA GLY N 115 35.20 -14.94 -41.27
C GLY N 115 34.99 -13.76 -40.34
N PHE N 116 34.14 -13.99 -39.33
CA PHE N 116 33.87 -12.98 -38.32
C PHE N 116 35.15 -12.61 -37.56
N ALA N 117 36.04 -13.56 -37.36
CA ALA N 117 37.20 -13.36 -36.51
C ALA N 117 38.16 -12.30 -37.06
N SER N 118 38.07 -11.97 -38.34
CA SER N 118 38.95 -10.96 -38.93
C SER N 118 38.22 -9.63 -39.11
N ASN N 119 36.99 -9.68 -39.62
CA ASN N 119 36.16 -8.48 -39.71
C ASN N 119 35.98 -7.82 -38.36
N PHE N 120 35.86 -8.61 -37.30
CA PHE N 120 35.68 -8.03 -35.97
C PHE N 120 36.94 -7.35 -35.46
N GLN N 121 38.12 -7.90 -35.76
CA GLN N 121 39.35 -7.21 -35.42
C GLN N 121 39.46 -5.88 -36.16
N THR N 122 39.11 -5.89 -37.44
CA THR N 122 39.11 -4.64 -38.21
C THR N 122 38.15 -3.63 -37.60
N LEU N 123 36.95 -4.08 -37.23
CA LEU N 123 35.97 -3.21 -36.63
C LEU N 123 36.47 -2.63 -35.31
N LEU N 124 37.10 -3.45 -34.47
CA LEU N 124 37.55 -2.98 -33.16
C LEU N 124 38.71 -1.99 -33.29
N ALA N 125 39.66 -2.26 -34.20
CA ALA N 125 40.76 -1.31 -34.39
C ALA N 125 40.24 0.02 -34.92
N ILE N 126 39.34 -0.03 -35.90
CA ILE N 126 38.73 1.20 -36.40
C ILE N 126 38.00 1.92 -35.28
N GLY N 127 37.29 1.18 -34.44
CA GLY N 127 36.56 1.80 -33.35
C GLY N 127 37.48 2.46 -32.34
N VAL N 128 38.63 1.86 -32.09
CA VAL N 128 39.62 2.47 -31.21
C VAL N 128 40.11 3.79 -31.80
N VAL N 129 40.42 3.80 -33.10
CA VAL N 129 40.86 5.03 -33.75
C VAL N 129 39.75 6.09 -33.73
N GLU N 130 38.50 5.66 -33.93
CA GLU N 130 37.38 6.59 -33.93
C GLU N 130 37.16 7.20 -32.55
N LEU N 131 37.09 6.36 -31.51
CA LEU N 131 36.85 6.83 -30.15
C LEU N 131 38.02 7.60 -29.58
N ALA N 132 39.25 7.32 -30.01
CA ALA N 132 40.37 8.12 -29.56
C ALA N 132 40.29 9.54 -30.11
N ASN N 133 39.74 9.69 -31.32
CA ASN N 133 39.62 10.99 -31.96
C ASN N 133 38.24 11.61 -31.78
N TRP N 134 37.47 11.11 -30.81
CA TRP N 134 36.11 11.60 -30.60
C TRP N 134 36.06 13.10 -30.37
N ASN N 135 36.98 13.61 -29.56
CA ASN N 135 36.98 15.04 -29.26
C ASN N 135 37.42 15.90 -30.44
N LYS N 136 38.13 15.33 -31.42
CA LYS N 136 38.41 16.08 -32.64
C LYS N 136 37.19 16.14 -33.56
N TYR N 137 36.47 15.02 -33.69
CA TYR N 137 35.32 14.98 -34.58
C TYR N 137 34.24 15.98 -34.16
N TYR N 138 33.95 16.05 -32.86
CA TYR N 138 33.00 17.01 -32.32
C TYR N 138 33.69 18.25 -31.77
N GLY N 139 34.87 18.59 -32.29
CA GLY N 139 35.66 19.70 -31.79
C GLY N 139 35.63 20.94 -32.67
N ASP N 140 36.54 21.88 -32.41
CA ASP N 140 36.60 23.14 -33.14
C ASP N 140 37.88 23.28 -33.96
N GLY N 141 38.71 22.24 -34.02
CA GLY N 141 39.92 22.27 -34.82
C GLY N 141 39.62 22.09 -36.29
N THR N 142 40.68 22.01 -37.06
CA THR N 142 40.54 21.93 -38.51
C THR N 142 39.97 20.58 -38.92
N PRO N 143 38.87 20.55 -39.66
CA PRO N 143 38.26 19.26 -40.04
C PRO N 143 39.20 18.42 -40.89
N GLY N 144 39.29 17.13 -40.56
CA GLY N 144 40.09 16.16 -41.26
C GLY N 144 41.43 15.89 -40.62
N ASP N 145 41.92 16.82 -39.81
CA ASP N 145 43.27 16.73 -39.24
C ASP N 145 43.20 15.99 -37.92
N ILE N 146 43.45 14.67 -37.95
CA ILE N 146 43.59 13.90 -36.72
C ILE N 146 45.04 13.74 -36.29
N GLY N 147 45.98 14.34 -37.03
CA GLY N 147 47.39 14.32 -36.70
C GLY N 147 48.25 13.53 -37.66
N TRP N 148 47.68 12.59 -38.41
CA TRP N 148 48.45 11.74 -39.31
C TRP N 148 48.84 12.57 -40.53
N THR N 149 49.91 13.35 -40.39
CA THR N 149 50.32 14.29 -41.42
C THR N 149 51.46 13.81 -42.30
N GLY N 150 52.25 12.84 -41.84
CA GLY N 150 53.36 12.32 -42.62
C GLY N 150 54.50 13.30 -42.73
N GLY N 151 54.43 14.40 -41.97
CA GLY N 151 55.41 15.47 -42.12
C GLY N 151 55.35 16.15 -43.46
N GLN N 152 54.22 16.00 -44.16
CA GLN N 152 54.08 16.56 -45.51
C GLN N 152 53.83 18.05 -45.49
N LEU N 153 53.14 18.55 -44.47
CA LEU N 153 52.73 19.95 -44.42
C LEU N 153 53.58 20.79 -43.48
N SER N 154 54.84 20.42 -43.27
CA SER N 154 55.75 21.19 -42.43
C SER N 154 56.44 22.31 -43.20
N LYS N 155 56.98 22.01 -44.36
CA LYS N 155 57.62 23.02 -45.22
C LYS N 155 56.64 23.58 -46.24
N MET N 156 55.50 24.06 -45.75
CA MET N 156 54.51 24.69 -46.60
C MET N 156 53.96 25.93 -45.91
N ASN N 157 53.58 26.91 -46.71
CA ASN N 157 52.84 28.08 -46.26
C ASN N 157 51.37 27.71 -46.19
N ASP N 158 50.49 28.70 -46.06
CA ASP N 158 49.06 28.44 -46.16
C ASP N 158 48.55 28.28 -47.57
N ALA N 159 49.20 28.89 -48.57
CA ALA N 159 48.82 28.63 -49.95
C ALA N 159 49.02 27.17 -50.34
N GLN N 160 50.14 26.59 -49.94
CA GLN N 160 50.40 25.19 -50.29
C GLN N 160 49.55 24.23 -49.49
N ILE N 161 49.31 24.54 -48.21
CA ILE N 161 48.41 23.72 -47.40
C ILE N 161 47.00 23.78 -47.97
N LYS N 162 46.56 24.97 -48.40
CA LYS N 162 45.26 25.10 -49.05
C LYS N 162 45.21 24.28 -50.33
N THR N 163 46.28 24.32 -51.13
CA THR N 163 46.31 23.53 -52.34
C THR N 163 46.20 22.03 -52.03
N ARG N 164 46.93 21.58 -51.01
CA ARG N 164 46.89 20.17 -50.63
C ARG N 164 45.51 19.77 -50.17
N MET N 165 44.86 20.62 -49.37
CA MET N 165 43.52 20.31 -48.89
C MET N 165 42.50 20.27 -50.04
N GLU N 166 42.63 21.20 -50.99
CA GLU N 166 41.77 21.16 -52.16
C GLU N 166 41.96 19.88 -52.94
N SER N 167 43.20 19.45 -53.12
CA SER N 167 43.44 18.19 -53.82
C SER N 167 42.84 17.00 -53.07
N GLU N 168 43.00 16.96 -51.74
CA GLU N 168 42.43 15.86 -50.97
C GLU N 168 40.92 15.83 -51.08
N ILE N 169 40.28 16.99 -50.97
CA ILE N 169 38.81 17.01 -51.04
C ILE N 169 38.31 16.63 -52.42
N VAL N 170 39.02 17.06 -53.47
CA VAL N 170 38.59 16.65 -54.82
C VAL N 170 38.74 15.15 -55.00
N HIS N 171 39.82 14.56 -54.47
CA HIS N 171 39.98 13.10 -54.56
C HIS N 171 38.88 12.39 -53.78
N CYS N 172 38.53 12.89 -52.59
CA CYS N 172 37.42 12.33 -51.82
C CYS N 172 36.13 12.34 -52.64
N ARG N 173 35.83 13.50 -53.25
CA ARG N 173 34.58 13.65 -53.99
C ARG N 173 34.55 12.77 -55.22
N LEU N 174 35.69 12.61 -55.89
CA LEU N 174 35.74 11.71 -57.03
C LEU N 174 35.56 10.25 -56.59
N ALA N 175 36.17 9.88 -55.46
CA ALA N 175 36.13 8.50 -55.01
C ALA N 175 34.74 8.09 -54.54
N MET N 176 33.97 9.01 -53.94
CA MET N 176 32.62 8.64 -53.54
C MET N 176 31.74 8.29 -54.75
N ILE N 177 31.80 9.12 -55.80
CA ILE N 177 31.09 8.82 -57.04
C ILE N 177 31.60 7.51 -57.63
N ALA N 178 32.93 7.32 -57.61
CA ALA N 178 33.53 6.13 -58.19
C ALA N 178 33.08 4.89 -57.46
N PHE N 179 33.00 4.95 -56.12
CA PHE N 179 32.55 3.81 -55.35
C PHE N 179 31.09 3.49 -55.65
N ILE N 180 30.25 4.51 -55.77
CA ILE N 180 28.86 4.27 -56.16
C ILE N 180 28.80 3.55 -57.50
N GLY N 181 29.57 4.04 -58.47
CA GLY N 181 29.66 3.39 -59.76
C GLY N 181 30.11 1.95 -59.68
N ALA N 182 31.23 1.73 -59.01
CA ALA N 182 31.84 0.40 -58.90
C ALA N 182 30.88 -0.59 -58.27
N THR N 183 30.22 -0.18 -57.19
CA THR N 183 29.23 -1.03 -56.56
C THR N 183 28.09 -1.35 -57.52
N HIS N 184 27.49 -0.32 -58.12
CA HIS N 184 26.35 -0.56 -59.00
C HIS N 184 26.71 -1.26 -60.29
N GLN N 185 28.00 -1.43 -60.60
CA GLN N 185 28.43 -2.26 -61.70
C GLN N 185 28.75 -3.69 -61.29
N THR N 186 28.80 -4.00 -59.99
CA THR N 186 29.15 -5.31 -59.49
C THR N 186 27.95 -6.05 -58.88
N PHE N 187 26.78 -5.43 -58.90
CA PHE N 187 25.60 -6.09 -58.37
C PHE N 187 24.39 -5.92 -59.28
N LEU N 188 24.49 -5.01 -60.24
CA LEU N 188 23.43 -4.78 -61.20
C LEU N 188 23.75 -5.37 -62.57
N LEU N 189 25.02 -5.70 -62.84
CA LEU N 189 25.45 -6.27 -64.11
C LEU N 189 26.32 -7.50 -63.86
N HIS N 190 26.97 -7.54 -62.71
CA HIS N 190 27.89 -8.63 -62.33
C HIS N 190 29.05 -8.78 -63.31
N LYS N 191 29.49 -7.69 -63.93
CA LYS N 191 30.77 -7.68 -64.63
C LYS N 191 31.87 -7.32 -63.63
N GLY N 192 33.12 -7.44 -64.07
CA GLY N 192 34.22 -6.98 -63.27
C GLY N 192 34.43 -5.49 -63.40
N LEU N 193 35.42 -4.97 -62.67
CA LEU N 193 35.73 -3.55 -62.78
C LEU N 193 36.53 -3.23 -64.04
N LEU N 194 37.41 -4.15 -64.44
CA LEU N 194 38.24 -3.98 -65.62
C LEU N 194 37.83 -4.95 -66.72
N ASP N 195 36.53 -5.12 -66.90
CA ASP N 195 35.95 -6.03 -67.90
C ASP N 195 34.93 -5.22 -68.69
N PHE N 196 35.41 -4.56 -69.73
CA PHE N 196 34.64 -3.53 -70.45
C PHE N 196 33.87 -4.08 -71.64
N SER N 197 33.53 -5.36 -71.64
CA SER N 197 32.85 -5.97 -72.78
C SER N 197 31.42 -5.45 -72.92
N TRP O 32 20.59 -0.62 61.97
CA TRP O 32 19.66 -1.18 61.00
C TRP O 32 18.28 -1.45 61.59
N ARG O 33 18.22 -1.79 62.88
CA ARG O 33 16.94 -2.10 63.50
C ARG O 33 16.10 -0.84 63.72
N ASP O 34 16.73 0.32 63.82
CA ASP O 34 16.03 1.59 63.97
C ASP O 34 15.86 2.31 62.64
N GLU O 35 15.99 1.58 61.54
CA GLU O 35 15.87 2.16 60.21
C GLU O 35 14.86 1.37 59.37
N VAL O 36 14.78 0.07 59.61
CA VAL O 36 13.93 -0.82 58.82
C VAL O 36 12.52 -0.81 59.40
N VAL O 37 11.53 -0.77 58.52
CA VAL O 37 10.14 -0.85 58.94
C VAL O 37 9.40 -1.95 58.19
N VAL O 38 9.90 -2.31 57.01
CA VAL O 38 9.26 -3.35 56.22
C VAL O 38 9.56 -4.71 56.83
N GLY O 39 8.53 -5.53 57.01
CA GLY O 39 8.64 -6.84 57.59
C GLY O 39 8.19 -6.91 59.02
N ILE O 40 8.19 -5.77 59.71
CA ILE O 40 7.67 -5.72 61.07
C ILE O 40 6.17 -5.52 61.01
N THR O 41 5.43 -6.43 61.63
CA THR O 41 3.98 -6.47 61.50
C THR O 41 3.42 -7.02 62.82
N ALA O 42 2.10 -7.12 62.88
CA ALA O 42 1.30 -7.51 64.03
C ALA O 42 1.52 -8.97 64.42
N PRO O 43 0.73 -9.53 65.35
CA PRO O 43 1.26 -10.44 66.38
C PRO O 43 2.63 -10.14 66.97
N VAL O 44 3.69 -10.50 66.27
CA VAL O 44 4.99 -10.70 66.88
C VAL O 44 5.86 -9.45 66.83
N GLY O 45 5.45 -8.41 66.12
CA GLY O 45 6.31 -7.25 65.96
C GLY O 45 7.64 -7.67 65.37
N PHE O 46 8.71 -7.08 65.87
CA PHE O 46 10.04 -7.50 65.47
C PHE O 46 10.32 -8.88 66.03
N PHE O 47 10.71 -9.81 65.16
CA PHE O 47 10.82 -11.21 65.52
C PHE O 47 12.23 -11.71 65.17
N ASP O 48 13.11 -11.71 66.15
CA ASP O 48 14.42 -12.29 66.04
C ASP O 48 14.79 -12.90 67.38
N PRO O 49 14.07 -13.94 67.83
CA PRO O 49 14.39 -14.53 69.15
C PRO O 49 15.79 -15.09 69.27
N LEU O 50 16.32 -15.68 68.19
CA LEU O 50 17.66 -16.24 68.25
C LEU O 50 18.74 -15.18 68.33
N GLY O 51 18.40 -13.92 68.08
CA GLY O 51 19.40 -12.87 68.05
C GLY O 51 20.36 -13.02 66.89
N LEU O 52 19.86 -13.38 65.71
CA LEU O 52 20.69 -13.54 64.53
C LEU O 52 20.91 -12.24 63.78
N SER O 53 20.35 -11.14 64.28
CA SER O 53 20.55 -9.84 63.68
C SER O 53 21.38 -8.90 64.53
N LYS O 54 21.59 -9.21 65.81
CA LYS O 54 22.38 -8.34 66.67
C LYS O 54 23.83 -8.33 66.21
N GLY O 55 24.44 -7.16 66.16
CA GLY O 55 25.84 -7.06 65.80
C GLY O 55 26.15 -7.43 64.38
N LYS O 56 25.19 -7.30 63.47
CA LYS O 56 25.44 -7.46 62.06
C LYS O 56 25.49 -6.09 61.40
N ASP O 57 26.43 -5.91 60.49
CA ASP O 57 26.55 -4.61 59.85
C ASP O 57 25.40 -4.39 58.87
N ASP O 58 25.31 -3.16 58.36
CA ASP O 58 24.23 -2.81 57.45
C ASP O 58 24.28 -3.64 56.18
N ALA O 59 25.48 -3.92 55.67
CA ALA O 59 25.60 -4.77 54.48
C ALA O 59 25.09 -6.18 54.76
N THR O 60 25.40 -6.73 55.94
CA THR O 60 24.95 -8.08 56.27
C THR O 60 23.44 -8.16 56.40
N MET O 61 22.84 -7.16 57.05
CA MET O 61 21.38 -7.16 57.18
C MET O 61 20.69 -6.89 55.86
N ALA O 62 21.30 -6.08 55.00
CA ALA O 62 20.77 -5.93 53.66
C ALA O 62 20.81 -7.24 52.90
N TYR O 63 21.89 -8.00 53.07
CA TYR O 63 21.97 -9.34 52.49
C TYR O 63 20.85 -10.22 53.04
N TYR O 64 20.61 -10.14 54.35
CA TYR O 64 19.59 -10.98 54.97
C TYR O 64 18.20 -10.66 54.44
N ARG O 65 17.88 -9.36 54.31
CA ARG O 65 16.60 -8.97 53.76
C ARG O 65 16.47 -9.38 52.29
N GLU O 66 17.53 -9.16 51.49
CA GLU O 66 17.48 -9.57 50.10
C GLU O 66 17.28 -11.07 49.95
N ALA O 67 17.93 -11.85 50.81
CA ALA O 67 17.76 -13.29 50.81
C ALA O 67 16.36 -13.70 51.27
N GLU O 68 15.84 -13.06 52.31
CA GLU O 68 14.50 -13.38 52.76
C GLU O 68 13.49 -13.14 51.65
N LEU O 69 13.61 -12.00 50.98
CA LEU O 69 12.72 -11.68 49.87
C LEU O 69 12.89 -12.65 48.71
N LYS O 70 14.13 -12.97 48.34
CA LYS O 70 14.33 -13.83 47.18
C LYS O 70 13.83 -15.24 47.45
N ASN O 71 14.13 -15.79 48.63
CA ASN O 71 13.62 -17.10 49.03
C ASN O 71 12.09 -17.07 49.09
N GLY O 72 11.52 -16.00 49.62
CA GLY O 72 10.07 -15.90 49.69
C GLY O 72 9.41 -15.84 48.33
N ARG O 73 9.96 -15.04 47.42
CA ARG O 73 9.40 -14.93 46.08
C ARG O 73 9.52 -16.24 45.32
N VAL O 74 10.69 -16.88 45.38
CA VAL O 74 10.87 -18.17 44.74
C VAL O 74 9.91 -19.19 45.33
N ALA O 75 9.71 -19.16 46.65
CA ALA O 75 8.81 -20.12 47.29
C ALA O 75 7.36 -19.87 46.90
N MET O 76 6.98 -18.60 46.76
CA MET O 76 5.63 -18.29 46.31
C MET O 76 5.39 -18.83 44.90
N ALA O 77 6.33 -18.59 44.00
CA ALA O 77 6.22 -19.11 42.64
C ALA O 77 6.20 -20.64 42.63
N ALA O 78 7.04 -21.26 43.46
CA ALA O 78 7.07 -22.71 43.58
C ALA O 78 5.74 -23.25 44.09
N CYS O 79 5.16 -22.59 45.09
CA CYS O 79 3.88 -23.04 45.63
C CYS O 79 2.81 -22.98 44.55
N LEU O 80 2.74 -21.88 43.81
CA LEU O 80 1.73 -21.78 42.75
C LEU O 80 1.92 -22.85 41.70
N GLY O 81 3.17 -23.07 41.26
CA GLY O 81 3.43 -24.10 40.27
C GLY O 81 3.11 -25.49 40.76
N TRP O 82 3.44 -25.79 42.02
CA TRP O 82 3.13 -27.09 42.59
C TRP O 82 1.63 -27.30 42.66
N TYR O 83 0.88 -26.28 43.09
CA TYR O 83 -0.57 -26.43 43.19
C TYR O 83 -1.17 -26.69 41.81
N LEU O 84 -0.71 -25.95 40.81
CA LEU O 84 -1.22 -26.17 39.46
C LEU O 84 -0.91 -27.59 38.98
N ASN O 85 0.34 -28.05 39.18
CA ASN O 85 0.71 -29.38 38.72
C ASN O 85 -0.08 -30.45 39.46
N ALA O 86 -0.19 -30.33 40.78
CA ALA O 86 -0.91 -31.32 41.57
C ALA O 86 -2.37 -31.38 41.17
N GLY O 87 -2.97 -30.23 40.88
CA GLY O 87 -4.36 -30.22 40.47
C GLY O 87 -4.62 -30.87 39.13
N GLY O 88 -3.55 -31.17 38.39
CA GLY O 88 -3.67 -31.72 37.06
C GLY O 88 -3.63 -30.71 35.94
N VAL O 89 -3.46 -29.43 36.25
CA VAL O 89 -3.39 -28.40 35.22
C VAL O 89 -1.95 -28.21 34.81
N HIS O 90 -1.45 -29.09 33.96
CA HIS O 90 -0.09 -29.02 33.44
C HIS O 90 -0.12 -29.39 31.96
N PRO O 91 -0.73 -28.55 31.14
CA PRO O 91 -1.08 -28.97 29.78
C PRO O 91 0.10 -29.07 28.83
N ALA O 92 1.29 -28.66 29.26
CA ALA O 92 2.45 -28.74 28.39
C ALA O 92 2.86 -30.19 28.16
N PHE O 93 3.57 -30.41 27.06
CA PHE O 93 4.01 -31.76 26.65
C PHE O 93 2.84 -32.72 26.52
N ASN O 94 1.72 -32.22 26.00
CA ASN O 94 0.48 -32.99 25.88
C ASN O 94 0.03 -33.55 27.23
N SER O 95 0.32 -32.79 28.30
CA SER O 95 -0.06 -33.16 29.67
C SER O 95 0.45 -34.55 30.05
N GLU O 96 1.58 -34.96 29.46
CA GLU O 96 2.09 -36.30 29.71
C GLU O 96 2.77 -36.42 31.07
N LEU O 97 3.34 -35.33 31.59
CA LEU O 97 4.09 -35.40 32.82
C LEU O 97 3.18 -35.76 34.00
N SER O 98 3.79 -36.39 35.00
CA SER O 98 3.05 -36.85 36.18
C SER O 98 2.49 -35.68 36.97
N ASN O 99 1.32 -35.91 37.56
CA ASN O 99 0.70 -34.90 38.42
C ASN O 99 1.54 -34.67 39.68
N ASP O 100 2.34 -35.65 40.08
CA ASP O 100 3.23 -35.49 41.22
C ASP O 100 4.36 -34.56 40.82
N PRO O 101 4.49 -33.39 41.43
CA PRO O 101 5.54 -32.45 40.99
C PRO O 101 6.96 -32.99 41.15
N LEU O 102 7.23 -33.75 42.20
CA LEU O 102 8.57 -34.30 42.39
C LEU O 102 8.90 -35.40 41.39
N LYS O 103 7.90 -36.00 40.76
CA LYS O 103 8.17 -36.92 39.66
C LYS O 103 8.37 -36.16 38.35
N ALA O 104 7.51 -35.16 38.10
CA ALA O 104 7.65 -34.33 36.92
C ALA O 104 8.98 -33.60 36.91
N MET O 105 9.58 -33.37 38.08
CA MET O 105 10.89 -32.76 38.15
C MET O 105 11.93 -33.60 37.44
N VAL O 106 11.89 -34.93 37.64
CA VAL O 106 12.85 -35.81 36.99
C VAL O 106 12.43 -36.24 35.59
N GLU O 107 11.14 -36.19 35.28
CA GLU O 107 10.71 -36.52 33.93
C GLU O 107 10.96 -35.39 32.95
N LEU O 108 11.31 -34.20 33.43
CA LEU O 108 11.67 -33.09 32.57
C LEU O 108 13.08 -33.28 32.03
N PRO O 109 13.30 -33.14 30.72
CA PRO O 109 14.64 -33.35 30.17
C PRO O 109 15.67 -32.38 30.74
N ALA O 110 16.94 -32.70 30.50
CA ALA O 110 18.04 -31.88 31.02
C ALA O 110 18.01 -30.47 30.45
N VAL O 111 17.73 -30.34 29.16
CA VAL O 111 17.83 -29.04 28.50
C VAL O 111 16.86 -28.03 29.09
N GLY O 112 15.68 -28.47 29.52
CA GLY O 112 14.76 -27.56 30.18
C GLY O 112 15.32 -27.00 31.47
N TRP O 113 15.95 -27.85 32.29
CA TRP O 113 16.58 -27.38 33.52
C TRP O 113 17.77 -26.47 33.22
N LEU O 114 18.54 -26.79 32.17
CA LEU O 114 19.65 -25.92 31.78
C LEU O 114 19.15 -24.53 31.41
N GLN O 115 18.06 -24.47 30.64
CA GLN O 115 17.48 -23.17 30.30
C GLN O 115 16.98 -22.44 31.54
N PHE O 116 16.32 -23.16 32.44
CA PHE O 116 15.82 -22.53 33.66
C PHE O 116 16.96 -21.91 34.47
N VAL O 117 18.02 -22.68 34.70
CA VAL O 117 19.16 -22.23 35.49
C VAL O 117 19.89 -21.08 34.81
N LEU O 118 20.12 -21.16 33.49
CA LEU O 118 20.84 -20.10 32.81
C LEU O 118 20.01 -18.82 32.70
N GLY O 119 18.70 -18.95 32.50
CA GLY O 119 17.86 -17.77 32.44
C GLY O 119 17.80 -17.05 33.78
N CYS O 120 17.63 -17.82 34.85
CA CYS O 120 17.71 -17.22 36.18
C CYS O 120 19.08 -16.61 36.41
N GLY O 121 20.14 -17.24 35.89
CA GLY O 121 21.48 -16.67 36.03
C GLY O 121 21.62 -15.33 35.34
N ALA O 122 21.08 -15.21 34.12
CA ALA O 122 21.12 -13.94 33.43
C ALA O 122 20.36 -12.87 34.20
N ILE O 123 19.17 -13.21 34.70
CA ILE O 123 18.42 -12.28 35.52
C ILE O 123 19.23 -11.87 36.76
N GLU O 124 19.92 -12.82 37.37
CA GLU O 124 20.73 -12.52 38.54
C GLU O 124 21.87 -11.58 38.21
N TRP O 125 22.49 -11.76 37.04
CA TRP O 125 23.55 -10.84 36.62
C TRP O 125 23.02 -9.42 36.50
N LEU O 126 21.87 -9.26 35.86
CA LEU O 126 21.25 -7.95 35.77
C LEU O 126 20.90 -7.40 37.16
N GLY O 127 20.42 -8.27 38.04
CA GLY O 127 20.10 -7.85 39.40
C GLY O 127 21.30 -7.38 40.17
N GLN O 128 22.46 -8.01 39.96
CA GLN O 128 23.69 -7.53 40.58
C GLN O 128 24.08 -6.15 40.04
N GLN O 129 23.91 -5.95 38.73
CA GLN O 129 24.13 -4.62 38.18
C GLN O 129 23.24 -3.58 38.85
N ILE O 130 21.97 -3.92 39.04
CA ILE O 130 21.05 -3.05 39.77
C ILE O 130 21.53 -2.82 41.19
N LYS O 131 22.04 -3.88 41.83
CA LYS O 131 22.44 -3.80 43.23
C LYS O 131 23.60 -2.84 43.43
N GLU O 132 24.50 -2.76 42.45
CA GLU O 132 25.61 -1.81 42.56
C GLU O 132 25.15 -0.36 42.60
N ARG O 133 23.94 -0.07 42.11
CA ARG O 133 23.50 1.31 41.96
C ARG O 133 23.31 1.98 43.32
N PRO O 134 23.59 3.28 43.43
CA PRO O 134 23.44 3.96 44.73
C PRO O 134 21.99 4.10 45.14
N GLY O 135 21.75 4.04 46.45
CA GLY O 135 20.40 4.13 46.96
C GLY O 135 19.56 2.91 46.65
N TYR O 136 20.19 1.80 46.26
CA TYR O 136 19.46 0.57 45.99
C TYR O 136 18.87 0.04 47.29
N VAL O 137 17.58 -0.31 47.26
CA VAL O 137 16.87 -0.84 48.41
C VAL O 137 16.89 -2.36 48.30
N PRO O 138 17.39 -3.10 49.29
CA PRO O 138 17.57 -4.55 49.14
C PRO O 138 16.29 -5.27 48.71
N GLY O 139 16.35 -5.98 47.58
CA GLY O 139 15.22 -6.67 47.03
C GLY O 139 14.40 -5.87 46.03
N ASP O 140 14.76 -4.63 45.75
CA ASP O 140 13.98 -3.76 44.88
C ASP O 140 14.58 -3.76 43.47
N LEU O 141 14.31 -4.85 42.75
CA LEU O 141 14.77 -4.95 41.36
C LEU O 141 14.06 -3.93 40.48
N LEU O 142 12.78 -3.71 40.72
CA LEU O 142 12.01 -2.77 39.89
C LEU O 142 12.55 -1.35 40.04
N GLY O 143 13.23 -1.06 41.14
CA GLY O 143 13.63 0.31 41.41
C GLY O 143 12.46 1.21 41.75
N ALA O 144 11.51 0.71 42.54
CA ALA O 144 10.36 1.51 42.93
C ALA O 144 10.75 2.73 43.75
N SER O 145 11.98 2.76 44.28
CA SER O 145 12.44 3.92 45.04
C SER O 145 12.52 5.19 44.20
N TYR O 146 12.53 5.06 42.87
CA TYR O 146 12.49 6.23 42.00
C TYR O 146 11.16 6.99 42.11
N TRP O 147 10.11 6.32 42.57
CA TRP O 147 8.78 6.92 42.64
C TRP O 147 8.23 7.05 44.05
N VAL O 148 8.56 6.14 44.96
CA VAL O 148 7.93 6.09 46.28
C VAL O 148 8.94 5.58 47.28
N ASP O 149 8.73 5.94 48.54
CA ASP O 149 9.60 5.50 49.62
C ASP O 149 8.75 5.05 50.81
N ASN O 150 9.42 4.56 51.85
CA ASN O 150 8.71 3.99 52.98
C ASN O 150 8.03 5.04 53.85
N SER O 151 8.25 6.33 53.59
CA SER O 151 7.48 7.35 54.29
C SER O 151 6.00 7.27 53.93
N ASP O 152 5.67 6.55 52.85
CA ASP O 152 4.28 6.34 52.45
C ASP O 152 3.74 5.07 53.10
N GLU O 153 2.56 5.17 53.70
CA GLU O 153 2.02 4.09 54.51
C GLU O 153 1.60 2.89 53.64
N GLY O 154 0.88 3.16 52.55
CA GLY O 154 0.36 2.09 51.74
C GLY O 154 1.44 1.28 51.06
N TRP O 155 2.53 1.92 50.67
CA TRP O 155 3.63 1.19 50.05
C TRP O 155 4.30 0.25 51.05
N VAL O 156 4.51 0.73 52.28
CA VAL O 156 5.02 -0.13 53.35
C VAL O 156 4.07 -1.30 53.58
N MET O 157 2.77 -1.03 53.58
CA MET O 157 1.77 -2.08 53.83
C MET O 157 1.81 -3.14 52.73
N TYR O 158 1.93 -2.71 51.48
CA TYR O 158 1.97 -3.68 50.39
C TYR O 158 3.27 -4.46 50.37
N GLN O 159 4.38 -3.81 50.73
CA GLN O 159 5.63 -4.54 50.90
C GLN O 159 5.50 -5.58 52.02
N ASN O 160 4.82 -5.23 53.11
CA ASN O 160 4.57 -6.18 54.19
C ASN O 160 3.73 -7.35 53.73
N LYS O 161 2.69 -7.10 52.93
CA LYS O 161 1.90 -8.18 52.38
C LYS O 161 2.77 -9.14 51.57
N GLU O 162 3.62 -8.59 50.70
CA GLU O 162 4.54 -9.45 49.94
C GLU O 162 5.41 -10.28 50.88
N LEU O 163 5.99 -9.64 51.88
CA LEU O 163 6.95 -10.31 52.75
C LEU O 163 6.29 -11.42 53.56
N ASN O 164 5.11 -11.15 54.12
CA ASN O 164 4.41 -12.15 54.91
C ASN O 164 3.94 -13.31 54.06
N ASN O 165 3.44 -13.04 52.86
CA ASN O 165 3.07 -14.15 51.99
C ASN O 165 4.29 -14.95 51.58
N GLY O 166 5.43 -14.29 51.41
CA GLY O 166 6.65 -15.02 51.12
C GLY O 166 7.06 -15.94 52.25
N ARG O 167 6.96 -15.46 53.49
CA ARG O 167 7.29 -16.29 54.64
C ARG O 167 6.38 -17.51 54.70
N LEU O 168 5.07 -17.28 54.53
CA LEU O 168 4.11 -18.37 54.52
C LEU O 168 4.41 -19.36 53.39
N ALA O 169 4.76 -18.86 52.21
CA ALA O 169 5.02 -19.75 51.08
C ALA O 169 6.31 -20.54 51.26
N MET O 170 7.31 -19.95 51.92
CA MET O 170 8.51 -20.72 52.24
C MET O 170 8.17 -21.89 53.13
N LEU O 171 7.42 -21.63 54.20
CA LEU O 171 6.98 -22.71 55.07
C LEU O 171 6.12 -23.71 54.30
N ALA O 172 5.24 -23.22 53.42
CA ALA O 172 4.32 -24.10 52.72
C ALA O 172 5.03 -24.99 51.72
N ILE O 173 6.02 -24.46 51.01
CA ILE O 173 6.77 -25.29 50.08
C ILE O 173 7.58 -26.35 50.82
N VAL O 174 8.18 -25.99 51.96
CA VAL O 174 8.88 -27.01 52.74
C VAL O 174 7.92 -28.08 53.22
N GLY O 175 6.76 -27.68 53.74
CA GLY O 175 5.78 -28.62 54.24
C GLY O 175 5.21 -29.52 53.18
N MET O 176 4.91 -28.94 52.01
CA MET O 176 4.39 -29.72 50.90
C MET O 176 5.43 -30.73 50.40
N VAL O 177 6.70 -30.31 50.34
CA VAL O 177 7.73 -31.27 49.96
C VAL O 177 7.82 -32.40 50.97
N TYR O 178 7.74 -32.07 52.26
CA TYR O 178 7.72 -33.12 53.28
C TYR O 178 6.57 -34.09 53.04
N GLN O 179 5.36 -33.55 52.91
CA GLN O 179 4.16 -34.36 52.76
C GLN O 179 4.19 -35.20 51.48
N ASP O 180 4.84 -34.71 50.43
CA ASP O 180 4.96 -35.48 49.21
C ASP O 180 6.03 -36.56 49.31
N VAL O 181 7.10 -36.32 50.05
CA VAL O 181 8.20 -37.26 50.15
C VAL O 181 7.93 -38.34 51.18
N PHE O 182 7.61 -37.96 52.40
CA PHE O 182 7.47 -38.93 53.49
C PHE O 182 6.05 -39.42 53.70
N VAL O 183 5.04 -38.64 53.31
CA VAL O 183 3.65 -39.03 53.44
C VAL O 183 3.03 -39.44 52.12
N GLY O 184 3.76 -39.35 51.00
CA GLY O 184 3.31 -39.87 49.74
C GLY O 184 2.25 -39.06 49.01
N ASP O 185 1.53 -38.19 49.72
CA ASP O 185 0.43 -37.44 49.12
C ASP O 185 0.92 -36.07 48.69
N TYR O 186 0.69 -35.72 47.41
CA TYR O 186 1.18 -34.47 46.85
C TYR O 186 0.10 -33.40 46.73
N GLY O 187 -1.08 -33.64 47.27
CA GLY O 187 -2.19 -32.72 47.10
C GLY O 187 -2.59 -31.98 48.37
N ASP O 188 -3.87 -31.64 48.48
CA ASP O 188 -4.39 -30.89 49.62
C ASP O 188 -4.79 -31.87 50.71
N MET O 189 -4.22 -31.67 51.90
CA MET O 189 -4.54 -32.48 53.07
C MET O 189 -5.18 -31.67 54.19
N MET O 190 -5.39 -30.37 53.98
CA MET O 190 -5.98 -29.50 54.99
C MET O 190 -7.42 -29.13 54.71
N TYR O 191 -7.77 -28.81 53.46
CA TYR O 191 -9.11 -28.34 53.13
C TYR O 191 -9.92 -29.32 52.31
N LYS O 192 -9.30 -30.31 51.69
CA LYS O 192 -10.08 -31.37 51.05
C LYS O 192 -10.89 -32.15 52.08
N GLN O 193 -10.36 -32.30 53.30
CA GLN O 193 -11.09 -33.04 54.33
C GLN O 193 -12.38 -32.33 54.73
N LEU O 194 -12.44 -31.01 54.54
CA LEU O 194 -13.69 -30.29 54.81
C LEU O 194 -14.78 -30.71 53.83
N VAL O 195 -14.54 -30.51 52.54
CA VAL O 195 -15.54 -30.81 51.53
C VAL O 195 -15.25 -32.18 50.91
N ASP P 33 40.25 -9.15 64.11
CA ASP P 33 40.49 -9.46 62.71
C ASP P 33 39.18 -9.60 61.95
N PHE P 34 39.10 -8.92 60.81
CA PHE P 34 37.85 -8.78 60.06
C PHE P 34 38.08 -8.68 58.55
N SER P 35 37.13 -8.07 57.84
CA SER P 35 37.03 -8.16 56.38
C SER P 35 38.32 -7.87 55.64
N GLY P 36 39.33 -7.31 56.31
CA GLY P 36 40.61 -7.11 55.68
C GLY P 36 41.50 -8.32 55.64
N GLU P 37 41.01 -9.49 56.06
CA GLU P 37 41.84 -10.68 56.12
C GLU P 37 41.61 -11.57 54.91
N ILE P 38 42.24 -12.74 54.93
CA ILE P 38 42.12 -13.71 53.85
C ILE P 38 40.88 -14.55 54.07
N GLY P 39 40.11 -14.76 53.01
CA GLY P 39 38.97 -15.63 53.05
C GLY P 39 37.63 -14.98 53.27
N ALA P 40 37.58 -13.65 53.32
CA ALA P 40 36.32 -12.94 53.39
C ALA P 40 35.45 -13.31 52.20
N ALA P 41 34.15 -13.50 52.45
CA ALA P 41 33.20 -13.84 51.41
C ALA P 41 33.33 -12.89 50.22
N ASN P 42 33.22 -11.59 50.48
CA ASN P 42 33.49 -10.56 49.48
C ASN P 42 33.68 -9.24 50.22
N ALA P 43 33.83 -8.16 49.45
CA ALA P 43 34.02 -6.85 50.06
C ALA P 43 32.78 -6.40 50.82
N GLU P 44 31.60 -6.62 50.26
CA GLU P 44 30.36 -6.16 50.89
C GLU P 44 30.05 -6.96 52.15
N LEU P 45 30.08 -8.29 52.06
CA LEU P 45 29.80 -9.10 53.24
C LEU P 45 30.98 -9.13 54.21
N GLY P 46 32.20 -9.10 53.69
CA GLY P 46 33.36 -9.10 54.57
C GLY P 46 33.57 -10.46 55.20
N CYS P 47 33.85 -10.45 56.50
CA CYS P 47 34.01 -11.69 57.26
C CYS P 47 32.61 -12.25 57.53
N TRP P 48 32.24 -13.26 56.76
CA TRP P 48 30.90 -13.86 56.85
C TRP P 48 30.86 -14.80 58.03
N ASP P 49 30.24 -14.36 59.12
CA ASP P 49 30.18 -15.15 60.35
C ASP P 49 28.79 -15.05 60.95
N PRO P 50 27.81 -15.75 60.37
CA PRO P 50 26.44 -15.69 60.90
C PRO P 50 26.29 -16.15 62.34
N LEU P 51 27.15 -17.04 62.82
CA LEU P 51 27.07 -17.55 64.19
C LEU P 51 27.97 -16.79 65.16
N ASN P 52 28.61 -15.71 64.72
CA ASN P 52 29.41 -14.85 65.60
C ASN P 52 30.53 -15.63 66.30
N PHE P 53 31.12 -16.57 65.57
CA PHE P 53 32.23 -17.35 66.13
C PHE P 53 33.51 -16.54 66.20
N CYS P 54 33.62 -15.44 65.46
CA CYS P 54 34.81 -14.60 65.43
C CYS P 54 34.45 -13.25 66.04
N THR P 55 34.99 -12.96 67.22
CA THR P 55 34.69 -11.71 67.90
C THR P 55 35.94 -10.82 67.98
N ASP P 56 37.02 -11.30 68.58
CA ASP P 56 38.27 -10.57 68.68
C ASP P 56 39.25 -11.07 67.62
N GLN P 57 40.53 -10.73 67.78
CA GLN P 57 41.54 -11.31 66.90
C GLN P 57 41.99 -12.69 67.36
N ALA P 58 41.92 -12.99 68.66
CA ALA P 58 42.39 -14.29 69.14
C ALA P 58 41.48 -15.41 68.66
N SER P 59 40.17 -15.22 68.78
CA SER P 59 39.23 -16.20 68.27
C SER P 59 39.39 -16.37 66.76
N PHE P 60 39.55 -15.27 66.02
CA PHE P 60 39.71 -15.41 64.57
C PHE P 60 41.00 -16.14 64.22
N ASP P 61 42.09 -15.86 64.95
CA ASP P 61 43.34 -16.52 64.64
C ASP P 61 43.26 -18.03 64.92
N LYS P 62 42.63 -18.41 66.03
CA LYS P 62 42.43 -19.83 66.30
C LYS P 62 41.54 -20.48 65.23
N MET P 63 40.45 -19.80 64.87
CA MET P 63 39.54 -20.33 63.86
C MET P 63 40.24 -20.46 62.50
N ARG P 64 41.03 -19.48 62.12
CA ARG P 64 41.74 -19.53 60.84
C ARG P 64 42.79 -20.64 60.85
N TYR P 65 43.47 -20.84 61.97
CA TYR P 65 44.40 -21.97 62.06
C TYR P 65 43.66 -23.28 61.83
N ALA P 66 42.53 -23.46 62.51
CA ALA P 66 41.75 -24.68 62.33
C ALA P 66 41.25 -24.82 60.90
N GLU P 67 40.81 -23.71 60.29
CA GLU P 67 40.26 -23.75 58.94
C GLU P 67 41.32 -24.13 57.92
N LEU P 68 42.50 -23.52 58.02
CA LEU P 68 43.59 -23.84 57.11
C LEU P 68 44.03 -25.29 57.29
N LYS P 69 44.12 -25.76 58.53
CA LYS P 69 44.51 -27.14 58.78
C LYS P 69 43.48 -28.12 58.21
N HIS P 70 42.19 -27.87 58.48
CA HIS P 70 41.14 -28.71 57.94
C HIS P 70 41.14 -28.70 56.41
N GLY P 71 41.36 -27.54 55.81
CA GLY P 71 41.39 -27.45 54.37
C GLY P 71 42.56 -28.19 53.74
N ARG P 72 43.75 -28.12 54.35
CA ARG P 72 44.87 -28.91 53.85
C ARG P 72 44.59 -30.41 53.96
N VAL P 73 44.10 -30.84 55.12
CA VAL P 73 43.78 -32.24 55.30
C VAL P 73 42.72 -32.69 54.30
N ALA P 74 41.74 -31.83 54.03
CA ALA P 74 40.64 -32.21 53.16
C ALA P 74 41.06 -32.21 51.69
N GLN P 75 41.97 -31.32 51.30
CA GLN P 75 42.55 -31.42 49.96
C GLN P 75 43.24 -32.77 49.78
N LEU P 76 44.07 -33.15 50.75
CA LEU P 76 44.72 -34.47 50.66
C LEU P 76 43.70 -35.59 50.68
N ALA P 77 42.63 -35.45 51.47
CA ALA P 77 41.63 -36.50 51.59
C ALA P 77 40.87 -36.68 50.28
N ALA P 78 40.46 -35.58 49.66
CA ALA P 78 39.74 -35.68 48.40
C ALA P 78 40.62 -36.28 47.32
N TRP P 79 41.89 -35.86 47.26
CA TRP P 79 42.85 -36.46 46.35
C TRP P 79 42.92 -37.98 46.53
N GLY P 80 43.14 -38.43 47.77
CA GLY P 80 43.32 -39.84 48.01
C GLY P 80 42.06 -40.67 47.79
N TYR P 81 40.91 -40.12 48.21
CA TYR P 81 39.64 -40.81 47.99
C TYR P 81 39.38 -41.00 46.51
N ALA P 82 39.52 -39.92 45.72
CA ALA P 82 39.31 -40.03 44.29
C ALA P 82 40.32 -40.98 43.65
N THR P 83 41.54 -41.05 44.16
CA THR P 83 42.54 -41.91 43.57
C THR P 83 42.25 -43.39 43.85
N THR P 84 42.11 -43.75 45.12
CA THR P 84 41.88 -45.15 45.47
C THR P 84 40.53 -45.65 44.95
N TRP P 85 39.49 -44.82 45.07
CA TRP P 85 38.17 -45.25 44.64
C TRP P 85 38.13 -45.52 43.14
N SER P 86 38.95 -44.80 42.37
CA SER P 86 39.00 -45.00 40.93
C SER P 86 39.83 -46.21 40.52
N GLY P 87 40.09 -47.12 41.44
CA GLY P 87 40.85 -48.31 41.13
C GLY P 87 42.34 -48.04 40.97
N ALA P 88 43.00 -47.66 42.07
CA ALA P 88 44.44 -47.42 42.06
C ALA P 88 44.99 -47.81 43.43
N ARG P 89 45.93 -48.75 43.45
CA ARG P 89 46.43 -49.29 44.70
C ARG P 89 47.96 -49.26 44.73
N PHE P 90 48.49 -49.08 45.90
CA PHE P 90 49.93 -49.10 46.09
C PHE P 90 50.44 -50.54 46.21
N PRO P 91 51.69 -50.79 45.82
CA PRO P 91 52.22 -52.16 45.89
C PRO P 91 52.14 -52.77 47.27
N GLY P 92 51.31 -53.79 47.41
CA GLY P 92 51.15 -54.47 48.68
C GLY P 92 49.70 -54.54 49.13
N CYS P 93 48.88 -53.62 48.65
CA CYS P 93 47.50 -53.48 49.08
C CYS P 93 46.53 -53.50 47.90
N GLU P 94 46.65 -54.48 47.01
CA GLU P 94 45.84 -54.58 45.80
C GLU P 94 44.50 -55.28 46.04
N ASP P 95 44.08 -55.44 47.29
CA ASP P 95 42.82 -56.12 47.57
C ASP P 95 41.91 -55.35 48.51
N PHE P 96 42.23 -54.17 48.86
CA PHE P 96 41.45 -53.58 49.92
C PHE P 96 40.36 -52.68 49.36
N PRO P 97 39.22 -52.58 50.04
CA PRO P 97 38.13 -51.74 49.54
C PRO P 97 38.51 -50.26 49.55
N ALA P 98 37.85 -49.51 48.67
CA ALA P 98 38.32 -48.17 48.31
C ALA P 98 37.89 -47.08 49.27
N GLY P 99 36.59 -46.98 49.56
CA GLY P 99 36.04 -45.82 50.24
C GLY P 99 36.20 -45.86 51.74
N HIS P 100 35.11 -45.61 52.47
CA HIS P 100 35.12 -45.75 53.92
C HIS P 100 35.17 -47.21 54.36
N GLU P 101 34.85 -48.14 53.46
CA GLU P 101 35.01 -49.56 53.75
C GLU P 101 36.46 -49.92 54.05
N ALA P 102 37.40 -49.11 53.58
CA ALA P 102 38.81 -49.24 53.90
C ALA P 102 39.12 -48.96 55.36
N VAL P 103 38.17 -48.41 56.11
CA VAL P 103 38.35 -48.23 57.54
C VAL P 103 37.66 -49.31 58.37
N LEU P 104 36.92 -50.21 57.72
CA LEU P 104 36.30 -51.34 58.39
C LEU P 104 36.95 -52.67 58.01
N LYS P 105 37.50 -52.76 56.81
CA LYS P 105 38.04 -53.99 56.27
C LYS P 105 39.56 -54.07 56.37
N ILE P 106 40.26 -52.96 56.13
CA ILE P 106 41.70 -52.94 56.34
C ILE P 106 41.99 -53.11 57.82
N GLY P 107 42.94 -53.99 58.13
CA GLY P 107 43.26 -54.26 59.52
C GLY P 107 43.92 -53.08 60.20
N THR P 108 43.94 -53.15 61.53
CA THR P 108 44.51 -52.06 62.32
C THR P 108 45.98 -51.84 62.00
N GLU P 109 46.70 -52.92 61.66
CA GLU P 109 48.15 -52.81 61.44
C GLU P 109 48.50 -51.96 60.23
N ASN P 110 47.57 -51.80 59.29
CA ASN P 110 47.80 -50.93 58.15
C ASN P 110 47.29 -49.52 58.39
N LEU P 111 46.29 -49.34 59.26
CA LEU P 111 45.78 -48.02 59.60
C LEU P 111 46.73 -47.27 60.54
N ILE P 112 47.36 -47.98 61.47
CA ILE P 112 48.24 -47.37 62.47
C ILE P 112 49.39 -46.55 61.87
N PRO P 113 50.09 -47.03 60.83
CA PRO P 113 51.21 -46.23 60.29
C PRO P 113 50.80 -44.84 59.83
N VAL P 114 49.55 -44.66 59.38
CA VAL P 114 49.08 -43.31 59.07
C VAL P 114 49.11 -42.44 60.32
N LEU P 115 48.65 -42.99 61.45
CA LEU P 115 48.71 -42.25 62.70
C LEU P 115 50.15 -41.93 63.08
N VAL P 116 51.06 -42.88 62.89
CA VAL P 116 52.45 -42.65 63.26
C VAL P 116 53.05 -41.53 62.41
N VAL P 117 52.82 -41.57 61.10
CA VAL P 117 53.35 -40.54 60.20
C VAL P 117 52.74 -39.18 60.53
N ALA P 118 51.43 -39.15 60.75
CA ALA P 118 50.76 -37.90 61.05
C ALA P 118 51.25 -37.31 62.37
N GLY P 119 51.51 -38.17 63.37
CA GLY P 119 52.06 -37.68 64.61
C GLY P 119 53.45 -37.12 64.44
N ALA P 120 54.29 -37.84 63.70
CA ALA P 120 55.63 -37.32 63.39
C ALA P 120 55.54 -35.96 62.72
N LEU P 121 54.53 -35.76 61.88
CA LEU P 121 54.35 -34.46 61.23
C LEU P 121 53.83 -33.41 62.21
N GLU P 122 52.90 -33.79 63.09
CA GLU P 122 52.35 -32.86 64.07
C GLU P 122 53.43 -32.33 64.98
N THR P 123 54.35 -33.17 65.40
CA THR P 123 55.50 -32.71 66.16
C THR P 123 56.51 -31.93 65.32
N LEU P 124 56.35 -31.90 64.00
CA LEU P 124 57.38 -31.28 63.18
C LEU P 124 57.04 -29.86 62.73
N TRP P 125 55.85 -29.64 62.19
CA TRP P 125 55.51 -28.30 61.73
C TRP P 125 55.54 -27.33 62.90
N LYS P 126 56.23 -26.21 62.73
CA LYS P 126 56.37 -25.20 63.77
C LYS P 126 55.94 -23.86 63.20
N GLN P 127 54.97 -23.22 63.85
CA GLN P 127 54.42 -21.97 63.35
C GLN P 127 55.39 -20.83 63.60
N LYS P 128 55.68 -20.06 62.56
CA LYS P 128 56.51 -18.87 62.71
C LYS P 128 55.74 -17.82 63.50
N GLU P 129 56.28 -17.45 64.67
CA GLU P 129 55.63 -16.44 65.48
C GLU P 129 55.83 -15.07 64.84
N GLY P 130 54.74 -14.32 64.70
CA GLY P 130 54.74 -13.07 63.99
C GLY P 130 54.12 -13.14 62.61
N SER P 131 53.87 -14.35 62.11
CA SER P 131 53.24 -14.55 60.81
C SER P 131 51.80 -15.02 60.98
N PHE P 132 51.17 -15.34 59.85
CA PHE P 132 49.78 -15.77 59.86
C PHE P 132 49.64 -17.17 60.43
N PRO P 133 48.45 -17.52 60.93
CA PRO P 133 48.23 -18.91 61.34
C PRO P 133 48.39 -19.85 60.15
N GLY P 134 48.94 -21.03 60.43
CA GLY P 134 49.27 -21.95 59.37
C GLY P 134 50.57 -21.65 58.65
N ASP P 135 51.32 -20.64 59.08
CA ASP P 135 52.64 -20.37 58.54
C ASP P 135 53.62 -21.20 59.34
N PHE P 136 54.05 -22.33 58.77
CA PHE P 136 54.93 -23.26 59.44
C PHE P 136 56.38 -23.11 59.03
N SER P 137 56.80 -21.91 58.63
CA SER P 137 58.14 -21.73 58.08
C SER P 137 59.23 -21.86 59.13
N ALA P 138 58.86 -21.87 60.40
CA ALA P 138 59.84 -22.12 61.46
C ALA P 138 60.18 -23.59 61.61
N THR P 139 59.69 -24.44 60.72
CA THR P 139 59.96 -25.87 60.80
C THR P 139 61.44 -26.15 60.57
N SER P 140 61.92 -27.26 61.13
CA SER P 140 63.31 -27.64 61.00
C SER P 140 63.74 -27.72 59.54
N PHE P 141 63.10 -28.59 58.77
CA PHE P 141 63.37 -28.66 57.34
C PHE P 141 62.83 -27.41 56.64
N PRO P 142 63.43 -27.01 55.51
CA PRO P 142 63.11 -25.69 54.94
C PRO P 142 61.72 -25.65 54.31
N VAL P 143 60.93 -24.67 54.73
CA VAL P 143 59.55 -24.49 54.29
C VAL P 143 59.28 -23.00 54.16
N GLY P 144 58.40 -22.65 53.22
CA GLY P 144 58.02 -21.27 53.05
C GLY P 144 57.73 -20.96 51.61
N PHE P 145 57.63 -19.66 51.33
CA PHE P 145 57.50 -19.15 49.96
C PHE P 145 58.88 -19.20 49.31
N GLY P 146 59.07 -20.13 48.37
CA GLY P 146 60.34 -20.29 47.72
C GLY P 146 60.46 -19.38 46.52
N PRO P 147 60.65 -19.97 45.33
CA PRO P 147 60.51 -19.20 44.09
C PRO P 147 59.06 -18.92 43.73
N PHE P 148 58.11 -19.45 44.49
CA PHE P 148 56.70 -19.30 44.13
C PHE P 148 56.24 -17.85 44.21
N ALA P 149 56.71 -17.11 45.21
CA ALA P 149 56.19 -15.76 45.45
C ALA P 149 57.35 -14.81 45.71
N LYS P 150 57.26 -13.60 45.16
CA LYS P 150 58.22 -12.53 45.44
C LYS P 150 57.56 -11.34 46.14
N THR P 151 56.41 -10.90 45.65
CA THR P 151 55.72 -9.73 46.20
C THR P 151 54.73 -10.16 47.27
N GLU P 152 54.27 -9.16 48.03
CA GLU P 152 53.24 -9.39 49.04
C GLU P 152 51.92 -9.81 48.39
N ALA P 153 51.58 -9.21 47.26
CA ALA P 153 50.37 -9.58 46.54
C ALA P 153 50.41 -11.03 46.09
N ASP P 154 51.58 -11.50 45.64
CA ASP P 154 51.71 -12.90 45.24
C ASP P 154 51.47 -13.84 46.41
N MET P 155 52.05 -13.53 47.57
CA MET P 155 51.85 -14.37 48.75
C MET P 155 50.39 -14.37 49.18
N ILE P 156 49.75 -13.20 49.16
CA ILE P 156 48.34 -13.12 49.55
C ILE P 156 47.47 -13.91 48.59
N ASP P 157 47.73 -13.80 47.29
CA ASP P 157 46.96 -14.54 46.29
C ASP P 157 47.16 -16.04 46.46
N LEU P 158 48.40 -16.47 46.68
CA LEU P 158 48.69 -17.89 46.89
C LEU P 158 47.97 -18.41 48.13
N ARG P 159 48.01 -17.64 49.22
CA ARG P 159 47.32 -18.04 50.44
C ARG P 159 45.82 -18.14 50.22
N THR P 160 45.25 -17.17 49.51
CA THR P 160 43.81 -17.21 49.27
C THR P 160 43.43 -18.42 48.43
N LYS P 161 44.27 -18.76 47.45
CA LYS P 161 44.02 -19.97 46.68
C LYS P 161 44.14 -21.23 47.53
N GLU P 162 45.15 -21.31 48.41
CA GLU P 162 45.26 -22.47 49.30
C GLU P 162 44.01 -22.59 50.17
N LEU P 163 43.56 -21.48 50.74
CA LEU P 163 42.41 -21.50 51.63
C LEU P 163 41.12 -21.83 50.89
N ASN P 164 40.96 -21.27 49.68
CA ASN P 164 39.73 -21.50 48.91
C ASN P 164 39.65 -22.94 48.44
N ASN P 165 40.77 -23.49 47.96
CA ASN P 165 40.80 -24.89 47.60
C ASN P 165 40.59 -25.77 48.83
N GLY P 166 41.07 -25.33 50.00
CA GLY P 166 40.80 -26.07 51.21
C GLY P 166 39.33 -26.12 51.55
N ARG P 167 38.64 -24.98 51.47
CA ARG P 167 37.20 -24.96 51.73
C ARG P 167 36.44 -25.82 50.72
N ALA P 168 36.78 -25.65 49.43
CA ALA P 168 36.12 -26.43 48.39
C ALA P 168 36.36 -27.92 48.59
N ALA P 169 37.57 -28.30 49.00
CA ALA P 169 37.90 -29.70 49.20
C ALA P 169 37.26 -30.26 50.46
N MET P 170 37.08 -29.43 51.48
CA MET P 170 36.31 -29.85 52.64
C MET P 170 34.91 -30.24 52.21
N MET P 171 34.26 -29.36 51.46
CA MET P 171 32.94 -29.68 50.90
C MET P 171 33.01 -30.92 50.03
N GLY P 172 34.08 -31.05 49.24
CA GLY P 172 34.16 -32.16 48.30
C GLY P 172 34.29 -33.51 48.96
N ILE P 173 35.17 -33.61 49.96
CA ILE P 173 35.31 -34.88 50.67
C ILE P 173 34.04 -35.21 51.44
N LEU P 174 33.42 -34.19 52.05
CA LEU P 174 32.15 -34.41 52.74
C LEU P 174 31.10 -34.96 51.78
N GLY P 175 30.96 -34.34 50.61
CA GLY P 175 30.02 -34.78 49.61
C GLY P 175 30.31 -36.17 49.07
N MET P 176 31.58 -36.45 48.80
CA MET P 176 31.98 -37.78 48.35
C MET P 176 31.54 -38.84 49.35
N ILE P 177 31.85 -38.62 50.62
CA ILE P 177 31.54 -39.61 51.65
C ILE P 177 30.04 -39.81 51.78
N VAL P 178 29.29 -38.69 51.82
CA VAL P 178 27.84 -38.77 51.96
C VAL P 178 27.22 -39.53 50.77
N HIS P 179 27.63 -39.18 49.55
CA HIS P 179 27.07 -39.84 48.38
C HIS P 179 27.51 -41.29 48.24
N GLU P 180 28.67 -41.66 48.79
CA GLU P 180 29.01 -43.07 48.83
C GLU P 180 28.12 -43.83 49.82
N GLN P 181 27.96 -43.28 51.02
CA GLN P 181 27.15 -43.93 52.06
C GLN P 181 25.67 -43.87 51.78
N ILE P 182 25.27 -43.12 50.77
CA ILE P 182 23.86 -43.03 50.39
C ILE P 182 23.54 -44.03 49.28
N ASP P 183 24.19 -43.91 48.13
CA ASP P 183 23.88 -44.74 46.98
C ASP P 183 25.07 -45.46 46.38
N GLY P 184 26.28 -45.21 46.87
CA GLY P 184 27.45 -45.95 46.42
C GLY P 184 28.26 -45.28 45.34
N LYS P 185 27.74 -44.24 44.67
CA LYS P 185 28.56 -43.47 43.74
C LYS P 185 28.97 -42.19 44.44
N PRO P 186 30.17 -42.12 45.04
CA PRO P 186 30.61 -40.83 45.61
C PRO P 186 30.65 -39.73 44.58
N PHE P 187 31.03 -40.07 43.35
CA PHE P 187 30.88 -39.19 42.20
C PHE P 187 29.53 -39.50 41.59
N ILE P 188 28.67 -38.49 41.49
CA ILE P 188 27.24 -38.70 41.29
C ILE P 188 26.86 -38.91 39.83
N PHE P 189 27.77 -38.64 38.89
CA PHE P 189 27.47 -38.71 37.46
C PHE P 189 28.29 -39.77 36.75
N PHE P 190 29.19 -40.44 37.45
CA PHE P 190 30.09 -41.43 36.88
C PHE P 190 30.65 -42.22 38.03
N ASP P 191 31.19 -43.41 37.73
CA ASP P 191 31.63 -44.22 38.86
C ASP P 191 33.11 -44.02 39.18
N LYS P 192 33.99 -44.21 38.21
CA LYS P 192 35.43 -44.08 38.42
C LYS P 192 35.98 -43.02 37.49
N PHE P 193 37.01 -42.33 37.97
CA PHE P 193 37.80 -41.45 37.11
C PHE P 193 38.74 -42.29 36.26
N GLU P 194 38.75 -42.02 34.95
CA GLU P 194 39.67 -42.70 34.04
C GLU P 194 40.77 -41.72 33.70
N ILE P 195 41.80 -41.68 34.55
CA ILE P 195 42.85 -40.68 34.44
C ILE P 195 43.56 -40.81 33.10
N TYR P 196 43.96 -39.67 32.53
CA TYR P 196 44.87 -39.65 31.40
C TYR P 196 46.25 -39.30 31.94
N ALA P 197 47.19 -40.24 31.82
CA ALA P 197 48.58 -40.00 32.16
C ALA P 197 49.39 -40.40 30.93
N PRO P 198 49.88 -39.45 30.14
CA PRO P 198 50.68 -39.81 28.97
C PRO P 198 51.96 -40.52 29.37
N PHE P 199 52.64 -40.00 30.38
CA PHE P 199 53.84 -40.61 30.91
C PHE P 199 53.48 -41.72 31.88
N TYR Q 30 62.99 -0.90 5.82
CA TYR Q 30 62.04 -1.34 6.84
C TYR Q 30 61.70 -0.21 7.79
N ALA Q 31 60.80 -0.47 8.74
CA ALA Q 31 60.36 0.57 9.65
C ALA Q 31 61.43 0.93 10.66
N SER Q 32 61.35 2.15 11.20
CA SER Q 32 62.32 2.63 12.16
C SER Q 32 62.10 2.04 13.55
N GLU Q 33 60.84 1.84 13.95
CA GLU Q 33 60.56 1.32 15.28
C GLU Q 33 61.14 -0.07 15.49
N LEU Q 34 61.33 -0.83 14.41
CA LEU Q 34 61.91 -2.16 14.53
C LEU Q 34 63.26 -2.13 15.26
N ASP Q 35 63.98 -1.01 15.17
CA ASP Q 35 65.26 -0.90 15.85
C ASP Q 35 65.12 -1.02 17.35
N SER Q 36 64.07 -0.44 17.93
CA SER Q 36 63.87 -0.50 19.37
C SER Q 36 62.97 -1.65 19.81
N MET Q 37 62.87 -2.72 19.01
CA MET Q 37 61.98 -3.83 19.29
C MET Q 37 62.76 -5.11 19.59
N THR Q 38 62.13 -5.99 20.37
CA THR Q 38 62.65 -7.33 20.58
C THR Q 38 62.42 -8.17 19.34
N GLY Q 39 63.37 -9.05 19.04
CA GLY Q 39 63.26 -9.91 17.86
C GLY Q 39 64.57 -10.13 17.13
N THR Q 40 65.47 -9.14 17.16
CA THR Q 40 66.84 -9.37 16.73
C THR Q 40 67.57 -10.17 17.81
N GLY Q 41 68.44 -11.08 17.37
CA GLY Q 41 69.16 -11.93 18.30
C GLY Q 41 70.64 -12.13 17.97
N ILE Q 42 71.07 -13.39 17.89
CA ILE Q 42 72.41 -13.72 17.44
C ILE Q 42 72.39 -14.42 16.08
N GLU Q 43 71.39 -15.28 15.86
CA GLU Q 43 71.19 -15.85 14.53
C GLU Q 43 70.83 -14.79 13.50
N SER Q 44 70.44 -13.60 13.94
CA SER Q 44 70.18 -12.45 13.09
C SER Q 44 70.29 -11.19 13.94
N PRO Q 45 71.50 -10.71 14.22
CA PRO Q 45 71.67 -9.57 15.14
C PRO Q 45 71.03 -8.28 14.64
N LYS Q 46 70.86 -8.10 13.34
CA LYS Q 46 70.24 -6.90 12.79
C LYS Q 46 68.83 -7.23 12.30
N VAL Q 47 68.02 -6.18 12.19
CA VAL Q 47 66.62 -6.34 11.80
C VAL Q 47 66.53 -7.09 10.49
N PHE Q 48 65.75 -8.18 10.50
CA PHE Q 48 65.58 -9.04 9.33
C PHE Q 48 64.22 -8.75 8.73
N ASP Q 49 64.21 -7.95 7.66
CA ASP Q 49 63.01 -7.71 6.89
C ASP Q 49 63.39 -7.52 5.43
N PRO Q 50 63.91 -8.56 4.76
CA PRO Q 50 64.39 -8.40 3.38
C PRO Q 50 63.34 -7.85 2.42
N LEU Q 51 62.10 -8.28 2.58
CA LEU Q 51 61.04 -7.85 1.67
C LEU Q 51 60.49 -6.46 2.00
N ASN Q 52 60.91 -5.86 3.12
CA ASN Q 52 60.39 -4.58 3.56
C ASN Q 52 58.88 -4.62 3.79
N LEU Q 53 58.42 -5.73 4.38
CA LEU Q 53 57.00 -5.91 4.66
C LEU Q 53 56.47 -4.97 5.72
N SER Q 54 57.34 -4.24 6.43
CA SER Q 54 56.96 -3.37 7.52
C SER Q 54 56.52 -1.99 7.05
N ASP Q 55 56.54 -1.73 5.75
CA ASP Q 55 55.93 -0.52 5.23
C ASP Q 55 54.41 -0.67 5.08
N TYR Q 56 53.92 -1.90 5.18
CA TYR Q 56 52.51 -2.22 4.96
C TYR Q 56 51.81 -2.62 6.25
N VAL Q 57 52.39 -3.53 7.02
CA VAL Q 57 51.84 -3.96 8.30
C VAL Q 57 52.48 -3.13 9.40
N PRO Q 58 51.73 -2.33 10.15
CA PRO Q 58 52.32 -1.56 11.24
C PRO Q 58 52.92 -2.49 12.28
N VAL Q 59 53.95 -1.98 12.98
CA VAL Q 59 54.77 -2.85 13.81
C VAL Q 59 53.99 -3.38 15.02
N ASP Q 60 53.11 -2.57 15.61
CA ASP Q 60 52.35 -3.06 16.76
C ASP Q 60 51.44 -4.21 16.36
N TRP Q 61 50.70 -4.05 15.26
CA TRP Q 61 49.87 -5.13 14.76
C TRP Q 61 50.72 -6.33 14.36
N ALA Q 62 51.82 -6.07 13.65
CA ALA Q 62 52.66 -7.16 13.17
C ALA Q 62 53.21 -7.98 14.32
N ARG Q 63 53.62 -7.32 15.40
CA ARG Q 63 54.19 -8.03 16.55
C ARG Q 63 53.11 -8.77 17.34
N ARG Q 64 51.95 -8.13 17.54
CA ARG Q 64 50.84 -8.83 18.17
C ARG Q 64 50.47 -10.09 17.38
N ALA Q 65 50.47 -9.98 16.05
CA ALA Q 65 50.11 -11.11 15.21
C ALA Q 65 51.20 -12.17 15.19
N GLU Q 66 52.47 -11.74 15.25
CA GLU Q 66 53.56 -12.69 15.34
C GLU Q 66 53.45 -13.52 16.60
N LEU Q 67 53.16 -12.86 17.72
CA LEU Q 67 53.00 -13.59 18.98
C LEU Q 67 51.76 -14.47 18.97
N SER Q 68 50.66 -13.98 18.39
CA SER Q 68 49.44 -14.78 18.33
C SER Q 68 49.65 -16.05 17.52
N ASN Q 69 50.16 -15.89 16.30
CA ASN Q 69 50.44 -17.03 15.44
C ASN Q 69 51.48 -17.95 16.07
N GLY Q 70 52.50 -17.40 16.70
CA GLY Q 70 53.55 -18.24 17.28
C GLY Q 70 53.08 -19.04 18.48
N ARG Q 71 52.30 -18.43 19.37
CA ARG Q 71 51.73 -19.17 20.49
C ARG Q 71 50.78 -20.27 20.02
N SER Q 72 49.93 -19.95 19.05
CA SER Q 72 49.07 -20.97 18.46
C SER Q 72 49.91 -22.08 17.83
N ALA Q 73 51.03 -21.73 17.20
CA ALA Q 73 51.89 -22.72 16.57
C ALA Q 73 52.61 -23.59 17.59
N MET Q 74 52.99 -23.03 18.74
CA MET Q 74 53.55 -23.86 19.80
C MET Q 74 52.55 -24.92 20.25
N LEU Q 75 51.32 -24.51 20.52
CA LEU Q 75 50.29 -25.48 20.89
C LEU Q 75 50.05 -26.47 19.75
N ALA Q 76 50.06 -26.00 18.50
CA ALA Q 76 49.84 -26.85 17.34
C ALA Q 76 50.94 -27.89 17.19
N THR Q 77 52.19 -27.47 17.37
CA THR Q 77 53.31 -28.39 17.25
C THR Q 77 53.23 -29.48 18.29
N VAL Q 78 52.81 -29.14 19.51
CA VAL Q 78 52.64 -30.20 20.50
C VAL Q 78 51.49 -31.13 20.12
N GLY Q 79 50.33 -30.57 19.77
CA GLY Q 79 49.16 -31.38 19.49
C GLY Q 79 49.24 -32.16 18.20
N TRP Q 80 50.19 -31.81 17.32
CA TRP Q 80 50.34 -32.55 16.08
C TRP Q 80 50.67 -34.01 16.36
N PHE Q 81 51.52 -34.27 17.35
CA PHE Q 81 51.96 -35.62 17.64
C PHE Q 81 51.56 -36.15 19.00
N PHE Q 82 51.06 -35.31 19.92
CA PHE Q 82 50.81 -35.79 21.28
C PHE Q 82 49.96 -37.06 21.37
N PRO Q 83 48.79 -37.16 20.75
CA PRO Q 83 48.01 -38.40 20.90
C PRO Q 83 48.66 -39.61 20.25
N LYS Q 84 49.41 -39.42 19.17
CA LYS Q 84 50.08 -40.54 18.51
C LYS Q 84 51.19 -41.11 19.37
N VAL Q 85 51.98 -40.25 20.01
CA VAL Q 85 53.12 -40.70 20.79
C VAL Q 85 52.71 -41.15 22.19
N PHE Q 86 51.72 -40.48 22.80
CA PHE Q 86 51.40 -40.74 24.19
C PHE Q 86 50.02 -41.32 24.41
N GLY Q 87 49.26 -41.59 23.35
CA GLY Q 87 47.94 -42.16 23.52
C GLY Q 87 46.81 -41.16 23.52
N THR Q 88 45.68 -41.53 22.93
CA THR Q 88 44.49 -40.71 22.97
C THR Q 88 43.75 -40.93 24.29
N PHE Q 89 42.70 -40.15 24.51
CA PHE Q 89 41.80 -40.42 25.62
C PHE Q 89 40.97 -41.67 25.31
N ASP Q 90 40.18 -42.09 26.28
CA ASP Q 90 39.39 -43.31 26.16
C ASP Q 90 38.01 -42.98 25.58
N SER Q 91 38.00 -42.68 24.30
CA SER Q 91 36.77 -42.44 23.57
C SER Q 91 36.90 -43.02 22.17
N THR Q 92 35.75 -43.33 21.58
CA THR Q 92 35.69 -43.83 20.21
C THR Q 92 35.27 -42.76 19.22
N ASP Q 93 35.14 -41.51 19.64
CA ASP Q 93 34.69 -40.45 18.75
C ASP Q 93 35.67 -40.24 17.60
N VAL Q 94 36.96 -40.25 17.91
CA VAL Q 94 38.02 -40.08 16.91
C VAL Q 94 38.90 -41.32 16.98
N THR Q 95 38.79 -42.18 15.98
CA THR Q 95 39.55 -43.42 15.95
C THR Q 95 40.93 -43.27 15.35
N THR Q 96 41.11 -42.35 14.41
CA THR Q 96 42.42 -42.18 13.77
C THR Q 96 43.32 -41.31 14.63
N THR Q 97 44.63 -41.46 14.41
CA THR Q 97 45.60 -40.54 15.00
C THR Q 97 46.15 -39.54 14.01
N ASP Q 98 45.71 -39.58 12.75
CA ASP Q 98 46.07 -38.59 11.76
C ASP Q 98 45.67 -37.21 12.26
N PRO Q 99 46.58 -36.24 12.32
CA PRO Q 99 46.19 -34.89 12.76
C PRO Q 99 45.16 -34.25 11.85
N ILE Q 100 45.23 -34.49 10.55
CA ILE Q 100 44.32 -33.84 9.62
C ILE Q 100 42.98 -34.58 9.53
N ASP Q 101 43.01 -35.89 9.42
CA ASP Q 101 41.77 -36.67 9.34
C ASP Q 101 41.02 -36.70 10.66
N ALA Q 102 41.62 -36.20 11.74
CA ALA Q 102 40.89 -36.09 13.00
C ALA Q 102 39.93 -34.92 13.01
N ILE Q 103 40.11 -33.96 12.11
CA ILE Q 103 39.29 -32.74 12.14
C ILE Q 103 37.82 -33.07 11.90
N MET Q 104 37.55 -33.72 10.77
CA MET Q 104 36.16 -34.07 10.43
C MET Q 104 35.61 -35.20 11.29
N GLN Q 105 36.46 -36.06 11.85
CA GLN Q 105 35.97 -37.10 12.74
C GLN Q 105 35.54 -36.57 14.10
N ALA Q 106 36.19 -35.52 14.59
CA ALA Q 106 35.82 -34.94 15.87
C ALA Q 106 34.41 -34.37 15.80
N ASP Q 107 33.67 -34.50 16.91
CA ASP Q 107 32.29 -34.05 16.95
C ASP Q 107 32.22 -32.52 16.86
N PRO Q 108 31.26 -31.97 16.11
CA PRO Q 108 31.14 -30.51 16.02
C PRO Q 108 30.89 -29.82 17.34
N GLN Q 109 30.33 -30.51 18.35
CA GLN Q 109 30.19 -29.91 19.67
C GLN Q 109 31.55 -29.53 20.25
N TRP Q 110 32.55 -30.37 20.04
CA TRP Q 110 33.92 -30.01 20.41
C TRP Q 110 34.39 -28.76 19.69
N TRP Q 111 34.18 -28.69 18.37
CA TRP Q 111 34.68 -27.53 17.64
C TRP Q 111 33.99 -26.24 18.06
N ALA Q 112 32.68 -26.31 18.33
CA ALA Q 112 31.98 -25.14 18.85
C ALA Q 112 32.53 -24.71 20.20
N GLN Q 113 32.78 -25.67 21.10
CA GLN Q 113 33.32 -25.29 22.41
C GLN Q 113 34.77 -24.82 22.31
N TRP Q 114 35.51 -25.31 21.33
CA TRP Q 114 36.88 -24.85 21.13
C TRP Q 114 36.90 -23.41 20.63
N ILE Q 115 36.05 -23.10 19.64
CA ILE Q 115 35.89 -21.72 19.21
C ILE Q 115 35.47 -20.85 20.39
N LEU Q 116 34.57 -21.36 21.23
CA LEU Q 116 34.12 -20.62 22.39
C LEU Q 116 35.26 -20.31 23.35
N ILE Q 117 36.11 -21.30 23.63
CA ILE Q 117 37.20 -21.08 24.58
C ILE Q 117 38.24 -20.13 24.00
N CYS Q 118 38.49 -20.21 22.69
CA CYS Q 118 39.36 -19.22 22.07
C CYS Q 118 38.78 -17.82 22.17
N GLY Q 119 37.46 -17.70 22.01
CA GLY Q 119 36.82 -16.41 22.18
C GLY Q 119 36.90 -15.90 23.61
N VAL Q 120 36.79 -16.80 24.57
CA VAL Q 120 37.01 -16.44 25.98
C VAL Q 120 38.43 -15.93 26.18
N PHE Q 121 39.41 -16.62 25.60
CA PHE Q 121 40.80 -16.16 25.69
C PHE Q 121 40.96 -14.77 25.09
N GLU Q 122 40.40 -14.55 23.90
CA GLU Q 122 40.50 -13.25 23.25
C GLU Q 122 39.84 -12.16 24.09
N THR Q 123 38.69 -12.48 24.69
CA THR Q 123 38.01 -11.53 25.58
C THR Q 123 38.87 -11.21 26.78
N TRP Q 124 39.52 -12.23 27.36
CA TRP Q 124 40.42 -12.02 28.48
C TRP Q 124 41.57 -11.11 28.08
N LYS Q 125 42.12 -11.31 26.89
CA LYS Q 125 43.19 -10.44 26.41
C LYS Q 125 42.72 -9.00 26.28
N TYR Q 126 41.54 -8.80 25.68
CA TYR Q 126 41.00 -7.45 25.54
C TYR Q 126 40.81 -6.80 26.90
N LYS Q 127 40.16 -7.50 27.83
CA LYS Q 127 39.87 -6.93 29.13
C LYS Q 127 41.16 -6.62 29.90
N LYS Q 128 42.14 -7.52 29.82
CA LYS Q 128 43.40 -7.30 30.52
C LYS Q 128 44.13 -6.09 29.96
N GLU Q 129 44.15 -5.95 28.64
CA GLU Q 129 44.80 -4.78 28.05
C GLU Q 129 44.07 -3.50 28.41
N MET Q 130 42.75 -3.55 28.53
CA MET Q 130 42.02 -2.37 28.99
C MET Q 130 42.38 -2.01 30.43
N GLU Q 131 42.75 -3.00 31.24
CA GLU Q 131 43.13 -2.79 32.63
C GLU Q 131 44.57 -2.31 32.77
N GLY Q 132 45.26 -2.03 31.68
CA GLY Q 132 46.65 -1.61 31.75
C GLY Q 132 47.62 -2.75 31.94
N LYS Q 133 47.25 -3.94 31.48
CA LYS Q 133 48.12 -5.10 31.50
C LYS Q 133 48.56 -5.45 30.08
N SER Q 134 49.56 -6.30 29.99
CA SER Q 134 50.19 -6.61 28.72
C SER Q 134 50.32 -8.12 28.53
N PHE Q 135 50.05 -8.57 27.31
CA PHE Q 135 50.38 -9.92 26.87
C PHE Q 135 51.50 -9.90 25.84
N LEU Q 136 52.22 -8.79 25.73
CA LEU Q 136 53.27 -8.61 24.73
C LEU Q 136 54.59 -8.26 25.40
N GLY Q 137 54.87 -8.88 26.54
CA GLY Q 137 56.11 -8.62 27.24
C GLY Q 137 56.20 -7.30 27.95
N GLY Q 138 55.06 -6.65 28.23
CA GLY Q 138 55.07 -5.40 28.95
C GLY Q 138 55.31 -5.58 30.44
N ALA Q 139 54.91 -4.58 31.23
CA ALA Q 139 55.24 -4.57 32.65
C ALA Q 139 54.43 -5.59 33.43
N ASP Q 140 53.11 -5.44 33.45
CA ASP Q 140 52.22 -6.31 34.21
C ASP Q 140 51.64 -7.36 33.27
N PRO Q 141 51.95 -8.64 33.47
CA PRO Q 141 51.48 -9.68 32.53
C PRO Q 141 49.96 -9.79 32.54
N ALA Q 142 49.38 -9.92 31.35
CA ALA Q 142 47.97 -10.30 31.26
C ALA Q 142 47.76 -11.69 31.84
N VAL Q 143 48.61 -12.63 31.43
CA VAL Q 143 48.53 -14.01 31.90
C VAL Q 143 49.91 -14.45 32.38
N ASP Q 144 50.04 -14.62 33.69
CA ASP Q 144 51.20 -15.30 34.26
C ASP Q 144 50.74 -16.07 35.48
N TYR Q 145 50.37 -17.33 35.32
CA TYR Q 145 49.78 -18.06 36.43
C TYR Q 145 50.84 -18.75 37.28
N LEU Q 146 52.04 -18.96 36.76
CA LEU Q 146 53.12 -19.57 37.53
C LEU Q 146 54.02 -18.55 38.21
N LYS Q 147 53.76 -17.25 38.05
CA LYS Q 147 54.53 -16.19 38.69
C LYS Q 147 56.02 -16.30 38.37
N LEU Q 148 56.32 -16.17 37.08
CA LEU Q 148 57.69 -16.25 36.60
C LEU Q 148 58.22 -14.97 35.99
N TRP Q 149 57.40 -13.94 35.85
CA TRP Q 149 57.81 -12.69 35.24
C TRP Q 149 58.68 -11.92 36.23
N PRO Q 150 59.94 -11.66 35.92
CA PRO Q 150 60.80 -10.93 36.85
C PRO Q 150 60.58 -9.43 36.76
N ALA Q 151 61.14 -8.73 37.75
CA ALA Q 151 61.00 -7.29 37.85
C ALA Q 151 62.15 -6.53 37.21
N ASP Q 152 63.06 -7.19 36.54
CA ASP Q 152 64.22 -6.56 35.94
C ASP Q 152 64.03 -6.41 34.43
N ALA Q 153 64.33 -5.22 33.92
CA ALA Q 153 64.11 -4.95 32.49
C ALA Q 153 64.96 -5.85 31.60
N ALA Q 154 66.22 -6.10 31.96
CA ALA Q 154 67.06 -6.99 31.17
C ALA Q 154 66.61 -8.44 31.28
N ALA Q 155 66.18 -8.88 32.46
CA ALA Q 155 65.66 -10.23 32.61
C ALA Q 155 64.36 -10.43 31.83
N GLN Q 156 63.48 -9.42 31.89
CA GLN Q 156 62.28 -9.44 31.06
C GLN Q 156 62.66 -9.47 29.58
N GLU Q 157 63.70 -8.74 29.19
CA GLU Q 157 64.15 -8.79 27.80
C GLU Q 157 64.60 -10.18 27.41
N GLU Q 158 65.34 -10.86 28.29
CA GLU Q 158 65.76 -12.23 28.03
C GLU Q 158 64.56 -13.15 27.87
N MET Q 159 63.56 -13.02 28.76
CA MET Q 159 62.38 -13.88 28.67
C MET Q 159 61.61 -13.63 27.37
N LYS Q 160 61.46 -12.36 27.00
CA LYS Q 160 60.75 -12.02 25.77
C LYS Q 160 61.47 -12.58 24.55
N THR Q 161 62.80 -12.49 24.55
CA THR Q 161 63.57 -13.07 23.45
C THR Q 161 63.36 -14.57 23.37
N LYS Q 162 63.35 -15.25 24.52
CA LYS Q 162 63.16 -16.70 24.51
C LYS Q 162 61.78 -17.07 23.96
N GLU Q 163 60.74 -16.36 24.42
CA GLU Q 163 59.40 -16.63 23.95
C GLU Q 163 59.28 -16.41 22.45
N LEU Q 164 59.86 -15.33 21.94
CA LEU Q 164 59.77 -15.05 20.51
C LEU Q 164 60.58 -16.05 19.69
N LYS Q 165 61.75 -16.48 20.18
CA LYS Q 165 62.54 -17.46 19.45
C LYS Q 165 61.81 -18.79 19.36
N ASN Q 166 61.28 -19.26 20.49
CA ASN Q 166 60.54 -20.52 20.46
C ASN Q 166 59.26 -20.40 19.64
N ALA Q 167 58.66 -19.20 19.61
CA ALA Q 167 57.48 -18.98 18.79
C ALA Q 167 57.80 -19.09 17.30
N ARG Q 168 58.88 -18.45 16.86
CA ARG Q 168 59.28 -18.56 15.46
C ARG Q 168 59.65 -19.99 15.11
N LEU Q 169 60.38 -20.66 16.00
CA LEU Q 169 60.76 -22.04 15.76
C LEU Q 169 59.53 -22.93 15.64
N ALA Q 170 58.53 -22.72 16.49
CA ALA Q 170 57.31 -23.53 16.44
C ALA Q 170 56.48 -23.24 15.20
N MET Q 171 56.43 -21.99 14.77
CA MET Q 171 55.76 -21.69 13.50
C MET Q 171 56.42 -22.46 12.37
N ILE Q 172 57.76 -22.43 12.33
CA ILE Q 172 58.50 -23.17 11.33
C ILE Q 172 58.16 -24.65 11.42
N GLY Q 173 58.14 -25.19 12.63
CA GLY Q 173 57.89 -26.60 12.83
C GLY Q 173 56.50 -27.06 12.41
N ILE Q 174 55.48 -26.29 12.76
CA ILE Q 174 54.12 -26.65 12.34
C ILE Q 174 53.99 -26.57 10.82
N ALA Q 175 54.57 -25.52 10.22
CA ALA Q 175 54.57 -25.44 8.77
C ALA Q 175 55.25 -26.65 8.14
N GLY Q 176 56.40 -27.04 8.66
CA GLY Q 176 57.13 -28.18 8.17
C GLY Q 176 56.39 -29.49 8.32
N PHE Q 177 55.78 -29.70 9.48
CA PHE Q 177 54.96 -30.88 9.69
C PHE Q 177 53.84 -30.96 8.67
N ALA Q 178 53.15 -29.84 8.44
CA ALA Q 178 52.06 -29.83 7.48
C ALA Q 178 52.55 -30.11 6.07
N ALA Q 179 53.68 -29.51 5.68
CA ALA Q 179 54.21 -29.72 4.34
C ALA Q 179 54.64 -31.17 4.13
N ASN Q 180 55.35 -31.75 5.11
CA ASN Q 180 55.75 -33.14 4.98
C ASN Q 180 54.55 -34.06 4.98
N HIS Q 181 53.49 -33.70 5.70
CA HIS Q 181 52.28 -34.53 5.69
C HIS Q 181 51.60 -34.52 4.32
N PHE Q 182 51.37 -33.33 3.77
CA PHE Q 182 50.71 -33.25 2.47
C PHE Q 182 51.65 -33.70 1.35
N ILE Q 183 52.93 -33.35 1.45
CA ILE Q 183 53.92 -33.67 0.42
C ILE Q 183 55.09 -34.39 1.09
N PRO Q 184 55.10 -35.72 1.15
CA PRO Q 184 56.18 -36.42 1.84
C PRO Q 184 57.56 -36.05 1.28
N GLY Q 185 58.50 -35.82 2.19
CA GLY Q 185 59.86 -35.48 1.85
C GLY Q 185 60.15 -34.00 1.75
N SER Q 186 59.12 -33.15 1.78
CA SER Q 186 59.34 -31.71 1.72
C SER Q 186 60.05 -31.18 2.97
N CYS Q 187 59.87 -31.84 4.11
CA CYS Q 187 60.49 -31.39 5.34
C CYS Q 187 60.93 -32.60 6.14
N PRO Q 188 62.13 -32.59 6.67
CA PRO Q 188 62.66 -33.76 7.40
C PRO Q 188 61.97 -33.98 8.75
N VAL Q 189 60.80 -34.59 8.68
CA VAL Q 189 59.99 -34.88 9.86
C VAL Q 189 60.21 -36.35 10.23
N PRO Q 190 60.49 -36.66 11.50
CA PRO Q 190 60.63 -38.07 11.89
C PRO Q 190 59.37 -38.87 11.55
N ASP Q 191 59.54 -39.89 10.71
CA ASP Q 191 58.45 -40.66 10.13
C ASP Q 191 57.40 -41.11 11.15
N PHE Q 192 57.81 -41.32 12.41
CA PHE Q 192 56.84 -41.76 13.40
C PHE Q 192 55.92 -40.63 13.86
N ILE Q 193 56.30 -39.37 13.65
CA ILE Q 193 55.43 -38.25 13.97
C ILE Q 193 55.08 -37.43 12.74
N ALA Q 194 55.17 -38.04 11.56
CA ALA Q 194 54.88 -37.32 10.32
C ALA Q 194 53.38 -37.14 10.11
MG CL0 R . -20.33 -10.09 -5.90
CHA CL0 R . -20.92 -9.88 -2.48
CHB CL0 R . -19.27 -6.89 -5.81
CHC CL0 R . -19.21 -10.55 -9.07
CHD CL0 R . -21.17 -13.67 -5.74
NA CL0 R . -20.07 -8.66 -4.41
C1A CL0 R . -20.42 -8.67 -3.18
C2A CL0 R . -20.33 -7.36 -2.44
C3A CL0 R . -19.88 -6.44 -3.54
C4A CL0 R . -19.72 -7.41 -4.67
CMA CL0 R . -21.16 -5.69 -3.86
CAA CL0 R . -19.14 -7.29 -1.49
CBA CL0 R . -18.98 -5.87 -0.93
CGA CL0 R . -17.77 -5.68 -0.05
O1A CL0 R . -17.22 -4.60 -0.05
O2A CL0 R . -17.24 -6.73 0.81
NB CL0 R . -19.40 -8.88 -7.23
C1B CL0 R . -19.01 -7.63 -7.06
C2B CL0 R . -18.23 -7.05 -8.18
C3B CL0 R . -18.22 -8.17 -9.14
C4B CL0 R . -18.98 -9.24 -8.45
CMB CL0 R . -17.60 -5.70 -8.34
CAB CL0 R . -17.63 -8.26 -10.49
CBB CL0 R . -18.09 -7.44 -11.42
NC CL0 R . -20.20 -11.76 -7.11
C1C CL0 R . -19.76 -11.73 -8.39
C2C CL0 R . -19.85 -13.02 -9.13
C3C CL0 R . -20.43 -13.92 -8.13
C4C CL0 R . -20.60 -13.05 -6.95
CMC CL0 R . -19.45 -13.32 -10.55
CAC CL0 R . -20.77 -15.38 -8.27
CBC CL0 R . -22.15 -15.43 -8.86
ND CL0 R . -20.87 -11.50 -4.52
C1D CL0 R . -21.24 -12.87 -4.51
C2D CL0 R . -21.68 -13.38 -3.19
C3D CL0 R . -21.53 -12.14 -2.37
C4D CL0 R . -21.04 -11.16 -3.20
CMD CL0 R . -22.15 -14.69 -2.67
CAD CL0 R . -21.71 -11.53 -1.03
OBD CL0 R . -22.10 -12.17 0.02
CBD CL0 R . -21.28 -10.11 -1.06
CGD CL0 R . -20.04 -10.10 -0.19
O1D CL0 R . -19.03 -10.67 -0.53
O2D CL0 R . -20.04 -9.42 1.09
CED CL0 R . -18.90 -9.52 1.93
C1 CL0 R . -15.89 -6.75 1.24
C2 CL0 R . -15.22 -8.00 0.71
C3 CL0 R . -15.07 -9.09 1.46
C4 CL0 R . -15.53 -9.13 2.89
C5 CL0 R . -14.40 -10.32 0.89
C6 CL0 R . -15.30 -11.55 0.96
C7 CL0 R . -14.83 -12.63 0.00
C8 CL0 R . -13.44 -13.14 0.38
C9 CL0 R . -12.91 -14.04 -0.72
C10 CL0 R . -13.50 -13.87 1.72
C11 CL0 R . -12.13 -14.29 2.22
C12 CL0 R . -12.16 -14.59 3.71
C13 CL0 R . -10.77 -14.94 4.26
C14 CL0 R . -10.86 -15.62 5.62
C15 CL0 R . -9.86 -13.72 4.29
C16 CL0 R . -10.51 -12.44 4.81
C17 CL0 R . -9.48 -11.57 5.53
C18 CL0 R . -9.70 -10.06 5.37
C19 CL0 R . -9.25 -9.31 6.62
C20 CL0 R . -11.11 -9.68 4.98
MG CLA S . -10.82 -6.56 1.52
CHA CLA S . -11.36 -8.04 -1.55
CHB CLA S . -8.30 -8.74 2.01
CHC CLA S . -9.83 -4.58 4.10
CHD CLA S . -13.46 -4.16 0.72
NA CLA S . -9.95 -8.10 0.41
C1A CLA S . -10.36 -8.69 -0.65
C2A CLA S . -9.68 -9.97 -1.04
C3A CLA S . -8.74 -10.16 0.14
C4A CLA S . -9.03 -8.91 0.90
CMA CLA S . -9.27 -11.33 0.95
CAA CLA S . -8.75 -9.74 -2.22
CBA CLA S . -8.40 -11.01 -3.00
CGA CLA S . -7.05 -11.55 -2.59
O1A CLA S . -6.39 -11.03 -1.71
O2A CLA S . -6.50 -12.71 -3.26
NB CLA S . -9.30 -6.67 2.87
C1B CLA S . -8.35 -7.59 2.92
C2B CLA S . -7.27 -7.34 3.91
C3B CLA S . -7.74 -6.07 4.53
C4B CLA S . -9.01 -5.77 3.80
CMB CLA S . -6.05 -8.16 4.22
CAB CLA S . -7.16 -5.26 5.62
CBB CLA S . -5.88 -5.21 5.83
NC CLA S . -11.46 -4.71 2.21
C1C CLA S . -11.03 -4.18 3.35
C2C CLA S . -11.88 -3.07 3.89
C3C CLA S . -12.95 -2.95 2.89
C4C CLA S . -12.58 -4.00 1.90
CMC CLA S . -11.68 -2.26 5.14
CAC CLA S . -14.12 -2.00 2.86
CBC CLA S . -15.29 -2.69 3.53
ND CLA S . -12.15 -6.15 0.04
C1D CLA S . -13.09 -5.13 -0.31
C2D CLA S . -13.63 -5.17 -1.68
C3D CLA S . -12.88 -6.37 -2.19
C4D CLA S . -12.07 -6.82 -1.17
CMD CLA S . -14.60 -4.37 -2.49
CAD CLA S . -12.63 -7.25 -3.36
OBD CLA S . -13.18 -7.16 -4.49
CBD CLA S . -11.67 -8.31 -2.98
CGD CLA S . -12.43 -9.61 -3.07
O1D CLA S . -13.12 -10.01 -2.15
O2D CLA S . -12.39 -10.42 -4.27
CED CLA S . -13.37 -11.44 -4.45
C1 CLA S . -5.25 -13.28 -2.87
C2 CLA S . -4.10 -12.38 -3.28
C3 CLA S . -3.09 -12.84 -4.04
C4 CLA S . -3.08 -14.26 -4.52
C5 CLA S . -1.95 -11.92 -4.42
C6 CLA S . -1.08 -11.52 -3.24
C7 CLA S . 0.21 -10.83 -3.72
C8 CLA S . 1.21 -10.61 -2.59
C9 CLA S . 0.60 -9.88 -1.40
C10 CLA S . 2.40 -9.81 -3.11
C11 CLA S . 3.20 -10.55 -4.17
C12 CLA S . 4.53 -9.83 -4.45
C13 CLA S . 5.20 -10.33 -5.72
C14 CLA S . 5.51 -11.83 -5.66
C15 CLA S . 6.48 -9.53 -5.96
C16 CLA S . 7.13 -9.90 -7.28
C17 CLA S . 8.35 -9.02 -7.53
C18 CLA S . 9.13 -9.50 -8.74
C19 CLA S . 9.38 -11.00 -8.68
C20 CLA S . 10.45 -8.74 -8.86
MG CLA T . -22.16 7.89 -11.46
CHA CLA T . -22.99 10.62 -13.38
CHB CLA T . -25.24 6.66 -12.05
CHC CLA T . -21.07 4.94 -10.21
CHD CLA T . -18.79 9.30 -11.07
NA CLA T . -23.80 8.49 -12.55
C1A CLA T . -24.04 9.57 -13.19
C2A CLA T . -25.42 9.75 -13.75
C3A CLA T . -26.09 8.51 -13.24
C4A CLA T . -24.96 7.84 -12.57
CMA CLA T . -27.07 8.97 -12.16
CAA CLA T . -25.29 9.50 -15.26
CBA CLA T . -26.55 9.69 -16.11
CGA CLA T . -27.56 8.59 -15.96
O1A CLA T . -27.30 7.45 -16.32
O2A CLA T . -28.84 8.86 -15.35
NB CLA T . -23.03 6.08 -11.17
C1B CLA T . -24.30 5.76 -11.39
C2B CLA T . -24.68 4.38 -11.06
C3B CLA T . -23.42 3.86 -10.51
C4B CLA T . -22.47 4.99 -10.63
CMB CLA T . -26.02 3.74 -11.23
CAB CLA T . -23.13 2.51 -9.96
CBB CLA T . -23.37 1.44 -10.67
NC CLA T . -20.29 7.26 -10.82
C1C CLA T . -20.08 6.04 -10.30
C2C CLA T . -18.70 5.83 -9.78
C3C CLA T . -18.04 7.12 -10.03
C4C CLA T . -19.12 7.91 -10.67
CMC CLA T . -18.13 4.60 -9.13
CAC CLA T . -16.61 7.53 -9.73
CBC CLA T . -16.69 8.44 -8.53
ND CLA T . -21.07 9.50 -12.04
C1D CLA T . -19.76 10.05 -11.84
C2D CLA T . -19.52 11.35 -12.47
C3D CLA T . -20.85 11.58 -13.10
C4D CLA T . -21.64 10.47 -12.84
CMD CLA T . -18.35 12.28 -12.53
CAD CLA T . -21.67 12.50 -13.93
OBD CLA T . -21.28 13.62 -14.40
CBD CLA T . -23.00 11.90 -14.14
CGD CLA T . -24.19 12.79 -14.05
O1D CLA T . -24.49 13.39 -13.04
O2D CLA T . -24.99 12.91 -15.26
CED CLA T . -26.20 13.64 -15.26
C1 CLA T . -29.77 7.82 -15.08
C2 CLA T . -29.83 7.60 -13.59
C3 CLA T . -29.46 6.45 -13.02
C4 CLA T . -28.97 5.31 -13.86
C5 CLA T . -29.56 6.30 -11.52
C6 CLA T . -31.00 6.05 -11.10
C7 CLA T . -31.18 4.59 -10.70
C8 CLA T . -32.66 4.18 -10.70
C9 CLA T . -33.13 3.88 -12.11
C10 CLA T . -33.49 5.26 -10.02
C11 CLA T . -34.55 4.63 -9.13
C12 CLA T . -35.09 5.62 -8.11
C13 CLA T . -35.93 4.94 -7.05
C14 CLA T . -37.27 4.53 -7.63
C15 CLA T . -36.13 5.89 -5.87
C16 CLA T . -35.58 5.37 -4.55
C17 CLA T . -36.45 4.27 -3.95
C18 CLA T . -36.59 4.42 -2.44
C19 CLA T . -37.51 5.58 -2.08
C20 CLA T . -35.23 4.61 -1.76
MG CLA U . -39.00 14.77 5.23
CHA CLA U . -38.39 16.20 2.14
CHB CLA U . -38.28 11.78 3.86
CHC CLA U . -40.18 13.37 8.07
CHD CLA U . -40.19 18.05 6.39
NA CLA U . -38.47 14.09 3.33
C1A CLA U . -38.16 14.73 2.28
C2A CLA U . -37.57 13.94 1.14
C3A CLA U . -37.57 12.54 1.72
C4A CLA U . -38.15 12.83 3.06
CMA CLA U . -38.59 11.64 1.01
CAA CLA U . -36.10 14.34 0.98
CBA CLA U . -35.79 14.75 -0.45
CGA CLA U . -36.14 13.59 -1.32
O1A CLA U . -35.54 12.54 -1.19
O2A CLA U . -37.21 13.66 -2.29
NB CLA U . -39.20 12.84 5.87
C1B CLA U . -38.83 11.75 5.21
C2B CLA U . -39.02 10.48 5.94
C3B CLA U . -39.60 10.95 7.22
C4B CLA U . -39.66 12.43 7.05
CMB CLA U . -38.70 9.08 5.51
CAB CLA U . -40.00 10.12 8.38
CBB CLA U . -40.35 10.61 9.56
NC CLA U . -40.00 15.56 6.86
C1C CLA U . -40.35 14.83 7.92
C2C CLA U . -40.98 15.59 9.02
C3C CLA U . -40.98 16.97 8.52
C4C CLA U . -40.35 16.81 7.18
CMC CLA U . -41.49 15.09 10.35
CAC CLA U . -41.47 18.23 9.18
CBC CLA U . -42.89 18.45 8.67
ND CLA U . -39.29 16.66 4.54
C1D CLA U . -39.71 17.94 5.02
C2D CLA U . -39.61 19.05 4.06
C3D CLA U . -39.07 18.32 2.88
C4D CLA U . -38.94 16.99 3.25
CMD CLA U . -39.92 20.52 4.09
CAD CLA U . -38.63 18.44 1.48
OBD CLA U . -38.63 19.52 0.80
CBD CLA U . -38.19 17.10 0.98
CGD CLA U . -39.03 16.73 -0.19
O1D CLA U . -38.72 17.10 -1.31
O2D CLA U . -40.23 15.93 -0.02
CED CLA U . -40.96 15.50 -1.15
C1 CLA U . -38.09 12.55 -2.38
C2 CLA U . -37.77 11.61 -3.51
C3 CLA U . -38.18 10.34 -3.43
C4 CLA U . -38.93 9.87 -2.22
C5 CLA U . -37.91 9.35 -4.53
C6 CLA U . -39.12 8.44 -4.74
C7 CLA U . -39.53 8.34 -6.20
C8 CLA U . -39.41 9.67 -6.95
C9 CLA U . -40.60 10.58 -6.67
C10 CLA U . -39.30 9.37 -8.46
C11 CLA U . -40.28 8.27 -8.87
C12 CLA U . -40.09 7.84 -10.32
C13 CLA U . -40.66 6.44 -10.55
C14 CLA U . -40.15 5.48 -9.48
C15 CLA U . -40.29 5.93 -11.94
C16 CLA U . -38.86 5.42 -11.99
C17 CLA U . -38.52 4.84 -13.35
C18 CLA U . -37.05 4.46 -13.42
C19 CLA U . -36.62 4.19 -14.85
C20 CLA U . -36.76 3.27 -12.51
MG CLA V . -38.73 11.98 14.67
CHA CLA V . -39.75 15.17 15.54
CHB CLA V . -40.01 10.87 17.60
CHC CLA V . -38.27 8.82 13.51
CHD CLA V . -37.71 13.31 11.39
NA CLA V . -39.74 12.84 16.26
C1A CLA V . -39.97 14.07 16.53
C2A CLA V . -40.54 14.38 17.89
C3A CLA V . -40.59 12.99 18.51
C4A CLA V . -40.07 12.18 17.37
CMA CLA V . -39.57 12.92 19.64
CAA CLA V . -41.98 14.91 17.78
CBA CLA V . -43.03 13.98 18.36
CGA CLA V . -44.43 14.42 18.01
O1A CLA V . -44.91 15.45 18.45
O2A CLA V . -45.23 13.63 17.11
NB CLA V . -39.09 10.13 15.45
C1B CLA V . -39.57 9.83 16.66
C2B CLA V . -39.69 8.38 16.95
C3B CLA V . -39.16 7.78 15.71
C4B CLA V . -38.82 8.96 14.87
CMB CLA V . -40.19 7.68 18.18
CAB CLA V . -38.98 6.37 15.32
CBB CLA V . -38.40 5.51 16.12
NC CLA V . -38.15 11.25 12.83
C1C CLA V . -37.98 9.93 12.57
C2C CLA V . -37.45 9.62 11.23
C3C CLA V . -37.29 10.95 10.62
C4C CLA V . -37.75 11.86 11.69
CMC CLA V . -37.14 8.29 10.61
CAC CLA V . -36.79 11.31 9.26
CBC CLA V . -35.32 11.62 9.44
ND CLA V . -38.71 13.73 13.63
C1D CLA V . -38.28 14.23 12.36
C2D CLA V . -38.48 15.68 12.15
C3D CLA V . -39.09 16.05 13.46
C4D CLA V . -39.19 14.89 14.20
CMD CLA V . -38.21 16.64 11.03
CAD CLA V . -39.64 17.15 14.27
OBD CLA V . -39.71 18.37 13.89
CBD CLA V . -40.08 16.63 15.58
CGD CLA V . -39.42 17.37 16.70
O1D CLA V . -40.03 18.25 17.28
O2D CLA V . -38.07 17.09 17.14
CED CLA V . -37.62 17.68 18.37
C1 CLA V . -46.42 13.01 17.58
C2 CLA V . -46.64 11.69 16.89
C3 CLA V . -47.87 11.31 16.55
C4 CLA V . -49.03 12.19 16.88
C5 CLA V . -48.10 10.00 15.85
C6 CLA V . -47.36 9.84 14.53
C7 CLA V . -47.66 10.95 13.52
C8 CLA V . -47.86 10.39 12.11
C9 CLA V . -46.89 9.25 11.80
C10 CLA V . -47.73 11.50 11.08
C11 CLA V . -47.86 10.95 9.68
MG CLA W . -32.80 6.89 23.14
CHA CLA W . -31.92 3.95 24.71
CHB CLA W . -34.87 5.08 21.17
CHC CLA W . -33.32 9.69 21.38
CHD CLA W . -30.05 8.55 24.96
NA CLA W . -33.28 4.88 22.92
C1A CLA W . -32.96 3.88 23.65
C2A CLA W . -33.70 2.60 23.43
C3A CLA W . -34.59 2.96 22.27
C4A CLA W . -34.22 4.40 22.10
CMA CLA W . -34.10 2.21 21.03
CAA CLA W . -34.64 2.45 24.63
CBA CLA W . -34.72 1.02 25.14
CGA CLA W . -35.67 0.22 24.28
O1A CLA W . -36.78 -0.02 24.71
O2A CLA W . -35.24 -0.19 22.95
NB CLA W . -33.95 7.32 21.50
C1B CLA W . -34.72 6.49 20.81
C2B CLA W . -35.45 7.12 19.67
C3B CLA W . -34.97 8.52 19.77
C4B CLA W . -34.05 8.51 20.93
CMB CLA W . -36.42 6.54 18.68
CAB CLA W . -35.29 9.69 18.91
CBB CLA W . -36.53 10.05 18.67
NC CLA W . -31.89 8.74 23.22
C1C CLA W . -32.20 9.72 22.34
C2C CLA W . -31.30 10.90 22.39
C3C CLA W . -30.33 10.54 23.45
C4C CLA W . -30.80 9.20 23.88
CMC CLA W . -31.34 12.15 21.56
CAC CLA W . -29.17 11.34 23.97
CBC CLA W . -27.90 10.77 23.36
ND CLA W . -31.29 6.45 24.44
C1D CLA W . -30.30 7.13 25.23
C2D CLA W . -29.62 6.30 26.26
C3D CLA W . -30.29 5.00 26.02
C4D CLA W . -31.20 5.19 24.99
CMD CLA W . -28.56 6.51 27.30
CAD CLA W . -30.39 3.58 26.46
OBD CLA W . -29.71 3.03 27.38
CBD CLA W . -31.41 2.90 25.63
CGD CLA W . -30.76 1.79 24.84
O1D CLA W . -31.37 0.76 24.64
O2D CLA W . -29.41 1.93 24.34
CED CLA W . -28.69 0.78 23.92
C1 CLA W . -35.52 -1.43 22.29
C2 CLA W . -36.47 -2.32 23.04
C3 CLA W . -36.07 -3.22 23.95
C4 CLA W . -34.62 -3.38 24.29
C5 CLA W . -37.12 -4.06 24.64
C6 CLA W . -38.43 -4.08 23.87
C7 CLA W . -39.45 -5.03 24.51
C8 CLA W . -40.81 -4.94 23.84
C9 CLA W . -41.30 -3.50 23.73
C10 CLA W . -41.83 -5.77 24.61
C11 CLA W . -41.71 -7.25 24.31
C12 CLA W . -42.98 -7.98 24.72
C13 CLA W . -43.03 -8.30 26.20
C14 CLA W . -43.28 -9.78 26.41
C15 CLA W . -44.15 -7.49 26.86
C16 CLA W . -44.16 -7.63 28.38
C17 CLA W . -45.39 -6.97 29.00
C18 CLA W . -45.26 -6.88 30.51
C19 CLA W . -45.27 -8.27 31.16
C20 CLA W . -46.34 -5.99 31.11
MG CLA X . -35.12 1.22 16.74
CHA CLA X . -35.08 4.17 14.93
CHB CLA X . -32.10 2.06 17.98
CHC CLA X . -35.02 -1.85 18.17
CHD CLA X . -38.10 0.20 14.81
NA CLA X . -33.79 2.79 16.47
C1A CLA X . -33.93 3.89 15.85
C2A CLA X . -32.86 4.94 16.06
C3A CLA X . -31.92 4.23 16.99
C4A CLA X . -32.65 2.94 17.16
CMA CLA X . -30.64 3.96 16.20
CAA CLA X . -33.37 6.03 16.99
CBA CLA X . -33.64 7.37 16.36
CGA CLA X . -32.39 8.11 15.91
O1A CLA X . -32.50 9.25 15.48
O2A CLA X . -31.06 7.56 15.94
NB CLA X . -33.75 0.26 17.91
C1B CLA X . -32.58 0.72 18.33
C2B CLA X . -31.81 -0.21 19.20
C3B CLA X . -32.70 -1.38 19.26
C4B CLA X . -33.86 -0.97 18.43
CMB CLA X . -30.47 0.00 19.86
CAB CLA X . -32.53 -2.68 19.95
CBB CLA X . -32.41 -2.75 21.26
NC CLA X . -36.31 -0.45 16.53
C1C CLA X . -36.09 -1.59 17.18
C2C CLA X . -37.03 -2.70 16.85
C3C CLA X . -37.93 -2.08 15.87
C4C CLA X . -37.39 -0.70 15.76
CMC CLA X . -37.06 -4.10 17.40
CAC CLA X . -39.11 -2.67 15.14
CBC CLA X . -38.53 -3.36 13.93
ND CLA X . -36.31 1.89 15.22
C1D CLA X . -37.52 1.53 14.56
C2D CLA X . -38.08 2.54 13.65
C3D CLA X . -37.06 3.62 13.81
C4D CLA X . -36.13 3.17 14.72
CMD CLA X . -39.29 2.65 12.75
CAD CLA X . -36.66 5.00 13.41
OBD CLA X . -37.30 5.73 12.59
CBD CLA X . -35.40 5.36 14.10
CGD CLA X . -34.32 5.72 13.13
O1D CLA X . -33.96 6.87 13.02
O2D CLA X . -33.66 4.70 12.34
CED CLA X . -32.55 5.02 11.53
C1 CLA X . -30.17 8.07 14.94
C2 CLA X . -29.10 7.11 14.51
C3 CLA X . -28.88 6.89 13.21
C4 CLA X . -29.72 7.59 12.19
C5 CLA X . -27.80 5.93 12.77
C6 CLA X . -28.35 4.79 11.92
C7 CLA X . -28.49 3.51 12.73
C8 CLA X . -28.50 2.26 11.85
C9 CLA X . -29.12 2.54 10.49
C10 CLA X . -29.28 1.16 12.56
C11 CLA X . -28.39 0.17 13.30
C12 CLA X . -29.19 -1.02 13.80
C13 CLA X . -30.35 -0.60 14.68
C14 CLA X . -30.33 -1.32 16.02
C15 CLA X . -31.66 -0.89 13.95
C16 CLA X . -32.75 0.06 14.41
C17 CLA X . -34.10 -0.33 13.81
C18 CLA X . -34.14 -0.14 12.30
C19 CLA X . -33.65 1.24 11.91
C20 CLA X . -35.57 -0.35 11.83
MG CLA Y . -49.76 -6.42 7.76
CHA CLA Y . -51.31 -7.26 4.77
CHB CLA Y . -46.95 -5.79 6.02
CHC CLA Y . -48.49 -5.11 10.60
CHD CLA Y . -53.06 -6.68 9.38
NA CLA Y . -49.22 -6.46 5.76
C1A CLA Y . -49.86 -6.87 4.73
C2A CLA Y . -49.12 -6.93 3.44
C3A CLA Y . -47.73 -6.50 3.87
C4A CLA Y . -47.99 -6.24 5.32
CMA CLA Y . -46.76 -7.66 3.72
CAA CLA Y . -49.65 -5.88 2.47
CBA CLA Y . -49.68 -4.47 3.07
CGA CLA Y . -50.22 -3.47 2.06
O1A CLA Y . -49.72 -3.35 0.96
O2A CLA Y . -51.34 -2.60 2.41
NB CLA Y . -47.97 -5.57 8.24
C1B CLA Y . -46.92 -5.43 7.44
C2B CLA Y . -45.72 -4.85 8.08
C3B CLA Y . -46.19 -4.64 9.46
C4B CLA Y . -47.60 -5.12 9.44
CMB CLA Y . -44.36 -4.54 7.49
CAB CLA Y . -45.42 -4.09 10.60
CBB CLA Y . -45.41 -4.71 11.75
NC CLA Y . -50.60 -6.02 9.60
C1C CLA Y . -49.93 -5.43 10.60
C2C CLA Y . -50.78 -5.07 11.78
C3C CLA Y . -52.11 -5.56 11.39
C4C CLA Y . -51.88 -6.12 10.05
CMC CLA Y . -50.38 -4.40 13.07
CAC CLA Y . -53.41 -5.49 12.14
CBC CLA Y . -54.08 -4.21 11.69
ND CLA Y . -51.72 -6.80 7.30
C1D CLA Y . -52.97 -6.99 7.96
C2D CLA Y . -54.09 -7.49 7.12
C3D CLA Y . -53.38 -7.60 5.81
C4D CLA Y . -52.07 -7.18 6.01
CMD CLA Y . -55.53 -7.84 7.32
CAD CLA Y . -53.52 -7.95 4.38
OBD CLA Y . -54.59 -8.39 3.83
CBD CLA Y . -52.21 -7.77 3.70
CGD CLA Y . -51.78 -9.15 3.27
O1D CLA Y . -50.94 -9.77 3.87
O2D CLA Y . -52.43 -9.76 2.12
CED CLA Y . -52.26 -11.14 1.85
C1 CLA Y . -51.74 -1.54 1.55
C2 CLA Y . -50.77 -0.40 1.66
C3 CLA Y . -51.15 0.89 1.62
C4 CLA Y . -52.59 1.26 1.45
C5 CLA Y . -50.12 1.99 1.74
C6 CLA Y . -50.64 3.28 2.34
C7 CLA Y . -49.50 4.09 2.96
C8 CLA Y . -49.98 5.39 3.59
C9 CLA Y . -50.97 6.13 2.72
C10 CLA Y . -48.77 6.28 3.88
C11 CLA Y . -48.61 6.53 5.38
C12 CLA Y . -47.51 7.54 5.66
C13 CLA Y . -47.86 8.36 6.88
C14 CLA Y . -48.11 7.48 8.09
C15 CLA Y . -49.09 9.21 6.57
C16 CLA Y . -48.75 10.67 6.30
C17 CLA Y . -49.88 11.38 5.58
C18 CLA Y . -51.20 11.24 6.35
C19 CLA Y . -52.38 11.62 5.48
C20 CLA Y . -51.16 12.05 7.64
MG CLA Z . -41.01 -9.79 3.96
CHA CLA Z . -40.62 -10.99 7.17
CHB CLA Z . -42.98 -7.36 5.20
CHC CLA Z . -40.82 -8.29 0.94
CHD CLA Z . -38.60 -12.33 2.81
NA CLA Z . -41.65 -9.23 5.84
C1A CLA Z . -41.49 -9.80 6.99
C2A CLA Z . -42.22 -9.19 8.15
C3A CLA Z . -43.00 -8.08 7.48
C4A CLA Z . -42.52 -8.25 6.08
CMA CLA Z . -44.48 -8.39 7.54
CAA CLA Z . -41.23 -8.44 9.06
CBA CLA Z . -40.33 -7.49 8.25
CGA CLA Z . -40.01 -6.17 8.93
O1A CLA Z . -40.80 -5.61 9.65
O2A CLA Z . -38.70 -5.57 8.73
NB CLA Z . -41.78 -8.06 3.19
C1B CLA Z . -42.64 -7.25 3.78
C2B CLA Z . -43.16 -6.17 2.91
C3B CLA Z . -42.49 -6.46 1.63
C4B CLA Z . -41.67 -7.66 1.94
CMB CLA Z . -44.13 -5.07 3.27
CAB CLA Z . -42.57 -5.78 0.32
CBB CLA Z . -43.73 -5.54 -0.25
NC CLA Z . -39.90 -10.21 2.26
C1C CLA Z . -40.02 -9.52 1.13
C2C CLA Z . -39.23 -10.04 -0.02
C3C CLA Z . -38.58 -11.23 0.56
C4C CLA Z . -39.08 -11.24 1.95
CMC CLA Z . -39.13 -9.50 -1.43
CAC CLA Z . -37.67 -12.23 -0.08
CBC CLA Z . -38.60 -13.25 -0.68
ND CLA Z . -39.84 -11.28 4.70
C1D CLA Z . -38.94 -12.28 4.23
C2D CLA Z . -38.44 -13.23 5.26
C3D CLA Z . -39.13 -12.68 6.45
C4D CLA Z . -39.88 -11.58 6.04
CMD CLA Z . -37.52 -14.41 5.26
CAD CLA Z . -39.32 -12.83 7.91
OBD CLA Z . -38.77 -13.74 8.63
CBD CLA Z . -40.24 -11.76 8.38
CGD CLA Z . -41.37 -12.31 9.18
O1D CLA Z . -41.30 -12.33 10.39
O2D CLA Z . -42.58 -12.78 8.55
CED CLA Z . -43.77 -12.87 9.31
C1 CLA Z . -38.49 -4.16 8.60
C2 CLA Z . -37.16 -3.94 7.90
C3 CLA Z . -36.47 -2.81 8.00
C4 CLA Z . -37.01 -1.66 8.81
C5 CLA Z . -35.15 -2.66 7.28
C6 CLA Z . -34.38 -3.98 7.20
C7 CLA Z . -33.16 -3.90 6.29
C8 CLA Z . -32.68 -5.30 5.91
C9 CLA Z . -32.63 -6.21 7.12
C10 CLA Z . -31.31 -5.29 5.23
C11 CLA Z . -31.41 -5.03 3.74
C12 CLA Z . -32.05 -6.21 3.00
C13 CLA Z . -32.77 -5.73 1.75
C14 CLA Z . -33.72 -6.80 1.21
C15 CLA Z . -31.76 -5.28 0.71
C16 CLA Z . -32.45 -4.58 -0.47
C17 CLA Z . -31.45 -3.93 -1.40
C18 CLA Z . -32.18 -3.23 -2.55
C19 CLA Z . -32.95 -4.21 -3.42
C20 CLA Z . -31.19 -2.47 -3.41
MG CLA AA . -44.40 -6.50 -5.43
CHA CLA AA . -46.07 -6.87 -2.41
CHB CLA AA . -46.69 -4.17 -6.29
CHC CLA AA . -42.42 -5.75 -8.08
CHD CLA AA . -41.81 -8.77 -4.16
NA CLA AA . -46.06 -5.63 -4.50
C1A CLA AA . -46.61 -5.89 -3.38
C2A CLA AA . -47.92 -5.17 -3.08
C3A CLA AA . -48.09 -4.32 -4.32
C4A CLA AA . -46.87 -4.73 -5.09
CMA CLA AA . -49.36 -4.76 -5.03
CAA CLA AA . -47.93 -4.28 -1.83
CBA CLA AA . -46.60 -3.72 -1.38
CGA CLA AA . -46.67 -3.60 0.13
O1A CLA AA . -47.01 -4.55 0.82
O2A CLA AA . -46.34 -2.37 0.82
NB CLA AA . -44.53 -5.14 -6.94
C1B CLA AA . -45.58 -4.35 -7.23
C2B CLA AA . -45.52 -3.68 -8.54
C3B CLA AA . -44.22 -4.16 -9.07
C4B CLA AA . -43.71 -5.05 -7.99
CMB CLA AA . -46.51 -2.75 -9.18
CAB CLA AA . -43.53 -3.87 -10.35
CBB CLA AA . -44.08 -4.12 -11.51
NC CLA AA . -42.52 -7.14 -5.99
C1C CLA AA . -41.89 -6.71 -7.10
C2C CLA AA . -40.52 -7.26 -7.28
C3C CLA AA . -40.35 -8.15 -6.12
C4C CLA AA . -41.65 -7.99 -5.41
CMC CLA AA . -39.56 -6.98 -8.40
CAC CLA AA . -39.18 -9.02 -5.73
CBC CLA AA . -38.20 -8.15 -4.98
ND CLA AA . -43.94 -7.54 -3.75
C1D CLA AA . -42.97 -8.50 -3.32
C2D CLA AA . -43.25 -9.15 -2.02
C3D CLA AA . -44.53 -8.47 -1.67
C4D CLA AA . -44.81 -7.58 -2.69
CMD CLA AA . -42.60 -10.18 -1.16
CAD CLA AA . -45.60 -8.36 -0.64
OBD CLA AA . -45.66 -9.03 0.44
CBD CLA AA . -46.59 -7.35 -1.10
CGD CLA AA . -47.95 -7.98 -1.15
O1D CLA AA . -48.40 -8.45 -2.17
O2D CLA AA . -48.73 -8.04 0.07
CED CLA AA . -49.93 -8.80 0.17
C1 CLA AA . -46.26 -2.43 2.24
C2 CLA AA . -47.28 -1.54 2.89
C3 CLA AA . -47.37 -1.47 4.23
C4 CLA AA . -46.47 -2.29 5.10
C5 CLA AA . -48.39 -0.57 4.87
C6 CLA AA . -47.83 0.85 4.93
C7 CLA AA . -48.16 1.47 6.28
C8 CLA AA . -47.37 2.76 6.48
C9 CLA AA . -45.87 2.47 6.53
C10 CLA AA . -47.85 3.46 7.74
C11 CLA AA . -47.41 2.76 9.02
C12 CLA AA . -46.72 3.75 9.93
C13 CLA AA . -47.03 3.51 11.40
C14 CLA AA . -48.53 3.29 11.59
C15 CLA AA . -46.54 4.71 12.21
C16 CLA AA . -46.43 4.43 13.71
C17 CLA AA . -47.39 5.30 14.51
C18 CLA AA . -47.09 5.22 16.01
C19 CLA AA . -45.85 6.02 16.38
C20 CLA AA . -46.98 3.77 16.47
MG CLA BA . -46.03 7.03 34.12
CHA CLA BA . -47.12 9.20 36.59
CHB CLA BA . -42.95 7.14 35.52
CHC CLA BA . -45.16 4.51 32.02
CHD CLA BA . -49.54 6.67 33.04
NA CLA BA . -45.18 7.94 35.78
C1A CLA BA . -45.68 8.82 36.58
C2A CLA BA . -44.74 9.45 37.58
C3A CLA BA . -43.43 8.81 37.18
C4A CLA BA . -43.89 7.91 36.08
CMA CLA BA . -42.55 9.92 36.60
CAA CLA BA . -45.05 8.93 38.97
CBA CLA BA . -45.02 7.40 39.03
CGA CLA BA . -45.29 6.82 40.39
O1A CLA BA . -44.58 7.11 41.35
O2A CLA BA . -46.42 5.91 40.59
NB CLA BA . -44.30 6.00 33.81
C1B CLA BA . -43.14 6.15 34.44
C2B CLA BA . -42.08 5.19 34.04
C3B CLA BA . -42.76 4.41 33.00
C4B CLA BA . -44.12 5.00 32.94
CMB CLA BA . -40.67 5.06 34.55
CAB CLA BA . -42.25 3.29 32.18
CBB CLA BA . -41.23 3.46 31.36
NC CLA BA . -47.13 5.86 32.81
C1C CLA BA . -46.59 4.87 32.08
C2C CLA BA . -47.56 4.11 31.25
C3C CLA BA . -48.84 4.77 31.56
C4C CLA BA . -48.45 5.81 32.53
CMC CLA BA . -47.31 2.95 30.31
CAC CLA BA . -50.22 4.45 31.03
CBC CLA BA . -50.35 5.31 29.81
ND CLA BA . -47.90 7.67 34.63
C1D CLA BA . -49.25 7.59 34.14
C2D CLA BA . -50.24 8.44 34.84
C3D CLA BA . -49.35 9.09 35.84
C4D CLA BA . -48.08 8.59 35.65
CMD CLA BA . -51.71 8.70 34.70
CAD CLA BA . -49.28 10.07 36.97
OBD CLA BA . -50.27 10.72 37.43
CBD CLA BA . -47.88 10.14 37.46
CGD CLA BA . -47.42 11.57 37.28
O1D CLA BA . -46.82 11.94 36.29
O2D CLA BA . -47.72 12.54 38.31
CED CLA BA . -47.95 13.90 37.96
C1 CLA BA . -46.33 4.80 41.47
C2 CLA BA . -47.09 3.60 40.95
C3 CLA BA . -48.37 3.40 41.30
C4 CLA BA . -49.07 4.37 42.20
C5 CLA BA . -49.14 2.20 40.80
C6 CLA BA . -49.01 1.91 39.32
C7 CLA BA . -49.33 0.44 39.05
C8 CLA BA . -49.61 0.19 37.57
C9 CLA BA . -51.12 0.19 37.32
MG CLA CA . -45.90 16.00 20.77
CHA CLA CA . -43.09 18.00 20.50
CHB CLA CA . -47.61 18.36 19.03
CHC CLA CA . -48.39 13.75 20.44
CHD CLA CA . -43.78 13.42 22.33
NA CLA CA . -45.44 17.82 19.87
C1A CLA CA . -44.36 18.51 19.92
C2A CLA CA . -44.41 19.89 19.32
C3A CLA CA . -45.86 19.99 18.91
C4A CLA CA . -46.34 18.63 19.30
CMA CLA CA . -46.52 21.01 19.84
CAA CLA CA . -43.66 19.92 17.99
CBA CLA CA . -43.74 18.57 17.29
CGA CLA CA . -43.61 18.61 15.79
O1A CLA CA . -43.04 19.52 15.21
O2A CLA CA . -44.21 17.54 15.02
NB CLA CA . -47.74 16.06 19.87
C1B CLA CA . -48.30 17.08 19.25
C2B CLA CA . -49.66 16.82 18.69
C3B CLA CA . -49.87 15.42 19.12
C4B CLA CA . -48.63 15.07 19.85
CMB CLA CA . -50.58 17.71 17.92
CAB CLA CA . -51.06 14.57 18.88
CBB CLA CA . -51.70 14.02 19.89
NC CLA CA . -46.06 14.02 21.33
C1C CLA CA . -47.12 13.25 21.01
C2C CLA CA . -46.94 11.80 21.24
C3C CLA CA . -45.58 11.72 21.80
C4C CLA CA . -45.14 13.14 21.81
CMC CLA CA . -47.90 10.66 20.99
CAC CLA CA . -44.82 10.50 22.23
CBC CLA CA . -44.05 10.02 21.04
ND CLA CA . -43.95 15.67 21.29
C1D CLA CA . -43.15 14.68 21.93
C2D CLA CA . -41.72 15.03 22.13
C3D CLA CA . -41.72 16.38 21.52
C4D CLA CA . -43.00 16.65 21.07
CMD CLA CA . -40.51 14.37 22.72
CAD CLA CA . -40.88 17.57 21.19
OBD CLA CA . -39.62 17.66 21.44
CBD CLA CA . -41.71 18.58 20.51
CGD CLA CA . -41.55 19.96 21.08
O1D CLA CA . -40.61 20.65 20.73
O2D CLA CA . -42.49 20.55 22.00
CED CLA CA . -42.45 21.96 22.18
C1 CLA CA . -43.64 17.05 13.82
C2 CLA CA . -43.37 15.58 14.03
C3 CLA CA . -43.87 14.63 13.22
C4 CLA CA . -44.73 15.00 12.05
C5 CLA CA . -43.57 13.17 13.49
C6 CLA CA . -42.76 12.49 12.40
C7 CLA CA . -42.00 11.29 12.95
C8 CLA CA . -42.97 10.33 13.63
C9 CLA CA . -42.54 10.01 15.06
C10 CLA CA . -43.16 9.05 12.82
C11 CLA CA . -41.85 8.35 12.51
C12 CLA CA . -41.87 6.87 12.87
C13 CLA CA . -42.99 6.09 12.19
C14 CLA CA . -42.92 4.61 12.58
C15 CLA CA . -42.94 6.25 10.68
C16 CLA CA . -42.08 5.22 9.95
C17 CLA CA . -40.65 5.68 9.80
C18 CLA CA . -39.95 4.94 8.67
C19 CLA CA . -39.57 3.53 9.09
C20 CLA CA . -38.73 5.71 8.19
MG CLA DA . -40.91 1.91 43.04
CHA CLA DA . -40.39 5.29 42.58
CHB CLA DA . -39.60 2.22 46.15
CHC CLA DA . -41.93 -1.26 43.62
CHD CLA DA . -42.67 1.83 39.79
NA CLA DA . -40.16 3.46 44.19
C1A CLA DA . -39.95 4.68 43.88
C2A CLA DA . -39.24 5.54 44.90
C3A CLA DA . -38.98 4.53 46.00
C4A CLA DA . -39.63 3.33 45.41
CMA CLA DA . -37.49 4.27 46.07
CAA CLA DA . -40.14 6.63 45.46
CBA CLA DA . -41.50 6.12 45.96
CGA CLA DA . -42.52 6.15 44.84
O1A CLA DA . -42.94 7.20 44.41
O2A CLA DA . -42.97 4.90 44.23
NB CLA DA . -40.80 0.67 44.67
C1B CLA DA . -40.16 0.90 45.82
C2B CLA DA . -40.09 -0.26 46.75
C3B CLA DA . -40.80 -1.30 45.95
C4B CLA DA . -41.19 -0.59 44.71
CMB CLA DA . -39.46 -0.33 48.12
CAB CLA DA . -41.13 -2.72 46.23
CBB CLA DA . -40.42 -3.47 47.03
NC CLA DA . -42.09 0.60 41.95
C1C CLA DA . -42.33 -0.66 42.35
C2C CLA DA . -43.08 -1.48 41.36
C3C CLA DA . -43.29 -0.56 40.24
C4C CLA DA . -42.64 0.68 40.71
CMC CLA DA . -43.51 -2.91 41.49
CAC CLA DA . -44.00 -0.81 38.93
CBC CLA DA . -45.45 -0.47 39.15
ND CLA DA . -41.49 3.15 41.54
C1D CLA DA . -42.10 3.09 40.25
C2D CLA DA . -42.09 4.36 39.48
C3D CLA DA . -41.38 5.23 40.45
C4D CLA DA . -41.09 4.48 41.57
CMD CLA DA . -42.58 4.81 38.13
CAD CLA DA . -40.87 6.60 40.69
OBD CLA DA . -40.98 7.56 39.85
CBD CLA DA . -40.23 6.66 42.03
CGD CLA DA . -38.79 7.05 41.85
O1D CLA DA . -37.91 6.22 41.82
O2D CLA DA . -38.46 8.45 41.69
CED CLA DA . -37.18 8.81 41.17
C1 CLA DA . -44.27 4.35 44.49
C2 CLA DA . -44.24 2.85 44.28
C3 CLA DA . -45.37 2.14 44.26
C4 CLA DA . -46.70 2.80 44.44
C5 CLA DA . -45.32 0.63 44.05
C6 CLA DA . -46.62 0.11 43.46
C7 CLA DA . -46.67 -1.42 43.44
C8 CLA DA . -47.88 -1.89 42.63
C9 CLA DA . -49.14 -1.88 43.49
C10 CLA DA . -47.61 -3.28 42.08
MG CLA EA . -37.97 2.33 33.99
CHA CLA EA . -37.25 3.15 30.71
CHB CLA EA . -39.34 -0.54 32.87
CHC CLA EA . -39.05 1.79 37.14
CHD CLA EA . -36.91 5.74 34.95
NA CLA EA . -38.29 1.47 32.13
C1A CLA EA . -37.86 1.81 30.99
C2A CLA EA . -38.04 0.84 29.85
C3A CLA EA . -38.72 -0.30 30.57
C4A CLA EA . -38.79 0.25 31.95
CMA CLA EA . -40.15 -0.42 30.06
CAA CLA EA . -36.67 0.36 29.39
CBA CLA EA . -36.68 -0.26 28.00
CGA CLA EA . -36.99 -1.73 28.10
O1A CLA EA . -36.11 -2.56 28.16
O2A CLA EA . -38.37 -2.15 28.16
NB CLA EA . -39.04 0.83 34.87
C1B CLA EA . -39.52 -0.26 34.29
C2B CLA EA . -40.26 -1.18 35.20
C3B CLA EA . -40.16 -0.46 36.48
C4B CLA EA . -39.39 0.76 36.15
CMB CLA EA . -40.93 -2.49 34.91
CAB CLA EA . -40.71 -0.86 37.79
CBB CLA EA . -40.13 -1.83 38.46
NC CLA EA . -38.01 3.54 35.65
C1C CLA EA . -38.42 3.10 36.86
C2C CLA EA . -38.20 4.05 37.97
C3C CLA EA . -37.57 5.21 37.31
C4C CLA EA . -37.51 4.78 35.89
CMC CLA EA . -38.54 3.90 39.42
CAC CLA EA . -37.10 6.51 37.90
CBC CLA EA . -35.71 6.27 38.42
ND CLA EA . -37.29 4.06 33.16
C1D CLA EA . -36.84 5.36 33.54
C2D CLA EA . -36.33 6.22 32.43
C3D CLA EA . -36.51 5.29 31.29
C4D CLA EA . -37.05 4.12 31.78
CMD CLA EA . -35.76 7.60 32.28
CAD CLA EA . -36.35 5.11 29.82
OBD CLA EA . -35.89 5.99 29.02
CBD CLA EA . -36.82 3.76 29.44
CGD CLA EA . -37.96 3.87 28.49
O1D CLA EA . -37.92 3.31 27.41
O2D CLA EA . -39.14 4.65 28.85
CED CLA EA . -40.20 4.82 27.93
C1 CLA EA . -38.79 -3.46 27.85
C2 CLA EA . -40.22 -3.38 27.39
C3 CLA EA . -41.19 -3.89 28.15
C4 CLA EA . -40.88 -4.55 29.44
C5 CLA EA . -42.62 -3.81 27.68
C6 CLA EA . -43.56 -3.55 28.85
C7 CLA EA . -43.59 -2.07 29.18
C8 CLA EA . -44.48 -1.79 30.38
C9 CLA EA . -44.90 -0.33 30.43
C10 CLA EA . -43.73 -2.17 31.65
C11 CLA EA . -44.59 -1.95 32.89
C12 CLA EA . -45.55 -3.10 33.11
C13 CLA EA . -45.77 -3.39 34.59
C14 CLA EA . -46.86 -4.44 34.81
C15 CLA EA . -46.09 -2.10 35.33
MG CLA FA . -48.61 -16.32 29.90
CHA CLA FA . -50.93 -17.26 27.54
CHB CLA FA . -46.98 -14.60 27.47
CHC CLA FA . -46.73 -14.95 32.34
CHD CLA FA . -50.72 -17.93 32.47
NA CLA FA . -48.92 -15.95 27.88
C1A CLA FA . -49.77 -16.46 27.06
C2A CLA FA . -49.56 -16.20 25.59
C3A CLA FA . -48.29 -15.36 25.62
C4A CLA FA . -48.05 -15.31 27.09
CMA CLA FA . -47.17 -16.14 24.96
CAA CLA FA . -50.68 -15.41 24.88
CBA CLA FA . -50.93 -14.03 25.48
CGA CLA FA . -52.10 -13.36 24.81
O1A CLA FA . -53.02 -13.99 24.30
O2A CLA FA . -52.15 -11.91 24.72
NB CLA FA . -47.07 -14.99 29.89
C1B CLA FA . -46.52 -14.38 28.85
C2B CLA FA . -45.41 -13.44 29.19
C3B CLA FA . -45.36 -13.56 30.65
C4B CLA FA . -46.43 -14.53 30.96
CMB CLA FA . -44.57 -12.59 28.27
CAB CLA FA . -44.47 -12.89 31.62
CBB CLA FA . -43.17 -12.91 31.48
NC CLA FA . -48.74 -16.40 31.96
C1C CLA FA . -47.83 -15.82 32.76
C2C CLA FA . -47.98 -16.14 34.21
C3C CLA FA . -49.16 -17.02 34.24
C4C CLA FA . -49.54 -17.10 32.80
CMC CLA FA . -47.15 -15.67 35.37
CAC CLA FA . -49.84 -17.67 35.42
CBC CLA FA . -49.31 -19.08 35.51
ND CLA FA . -50.37 -17.32 30.07
C1D CLA FA . -51.17 -17.97 31.08
C2D CLA FA . -52.41 -18.63 30.59
C3D CLA FA . -52.29 -18.32 29.14
C4D CLA FA . -51.14 -17.58 28.96
CMD CLA FA . -53.53 -19.40 31.22
CAD CLA FA . -52.93 -18.47 27.80
OBD CLA FA . -54.02 -19.10 27.58
CBD CLA FA . -52.08 -17.82 26.78
CGD CLA FA . -51.57 -18.87 25.85
O1D CLA FA . -51.85 -18.83 24.66
O2D CLA FA . -50.72 -19.94 26.34
CED CLA FA . -50.32 -21.00 25.47
C1 CLA FA . -52.60 -11.17 25.86
C2 CLA FA . -53.87 -11.77 26.40
C3 CLA FA . -54.74 -11.06 27.13
C4 CLA FA . -55.98 -11.73 27.65
C5 CLA FA . -54.48 -9.61 27.44
MG CLA GA . -46.88 -21.38 40.41
CHA CLA GA . -49.34 -23.41 41.73
CHB CLA GA . -49.21 -18.94 40.09
CHC CLA GA . -44.38 -19.28 39.59
CHD CLA GA . -44.41 -23.98 41.29
NA CLA GA . -48.89 -21.18 40.86
C1A CLA GA . -49.73 -22.04 41.30
C2A CLA GA . -51.18 -21.61 41.38
C3A CLA GA . -51.11 -20.21 40.82
C4A CLA GA . -49.64 -20.11 40.57
CMA CLA GA . -51.84 -20.14 39.48
CAA CLA GA . -51.61 -21.50 42.84
CBA CLA GA . -50.52 -20.85 43.70
CGA CLA GA . -50.83 -20.96 45.18
O1A CLA GA . -51.68 -21.74 45.59
O2A CLA GA . -50.10 -20.13 46.15
NB CLA GA . -46.81 -19.39 39.93
C1B CLA GA . -47.84 -18.57 39.77
C2B CLA GA . -47.49 -17.21 39.27
C3B CLA GA . -46.02 -17.32 39.12
C4B CLA GA . -45.74 -18.71 39.57
CMB CLA GA . -48.40 -16.04 38.98
CAB CLA GA . -45.04 -16.31 38.64
CBB CLA GA . -45.12 -15.05 39.01
NC CLA GA . -44.84 -21.61 40.44
C1C CLA GA . -44.00 -20.63 40.07
C2C CLA GA . -42.57 -20.96 40.20
C3C CLA GA . -42.58 -22.35 40.71
C4C CLA GA . -44.03 -22.63 40.81
CMC CLA GA . -41.37 -20.10 39.90
CAC CLA GA . -41.40 -23.24 41.03
CBC CLA GA . -41.22 -23.14 42.52
ND CLA GA . -46.77 -23.20 41.33
C1D CLA GA . -45.82 -24.25 41.55
C2D CLA GA . -46.38 -25.52 42.04
C3D CLA GA . -47.82 -25.16 42.11
C4D CLA GA . -47.93 -23.85 41.70
CMD CLA GA . -45.83 -26.87 42.42
CAD CLA GA . -49.19 -25.64 42.44
OBD CLA GA . -49.47 -26.82 42.85
CBD CLA GA . -50.16 -24.55 42.20
CGD CLA GA . -51.16 -24.98 41.17
O1D CLA GA . -52.31 -25.19 41.50
O2D CLA GA . -50.77 -25.15 39.78
CED CLA GA . -51.68 -25.73 38.86
C1 CLA GA . -50.74 -19.67 47.35
C2 CLA GA . -50.40 -18.21 47.57
C3 CLA GA . -49.54 -17.85 48.54
C4 CLA GA . -48.90 -18.88 49.41
C5 CLA GA . -49.20 -16.38 48.76
MG CLA HA . -57.10 -17.18 29.40
CHA CLA HA . -59.15 -17.66 26.68
CHB CLA HA . -55.07 -15.35 27.40
CHC CLA HA . -55.31 -16.46 32.16
CHD CLA HA . -59.73 -18.69 31.51
NA CLA HA . -57.12 -16.56 27.41
C1A CLA HA . -57.92 -16.84 26.47
C2A CLA HA . -57.59 -16.34 25.10
C3A CLA HA . -56.26 -15.65 25.35
C4A CLA HA . -56.15 -15.87 26.83
CMA CLA HA . -55.14 -16.42 24.66
CAA CLA HA . -58.62 -15.30 24.65
CBA CLA HA . -58.37 -13.89 25.17
CGA CLA HA . -59.60 -13.34 25.84
O1A CLA HA . -60.63 -13.98 25.79
O2A CLA HA . -59.59 -12.07 26.57
NB CLA HA . -55.42 -16.06 29.73
C1B CLA HA . -54.69 -15.41 28.82
C2B CLA HA . -53.48 -14.75 29.36
C3B CLA HA . -53.55 -15.08 30.80
C4B CLA HA . -54.80 -15.89 30.90
CMB CLA HA . -52.42 -13.95 28.66
CAB CLA HA . -52.57 -14.68 31.84
CBB CLA HA . -52.50 -15.19 33.04
NC CLA HA . -57.45 -17.52 31.40
C1C CLA HA . -56.61 -17.13 32.36
C2C CLA HA . -57.08 -17.41 33.74
C3C CLA HA . -58.38 -18.06 33.53
C4C CLA HA . -58.50 -18.08 32.06
CMC CLA HA . -56.40 -17.11 35.05
CAC CLA HA . -59.36 -18.59 34.55
CBC CLA HA . -58.71 -19.82 35.14
ND CLA HA . -59.00 -17.91 29.27
C1D CLA HA . -59.93 -18.64 30.06
C2D CLA HA . -61.03 -19.31 29.33
C3D CLA HA . -60.69 -18.91 27.93
C4D CLA HA . -59.55 -18.14 28.01
CMD CLA HA . -62.21 -20.17 29.71
CAD CLA HA . -61.07 -18.98 26.50
OBD CLA HA . -62.07 -19.62 26.02
CBD CLA HA . -60.09 -18.24 25.68
CGD CLA HA . -59.30 -19.24 24.88
O1D CLA HA . -59.81 -19.85 23.95
O2D CLA HA . -57.92 -19.53 25.21
CED CLA HA . -57.20 -20.57 24.57
C1 CLA HA . -60.79 -11.32 26.67
C2 CLA HA . -60.58 -9.85 26.41
C3 CLA HA . -60.38 -9.01 27.45
C4 CLA HA . -60.36 -9.55 28.86
MG CLA IA . -32.02 -24.56 41.89
CHA CLA IA . -30.62 -27.72 41.91
CHB CLA IA . -34.95 -25.95 42.82
CHC CLA IA . -33.14 -21.43 42.45
CHD CLA IA . -28.62 -23.20 41.37
NA CLA IA . -32.67 -26.48 42.34
C1A CLA IA . -32.08 -27.61 42.23
C2A CLA IA . -32.90 -28.84 42.43
C3A CLA IA . -34.28 -28.25 42.71
C4A CLA IA . -33.95 -26.80 42.61
CMA CLA IA . -35.25 -28.66 41.62
CAA CLA IA . -32.47 -29.63 43.67
CBA CLA IA . -32.92 -29.00 44.98
CGA CLA IA . -31.78 -28.19 45.56
O1A CLA IA . -31.14 -28.65 46.50
O2A CLA IA . -31.46 -26.89 45.02
NB CLA IA . -33.79 -23.80 42.54
C1B CLA IA . -34.90 -24.48 42.82
C2B CLA IA . -36.07 -23.64 43.21
C3B CLA IA . -35.51 -22.28 43.10
C4B CLA IA . -34.10 -22.52 42.68
CMB CLA IA . -37.46 -24.04 43.60
CAB CLA IA . -36.18 -20.99 43.35
CBB CLA IA . -35.61 -20.06 44.08
NC CLA IA . -31.07 -22.72 41.85
C1C CLA IA . -31.70 -21.58 42.21
C2C CLA IA . -30.81 -20.41 42.39
C3C CLA IA . -29.48 -20.95 42.07
C4C CLA IA . -29.77 -22.37 41.75
CMC CLA IA . -31.17 -19.02 42.80
CAC CLA IA . -28.15 -20.24 42.09
CBC CLA IA . -27.98 -19.60 40.74
ND CLA IA . -30.08 -25.18 41.72
C1D CLA IA . -28.78 -24.66 41.43
C2D CLA IA . -27.70 -25.65 41.24
C3D CLA IA . -28.48 -26.90 41.43
C4D CLA IA . -29.79 -26.54 41.71
CMD CLA IA . -26.23 -25.63 40.93
CAD CLA IA . -28.40 -28.38 41.47
OBD CLA IA . -27.33 -29.06 41.26
CBD CLA IA . -29.74 -28.93 41.77
CGD CLA IA . -30.16 -29.78 40.61
O1D CLA IA . -30.83 -29.34 39.70
O2D CLA IA . -29.72 -31.16 40.55
CED CLA IA . -29.98 -31.95 39.37
C1 CLA IA . -30.18 -26.30 45.27
C2 CLA IA . -30.35 -25.00 46.00
C3 CLA IA . -29.54 -23.96 45.76
C4 CLA IA . -28.42 -24.09 44.78
C5 CLA IA . -29.73 -22.66 46.50
C6 CLA IA . -30.76 -21.75 45.85
C7 CLA IA . -30.45 -20.30 46.17
C8 CLA IA . -31.61 -19.64 46.89
C9 CLA IA . -31.18 -19.14 48.28
MG CLA JA . -28.50 -20.62 32.39
CHA CLA JA . -27.82 -20.78 29.01
CHB CLA JA . -29.89 -23.69 32.14
CHC CLA JA . -28.84 -20.58 35.75
CHD CLA JA . -26.31 -17.66 32.58
NA CLA JA . -28.76 -22.02 30.88
C1A CLA JA . -28.57 -21.93 29.62
C2A CLA JA . -29.10 -23.03 28.77
C3A CLA JA . -29.79 -23.91 29.78
C4A CLA JA . -29.45 -23.15 31.03
CMA CLA JA . -31.30 -23.85 29.57
CAA CLA JA . -27.92 -23.79 28.14
CBA CLA JA . -27.88 -25.30 28.36
CGA CLA JA . -27.13 -25.70 29.62
O1A CLA JA . -27.12 -26.86 29.96
O2A CLA JA . -26.44 -24.73 30.44
NB CLA JA . -29.27 -21.95 33.75
C1B CLA JA . -29.75 -23.17 33.51
C2B CLA JA . -30.17 -23.94 34.70
C3B CLA JA . -29.85 -22.99 35.79
C4B CLA JA . -29.30 -21.81 35.09
CMB CLA JA . -30.75 -25.32 34.77
CAB CLA JA . -30.05 -23.23 37.24
CBB CLA JA . -29.27 -22.69 38.16
NC CLA JA . -27.73 -19.37 33.84
C1C CLA JA . -28.00 -19.53 35.15
C2C CLA JA . -27.34 -18.53 36.03
C3C CLA JA . -26.60 -17.67 35.10
C4C CLA JA . -26.91 -18.29 33.79
CMC CLA JA . -27.42 -18.42 37.52
CAC CLA JA . -25.70 -16.49 35.43
CBC CLA JA . -26.49 -15.21 35.23
ND CLA JA . -27.28 -19.50 31.21
C1D CLA JA . -26.55 -18.27 31.28
C2D CLA JA . -26.08 -17.73 29.98
C3D CLA JA . -26.61 -18.77 29.06
C4D CLA JA . -27.27 -19.71 29.84
CMD CLA JA . -25.30 -16.53 29.52
CAD CLA JA . -26.72 -19.22 27.66
OBD CLA JA . -26.25 -18.61 26.63
CBD CLA JA . -27.48 -20.48 27.59
CGD CLA JA . -28.67 -20.33 26.70
O1D CLA JA . -29.78 -20.16 27.15
O2D CLA JA . -28.48 -20.41 25.27
CED CLA JA . -29.61 -20.36 24.39
C1 CLA JA . -26.28 -24.97 31.85
C2 CLA JA . -26.15 -23.67 32.60
C3 CLA JA . -24.95 -23.28 33.07
C4 CLA JA . -23.74 -24.14 32.85
C5 CLA JA . -24.81 -21.96 33.80
C6 CLA JA . -25.13 -21.99 35.28
C7 CLA JA . -23.95 -21.43 36.07
C8 CLA JA . -24.39 -20.76 37.36
C9 CLA JA . -23.18 -20.28 38.15
MG CLA KA . -34.68 -15.64 28.81
CHA CLA KA . -36.56 -17.09 26.33
CHB CLA KA . -32.05 -17.53 27.80
CHC CLA KA . -32.73 -13.82 30.89
CHD CLA KA . -37.48 -13.31 29.43
NA CLA KA . -34.33 -17.02 27.31
C1A CLA KA . -35.15 -17.57 26.52
C2A CLA KA . -34.62 -18.71 25.69
C3A CLA KA . -33.22 -18.89 26.23
C4A CLA KA . -33.21 -17.74 27.18
CMA CLA KA . -33.18 -20.16 27.06
CAA CLA KA . -34.49 -18.16 24.26
CBA CLA KA . -33.10 -17.73 23.76
CGA CLA KA . -32.51 -16.46 24.35
O1A CLA KA . -33.19 -15.71 25.02
O2A CLA KA . -31.10 -16.14 24.14
NB CLA KA . -32.70 -15.72 29.32
C1B CLA KA . -31.77 -16.47 28.77
C2B CLA KA . -30.37 -16.13 29.11
C3B CLA KA . -30.57 -15.00 30.04
C4B CLA KA . -32.05 -14.85 30.09
CMB CLA KA . -29.11 -16.76 28.63
CAB CLA KA . -29.55 -14.20 30.76
CBB CLA KA . -28.59 -14.78 31.45
NC CLA KA . -35.06 -13.94 29.93
C1C CLA KA . -34.11 -13.35 30.69
C2C CLA KA . -34.57 -12.10 31.37
C3C CLA KA . -35.96 -11.96 30.93
C4C CLA KA . -36.15 -13.14 30.06
CMC CLA KA . -33.79 -11.19 32.28
CAC CLA KA . -36.95 -10.89 31.30
CBC CLA KA . -36.87 -9.89 30.17
ND CLA KA . -36.53 -15.19 28.11
C1D CLA KA . -37.64 -14.33 28.41
C2D CLA KA . -38.86 -14.57 27.60
C3D CLA KA . -38.40 -15.71 26.76
C4D CLA KA . -37.08 -15.97 27.10
CMD CLA KA . -40.24 -13.98 27.52
CAD CLA KA . -38.77 -16.66 25.69
OBD CLA KA . -39.92 -16.70 25.12
CBD CLA KA . -37.62 -17.56 25.40
CGD CLA KA . -37.99 -18.96 25.78
O1D CLA KA . -38.26 -19.23 26.94
O2D CLA KA . -37.99 -20.01 24.78
CED CLA KA . -38.08 -21.38 25.15
C1 CLA KA . -30.18 -16.16 25.22
C2 CLA KA . -29.85 -14.79 25.76
C3 CLA KA . -28.57 -14.40 25.97
C4 CLA KA . -27.43 -15.30 25.65
C5 CLA KA . -28.28 -13.03 26.52
C6 CLA KA . -29.22 -12.58 27.64
C7 CLA KA . -28.52 -11.54 28.52
C8 CLA KA . -29.46 -10.87 29.51
C9 CLA KA . -30.40 -9.91 28.79
C10 CLA KA . -28.65 -10.13 30.57
C11 CLA KA . -27.61 -11.06 31.19
C12 CLA KA . -27.00 -10.52 32.47
C13 CLA KA . -26.24 -11.60 33.24
C14 CLA KA . -26.21 -11.27 34.72
C15 CLA KA . -24.84 -11.73 32.67
C16 CLA KA . -24.66 -12.90 31.73
C17 CLA KA . -23.28 -12.87 31.10
C18 CLA KA . -23.30 -12.75 29.58
C19 CLA KA . -24.64 -12.30 29.02
C20 CLA KA . -22.86 -14.05 28.92
MG CLA LA . -37.40 -4.93 47.92
CHA CLA LA . -36.16 -1.81 48.74
CHB CLA LA . -37.32 -5.72 51.21
CHC CLA LA . -38.84 -7.86 47.08
CHD CLA LA . -38.02 -3.67 44.53
NA CLA LA . -36.88 -3.94 49.68
C1A CLA LA . -36.36 -2.79 49.85
C2A CLA LA . -35.93 -2.44 51.25
C3A CLA LA . -36.28 -3.71 52.00
C4A CLA LA . -36.87 -4.50 50.88
CMA CLA LA . -35.02 -4.42 52.45
CAA CLA LA . -36.73 -1.26 51.78
CBA CLA LA . -37.57 -1.58 53.01
CGA CLA LA . -39.01 -1.16 52.79
O1A CLA LA . -39.49 -0.28 53.47
O2A CLA LA . -39.81 -1.78 51.74
NB CLA LA . -37.98 -6.56 49.01
C1B CLA LA . -37.92 -6.71 50.33
C2B CLA LA . -38.48 -7.99 50.84
C3B CLA LA . -38.95 -8.64 49.59
C4B CLA LA . -38.57 -7.66 48.52
CMB CLA LA . -38.58 -8.48 52.25
CAB CLA LA . -39.62 -9.95 49.44
CBB CLA LA . -39.54 -10.68 48.34
NC CLA LA . -38.27 -5.59 46.19
C1C CLA LA . -38.76 -6.84 46.03
C2C CLA LA . -39.22 -7.15 44.66
C3C CLA LA . -38.96 -5.91 43.92
C4C CLA LA . -38.39 -5.03 44.96
CMC CLA LA . -39.81 -8.43 44.10
CAC CLA LA . -39.22 -5.60 42.47
CBC CLA LA . -40.60 -4.99 42.44
ND CLA LA . -37.27 -3.21 46.84
C1D CLA LA . -37.37 -2.79 45.50
C2D CLA LA . -36.81 -1.45 45.17
C3D CLA LA . -36.32 -1.07 46.52
C4D CLA LA . -36.61 -2.11 47.38
CMD CLA LA . -36.71 -0.61 43.94
CAD CLA LA . -35.63 -0.01 47.32
OBD CLA LA . -35.21 1.11 46.88
CBD CLA LA . -35.53 -0.47 48.73
CGD CLA LA . -34.11 -0.54 49.19
O1D CLA LA . -33.80 -0.08 50.27
O2D CLA LA . -33.07 -1.16 48.39
CED CLA LA . -31.79 -1.32 48.98
C1 CLA LA . -40.56 -2.95 52.02
C2 CLA LA . -40.49 -3.90 50.83
C3 CLA LA . -41.27 -4.99 50.74
C4 CLA LA . -42.22 -5.35 51.84
C5 CLA LA . -41.15 -5.88 49.52
C6 CLA LA . -42.16 -7.01 49.47
C7 CLA LA . -43.09 -6.84 48.27
C8 CLA LA . -42.35 -7.08 46.96
C9 CLA LA . -42.65 -6.01 45.92
MG CLA MA . -24.33 -4.86 38.49
CHA CLA MA . -21.79 -2.78 39.57
CHB CLA MA . -24.69 -2.85 35.81
CHC CLA MA . -26.39 -7.21 37.19
CHD CLA MA . -23.54 -7.12 41.29
NA CLA MA . -23.38 -3.15 37.78
C1A CLA MA . -22.49 -2.41 38.29
C2A CLA MA . -22.12 -1.16 37.56
C3A CLA MA . -23.09 -1.19 36.40
C4A CLA MA . -23.76 -2.49 36.69
CMA CLA MA . -24.15 -0.11 36.58
CAA CLA MA . -20.71 -1.34 36.96
CBA CLA MA . -20.70 -2.34 35.78
CGA CLA MA . -19.43 -3.14 35.60
O1A CLA MA . -18.51 -3.08 36.41
O2A CLA MA . -19.31 -4.01 34.44
NB CLA MA . -25.36 -5.02 36.74
C1B CLA MA . -25.48 -4.06 35.82
C2B CLA MA . -26.46 -4.35 34.77
C3B CLA MA . -26.98 -5.66 35.16
C4B CLA MA . -26.21 -5.98 36.41
CMB CLA MA . -26.82 -3.51 33.60
CAB CLA MA . -28.02 -6.46 34.47
CBB CLA MA . -27.76 -7.69 34.11
NC CLA MA . -24.85 -6.75 39.13
C1C CLA MA . -25.69 -7.55 38.44
C2C CLA MA . -25.91 -8.88 39.04
C3C CLA MA . -25.07 -8.85 40.25
C4C CLA MA . -24.47 -7.50 40.20
CMC CLA MA . -26.78 -9.99 38.53
CAC CLA MA . -24.86 -9.93 41.29
CBC CLA MA . -25.99 -9.79 42.28
ND CLA MA . -23.02 -5.03 40.03
C1D CLA MA . -22.77 -5.88 41.15
C2D CLA MA . -21.73 -5.41 42.09
C3D CLA MA . -21.34 -4.14 41.42
C4D CLA MA . -22.12 -4.02 40.29
CMD CLA MA . -21.13 -5.92 43.37
CAD CLA MA . -20.46 -2.95 41.49
OBD CLA MA . -19.61 -2.73 42.42
CBD CLA MA . -20.71 -2.07 40.32
CGD CLA MA . -21.09 -0.70 40.77
O1D CLA MA . -22.11 -0.51 41.39
O2D CLA MA . -20.22 0.41 40.47
CED CLA MA . -20.31 1.62 41.19
C1 CLA MA . -18.09 -4.64 34.08
C2 CLA MA . -17.49 -4.04 32.81
C3 CLA MA . -17.67 -4.65 31.62
C4 CLA MA . -18.45 -5.91 31.55
C5 CLA MA . -17.07 -4.09 30.36
C6 CLA MA . -16.88 -2.58 30.38
C7 CLA MA . -17.29 -1.98 29.04
C8 CLA MA . -16.54 -0.69 28.77
C9 CLA MA . -17.30 0.16 27.75
C10 CLA MA . -15.16 -1.06 28.22
C11 CLA MA . -14.45 0.18 27.69
C12 CLA MA . -13.11 -0.20 27.06
C13 CLA MA . -12.56 0.98 26.28
C14 CLA MA . -11.18 0.67 25.71
C15 CLA MA . -12.52 2.18 27.22
C16 CLA MA . -12.27 3.50 26.50
C17 CLA MA . -12.29 4.64 27.50
C18 CLA MA . -11.56 5.86 26.94
C19 CLA MA . -11.66 7.02 27.92
C20 CLA MA . -12.08 6.26 25.58
MG CLA NA . -22.85 -4.66 49.62
CHA CLA NA . -23.50 -3.01 52.58
CHB CLA NA . -19.55 -4.50 50.35
CHC CLA NA . -22.31 -6.66 46.95
CHD CLA NA . -26.48 -5.15 49.22
NA CLA NA . -21.71 -3.94 51.20
C1A CLA NA . -22.06 -3.30 52.25
C2A CLA NA . -20.97 -2.82 53.17
C3A CLA NA . -19.74 -3.29 52.41
C4A CLA NA . -20.38 -3.95 51.24
CMA CLA NA . -18.91 -2.09 51.95
CAA CLA NA . -21.03 -3.57 54.49
CBA CLA NA . -21.02 -5.08 54.24
CGA CLA NA . -20.77 -5.87 55.50
O1A CLA NA . -19.81 -5.64 56.22
O2A CLA NA . -21.70 -6.93 55.87
NB CLA NA . -21.17 -5.48 48.80
C1B CLA NA . -19.90 -5.25 49.14
C2B CLA NA . -18.89 -5.83 48.22
C3B CLA NA . -19.75 -6.48 47.21
C4B CLA NA . -21.12 -6.19 47.68
CMB CLA NA . -17.39 -5.77 48.30
CAB CLA NA . -19.40 -7.27 46.00
CBB CLA NA . -18.35 -6.98 45.26
NC CLA NA . -24.14 -5.71 48.40
C1C CLA NA . -23.71 -6.41 47.33
C2C CLA NA . -24.79 -6.97 46.49
C3C CLA NA . -26.01 -6.52 47.17
C4C CLA NA . -25.48 -5.76 48.32
CMC CLA NA . -24.66 -7.81 45.24
CAC CLA NA . -27.45 -6.77 46.79
CBC CLA NA . -27.91 -7.87 47.73
ND CLA NA . -24.60 -4.30 50.60
C1D CLA NA . -26.00 -4.38 50.36
C2D CLA NA . -26.86 -3.65 51.32
C3D CLA NA . -25.81 -3.07 52.22
C4D CLA NA . -24.59 -3.50 51.73
CMD CLA NA . -28.34 -3.41 51.49
CAD CLA NA . -25.55 -2.25 53.42
OBD CLA NA . -26.46 -1.68 54.13
CBD CLA NA . -24.09 -2.17 53.67
CGD CLA NA . -23.59 -0.77 53.54
O1D CLA NA . -23.24 -0.13 54.52
O2D CLA NA . -23.47 -0.15 52.23
CED CLA NA . -22.88 1.14 52.12
C1 CLA NA . -21.33 -7.91 56.83
C2 CLA NA . -20.85 -9.17 56.13
C3 CLA NA . -21.75 -10.10 55.74
C4 CLA NA . -23.21 -9.88 55.98
MG CLA OA . -13.94 -3.20 45.17
CHA CLA OA . -15.40 -1.63 47.88
CHB CLA OA . -10.94 -2.68 46.59
CHC CLA OA . -12.62 -5.10 42.70
CHD CLA OA . -17.33 -4.10 44.01
NA CLA OA . -13.27 -2.36 46.94
C1A CLA OA . -13.91 -1.70 47.84
C2A CLA OA . -13.08 -0.98 48.87
C3A CLA OA . -11.68 -1.33 48.42
C4A CLA OA . -11.99 -2.19 47.24
CMA CLA OA . -11.07 -0.04 47.87
CAA CLA OA . -13.27 -1.49 50.31
CBA CLA OA . -12.98 -2.97 50.47
CGA CLA OA . -14.22 -3.64 51.01
O1A CLA OA . -15.26 -3.02 51.15
O2A CLA OA . -14.19 -5.05 51.38
NB CLA OA . -12.04 -3.80 44.71
C1B CLA OA . -10.93 -3.53 45.39
C2B CLA OA . -9.69 -4.13 44.84
C3B CLA OA . -10.20 -4.86 43.67
C4B CLA OA . -11.66 -4.59 43.69
CMB CLA OA . -8.28 -4.04 45.35
CAB CLA OA . -9.38 -5.68 42.73
CBB CLA OA . -9.88 -6.38 41.74
NC CLA OA . -14.81 -4.39 43.71
C1C CLA OA . -14.10 -5.01 42.77
C2C CLA OA . -14.89 -5.64 41.70
C3C CLA OA . -16.28 -5.34 42.08
C4C CLA OA . -16.10 -4.57 43.34
CMC CLA OA . -14.39 -6.40 40.50
CAC CLA OA . -17.59 -5.73 41.40
CBC CLA OA . -17.82 -4.73 40.27
ND CLA OA . -15.89 -3.02 45.74
C1D CLA OA . -17.20 -3.32 45.23
C2D CLA OA . -18.33 -2.77 46.02
C3D CLA OA . -17.56 -2.08 47.11
C4D CLA OA . -16.22 -2.30 46.86
CMD CLA OA . -19.82 -2.79 45.94
CAD CLA OA . -17.66 -1.29 48.36
OBD CLA OA . -18.77 -0.90 48.89
CBD CLA OA . -16.31 -0.98 48.86
CGD CLA OA . -16.14 0.51 48.71
O1D CLA OA . -15.61 0.97 47.73
O2D CLA OA . -16.61 1.42 49.74
CED CLA OA . -16.55 2.82 49.51
C1 CLA OA . -15.33 -5.85 51.10
C2 CLA OA . -16.14 -6.14 52.33
C3 CLA OA . -17.05 -7.12 52.34
C4 CLA OA . -17.83 -7.38 53.59
C5 CLA OA . -17.33 -7.95 51.10
C6 CLA OA . -18.75 -8.52 51.04
MG CLA PA . -12.56 1.07 35.77
CHA CLA PA . -15.44 -0.02 37.29
CHB CLA PA . -10.91 -1.45 37.30
CHC CLA PA . -9.88 1.84 33.85
CHD CLA PA . -14.57 3.49 33.86
NA CLA PA . -13.08 -0.50 37.03
C1A CLA PA . -14.19 -0.79 37.57
C2A CLA PA . -14.22 -1.93 38.54
C3A CLA PA . -12.75 -2.33 38.55
C4A CLA PA . -12.21 -1.35 37.56
CMA CLA PA . -12.16 -2.01 39.91
CAA CLA PA . -14.98 -3.12 37.93
CBA CLA PA . -14.58 -3.33 36.46
CGA CLA PA . -14.78 -4.73 35.91
O1A CLA PA . -14.78 -5.69 36.66
O2A CLA PA . -15.00 -4.94 34.49
NB CLA PA . -10.67 0.30 35.61
C1B CLA PA . -10.12 -0.67 36.34
C2B CLA PA . -8.69 -0.94 36.07
C3B CLA PA . -8.41 0.05 35.01
C4B CLA PA . -9.70 0.75 34.82
CMB CLA PA . -7.76 -1.95 36.69
CAB CLA PA . -7.13 0.30 34.32
CBB CLA PA . -6.58 1.49 34.26
NC CLA PA . -12.31 2.38 34.19
C1C CLA PA . -11.14 2.54 33.56
C2C CLA PA . -11.14 3.57 32.48
C3C CLA PA . -12.53 4.05 32.50
C4C CLA PA . -13.15 3.25 33.59
CMC CLA PA . -10.01 4.00 31.60
CAC CLA PA . -13.16 5.11 31.63
CBC CLA PA . -12.83 6.43 32.28
ND CLA PA . -14.51 1.62 35.50
C1D CLA PA . -15.25 2.65 34.85
C2D CLA PA . -16.68 2.75 35.26
C3D CLA PA . -16.73 1.65 36.27
C4D CLA PA . -15.48 1.08 36.32
CMD CLA PA . -17.84 3.62 34.91
CAD CLA PA . -17.60 0.92 37.22
OBD CLA PA . -18.83 1.16 37.44
CBD CLA PA . -16.80 -0.16 37.88
CGD CLA PA . -16.79 -0.01 39.38
O1D CLA PA . -16.63 1.06 39.92
O2D CLA PA . -16.92 -1.20 40.19
CED CLA PA . -16.43 -1.25 41.52
C1 CLA PA . -14.02 -5.51 33.61
C2 CLA PA . -13.70 -4.54 32.48
C3 CLA PA . -13.33 -4.87 31.23
C4 CLA PA . -13.06 -3.77 30.24
C5 CLA PA . -13.15 -6.30 30.77
C6 CLA PA . -11.84 -6.90 31.28
C7 CLA PA . -10.87 -7.22 30.17
C8 CLA PA . -9.47 -6.86 30.65
C9 CLA PA . -9.37 -5.34 30.80
C10 CLA PA . -8.40 -7.38 29.70
C11 CLA PA . -7.02 -7.10 30.27
C12 CLA PA . -6.80 -7.82 31.59
C13 CLA PA . -6.83 -9.34 31.40
C14 CLA PA . -5.42 -9.91 31.37
MG CLA QA . -24.81 1.34 33.41
CHA CLA QA . -28.09 0.49 32.68
CHB CLA QA . -23.77 -1.20 31.46
CHC CLA QA . -21.69 1.90 34.64
CHD CLA QA . -26.12 3.80 35.85
NA CLA QA . -25.75 -0.14 32.29
C1A CLA QA . -27.00 -0.27 31.98
C2A CLA QA . -27.33 -1.28 30.90
C3A CLA QA . -25.93 -1.77 30.51
C4A CLA QA . -25.10 -0.99 31.50
CMA CLA QA . -25.70 -3.28 30.51
CAA CLA QA . -28.04 -0.64 29.71
CBA CLA QA . -28.31 -1.66 28.61
CGA CLA QA . -29.50 -1.22 27.80
O1A CLA QA . -29.38 -0.49 26.84
O2A CLA QA . -30.82 -1.68 28.18
NB CLA QA . -23.00 0.45 33.10
C1B CLA QA . -22.72 -0.55 32.27
C2B CLA QA . -21.29 -0.96 32.24
C3B CLA QA . -20.69 0.00 33.21
C4B CLA QA . -21.85 0.81 33.66
CMB CLA QA . -20.60 -2.03 31.45
CAB CLA QA . -19.30 0.20 33.69
CBB CLA QA . -18.42 -0.76 33.76
NC CLA QA . -24.09 2.59 34.90
C1C CLA QA . -22.79 2.66 35.25
C2C CLA QA . -22.48 3.60 36.35
C3C CLA QA . -23.80 4.16 36.69
C4C CLA QA . -24.69 3.47 35.74
CMC CLA QA . -21.15 3.94 36.98
CAC CLA QA . -24.14 5.17 37.75
CBC CLA QA . -24.22 6.52 37.09
ND CLA QA . -26.58 2.03 34.15
C1D CLA QA . -27.06 3.00 35.09
C2D CLA QA . -28.52 3.11 35.21
C3D CLA QA . -28.93 2.07 34.23
C4D CLA QA . -27.77 1.50 33.71
CMD CLA QA . -29.48 3.93 36.01
CAD CLA QA . -30.08 1.41 33.58
OBD CLA QA . -31.30 1.66 33.85
CBD CLA QA . -29.58 0.38 32.62
CGD CLA QA . -30.15 -0.89 33.18
O1D CLA QA . -31.30 -1.19 32.91
O2D CLA QA . -29.43 -1.79 34.05
CED CLA QA . -30.15 -2.88 34.63
C1 CLA QA . -31.99 -1.08 27.61
C2 CLA QA . -32.40 0.12 28.43
C3 CLA QA . -32.98 -0.02 29.62
C4 CLA QA . -33.24 -1.37 30.20
C5 CLA QA . -33.39 1.20 30.41
C6 CLA QA . -32.48 2.40 30.16
C7 CLA QA . -32.87 3.51 31.11
C8 CLA QA . -32.12 4.79 30.76
C9 CLA QA . -32.43 5.20 29.34
C10 CLA QA . -30.63 4.56 30.96
C11 CLA QA . -29.85 5.87 31.10
C12 CLA QA . -29.35 6.05 32.52
C13 CLA QA . -29.99 7.24 33.24
C14 CLA QA . -31.29 7.68 32.58
C15 CLA QA . -28.99 8.39 33.31
C16 CLA QA . -29.63 9.73 33.72
C17 CLA QA . -29.61 10.71 32.56
C18 CLA QA . -28.84 11.96 32.90
C19 CLA QA . -29.76 13.02 33.50
C20 CLA QA . -28.11 12.48 31.67
MG CLA RA . -15.93 -7.38 20.57
CHA CLA RA . -16.40 -10.81 20.52
CHB CLA RA . -14.57 -7.70 23.65
CHC CLA RA . -14.97 -4.15 20.31
CHD CLA RA . -17.05 -7.28 17.07
NA CLA RA . -15.50 -8.95 21.84
C1A CLA RA . -15.79 -10.20 21.75
C2A CLA RA . -15.46 -11.06 22.92
C3A CLA RA . -14.94 -10.05 23.91
C4A CLA RA . -15.01 -8.82 23.07
CMA CLA RA . -15.93 -9.96 25.06
CAA CLA RA . -14.22 -11.85 22.53
CBA CLA RA . -13.53 -12.51 23.72
CGA CLA RA . -12.30 -13.29 23.31
O1A CLA RA . -12.17 -13.71 22.17
O2A CLA RA . -11.24 -13.53 24.26
NB CLA RA . -14.93 -6.12 21.82
C1B CLA RA . -14.48 -6.37 23.05
C2B CLA RA . -13.79 -5.24 23.72
C3B CLA RA . -13.92 -4.18 22.69
C4B CLA RA . -14.62 -4.84 21.57
CMB CLA RA . -13.16 -5.15 25.07
CAB CLA RA . -13.44 -2.78 22.76
CBB CLA RA . -12.17 -2.56 23.03
NC CLA RA . -15.99 -6.03 19.01
C1C CLA RA . -15.57 -4.76 19.12
C2C CLA RA . -15.76 -3.93 17.90
C3C CLA RA . -16.39 -4.87 16.95
C4C CLA RA . -16.46 -6.11 17.75
CMC CLA RA . -15.42 -2.48 17.68
CAC CLA RA . -16.83 -4.63 15.53
CBC CLA RA . -15.69 -5.07 14.64
ND CLA RA . -16.52 -8.64 19.09
C1D CLA RA . -17.04 -8.57 17.76
C2D CLA RA . -17.52 -9.86 17.19
C3D CLA RA . -17.25 -10.76 18.34
C4D CLA RA . -16.70 -9.99 19.34
CMD CLA RA . -18.13 -10.30 15.88
CAD CLA RA . -17.33 -12.16 18.83
OBD CLA RA . -17.80 -13.14 18.18
CBD CLA RA . -16.81 -12.22 20.23
CGD CLA RA . -17.94 -12.61 21.11
O1D CLA RA . -18.49 -11.82 21.83
O2D CLA RA . -18.42 -13.98 21.12
CED CLA RA . -19.64 -14.29 21.77
C1 CLA RA . -10.26 -14.54 24.01
C2 CLA RA . -10.34 -15.60 25.08
C3 CLA RA . -9.50 -15.60 26.13
C4 CLA RA . -8.45 -14.53 26.27
C5 CLA RA . -9.62 -16.69 27.17
C6 CLA RA . -9.77 -16.18 28.60
C7 CLA RA . -10.95 -16.89 29.29
C8 CLA RA . -11.07 -16.57 30.77
C9 CLA RA . -11.36 -15.09 30.99
C10 CLA RA . -9.83 -17.03 31.53
C11 CLA RA . -10.02 -16.92 33.04
C12 CLA RA . -9.53 -18.18 33.76
C13 CLA RA . -8.96 -17.84 35.13
C14 CLA RA . -7.67 -17.03 34.98
C15 CLA RA . -8.70 -19.10 35.94
C16 CLA RA . -9.86 -19.48 36.85
C17 CLA RA . -9.38 -19.72 38.28
C18 CLA RA . -10.09 -20.91 38.90
C19 CLA RA . -10.05 -22.12 37.98
C20 CLA RA . -11.53 -20.55 39.27
MG CLA SA . -20.16 -18.25 25.66
CHA CLA SA . -18.04 -15.55 25.34
CHB CLA SA . -20.75 -17.30 28.85
CHC CLA SA . -21.70 -21.23 26.09
CHD CLA SA . -19.14 -19.29 22.28
NA CLA SA . -19.50 -16.72 26.90
C1A CLA SA . -18.77 -15.70 26.63
C2A CLA SA . -18.60 -14.68 27.72
C3A CLA SA . -19.45 -15.27 28.82
C4A CLA SA . -19.93 -16.51 28.14
CMA CLA SA . -18.51 -15.71 29.94
CAA CLA SA . -19.16 -13.31 27.34
CBA CLA SA . -18.95 -12.33 28.49
CGA CLA SA . -19.32 -10.94 28.05
O1A CLA SA . -18.64 -10.34 27.24
O2A CLA SA . -20.51 -10.30 28.56
NB CLA SA . -21.06 -19.14 27.26
C1B CLA SA . -21.32 -18.59 28.44
C2B CLA SA . -22.20 -19.39 29.33
C3B CLA SA . -22.47 -20.57 28.49
C4B CLA SA . -21.71 -20.31 27.23
CMB CLA SA . -22.67 -19.07 30.72
CAB CLA SA . -23.28 -21.78 28.76
CBB CLA SA . -24.51 -21.67 29.24
NC CLA SA . -20.32 -19.90 24.45
C1C CLA SA . -21.04 -20.98 24.79
C2C CLA SA . -21.15 -22.00 23.72
C3C CLA SA . -20.40 -21.43 22.60
C4C CLA SA . -19.95 -20.14 23.17
CMC CLA SA . -21.87 -23.31 23.77
CAC CLA SA . -20.14 -21.98 21.22
CBC CLA SA . -18.83 -22.72 21.30
ND CLA SA . -18.94 -17.66 24.14
C1D CLA SA . -18.55 -18.09 22.84
C2D CLA SA . -17.57 -17.23 22.12
C3D CLA SA . -17.37 -16.21 23.18
C4D CLA SA . -18.17 -16.53 24.26
CMD CLA SA . -16.90 -17.26 20.79
CAD CLA SA . -16.66 -14.96 23.53
OBD CLA SA . -15.84 -14.38 22.74
CBD CLA SA . -17.05 -14.52 24.88
CGD CLA SA . -15.89 -14.39 25.80
O1D CLA SA . -15.77 -13.41 26.51
O2D CLA SA . -14.86 -15.41 25.87
CED CLA SA . -13.71 -15.18 26.69
C1 CLA SA . -20.65 -8.88 28.46
C2 CLA SA . -21.92 -8.50 29.18
C3 CLA SA . -22.93 -7.87 28.55
C4 CLA SA . -22.81 -7.54 27.09
C5 CLA SA . -24.18 -7.52 29.31
C6 CLA SA . -23.97 -6.45 30.38
C7 CLA SA . -23.58 -7.07 31.74
C8 CLA SA . -23.36 -6.02 32.83
C9 CLA SA . -22.88 -4.70 32.27
C10 CLA SA . -22.36 -6.54 33.86
C11 CLA SA . -23.01 -6.81 35.20
C12 CLA SA . -22.08 -6.40 36.34
C13 CLA SA . -21.98 -7.47 37.40
C14 CLA SA . -20.89 -7.14 38.42
C15 CLA SA . -21.74 -8.82 36.73
C16 CLA SA . -22.47 -9.97 37.41
C17 CLA SA . -22.74 -11.10 36.42
C18 CLA SA . -22.87 -12.45 37.12
C19 CLA SA . -24.18 -12.57 37.91
C20 CLA SA . -21.67 -12.71 38.02
MG CLA TA . -32.10 -8.40 9.86
CHA CLA TA . -35.48 -8.80 10.43
CHB CLA TA . -32.01 -11.60 8.71
CHC CLA TA . -29.02 -7.74 8.63
CHD CLA TA . -32.46 -4.87 10.81
NA CLA TA . -33.50 -9.91 9.55
C1A CLA TA . -34.71 -9.99 9.95
C2A CLA TA . -35.37 -11.35 9.91
C3A CLA TA . -34.23 -12.20 9.39
C4A CLA TA . -33.18 -11.16 9.20
CMA CLA TA . -33.80 -13.10 10.53
CAA CLA TA . -36.50 -11.42 8.89
CBA CLA TA . -36.05 -11.25 7.44
CGA CLA TA . -36.41 -9.86 6.99
O1A CLA TA . -37.58 -9.57 6.84
O2A CLA TA . -35.37 -8.87 6.77
NB CLA TA . -30.71 -9.52 8.87
C1B CLA TA . -30.85 -10.76 8.41
C2B CLA TA . -29.78 -11.22 7.48
C3B CLA TA . -28.89 -10.04 7.45
C4B CLA TA . -29.57 -9.08 8.35
CMB CLA TA . -29.66 -12.54 6.77
CAB CLA TA . -27.61 -9.79 6.74
CBB CLA TA . -27.23 -10.50 5.70
NC CLA TA . -30.99 -6.66 9.75
C1C CLA TA . -29.76 -6.62 9.23
C2C CLA TA . -29.10 -5.28 9.30
C3C CLA TA . -30.13 -4.45 9.95
C4C CLA TA . -31.24 -5.41 10.18
CMC CLA TA . -27.74 -4.87 8.84
CAC CLA TA . -30.06 -2.98 10.30
CBC CLA TA . -30.85 -2.27 9.23
ND CLA TA . -33.53 -7.09 10.46
C1D CLA TA . -33.66 -5.70 10.81
C2D CLA TA . -35.03 -5.25 11.14
C3D CLA TA . -35.76 -6.53 10.96
C4D CLA TA . -34.85 -7.49 10.55
CMD CLA TA . -35.69 -3.96 11.55
CAD CLA TA . -37.08 -7.18 11.02
OBD CLA TA . -38.17 -6.60 11.34
CBD CLA TA . -36.94 -8.60 10.65
CGD CLA TA . -37.58 -9.46 11.67
O1D CLA TA . -37.03 -9.75 12.71
O2D CLA TA . -38.93 -9.94 11.43
CED CLA TA . -39.71 -10.46 12.49
C1 CLA TA . -35.41 -7.92 5.70
C2 CLA TA . -36.70 -7.12 5.67
C3 CLA TA . -37.61 -7.33 4.70
C4 CLA TA . -37.33 -8.35 3.64
C5 CLA TA . -38.88 -6.53 4.68
C6 CLA TA . -38.80 -5.46 3.60
C7 CLA TA . -38.17 -4.19 4.17
C8 CLA TA . -37.59 -3.34 3.05
C9 CLA TA . -36.44 -4.07 2.38
C10 CLA TA . -37.14 -2.02 3.64
C11 CLA TA . -38.27 -1.28 4.33
C12 CLA TA . -37.88 0.18 4.56
C13 CLA TA . -39.07 1.11 4.42
C14 CLA TA . -40.08 0.86 5.53
C15 CLA TA . -39.70 0.96 3.05
C16 CLA TA . -40.50 2.21 2.68
C17 CLA TA . -41.59 1.90 1.63
C18 CLA TA . -41.21 2.43 0.26
C19 CLA TA . -40.73 3.87 0.32
C20 CLA TA . -42.40 2.32 -0.70
MG CLA UA . -33.43 -9.86 18.35
CHA CLA UA . -35.14 -12.82 18.83
CHB CLA UA . -35.39 -9.28 15.66
CHC CLA UA . -32.15 -6.75 18.28
CHD CLA UA . -31.67 -10.50 21.53
NA CLA UA . -35.02 -10.83 17.43
C1A CLA UA . -35.48 -12.01 17.63
C2A CLA UA . -36.45 -12.54 16.61
C3A CLA UA . -36.48 -11.41 15.60
C4A CLA UA . -35.57 -10.44 16.29
CMA CLA UA . -35.77 -11.96 14.38
CAA CLA UA . -37.86 -12.67 17.19
CBA CLA UA . -38.46 -11.32 17.56
CGA CLA UA . -39.15 -11.40 18.90
O1A CLA UA . -40.17 -10.78 19.12
O2A CLA UA . -38.61 -12.24 19.95
NB CLA UA . -33.71 -8.25 17.12
C1B CLA UA . -34.56 -8.15 16.11
C2B CLA UA . -34.66 -6.80 15.50
C3B CLA UA . -33.67 -6.04 16.32
C4B CLA UA . -33.16 -7.05 17.27
CMB CLA UA . -35.53 -6.35 14.36
CAB CLA UA . -33.24 -4.62 16.26
CBB CLA UA . -33.32 -3.92 15.15
NC CLA UA . -32.21 -8.84 19.67
C1C CLA UA . -31.74 -7.61 19.41
C2C CLA UA . -30.71 -7.12 20.35
C3C CLA UA . -30.58 -8.24 21.30
C4C CLA UA . -31.55 -9.24 20.78
CMC CLA UA . -29.97 -5.82 20.37
CAC CLA UA . -29.67 -8.34 22.52
CBC CLA UA . -30.52 -8.15 23.75
ND CLA UA . -33.36 -11.23 19.85
C1D CLA UA . -32.65 -11.47 21.07
C2D CLA UA . -32.99 -12.73 21.78
C3D CLA UA . -34.02 -13.27 20.85
C4D CLA UA . -34.17 -12.36 19.83
CMD CLA UA . -32.51 -13.39 23.03
CAD CLA UA . -34.96 -14.39 20.57
OBD CLA UA . -35.09 -15.41 21.32
CBD CLA UA . -35.69 -14.12 19.32
CGD CLA UA . -35.55 -15.23 18.33
O1D CLA UA . -34.51 -15.38 17.71
O2D CLA UA . -36.67 -16.13 18.10
CED CLA UA . -36.61 -17.17 17.13
C1 CLA UA . -38.93 -11.95 21.31
C2 CLA UA . -37.74 -12.24 22.17
C3 CLA UA . -37.75 -13.32 22.95
C4 CLA UA . -38.94 -14.23 22.95
C5 CLA UA . -36.55 -13.64 23.82
C6 CLA UA . -36.05 -12.44 24.60
C7 CLA UA . -35.02 -12.87 25.65
C8 CLA UA . -34.12 -11.71 26.01
C9 CLA UA . -32.94 -12.18 26.87
C10 CLA UA . -34.94 -10.63 26.71
C11 CLA UA . -34.08 -9.43 27.09
C12 CLA UA . -34.95 -8.26 27.48
C13 CLA UA . -34.24 -7.29 28.41
C14 CLA UA . -35.23 -6.52 29.27
C15 CLA UA . -33.36 -6.33 27.61
C16 CLA UA . -32.47 -5.50 28.51
C17 CLA UA . -31.05 -6.05 28.60
C18 CLA UA . -30.42 -5.74 29.95
C19 CLA UA . -30.57 -4.26 30.31
C20 CLA UA . -28.96 -6.15 30.01
MG CLA VA . -26.45 7.96 17.02
CHA CLA VA . -25.96 11.15 15.75
CHB CLA VA . -29.15 9.14 18.66
CHC CLA VA . -27.27 4.74 17.66
CHD CLA VA . -23.74 6.79 14.83
NA CLA VA . -27.43 9.80 17.15
C1A CLA VA . -27.11 10.95 16.69
C2A CLA VA . -27.94 12.12 17.11
C3A CLA VA . -28.92 11.46 18.07
C4A CLA VA . -28.47 10.04 17.96
CMA CLA VA . -28.56 12.01 19.43
CAA CLA VA . -28.74 12.73 15.96
CBA CLA VA . -29.80 11.76 15.43
CGA CLA VA . -30.47 12.30 14.20
O1A CLA VA . -30.88 13.46 14.15
O2A CLA VA . -30.64 11.45 13.03
NB CLA VA . -28.00 7.08 18.00
C1B CLA VA . -28.96 7.68 18.70
C2B CLA VA . -29.82 6.77 19.49
C3B CLA VA . -29.24 5.44 19.17
C4B CLA VA . -28.13 5.78 18.24
CMB CLA VA . -30.99 7.09 20.38
CAB CLA VA . -29.61 4.09 19.63
CBB CLA VA . -29.86 3.83 20.89
NC CLA VA . -25.64 6.16 16.40
C1C CLA VA . -26.18 4.98 16.71
C2C CLA VA . -25.58 3.80 16.02
C3C CLA VA . -24.54 4.42 15.18
C4C CLA VA . -24.66 5.86 15.52
CMC CLA VA . -25.95 2.35 16.14
CAC CLA VA . -23.57 3.76 14.24
CBC CLA VA . -24.26 3.74 12.90
ND CLA VA . -25.18 8.68 15.61
C1D CLA VA . -24.07 8.21 14.83
C2D CLA VA . -23.36 9.25 14.06
C3D CLA VA . -24.14 10.45 14.45
C4D CLA VA . -25.13 10.02 15.30
CMD CLA VA . -22.18 9.24 13.13
CAD CLA VA . -24.30 11.92 14.27
OBD CLA VA . -23.58 12.68 13.56
CBD CLA VA . -25.45 12.39 15.09
CGD CLA VA . -24.99 13.45 16.05
O1D CLA VA . -24.58 14.51 15.62
O2D CLA VA . -25.03 13.27 17.47
CED CLA VA . -25.00 14.41 18.33
C1 CLA VA . -31.82 11.53 12.25
C2 CLA VA . -32.17 10.18 11.70
C3 CLA VA . -32.03 9.97 10.38
C4 CLA VA . -31.54 11.08 9.50
C5 CLA VA . -32.35 8.63 9.78
C6 CLA VA . -31.18 8.07 8.98
C7 CLA VA . -31.57 6.85 8.16
C8 CLA VA . -30.39 5.90 8.05
C9 CLA VA . -29.11 6.65 7.68
C10 CLA VA . -30.67 4.82 7.02
C11 CLA VA . -31.84 3.93 7.38
C12 CLA VA . -31.81 2.71 6.47
C13 CLA VA . -33.09 1.89 6.55
C14 CLA VA . -33.21 1.19 7.90
C15 CLA VA . -33.06 0.88 5.42
C16 CLA VA . -33.87 1.34 4.21
C17 CLA VA . -33.75 0.34 3.07
C18 CLA VA . -34.69 0.70 1.94
C19 CLA VA . -34.50 -0.26 0.77
C20 CLA VA . -34.52 2.15 1.50
MG CLA WA . -2.47 2.73 29.25
CHA CLA WA . -1.65 4.34 32.19
CHB CLA WA . 0.84 2.39 28.64
CHC CLA WA . -3.32 0.78 26.63
CHD CLA WA . -5.99 2.81 30.33
NA CLA WA . -0.72 3.22 30.24
C1A CLA WA . -0.54 3.89 31.32
C2A CLA WA . 0.87 4.24 31.68
C3A CLA WA . 1.64 3.66 30.52
C4A CLA WA . 0.51 3.05 29.74
CMA CLA WA . 2.17 4.82 29.70
CAA CLA WA . 1.29 3.46 32.92
CBA CLA WA . 1.18 1.96 32.69
CGA CLA WA . 2.18 1.25 33.56
O1A CLA WA . 3.21 1.79 33.90
O2A CLA WA . 1.89 -0.09 34.03
NB CLA WA . -1.39 1.72 27.85
C1B CLA WA . -0.07 1.71 27.70
C2B CLA WA . 0.43 1.00 26.50
C3B CLA WA . -0.85 0.52 25.91
C4B CLA WA . -1.88 1.02 26.84
CMB CLA WA . 1.83 0.80 26.02
CAB CLA WA . -1.07 -0.28 24.68
CBB CLA WA . -0.91 -1.58 24.70
NC CLA WA . -4.27 1.92 28.66
C1C CLA WA . -4.41 1.24 27.51
C2C CLA WA . -5.82 0.94 27.13
C3C CLA WA . -6.58 1.55 28.22
C4C CLA WA . -5.54 2.12 29.10
CMC CLA WA . -6.34 0.20 25.93
CAC CLA WA . -8.07 1.58 28.43
CBC CLA WA . -8.55 2.76 27.61
ND CLA WA . -3.61 3.32 30.84
C1D CLA WA . -5.00 3.44 31.17
C2D CLA WA . -5.27 4.22 32.40
C3D CLA WA . -3.89 4.59 32.79
C4D CLA WA . -3.04 4.02 31.87
CMD CLA WA . -6.50 4.64 33.16
CAD CLA WA . -3.07 5.30 33.80
OBD CLA WA . -3.52 5.94 34.80
CBD CLA WA . -1.64 5.17 33.43
CGD CLA WA . -1.05 6.53 33.20
O1D CLA WA . -0.23 6.97 33.97
O2D CLA WA . -1.40 7.33 32.06
CED CLA WA . -0.86 8.64 31.92
C1 CLA WA . 2.95 -0.98 34.34
C2 CLA WA . 2.68 -2.34 33.75
C3 CLA WA . 1.89 -3.21 34.40
C4 CLA WA . 1.27 -2.84 35.70
C5 CLA WA . 1.64 -4.58 33.82
C6 CLA WA . 1.85 -4.61 32.30
C7 CLA WA . 3.05 -5.47 31.95
C8 CLA WA . 3.02 -5.87 30.48
C9 CLA WA . 1.60 -6.20 30.02
C10 CLA WA . 3.94 -7.06 30.24
C11 CLA WA . 3.76 -8.12 31.32
C12 CLA WA . 4.22 -9.49 30.83
C13 CLA WA . 3.09 -10.50 30.93
C14 CLA WA . 1.84 -10.00 30.22
C15 CLA WA . 2.79 -10.80 32.39
MG CLA XA . 5.68 -0.71 24.34
CHA CLA XA . 6.16 1.88 26.58
CHB CLA XA . 7.78 0.86 22.20
CHC CLA XA . 5.50 -3.45 22.39
CHD CLA XA . 3.77 -2.48 26.96
NA CLA XA . 6.80 1.03 24.38
C1A CLA XA . 6.87 1.95 25.27
C2A CLA XA . 7.70 3.17 24.94
C3A CLA XA . 8.16 2.84 23.53
C4A CLA XA . 7.53 1.48 23.36
CMA CLA XA . 7.54 3.82 22.56
CAA CLA XA . 8.94 3.20 25.84
CBA CLA XA . 9.81 1.97 25.57
CGA CLA XA . 10.87 1.74 26.61
O1A CLA XA . 11.36 2.64 27.26
O2A CLA XA . 11.31 0.38 26.84
NB CLA XA . 6.56 -1.23 22.57
C1B CLA XA . 7.28 -0.45 21.77
C2B CLA XA . 7.53 -1.01 20.41
C3B CLA XA . 6.82 -2.31 20.50
C4B CLA XA . 6.29 -2.33 21.88
CMB CLA XA . 8.27 -0.42 19.25
CAB CLA XA . 6.66 -3.39 19.49
CBB CLA XA . 7.70 -4.07 19.06
NC CLA XA . 4.85 -2.57 24.65
C1C CLA XA . 4.83 -3.52 23.70
C2C CLA XA . 4.07 -4.74 24.04
C3C CLA XA . 3.56 -4.44 25.40
C4C CLA XA . 4.10 -3.09 25.65
CMC CLA XA . 3.86 -5.99 23.23
CAC CLA XA . 2.73 -5.29 26.30
CBC CLA XA . 1.29 -4.95 26.00
ND CLA XA . 5.11 -0.49 26.28
C1D CLA XA . 4.28 -1.14 27.26
C2D CLA XA . 4.01 -0.37 28.50
C3D CLA XA . 4.78 0.86 28.19
C4D CLA XA . 5.36 0.70 26.95
CMD CLA XA . 3.22 -0.58 29.76
CAD CLA XA . 5.18 2.19 28.70
OBD CLA XA . 4.82 2.66 29.83
CBD CLA XA . 6.05 2.85 27.70
CGD CLA XA . 5.49 4.19 27.30
O1D CLA XA . 4.73 4.31 26.36
O2D CLA XA . 5.87 5.35 28.08
CED CLA XA . 5.17 6.58 27.98
C1 CLA XA . 12.47 0.15 27.62
C2 CLA XA . 13.20 -1.10 27.20
C3 CLA XA . 12.84 -2.28 27.70
C4 CLA XA . 11.69 -2.39 28.66
C5 CLA XA . 13.59 -3.52 27.28
C6 CLA XA . 12.95 -4.82 27.75
C7 CLA XA . 12.46 -5.62 26.55
C8 CLA XA . 12.94 -7.06 26.63
C9 CLA XA . 12.44 -7.73 27.91
C10 CLA XA . 14.45 -7.13 26.54
C11 CLA XA . 14.97 -8.55 26.72
C12 CLA XA . 15.91 -8.96 25.59
C13 CLA XA . 17.30 -9.28 26.13
C14 CLA XA . 18.08 -10.13 25.15
C15 CLA XA . 17.17 -10.04 27.44
C16 CLA XA . 18.01 -9.48 28.58
C17 CLA XA . 17.88 -10.41 29.77
C18 CLA XA . 18.64 -9.95 31.01
C19 CLA XA . 20.13 -9.95 30.76
C20 CLA XA . 18.26 -10.83 32.20
MG CLA YA . 6.82 -12.56 12.61
CHA CLA YA . 6.82 -9.12 12.87
CHB CLA YA . 7.22 -12.21 9.26
CHC CLA YA . 7.49 -15.85 12.51
CHD CLA YA . 6.75 -12.72 16.30
NA CLA YA . 7.05 -10.96 11.30
C1A CLA YA . 6.89 -9.71 11.50
C2A CLA YA . 6.83 -8.82 10.31
C3A CLA YA . 6.94 -9.83 9.17
C4A CLA YA . 7.08 -11.08 9.97
CMA CLA YA . 5.58 -9.86 8.49
CAA CLA YA . 8.05 -7.91 10.20
CBA CLA YA . 7.99 -7.04 8.96
CGA CLA YA . 6.97 -5.93 9.12
O1A CLA YA . 6.30 -5.81 10.13
O2A CLA YA . 6.79 -4.95 8.07
NB CLA YA . 7.28 -13.84 11.09
C1B CLA YA . 7.40 -13.57 9.79
C2B CLA YA . 7.79 -14.71 8.94
C3B CLA YA . 7.87 -15.80 9.93
C4B CLA YA . 7.54 -15.14 11.22
CMB CLA YA . 8.03 -14.80 7.45
CAB CLA YA . 8.21 -17.22 9.67
CBB CLA YA . 8.85 -17.96 10.53
NC CLA YA . 7.09 -13.95 14.09
C1C CLA YA . 7.29 -15.25 13.84
C2C CLA YA . 7.32 -16.14 15.02
C3C CLA YA . 7.09 -15.21 16.14
C4C CLA YA . 6.97 -13.90 15.44
CMC CLA YA . 7.53 -17.63 15.05
CAC CLA YA . 7.02 -15.50 17.61
CBC CLA YA . 5.55 -15.63 17.92
ND CLA YA . 6.81 -11.33 14.23
C1D CLA YA . 6.76 -11.40 15.66
C2D CLA YA . 6.72 -10.11 16.37
C3D CLA YA . 6.76 -9.19 15.20
C4D CLA YA . 6.83 -9.96 14.07
CMD CLA YA . 6.68 -9.65 17.79
CAD CLA YA . 6.78 -7.77 14.79
OBD CLA YA . 6.74 -6.77 15.58
CBD CLA YA . 6.81 -7.70 13.32
CGD CLA YA . 5.56 -7.00 12.91
O1D CLA YA . 4.55 -7.60 12.67
O2D CLA YA . 5.58 -5.55 12.82
CED CLA YA . 4.37 -4.82 12.88
C1 CLA YA . 5.59 -4.19 8.00
C2 CLA YA . 5.54 -3.49 6.67
C3 CLA YA . 5.60 -2.15 6.60
C4 CLA YA . 5.70 -1.33 7.85
C5 CLA YA . 5.55 -1.47 5.26
C6 CLA YA . 6.17 -2.27 4.12
C7 CLA YA . 6.28 -1.40 2.88
C8 CLA YA . 6.24 -2.22 1.59
C9 CLA YA . 7.18 -3.41 1.68
C10 CLA YA . 6.60 -1.31 0.43
C11 CLA YA . 6.23 -1.93 -0.91
C12 CLA YA . 6.29 -0.90 -2.04
C13 CLA YA . 4.96 -0.16 -2.18
C14 CLA YA . 4.07 -0.82 -3.20
C15 CLA YA . 5.21 1.29 -2.56
C16 CLA YA . 6.24 1.44 -3.67
C17 CLA YA . 6.02 2.74 -4.42
C18 CLA YA . 7.24 3.66 -4.42
C19 CLA YA . 7.98 3.61 -5.75
C20 CLA YA . 8.20 3.36 -3.27
MG CLA ZA . 5.83 -17.26 3.30
CHA CLA ZA . 8.43 -19.42 2.71
CHB CLA ZA . 6.18 -17.93 6.61
CHC CLA ZA . 3.76 -14.68 3.92
CHD CLA ZA . 5.93 -16.30 -0.24
NA CLA ZA . 7.12 -18.40 4.47
C1A CLA ZA . 7.99 -19.27 4.13
C2A CLA ZA . 8.62 -20.10 5.21
C3A CLA ZA . 7.86 -19.63 6.42
C4A CLA ZA . 6.99 -18.58 5.78
CMA CLA ZA . 6.99 -20.77 6.94
CAA CLA ZA . 10.08 -19.68 5.44
CBA CLA ZA . 10.26 -18.17 5.54
CGA CLA ZA . 11.52 -17.79 6.30
O1A CLA ZA . 12.41 -18.59 6.50
O2A CLA ZA . 11.69 -16.43 6.78
NB CLA ZA . 5.08 -16.44 5.02
C1B CLA ZA . 5.28 -16.83 6.27
C2B CLA ZA . 4.60 -16.01 7.32
C3B CLA ZA . 3.88 -15.04 6.48
C4B CLA ZA . 4.26 -15.39 5.09
CMB CLA ZA . 4.62 -16.16 8.80
CAB CLA ZA . 3.00 -13.94 6.91
CBB CLA ZA . 3.31 -12.70 6.57
NC CLA ZA . 5.01 -15.82 2.07
C1C CLA ZA . 4.23 -14.83 2.54
C2C CLA ZA . 3.85 -13.81 1.53
C3C CLA ZA . 4.49 -14.30 0.29
C4C CLA ZA . 5.16 -15.54 0.76
CMC CLA ZA . 3.01 -12.58 1.74
CAC CLA ZA . 4.49 -13.67 -1.07
CBC CLA ZA . 3.26 -14.13 -1.80
ND CLA ZA . 6.88 -17.66 1.61
C1D CLA ZA . 6.87 -17.33 0.21
C2D CLA ZA . 7.82 -18.08 -0.62
C3D CLA ZA . 8.45 -18.94 0.42
C4D CLA ZA . 7.86 -18.61 1.62
CMD CLA ZA . 8.18 -18.12 -2.09
CAD CLA ZA . 9.46 -19.98 0.68
OBD CLA ZA . 10.20 -20.52 -0.22
CBD CLA ZA . 9.46 -20.32 2.12
CGD CLA ZA . 9.07 -21.76 2.27
O1D CLA ZA . 9.72 -22.63 1.75
O2D CLA ZA . 7.90 -22.14 3.04
CED CLA ZA . 7.80 -23.46 3.56
C1 CLA ZA . 12.77 -16.11 7.67
C2 CLA ZA . 12.26 -15.39 8.90
C3 CLA ZA . 13.05 -14.50 9.54
C4 CLA ZA . 14.45 -14.24 9.07
C5 CLA ZA . 12.57 -13.77 10.78
C6 CLA ZA . 11.16 -14.10 11.22
C7 CLA ZA . 10.61 -13.06 12.19
C8 CLA ZA . 11.18 -13.23 13.61
C9 CLA ZA . 11.09 -14.67 14.06
C10 CLA ZA . 10.42 -12.31 14.57
C11 CLA ZA . 11.04 -12.32 15.96
C12 CLA ZA . 10.49 -11.20 16.84
C13 CLA ZA . 10.77 -11.42 18.32
C14 CLA ZA . 9.89 -12.52 18.88
C15 CLA ZA . 10.56 -10.10 19.04
C16 CLA ZA . 11.10 -10.02 20.48
C17 CLA ZA . 12.42 -10.77 20.65
C18 CLA ZA . 13.18 -10.39 21.91
C19 CLA ZA . 12.32 -9.62 22.91
C20 CLA ZA . 14.43 -9.61 21.57
MG CLA AB . -15.36 -22.81 30.43
CHA CLA AB . -17.78 -24.52 32.22
CHB CLA AB . -17.85 -21.15 28.85
CHC CLA AB . -12.99 -20.86 29.04
CHD CLA AB . -12.83 -24.34 32.61
NA CLA AB . -17.43 -22.79 30.54
C1A CLA AB . -18.25 -23.54 31.19
C2A CLA AB . -19.71 -23.38 30.91
C3A CLA AB . -19.69 -22.34 29.81
C4A CLA AB . -18.22 -22.07 29.74
CMA CLA AB . -20.03 -23.05 28.51
CAA CLA AB . -20.43 -22.74 32.10
CBA CLA AB . -19.79 -21.42 32.54
CGA CLA AB . -20.39 -20.93 33.84
O1A CLA AB . -21.10 -21.67 34.49
O2A CLA AB . -20.11 -19.60 34.36
NB CLA AB . -15.42 -21.23 29.14
C1B CLA AB . -16.49 -20.70 28.56
C2B CLA AB . -16.22 -19.61 27.59
C3B CLA AB . -14.74 -19.54 27.65
C4B CLA AB . -14.37 -20.58 28.64
CMB CLA AB . -17.16 -18.81 26.76
CAB CLA AB . -13.85 -18.63 26.90
CBB CLA AB . -12.73 -19.06 26.37
NC CLA AB . -13.33 -22.67 30.76
C1C CLA AB . -12.56 -21.77 30.12
C2C CLA AB . -11.15 -21.73 30.57
C3C CLA AB . -11.12 -22.76 31.63
C4C CLA AB . -12.51 -23.27 31.64
CMC CLA AB . -10.04 -20.84 30.08
CAC CLA AB . -9.95 -23.19 32.48
CBC CLA AB . -10.06 -22.38 33.75
ND CLA AB . -15.23 -24.05 32.04
C1D CLA AB . -14.23 -24.72 32.80
C2D CLA AB . -14.71 -25.74 33.75
C3D CLA AB . -16.17 -25.65 33.50
C4D CLA AB . -16.36 -24.68 32.53
CMD CLA AB . -14.04 -26.66 34.73
CAD CLA AB . -17.52 -26.18 33.86
OBD CLA AB . -17.75 -27.09 34.73
CBD CLA AB . -18.55 -25.47 33.07
CGD CLA AB . -19.41 -26.42 32.29
O1D CLA AB . -19.07 -26.85 31.20
O2D CLA AB . -20.69 -26.82 32.85
CED CLA AB . -21.40 -27.93 32.32
C1 CLA AB . -20.97 -18.48 34.12
C2 CLA AB . -20.09 -17.26 33.86
C3 CLA AB . -20.59 -16.02 33.68
C4 CLA AB . -22.05 -15.75 33.70
C5 CLA AB . -19.61 -14.90 33.43
C6 CLA AB . -20.22 -13.51 33.55
C7 CLA AB . -19.31 -12.48 32.90
C8 CLA AB . -19.72 -11.05 33.24
C9 CLA AB . -18.75 -10.44 34.26
MG CLA BB . -18.16 -26.62 39.11
CHA CLA BB . -21.45 -27.05 40.09
CHB CLA BB . -19.23 -24.26 36.93
CHC CLA BB . -14.92 -25.91 38.51
CHD CLA BB . -17.15 -28.92 41.81
NA CLA BB . -19.99 -25.76 38.62
C1A CLA BB . -21.17 -26.07 38.99
C2A CLA BB . -22.31 -25.39 38.27
C3A CLA BB . -21.57 -24.51 37.28
C4A CLA BB . -20.17 -24.88 37.64
CMA CLA BB . -21.84 -24.99 35.85
CAA CLA BB . -23.13 -24.50 39.20
CBA CLA BB . -22.28 -23.49 39.97
CGA CLA BB . -22.87 -23.32 41.35
O1A CLA BB . -23.13 -24.29 42.04
O2A CLA BB . -23.13 -22.00 41.89
NB CLA BB . -17.22 -25.27 37.90
C1B CLA BB . -17.79 -24.40 37.08
C2B CLA BB . -16.84 -23.56 36.29
C3B CLA BB . -15.54 -24.06 36.77
C4B CLA BB . -15.91 -25.11 37.76
CMB CLA BB . -17.15 -22.49 35.28
CAB CLA BB . -14.21 -23.59 36.34
CBB CLA BB . -13.22 -23.40 37.19
NC CLA BB . -16.43 -27.23 40.03
C1C CLA BB . -15.21 -26.92 39.54
C2C CLA BB . -14.08 -27.70 40.12
C3C CLA BB . -14.76 -28.58 41.09
C4C CLA BB . -16.19 -28.20 40.95
CMC CLA BB . -12.61 -27.63 39.81
CAC CLA BB . -14.15 -29.63 41.99
CBC CLA BB . -14.36 -30.96 41.31
ND CLA BB . -18.98 -27.70 40.62
C1D CLA BB . -18.58 -28.64 41.64
C2D CLA BB . -19.68 -29.26 42.42
C3D CLA BB . -20.85 -28.58 41.77
C4D CLA BB . -20.35 -27.74 40.79
CMD CLA BB . -19.79 -30.25 43.54
CAD CLA BB . -22.33 -28.45 41.77
OBD CLA BB . -23.12 -29.08 42.53
CBD CLA BB . -22.72 -27.49 40.70
CGD CLA BB . -23.45 -28.27 39.64
O1D CLA BB . -23.18 -29.45 39.46
O2D CLA BB . -24.48 -27.66 38.83
CED CLA BB . -25.18 -28.43 37.86
MG CLA CB . -14.83 -18.97 17.98
CHA CLA CB . -14.10 -21.12 20.57
CHB CLA CB . -13.37 -16.50 19.76
CHC CLA CB . -16.20 -16.78 15.78
CHD CLA CB . -16.67 -21.71 16.34
NA CLA CB . -13.92 -18.81 19.85
C1A CLA CB . -13.59 -19.72 20.68
C2A CLA CB . -12.78 -19.29 21.88
C3A CLA CB . -12.57 -17.82 21.59
C4A CLA CB . -13.34 -17.70 20.31
CMA CLA CB . -13.30 -17.01 22.66
CAA CLA CB . -11.41 -19.96 22.08
CBA CLA CB . -10.98 -19.66 23.52
CGA CLA CB . -9.51 -19.90 23.78
O1A CLA CB . -8.88 -20.67 23.08
O2A CLA CB . -8.80 -19.23 24.85
NB CLA CB . -14.81 -16.93 17.82
C1B CLA CB . -14.08 -16.08 18.54
C2B CLA CB . -14.12 -14.67 18.07
C3B CLA CB . -14.99 -14.78 16.87
C4B CLA CB . -15.34 -16.21 16.83
CMB CLA CB . -13.44 -13.48 18.67
CAB CLA CB . -15.45 -13.76 15.90
CBB CLA CB . -15.26 -12.48 16.07
NC CLA CB . -16.17 -19.21 16.44
C1C CLA CB . -16.55 -18.20 15.63
C2C CLA CB . -17.40 -18.60 14.49
C3C CLA CB . -17.54 -20.06 14.66
C4C CLA CB . -16.73 -20.31 15.88
CMC CLA CB . -17.98 -17.72 13.41
CAC CLA CB . -18.28 -21.03 13.79
CBC CLA CB . -19.66 -21.13 14.39
ND CLA CB . -15.31 -20.92 18.27
C1D CLA CB . -16.05 -21.97 17.64
C2D CLA CB . -16.10 -23.25 18.39
C3D CLA CB . -15.30 -22.88 19.59
C4D CLA CB . -14.91 -21.56 19.43
CMD CLA CB . -16.71 -24.60 18.17
CAD CLA CB . -14.76 -23.35 20.89
OBD CLA CB . -14.92 -24.51 21.36
CBD CLA CB . -13.99 -22.25 21.52
CGD CLA CB . -14.54 -21.92 22.87
O1D CLA CB . -13.83 -22.04 23.85
O2D CLA CB . -15.89 -21.45 23.03
CED CLA CB . -16.42 -21.28 24.34
C1 CLA CB . -7.68 -19.90 25.45
C2 CLA CB . -7.57 -19.64 26.93
C3 CLA CB . -6.46 -19.05 27.41
C4 CLA CB . -5.36 -18.66 26.47
C5 CLA CB . -6.32 -18.78 28.89
C6 CLA CB . -5.64 -19.93 29.62
MG CLA DB . -3.61 -16.10 19.20
CHA CLA DB . -6.05 -18.45 19.92
CHB CLA DB . -5.98 -13.70 19.51
CHC CLA DB . -1.12 -13.83 19.08
CHD CLA DB . -1.12 -18.80 19.41
NA CLA DB . -5.65 -16.05 19.67
C1A CLA DB . -6.47 -17.02 19.80
C2A CLA DB . -7.92 -16.65 19.97
C3A CLA DB . -7.88 -15.16 19.82
C4A CLA DB . -6.40 -14.95 19.65
CMA CLA DB . -8.61 -14.77 18.55
CAA CLA DB . -8.38 -16.93 21.41
CBA CLA DB . -7.50 -16.30 22.49
CGA CLA DB . -6.27 -17.13 22.79
O1A CLA DB . -6.34 -18.19 23.38
O2A CLA DB . -4.94 -16.73 22.34
NB CLA DB . -3.56 -14.06 19.29
C1B CLA DB . -4.60 -13.23 19.36
C2B CLA DB . -4.23 -11.78 19.29
C3B CLA DB . -2.75 -11.86 19.15
C4B CLA DB . -2.48 -13.31 19.17
CMB CLA DB . -5.14 -10.58 19.32
CAB CLA DB . -1.69 -10.83 19.03
CBB CLA DB . -1.95 -9.56 18.83
NC CLA DB . -1.55 -16.29 19.23
C1C CLA DB . -0.72 -15.25 19.18
C2C CLA DB . 0.73 -15.58 19.23
C3C CLA DB . 0.71 -17.05 19.33
C4C CLA DB . -0.74 -17.37 19.32
CMC CLA DB . 1.92 -14.67 19.19
CAC CLA DB . 1.88 -17.99 19.42
CBC CLA DB . 2.07 -18.23 20.90
ND CLA DB . -3.50 -18.10 19.58
C1D CLA DB . -2.52 -19.14 19.61
C2D CLA DB . -3.04 -20.50 19.85
C3D CLA DB . -4.48 -20.20 19.97
C4D CLA DB . -4.64 -18.84 19.81
CMD CLA DB . -2.45 -21.87 19.97
CAD CLA DB . -5.84 -20.77 20.22
OBD CLA DB . -6.08 -22.00 20.41
CBD CLA DB . -6.85 -19.68 20.18
CGD CLA DB . -7.74 -19.95 19.01
O1D CLA DB . -7.34 -19.84 17.87
O2D CLA DB . -9.11 -20.35 19.24
CED CLA DB . -9.92 -20.75 18.13
C1 CLA DB . -3.81 -16.85 23.21
C2 CLA DB . -2.81 -15.77 22.91
C3 CLA DB . -1.51 -15.91 23.21
C4 CLA DB . -1.03 -17.16 23.86
C5 CLA DB . -0.54 -14.80 22.87
C6 CLA DB . 0.23 -14.23 24.05
C7 CLA DB . 0.42 -12.71 23.88
C8 CLA DB . 1.89 -12.33 23.90
C9 CLA DB . 2.10 -10.91 24.43
C10 CLA DB . 2.48 -12.49 22.51
C11 CLA DB . 3.91 -11.96 22.43
C12 CLA DB . 4.18 -11.33 21.08
C13 CLA DB . 5.67 -11.30 20.76
C14 CLA DB . 6.26 -12.70 20.61
C15 CLA DB . 6.42 -10.48 21.81
C16 CLA DB . 6.24 -8.97 21.64
C17 CLA DB . 7.58 -8.29 21.40
C18 CLA DB . 7.71 -6.99 22.18
C19 CLA DB . 9.06 -6.33 21.93
C20 CLA DB . 7.50 -7.24 23.67
MG CLA EB . -5.95 -6.74 22.28
CHA CLA EB . -8.15 -9.39 22.47
CHB CLA EB . -8.58 -4.64 22.50
CHC CLA EB . -3.72 -4.21 22.47
CHD CLA EB . -3.19 -9.17 22.75
NA CLA EB . -8.00 -6.95 22.50
C1A CLA EB . -8.73 -8.01 22.44
C2A CLA EB . -10.23 -7.79 22.35
C3A CLA EB . -10.33 -6.28 22.38
C4A CLA EB . -8.87 -5.94 22.48
CMA CLA EB . -10.89 -5.74 21.07
CAA CLA EB . -11.06 -8.40 23.49
CBA CLA EB . -10.45 -8.27 24.87
CGA CLA EB . -11.47 -8.70 25.88
O1A CLA EB . -12.16 -7.87 26.44
O2A CLA EB . -11.67 -10.10 26.21
NB CLA EB . -6.14 -4.71 22.44
C1B CLA EB . -7.26 -4.01 22.57
C2B CLA EB . -7.09 -2.55 22.78
C3B CLA EB . -5.61 -2.42 22.77
C4B CLA EB . -5.14 -3.82 22.54
CMB CLA EB . -8.13 -1.49 22.96
CAB CLA EB . -4.82 -1.17 22.93
CBB CLA EB . -3.68 -0.96 22.33
NC CLA EB . -3.90 -6.71 22.54
C1C CLA EB . -3.18 -5.58 22.61
C2C CLA EB . -1.73 -5.77 22.85
C3C CLA EB . -1.59 -7.24 22.94
C4C CLA EB . -2.98 -7.70 22.72
CMC CLA EB . -0.63 -4.74 23.01
CAC CLA EB . -0.35 -8.06 23.18
CBC CLA EB . 0.25 -8.30 21.82
ND CLA EB . -5.64 -8.74 22.61
C1D CLA EB . -4.56 -9.67 22.67
C2D CLA EB . -4.94 -11.10 22.66
C3D CLA EB . -6.42 -10.96 22.57
C4D CLA EB . -6.71 -9.61 22.54
CMD CLA EB . -4.21 -12.42 22.70
CAD CLA EB . -7.71 -11.70 22.51
OBD CLA EB . -7.83 -12.97 22.49
CBD CLA EB . -8.82 -10.72 22.41
CGD CLA EB . -9.41 -10.86 21.04
O1D CLA EB . -8.70 -10.83 20.06
O2D CLA EB . -10.83 -11.02 20.86
CED CLA EB . -11.38 -10.79 19.57
C1 CLA EB . -12.58 -10.46 27.26
C2 CLA EB . -11.85 -10.70 28.56
MG CLA FB . -35.28 19.45 -14.42
CHA CLA FB . -32.98 18.66 -16.86
CHB CLA FB . -37.38 20.47 -16.88
CHC CLA FB . -37.72 19.66 -12.06
CHD CLA FB . -33.06 17.84 -11.95
NA CLA FB . -35.22 19.51 -16.49
C1A CLA FB . -34.26 19.29 -17.30
C2A CLA FB . -34.48 19.65 -18.74
C3A CLA FB . -35.87 20.25 -18.70
C4A CLA FB . -36.17 20.05 -17.25
CMA CLA FB . -35.76 21.75 -18.91
CAA CLA FB . -34.52 18.43 -19.66
CBA CLA FB . -35.67 17.47 -19.38
CGA CLA FB . -35.28 16.54 -18.26
O1A CLA FB . -34.14 16.13 -18.15
O2A CLA FB . -36.25 16.15 -17.26
NB CLA FB . -37.26 20.00 -14.47
C1B CLA FB . -37.94 20.40 -15.53
C2B CLA FB . -39.37 20.74 -15.27
C3B CLA FB . -39.47 20.49 -13.83
C4B CLA FB . -38.11 20.04 -13.44
CMB CLA FB . -40.43 21.22 -16.23
CAB CLA FB . -40.69 20.67 -13.01
CBB CLA FB . -40.70 21.27 -11.85
NC CLA FB . -35.36 18.87 -12.44
C1C CLA FB . -36.44 19.05 -11.66
C2C CLA FB . -36.29 18.57 -10.27
C3C CLA FB . -34.92 18.04 -10.26
C4C CLA FB . -34.45 18.28 -11.64
CMC CLA FB . -37.27 18.60 -9.13
CAC CLA FB . -34.16 17.41 -9.12
CBC CLA FB . -34.28 15.92 -9.32
ND CLA FB . -33.50 18.45 -14.33
C1D CLA FB . -32.63 17.88 -13.35
C2D CLA FB . -31.33 17.39 -13.86
C3D CLA FB . -31.49 17.72 -15.31
C4D CLA FB . -32.74 18.29 -15.46
CMD CLA FB . -30.11 16.74 -13.27
CAD CLA FB . -30.86 17.66 -16.64
OBD CLA FB . -29.69 17.19 -16.88
CBD CLA FB . -31.77 18.24 -17.65
CGD CLA FB . -31.16 19.38 -18.40
O1D CLA FB . -30.38 20.15 -17.88
O2D CLA FB . -31.50 19.57 -19.81
CED CLA FB . -30.75 20.41 -20.67
C1 CLA FB . -36.00 15.03 -16.41
C2 CLA FB . -35.86 15.53 -15.00
C3 CLA FB . -35.74 14.69 -13.97
C4 CLA FB . -35.75 13.21 -14.18
C5 CLA FB . -35.60 15.26 -12.59
C6 CLA FB . -36.81 15.03 -11.70
C7 CLA FB . -38.09 15.60 -12.29
C8 CLA FB . -39.14 15.67 -11.19
C9 CLA FB . -39.42 14.27 -10.65
C10 CLA FB . -40.43 16.33 -11.70
C11 CLA FB . -40.98 17.25 -10.61
C12 CLA FB . -42.44 17.62 -10.83
C13 CLA FB . -42.96 18.49 -9.67
C14 CLA FB . -42.50 17.95 -8.33
C15 CLA FB . -44.48 18.61 -9.73
C16 CLA FB . -45.04 19.77 -8.93
C17 CLA FB . -46.31 20.28 -9.59
C18 CLA FB . -47.38 20.78 -8.62
C19 CLA FB . -48.41 21.61 -9.38
C20 CLA FB . -46.80 21.58 -7.46
MG CLA GB . -30.65 6.69 -1.92
CHA CLA GB . -30.41 8.07 1.23
CHB CLA GB . -31.73 3.82 -0.51
CHC CLA GB . -31.39 5.64 -5.03
CHD CLA GB . -29.85 10.03 -3.29
NA CLA GB . -31.07 6.06 0.01
C1A CLA GB . -30.83 6.62 1.13
C2A CLA GB . -30.99 5.79 2.37
C3A CLA GB . -31.37 4.45 1.77
C4A CLA GB . -31.39 4.80 0.32
CMA CLA GB . -30.21 3.49 2.02
CAA CLA GB . -32.14 6.24 3.28
CBA CLA GB . -33.48 6.12 2.58
CGA CLA GB . -34.59 5.84 3.57
O1A CLA GB . -34.55 4.86 4.30
O2A CLA GB . -35.74 6.73 3.66
NB CLA GB . -31.44 4.97 -2.67
C1B CLA GB . -31.83 3.90 -1.98
C2B CLA GB . -32.42 2.81 -2.80
C3B CLA GB . -32.32 3.37 -4.16
C4B CLA GB . -31.69 4.71 -3.94
CMB CLA GB . -32.96 1.47 -2.36
CAB CLA GB . -32.73 2.75 -5.44
CBB CLA GB . -32.02 2.85 -6.54
NC CLA GB . -30.64 7.65 -3.75
C1C CLA GB . -30.95 7.03 -4.89
C2C CLA GB . -30.83 7.86 -6.11
C3C CLA GB . -30.36 9.16 -5.59
C4C CLA GB . -30.29 8.90 -4.14
CMC CLA GB . -31.11 7.46 -7.53
CAC CLA GB . -30.08 10.44 -6.34
CBC CLA GB . -28.61 10.46 -6.70
ND CLA GB . -30.26 8.60 -1.30
C1D CLA GB . -29.91 9.87 -1.84
C2D CLA GB . -29.63 10.94 -0.86
C3D CLA GB . -29.85 10.18 0.40
C4D CLA GB . -30.22 8.89 0.05
CMD CLA GB . -29.22 12.39 -0.93
CAD CLA GB . -29.85 10.26 1.88
OBD CLA GB . -29.55 11.30 2.56
CBD CLA GB . -30.19 8.92 2.43
CGD CLA GB . -28.95 8.45 3.12
O1D CLA GB . -28.14 7.77 2.52
O2D CLA GB . -28.68 8.80 4.50
CED CLA GB . -27.35 8.76 5.01
C1 CLA GB . -37.07 6.21 3.68
C2 CLA GB . -37.80 6.66 2.43
C3 CLA GB . -39.14 6.76 2.39
C4 CLA GB . -39.97 6.39 3.59
C5 CLA GB . -39.82 7.22 1.13
C6 CLA GB . -41.29 7.55 1.32
C7 CLA GB . -41.83 8.45 0.22
C8 CLA GB . -42.36 7.68 -0.98
C9 CLA GB . -42.77 8.65 -2.08
C10 CLA GB . -43.53 6.79 -0.56
C11 CLA GB . -44.36 6.34 -1.76
C12 CLA GB . -43.77 5.13 -2.45
C13 CLA GB . -44.52 4.82 -3.74
C14 CLA GB . -45.92 4.28 -3.43
C15 CLA GB . -43.73 3.83 -4.58
C16 CLA GB . -43.37 4.35 -5.96
C17 CLA GB . -44.59 4.43 -6.87
C18 CLA GB . -44.19 4.63 -8.33
C19 CLA GB . -45.40 4.65 -9.25
C20 CLA GB . -43.20 3.55 -8.76
MG CLA HB . 9.57 1.71 11.63
CHA CLA HB . 7.13 0.50 13.77
CHB CLA HB . 11.90 0.69 13.85
CHC CLA HB . 11.87 2.45 9.27
CHD CLA HB . 6.90 2.40 9.18
NA CLA HB . 9.54 0.72 13.47
C1A CLA HB . 8.55 0.41 14.21
C2A CLA HB . 8.88 -0.13 15.58
C3A CLA HB . 10.38 -0.01 15.60
C4A CLA HB . 10.63 0.50 14.22
CMA CLA HB . 10.70 1.11 16.57
CAA CLA HB . 8.52 -1.61 15.73
CBA CLA HB . 9.07 -2.49 14.61
CGA CLA HB . 8.00 -2.78 13.58
O1A CLA HB . 6.82 -2.80 13.86
O2A CLA HB . 8.40 -3.08 12.21
NB CLA HB . 11.60 1.60 11.58
C1B CLA HB . 12.40 1.17 12.55
C2B CLA HB . 13.84 1.17 12.19
C3B CLA HB . 13.83 1.70 10.82
C4B CLA HB . 12.39 1.93 10.55
CMB CLA HB . 15.02 0.77 12.99
CAB CLA HB . 15.02 1.92 9.95
CBB CLA HB . 15.00 2.75 8.93
NC CLA HB . 9.40 2.28 9.66
C1C CLA HB . 10.46 2.56 8.88
C2C CLA HB . 10.11 2.99 7.50
C3C CLA HB . 8.65 2.97 7.49
C4C CLA HB . 8.33 2.53 8.87
CMC CLA HB . 11.04 3.36 6.38
CAC CLA HB . 7.70 3.32 6.37
CBC CLA HB . 7.47 2.05 5.57
ND CLA HB . 7.56 1.51 11.42
C1D CLA HB . 6.53 1.82 10.48
C2D CLA HB . 5.15 1.55 10.91
C3D CLA HB . 5.41 1.00 12.27
C4D CLA HB . 6.78 1.00 12.45
CMD CLA HB . 3.80 1.70 10.29
CAD CLA HB . 4.80 0.43 13.49
OBD CLA HB . 3.56 0.27 13.68
CBD CLA HB . 5.87 0.11 14.47
CGD CLA HB . 5.68 0.88 15.73
O1D CLA HB . 5.92 2.07 15.78
O2D CLA HB . 5.23 0.21 16.93
CED CLA HB . 4.86 0.96 18.08
C1 CLA HB . 9.38 -2.27 11.59
C2 CLA HB . 8.91 -1.78 10.24
C3 CLA HB . 9.78 -1.30 9.34
C4 CLA HB . 9.23 -0.82 8.03
C5 CLA HB . 11.27 -1.20 9.64
C6 CLA HB . 12.12 -2.43 9.36
C7 CLA HB . 13.32 -2.10 8.47
C8 CLA HB . 14.63 -2.62 9.03
C9 CLA HB . 14.90 -2.01 10.40
C10 CLA HB . 15.80 -2.30 8.10
C11 CLA HB . 15.69 -3.03 6.77
C12 CLA HB . 16.93 -2.81 5.90
C13 CLA HB . 16.53 -2.87 4.42
C14 CLA HB . 15.84 -4.19 4.09
C15 CLA HB . 17.72 -2.62 3.51
C16 CLA HB . 17.25 -2.43 2.08
C17 CLA HB . 18.29 -1.77 1.18
C18 CLA HB . 17.94 -1.88 -0.30
C19 CLA HB . 18.54 -0.75 -1.11
C20 CLA HB . 16.43 -1.98 -0.54
MG CLA IB . -4.16 -2.10 42.27
CHA CLA IB . -0.90 -2.38 43.39
CHB CLA IB . -3.42 -4.34 39.85
CHC CLA IB . -7.47 -2.27 41.64
CHD CLA IB . -4.87 0.01 45.20
NA CLA IB . -2.48 -3.21 41.74
C1A CLA IB . -1.28 -3.13 42.16
C2A CLA IB . -0.23 -3.88 41.39
C3A CLA IB . -1.05 -4.48 40.27
C4A CLA IB . -2.41 -3.97 40.65
CMA CLA IB . -0.60 -3.87 38.95
CAA CLA IB . 0.31 -5.05 42.22
CBA CLA IB . 1.00 -6.09 41.36
CGA CLA IB . 1.89 -6.97 42.21
O1A CLA IB . 1.91 -6.88 43.42
O2A CLA IB . 2.75 -7.95 41.57
NB CLA IB . -5.27 -3.15 40.93
C1B CLA IB . -4.84 -4.00 40.01
C2B CLA IB . -5.92 -4.64 39.20
C3B CLA IB . -7.14 -4.00 39.76
C4B CLA IB . -6.60 -3.11 40.81
CMB CLA IB . -5.79 -5.66 38.11
CAB CLA IB . -8.57 -4.15 39.44
CBB CLA IB . -9.00 -4.75 38.35
NC CLA IB . -5.80 -1.29 43.23
C1C CLA IB . -7.06 -1.50 42.82
C2C CLA IB . -8.11 -0.88 43.66
C3C CLA IB . -7.32 -0.20 44.72
C4C CLA IB . -5.92 -0.52 44.33
CMC CLA IB . -9.60 -0.93 43.50
CAC CLA IB . -7.80 0.60 45.90
CBC CLA IB . -7.71 -0.33 47.08
ND CLA IB . -3.23 -1.34 43.92
C1D CLA IB . -3.51 -0.51 45.04
C2D CLA IB . -2.38 -0.24 45.96
C3D CLA IB . -1.32 -1.02 45.27
C4D CLA IB . -1.89 -1.61 44.16
CMD CLA IB . -2.20 0.54 47.22
CAD CLA IB . 0.10 -1.44 45.32
OBD CLA IB . 0.95 -1.09 46.21
CBD CLA IB . 0.37 -2.31 44.16
CGD CLA IB . 1.59 -1.90 43.41
O1D CLA IB . 2.47 -2.71 43.17
O2D CLA IB . 1.80 -0.54 42.97
CED CLA IB . 3.05 -0.27 42.34
C1 CLA IB . 3.59 -8.78 42.35
C2 CLA IB . 4.95 -8.79 41.73
C3 CLA IB . 5.37 -9.89 41.08
C4 CLA IB . 4.49 -11.11 40.99
C5 CLA IB . 6.74 -9.89 40.47
C6 CLA IB . 7.25 -8.48 40.25
C7 CLA IB . 8.25 -8.47 39.12
C8 CLA IB . 9.20 -7.29 39.23
C9 CLA IB . 8.43 -5.97 39.33
C10 CLA IB . 10.07 -7.30 37.99
C11 CLA IB . 10.86 -8.60 37.91
C12 CLA IB . 11.19 -8.95 36.46
C13 CLA IB . 12.35 -9.92 36.38
C14 CLA IB . 13.57 -9.38 37.12
C15 CLA IB . 12.69 -10.21 34.93
C16 CLA IB . 13.24 -8.97 34.21
C17 CLA IB . 14.22 -9.38 33.12
C18 CLA IB . 14.11 -8.48 31.89
C19 CLA IB . 14.53 -9.25 30.64
C20 CLA IB . 14.96 -7.23 32.05
C1 PQN JB . -22.15 12.62 -5.20
O1 PQN JB . -21.65 11.55 -5.45
C2 PQN JB . -23.34 13.07 -5.97
C2M PQN JB . -23.84 12.17 -7.05
C3 PQN JB . -23.91 14.25 -5.69
C4 PQN JB . -23.40 15.13 -4.61
O4 PQN JB . -23.94 16.19 -4.38
C5 PQN JB . -22.22 14.70 -3.83
C6 PQN JB . -21.72 15.50 -2.81
C7 PQN JB . -20.61 15.09 -2.09
C8 PQN JB . -20.02 13.87 -2.36
C9 PQN JB . -20.52 13.07 -3.38
C10 PQN JB . -21.62 13.48 -4.11
C11 PQN JB . -25.11 14.76 -6.44
C12 PQN JB . -26.34 14.23 -5.79
C13 PQN JB . -27.33 14.95 -5.29
C14 PQN JB . -27.38 16.46 -5.31
C15 PQN JB . -28.49 14.25 -4.65
C16 PQN JB . -29.84 14.57 -5.31
C17 PQN JB . -30.95 14.06 -4.42
C18 PQN JB . -32.37 14.23 -4.96
C19 PQN JB . -32.59 15.59 -5.62
C20 PQN JB . -33.35 13.94 -3.83
C21 PQN JB . -34.27 12.76 -4.14
C22 PQN JB . -35.15 13.08 -5.33
C23 PQN JB . -35.21 12.03 -6.45
C24 PQN JB . -33.83 11.54 -6.88
C25 PQN JB . -36.01 12.61 -7.61
C26 PQN JB . -37.33 13.25 -7.21
C27 PQN JB . -37.41 14.72 -7.60
C28 PQN JB . -38.42 15.56 -6.81
C29 PQN JB . -39.68 14.77 -6.49
C30 PQN JB . -37.84 16.22 -5.57
FE1 SF4 KB . -12.69 18.54 0.75
FE2 SF4 KB . -10.36 17.74 1.96
FE3 SF4 KB . -11.84 19.78 3.03
FE4 SF4 KB . -10.49 20.16 0.68
S1 SF4 KB . -9.57 19.73 2.73
S2 SF4 KB . -12.62 20.79 1.14
S3 SF4 KB . -10.70 18.09 -0.28
S4 SF4 KB . -12.47 17.60 2.82
C1 BCR LB . -44.39 -19.15 43.96
C2 BCR LB . -45.77 -19.57 43.52
C3 BCR LB . -46.73 -18.43 43.65
C4 BCR LB . -46.32 -17.30 42.73
C5 BCR LB . -44.86 -17.03 42.83
C6 BCR LB . -43.97 -17.84 43.39
C7 BCR LB . -42.54 -17.52 43.47
C8 BCR LB . -42.04 -16.74 44.43
C9 BCR LB . -40.64 -16.42 44.56
C10 BCR LB . -40.26 -15.43 45.38
C11 BCR LB . -38.89 -15.12 45.68
C33 BCR LB . -44.46 -15.73 42.26
C31 BCR LB . -43.44 -20.24 43.57
C32 BCR LB . -44.44 -19.07 45.47
C34 BCR LB . -39.66 -17.11 43.68
C12 BCR LB . -38.58 -13.92 46.17
C13 BCR LB . -37.24 -13.45 46.41
C14 BCR LB . -37.04 -12.17 46.78
C15 BCR LB . -35.79 -11.66 47.26
C16 BCR LB . -35.73 -10.44 47.82
C17 BCR LB . -34.43 -9.90 48.14
C18 BCR LB . -34.12 -9.16 49.21
C19 BCR LB . -32.75 -8.74 49.40
C20 BCR LB . -32.37 -7.86 50.32
C21 BCR LB . -30.97 -7.61 50.54
C22 BCR LB . -30.44 -7.04 51.62
C23 BCR LB . -29.00 -7.15 51.85
C24 BCR LB . -28.46 -7.62 52.98
C25 BCR LB . -27.17 -7.21 53.52
C26 BCR LB . -26.01 -7.54 52.94
C27 BCR LB . -24.67 -7.18 53.43
C28 BCR LB . -24.73 -5.93 54.28
C29 BCR LB . -25.81 -6.08 55.32
C30 BCR LB . -27.20 -6.43 54.80
C35 BCR LB . -36.09 -14.36 46.25
C36 BCR LB . -35.13 -8.75 50.21
C37 BCR LB . -31.29 -6.49 52.70
C38 BCR LB . -25.92 -8.32 51.70
C39 BCR LB . -28.07 -5.19 54.64
C40 BCR LB . -27.84 -7.24 55.91
C1 BCR MB . -48.30 -8.93 24.73
C2 BCR MB . -48.01 -8.49 23.31
C3 BCR MB . -46.58 -8.74 22.96
C4 BCR MB . -46.25 -10.21 23.05
C5 BCR MB . -46.78 -10.80 24.30
C6 BCR MB . -47.69 -10.24 25.07
C7 BCR MB . -48.18 -10.89 26.28
C8 BCR MB . -47.57 -10.77 27.45
C9 BCR MB . -48.13 -11.31 28.67
C10 BCR MB . -47.57 -11.03 29.85
C11 BCR MB . -48.05 -11.58 31.10
C33 BCR MB . -46.18 -12.12 24.62
C31 BCR MB . -49.79 -8.96 24.88
C32 BCR MB . -47.74 -7.85 25.64
C34 BCR MB . -49.36 -12.10 28.56
C12 BCR MB . -47.39 -11.36 32.22
C13 BCR MB . -47.81 -11.80 33.52
C14 BCR MB . -47.18 -11.32 34.60
C15 BCR MB . -47.28 -11.86 35.92
C16 BCR MB . -46.65 -11.26 36.93
C17 BCR MB . -46.56 -11.89 38.23
C18 BCR MB . -45.61 -11.66 39.14
C19 BCR MB . -45.86 -12.00 40.53
C20 BCR MB . -44.90 -11.93 41.46
C21 BCR MB . -45.19 -12.40 42.80
C22 BCR MB . -44.29 -12.59 43.78
C23 BCR MB . -44.72 -13.41 44.90
C24 BCR MB . -44.41 -13.10 46.17
C25 BCR MB . -45.10 -13.62 47.34
C26 BCR MB . -44.72 -14.77 47.91
C27 BCR MB . -45.34 -15.39 49.10
C28 BCR MB . -46.03 -14.35 49.93
C29 BCR MB . -46.93 -13.52 49.06
C30 BCR MB . -46.24 -12.83 47.90
C35 BCR MB . -49.12 -12.48 33.65
C36 BCR MB . -44.27 -11.22 38.76
C37 BCR MB . -43.17 -11.66 43.98
C38 BCR MB . -43.59 -15.57 47.39
C39 BCR MB . -45.76 -11.44 48.28
C40 BCR MB . -47.35 -12.64 46.86
C1 BCR NB . -49.24 -8.70 41.53
C2 BCR NB . -49.86 -9.71 42.48
C3 BCR NB . -49.25 -9.66 43.86
C4 BCR NB . -47.77 -9.85 43.79
C5 BCR NB . -47.16 -8.93 42.82
C6 BCR NB . -47.80 -8.40 41.78
C7 BCR NB . -47.14 -7.48 40.85
C8 BCR NB . -46.40 -7.94 39.84
C9 BCR NB . -45.57 -7.10 39.00
C10 BCR NB . -44.98 -7.67 37.94
C11 BCR NB . -44.09 -7.02 37.01
C33 BCR NB . -45.74 -8.63 43.09
C31 BCR NB . -50.05 -7.43 41.63
C32 BCR NB . -49.41 -9.27 40.15
C34 BCR NB . -45.22 -5.76 39.50
C12 BCR NB . -43.97 -7.56 35.79
C13 BCR NB . -42.95 -7.21 34.82
C14 BCR NB . -42.78 -8.02 33.77
C15 BCR NB . -41.87 -7.75 32.69
C16 BCR NB . -41.64 -8.68 31.76
C17 BCR NB . -40.77 -8.38 30.65
C18 BCR NB . -40.58 -9.12 29.56
C19 BCR NB . -39.71 -8.61 28.51
C20 BCR NB . -39.39 -9.30 27.42
C21 BCR NB . -38.81 -8.60 26.31
C22 BCR NB . -38.60 -9.08 25.08
C23 BCR NB . -37.86 -8.22 24.16
C24 BCR NB . -37.15 -8.66 23.12
C25 BCR NB . -36.37 -7.79 22.24
C26 BCR NB . -35.17 -7.33 22.59
C27 BCR NB . -34.31 -6.42 21.80
C28 BCR NB . -34.77 -6.29 20.37
C29 BCR NB . -36.27 -6.28 20.27
C30 BCR NB . -36.97 -7.45 20.91
C35 BCR NB . -42.00 -6.12 35.12
C36 BCR NB . -41.15 -10.46 29.41
C37 BCR NB . -39.39 -10.20 24.54
C38 BCR NB . -34.55 -7.64 23.89
C39 BCR NB . -36.95 -8.68 20.02
C40 BCR NB . -38.43 -7.03 21.01
C1 BCR OB . -17.07 7.02 29.19
C2 BCR OB . -17.58 8.04 28.20
C3 BCR OB . -16.75 8.04 26.95
C4 BCR OB . -16.77 6.67 26.29
C5 BCR OB . -16.79 5.55 27.26
C6 BCR OB . -16.91 5.68 28.57
C7 BCR OB . -16.94 4.54 29.48
C8 BCR OB . -15.85 3.87 29.82
C9 BCR OB . -15.89 2.66 30.61
C10 BCR OB . -14.78 1.95 30.79
C11 BCR OB . -14.67 0.79 31.64
C33 BCR OB . -16.66 4.23 26.62
C31 BCR OB . -18.04 6.98 30.34
C32 BCR OB . -15.72 7.49 29.70
C34 BCR OB . -17.16 2.32 31.29
C12 BCR OB . -13.48 0.27 31.89
C13 BCR OB . -13.21 -0.76 32.86
C14 BCR OB . -11.97 -1.25 32.98
C15 BCR OB . -11.62 -2.37 33.81
C16 BCR OB . -10.39 -2.90 33.74
C17 BCR OB . -10.06 -4.06 34.53
C18 BCR OB . -8.87 -4.65 34.55
C19 BCR OB . -8.71 -5.95 35.17
C20 BCR OB . -7.58 -6.65 35.06
C21 BCR OB . -7.37 -7.85 35.83
C22 BCR OB . -6.24 -8.56 35.82
C23 BCR OB . -6.26 -9.97 36.19
C24 BCR OB . -7.12 -10.49 37.05
C25 BCR OB . -6.76 -11.38 38.16
C26 BCR OB . -6.66 -10.90 39.39
C27 BCR OB . -6.33 -11.68 40.60
C28 BCR OB . -6.71 -13.12 40.41
C29 BCR OB . -6.15 -13.64 39.11
C30 BCR OB . -6.56 -12.84 37.87
C35 BCR OB . -14.33 -1.30 33.67
C36 BCR OB . -7.74 -4.11 33.77
C37 BCR OB . -4.94 -7.96 35.45
C38 BCR OB . -6.88 -9.47 39.71
C39 BCR OB . -7.81 -13.40 37.22
C40 BCR OB . -5.42 -13.08 36.90
C1 BCR PB . -14.22 1.56 21.64
C2 BCR PB . -13.76 2.97 21.34
C3 BCR PB . -14.04 3.90 22.48
C4 BCR PB . -15.51 3.94 22.81
C5 BCR PB . -16.12 2.59 22.81
C6 BCR PB . -15.55 1.50 22.31
C7 BCR PB . -16.24 0.20 22.34
C8 BCR PB . -16.13 -0.62 23.37
C9 BCR PB . -16.79 -1.92 23.48
C10 BCR PB . -16.52 -2.70 24.53
C11 BCR PB . -16.97 -4.05 24.74
C33 BCR PB . -17.44 2.55 23.45
C31 BCR PB . -13.15 0.92 22.50
C32 BCR PB . -14.28 0.83 20.32
C34 BCR PB . -17.60 -2.40 22.34
C12 BCR PB . -16.60 -4.63 25.88
C13 BCR PB . -16.93 -5.95 26.34
C14 BCR PB . -16.35 -6.40 27.45
C15 BCR PB . -16.36 -7.77 27.87
C16 BCR PB . -16.12 -8.11 29.14
C17 BCR PB . -15.88 -9.48 29.44
C18 BCR PB . -15.48 -9.99 30.61
C19 BCR PB . -15.50 -11.43 30.78
C20 BCR PB . -14.97 -12.04 31.84
C21 BCR PB . -15.19 -13.45 31.99
C22 BCR PB . -15.02 -14.16 33.12
C23 BCR PB . -15.61 -15.48 33.17
C24 BCR PB . -15.25 -16.44 34.04
C25 BCR PB . -14.77 -17.77 33.71
C26 BCR PB . -13.63 -18.20 34.25
C27 BCR PB . -13.04 -19.53 34.02
C28 BCR PB . -14.13 -20.54 33.77
C29 BCR PB . -14.99 -20.05 32.64
C30 BCR PB . -15.57 -18.65 32.80
C35 BCR PB . -18.00 -6.74 25.68
C36 BCR PB . -14.98 -9.15 31.71
C37 BCR PB . -14.57 -13.51 34.37
C38 BCR PB . -12.83 -17.39 35.16
C39 BCR PB . -17.01 -18.70 33.28
C40 BCR PB . -15.63 -18.13 31.36
O1 LHG QB . -27.35 22.27 10.02
C1 LHG QB . -26.04 21.77 10.16
C2 LHG QB . -26.03 20.30 9.79
O2 LHG QB . -25.79 19.51 10.92
C3 LHG QB . -24.92 19.99 8.81
O3 LHG QB . -24.83 18.60 8.95
P LHG QB . -23.68 17.79 8.16
O4 LHG QB . -23.80 18.14 6.74
O5 LHG QB . -22.53 17.77 9.10
O6 LHG QB . -24.43 16.30 8.22
C4 LHG QB . -25.71 16.15 7.72
C5 LHG QB . -25.76 14.71 7.20
C6 LHG QB . -25.08 13.73 8.15
O7 LHG QB . -27.13 14.40 7.13
C7 LHG QB . -27.47 13.50 6.18
O9 LHG QB . -26.71 12.65 5.76
C8 LHG QB . -28.84 13.74 5.71
C9 LHG QB . -29.67 12.50 5.89
C10 LHG QB . -31.03 12.72 5.31
O8 LHG QB . -25.79 13.88 9.38
C23 LHG QB . -25.74 12.86 10.26
O10 LHG QB . -24.77 12.14 10.28
C24 LHG QB . -26.80 12.71 11.34
C11 LHG QB . -31.71 11.42 5.59
C12 LHG QB . -33.18 11.59 5.33
C13 LHG QB . -33.41 11.46 3.85
C14 LHG QB . -34.17 10.21 3.52
C15 LHG QB . -34.57 10.34 2.06
C16 LHG QB . -33.40 9.96 1.20
C17 LHG QB . -33.70 10.22 -0.24
C18 LHG QB . -34.45 8.99 -0.66
C19 LHG QB . -33.76 8.19 -1.74
C20 LHG QB . -34.18 8.90 -3.01
C25 LHG QB . -27.73 11.54 11.19
C26 LHG QB . -27.17 10.18 11.56
C27 LHG QB . -26.86 9.56 10.21
C28 LHG QB . -25.62 8.70 10.14
C29 LHG QB . -26.07 7.41 9.46
C30 LHG QB . -25.59 7.19 8.03
C31 LHG QB . -25.16 5.77 7.68
C32 LHG QB . -25.88 4.66 8.42
C33 LHG QB . -25.71 3.40 7.60
C34 LHG QB . -26.80 2.35 7.71
C35 LHG QB . -26.93 1.58 6.41
C36 LHG QB . -28.10 0.64 6.53
C37 LHG QB . -27.61 -0.72 6.17
C38 LHG QB . -28.70 -1.76 6.10
O1 LHG RB . -8.51 2.97 38.78
C1 LHG RB . -7.99 1.71 38.38
C2 LHG RB . -7.84 0.84 39.62
O2 LHG RB . -8.90 1.09 40.51
C3 LHG RB . -6.58 1.10 40.40
O3 LHG RB . -5.62 0.47 39.55
P LHG RB . -4.06 0.50 39.95
O4 LHG RB . -3.67 1.92 40.00
O5 LHG RB . -3.90 -0.64 40.90
O6 LHG RB . -3.48 0.05 38.47
C4 LHG RB . -4.10 -0.92 37.68
C5 LHG RB . -2.97 -1.37 36.79
C6 LHG RB . -3.03 -2.86 36.54
O7 LHG RB . -3.10 -0.69 35.56
C7 LHG RB . -1.97 -0.04 35.21
O9 LHG RB . -0.91 -0.26 35.76
C8 LHG RB . -2.14 0.72 33.95
C9 LHG RB . -2.94 -0.10 32.97
C10 LHG RB . -2.49 0.16 31.56
O8 LHG RB . -3.97 -3.03 35.50
C23 LHG RB . -3.89 -4.18 34.80
O10 LHG RB . -4.86 -4.90 34.73
C24 LHG RB . -2.55 -4.73 34.37
C11 LHG RB . -1.52 -0.95 31.33
C12 LHG RB . -1.28 -1.10 29.86
C13 LHG RB . -0.78 -2.51 29.60
C14 LHG RB . -0.98 -2.94 28.17
C15 LHG RB . -2.48 -3.02 27.94
C16 LHG RB . -2.76 -3.80 26.68
C17 LHG RB . -4.01 -3.27 25.99
C18 LHG RB . -5.16 -3.93 26.69
C19 LHG RB . -6.21 -4.45 25.74
C20 LHG RB . -7.49 -4.47 26.55
C21 LHG RB . -8.37 -3.33 26.12
C22 LHG RB . -9.79 -3.64 26.57
C25 LHG RB . -2.07 -4.27 33.02
C26 LHG RB . -2.87 -4.75 31.81
C27 LHG RB . -2.95 -6.23 32.00
C28 LHG RB . -3.37 -7.04 30.79
C29 LHG RB . -2.35 -6.75 29.70
C30 LHG RB . -1.52 -7.91 29.23
C31 LHG RB . -1.16 -7.94 27.75
C32 LHG RB . -2.23 -8.53 26.84
C33 LHG RB . -2.82 -7.37 26.06
C34 LHG RB . -4.30 -7.41 25.76
C35 LHG RB . -5.01 -8.54 26.46
C36 LHG RB . -6.44 -8.57 25.93
C37 LHG RB . -7.14 -9.70 26.64
C38 LHG RB . -6.36 -11.00 26.64
C1B LMT SB . -59.53 -11.15 -2.43
C2B LMT SB . -58.97 -12.43 -3.05
C3B LMT SB . -59.52 -12.61 -4.48
C4B LMT SB . -60.24 -11.34 -4.99
C5B LMT SB . -59.42 -10.10 -4.57
C6B LMT SB . -60.16 -8.84 -4.98
O1B LMT SB . -59.11 -11.04 -1.10
O2B LMT SB . -57.61 -12.29 -3.07
O3B LMT SB . -60.32 -13.72 -4.55
O4' LMT SB . -60.36 -11.36 -6.36
O5B LMT SB . -59.11 -10.04 -3.17
O6B LMT SB . -61.40 -8.83 -4.39
C1' LMT SB . -57.77 -7.90 1.34
C2' LMT SB . -59.09 -7.67 0.55
C3' LMT SB . -59.66 -8.94 -0.13
C4' LMT SB . -58.56 -9.81 -0.71
C5' LMT SB . -57.62 -10.06 0.46
C6' LMT SB . -56.64 -11.19 0.24
O1' LMT SB . -57.01 -6.76 1.34
O2' LMT SB . -60.08 -7.25 1.43
O3' LMT SB . -60.55 -8.57 -1.10
O5' LMT SB . -56.93 -8.88 0.72
O6' LMT SB . -56.60 -11.91 1.41
C1 LMT SB . -57.61 -5.59 1.84
C2 LMT SB . -56.47 -4.72 2.24
C3 LMT SB . -55.82 -5.03 3.53
C4 LMT SB . -54.66 -4.11 3.71
C5 LMT SB . -53.99 -4.41 5.01
C6 LMT SB . -53.20 -3.26 5.51
C7 LMT SB . -52.59 -3.65 6.81
C8 LMT SB . -51.50 -2.70 7.16
C9 LMT SB . -50.97 -2.90 8.53
C10 LMT SB . -50.48 -1.58 9.03
C11 LMT SB . -49.17 -1.69 9.74
C12 LMT SB . -48.89 -0.49 10.56
C23 UNL TB . 4.58 -27.71 13.06
C24 UNL TB . 4.86 -26.37 13.70
C25 UNL TB . 5.10 -25.34 12.60
C26 UNL TB . 5.35 -23.95 13.20
C27 UNL TB . 5.66 -22.93 12.13
C28 UNL TB . 5.07 -21.58 12.50
C29 UNL TB . 5.73 -20.43 11.75
C30 UNL TB . 4.80 -19.24 11.64
C31 UNL TB . 4.26 -18.79 12.99
C32 UNL TB . 3.77 -17.35 12.91
C33 UNL TB . 3.76 -16.70 14.29
C34 UNL TB . 2.48 -16.98 15.05
C35 UNL TB . 1.41 -15.98 14.65
C36 UNL TB . 0.33 -15.88 15.70
C37 UNL TB . -0.54 -14.65 15.47
C38 UNL TB . -1.28 -14.76 14.15
C23 UNL UB . -55.11 13.03 17.87
C24 UNL UB . -55.66 14.44 17.76
C25 UNL UB . -55.30 15.23 19.01
C26 UNL UB . -56.02 16.57 19.05
C27 UNL UB . -55.09 17.73 18.76
C28 UNL UB . -55.51 18.96 19.56
C29 UNL UB . -54.83 20.23 19.05
C30 UNL UB . -55.85 21.15 18.37
C31 UNL UB . -56.14 22.40 19.20
C32 UNL UB . -54.85 23.17 19.50
C33 UNL UB . -55.14 24.56 20.03
C24 UNL VB . -53.30 12.38 14.56
C25 UNL VB . -54.35 13.48 14.54
C26 UNL VB . -55.32 13.31 13.38
C27 UNL VB . -56.46 14.33 13.43
C28 UNL VB . -55.95 15.74 13.65
C29 UNL VB . -56.93 16.77 13.11
C30 UNL VB . -58.16 16.92 14.00
C31 UNL VB . -58.08 18.21 14.81
C32 UNL VB . -57.68 19.38 13.93
C25 UNL WB . -51.61 10.52 21.39
C26 UNL WB . -52.32 11.08 22.62
C27 UNL WB . -53.31 12.17 22.21
C28 UNL WB . -53.84 12.90 23.43
C29 UNL WB . -54.28 14.32 23.09
C30 UNL WB . -55.36 14.78 24.06
C31 UNL WB . -55.83 16.20 23.77
C32 UNL WB . -54.89 17.24 24.35
C24 UNL XB . -54.01 5.44 30.34
C25 UNL XB . -54.55 5.82 31.72
C26 UNL XB . -54.44 7.33 31.95
C27 UNL XB . -55.65 7.85 32.71
C28 UNL XB . -55.49 9.31 33.10
C29 UNL XB . -54.72 10.09 32.03
C30 UNL XB . -55.58 11.16 31.37
C31 UNL XB . -55.09 12.56 31.70
C32 UNL XB . -55.60 13.58 30.68
C24 UNL YB . -43.15 1.16 34.89
C25 UNL YB . -44.47 1.89 34.63
C26 UNL YB . -45.02 2.56 35.89
C27 UNL YB . -46.14 3.52 35.50
C28 UNL YB . -47.02 3.90 36.70
C29 UNL YB . -48.30 4.57 36.22
C30 UNL YB . -49.16 5.04 37.39
C31 UNL YB . -48.42 6.09 38.22
C32 UNL YB . -49.29 6.64 39.34
C24 UNL ZB . -28.91 -34.52 43.60
C25 UNL ZB . -27.79 -33.55 43.99
C26 UNL ZB . -28.28 -32.11 44.03
C27 UNL ZB . -27.37 -31.25 44.87
C28 UNL ZB . -27.70 -29.77 44.74
C29 UNL ZB . -26.43 -28.95 44.50
C30 UNL ZB . -26.75 -27.48 44.37
C24 UNL AC . -21.00 -26.60 45.08
C25 UNL AC . -19.64 -26.15 44.53
C26 UNL AC . -19.80 -25.17 43.38
C27 UNL AC . -18.44 -24.67 42.90
C28 UNL AC . -18.59 -23.69 41.75
C29 UNL AC . -17.25 -23.26 41.19
C30 UNL AC . -17.43 -22.49 39.89
C24 UNL BC . -6.34 -30.84 24.30
C25 UNL BC . -4.98 -31.11 24.93
C26 UNL BC . -3.93 -30.16 24.41
C27 UNL BC . -3.48 -29.15 25.46
C28 UNL BC . -2.55 -28.11 24.84
C29 UNL BC . -2.03 -27.13 25.88
C30 UNL BC . -3.13 -26.22 26.39
C24 UNL CC . -7.95 -34.40 30.42
C25 UNL CC . -7.12 -34.48 31.70
C26 UNL CC . -6.85 -33.09 32.26
C27 UNL CC . -8.14 -32.29 32.43
C28 UNL CC . -7.82 -30.94 33.07
C29 UNL CC . -9.07 -30.11 33.35
C30 UNL CC . -8.69 -28.86 34.13
C31 UNL CC . -9.83 -27.86 34.11
C32 UNL CC . -9.46 -26.59 34.85
C33 UNL CC . -10.15 -26.53 36.22
C25 UNL DC . -56.67 -20.44 40.94
C26 UNL DC . -55.53 -19.94 40.05
C27 UNL DC . -56.01 -18.79 39.18
C28 UNL DC . -54.84 -18.17 38.41
C29 UNL DC . -54.03 -17.22 39.27
C30 UNL DC . -52.96 -16.50 38.46
C31 UNL DC . -53.58 -15.53 37.45
C32 UNL DC . -52.50 -14.92 36.55
C33 UNL DC . -51.67 -13.87 37.28
C25 UNL EC . -45.38 -2.75 47.03
C26 UNL EC . -44.59 -1.45 46.96
C27 UNL EC . -44.63 -0.72 48.31
C28 UNL EC . -43.54 0.32 48.41
C29 UNL EC . -43.73 1.46 47.41
C30 UNL EC . -42.84 2.63 47.77
C23 UNL FC . -58.91 -14.20 7.06
C24 UNL FC . -58.92 -12.78 7.57
C25 UNL FC . -60.36 -12.27 7.68
C26 UNL FC . -60.47 -11.13 8.68
C27 UNL FC . -59.32 -10.15 8.53
C28 UNL FC . -59.36 -9.08 9.61
C29 UNL FC . -58.76 -7.76 9.12
C30 UNL FC . -58.21 -6.93 10.27
C31 UNL FC . -59.18 -6.89 11.44
C32 UNL FC . -58.43 -6.69 12.74
C33 UNL FC . -59.37 -6.83 13.94
C23 UNL GC . -60.67 -8.28 4.35
C24 UNL GC . -59.67 -7.17 4.50
C25 UNL GC . -59.65 -6.67 5.94
C26 UNL GC . -58.69 -5.48 6.07
C27 UNL GC . -58.95 -4.71 7.36
C28 UNL GC . -58.30 -3.33 7.30
C29 UNL GC . -56.81 -3.40 7.62
C30 UNL GC . -56.58 -3.22 9.11
C31 UNL GC . -56.95 -1.81 9.53
C32 UNL GC . -56.01 -0.81 8.89
C33 UNL GC . -54.60 -0.95 9.46
C23 UNL HC . -61.91 -2.71 2.26
C24 UNL HC . -60.84 -2.00 1.47
C25 UNL HC . -60.01 -1.10 2.38
C26 UNL HC . -58.91 -1.90 3.06
C27 UNL HC . -58.47 -1.26 4.38
C28 UNL HC . -57.85 0.12 4.17
C29 UNL HC . -56.68 0.08 3.21
C30 UNL HC . -55.34 -0.06 3.94
C31 UNL HC . -55.23 0.97 5.06
C32 UNL HC . -53.80 1.44 5.21
C33 UNL HC . -53.62 2.20 6.54
C23 UNL IC . -62.83 -17.64 16.11
C24 UNL IC . -63.24 -16.30 15.56
C25 UNL IC . -62.01 -15.42 15.34
C26 UNL IC . -61.58 -14.76 16.64
C27 UNL IC . -62.62 -13.75 17.10
C28 UNL IC . -62.55 -13.55 18.62
C29 UNL IC . -63.28 -12.27 19.03
C30 UNL IC . -62.63 -11.05 18.40
C31 UNL IC . -63.48 -9.80 18.59
C32 UNL IC . -63.05 -9.00 19.80
C33 UNL IC . -63.92 -7.76 19.97
C23 UNL JC . -63.56 -15.54 32.86
C24 UNL JC . -62.48 -16.47 33.36
C25 UNL JC . -61.62 -15.74 34.40
C26 UNL JC . -60.66 -14.76 33.74
C27 UNL JC . -59.67 -14.23 34.76
C28 UNL JC . -58.54 -13.45 34.11
C29 UNL JC . -57.42 -13.18 35.10
C30 UNL JC . -56.15 -12.70 34.39
C23 UNL KC . -63.66 -17.11 22.94
C24 UNL KC . -64.25 -15.83 23.46
C25 UNL KC . -63.39 -15.31 24.63
C26 UNL KC . -63.46 -16.27 25.80
C27 UNL KC . -63.55 -15.53 27.12
C28 UNL KC . -62.31 -15.75 27.98
C29 UNL KC . -62.34 -14.90 29.22
C30 UNL KC . -61.10 -15.11 30.08
C31 UNL KC . -59.90 -14.33 29.55
C32 UNL KC . -58.87 -14.16 30.65
C33 UNL KC . -57.91 -13.03 30.34
C23 UNL LC . -54.25 -10.59 30.71
C24 UNL LC . -52.74 -10.54 30.71
C25 UNL LC . -52.29 -9.18 31.23
C26 UNL LC . -50.82 -8.93 30.94
C27 UNL LC . -50.57 -7.56 30.33
C28 UNL LC . -50.96 -7.50 28.85
C29 UNL LC . -52.30 -6.78 28.66
C30 UNL LC . -52.25 -5.36 29.18
C31 UNL LC . -53.64 -4.73 29.20
C32 UNL LC . -54.24 -4.66 27.80
C33 UNL LC . -55.49 -5.52 27.70
C25 UNL MC . -54.80 -18.65 43.65
C26 UNL MC . -54.49 -17.31 42.99
C27 UNL MC . -53.01 -16.97 43.07
C28 UNL MC . -52.68 -15.66 42.36
C29 UNL MC . -51.22 -15.30 42.55
C30 UNL MC . -50.86 -14.04 41.76
C25 UNL NC . -51.32 -25.57 48.80
C26 UNL NC . -51.51 -24.89 50.15
C27 UNL NC . -50.19 -24.32 50.68
C28 UNL NC . -50.08 -24.54 52.18
C29 UNL NC . -48.79 -23.96 52.75
C30 UNL NC . -48.87 -22.44 52.83
C25 UNL OC . -31.78 -26.01 48.98
C26 UNL OC . -33.22 -26.11 49.42
C27 UNL OC . -33.82 -24.72 49.61
C28 UNL OC . -33.09 -23.98 50.72
C29 UNL OC . -33.04 -22.48 50.43
C30 UNL OC . -34.29 -21.78 50.96
C25 UNL PC . -37.52 -22.02 52.65
C26 UNL PC . -38.24 -20.76 52.16
C27 UNL PC . -37.51 -20.15 50.97
C28 UNL PC . -38.40 -19.16 50.24
C29 UNL PC . -37.79 -18.75 48.90
C30 UNL PC . -36.88 -17.53 49.03
MG CLA QC . -21.79 -0.38 -12.68
CHA CLA QC . -22.19 -3.30 -10.93
CHB CLA QC . -24.91 -0.79 -13.91
CHC CLA QC . -21.63 2.83 -13.74
CHD CLA QC . -18.53 0.06 -11.03
NA CLA QC . -23.32 -1.77 -12.43
C1A CLA QC . -23.27 -2.94 -11.90
C2A CLA QC . -24.42 -3.87 -12.19
C3A CLA QC . -25.25 -3.04 -13.16
C4A CLA QC . -24.43 -1.78 -13.17
CMA CLA QC . -25.22 -3.69 -14.53
CAA CLA QC . -25.30 -4.03 -10.96
CBA CLA QC . -26.30 -5.18 -11.04
CGA CLA QC . -27.66 -4.72 -11.52
O1A CLA QC . -27.95 -3.54 -11.59
O2A CLA QC . -28.67 -5.68 -11.94
NB CLA QC . -23.05 0.82 -13.76
C1B CLA QC . -24.32 0.55 -14.04
C2B CLA QC . -25.16 1.73 -14.36
C3B CLA QC . -24.16 2.82 -14.29
C4B CLA QC . -22.91 2.13 -13.92
CMB CLA QC . -26.63 1.76 -14.68
CAB CLA QC . -24.30 4.28 -14.53
CBB CLA QC . -25.29 4.81 -15.19
NC CLA QC . -20.41 1.13 -12.36
C1C CLA QC . -20.47 2.31 -13.00
C2C CLA QC . -19.23 3.13 -12.92
C3C CLA QC . -18.33 2.29 -12.12
C4C CLA QC . -19.16 1.10 -11.84
CMC CLA QC . -18.95 4.49 -13.52
CAC CLA QC . -16.91 2.53 -11.67
CBC CLA QC . -16.01 1.83 -12.66
ND CLA QC . -20.58 -1.33 -11.35
C1D CLA QC . -19.36 -1.09 -10.65
C2D CLA QC . -19.03 -2.05 -9.57
C3D CLA QC . -20.21 -2.95 -9.70
C4D CLA QC . -21.03 -2.44 -10.68
CMD CLA QC . -17.90 -2.20 -8.61
CAD CLA QC . -20.91 -4.14 -9.14
OBD CLA QC . -20.50 -4.88 -8.20
CBD CLA QC . -22.15 -4.37 -9.90
CGD CLA QC . -21.99 -5.71 -10.55
O1D CLA QC . -21.73 -5.81 -11.74
O2D CLA QC . -22.13 -6.91 -9.78
CED CLA QC . -21.60 -8.14 -10.27
C1 CLA QC . -29.94 -5.22 -12.38
C2 CLA QC . -30.74 -4.70 -11.20
C3 CLA QC . -31.84 -5.34 -10.78
C4 CLA QC . -32.29 -6.58 -11.47
C5 CLA QC . -32.60 -4.78 -9.61
C6 CLA QC . -34.05 -5.24 -9.50
C7 CLA QC . -34.63 -4.85 -8.14
C8 CLA QC . -36.16 -4.66 -8.18
C9 CLA QC . -36.56 -3.54 -9.12
C10 CLA QC . -36.76 -4.43 -6.80
C11 CLA QC . -35.83 -3.83 -5.74
C12 CLA QC . -35.56 -2.34 -5.94
C13 CLA QC . -36.15 -1.48 -4.84
C14 CLA QC . -35.62 -0.05 -4.93
C15 CLA QC . -35.89 -2.06 -3.46
C16 CLA QC . -36.69 -1.31 -2.39
C17 CLA QC . -38.16 -1.27 -2.76
C18 CLA QC . -38.87 -0.13 -2.06
C19 CLA QC . -38.85 -0.29 -0.54
C20 CLA QC . -40.31 0.00 -2.55
C23 UNL RC . -32.81 21.34 -33.53
C24 UNL RC . -32.66 22.78 -33.11
C25 UNL RC . -33.21 22.99 -31.70
C26 UNL RC . -33.94 24.31 -31.61
C27 UNL RC . -33.39 25.19 -30.50
C28 UNL RC . -33.19 26.63 -30.98
C29 UNL RC . -33.73 27.60 -29.95
C30 UNL RC . -33.07 28.97 -30.07
C31 UNL RC . -33.51 29.91 -28.95
C32 UNL RC . -32.48 31.02 -28.77
C33 UNL RC . -32.93 32.03 -27.71
MG CLA SC . -35.55 20.87 -6.35
CHA CLA SC . -38.94 21.45 -6.73
CHB CLA SC . -36.23 19.47 -3.37
CHC CLA SC . -32.37 19.74 -6.35
CHD CLA SC . -35.08 22.10 -9.79
NA CLA SC . -37.27 20.48 -5.25
C1A CLA SC . -38.48 20.84 -5.44
C2A CLA SC . -39.46 20.60 -4.32
C3A CLA SC . -38.57 20.00 -3.27
C4A CLA SC . -37.27 19.98 -4.02
CMA CLA SC . -38.47 20.97 -2.11
CAA CLA SC . -40.50 19.54 -4.67
CBA CLA SC . -41.67 19.61 -3.71
CGA CLA SC . -42.55 18.39 -3.85
O1A CLA SC . -42.16 17.40 -4.44
O2A CLA SC . -43.89 18.38 -3.30
NB CLA SC . -34.46 19.76 -5.04
C1B CLA SC . -34.85 19.31 -3.85
C2B CLA SC . -33.80 18.62 -3.06
C3B CLA SC . -32.63 18.70 -3.96
C4B CLA SC . -33.17 19.42 -5.16
CMB CLA SC . -33.92 18.01 -1.68
CAB CLA SC . -31.25 18.18 -3.73
CBB CLA SC . -30.19 18.67 -4.32
NC CLA SC . -34.05 20.95 -7.76
C1C CLA SC . -32.86 20.35 -7.59
C2C CLA SC . -31.99 20.35 -8.79
C3C CLA SC . -32.79 21.05 -9.79
C4C CLA SC . -34.04 21.38 -9.04
CMC CLA SC . -30.61 19.78 -8.97
CAC CLA SC . -32.46 21.36 -11.22
CBC CLA SC . -31.94 22.77 -11.22
ND CLA SC . -36.64 21.59 -7.92
C1D CLA SC . -36.44 22.09 -9.24
C2D CLA SC . -37.65 22.54 -9.96
C3D CLA SC . -38.67 22.27 -8.91
C4D CLA SC . -38.01 21.72 -7.82
CMD CLA SC . -37.93 23.12 -11.31
CAD CLA SC . -40.11 22.32 -8.56
OBD CLA SC . -41.03 22.77 -9.33
CBD CLA SC . -40.31 21.79 -7.20
CGD CLA SC . -41.01 22.80 -6.35
O1D CLA SC . -40.41 23.68 -5.78
O2D CLA SC . -42.45 22.70 -6.22
CED CLA SC . -43.16 23.76 -5.59
C1 CLA SC . -44.76 17.32 -3.69
C2 CLA SC . -45.49 17.70 -4.94
C3 CLA SC . -46.25 16.79 -5.56
C4 CLA SC . -46.35 15.39 -5.02
C5 CLA SC . -47.01 17.14 -6.80
C6 CLA SC . -48.47 16.76 -6.63
C7 CLA SC . -49.18 17.79 -5.75
C8 CLA SC . -50.65 17.48 -5.60
C9 CLA SC . -51.40 18.72 -5.14
C10 CLA SC . -50.85 16.35 -4.59
C11 CLA SC . -52.34 16.15 -4.36
C12 CLA SC . -52.64 14.98 -3.42
C13 CLA SC . -54.13 14.87 -3.19
C14 CLA SC . -54.67 16.12 -2.50
C15 CLA SC . -54.44 13.61 -2.39
C16 CLA SC . -54.02 12.34 -3.12
C17 CLA SC . -54.68 12.25 -4.50
C18 CLA SC . -55.91 11.34 -4.56
C19 CLA SC . -57.04 12.02 -5.33
C20 CLA SC . -56.39 10.84 -3.19
C26 UNL TC . 1.05 -29.05 15.37
C27 UNL TC . 1.77 -27.80 15.86
C28 UNL TC . 0.85 -26.57 15.86
C29 UNL TC . 1.11 -25.69 17.07
C30 UNL TC . 0.16 -24.49 17.07
C31 UNL TC . 0.38 -23.57 18.27
C32 UNL TC . 1.83 -23.15 18.38
C33 UNL TC . 1.98 -21.92 19.27
C34 UNL TC . 1.62 -22.25 20.72
C35 UNL TC . 2.76 -23.00 21.39
C36 UNL TC . 3.28 -22.20 22.59
C37 UNL TC . 2.14 -21.84 23.52
C38 UNL TC . 2.62 -21.21 24.81
C23 UNL UC . -38.08 -5.30 -1.39
C24 UNL UC . -39.40 -5.65 -2.05
C25 UNL UC . -39.79 -4.57 -3.05
C26 UNL UC . -41.09 -4.95 -3.75
C27 UNL UC . -41.63 -3.78 -4.57
C28 UNL UC . -40.63 -3.32 -5.62
C29 UNL UC . -41.19 -2.12 -6.37
C30 UNL UC . -40.18 -1.53 -7.34
C31 UNL UC . -40.50 -0.08 -7.65
C32 UNL UC . -39.63 0.48 -8.77
C33 UNL UC . -38.16 0.10 -8.64
C34 UNL UC . -37.29 0.94 -9.56
C35 UNL UC . -35.95 0.27 -9.87
C36 UNL UC . -35.09 0.08 -8.63
C37 UNL UC . -33.68 -0.36 -9.02
C38 UNL UC . -32.75 -0.36 -7.83
MG CLA VC . -14.97 -10.43 -9.03
CHA CLA VC . -14.25 -8.85 -11.99
CHB CLA VC . -14.75 -7.45 -7.47
CHC CLA VC . -16.51 -11.88 -6.37
CHD CLA VC . -15.43 -13.54 -10.92
NA CLA VC . -14.62 -8.48 -9.62
C1A CLA VC . -14.18 -8.05 -10.73
C2A CLA VC . -13.66 -6.64 -10.74
C3A CLA VC . -13.79 -6.26 -9.30
C4A CLA VC . -14.43 -7.48 -8.77
CMA CLA VC . -12.36 -6.36 -8.78
CAA CLA VC . -14.61 -5.67 -11.43
CBA CLA VC . -14.08 -4.25 -11.31
CGA CLA VC . -15.15 -3.26 -11.66
O1A CLA VC . -15.29 -2.24 -11.01
O2A CLA VC . -16.02 -3.50 -12.79
NB CLA VC . -15.51 -9.77 -7.18
C1B CLA VC . -15.39 -8.52 -6.71
C2B CLA VC . -16.06 -8.30 -5.40
C3B CLA VC . -16.58 -9.63 -5.09
C4B CLA VC . -16.18 -10.46 -6.26
CMB CLA VC . -16.16 -7.04 -4.57
CAB CLA VC . -17.34 -10.10 -3.91
CBB CLA VC . -16.75 -10.23 -2.75
NC CLA VC . -15.79 -12.31 -8.72
C1C CLA VC . -16.35 -12.70 -7.58
C2C CLA VC . -16.85 -14.10 -7.56
C3C CLA VC . -16.52 -14.58 -8.92
C4C CLA VC . -15.87 -13.39 -9.52
CMC CLA VC . -17.52 -14.85 -6.46
CAC CLA VC . -16.77 -15.93 -9.56
CBC CLA VC . -15.50 -16.74 -9.33
ND CLA VC . -14.86 -11.12 -10.94
C1D CLA VC . -15.14 -12.32 -11.65
C2D CLA VC . -15.07 -12.23 -13.12
C3D CLA VC . -14.74 -10.78 -13.27
C4D CLA VC . -14.70 -10.25 -11.99
CMD CLA VC . -15.28 -13.19 -14.26
CAD CLA VC . -14.46 -9.69 -14.23
OBD CLA VC . -14.47 -9.79 -15.50
CBD CLA VC . -14.23 -8.46 -13.43
CGD CLA VC . -13.18 -7.54 -13.99
O1D CLA VC . -12.05 -7.91 -14.18
O2D CLA VC . -13.55 -6.19 -14.35
CED CLA VC . -13.03 -5.59 -15.51
C1 CLA VC . -17.09 -2.61 -13.06
C2 CLA VC . -18.38 -3.39 -13.09
C3 CLA VC . -18.79 -3.93 -14.24
C4 CLA VC . -17.97 -3.76 -15.49
C5 CLA VC . -20.07 -4.71 -14.28
C6 CLA VC . -19.96 -5.94 -15.15
C7 CLA VC . -20.86 -7.07 -14.66
C8 CLA VC . -22.29 -6.90 -15.10
C9 CLA VC . -23.17 -7.97 -14.47
C10 CLA VC . -22.34 -7.00 -16.62
C11 CLA VC . -23.22 -5.94 -17.23
C12 CLA VC . -22.93 -5.88 -18.71
C13 CLA VC . -23.91 -4.99 -19.44
C14 CLA VC . -23.56 -4.96 -20.92
C15 CLA VC . -23.88 -3.58 -18.87
C16 CLA VC . -25.28 -2.98 -18.81
C17 CLA VC . -25.21 -1.51 -18.45
C18 CLA VC . -26.61 -0.90 -18.43
C19 CLA VC . -26.54 0.61 -18.33
C20 CLA VC . -27.44 -1.48 -17.29
MG CLA WC . -7.06 -0.41 4.75
CHA CLA WC . -5.69 0.26 7.82
CHB CLA WC . -4.70 -2.75 4.29
CHC CLA WC . -9.03 -1.68 2.31
CHD CLA WC . -9.55 2.21 5.41
NA CLA WC . -5.50 -1.17 5.87
C1A CLA WC . -5.02 -0.78 6.98
C2A CLA WC . -3.75 -1.43 7.43
C3A CLA WC . -3.45 -2.35 6.27
C4A CLA WC . -4.63 -2.06 5.42
CMA CLA WC . -2.20 -1.83 5.57
CAA CLA WC . -4.10 -2.35 8.60
CBA CLA WC . -2.87 -2.81 9.38
CGA CLA WC . -2.30 -4.04 8.73
O1A CLA WC . -2.82 -5.13 8.85
O2A CLA WC . -1.13 -3.96 7.89
NB CLA WC . -6.88 -2.00 3.49
C1B CLA WC . -5.80 -2.74 3.32
C2B CLA WC . -5.86 -3.68 2.18
C3B CLA WC . -7.18 -3.35 1.59
C4B CLA WC . -7.72 -2.31 2.50
CMB CLA WC . -4.85 -4.68 1.71
CAB CLA WC . -7.84 -3.92 0.40
CBB CLA WC . -8.11 -5.22 0.38
NC CLA WC . -8.93 0.12 4.08
C1C CLA WC . -9.49 -0.46 3.01
C2C CLA WC . -10.68 0.23 2.49
C3C CLA WC . -10.82 1.39 3.38
C4C CLA WC . -9.69 1.20 4.33
CMC CLA WC . -11.52 -0.13 1.32
CAC CLA WC . -11.87 2.47 3.36
CBC CLA WC . -12.83 2.12 4.45
ND CLA WC . -7.57 0.95 6.19
C1D CLA WC . -8.57 1.93 6.46
C2D CLA WC . -8.50 2.58 7.79
C3D CLA WC . -7.32 1.87 8.35
C4D CLA WC . -6.89 0.95 7.40
CMD CLA WC . -9.27 3.63 8.54
CAD CLA WC . -6.43 1.74 9.53
OBD CLA WC . -6.53 2.41 10.61
CBD CLA WC . -5.44 0.70 9.22
CGD CLA WC . -4.05 0.93 9.69
O1D CLA WC . -3.24 1.54 9.03
O2D CLA WC . -3.68 0.38 10.98
CED CLA WC . -2.34 0.37 11.41
C1 CLA WC . -0.63 -5.21 7.43
C2 CLA WC . -0.64 -5.29 5.93
C3 CLA WC . -1.56 -6.04 5.30
C4 CLA WC . -2.58 -6.80 6.10
C5 CLA WC . -1.57 -6.12 3.79
C6 CLA WC . -0.86 -7.33 3.17
C7 CLA WC . 0.07 -8.07 4.12
C8 CLA WC . 0.88 -9.15 3.41
C9 CLA WC . -0.03 -10.21 2.79
C10 CLA WC . 1.87 -9.81 4.37
C11 CLA WC . 3.15 -8.98 4.53
C12 CLA WC . 3.86 -8.78 3.19
C13 CLA WC . 5.17 -8.00 3.35
C14 CLA WC . 4.92 -6.50 3.54
C15 CLA WC . 6.08 -8.26 2.15
C16 CLA WC . 5.74 -7.44 0.91
C17 CLA WC . 6.58 -7.86 -0.29
C18 CLA WC . 6.71 -6.73 -1.31
C19 CLA WC . 6.87 -7.27 -2.72
C20 CLA WC . 7.89 -5.83 -0.97
MG CLA XC . 12.06 9.96 -16.53
CHA CLA XC . 13.99 12.44 -15.08
CHB CLA XC . 13.25 10.90 -19.54
CHC CLA XC . 10.71 7.12 -17.80
CHD CLA XC . 11.17 8.84 -13.15
NA CLA XC . 13.41 11.38 -17.20
C1A CLA XC . 14.01 12.33 -16.57
C2A CLA XC . 14.76 13.33 -17.41
C3A CLA XC . 14.49 12.82 -18.82
C4A CLA XC . 13.66 11.62 -18.50
CMA CLA XC . 13.63 13.84 -19.57
CAA CLA XC . 16.27 13.25 -17.13
CBA CLA XC . 16.98 12.02 -17.69
CGA CLA XC . 17.16 10.94 -16.66
O1A CLA XC . 16.29 10.71 -15.85
O2A CLA XC . 18.36 10.12 -16.61
NB CLA XC . 12.01 9.14 -18.39
C1B CLA XC . 12.46 9.68 -19.53
C2B CLA XC . 12.14 8.89 -20.76
C3B CLA XC . 11.38 7.76 -20.19
C4B CLA XC . 11.37 8.03 -18.74
CMB CLA XC . 12.50 9.18 -22.19
CAB CLA XC . 10.75 6.58 -20.83
CBB CLA XC . 10.13 6.65 -21.99
NC CLA XC . 11.12 8.34 -15.64
C1C CLA XC . 10.68 7.28 -16.34
C2C CLA XC . 10.12 6.19 -15.52
C3C CLA XC . 10.25 6.71 -14.15
C4C CLA XC . 10.88 8.04 -14.36
CMC CLA XC . 9.55 4.87 -15.94
CAC CLA XC . 9.86 6.03 -12.86
CBC CLA XC . 8.52 6.62 -12.49
ND CLA XC . 12.44 10.42 -14.58
C1D CLA XC . 12.06 9.98 -13.27
C2D CLA XC . 12.62 10.77 -12.14
C3D CLA XC . 13.42 11.77 -12.90
C4D CLA XC . 13.26 11.48 -14.25
CMD CLA XC . 12.52 10.70 -10.64
CAD CLA XC . 14.32 12.94 -12.79
OBD CLA XC . 14.70 13.48 -11.69
CBD CLA XC . 14.72 13.35 -14.16
CGD CLA XC . 14.58 14.82 -14.39
O1D CLA XC . 15.50 15.56 -14.09
O2D CLA XC . 13.40 15.44 -14.97
CED CLA XC . 13.51 16.76 -15.48
C1 CLA XC . 18.29 8.75 -17.01
C2 CLA XC . 18.60 7.72 -15.95
C3 CLA XC . 19.79 7.11 -15.93
C4 CLA XC . 20.85 7.48 -16.92
C5 CLA XC . 20.10 6.07 -14.88
C6 CLA XC . 19.94 4.61 -15.33
C7 CLA XC . 18.92 4.38 -16.44
C8 CLA XC . 19.60 3.98 -17.74
C9 CLA XC . 19.14 4.88 -18.87
C10 CLA XC . 19.34 2.51 -18.08
C11 CLA XC . 19.73 1.56 -16.96
C12 CLA XC . 20.93 0.69 -17.30
C13 CLA XC . 20.58 -0.79 -17.46
C14 CLA XC . 19.22 -1.13 -16.87
C15 CLA XC . 21.67 -1.66 -16.84
C16 CLA XC . 21.25 -3.11 -16.68
C17 CLA XC . 22.17 -3.83 -15.69
C18 CLA XC . 21.67 -5.24 -15.37
C19 CLA XC . 22.60 -5.91 -14.36
C20 CLA XC . 21.55 -6.07 -16.63
MG CLA YC . 6.17 13.75 -25.95
CHA CLA YC . 4.36 12.76 -28.73
CHB CLA YC . 7.09 10.51 -25.54
CHC CLA YC . 7.49 14.65 -22.99
CHD CLA YC . 4.60 17.06 -26.26
NA CLA YC . 5.77 11.94 -26.91
C1A CLA YC . 5.16 11.72 -28.01
C2A CLA YC . 5.28 10.36 -28.59
C3A CLA YC . 6.08 9.65 -27.53
C4A CLA YC . 6.34 10.78 -26.59
CMA CLA YC . 5.16 8.65 -26.87
CAA CLA YC . 6.11 10.48 -29.87
CBA CLA YC . 7.44 9.73 -29.86
CGA CLA YC . 7.17 8.30 -30.27
O1A CLA YC . 7.84 7.39 -29.85
O2A CLA YC . 6.06 8.07 -31.17
NB CLA YC . 7.14 12.71 -24.48
C1B CLA YC . 7.48 11.44 -24.48
C2B CLA YC . 8.33 11.02 -23.32
C3B CLA YC . 8.44 12.29 -22.57
C4B CLA YC . 7.66 13.25 -23.38
CMB CLA YC . 8.90 9.66 -23.03
CAB CLA YC . 9.12 12.64 -21.30
CBB CLA YC . 9.97 11.83 -20.70
NC CLA YC . 6.07 15.50 -24.88
C1C CLA YC . 6.64 15.65 -23.67
C2C CLA YC . 6.35 16.93 -22.99
C3C CLA YC . 5.49 17.64 -23.96
C4C CLA YC . 5.40 16.67 -25.08
CMC CLA YC . 6.82 17.40 -21.64
CAC CLA YC . 4.87 19.01 -23.84
CBC CLA YC . 3.43 18.83 -23.42
ND CLA YC . 4.80 14.73 -27.10
C1D CLA YC . 4.28 16.05 -27.26
C2D CLA YC . 3.42 16.26 -28.45
C3D CLA YC . 3.47 14.90 -29.04
C4D CLA YC . 4.27 14.13 -28.22
CMD CLA YC . 2.66 17.41 -29.06
CAD CLA YC . 3.01 14.03 -30.17
OBD CLA YC . 2.27 14.39 -31.13
CBD CLA YC . 3.56 12.67 -29.98
CGD CLA YC . 2.41 11.71 -29.81
O1D CLA YC . 2.45 10.59 -30.28
O2D CLA YC . 1.21 12.09 -29.09
CED CLA YC . 0.22 11.10 -28.79
C1 CLA YC . 5.30 6.86 -31.23
C2 CLA YC . 3.91 7.34 -31.60
C3 CLA YC . 3.31 6.98 -32.74
C4 CLA YC . 4.00 6.08 -33.70
C5 CLA YC . 1.93 7.50 -33.04
C6 CLA YC . 1.87 8.63 -34.07
C7 CLA YC . 3.06 9.58 -34.04
C8 CLA YC . 2.94 10.68 -35.09
C9 CLA YC . 2.77 10.12 -36.50
C10 CLA YC . 4.19 11.55 -35.03
C11 CLA YC . 4.02 12.64 -33.99
C12 CLA YC . 5.35 13.31 -33.69
C13 CLA YC . 5.17 14.79 -33.41
C14 CLA YC . 5.29 15.56 -34.71
C15 CLA YC . 6.22 15.20 -32.40
C16 CLA YC . 5.84 16.42 -31.56
C17 CLA YC . 6.35 17.69 -32.21
C18 CLA YC . 6.58 18.78 -31.16
C19 CLA YC . 7.04 20.07 -31.83
C20 CLA YC . 7.60 18.32 -30.15
MG CLA ZC . 5.07 4.71 -24.32
CHA CLA ZC . 6.11 6.08 -21.35
CHB CLA ZC . 2.89 7.28 -24.63
CHC CLA ZC . 3.87 3.16 -27.06
CHD CLA ZC . 7.03 1.68 -23.50
NA CLA ZC . 4.54 6.36 -23.18
C1A CLA ZC . 5.07 6.83 -22.11
C2A CLA ZC . 4.57 8.16 -21.62
C3A CLA ZC . 3.54 8.50 -22.67
C4A CLA ZC . 3.67 7.30 -23.55
CMA CLA ZC . 2.15 8.43 -22.03
CAA CLA ZC . 5.67 9.22 -21.69
CBA CLA ZC . 5.12 10.63 -21.48
CGA CLA ZC . 4.74 10.85 -20.05
O1A CLA ZC . 5.59 10.94 -19.18
O2A CLA ZC . 3.35 10.99 -19.65
NB CLA ZC . 3.58 5.16 -25.65
C1B CLA ZC . 2.80 6.25 -25.66
C2B CLA ZC . 1.88 6.34 -26.83
C3B CLA ZC . 2.18 5.09 -27.54
C4B CLA ZC . 3.25 4.45 -26.72
CMB CLA ZC . 0.88 7.40 -27.19
CAB CLA ZC . 1.59 4.60 -28.80
CBB CLA ZC . 2.35 4.16 -29.77
NC CLA ZC . 5.37 2.81 -25.08
C1C CLA ZC . 4.83 2.40 -26.24
C2C CLA ZC . 5.27 1.05 -26.69
C3C CLA ZC . 6.19 0.63 -25.62
C4C CLA ZC . 6.18 1.78 -24.70
CMC CLA ZC . 4.87 0.28 -27.92
CAC CLA ZC . 7.00 -0.64 -25.52
CBC CLA ZC . 6.16 -1.68 -24.81
ND CLA ZC . 6.22 3.95 -22.84
C1D CLA ZC . 7.07 2.81 -22.59
C2D CLA ZC . 7.95 2.92 -21.40
C3D CLA ZC . 7.53 4.26 -20.91
C4D CLA ZC . 6.59 4.76 -21.78
CMD CLA ZC . 8.98 2.04 -20.74
CAD CLA ZC . 7.74 5.29 -19.86
OBD CLA ZC . 8.56 5.19 -18.89
CBD CLA ZC . 6.88 6.44 -20.14
CGD CLA ZC . 6.03 6.77 -18.94
O1D CLA ZC . 4.93 6.30 -18.79
O2D CLA ZC . 6.59 7.67 -17.96
CED CLA ZC . 6.02 7.78 -16.66
C1 CLA ZC . 3.00 11.06 -18.27
C2 CLA ZC . 2.67 9.69 -17.77
C3 CLA ZC . 1.40 9.32 -17.62
C4 CLA ZC . 0.30 10.28 -17.96
C5 CLA ZC . 1.06 7.93 -17.14
C6 CLA ZC . -0.33 7.51 -17.60
C7 CLA ZC . -0.32 6.77 -18.92
C8 CLA ZC . -0.72 5.32 -18.70
C9 CLA ZC . 0.50 4.46 -18.40
C10 CLA ZC . -1.48 4.77 -19.91
C11 CLA ZC . -1.06 5.44 -21.20
C12 CLA ZC . -1.20 4.51 -22.39
C13 CLA ZC . 0.15 4.31 -23.06
C14 CLA ZC . -0.01 4.05 -24.55
C15 CLA ZC . 0.90 3.18 -22.39
C16 CLA ZC . 2.39 3.30 -22.64
C17 CLA ZC . 3.18 2.13 -22.07
C18 CLA ZC . 2.96 1.98 -20.58
C19 CLA ZC . 3.52 3.16 -19.80
C20 CLA ZC . 3.56 0.66 -20.08
MG CLA AD . 15.35 -10.68 -22.57
CHA CLA AD . 16.02 -13.18 -20.28
CHB CLA AD . 12.65 -9.84 -20.73
CHC CLA AD . 14.98 -8.01 -24.61
CHD CLA AD . 18.59 -11.42 -24.14
NA CLA AD . 14.50 -11.34 -20.79
C1A CLA AD . 14.79 -12.35 -20.06
C2A CLA AD . 13.84 -12.69 -18.96
C3A CLA AD . 12.77 -11.64 -19.15
C4A CLA AD . 13.36 -10.89 -20.31
CMA CLA AD . 11.52 -12.34 -19.67
CAA CLA AD . 14.47 -12.44 -17.58
CBA CLA AD . 15.16 -11.08 -17.47
CGA CLA AD . 16.65 -11.24 -17.70
O1A CLA AD . 17.35 -11.76 -16.86
O2A CLA AD . 17.25 -10.80 -18.95
NB CLA AD . 14.01 -9.15 -22.65
C1B CLA AD . 12.96 -8.95 -21.84
C2B CLA AD . 12.14 -7.75 -22.17
C3B CLA AD . 12.86 -7.22 -23.35
C4B CLA AD . 13.99 -8.16 -23.54
CMB CLA AD . 10.91 -7.25 -21.49
CAB CLA AD . 12.53 -6.03 -24.17
CBB CLA AD . 12.96 -4.83 -23.86
NC CLA AD . 16.58 -9.86 -24.00
C1C CLA AD . 16.18 -8.86 -24.81
C2C CLA AD . 17.04 -8.63 -26.00
C3C CLA AD . 18.09 -9.64 -25.84
C4C CLA AD . 17.71 -10.33 -24.59
CMC CLA AD . 16.88 -7.61 -27.10
CAC CLA AD . 19.28 -9.91 -26.72
CBC CLA AD . 20.43 -9.22 -26.05
ND CLA AD . 16.97 -11.89 -22.33
C1D CLA AD . 18.19 -12.23 -22.99
C2D CLA AD . 18.92 -13.40 -22.46
C3D CLA AD . 18.02 -13.77 -21.35
C4D CLA AD . 16.97 -12.86 -21.35
CMD CLA AD . 20.20 -14.13 -22.78
CAD CLA AD . 17.78 -14.71 -20.21
OBD CLA AD . 18.55 -15.68 -19.89
CBD CLA AD . 16.51 -14.36 -19.53
CGD CLA AD . 15.58 -15.51 -19.76
O1D CLA AD . 15.19 -15.80 -20.87
O2D CLA AD . 15.11 -16.30 -18.63
CED CLA AD . 14.17 -17.35 -18.87
C1 CLA AD . 18.57 -10.28 -19.03
C2 CLA AD . 18.62 -9.33 -20.20
C3 CLA AD . 19.77 -8.94 -20.74
C4 CLA AD . 21.09 -9.41 -20.22
C5 CLA AD . 19.75 -7.99 -21.92
C6 CLA AD . 18.55 -7.05 -21.86
C7 CLA AD . 18.40 -6.33 -23.19
C8 CLA AD . 17.15 -5.48 -23.24
C9 CLA AD . 17.16 -4.71 -24.55
C10 CLA AD . 17.08 -4.53 -22.06
C11 CLA AD . 15.79 -3.72 -22.18
C12 CLA AD . 15.82 -2.40 -21.44
C13 CLA AD . 14.42 -1.81 -21.36
C14 CLA AD . 13.87 -1.46 -22.73
C15 CLA AD . 14.41 -0.59 -20.44
C16 CLA AD . 13.01 -0.05 -20.23
C17 CLA AD . 12.25 -0.82 -19.16
C18 CLA AD . 11.96 0.03 -17.92
C19 CLA AD . 10.85 -0.59 -17.09
C20 CLA AD . 11.60 1.47 -18.32
MG CLA BD . 6.10 -12.50 -20.16
CHA CLA BD . 5.19 -11.86 -23.44
CHB CLA BD . 8.61 -10.28 -20.52
CHC CLA BD . 6.47 -12.63 -16.80
CHD CLA BD . 3.04 -14.52 -19.83
NA CLA BD . 6.77 -11.25 -21.68
C1A CLA BD . 6.44 -11.23 -22.92
C2A CLA BD . 7.27 -10.36 -23.80
C3A CLA BD . 8.37 -9.90 -22.88
C4A CLA BD . 7.89 -10.54 -21.61
CMA CLA BD . 9.68 -10.54 -23.32
CAA CLA BD . 6.46 -9.09 -24.12
CBA CLA BD . 5.99 -8.29 -22.89
CGA CLA BD . 4.78 -8.89 -22.20
O1A CLA BD . 3.74 -9.09 -22.80
O2A CLA BD . 4.82 -9.31 -20.81
NB CLA BD . 7.38 -11.60 -18.85
C1B CLA BD . 8.32 -10.73 -19.15
C2B CLA BD . 9.03 -10.14 -17.97
C3B CLA BD . 8.37 -10.85 -16.85
C4B CLA BD . 7.37 -11.73 -17.52
CMB CLA BD . 10.11 -9.12 -17.92
CAB CLA BD . 8.63 -10.73 -15.40
CBB CLA BD . 7.67 -10.74 -14.51
NC CLA BD . 4.99 -13.40 -18.66
C1C CLA BD . 5.30 -13.32 -17.36
C2C CLA BD . 4.35 -13.99 -16.43
C3C CLA BD . 3.35 -14.54 -17.36
C4C CLA BD . 3.85 -14.12 -18.67
CMC CLA BD . 4.39 -14.09 -14.94
CAC CLA BD . 2.12 -15.35 -17.04
CBC CLA BD . 1.03 -14.36 -16.72
ND CLA BD . 4.50 -13.11 -21.25
C1D CLA BD . 3.30 -13.87 -21.10
C2D CLA BD . 2.42 -13.94 -22.28
C3D CLA BD . 3.21 -13.10 -23.23
C4D CLA BD . 4.34 -12.67 -22.56
CMD CLA BD . 1.12 -14.59 -22.60
CAD CLA BD . 3.25 -12.54 -24.60
OBD CLA BD . 2.35 -12.73 -25.48
CBD CLA BD . 4.48 -11.73 -24.73
CGD CLA BD . 5.25 -12.09 -25.96
O1D CLA BD . 4.77 -11.83 -27.06
O2D CLA BD . 6.54 -12.71 -25.91
CED CLA BD . 7.24 -12.96 -27.12
C1 CLA BD . 3.64 -9.75 -20.16
C2 CLA BD . 3.84 -9.85 -18.67
C3 CLA BD . 2.88 -10.33 -17.85
C4 CLA BD . 1.57 -10.76 -18.43
C5 CLA BD . 3.12 -10.41 -16.36
C6 CLA BD . 3.41 -9.04 -15.76
C7 CLA BD . 4.91 -8.92 -15.48
C8 CLA BD . 5.32 -7.53 -15.02
C9 CLA BD . 4.34 -6.96 -14.00
C10 CLA BD . 5.46 -6.62 -16.22
C11 CLA BD . 6.88 -6.66 -16.75
C12 CLA BD . 7.08 -5.60 -17.82
C13 CLA BD . 6.65 -6.10 -19.18
C14 CLA BD . 7.71 -7.03 -19.76
C15 CLA BD . 6.48 -4.89 -20.09
C16 CLA BD . 7.77 -4.07 -20.12
C17 CLA BD . 7.85 -3.17 -21.35
C18 CLA BD . 9.25 -2.56 -21.45
C19 CLA BD . 9.53 -2.07 -22.86
C20 CLA BD . 10.31 -3.56 -21.02
MG CLA CD . 7.17 -16.31 -10.58
CHA CLA CD . 8.57 -15.49 -13.61
CHB CLA CD . 9.55 -14.45 -9.07
CHC CLA CD . 5.38 -16.60 -7.71
CHD CLA CD . 4.42 -17.96 -12.40
NA CLA CD . 8.76 -15.13 -11.22
C1A CLA CD . 9.28 -15.00 -12.38
C2A CLA CD . 10.62 -14.31 -12.48
C3A CLA CD . 10.89 -14.01 -11.02
C4A CLA CD . 9.65 -14.57 -10.40
CMA CLA CD . 12.09 -14.84 -10.57
CAA CLA CD . 10.56 -12.97 -13.21
CBA CLA CD . 11.98 -12.45 -13.42
CGA CLA CD . 11.97 -10.98 -13.75
O1A CLA CD . 11.77 -10.60 -14.90
O2A CLA CD . 12.24 -10.02 -12.71
NB CLA CD . 7.45 -15.65 -8.68
C1B CLA CD . 8.43 -14.89 -8.23
C2B CLA CD . 8.28 -14.45 -6.83
C3B CLA CD . 7.03 -15.10 -6.44
C4B CLA CD . 6.61 -15.81 -7.66
CMB CLA CD . 9.17 -13.58 -6.02
CAB CLA CD . 6.30 -15.09 -5.14
CBB CLA CD . 6.91 -15.52 -4.06
NC CLA CD . 5.30 -17.09 -10.17
C1C CLA CD . 4.77 -17.13 -8.93
C2C CLA CD . 3.44 -17.78 -8.83
C3C CLA CD . 3.18 -18.17 -10.22
C4C CLA CD . 4.38 -17.71 -10.95
CMC CLA CD . 2.58 -17.99 -7.61
CAC CLA CD . 1.98 -18.89 -10.76
CBC CLA CD . 2.34 -20.36 -10.64
ND CLA CD . 6.56 -16.66 -12.48
C1D CLA CD . 5.48 -17.32 -13.17
C2D CLA CD . 5.56 -17.29 -14.64
C3D CLA CD . 6.83 -16.53 -14.82
C4D CLA CD . 7.29 -16.20 -13.55
CMD CLA CD . 4.72 -17.82 -15.76
CAD CLA CD . 7.78 -15.96 -15.79
OBD CLA CD . 7.66 -16.05 -17.05
CBD CLA CD . 8.88 -15.28 -15.05
CGD CLA CD . 10.20 -15.89 -15.44
O1D CLA CD . 10.36 -17.09 -15.38
O2D CLA CD . 11.29 -15.03 -15.85
CED CLA CD . 12.56 -15.54 -16.18
C1 CLA CD . 12.25 -8.62 -12.97
C2 CLA CD . 10.95 -8.05 -12.46
C3 CLA CD . 10.10 -7.47 -13.31
C4 CLA CD . 10.44 -7.38 -14.76
C5 CLA CD . 8.80 -6.89 -12.81
C6 CLA CD . 8.97 -5.52 -12.17
C7 CLA CD . 7.64 -4.81 -12.08
C8 CLA CD . 7.84 -3.41 -11.49
C9 CLA CD . 6.53 -2.84 -10.96
C10 CLA CD . 8.46 -2.50 -12.54
C11 CLA CD . 8.66 -1.10 -11.98
C12 CLA CD . 9.77 -0.34 -12.71
C13 CLA CD . 9.94 1.05 -12.08
C14 CLA CD . 9.13 2.10 -12.83
C15 CLA CD . 11.42 1.42 -12.03
C16 CLA CD . 12.20 0.40 -11.21
C17 CLA CD . 13.63 0.87 -10.94
C18 CLA CD . 14.43 -0.22 -10.24
C19 CLA CD . 14.44 -1.50 -11.06
C20 CLA CD . 13.91 -0.47 -8.83
MG CLA DD . 12.70 -15.20 -3.81
CHA CLA DD . 13.29 -17.74 -1.51
CHB CLA DD . 15.25 -16.42 -5.65
CHC CLA DD . 12.49 -12.40 -5.63
CHD CLA DD . 10.19 -13.86 -1.46
NA CLA DD . 14.05 -16.77 -3.62
C1A CLA DD . 14.11 -17.70 -2.75
C2A CLA DD . 15.12 -18.78 -2.99
C3A CLA DD . 15.75 -18.33 -4.28
C4A CLA DD . 14.95 -17.09 -4.53
CMA CLA DD . 17.19 -17.92 -3.98
CAA CLA DD . 14.38 -20.07 -3.32
CBA CLA DD . 15.33 -21.10 -3.90
CGA CLA DD . 15.24 -22.33 -3.04
O1A CLA DD . 14.18 -22.94 -2.99
O2A CLA DD . 16.40 -22.82 -2.31
NB CLA DD . 13.78 -14.49 -5.40
C1B CLA DD . 14.65 -15.17 -6.13
C2B CLA DD . 14.97 -14.57 -7.44
C3B CLA DD . 14.13 -13.36 -7.43
C4B CLA DD . 13.44 -13.43 -6.11
CMB CLA DD . 15.89 -15.07 -8.52
CAB CLA DD . 14.04 -12.35 -8.52
CBB CLA DD . 12.99 -11.59 -8.71
NC CLA DD . 11.58 -13.50 -3.57
C1C CLA DD . 11.65 -12.46 -4.43
C2C CLA DD . 10.74 -11.34 -4.09
C3C CLA DD . 10.06 -11.80 -2.87
C4C CLA DD . 10.66 -13.13 -2.65
CMC CLA DD . 10.53 -10.05 -4.82
CAC CLA DD . 9.03 -11.09 -2.01
CBC CLA DD . 7.68 -11.70 -2.35
ND CLA DD . 11.89 -15.59 -1.98
C1D CLA DD . 10.90 -15.08 -1.09
C2D CLA DD . 10.68 -15.83 0.15
C3D CLA DD . 11.67 -16.92 -0.04
C4D CLA DD . 12.29 -16.69 -1.26
CMD CLA DD . 9.78 -15.73 1.35
CAD CLA DD . 12.24 -18.15 0.53
OBD CLA DD . 11.92 -18.65 1.66
CBD CLA DD . 13.29 -18.68 -0.37
CGD CLA DD . 14.59 -18.66 0.37
O1D CLA DD . 15.02 -19.67 0.88
O2D CLA DD . 15.37 -17.44 0.48
CED CLA DD . 16.49 -17.39 1.35
C1 CLA DD . 16.94 -22.08 -1.21
C2 CLA DD . 18.45 -22.20 -1.23
C3 CLA DD . 19.26 -21.12 -1.17
C4 CLA DD . 20.25 -22.24 -1.20
C5 CLA DD . 20.54 -20.34 -1.19
C6 CLA DD . 20.44 -18.89 -0.73
C7 CLA DD . 20.31 -17.94 -1.91
C8 CLA DD . 21.58 -17.16 -2.27
C9 CLA DD . 22.86 -17.93 -2.06
C10 CLA DD . 21.63 -15.85 -1.51
C11 CLA DD . 22.74 -15.00 -2.10
C12 CLA DD . 22.90 -13.70 -1.33
C13 CLA DD . 22.69 -12.50 -2.22
C14 CLA DD . 23.83 -12.37 -3.22
C15 CLA DD . 22.62 -11.30 -1.30
C16 CLA DD . 22.04 -10.08 -1.99
C17 CLA DD . 23.10 -9.00 -2.06
C18 CLA DD . 22.42 -7.66 -1.84
C19 CLA DD . 21.76 -7.24 -3.14
C20 CLA DD . 23.40 -6.61 -1.34
MG CLA ED . 19.22 14.71 -37.06
CHA CLA ED . 20.96 17.51 -38.12
CHB CLA ED . 16.36 16.42 -37.61
CHC CLA ED . 17.57 11.80 -36.60
CHD CLA ED . 22.44 12.91 -36.94
NA CLA ED . 18.73 16.59 -37.78
C1A CLA ED . 19.48 17.59 -38.07
C2A CLA ED . 18.81 18.88 -38.42
C3A CLA ED . 17.37 18.52 -38.17
C4A CLA ED . 17.50 17.08 -37.82
CMA CLA ED . 17.05 19.25 -36.86
CAA CLA ED . 18.95 19.14 -39.93
CBA CLA ED . 18.20 18.11 -40.77
CGA CLA ED . 18.40 18.26 -42.27
O1A CLA ED . 18.47 19.35 -42.80
O2A CLA ED . 18.50 17.05 -43.08
NB CLA ED . 17.26 14.20 -37.10
C1B CLA ED . 16.21 15.00 -37.27
C2B CLA ED . 14.88 14.35 -37.18
C3B CLA ED . 15.26 12.95 -36.88
C4B CLA ED . 16.75 12.98 -36.85
CMB CLA ED . 13.51 14.95 -37.33
CAB CLA ED . 14.38 11.79 -36.64
CBB CLA ED . 13.50 11.78 -35.67
NC CLA ED . 19.89 12.77 -36.82
C1C CLA ED . 19.05 11.73 -36.64
C2C CLA ED . 19.72 10.42 -36.48
C3C CLA ED . 21.15 10.76 -36.59
C4C CLA ED . 21.12 12.23 -36.79
CMC CLA ED . 19.10 9.06 -36.28
CAC CLA ED . 22.36 9.87 -36.52
CBC CLA ED . 22.72 9.82 -35.05
ND CLA ED . 21.21 15.01 -37.45
C1D CLA ED . 22.45 14.31 -37.32
C2D CLA ED . 23.66 15.13 -37.60
C3D CLA ED . 23.03 16.44 -37.92
C4D CLA ED . 21.67 16.26 -37.82
CMD CLA ED . 25.13 14.87 -37.59
CAD CLA ED . 23.28 17.85 -38.32
OBD CLA ED . 24.42 18.39 -38.50
CBD CLA ED . 21.98 18.56 -38.43
CGD CLA ED . 21.91 19.61 -37.36
O1D CLA ED . 21.59 19.32 -36.22
O2D CLA ED . 22.20 21.00 -37.63
CED CLA ED . 22.01 21.94 -36.57
C1 CLA ED . 18.23 17.08 -44.48
C2 CLA ED . 17.91 15.68 -44.96
C3 CLA ED . 18.88 14.94 -45.51
C4 CLA ED . 20.27 15.48 -45.63
C5 CLA ED . 18.58 13.53 -45.99
C6 CLA ED . 19.57 12.52 -45.45
C7 CLA ED . 19.65 11.28 -46.34
C8 CLA ED . 20.88 10.44 -46.00
C9 CLA ED . 21.37 9.65 -47.19
C10 CLA ED . 20.58 9.50 -44.83
C11 CLA ED . 19.20 8.85 -44.93
C12 CLA ED . 19.18 7.53 -44.16
C13 CLA ED . 18.31 7.59 -42.90
C14 CLA ED . 18.83 8.66 -41.95
C15 CLA ED . 18.23 6.22 -42.24
C16 CLA ED . 18.75 6.19 -40.80
C17 CLA ED . 20.12 5.53 -40.70
C18 CLA ED . 20.01 4.08 -40.24
C19 CLA ED . 19.85 4.02 -38.73
C20 CLA ED . 21.22 3.26 -40.70
MG CLA FD . 13.49 16.85 -46.58
CHA CLA FD . 14.37 19.37 -44.40
CHB CLA FD . 13.06 19.21 -48.98
CHC CLA FD . 13.03 14.34 -48.78
CHD CLA FD . 14.55 14.40 -44.02
NA CLA FD . 13.72 18.92 -46.71
C1A CLA FD . 13.99 19.77 -45.78
C2A CLA FD . 13.90 21.23 -46.18
C3A CLA FD . 13.46 21.14 -47.62
C4A CLA FD . 13.41 19.65 -47.77
CMA CLA FD . 12.04 21.69 -47.76
CAA CLA FD . 15.27 21.91 -46.13
CBA CLA FD . 16.23 21.51 -47.24
CGA CLA FD . 16.66 20.07 -47.09
O1A CLA FD . 17.22 19.67 -46.09
O2A CLA FD . 16.38 19.11 -48.15
NB CLA FD . 13.11 16.79 -48.59
C1B CLA FD . 12.94 17.82 -49.41
C2B CLA FD . 12.60 17.46 -50.82
C3B CLA FD . 12.59 15.97 -50.73
C4B CLA FD . 12.92 15.69 -49.31
CMB CLA FD . 12.34 18.35 -52.00
CAB CLA FD . 12.33 14.96 -51.77
CBB CLA FD . 11.37 15.10 -52.66
NC CLA FD . 13.77 14.81 -46.42
C1C CLA FD . 13.47 13.97 -47.42
C2C CLA FD . 13.62 12.54 -47.09
C3C CLA FD . 14.07 12.56 -45.68
C4C CLA FD . 14.12 14.02 -45.39
CMC CLA FD . 13.38 11.33 -47.95
CAC CLA FD . 14.39 11.41 -44.76
CBC CLA FD . 15.88 11.18 -44.86
ND CLA FD . 14.32 16.79 -44.72
C1D CLA FD . 14.60 15.82 -43.69
C2D CLA FD . 14.93 16.38 -42.35
C3D CLA FD . 14.84 17.84 -42.67
C4D CLA FD . 14.49 17.96 -44.00
CMD CLA FD . 15.29 15.82 -41.01
CAD CLA FD . 14.95 19.21 -42.12
OBD CLA FD . 15.26 19.50 -40.91
CBD CLA FD . 14.68 20.19 -43.20
CGD CLA FD . 13.61 21.16 -42.83
O1D CLA FD . 12.46 21.05 -43.23
O2D CLA FD . 13.93 22.31 -42.00
CED CLA FD . 12.90 23.19 -41.60
C1 CLA FD . 16.83 17.77 -47.99
C2 CLA FD . 17.45 17.27 -49.28
C3 CLA FD . 17.30 15.98 -49.61
C4 CLA FD . 16.54 15.07 -48.70
C5 CLA FD . 17.89 15.44 -50.89
C6 CLA FD . 17.09 15.88 -52.11
C7 CLA FD . 16.97 14.76 -53.14
C8 CLA FD . 17.11 15.31 -54.56
C9 CLA FD . 16.50 14.36 -55.58
C10 CLA FD . 18.58 15.55 -54.85
C11 CLA FD . 18.78 16.59 -55.96
C12 CLA FD . 20.20 17.16 -55.89
C13 CLA FD . 20.50 18.07 -57.06
C14 CLA FD . 19.44 19.16 -57.19
C15 CLA FD . 20.61 17.24 -58.33
C16 CLA FD . 21.47 16.00 -58.17
C17 CLA FD . 22.94 16.29 -58.49
C18 CLA FD . 23.75 15.01 -58.36
C19 CLA FD . 25.22 15.24 -58.74
C20 CLA FD . 23.12 13.90 -59.19
MG CLA GD . 10.05 13.99 -38.31
CHA CLA GD . 9.61 13.11 -35.01
CHB CLA GD . 10.11 10.69 -39.09
CHC CLA GD . 10.95 14.89 -41.43
CHD CLA GD . 10.52 17.49 -37.22
NA CLA GD . 9.94 12.21 -37.24
C1A CLA GD . 9.64 12.01 -36.01
C2A CLA GD . 9.37 10.59 -35.59
C3A CLA GD . 9.55 9.85 -36.91
C4A CLA GD . 9.89 11.01 -37.81
CMA CLA GD . 10.76 8.93 -36.84
CAA CLA GD . 7.90 10.45 -35.16
CBA CLA GD . 7.60 9.29 -34.22
CGA CLA GD . 7.64 7.96 -34.93
O1A CLA GD . 8.67 7.32 -35.02
O2A CLA GD . 6.43 7.38 -35.50
NB CLA GD . 10.47 12.94 -40.00
C1B CLA GD . 10.44 11.62 -40.18
C2B CLA GD . 10.77 11.15 -41.55
C3B CLA GD . 11.03 12.43 -42.23
C4B CLA GD . 10.80 13.46 -41.18
CMB CLA GD . 10.84 9.76 -42.10
CAB CLA GD . 11.39 12.69 -43.64
CBB CLA GD . 10.52 12.50 -44.61
NC CLA GD . 10.64 15.81 -39.13
C1C CLA GD . 10.91 15.97 -40.43
C2C CLA GD . 11.20 17.35 -40.85
C3C CLA GD . 11.08 18.12 -39.61
C4C CLA GD . 10.73 17.06 -38.61
CMC CLA GD . 11.56 17.87 -42.22
CAC CLA GD . 11.26 19.60 -39.37
CBC CLA GD . 10.22 20.38 -40.12
ND CLA GD . 10.12 15.11 -36.60
C1D CLA GD . 10.25 16.47 -36.20
C2D CLA GD . 10.07 16.73 -34.75
C3D CLA GD . 9.83 15.34 -34.28
C4D CLA GD . 9.87 14.51 -35.39
CMD CLA GD . 10.10 17.94 -33.85
CAD CLA GD . 9.54 14.50 -33.10
OBD CLA GD . 9.44 14.93 -31.90
CBD CLA GD . 9.41 13.09 -33.53
CGD CLA GD . 10.39 12.21 -32.82
O1D CLA GD . 9.98 11.34 -32.07
O2D CLA GD . 11.82 12.36 -33.00
CED CLA GD . 12.71 11.71 -32.10
C1 CLA GD . 6.47 6.67 -36.74
C2 CLA GD . 5.09 6.16 -37.05
C3 CLA GD . 4.79 5.45 -38.15
C4 CLA GD . 5.83 5.13 -39.19
C5 CLA GD . 3.37 4.99 -38.35
C6 CLA GD . 2.40 6.15 -38.31
C7 CLA GD . 0.96 5.67 -38.32
C8 CLA GD . 0.08 6.64 -37.55
C9 CLA GD . -0.59 5.94 -36.39
C10 CLA GD . -0.94 7.26 -38.49
C11 CLA GD . -1.81 6.18 -39.10
C12 CLA GD . -2.98 6.77 -39.88
C13 CLA GD . -3.41 5.80 -40.96
C14 CLA GD . -2.29 5.65 -41.99
C15 CLA GD . -4.68 6.31 -41.64
C16 CLA GD . -5.60 7.11 -40.72
C17 CLA GD . -6.51 6.22 -39.90
C18 CLA GD . -7.96 6.45 -40.31
C19 CLA GD . -8.89 6.41 -39.09
C20 CLA GD . -8.39 5.43 -41.35
MG CLA HD . 11.46 -5.92 -45.84
CHA CLA HD . 13.01 -8.78 -44.64
CHB CLA HD . 10.37 -5.31 -42.72
CHC CLA HD . 10.52 -2.86 -46.93
CHD CLA HD . 13.07 -6.55 -49.08
NA CLA HD . 11.69 -6.83 -43.99
C1A CLA HD . 12.20 -7.96 -43.69
C2A CLA HD . 11.98 -8.46 -42.29
C3A CLA HD . 11.13 -7.35 -41.70
C4A CLA HD . 11.06 -6.43 -42.89
CMA CLA HD . 9.74 -7.91 -41.43
CAA CLA HD . 13.28 -8.51 -41.50
CBA CLA HD . 14.12 -7.26 -41.73
CGA CLA HD . 15.18 -7.20 -40.66
O1A CLA HD . 16.13 -7.97 -40.68
O2A CLA HD . 15.05 -6.24 -39.57
NB CLA HD . 10.58 -4.31 -44.94
C1B CLA HD . 10.15 -4.23 -43.69
C2B CLA HD . 9.46 -2.95 -43.35
C3B CLA HD . 9.53 -2.22 -44.64
C4B CLA HD . 10.24 -3.17 -45.54
CMB CLA HD . 8.86 -2.51 -42.04
CAB CLA HD . 9.03 -0.87 -45.03
CBB CLA HD . 7.90 -0.37 -44.58
NC CLA HD . 11.73 -4.93 -47.64
C1C CLA HD . 11.29 -3.69 -47.86
C2C CLA HD . 11.64 -3.13 -49.19
C3C CLA HD . 12.39 -4.24 -49.82
C4C CLA HD . 12.38 -5.28 -48.77
CMC CLA HD . 11.31 -1.79 -49.79
CAC CLA HD . 13.03 -4.30 -51.18
CBC CLA HD . 11.95 -4.78 -52.11
ND CLA HD . 12.73 -7.25 -46.72
C1D CLA HD . 13.31 -7.49 -48.00
C2D CLA HD . 14.13 -8.73 -48.11
C3D CLA HD . 14.00 -9.24 -46.72
C4D CLA HD . 13.22 -8.33 -46.02
CMD CLA HD . 14.91 -9.40 -49.19
CAD CLA HD . 14.38 -10.32 -45.77
OBD CLA HD . 15.11 -11.34 -46.06
CBD CLA HD . 13.77 -10.04 -44.46
CGD CLA HD . 12.89 -11.17 -44.01
O1D CLA HD . 13.28 -11.95 -43.17
O2D CLA HD . 11.57 -11.34 -44.56
CED CLA HD . 10.73 -12.36 -44.02
C1 CLA HD . 16.21 -5.73 -38.93
C2 CLA HD . 16.39 -4.30 -39.36
C3 CLA HD . 17.14 -3.99 -40.43
C4 CLA HD . 17.82 -5.07 -41.21
C5 CLA HD . 17.29 -2.55 -40.85
C6 CLA HD . 17.97 -1.74 -39.76
C7 CLA HD . 19.48 -1.96 -39.78
C8 CLA HD . 20.16 -1.08 -38.74
C9 CLA HD . 19.73 0.38 -38.90
C10 CLA HD . 21.67 -1.22 -38.88
C11 CLA HD . 22.39 -0.07 -38.18
C12 CLA HD . 23.40 0.57 -39.13
C13 CLA HD . 24.55 1.20 -38.36
C14 CLA HD . 25.64 1.67 -39.31
C15 CLA HD . 25.07 0.19 -37.35
C16 CLA HD . 26.34 0.62 -36.63
C17 CLA HD . 26.13 1.84 -35.74
C18 CLA HD . 25.45 1.50 -34.42
C19 CLA HD . 25.63 2.65 -33.43
C20 CLA HD . 25.96 0.21 -33.83
MG CLA ID . 10.24 -3.43 -56.64
CHA CLA ID . 11.87 -5.01 -59.24
CHB CLA ID . 13.26 -2.36 -55.53
CHC CLA ID . 8.57 -1.40 -54.53
CHD CLA ID . 7.04 -4.37 -58.23
NA CLA ID . 12.20 -3.60 -57.28
C1A CLA ID . 12.70 -4.27 -58.24
C2A CLA ID . 14.20 -4.31 -58.36
C3A CLA ID . 14.61 -3.50 -57.15
C4A CLA ID . 13.26 -3.13 -56.62
CMA CLA ID . 15.27 -4.46 -56.16
CAA CLA ID . 14.65 -3.49 -59.57
CBA CLA ID . 13.86 -2.19 -59.69
CGA CLA ID . 14.35 -1.32 -60.83
O1A CLA ID . 14.61 -1.80 -61.92
O2A CLA ID . 14.49 0.11 -60.63
NB CLA ID . 10.84 -2.07 -55.24
C1B CLA ID . 12.08 -1.82 -54.84
C2B CLA ID . 12.20 -0.89 -53.69
C3B CLA ID . 10.78 -0.62 -53.39
C4B CLA ID . 10.03 -1.38 -54.43
CMB CLA ID . 13.42 -0.38 -52.98
CAB CLA ID . 10.21 0.26 -52.34
CBB CLA ID . 9.30 1.15 -52.64
NC CLA ID . 8.23 -3.00 -56.44
C1C CLA ID . 7.77 -2.13 -55.54
C2C CLA ID . 6.31 -1.89 -55.59
C3C CLA ID . 5.86 -2.76 -56.68
C4C CLA ID . 7.12 -3.41 -57.12
CMC CLA ID . 5.49 -0.97 -54.73
CAC CLA ID . 4.46 -2.98 -57.21
CBC CLA ID . 4.34 -2.23 -58.52
ND CLA ID . 9.53 -4.38 -58.30
C1D CLA ID . 8.29 -4.81 -58.86
C2D CLA ID . 8.38 -5.67 -60.06
C3D CLA ID . 9.86 -5.73 -60.20
C4D CLA ID . 10.40 -4.98 -59.18
CMD CLA ID . 7.41 -6.34 -60.99
CAD CLA ID . 10.99 -6.28 -60.99
OBD CLA ID . 10.86 -7.02 -62.03
CBD CLA ID . 12.27 -5.83 -60.41
CGD CLA ID . 13.07 -7.05 -60.05
O1D CLA ID . 13.46 -7.79 -60.93
O2D CLA ID . 13.40 -7.39 -58.68
CED CLA ID . 14.42 -8.34 -58.46
MG CLA JD . -4.83 0.47 -58.69
CHA CLA JD . -7.10 -1.58 -60.28
CHB CLA JD . -2.37 -1.04 -60.48
CHC CLA JD . -2.72 2.86 -57.54
CHD CLA JD . -7.69 2.34 -57.28
NA CLA JD . -4.74 -0.99 -60.16
C1A CLA JD . -5.66 -1.74 -60.62
C2A CLA JD . -5.24 -2.83 -61.56
C3A CLA JD . -3.74 -2.67 -61.58
C4A CLA JD . -3.61 -1.48 -60.67
CMA CLA JD . -3.10 -3.87 -60.90
CAA CLA JD . -5.80 -2.48 -62.95
CBA CLA JD . -4.78 -1.83 -63.89
CGA CLA JD . -5.01 -0.37 -64.14
O1A CLA JD . -5.22 0.39 -63.22
O2A CLA JD . -4.98 0.15 -65.50
NB CLA JD . -2.84 0.85 -58.98
C1B CLA JD . -1.97 0.12 -59.68
C2B CLA JD . -0.57 0.60 -59.65
C3B CLA JD . -0.69 1.77 -58.76
C4B CLA JD . -2.14 1.82 -58.42
CMB CLA JD . 0.68 0.06 -60.30
CAB CLA JD . 0.40 2.67 -58.33
CBB CLA JD . 0.32 3.95 -58.62
NC CLA JD . -5.16 2.20 -57.61
C1C CLA JD . -4.17 3.06 -57.31
C2C CLA JD . -4.63 4.33 -56.71
C3C CLA JD . -6.08 4.17 -56.63
C4C CLA JD . -6.30 2.82 -57.21
CMC CLA JD . -3.83 5.52 -56.26
CAC CLA JD . -7.10 5.15 -56.11
CBC CLA JD . -7.54 4.64 -54.77
ND CLA JD . -6.88 0.50 -58.75
C1D CLA JD . -7.98 1.15 -58.10
C2D CLA JD . -9.31 0.55 -58.33
C3D CLA JD . -8.94 -0.57 -59.22
C4D CLA JD . -7.56 -0.50 -59.40
CMD CLA JD . -10.72 0.85 -57.88
CAD CLA JD . -9.43 -1.73 -60.00
OBD CLA JD . -10.65 -2.12 -60.08
CBD CLA JD . -8.28 -2.40 -60.67
CGD CLA JD . -8.14 -3.81 -60.15
O1D CLA JD . -7.32 -4.08 -59.30
O2D CLA JD . -8.98 -4.86 -60.68
CED CLA JD . -9.22 -6.04 -59.91
C1 CLA JD . -3.96 1.08 -65.89
C2 CLA JD . -4.20 2.43 -65.28
C3 CLA JD . -3.54 3.52 -65.71
C4 CLA JD . -2.53 3.42 -66.82
C5 CLA JD . -3.79 4.85 -65.05
C6 CLA JD . -2.63 5.84 -65.17
C7 CLA JD . -2.45 6.64 -63.89
C8 CLA JD . -2.76 8.13 -64.05
C9 CLA JD . -4.26 8.41 -64.10
C10 CLA JD . -2.05 8.68 -65.29
MG CLA KD . -8.05 -0.26 -48.41
CHA CLA KD . -9.24 -1.93 -45.63
CHB CLA KD . -7.93 -3.24 -50.01
CHC CLA KD . -7.40 1.46 -51.22
CHD CLA KD . -8.72 2.91 -46.63
NA CLA KD . -8.54 -2.22 -47.94
C1A CLA KD . -8.90 -2.74 -46.83
C2A CLA KD . -9.03 -4.24 -46.79
C3A CLA KD . -8.55 -4.62 -48.18
C4A CLA KD . -8.33 -3.26 -48.74
CMA CLA KD . -7.19 -5.31 -48.07
CAA CLA KD . -10.52 -4.53 -46.82
CBA CLA KD . -10.78 -5.98 -47.25
CGA CLA KD . -12.12 -6.12 -47.95
O1A CLA KD . -12.61 -7.23 -48.08
O2A CLA KD . -12.85 -4.97 -48.46
NB CLA KD . -7.73 -0.82 -50.35
C1B CLA KD . -7.65 -2.06 -50.82
C2B CLA KD . -7.28 -2.17 -52.25
C3B CLA KD . -7.12 -0.74 -52.62
C4B CLA KD . -7.43 -0.01 -51.36
CMB CLA KD . -7.11 -3.39 -53.11
CAB CLA KD . -6.75 -0.18 -53.94
CBB CLA KD . -7.35 0.89 -54.41
NC CLA KD . -8.08 1.76 -48.81
C1C CLA KD . -7.77 2.24 -50.03
C2C CLA KD . -7.86 3.72 -50.14
C3C CLA KD . -8.24 4.15 -48.77
C4C CLA KD . -8.35 2.85 -48.07
CMC CLA KD . -7.59 4.59 -51.33
CAC CLA KD . -8.51 5.52 -48.22
CBC CLA KD . -7.23 6.31 -48.26
ND CLA KD . -8.81 0.42 -46.64
C1D CLA KD . -8.99 1.66 -45.94
C2D CLA KD . -9.44 1.54 -44.53
C3D CLA KD . -9.53 0.05 -44.43
C4D CLA KD . -9.17 -0.47 -45.65
CMD CLA KD . -9.74 2.46 -43.39
CAD CLA KD . -9.86 -1.08 -43.54
OBD CLA KD . -10.23 -0.99 -42.33
CBD CLA KD . -9.68 -2.36 -44.27
CGD CLA KD . -8.61 -3.13 -43.57
O1D CLA KD . -7.43 -2.83 -43.69
O2D CLA KD . -8.96 -4.27 -42.75
CED CLA KD . -7.99 -4.91 -41.93
C1 CLA KD . -13.85 -5.10 -49.46
C2 CLA KD . -13.91 -3.85 -50.29
C3 CLA KD . -14.59 -2.78 -49.85
C4 CLA KD . -15.29 -2.82 -48.53
C5 CLA KD . -14.65 -1.51 -50.66
C6 CLA KD . -13.88 -0.39 -49.99
C7 CLA KD . -12.38 -0.64 -50.13
C8 CLA KD . -11.52 0.51 -49.62
C9 CLA KD . -11.82 0.81 -48.16
C10 CLA KD . -11.73 1.75 -50.49
C11 CLA KD . -11.36 1.46 -51.94
C12 CLA KD . -10.72 2.68 -52.59
C13 CLA KD . -11.74 3.75 -52.92
C14 CLA KD . -11.12 4.81 -53.84
MG CLA LD . -0.88 -0.72 -43.17
CHA CLA LD . -0.05 -3.88 -42.04
CHB CLA LD . -4.13 -1.61 -42.94
CHC CLA LD . -1.67 2.53 -43.78
CHD CLA LD . 2.67 0.22 -42.92
NA CLA LD . -1.92 -2.42 -42.56
C1A CLA LD . -1.50 -3.59 -42.29
C2A CLA LD . -2.54 -4.69 -42.17
C3A CLA LD . -3.81 -3.92 -42.48
C4A CLA LD . -3.24 -2.56 -42.68
CMA CLA LD . -4.36 -4.40 -43.82
CAA CLA LD . -2.65 -5.27 -40.75
CBA CLA LD . -2.97 -4.26 -39.65
CGA CLA LD . -4.44 -4.24 -39.34
O1A CLA LD . -5.17 -5.16 -39.64
O2A CLA LD . -5.05 -3.11 -38.67
NB CLA LD . -2.64 0.29 -43.37
C1B CLA LD . -3.87 -0.19 -43.19
C2B CLA LD . -4.96 0.82 -43.25
C3B CLA LD . -4.20 2.07 -43.50
C4B CLA LD . -2.79 1.60 -43.56
CMB CLA LD . -6.43 0.60 -43.09
CAB CLA LD . -4.64 3.47 -43.68
CBB CLA LD . -5.84 3.78 -44.12
NC CLA LD . 0.26 1.00 -43.29
C1C CLA LD . -0.24 2.20 -43.60
C2C CLA LD . 0.75 3.28 -43.75
C3C CLA LD . 2.02 2.59 -43.50
C4C CLA LD . 1.61 1.20 -43.24
CMC CLA LD . 0.52 4.74 -44.08
CAC CLA LD . 3.41 3.16 -43.51
CBC CLA LD . 3.77 3.42 -42.06
ND CLA LD . 0.91 -1.52 -42.62
C1D CLA LD . 2.28 -1.16 -42.54
C2D CLA LD . 3.20 -2.22 -42.09
C3D CLA LD . 2.22 -3.33 -41.88
C4D CLA LD . 0.97 -2.83 -42.18
CMD CLA LD . 4.68 -2.37 -41.84
CAD CLA LD . 2.06 -4.74 -41.45
OBD CLA LD . 3.00 -5.52 -41.10
CBD CLA LD . 0.62 -5.12 -41.56
CGD CLA LD . 0.48 -6.15 -42.63
O1D CLA LD . 0.26 -5.82 -43.77
O2D CLA LD . 0.55 -7.57 -42.34
CED CLA LD . 0.06 -8.49 -43.31
C1 CLA LD . -6.06 -2.36 -39.32
C2 CLA LD . -6.16 -1.04 -38.62
C3 CLA LD . -7.16 -0.19 -38.87
C4 CLA LD . -8.22 -0.53 -39.88
C5 CLA LD . -7.24 1.12 -38.12
C6 CLA LD . -6.72 2.34 -38.88
C7 CLA LD . -5.42 2.09 -39.65
C8 CLA LD . -4.23 1.89 -38.72
C9 CLA LD . -4.24 2.84 -37.52
C10 CLA LD . -2.95 2.06 -39.52
C11 CLA LD . -1.89 1.18 -38.90
C12 CLA LD . -0.64 1.13 -39.75
C13 CLA LD . 0.60 1.16 -38.87
C14 CLA LD . 1.85 1.34 -39.74
C15 CLA LD . 0.68 -0.09 -38.00
C16 CLA LD . 0.73 -1.38 -38.80
C17 CLA LD . 0.83 -2.61 -37.90
C18 CLA LD . 2.20 -2.69 -37.24
C19 CLA LD . 3.29 -2.93 -38.26
C20 CLA LD . 2.22 -3.77 -36.16
MG CLA MD . -4.82 16.71 -44.08
CHA CLA MD . -6.13 19.88 -43.68
CHB CLA MD . -3.99 16.76 -40.80
CHC CLA MD . -4.06 13.43 -44.36
CHD CLA MD . -6.18 16.70 -47.49
NA CLA MD . -5.06 18.03 -42.50
C1A CLA MD . -5.51 19.21 -42.49
C2A CLA MD . -5.43 19.97 -41.20
C3A CLA MD . -4.68 18.98 -40.33
C4A CLA MD . -4.57 17.84 -41.28
CMA CLA MD . -3.27 19.50 -40.13
CAA CLA MD . -6.87 20.06 -40.65
CBA CLA MD . -7.47 18.71 -40.25
CGA CLA MD . -8.93 18.80 -39.86
O1A CLA MD . -9.40 19.82 -39.39
O2A CLA MD . -9.84 17.67 -40.06
NB CLA MD . -4.14 15.31 -42.76
C1B CLA MD . -3.77 15.50 -41.51
C2B CLA MD . -3.18 14.32 -40.83
C3B CLA MD . -3.22 13.32 -41.90
C4B CLA MD . -3.84 14.04 -43.05
CMB CLA MD . -2.68 14.21 -39.42
CAB CLA MD . -2.75 11.92 -41.83
CBB CLA MD . -3.60 10.94 -41.97
NC CLA MD . -5.08 15.36 -45.62
C1C CLA MD . -4.72 14.07 -45.52
C2C CLA MD . -5.00 13.26 -46.73
C3C CLA MD . -5.63 14.24 -47.64
C4C CLA MD . -5.62 15.48 -46.85
CMC CLA MD . -4.72 11.80 -46.95
CAC CLA MD . -6.16 14.04 -49.04
CBC CLA MD . -5.06 14.48 -49.98
ND CLA MD . -5.93 17.88 -45.33
C1D CLA MD . -6.36 17.90 -46.68
C2D CLA MD . -6.95 19.17 -47.15
C3D CLA MD . -6.84 19.98 -45.90
C4D CLA MD . -6.27 19.16 -44.95
CMD CLA MD . -7.54 19.69 -48.43
CAD CLA MD . -7.10 21.30 -45.26
OBD CLA MD . -7.64 22.32 -45.84
CBD CLA MD . -6.67 21.25 -43.85
CGD CLA MD . -5.73 22.35 -43.48
O1D CLA MD . -4.56 22.33 -43.79
O2D CLA MD . -6.26 23.46 -42.70
CED CLA MD . -5.38 24.44 -42.14
C1 CLA MD . -10.82 17.33 -39.08
C2 CLA MD . -11.10 15.85 -39.14
C3 CLA MD . -12.33 15.39 -39.40
C4 CLA MD . -13.47 16.35 -39.64
C5 CLA MD . -12.59 13.91 -39.47
C6 CLA MD . -12.71 13.42 -40.91
C7 CLA MD . -13.33 12.03 -40.99
C8 CLA MD . -13.25 11.47 -42.41
C9 CLA MD . -13.87 12.42 -43.42
C10 CLA MD . -13.92 10.10 -42.46
C11 CLA MD . -12.90 8.99 -42.35
C12 CLA MD . -13.13 7.90 -43.41
C13 CLA MD . -11.96 7.80 -44.39
C14 CLA MD . -12.18 6.66 -45.38
C15 CLA MD . -10.64 7.65 -43.64
C16 CLA MD . -9.45 8.16 -44.44
C17 CLA MD . -8.17 8.08 -43.62
C18 CLA MD . -7.03 8.92 -44.21
C19 CLA MD . -7.49 10.35 -44.51
C20 CLA MD . -6.46 8.25 -45.44
MG CLA ND . -4.41 23.37 -53.10
CHA CLA ND . -2.74 25.86 -54.77
CHB CLA ND . -7.24 25.21 -53.36
CHC CLA ND . -6.09 20.71 -51.81
CHD CLA ND . -1.37 21.28 -53.37
NA CLA ND . -4.93 25.18 -53.95
C1A CLA ND . -4.20 26.06 -54.51
C2A CLA ND . -4.85 27.37 -54.88
C3A CLA ND . -6.28 27.14 -54.43
C4A CLA ND . -6.14 25.75 -53.87
CMA CLA ND . -6.65 28.12 -53.33
CAA CLA ND . -4.83 27.64 -56.38
CBA CLA ND . -5.17 26.39 -57.20
CGA CLA ND . -4.64 26.57 -58.59
O1A CLA ND . -5.40 26.68 -59.54
O2A CLA ND . -3.21 26.63 -58.83
NB CLA ND . -6.38 23.02 -52.65
C1B CLA ND . -7.40 23.86 -52.77
C2B CLA ND . -8.71 23.35 -52.30
C3B CLA ND . -8.34 21.99 -51.85
C4B CLA ND . -6.87 21.91 -52.11
CMB CLA ND . -10.05 24.03 -52.30
CAB CLA ND . -9.14 20.89 -51.27
CBB CLA ND . -10.10 21.10 -50.40
NC CLA ND . -3.83 21.42 -52.68
C1C CLA ND . -4.66 20.50 -52.18
C2C CLA ND . -4.07 19.16 -51.98
C3C CLA ND . -2.68 19.33 -52.44
C4C CLA ND . -2.65 20.76 -52.84
CMC CLA ND . -4.73 17.91 -51.44
CAC CLA ND . -1.57 18.32 -52.49
CBC CLA ND . -1.49 17.81 -53.92
ND CLA ND . -2.55 23.41 -53.90
C1D CLA ND . -1.33 22.65 -53.87
C2D CLA ND . -0.11 23.35 -54.37
C3D CLA ND . -0.72 24.66 -54.72
C4D CLA ND . -2.07 24.59 -54.42
CMD CLA ND . 1.34 23.01 -54.55
CAD CLA ND . -0.45 26.01 -55.26
OBD CLA ND . 0.70 26.43 -55.65
CBD CLA ND . -1.72 26.79 -55.29
CGD CLA ND . -1.62 27.99 -54.40
O1D CLA ND . -1.80 29.11 -54.84
O2D CLA ND . -1.33 27.87 -52.99
CED CLA ND . -1.45 29.01 -52.14
MG CLA OD . -13.31 24.00 -37.46
CHA CLA OD . -10.83 23.23 -39.73
CHB CLA OD . -15.55 23.71 -39.94
CHC CLA OD . -15.72 24.22 -35.10
CHD CLA OD . -10.76 23.91 -34.81
NA CLA OD . -13.23 23.51 -39.46
C1A CLA OD . -12.23 23.29 -40.23
C2A CLA OD . -12.51 23.10 -41.68
C3A CLA OD . -14.01 23.31 -41.72
C4A CLA OD . -14.28 23.52 -40.27
CMA CLA OD . -14.19 24.67 -42.36
CAA CLA OD . -12.14 21.65 -42.02
CBA CLA OD . -13.15 20.79 -42.76
CGA CLA OD . -12.62 19.38 -42.60
O1A CLA OD . -11.78 19.14 -41.75
O2A CLA OD . -13.07 18.27 -43.44
NB CLA OD . -15.35 23.95 -37.52
C1B CLA OD . -16.11 23.93 -38.61
C2B CLA OD . -17.57 24.09 -38.36
C3B CLA OD . -17.60 24.23 -36.89
C4B CLA OD . -16.17 24.12 -36.50
CMB CLA OD . -18.71 24.10 -39.33
CAB CLA OD . -18.77 24.43 -36.01
CBB CLA OD . -19.03 23.59 -35.03
NC CLA OD . -13.24 24.02 -35.39
C1C CLA OD . -14.33 24.16 -34.63
C2C CLA OD . -14.06 24.24 -33.17
C3C CLA OD . -12.60 24.16 -33.10
C4C CLA OD . -12.20 24.02 -34.53
CMC CLA OD . -15.04 24.41 -32.05
CAC CLA OD . -11.71 24.19 -31.88
CBC CLA OD . -11.22 22.78 -31.66
ND CLA OD . -11.33 23.62 -37.21
C1D CLA OD . -10.34 23.68 -36.19
C2D CLA OD . -8.94 23.51 -36.65
C3D CLA OD . -9.16 23.34 -38.11
C4D CLA OD . -10.52 23.40 -38.32
CMD CLA OD . -7.59 23.50 -36.01
CAD CLA OD . -8.50 23.11 -39.41
OBD CLA OD . -7.23 22.98 -39.59
CBD CLA OD . -9.54 23.03 -40.46
CGD CLA OD . -9.36 24.01 -41.57
O1D CLA OD . -9.31 25.20 -41.37
O2D CLA OD . -9.30 23.49 -42.93
CED CLA OD . -9.83 24.25 -44.01
C1 CLA OD . -12.29 17.07 -43.40
C2 CLA OD . -11.56 16.84 -44.71
C3 CLA OD . -10.26 16.54 -44.74
C4 CLA OD . -9.47 16.47 -43.47
C5 CLA OD . -9.56 16.32 -46.06
C6 CLA OD . -10.42 15.47 -47.01
C7 CLA OD . -9.99 15.59 -48.47
C8 CLA OD . -10.51 16.86 -49.14
C9 CLA OD . -11.91 17.20 -48.63
C10 CLA OD . -10.54 16.71 -50.66
C11 CLA OD . -9.64 15.58 -51.17
C12 CLA OD . -10.30 14.83 -52.32
C13 CLA OD . -10.71 13.40 -51.97
C14 CLA OD . -11.83 13.39 -50.94
C15 CLA OD . -9.50 12.58 -51.51
C16 CLA OD . -9.48 12.30 -50.01
C17 CLA OD . -8.44 11.26 -49.64
C18 CLA OD . -9.11 9.91 -49.37
C19 CLA OD . -8.93 9.49 -47.92
C20 CLA OD . -8.59 8.86 -50.34
MG CLA PD . -2.28 18.66 -36.57
CHA CLA PD . 0.31 16.39 -36.74
CHB CLA PD . -4.36 16.11 -35.80
CHC CLA PD . -4.87 20.83 -36.98
CHD CLA PD . 0.02 21.26 -37.78
NA CLA PD . -2.09 16.59 -36.36
C1A CLA PD . -1.03 15.86 -36.31
C2A CLA PD . -1.20 14.42 -35.90
C3A CLA PD . -2.70 14.39 -35.57
C4A CLA PD . -3.07 15.80 -35.95
CMA CLA PD . -3.53 13.34 -36.29
CAA CLA PD . -0.34 14.03 -34.70
CBA CLA PD . -0.27 12.54 -34.37
CGA CLA PD . -0.66 11.57 -35.46
O1A CLA PD . -0.09 11.55 -36.55
O2A CLA PD . -1.72 10.62 -35.20
NB CLA PD . -4.31 18.49 -36.39
C1B CLA PD . -5.00 17.39 -36.10
C2B CLA PD . -6.49 17.55 -36.15
C3B CLA PD . -6.62 18.98 -36.51
C4B CLA PD . -5.21 19.44 -36.62
CMB CLA PD . -7.56 16.54 -35.90
CAB CLA PD . -7.84 19.80 -36.72
CBB CLA PD . -8.78 19.89 -35.81
NC CLA PD . -2.38 20.61 -37.26
C1C CLA PD . -3.52 21.32 -37.28
C2C CLA PD . -3.36 22.75 -37.67
C3C CLA PD . -1.92 22.87 -37.91
C4C CLA PD . -1.42 21.50 -37.62
CMC CLA PD . -4.42 23.81 -37.80
CAC CLA PD . -1.14 24.09 -38.32
CBC CLA PD . -0.59 24.65 -37.02
ND CLA PD . -0.36 18.87 -37.16
C1D CLA PD . 0.54 19.90 -37.60
C2D CLA PD . 1.94 19.48 -37.82
C3D CLA PD . 1.83 18.03 -37.48
C4D CLA PD . 0.50 17.79 -37.15
CMD CLA PD . 3.21 20.15 -38.27
CAD CLA PD . 2.57 16.76 -37.35
OBD CLA PD . 3.82 16.60 -37.60
CBD CLA PD . 1.63 15.70 -36.89
CGD CLA PD . 1.60 14.58 -37.88
O1D CLA PD . 2.33 13.62 -37.74
O2D CLA PD . 0.72 14.60 -39.03
CED CLA PD . 0.72 13.44 -39.87
C1 CLA PD . -2.00 9.55 -36.11
C2 CLA PD . -2.80 10.07 -37.28
C3 CLA PD . -4.10 9.79 -37.43
C4 CLA PD . -4.80 8.92 -36.44
C5 CLA PD . -4.85 10.33 -38.62
C6 CLA PD . -6.21 10.88 -38.26
C7 CLA PD . -6.49 12.19 -39.00
C8 CLA PD . -7.03 11.92 -40.40
C9 CLA PD . -7.44 13.22 -41.08
MG CLA QD . -15.08 7.64 -28.83
CHA CLA QD . -15.60 4.86 -30.82
CHB CLA QD . -16.53 9.52 -31.24
CHC CLA QD . -15.09 10.19 -26.63
CHD CLA QD . -13.92 5.37 -26.18
NA CLA QD . -15.96 7.26 -30.67
C1A CLA QD . -16.01 6.19 -31.35
C2A CLA QD . -16.56 6.30 -32.73
C3A CLA QD . -16.79 7.79 -32.87
C4A CLA QD . -16.39 8.22 -31.49
CMA CLA QD . -15.75 8.31 -33.85
CAA CLA QD . -17.98 5.76 -32.63
CBA CLA QD . -18.82 6.18 -33.82
CGA CLA QD . -20.24 5.76 -33.57
O1A CLA QD . -20.48 4.79 -32.87
O2A CLA QD . -21.34 6.51 -34.15
NB CLA QD . -15.72 9.58 -28.92
C1B CLA QD . -16.24 10.20 -29.97
C2B CLA QD . -16.55 11.64 -29.77
C3B CLA QD . -16.11 11.83 -28.37
C4B CLA QD . -15.62 10.49 -27.96
CMB CLA QD . -17.14 12.61 -30.74
CAB CLA QD . -16.11 13.04 -27.50
CBB CLA QD . -17.01 13.98 -27.67
NC CLA QD . -14.62 7.73 -26.83
C1C CLA QD . -14.67 8.88 -26.12
C2C CLA QD . -14.25 8.75 -24.71
C3C CLA QD . -13.91 7.33 -24.59
C4C CLA QD . -14.18 6.81 -25.95
CMC CLA QD . -14.20 9.83 -23.66
CAC CLA QD . -13.42 6.56 -23.38
CBC CLA QD . -14.61 5.83 -22.82
ND CLA QD . -14.83 5.65 -28.47
C1D CLA QD . -14.31 4.79 -27.45
C2D CLA QD . -14.23 3.35 -27.80
C3D CLA QD . -14.76 3.40 -29.18
C4D CLA QD . -15.08 4.71 -29.45
CMD CLA QD . -13.77 2.11 -27.10
CAD CLA QD . -15.09 2.59 -30.37
OBD CLA QD . -14.94 1.33 -30.47
CBD CLA QD . -15.65 3.49 -31.41
CGD CLA QD . -14.86 3.31 -32.67
O1D CLA QD . -14.99 2.28 -33.30
O2D CLA QD . -13.96 4.32 -33.16
CED CLA QD . -13.19 4.03 -34.31
C1 CLA QD . -22.64 5.94 -34.30
C2 CLA QD . -23.02 5.91 -35.76
C3 CLA QD . -23.93 6.75 -36.26
C4 CLA QD . -24.24 6.66 -37.73
C5 CLA QD . -24.65 7.76 -35.39
C6 CLA QD . -26.15 7.80 -35.66
C7 CLA QD . -26.69 9.22 -35.86
C8 CLA QD . -28.21 9.28 -35.74
C9 CLA QD . -28.86 8.08 -36.42
C10 CLA QD . -28.72 10.59 -36.34
C11 CLA QD . -30.24 10.57 -36.45
MG CLA RD . -15.64 0.24 -39.67
CHA CLA RD . -16.24 2.98 -37.68
CHB CLA RD . -14.69 2.36 -42.13
CHC CLA RD . -15.63 -2.43 -41.74
CHD CLA RD . -17.14 -1.87 -37.03
NA CLA RD . -15.52 2.31 -39.90
C1A CLA RD . -15.68 3.24 -39.03
C2A CLA RD . -15.35 4.64 -39.48
C3A CLA RD . -14.87 4.40 -40.90
C4A CLA RD . -15.03 2.93 -40.97
CMA CLA RD . -15.84 5.05 -41.88
CAA CLA RD . -14.22 5.29 -38.70
CBA CLA RD . -14.27 6.80 -38.91
CGA CLA RD . -13.00 7.42 -38.38
O1A CLA RD . -12.25 6.78 -37.68
O2A CLA RD . -12.62 8.78 -38.72
NB CLA RD . -15.26 0.02 -41.67
C1B CLA RD . -14.77 0.94 -42.49
C2B CLA RD . -14.30 0.43 -43.80
C3B CLA RD . -14.59 -1.01 -43.66
C4B CLA RD . -15.18 -1.14 -42.31
CMB CLA RD . -13.69 1.19 -44.94
CAB CLA RD . -14.35 -2.10 -44.63
CBB CLA RD . -13.14 -2.36 -45.08
NC CLA RD . -16.27 -1.72 -39.42
C1C CLA RD . -16.17 -2.64 -40.39
C2C CLA RD . -16.67 -3.98 -40.00
C3C CLA RD . -17.10 -3.80 -38.61
C4C CLA RD . -16.81 -2.37 -38.36
CMC CLA RD . -16.71 -5.23 -40.83
CAC CLA RD . -17.71 -4.81 -37.66
CBC CLA RD . -19.20 -4.64 -37.80
ND CLA RD . -16.51 0.40 -37.84
C1D CLA RD . -17.03 -0.43 -36.80
C2D CLA RD . -17.43 0.26 -35.55
C3D CLA RD . -17.10 1.65 -35.94
C4D CLA RD . -16.59 1.63 -37.23
CMD CLA RD . -18.01 -0.14 -34.21
CAD CLA RD . -17.09 3.05 -35.49
OBD CLA RD . -17.48 3.42 -34.35
CBD CLA RD . -16.54 3.91 -36.56
CGD CLA RD . -17.44 5.03 -36.95
O1D CLA RD . -17.05 6.17 -36.77
O2D CLA RD . -18.74 4.82 -37.54
CED CLA RD . -19.48 5.96 -37.95
C1 CLA RD . -11.47 9.33 -38.10
C2 CLA RD . -11.88 10.22 -36.96
C3 CLA RD . -10.95 10.90 -36.27
C4 CLA RD . -9.50 10.74 -36.59
C5 CLA RD . -11.36 11.81 -35.13
C6 CLA RD . -10.67 13.17 -35.23
C7 CLA RD . -10.88 13.97 -33.96
C8 CLA RD . -10.48 15.42 -34.17
C9 CLA RD . -10.34 16.18 -32.86
C10 CLA RD . -11.47 16.11 -35.12
C11 CLA RD . -12.88 16.15 -34.55
C12 CLA RD . -13.79 17.03 -35.40
C13 CLA RD . -15.27 16.70 -35.17
C14 CLA RD . -16.16 17.50 -36.10
C15 CLA RD . -15.65 16.96 -33.71
C16 CLA RD . -16.85 16.13 -33.29
C17 CLA RD . -17.89 16.98 -32.55
C18 CLA RD . -19.15 16.19 -32.17
C19 CLA RD . -19.21 15.92 -30.68
C20 CLA RD . -19.29 14.89 -32.95
MG CLA SD . -1.82 -5.11 -23.16
CHA CLA SD . 1.05 -6.63 -24.36
CHB CLA SD . -3.47 -7.99 -23.70
CHC CLA SD . -4.44 -3.75 -21.47
CHD CLA SD . 0.23 -2.20 -22.23
NA CLA SD . -1.31 -7.00 -23.86
C1A CLA SD . -0.24 -7.40 -24.46
C2A CLA SD . -0.31 -8.73 -25.17
C3A CLA SD . -1.76 -9.10 -24.96
C4A CLA SD . -2.21 -7.95 -24.12
CMA CLA SD . -2.48 -9.01 -26.31
CAA CLA SD . 0.52 -9.85 -24.53
CBA CLA SD . 0.66 -9.78 -23.02
CGA CLA SD . -0.40 -10.54 -22.28
O1A CLA SD . -0.99 -11.47 -22.77
O2A CLA SD . -0.75 -10.13 -20.92
NB CLA SD . -3.71 -5.78 -22.69
C1B CLA SD . -4.18 -6.99 -22.88
C2B CLA SD . -5.47 -7.28 -22.20
C3B CLA SD . -5.75 -5.98 -21.53
C4B CLA SD . -4.59 -5.15 -21.92
CMB CLA SD . -6.28 -8.55 -22.20
CAB CLA SD . -6.89 -5.55 -20.67
CBB CLA SD . -7.37 -6.33 -19.72
NC CLA SD . -2.02 -3.37 -22.05
C1C CLA SD . -3.19 -2.97 -21.51
C2C CLA SD . -3.17 -1.60 -20.93
C3C CLA SD . -1.79 -1.16 -21.16
C4C CLA SD . -1.19 -2.33 -21.86
CMC CLA SD . -4.27 -0.83 -20.25
CAC CLA SD . -1.15 0.14 -20.79
CBC CLA SD . -0.48 -0.11 -19.46
ND CLA SD . 0.11 -4.48 -23.23
C1D CLA SD . 0.89 -3.36 -22.83
C2D CLA SD . 2.34 -3.46 -23.07
C3D CLA SD . 2.39 -4.81 -23.69
C4D CLA SD . 1.10 -5.31 -23.71
CMD CLA SD . 3.51 -2.57 -22.83
CAD CLA SD . 3.28 -5.85 -24.27
OBD CLA SD . 4.55 -5.74 -24.40
CBD CLA SD . 2.45 -7.02 -24.68
CGD CLA SD . 2.69 -7.21 -26.14
O1D CLA SD . 2.17 -6.47 -26.94
O2D CLA SD . 3.57 -8.27 -26.60
CED CLA SD . 4.15 -8.23 -27.89
C1 CLA SD . -2.09 -9.81 -20.58
C2 CLA SD . -2.19 -8.33 -20.28
C3 CLA SD . -2.03 -7.89 -19.03
C4 CLA SD . -1.77 -8.85 -17.91
C5 CLA SD . -2.13 -6.41 -18.72
C6 CLA SD . -1.02 -5.58 -19.37
C7 CLA SD . 0.38 -6.10 -19.05
C8 CLA SD . 1.42 -5.33 -19.86
C9 CLA SD . 2.70 -6.13 -20.01
C10 CLA SD . 1.69 -3.95 -19.26
C11 CLA SD . 2.59 -4.04 -18.03
C12 CLA SD . 3.38 -2.76 -17.76
C13 CLA SD . 4.27 -2.96 -16.53
C14 CLA SD . 3.49 -3.68 -15.42
C15 CLA SD . 4.81 -1.65 -15.97
C16 CLA SD . 5.37 -0.69 -17.01
C17 CLA SD . 5.21 0.73 -16.49
C18 CLA SD . 6.25 1.69 -17.03
C19 CLA SD . 7.64 1.31 -16.53
C20 CLA SD . 5.92 3.13 -16.64
MG CLA TD . -0.80 -2.12 -31.24
CHA CLA TD . -0.41 -4.75 -33.43
CHB CLA TD . 1.04 -3.85 -28.98
CHC CLA TD . -0.67 0.70 -29.40
CHD CLA TD . -2.39 -0.22 -33.98
NA CLA TD . 0.18 -3.95 -31.20
C1A CLA TD . 0.18 -4.89 -32.05
C2A CLA TD . 0.85 -6.17 -31.67
C3A CLA TD . 1.23 -5.88 -30.24
C4A CLA TD . 0.78 -4.46 -30.13
CMA CLA TD . 0.32 -6.73 -29.37
CAA CLA TD . 2.19 -6.26 -32.44
CBA CLA TD . 3.21 -5.26 -31.90
CGA CLA TD . 4.39 -4.87 -32.77
O1A CLA TD . 4.96 -5.60 -31.99
O2A CLA TD . 5.76 -4.80 -33.25
NB CLA TD . 0.06 -1.66 -29.45
C1B CLA TD . 0.72 -2.47 -28.62
C2B CLA TD . 1.17 -1.83 -27.36
C3B CLA TD . 0.64 -0.45 -27.51
C4B CLA TD . -0.01 -0.48 -28.84
CMB CLA TD . 1.95 -2.45 -26.24
CAB CLA TD . 0.70 0.73 -26.63
CBB CLA TD . 1.69 0.92 -25.78
NC CLA TD . -1.39 -0.17 -31.63
C1C CLA TD . -1.28 0.81 -30.73
C2C CLA TD . -1.85 2.10 -31.14
C3C CLA TD . -2.36 1.83 -32.50
C4C CLA TD . -2.01 0.41 -32.69
CMC CLA TD . -1.90 3.39 -30.37
CAC CLA TD . -3.06 2.77 -33.44
CBC CLA TD . -2.03 3.27 -34.43
ND CLA TD . -1.28 -2.32 -33.20
C1D CLA TD . -1.95 -1.58 -34.24
C2D CLA TD . -2.14 -2.30 -35.51
C3D CLA TD . -1.50 -3.60 -35.16
C4D CLA TD . -1.04 -3.50 -33.86
CMD CLA TD . -2.75 -1.99 -36.84
CAD CLA TD . -1.14 -4.96 -35.65
OBD CLA TD . -1.41 -5.40 -36.82
CBD CLA TD . -0.45 -5.69 -34.57
CGD CLA TD . -1.18 -6.96 -34.22
O1D CLA TD . -2.22 -6.92 -33.61
O2D CLA TD . -0.58 -8.24 -34.58
CED CLA TD . -1.17 -9.46 -34.14
C1 CLA TD . 6.40 -3.54 -33.30
C2 CLA TD . 6.65 -3.08 -34.72
C3 CLA TD . 7.42 -2.01 -34.95
C4 CLA TD . 8.03 -1.25 -33.80
C5 CLA TD . 7.71 -1.53 -36.35
C6 CLA TD . 6.51 -1.58 -37.28
C7 CLA TD . 6.86 -1.00 -38.66
C8 CLA TD . 6.63 0.50 -38.74
C9 CLA TD . 5.19 0.85 -38.42
C10 CLA TD . 7.00 1.02 -40.13
C11 CLA TD . 8.51 1.12 -40.32
C12 CLA TD . 8.81 2.05 -41.50
C13 CLA TD . 10.13 1.68 -42.18
C14 CLA TD . 11.32 2.07 -41.31
C15 CLA TD . 10.23 2.34 -43.55
C16 CLA TD . 11.67 2.39 -44.07
C17 CLA TD . 11.78 2.23 -45.58
C18 CLA TD . 13.22 2.44 -46.03
C19 CLA TD . 13.55 3.93 -46.08
C20 CLA TD . 13.51 1.78 -47.38
MG CLA UD . -0.14 13.40 -20.02
CHA CLA UD . 0.41 15.38 -17.23
CHB CLA UD . 2.96 14.24 -21.12
CHC CLA UD . -0.47 10.98 -22.37
CHD CLA UD . -3.27 12.27 -18.47
NA CLA UD . 1.43 14.56 -19.29
C1A CLA UD . 1.50 15.32 -18.26
C2A CLA UD . 2.74 16.15 -18.10
C3A CLA UD . 3.51 15.78 -19.36
C4A CLA UD . 2.56 14.79 -19.96
CMA CLA UD . 3.59 17.01 -20.25
CAA CLA UD . 3.55 15.72 -16.88
CBA CLA UD . 3.82 14.22 -16.85
CGA CLA UD . 4.46 13.80 -15.56
O1A CLA UD . 5.30 14.48 -15.00
O2A CLA UD . 4.09 12.56 -14.91
NB CLA UD . 1.09 12.71 -21.51
C1B CLA UD . 2.25 13.22 -21.90
C2B CLA UD . 2.78 12.64 -23.16
C3B CLA UD . 1.73 11.66 -23.52
C4B CLA UD . 0.75 11.79 -22.42
CMB CLA UD . 4.05 12.97 -23.88
CAB CLA UD . 1.62 10.74 -24.68
CBB CLA UD . 2.12 11.04 -25.85
NC CLA UD . -1.60 11.96 -20.36
C1C CLA UD . -1.50 11.03 -21.32
C2C CLA UD . -2.53 9.96 -21.28
C3C CLA UD . -3.35 10.36 -20.11
C4C CLA UD . -2.69 11.59 -19.65
CMC CLA UD . -2.72 8.78 -22.17
CAC CLA UD . -4.58 9.66 -19.55
CBC CLA UD . -4.09 8.78 -18.43
ND CLA UD . -1.21 13.64 -18.31
C1D CLA UD . -2.47 13.26 -17.77
C2D CLA UD . -2.85 13.93 -16.50
C3D CLA UD . -1.66 14.79 -16.31
C4D CLA UD . -0.80 14.56 -17.37
CMD CLA UD . -4.01 13.89 -15.56
CAD CLA UD . -1.03 15.79 -15.41
OBD CLA UD . -1.56 16.24 -14.34
CBD CLA UD . 0.28 16.19 -15.98
CGD CLA UD . 0.30 17.68 -16.16
O1D CLA UD . 0.12 18.40 -15.21
O2D CLA UD . 0.54 18.32 -17.43
CED CLA UD . 0.69 19.73 -17.40
C1 CLA UD . 5.10 11.57 -14.71
C2 CLA UD . 4.53 10.31 -14.13
C3 CLA UD . 5.36 9.38 -13.64
C4 CLA UD . 6.84 9.61 -13.68
C5 CLA UD . 4.81 8.10 -13.05
C6 CLA UD . 3.57 7.61 -13.79
C7 CLA UD . 2.79 6.62 -12.94
C8 CLA UD . 2.68 5.25 -13.59
C9 CLA UD . 1.45 5.18 -14.49
C10 CLA UD . 2.62 4.16 -12.54
C11 CLA UD . 2.87 2.79 -13.18
C12 CLA UD . 1.84 1.75 -12.79
C13 CLA UD . 2.39 0.67 -11.85
C14 CLA UD . 3.89 0.78 -11.65
C15 CLA UD . 2.03 -0.72 -12.38
C16 CLA UD . 2.00 -1.78 -11.29
C17 CLA UD . 2.31 -3.17 -11.85
C18 CLA UD . 1.65 -4.27 -11.02
C19 CLA UD . 2.18 -4.31 -9.60
C20 CLA UD . 1.84 -5.62 -11.70
MG CLA VD . -22.84 24.43 -30.13
CHA CLA VD . -22.84 27.61 -31.47
CHB CLA VD . -26.01 24.99 -29.08
CHC CLA VD . -22.98 21.17 -29.23
CHD CLA VD . -19.60 23.83 -31.75
NA CLA VD . -24.20 25.98 -30.28
C1A CLA VD . -24.08 27.15 -30.78
C2A CLA VD . -25.24 28.10 -30.60
C3A CLA VD . -26.19 27.25 -29.81
C4A CLA VD . -25.41 25.99 -29.71
CMA CLA VD . -26.31 27.82 -28.40
CAA CLA VD . -25.90 28.36 -31.96
CBA CLA VD . -26.51 27.08 -32.53
CGA CLA VD . -27.18 27.32 -33.87
O1A CLA VD . -27.50 28.44 -34.21
O2A CLA VD . -27.41 26.19 -34.75
NB CLA VD . -24.30 23.27 -29.30
C1B CLA VD . -25.49 23.65 -28.85
C2B CLA VD . -26.26 22.63 -28.10
C3B CLA VD . -25.33 21.49 -28.16
C4B CLA VD . -24.17 21.99 -28.94
CMB CLA VD . -27.61 22.72 -27.46
CAB CLA VD . -25.50 20.13 -27.61
CBB CLA VD . -25.85 19.17 -28.43
NC CLA VD . -21.56 22.84 -30.48
C1C CLA VD . -21.78 21.62 -29.97
C2C CLA VD . -20.67 20.65 -30.21
C3C CLA VD . -19.68 21.45 -30.95
C4C CLA VD . -20.34 22.77 -31.05
CMC CLA VD . -20.57 19.21 -29.79
CAC CLA VD . -18.32 21.04 -31.48
CBC CLA VD . -18.56 20.54 -32.88
ND CLA VD . -21.53 25.37 -31.36
C1D CLA VD . -20.20 25.16 -31.86
C2D CLA VD . -19.56 26.36 -32.46
C3D CLA VD . -20.65 27.36 -32.28
C4D CLA VD . -21.70 26.70 -31.67
CMD CLA VD . -18.25 26.67 -33.10
CAD CLA VD . -21.07 28.77 -32.50
OBD CLA VD . -20.35 29.66 -33.05
CBD CLA VD . -22.45 28.95 -31.98
CGD CLA VD . -22.45 29.96 -30.86
O1D CLA VD . -23.10 30.98 -30.96
O2D CLA VD . -21.68 29.71 -29.66
CED CLA VD . -21.74 30.61 -28.55
MG CLA WD . -39.30 7.90 -20.43
CHA CLA WD . -37.63 10.84 -19.67
CHB CLA WD . -39.46 7.28 -17.12
CHC CLA WD . -41.52 5.46 -21.18
CHD CLA WD . -39.33 8.96 -23.95
NA CLA WD . -38.70 8.90 -18.70
C1A CLA WD . -37.98 9.94 -18.54
C2A CLA WD . -37.52 10.27 -17.14
C3A CLA WD . -38.13 9.11 -16.36
C4A CLA WD . -38.81 8.39 -17.48
CMA CLA WD . -37.05 8.22 -15.76
CAA CLA WD . -38.11 11.58 -16.63
CBA CLA WD . -39.63 11.54 -16.51
CGA CLA WD . -40.18 12.93 -16.69
O1A CLA WD . -40.09 13.46 -17.78
O2A CLA WD . -40.79 13.63 -15.57
NB CLA WD . -40.34 6.56 -19.30
C1B CLA WD . -40.23 6.38 -17.98
C2B CLA WD . -40.99 5.24 -17.44
C3B CLA WD . -41.61 4.68 -18.65
C4B CLA WD . -41.14 5.59 -19.75
CMB CLA WD . -41.09 4.73 -16.03
CAB CLA WD . -42.49 3.50 -18.71
CBB CLA WD . -43.43 3.37 -19.60
NC CLA WD . -40.22 7.34 -22.20
C1C CLA WD . -41.09 6.33 -22.29
C2C CLA WD . -41.63 6.10 -23.65
C3C CLA WD . -40.97 7.14 -24.47
C4C CLA WD . -40.13 7.83 -23.47
CMC CLA WD . -42.62 5.06 -24.13
CAC CLA WD . -41.12 7.42 -25.95
CBC CLA WD . -41.75 8.78 -26.16
ND CLA WD . -38.69 9.45 -21.60
C1D CLA WD . -38.70 9.86 -22.98
C2D CLA WD . -38.06 11.14 -23.28
C3D CLA WD . -37.63 11.52 -21.90
C4D CLA WD . -38.05 10.53 -21.05
CMD CLA WD . -37.80 11.97 -24.49
CAD CLA WD . -36.96 12.57 -21.11
OBD CLA WD . -36.45 13.65 -21.58
CBD CLA WD . -36.94 12.16 -19.69
CGD CLA WD . -35.49 12.01 -19.37
O1D CLA WD . -34.89 10.97 -19.54
O2D CLA WD . -34.79 13.15 -18.83
CED CLA WD . -33.42 13.02 -18.46
C1 CLA WD . -41.86 14.58 -15.70
C2 CLA WD . -41.59 15.73 -16.63
C3 CLA WD . -40.62 16.65 -16.44
C4 CLA WD . -39.74 16.58 -15.23
C5 CLA WD . -40.41 17.77 -17.42
C6 CLA WD . -40.66 17.42 -18.87
C7 CLA WD . -39.76 16.30 -19.40
C8 CLA WD . -40.54 15.60 -20.50
C9 CLA WD . -39.88 14.29 -20.93
C10 CLA WD . -40.71 16.55 -21.67
C11 CLA WD . -41.96 16.22 -22.46
C12 CLA WD . -42.20 17.26 -23.55
C13 CLA WD . -40.96 17.53 -24.40
C14 CLA WD . -41.20 18.75 -25.29
C15 CLA WD . -40.60 16.30 -25.23
C16 CLA WD . -39.13 16.25 -25.58
C17 CLA WD . -38.90 16.43 -27.07
C18 CLA WD . -37.74 15.56 -27.55
C19 CLA WD . -38.07 14.08 -27.41
C20 CLA WD . -36.44 15.89 -26.82
MG CLA XD . -41.80 -2.55 -16.80
CHA CLA XD . -44.80 -4.24 -17.06
CHB CLA XD . -42.78 -0.65 -19.42
CHC CLA XD . -39.17 -0.55 -16.13
CHD CLA XD . -41.09 -4.49 -13.75
NA CLA XD . -43.48 -2.42 -17.99
C1A CLA XD . -44.55 -3.12 -18.00
C2A CLA XD . -45.56 -2.82 -19.06
C3A CLA XD . -44.87 -1.72 -19.83
C4A CLA XD . -43.62 -1.60 -19.02
CMA CLA XD . -44.48 -2.31 -21.18
CAA CLA XD . -46.74 -2.15 -18.36
CBA CLA XD . -47.92 -1.90 -19.29
CGA CLA XD . -48.89 -0.99 -18.58
O1A CLA XD . -49.05 -1.08 -17.37
O2A CLA XD . -49.61 0.02 -19.33
NB CLA XD . -41.12 -0.81 -17.63
C1B CLA XD . -41.49 -0.30 -18.80
C2B CLA XD . -40.56 0.69 -19.39
C3B CLA XD . -39.48 0.71 -18.39
C4B CLA XD . -39.94 -0.24 -17.34
CMB CLA XD . -40.67 1.44 -20.67
CAB CLA XD . -38.24 1.51 -18.42
CBB CLA XD . -37.95 2.33 -17.44
NC CLA XD . -40.39 -2.56 -15.28
C1C CLA XD . -39.48 -1.58 -15.15
C2C CLA XD . -38.73 -1.61 -13.87
C3C CLA XD . -39.30 -2.78 -13.17
C4C CLA XD . -40.31 -3.29 -14.14
CMC CLA XD . -37.66 -0.67 -13.39
CAC CLA XD . -38.96 -3.33 -11.82
CBC CLA XD . -39.85 -2.59 -10.84
ND CLA XD . -42.66 -3.95 -15.60
C1D CLA XD . -42.31 -4.78 -14.49
C2D CLA XD . -43.25 -5.90 -14.20
C3D CLA XD . -44.28 -5.66 -15.26
C4D CLA XD . -43.85 -4.55 -15.98
CMD CLA XD . -43.31 -6.99 -13.18
CAD CLA XD . -45.56 -6.12 -15.87
OBD CLA XD . -46.26 -7.12 -15.49
CBD CLA XD . -45.89 -5.23 -17.00
CGD CLA XD . -46.18 -5.98 -18.27
O1D CLA XD . -47.32 -6.28 -18.54
O2D CLA XD . -45.13 -6.33 -19.22
CED CLA XD . -45.50 -6.68 -20.54
C1 CLA XD . -50.87 0.51 -18.88
C2 CLA XD . -50.68 1.48 -17.74
C3 CLA XD . -50.50 2.78 -17.98
C4 CLA XD . -50.47 3.29 -19.40
C5 CLA XD . -50.32 3.76 -16.84
C6 CLA XD . -50.98 5.10 -17.15
C7 CLA XD . -52.47 5.05 -16.86
C8 CLA XD . -53.09 6.41 -17.13
C9 CLA XD . -54.42 6.57 -16.40
C10 CLA XD . -53.25 6.60 -18.63
C11 CLA XD . -53.76 8.01 -18.93
C12 CLA XD . -53.29 8.48 -20.30
C13 CLA XD . -54.07 9.71 -20.74
MG CLA YD . -22.07 1.10 -44.94
CHA CLA YD . -20.28 -0.14 -47.62
CHB CLA YD . -19.29 0.76 -43.05
CHC CLA YD . -23.62 2.91 -42.53
CHD CLA YD . -24.84 1.80 -47.25
NA CLA YD . -20.12 0.48 -45.27
C1A CLA YD . -19.60 -0.09 -46.30
C2A CLA YD . -18.23 -0.68 -46.13
C3A CLA YD . -17.98 -0.42 -44.67
C4A CLA YD . -19.22 0.32 -44.31
CMA CLA YD . -18.08 -1.77 -43.99
CAA CLA YD . -17.18 0.12 -46.88
CBA CLA YD . -17.25 1.60 -46.52
CGA CLA YD . -16.22 2.42 -47.25
O1A CLA YD . -15.97 2.20 -48.43
O2A CLA YD . -15.51 3.46 -46.55
NB CLA YD . -21.54 1.72 -43.06
C1B CLA YD . -20.39 1.51 -42.45
C2B CLA YD . -20.25 2.11 -41.10
C3B CLA YD . -21.56 2.77 -40.95
C4B CLA YD . -22.27 2.45 -42.22
CMB CLA YD . -19.06 2.06 -40.16
CAB CLA YD . -22.10 3.55 -39.81
CBB CLA YD . -22.02 3.06 -38.59
NC CLA YD . -23.87 2.12 -44.91
C1C CLA YD . -24.30 2.81 -43.84
C2C CLA YD . -25.57 3.54 -44.06
C3C CLA YD . -25.92 3.21 -45.45
C4C CLA YD . -24.80 2.33 -45.87
CMC CLA YD . -26.34 4.41 -43.09
CAC CLA YD . -27.11 3.64 -46.27
CBC CLA YD . -28.09 2.50 -46.19
ND CLA YD . -22.54 0.95 -46.92
C1D CLA YD . -23.64 1.20 -47.80
C2D CLA YD . -23.41 0.80 -49.22
C3D CLA YD . -22.03 0.27 -49.12
C4D CLA YD . -21.63 0.42 -47.81
CMD CLA YD . -24.20 0.83 -50.49
CAD CLA YD . -20.90 -0.34 -49.88
OBD CLA YD . -20.91 -0.61 -51.12
CBD CLA YD . -19.78 -0.59 -48.94
CGD CLA YD . -19.41 -2.04 -48.97
O1D CLA YD . -19.83 -2.82 -48.14
O2D CLA YD . -18.56 -2.53 -50.04
CED CLA YD . -18.49 -3.92 -50.31
C1 CLA YD . -14.51 4.23 -47.19
C2 CLA YD . -15.08 5.58 -47.54
C3 CLA YD . -15.41 5.89 -48.81
C4 CLA YD . -15.21 4.91 -49.91
C5 CLA YD . -15.98 7.26 -49.10
C6 CLA YD . -17.12 7.23 -50.10
C7 CLA YD . -18.46 7.11 -49.38
C8 CLA YD . -19.60 7.66 -50.21
C9 CLA YD . -20.89 7.70 -49.42
C10 CLA YD . -19.77 6.84 -51.48
C11 CLA YD . -20.90 7.44 -52.30
C12 CLA YD . -21.06 6.72 -53.62
C13 CLA YD . -22.21 7.33 -54.40
C14 CLA YD . -23.49 7.28 -53.57
C15 CLA YD . -22.36 6.64 -55.75
C16 CLA YD . -21.04 6.14 -56.32
C17 CLA YD . -20.28 7.22 -57.08
C18 CLA YD . -19.98 6.82 -58.52
C19 CLA YD . -21.19 6.17 -59.17
C20 CLA YD . -18.75 5.93 -58.61
MG CLA ZD . -21.80 3.10 -53.31
CHA CLA ZD . -19.46 2.60 -55.81
CHB CLA ZD . -19.28 3.08 -51.08
CHC CLA ZD . -24.03 4.19 -51.02
CHD CLA ZD . -24.37 3.43 -55.95
NA CLA ZD . -19.74 2.92 -53.42
C1A CLA ZD . -18.98 2.62 -54.39
C2A CLA ZD . -17.53 2.37 -54.08
C3A CLA ZD . -17.50 2.52 -52.58
C4A CLA ZD . -18.94 2.86 -52.35
CMA CLA ZD . -17.17 1.21 -51.89
CAA CLA ZD . -16.64 3.47 -54.69
CBA CLA ZD . -16.24 4.54 -53.67
CGA CLA ZD . -16.86 5.87 -54.02
O1A CLA ZD . -18.05 5.95 -54.27
O2A CLA ZD . -16.03 7.06 -54.03
NB CLA ZD . -21.67 3.59 -51.33
C1B CLA ZD . -20.60 3.45 -50.57
C2B CLA ZD . -20.80 3.75 -49.13
C3B CLA ZD . -22.24 4.09 -49.11
C4B CLA ZD . -22.66 3.95 -50.53
CMB CLA ZD . -19.80 3.71 -48.03
CAB CLA ZD . -23.05 4.49 -47.93
CBB CLA ZD . -24.03 5.36 -48.02
NC CLA ZD . -23.77 3.70 -53.47
C1C CLA ZD . -24.50 4.08 -52.41
C2C CLA ZD . -25.91 4.43 -52.72
C3C CLA ZD . -25.99 4.20 -54.18
C4C CLA ZD . -24.62 3.75 -54.53
CMC CLA ZD . -26.98 4.90 -51.79
CAC CLA ZD . -27.17 4.38 -55.12
CBC CLA ZD . -27.74 3.00 -55.39
ND CLA ZD . -21.98 3.06 -55.34
C1D CLA ZD . -22.99 3.16 -56.35
C2D CLA ZD . -22.52 2.99 -57.76
C3D CLA ZD . -21.07 2.76 -57.51
C4D CLA ZD . -20.88 2.83 -56.14
CMD CLA ZD . -23.15 3.01 -59.11
CAD CLA ZD . -19.74 2.51 -58.14
OBD CLA ZD . -19.53 2.39 -59.39
CBD CLA ZD . -18.72 2.40 -57.08
CGD CLA ZD . -18.13 1.02 -57.11
O1D CLA ZD . -18.57 0.13 -56.41
O2D CLA ZD . -17.01 0.72 -57.98
CED CLA ZD . -16.64 -0.62 -58.25
C1 CLA ZD . -16.39 8.20 -54.82
C2 CLA ZD . -17.21 9.19 -54.02
C3 CLA ZD . -16.61 10.08 -53.21
C4 CLA ZD . -15.12 10.12 -53.10
C5 CLA ZD . -17.47 11.05 -52.43
C6 CLA ZD . -16.68 12.08 -51.61
C7 CLA ZD . -17.25 12.19 -50.20
C8 CLA ZD . -17.04 13.58 -49.60
C9 CLA ZD . -15.65 14.12 -49.93
C10 CLA ZD . -17.23 13.50 -48.09
C11 CLA ZD . -16.95 14.84 -47.40
C12 CLA ZD . -16.86 14.65 -45.88
C13 CLA ZD . -16.20 15.84 -45.19
C14 CLA ZD . -14.93 16.26 -45.90
C15 CLA ZD . -15.91 15.46 -43.74
C16 CLA ZD . -16.63 16.36 -42.74
C17 CLA ZD . -16.61 15.71 -41.36
C18 CLA ZD . -17.31 16.56 -40.31
C19 CLA ZD . -17.39 15.81 -38.98
C20 CLA ZD . -18.71 16.98 -40.75
MG CLA AE . -21.02 -1.88 -32.50
CHA CLA AE . -22.59 -1.72 -35.56
CHB CLA AE . -20.85 1.49 -32.54
CHC CLA AE . -18.95 -2.11 -29.83
CHD CLA AE . -20.84 -5.53 -32.89
NA CLA AE . -21.57 -0.38 -33.82
C1A CLA AE . -22.28 -0.43 -34.88
C2A CLA AE . -22.72 0.87 -35.51
C3A CLA AE . -22.11 1.86 -34.53
C4A CLA AE . -21.48 0.93 -33.56
CMA CLA AE . -21.00 2.62 -35.24
CAA CLA AE . -24.23 1.08 -35.53
CBA CLA AE . -24.57 2.30 -36.40
CGA CLA AE . -26.06 2.42 -36.60
O1A CLA AE . -26.79 1.46 -36.41
O2A CLA AE . -26.67 3.69 -36.99
NB CLA AE . -20.05 -0.50 -31.35
C1B CLA AE . -20.10 0.81 -31.47
C2B CLA AE . -19.32 1.57 -30.46
C3B CLA AE . -18.74 0.46 -29.66
C4B CLA AE . -19.26 -0.76 -30.32
CMB CLA AE . -19.17 3.06 -30.33
CAB CLA AE . -17.85 0.44 -28.48
CBB CLA AE . -17.22 1.52 -28.07
NC CLA AE . -20.09 -3.49 -31.58
C1C CLA AE . -19.31 -3.37 -30.50
C2C CLA AE . -18.77 -4.65 -29.97
C3C CLA AE . -19.34 -5.65 -30.89
C4C CLA AE . -20.13 -4.82 -31.82
CMC CLA AE . -17.86 -4.88 -28.79
CAC CLA AE . -19.16 -7.14 -30.91
CBC CLA AE . -19.90 -7.70 -29.74
ND CLA AE . -21.52 -3.34 -33.83
C1D CLA AE . -21.48 -4.76 -33.95
C2D CLA AE . -22.10 -5.31 -35.17
C3D CLA AE . -22.54 -4.05 -35.81
C4D CLA AE . -22.18 -3.01 -34.99
CMD CLA AE . -22.30 -6.70 -35.73
CAD CLA AE . -23.23 -3.46 -36.98
OBD CLA AE . -23.70 -4.14 -37.95
CBD CLA AE . -23.27 -1.98 -36.86
CGD CLA AE . -22.45 -1.38 -37.97
O1D CLA AE . -22.90 -0.50 -38.67
O2D CLA AE . -21.10 -1.85 -38.22
CED CLA AE . -20.29 -1.13 -39.15
C1 CLA AE . -27.80 3.69 -37.84
C2 CLA AE . -27.97 5.04 -38.51
C3 CLA AE . -28.56 5.16 -39.72
C4 CLA AE . -29.06 3.95 -40.45
C5 CLA AE . -28.70 6.53 -40.33
C6 CLA AE . -27.58 7.47 -39.93
C7 CLA AE . -26.46 7.47 -40.96
C8 CLA AE . -25.90 8.87 -41.16
C9 CLA AE . -26.99 9.83 -41.62
C10 CLA AE . -24.75 8.85 -42.16
C11 CLA AE . -24.19 10.26 -42.35
C12 CLA AE . -22.90 10.22 -43.16
C13 CLA AE . -22.53 11.61 -43.69
C14 CLA AE . -21.36 11.52 -44.67
C15 CLA AE . -22.20 12.54 -42.53
MG CLA BE . -30.86 4.31 -30.39
CHA CLA BE . -29.32 2.10 -32.56
CHB CLA BE . -27.82 5.65 -29.76
CHC CLA BE . -32.46 6.76 -28.67
CHD CLA BE . -34.12 3.02 -31.55
NA CLA BE . -28.92 3.98 -31.06
C1A CLA BE . -28.46 3.06 -31.81
C2A CLA BE . -26.97 3.00 -31.99
C3A CLA BE . -26.52 4.09 -31.05
C4A CLA BE . -27.85 4.60 -30.60
CMA CLA BE . -25.83 3.45 -29.86
CAA CLA BE . -26.57 3.42 -33.40
CBA CLA BE . -26.96 4.86 -33.80
CGA CLA BE . -28.44 4.97 -34.12
O1A CLA BE . -28.92 4.38 -35.06
O2A CLA BE . -29.32 5.75 -33.27
NB CLA BE . -30.21 5.97 -29.39
C1B CLA BE . -28.96 6.34 -29.17
C2B CLA BE . -28.80 7.51 -28.27
C3B CLA BE . -30.21 7.84 -27.95
C4B CLA BE . -30.99 6.82 -28.70
CMB CLA BE . -27.52 8.17 -27.83
CAB CLA BE . -30.77 8.90 -27.09
CBB CLA BE . -30.34 10.14 -27.16
NC CLA BE . -32.86 4.82 -30.23
C1C CLA BE . -33.29 5.77 -29.38
C2C CLA BE . -34.76 5.79 -29.18
C3C CLA BE . -35.23 4.67 -30.03
C4C CLA BE . -33.98 4.16 -30.63
CMC CLA BE . -35.58 6.69 -28.30
CAC CLA BE . -36.64 4.17 -30.25
CBC CLA BE . -36.84 3.08 -29.23
ND CLA BE . -31.63 2.96 -31.72
C1D CLA BE . -32.90 2.43 -32.10
C2D CLA BE . -32.85 1.29 -33.06
C3D CLA BE . -31.37 1.18 -33.23
C4D CLA BE . -30.78 2.15 -32.45
CMD CLA BE . -33.85 0.41 -33.75
CAD CLA BE . -30.26 0.45 -33.92
OBD CLA BE . -30.42 -0.53 -34.71
CBD CLA BE . -28.96 0.99 -33.50
CGD CLA BE . -28.23 -0.13 -32.83
O1D CLA BE . -28.67 -0.65 -31.81
O2D CLA BE . -27.00 -0.63 -33.38
CED CLA BE . -26.41 -1.80 -32.83
C1 CLA BE . -30.53 6.30 -33.80
C2 CLA BE . -31.16 7.18 -32.76
C3 CLA BE . -32.26 7.89 -33.02
C4 CLA BE . -32.90 7.84 -34.39
C5 CLA BE . -32.87 8.76 -31.96
C6 CLA BE . -31.94 9.87 -31.49
C7 CLA BE . -32.18 10.19 -30.03
C8 CLA BE . -33.56 10.82 -29.83
C9 CLA BE . -33.47 12.34 -29.89
C10 CLA BE . -34.12 10.36 -28.50
C11 CLA BE . -35.51 10.94 -28.24
C12 CLA BE . -36.49 10.55 -29.34
C13 CLA BE . -37.93 10.58 -28.84
C14 CLA BE . -38.20 9.46 -27.84
C15 CLA BE . -38.85 10.44 -30.05
C16 CLA BE . -40.31 10.67 -29.71
C17 CLA BE . -41.15 9.64 -30.45
C18 CLA BE . -42.65 9.91 -30.35
C19 CLA BE . -43.42 8.78 -30.98
C20 CLA BE . -43.02 11.24 -31.00
MG CLA CE . -24.20 12.25 -28.65
CHA CLA CE . -23.28 9.34 -30.26
CHB CLA CE . -20.94 12.87 -28.05
CHC CLA CE . -25.16 15.27 -27.44
CHD CLA CE . -27.63 11.73 -29.93
NA CLA CE . -22.41 11.31 -29.11
C1A CLA CE . -22.19 10.16 -29.61
C2A CLA CE . -20.77 9.65 -29.56
C3A CLA CE . -20.06 10.78 -28.85
C4A CLA CE . -21.22 11.72 -28.66
CMA CLA CE . -19.53 10.34 -27.50
CAA CLA CE . -20.16 9.49 -30.95
CBA CLA CE . -20.37 10.70 -31.86
CGA CLA CE . -19.69 10.44 -33.18
O1A CLA CE . -18.52 10.73 -33.36
O2A CLA CE . -20.43 9.86 -34.29
NB CLA CE . -23.19 13.83 -27.84
C1B CLA CE . -21.87 13.97 -27.73
C2B CLA CE . -21.41 15.30 -27.29
C3B CLA CE . -22.68 16.02 -27.11
C4B CLA CE . -23.71 15.00 -27.47
CMB CLA CE . -20.01 15.80 -27.08
CAB CLA CE . -22.88 17.42 -26.67
CBB CLA CE . -23.87 17.77 -25.88
NC CLA CE . -25.99 13.29 -28.74
C1C CLA CE . -26.19 14.44 -28.08
C2C CLA CE . -27.59 14.89 -28.01
C3C CLA CE . -28.31 13.84 -28.75
C4C CLA CE . -27.23 12.91 -29.15
CMC CLA CE . -28.18 16.12 -27.35
CAC CLA CE . -29.79 13.74 -29.02
CBC CLA CE . -29.95 14.23 -30.44
ND CLA CE . -25.26 10.97 -29.83
C1D CLA CE . -26.61 10.73 -30.25
C2D CLA CE . -26.85 9.46 -30.98
C3D CLA CE . -25.47 8.91 -30.97
C4D CLA CE . -24.66 9.81 -30.32
CMD CLA CE . -28.03 8.78 -31.59
CAD CLA CE . -24.60 7.78 -31.40
OBD CLA CE . -25.00 6.74 -32.02
CBD CLA CE . -23.21 8.02 -30.95
CGD CLA CE . -22.91 6.96 -29.94
O1D CLA CE . -23.15 7.12 -28.76
O2D CLA CE . -22.34 5.69 -30.34
CED CLA CE . -22.33 4.60 -29.43
C1 CLA CE . -19.87 9.82 -35.60
C2 CLA CE . -20.17 11.12 -36.32
MG CLA DE . 10.76 6.90 6.03
CHA CLA DE . 14.14 6.26 6.21
CHB CLA DE . 11.09 7.12 2.67
CHC CLA DE . 7.41 7.11 5.88
CHD CLA DE . 10.52 6.07 9.63
NA CLA DE . 12.32 6.69 4.66
C1A CLA DE . 13.56 6.50 4.86
C2A CLA DE . 14.46 6.52 3.65
C3A CLA DE . 13.46 6.82 2.54
C4A CLA DE . 12.20 6.88 3.35
CMA CLA DE . 13.75 8.18 1.90
CAA CLA DE . 15.05 5.14 3.41
CBA CLA DE . 13.99 4.06 3.19
CGA CLA DE . 13.98 3.08 4.34
O1A CLA DE . 14.65 3.26 5.34
O2A CLA DE . 13.14 1.91 4.28
NB CLA DE . 9.44 7.07 4.48
C1B CLA DE . 9.72 7.22 3.20
C2B CLA DE . 8.56 7.51 2.32
C3B CLA DE . 7.45 7.52 3.29
C4B CLA DE . 8.12 7.24 4.60
CMB CLA DE . 8.53 7.74 0.83
CAB CLA DE . 6.00 7.75 3.02
CBB CLA DE . 5.22 8.42 3.85
NC CLA DE . 9.29 6.65 7.47
C1C CLA DE . 7.99 6.74 7.18
C2C CLA DE . 7.07 6.43 8.30
C3C CLA DE . 7.99 6.13 9.42
C4C CLA DE . 9.33 6.29 8.78
CMC CLA DE . 5.57 6.43 8.32
CAC CLA DE . 7.65 5.71 10.83
CBC CLA DE . 7.56 6.94 11.70
ND CLA DE . 11.92 6.27 7.57
C1D CLA DE . 11.83 6.07 8.98
C2D CLA DE . 13.11 5.86 9.68
C3D CLA DE . 14.05 5.95 8.54
C4D CLA DE . 13.29 6.19 7.41
CMD CLA DE . 13.53 5.62 11.11
CAD CLA DE . 15.47 5.89 8.11
OBD CLA DE . 16.46 5.70 8.90
CBD CLA DE . 15.56 6.09 6.65
CGD CLA DE . 16.47 7.22 6.30
O1D CLA DE . 16.07 8.34 6.07
O2D CLA DE . 17.90 6.97 6.25
CED CLA DE . 18.85 8.03 6.31
C1 CLA DE . 13.29 0.87 5.25
C2 CLA DE . 13.17 -0.48 4.60
C3 CLA DE . 11.95 -1.02 4.43
C4 CLA DE . 10.72 -0.28 4.86
C5 CLA DE . 11.81 -2.37 3.78
C6 CLA DE . 10.66 -3.17 4.36
C7 CLA DE . 11.12 -3.94 5.59
C8 CLA DE . 10.52 -5.34 5.62
C9 CLA DE . 9.00 -5.29 5.72
C10 CLA DE . 11.13 -6.13 6.76
C11 CLA DE . 12.65 -6.08 6.70
C12 CLA DE . 13.30 -7.15 7.57
C13 CLA DE . 14.81 -7.20 7.37
C14 CLA DE . 15.16 -7.43 5.90
C15 CLA DE . 15.41 -8.28 8.27
C16 CLA DE . 15.49 -7.85 9.73
C17 CLA DE . 16.14 -8.92 10.59
C18 CLA DE . 16.36 -8.40 12.01
C19 CLA DE . 17.30 -7.21 12.01
C20 CLA DE . 16.89 -9.49 12.93
MG CLA EE . 0.43 -0.34 -3.35
CHA CLA EE . 1.94 1.96 -5.44
CHB CLA EE . 0.67 -2.61 -5.82
CHC CLA EE . -0.69 -2.60 -1.13
CHD CLA EE . 0.86 2.09 -0.59
NA CLA EE . 1.22 -0.35 -5.27
C1A CLA EE . 1.64 0.60 -6.00
C2A CLA EE . 1.85 0.32 -7.47
C3A CLA EE . 1.42 -1.13 -7.54
C4A CLA EE . 1.09 -1.39 -6.11
CMA CLA EE . 0.10 -1.24 -8.30
CAA CLA EE . 3.31 0.41 -7.88
CBA CLA EE . 4.20 -0.32 -6.88
CGA CLA EE . 5.02 -1.35 -7.61
O1A CLA EE . 4.48 -2.15 -8.37
O2A CLA EE . 6.45 -1.43 -7.43
NB CLA EE . 0.02 -2.33 -3.48
C1B CLA EE . 0.24 -3.13 -4.52
C2B CLA EE . 0.00 -4.57 -4.27
C3B CLA EE . -0.42 -4.54 -2.85
C4B CLA EE . -0.37 -3.11 -2.48
CMB CLA EE . 0.14 -5.74 -5.19
CAB CLA EE . -0.81 -5.69 -2.00
CBB CLA EE . -1.75 -5.60 -1.08
NC CLA EE . 0.17 -0.26 -1.31
C1C CLA EE . -0.32 -1.28 -0.59
C2C CLA EE . -0.47 -1.03 0.86
C3C CLA EE . 0.00 0.36 1.00
C4C CLA EE . 0.36 0.72 -0.39
CMC CLA EE . -0.98 -1.94 1.95
CAC CLA EE . 0.10 1.22 2.23
CBC CLA EE . -1.30 1.64 2.58
ND CLA EE . 1.23 1.50 -2.99
C1D CLA EE . 1.31 2.46 -1.93
C2D CLA EE . 1.83 3.80 -2.29
C3D CLA EE . 2.09 3.57 -3.74
C4D CLA EE . 1.74 2.26 -4.02
CMD CLA EE . 2.10 5.09 -1.58
CAD CLA EE . 2.60 4.17 -5.00
OBD CLA EE . 3.02 5.37 -5.12
CBD CLA EE . 2.51 3.17 -6.09
CGD CLA EE . 1.58 3.73 -7.12
O1D CLA EE . 0.39 3.51 -7.07
O2D CLA EE . 2.10 4.54 -8.19
CED CLA EE . 1.30 5.58 -8.74
C1 CLA EE . 7.02 -2.49 -6.66
C2 CLA EE . 8.08 -1.93 -5.74
C3 CLA EE . 9.03 -2.72 -5.23
C4 CLA EE . 9.02 -4.18 -5.57
C5 CLA EE . 10.09 -2.14 -4.34
C6 CLA EE . 10.57 -3.12 -3.27
C7 CLA EE . 10.68 -2.39 -1.94
C8 CLA EE . 10.93 -3.33 -0.77
C9 CLA EE . 10.57 -2.59 0.52
C10 CLA EE . 12.36 -3.86 -0.79
C11 CLA EE . 13.03 -3.88 0.59
C12 CLA EE . 12.75 -5.14 1.40
C13 CLA EE . 13.48 -6.35 0.88
C14 CLA EE . 13.48 -7.48 1.89
C15 CLA EE . 14.91 -5.99 0.51
C16 CLA EE . 15.27 -6.48 -0.89
C17 CLA EE . 16.60 -5.90 -1.33
C18 CLA EE . 17.16 -6.66 -2.51
C19 CLA EE . 16.38 -6.37 -3.78
C20 CLA EE . 17.24 -8.15 -2.20
MG CLA FE . -20.89 28.74 -46.40
CHA CLA FE . -18.85 27.45 -43.94
CHB CLA FE . -23.13 26.32 -45.66
CHC CLA FE . -22.64 29.76 -49.12
CHD CLA FE . -18.13 30.98 -47.38
NA CLA FE . -20.98 27.14 -45.08
C1A CLA FE . -20.20 26.82 -44.12
C2A CLA FE . -20.65 25.74 -43.18
C3A CLA FE . -22.01 25.38 -43.77
C4A CLA FE . -22.04 26.34 -44.91
CMA CLA FE . -21.96 23.96 -44.32
CAA CLA FE . -20.86 26.30 -41.78
CBA CLA FE . -22.16 27.07 -41.65
CGA CLA FE . -22.30 27.68 -40.28
O1A CLA FE . -21.88 28.79 -40.05
O2A CLA FE . -22.97 26.96 -39.21
NB CLA FE . -22.62 28.11 -47.27
C1B CLA FE . -23.45 27.15 -46.82
C2B CLA FE . -24.72 27.04 -47.58
C3B CLA FE . -24.55 28.08 -48.62
C4B CLA FE . -23.22 28.67 -48.32
CMB CLA FE . -25.87 26.11 -47.37
CAB CLA FE . -25.49 28.47 -49.69
CBB CLA FE . -25.90 29.72 -49.77
NC CLA FE . -20.44 30.04 -47.93
C1C CLA FE . -21.32 30.39 -48.89
C2C CLA FE . -20.91 31.50 -49.76
C3C CLA FE . -19.58 31.85 -49.25
C4C CLA FE . -19.40 30.90 -48.13
CMC CLA FE . -21.65 32.13 -50.92
CAC CLA FE . -18.63 32.92 -49.73
CBC CLA FE . -17.87 32.29 -50.88
ND CLA FE . -18.97 29.16 -45.89
C1D CLA FE . -17.92 30.08 -46.25
C2D CLA FE . -16.69 30.00 -45.42
C3D CLA FE . -17.09 28.91 -44.48
C4D CLA FE . -18.37 28.51 -44.82
CMD CLA FE . -15.38 30.72 -45.40
CAD CLA FE . -16.68 28.07 -43.32
OBD CLA FE . -15.56 28.15 -42.71
CBD CLA FE . -17.78 27.13 -42.97
CGD CLA FE . -17.36 25.71 -43.15
O1D CLA FE . -17.57 24.90 -42.28
O2D CLA FE . -16.72 25.25 -44.37
CED CLA FE . -16.78 23.85 -44.65
C1 CLA FE . -22.74 27.37 -37.86
C2 CLA FE . -22.38 26.19 -37.02
C3 CLA FE . -22.80 26.12 -35.75
C4 CLA FE . -23.60 27.24 -35.16
C5 CLA FE . -22.42 24.93 -34.91
C6 CLA FE . -23.58 24.05 -34.49
C7 CLA FE . -23.01 22.86 -33.73
C8 CLA FE . -24.01 21.72 -33.58
C9 CLA FE . -25.21 22.15 -32.75
C10 CLA FE . -23.31 20.53 -32.91
C11 CLA FE . -24.29 19.40 -32.60
C12 CLA FE . -23.73 18.42 -31.58
C13 CLA FE . -24.28 17.01 -31.80
C14 CLA FE . -25.81 17.01 -31.71
C15 CLA FE . -23.69 16.04 -30.79
C16 CLA FE . -24.05 14.60 -31.11
C17 CLA FE . -23.50 14.20 -32.49
C18 CLA FE . -24.38 13.19 -33.23
C19 CLA FE . -25.77 13.06 -32.63
C20 CLA FE . -23.71 11.83 -33.38
C1 PQN GE . -4.54 6.47 2.61
O1 PQN GE . -5.48 5.79 2.24
C2 PQN GE . -3.37 5.86 3.28
C2M PQN GE . -3.41 4.36 3.47
C3 PQN GE . -2.32 6.61 3.68
C4 PQN GE . -2.31 8.07 3.48
O4 PQN GE . -1.40 8.76 3.84
C5 PQN GE . -3.48 8.70 2.82
C6 PQN GE . -3.48 10.07 2.63
C7 PQN GE . -4.57 10.66 2.01
C8 PQN GE . -5.65 9.90 1.61
C9 PQN GE . -5.64 8.53 1.78
C10 PQN GE . -4.55 7.93 2.40
C11 PQN GE . -1.11 6.05 4.36
C12 PQN GE . -0.11 5.56 3.36
C13 PQN GE . 1.13 6.00 3.19
C14 PQN GE . 1.75 7.10 4.02
C15 PQN GE . 1.99 5.37 2.12
C16 PQN GE . 3.49 5.57 2.34
C17 PQN GE . 4.28 4.31 2.63
C18 PQN GE . 4.28 3.25 1.53
C19 PQN GE . 3.93 1.87 2.09
C20 PQN GE . 5.57 3.27 0.72
C21 PQN GE . 6.84 2.74 1.38
C22 PQN GE . 8.08 3.50 0.93
C23 PQN GE . 9.42 2.94 1.39
C24 PQN GE . 9.99 3.73 2.57
C25 PQN GE . 10.41 2.90 0.22
C26 PQN GE . 10.62 4.21 -0.53
C27 PQN GE . 12.06 4.71 -0.47
C28 PQN GE . 12.52 5.55 -1.66
C29 PQN GE . 11.56 6.71 -1.94
C30 PQN GE . 13.96 6.05 -1.56
C1 BCR HE . 8.62 0.89 -58.54
C2 BCR HE . 9.56 -0.25 -58.27
C3 BCR HE . 10.95 0.27 -58.08
C4 BCR HE . 11.00 1.16 -56.85
C5 BCR HE . 9.82 2.04 -56.75
C6 BCR HE . 8.74 1.96 -57.52
C7 BCR HE . 7.59 2.85 -57.37
C8 BCR HE . 7.56 4.09 -57.85
C9 BCR HE . 6.35 4.91 -57.80
C10 BCR HE . 6.44 6.20 -57.45
C11 BCR HE . 5.32 7.03 -57.08
C33 BCR HE . 9.98 3.08 -55.71
C31 BCR HE . 7.21 0.34 -58.60
C32 BCR HE . 8.98 1.45 -59.91
C34 BCR HE . 5.06 4.22 -57.96
C12 BCR HE . 5.49 8.35 -56.97
C13 BCR HE . 4.50 9.30 -56.49
C14 BCR HE . 4.76 10.61 -56.52
C15 BCR HE . 3.76 11.65 -56.60
C16 BCR HE . 4.10 12.95 -56.64
C17 BCR HE . 3.08 13.95 -56.60
C18 BCR HE . 3.21 15.28 -56.71
C19 BCR HE . 2.05 16.12 -56.49
C20 BCR HE . 1.96 17.40 -56.84
C21 BCR HE . 0.67 17.93 -57.22
C22 BCR HE . 0.33 19.22 -57.38
C23 BCR HE . -1.08 19.57 -57.53
C24 BCR HE . -1.59 20.71 -57.05
C25 BCR HE . -2.90 21.27 -57.31
C26 BCR HE . -4.01 20.80 -56.73
C27 BCR HE . -5.38 21.30 -56.90
C28 BCR HE . -5.36 22.72 -57.39
C29 BCR HE . -4.41 22.84 -58.56
C30 BCR HE . -2.98 22.44 -58.24
C35 BCR HE . 3.17 8.80 -56.06
C36 BCR HE . 4.44 15.90 -57.24
C37 BCR HE . 1.34 20.29 -57.34
C38 BCR HE . -4.00 19.65 -55.79
C39 BCR HE . -2.20 23.62 -57.66
C40 BCR HE . -2.33 22.13 -59.58
C1 BCR IE . 17.77 9.63 -50.56
C2 BCR IE . 19.08 9.61 -51.31
C3 BCR IE . 20.16 9.01 -50.46
C4 BCR IE . 19.82 7.58 -50.14
C5 BCR IE . 18.41 7.42 -49.71
C6 BCR IE . 17.46 8.34 -49.89
C7 BCR IE . 16.08 8.13 -49.44
C8 BCR IE . 15.74 8.22 -48.15
C9 BCR IE . 14.47 7.79 -47.61
C10 BCR IE . 14.32 7.70 -46.29
C11 BCR IE . 13.06 7.49 -45.63
C33 BCR IE . 18.15 6.13 -49.05
C31 BCR IE . 16.69 10.00 -51.56
C32 BCR IE . 17.86 10.73 -49.52
C34 BCR IE . 13.33 7.67 -48.54
C12 BCR IE . 13.06 7.09 -44.36
C13 BCR IE . 11.86 6.75 -43.62
C14 BCR IE . 11.98 6.36 -42.34
C15 BCR IE . 10.86 6.14 -41.47
C16 BCR IE . 11.07 5.70 -40.22
C17 BCR IE . 9.95 5.21 -39.46
C18 BCR IE . 9.98 4.78 -38.20
C19 BCR IE . 8.82 4.07 -37.69
C20 BCR IE . 8.58 3.90 -36.39
C21 BCR IE . 7.53 2.99 -35.99
C22 BCR IE . 6.90 3.01 -34.81
C23 BCR IE . 5.80 2.07 -34.59
C24 BCR IE . 4.84 2.25 -33.69
C25 BCR IE . 3.62 1.45 -33.56
C26 BCR IE . 2.62 1.57 -34.43
C27 BCR IE . 1.34 0.81 -34.39
C28 BCR IE . 1.44 -0.41 -33.52
C29 BCR IE . 2.13 -0.05 -32.23
C30 BCR IE . 3.53 0.51 -32.41
C35 BCR IE . 10.56 6.70 -44.31
C36 BCR IE . 11.04 5.17 -37.26
C37 BCR IE . 7.17 4.06 -33.82
C38 BCR IE . 2.65 2.48 -35.58
C39 BCR IE . 4.57 -0.59 -32.55
C40 BCR IE . 3.84 1.23 -31.11
O1 LHG JE . -23.72 34.81 -46.98
C1 LHG JE . -24.39 33.88 -47.83
C2 LHG JE . -25.00 32.79 -46.98
O2 LHG JE . -25.40 33.30 -45.73
C3 LHG JE . -24.05 31.67 -46.69
O3 LHG JE . -24.40 31.32 -45.37
P LHG JE . -23.31 30.64 -44.39
O4 LHG JE . -22.52 29.67 -45.22
O5 LHG JE . -22.89 31.74 -43.51
O6 LHG JE . -24.37 29.65 -43.55
C4 LHG JE . -25.43 28.96 -44.17
C5 LHG JE . -25.55 27.64 -43.37
C6 LHG JE . -26.04 27.85 -41.93
O7 LHG JE . -26.51 26.84 -44.04
C7 LHG JE . -26.32 25.50 -43.87
O9 LHG JE . -25.24 25.04 -43.57
C8 LHG JE . -27.46 24.72 -44.39
C9 LHG JE . -26.95 23.57 -45.23
C10 LHG JE . -26.87 22.32 -44.39
O8 LHG JE . -25.56 26.69 -41.20
C23 LHG JE . -25.98 26.52 -39.90
O10 LHG JE . -25.69 27.35 -39.05
C24 LHG JE . -26.68 25.26 -39.47
C11 LHG JE . -25.44 21.91 -44.56
C12 LHG JE . -24.73 22.01 -43.22
C13 LHG JE . -25.07 20.80 -42.40
C25 LHG JE . -26.00 23.98 -39.88
C26 LHG JE . -25.60 23.02 -38.77
C27 LHG JE . -24.10 23.20 -38.65
C28 LHG JE . -23.29 22.95 -39.91
C29 LHG JE . -22.51 21.64 -39.74
C30 LHG JE . -22.66 20.88 -38.44
C31 LHG JE . -21.52 21.01 -37.45
C32 LHG JE . -20.39 20.02 -37.62
C33 LHG JE . -19.20 20.56 -36.86
C1 BCR KE . -20.16 6.32 -42.88
C2 BCR KE . -20.13 4.92 -43.42
C3 BCR KE . -19.77 4.96 -44.89
C4 BCR KE . -18.37 5.49 -45.04
C5 BCR KE . -18.18 6.73 -44.25
C6 BCR KE . -18.98 7.13 -43.27
C7 BCR KE . -18.73 8.36 -42.53
C8 BCR KE . -17.88 8.41 -41.51
C9 BCR KE . -17.52 9.64 -40.83
C10 BCR KE . -17.03 9.57 -39.58
C11 BCR KE . -16.99 10.68 -38.65
C33 BCR KE . -16.99 7.50 -44.66
C31 BCR KE . -20.31 6.19 -41.38
C32 BCR KE . -21.41 6.98 -43.43
C34 BCR KE . -17.82 10.92 -41.48
C12 BCR KE . -16.27 10.56 -37.53
C13 BCR KE . -16.09 11.62 -36.56
C14 BCR KE . -15.40 11.39 -35.44
C15 BCR KE . -15.10 12.41 -34.48
C16 BCR KE . -14.50 12.11 -33.32
C17 BCR KE . -14.17 13.20 -32.42
C18 BCR KE . -13.52 13.10 -31.26
C19 BCR KE . -13.11 14.32 -30.60
C20 BCR KE . -12.33 14.38 -29.52
C21 BCR KE . -11.91 15.70 -29.12
C22 BCR KE . -11.08 16.04 -28.12
C23 BCR KE . -10.83 17.46 -27.91
C24 BCR KE . -9.91 17.95 -27.06
C25 BCR KE . -9.61 19.36 -26.91
C26 BCR KE . -10.23 20.11 -26.00
C27 BCR KE . -10.02 21.56 -25.76
C28 BCR KE . -9.40 22.23 -26.96
C29 BCR KE . -8.25 21.42 -27.51
C30 BCR KE . -8.55 19.95 -27.79
C35 BCR KE . -16.46 13.01 -36.93
C36 BCR KE . -13.06 11.80 -30.73
C37 BCR KE . -10.49 15.04 -27.21
C38 BCR KE . -11.28 19.59 -25.11
C39 BCR KE . -7.29 19.12 -27.68
C40 BCR KE . -8.95 19.91 -29.26
C1 BCR LE . 4.98 -12.45 -10.77
C2 BCR LE . 4.65 -13.76 -11.43
C3 BCR LE . 3.20 -14.10 -11.23
C4 BCR LE . 2.33 -13.05 -11.88
C5 BCR LE . 2.78 -11.68 -11.54
C6 BCR LE . 3.98 -11.38 -11.04
C7 BCR LE . 4.37 -10.01 -10.71
C8 BCR LE . 3.98 -9.44 -9.57
C9 BCR LE . 4.36 -8.13 -9.09
C10 BCR LE . 4.00 -7.80 -7.84
C11 BCR LE . 4.07 -6.51 -7.21
C33 BCR LE . 1.77 -10.64 -11.82
C31 BCR LE . 6.36 -12.04 -11.26
C32 BCR LE . 5.07 -12.72 -9.28
C34 BCR LE . 4.90 -7.15 -10.06
C12 BCR LE . 3.88 -6.48 -5.89
C13 BCR LE . 3.73 -5.30 -5.05
C14 BCR LE . 3.36 -5.47 -3.79
C15 BCR LE . 3.17 -4.43 -2.82
C16 BCR LE . 2.84 -4.73 -1.55
C17 BCR LE . 2.63 -3.68 -0.58
C18 BCR LE . 2.60 -3.84 0.74
C19 BCR LE . 2.62 -2.66 1.58
C20 BCR LE . 2.38 -2.68 2.89
C21 BCR LE . 2.10 -1.44 3.54
C22 BCR LE . 2.11 -1.21 4.87
C23 BCR LE . 2.01 0.17 5.32
C24 BCR LE . 1.92 0.53 6.60
C25 BCR LE . 1.70 1.90 7.07
C26 BCR LE . 2.63 2.85 6.97
C27 BCR LE . 2.50 4.26 7.41
C28 BCR LE . 1.06 4.63 7.67
C29 BCR LE . 0.36 3.53 8.40
C30 BCR LE . 0.36 2.20 7.66
C35 BCR LE . 3.96 -3.96 -5.61
C36 BCR LE . 2.34 -5.14 1.38
C37 BCR LE . 1.91 -2.31 5.83
C38 BCR LE . 3.96 2.63 6.39
C39 BCR LE . -0.72 2.14 6.61
C40 BCR LE . -0.02 1.16 8.72
MG CLA ME . 8.10 15.65 -53.78
CHA CLA ME . 8.45 18.86 -52.58
CHB CLA ME . 8.05 16.93 -56.91
CHC CLA ME . 8.01 12.48 -54.88
CHD CLA ME . 8.79 14.41 -50.37
NA CLA ME . 8.28 17.54 -54.62
C1A CLA ME . 8.33 18.68 -54.05
C2A CLA ME . 8.24 19.90 -54.94
C3A CLA ME . 8.08 19.25 -56.31
C4A CLA ME . 8.15 17.81 -55.92
CMA CLA ME . 6.68 19.53 -56.85
CAA CLA ME . 9.55 20.65 -54.91
CBA CLA ME . 9.66 21.64 -56.08
CGA CLA ME . 11.02 21.47 -56.71
O1A CLA ME . 11.13 21.04 -57.84
O2A CLA ME . 12.22 21.85 -55.98
NB CLA ME . 8.03 14.83 -55.65
C1B CLA ME . 8.05 15.47 -56.82
C2B CLA ME . 8.07 14.58 -58.02
C3B CLA ME . 8.04 13.23 -57.39
C4B CLA ME . 8.03 13.52 -55.93
CMB CLA ME . 8.09 14.96 -59.47
CAB CLA ME . 8.05 11.91 -58.08
CBB CLA ME . 8.17 10.76 -57.46
NC CLA ME . 8.40 13.84 -52.83
C1C CLA ME . 8.22 12.67 -53.43
C2C CLA ME . 8.22 11.48 -52.54
C3C CLA ME . 8.46 12.07 -51.22
C4C CLA ME . 8.55 13.52 -51.52
CMC CLA ME . 8.04 10.03 -52.87
CAC CLA ME . 8.56 11.37 -49.89
CBC CLA ME . 10.03 11.13 -49.63
ND CLA ME . 8.59 16.34 -51.94
C1D CLA ME . 8.72 15.85 -50.60
C2D CLA ME . 8.76 16.89 -49.54
C3D CLA ME . 8.64 18.11 -50.37
C4D CLA ME . 8.56 17.70 -51.69
CMD CLA ME . 8.86 16.88 -48.04
CAD CLA ME . 8.59 19.60 -50.35
OBD CLA ME . 8.64 20.34 -49.31
CBD CLA ME . 8.47 20.08 -51.74
CGD CLA ME . 7.29 20.97 -51.91
O1D CLA ME . 7.45 22.12 -52.27
O2D CLA ME . 5.94 20.51 -51.67
CED CLA ME . 4.84 21.38 -51.93
C1 CLA ME . 13.45 21.26 -56.36
C2 CLA ME . 13.37 19.79 -56.02
C3 CLA ME . 14.45 19.01 -55.94
C4 CLA ME . 15.82 19.57 -56.17
C5 CLA ME . 14.27 17.54 -55.62
C6 CLA ME . 13.45 16.84 -56.70
C7 CLA ME . 13.09 15.42 -56.30
C8 CLA ME . 12.64 14.61 -57.53
C9 CLA ME . 11.52 15.31 -58.27
C10 CLA ME . 12.24 13.19 -57.13
C11 CLA ME . 11.70 13.15 -55.71
C12 CLA ME . 11.81 11.73 -55.13
C13 CLA ME . 12.29 11.75 -53.69
C14 CLA ME . 13.67 12.36 -53.57
C15 CLA ME . 12.30 10.32 -53.18
C16 CLA ME . 13.26 9.47 -54.01
C17 CLA ME . 13.15 8.00 -53.66
C18 CLA ME . 14.20 7.21 -54.42
C19 CLA ME . 14.02 7.36 -55.93
C20 CLA ME . 14.18 5.74 -54.01
MG CLA NE . -32.19 21.91 -26.55
CHA CLA NE . -31.36 25.23 -27.00
CHB CLA NE . -34.05 22.84 -23.87
CHC CLA NE . -33.32 18.73 -26.43
CHD CLA NE . -30.60 21.20 -29.80
NA CLA NE . -32.67 23.71 -25.61
C1A CLA NE . -32.22 24.88 -25.82
C2A CLA NE . -32.61 25.95 -24.83
C3A CLA NE . -33.43 25.15 -23.83
C4A CLA NE . -33.38 23.80 -24.48
CMA CLA NE . -32.69 25.07 -22.49
CAA CLA NE . -33.56 26.92 -25.53
CBA CLA NE . -35.00 26.43 -25.52
CGA CLA NE . -35.77 26.79 -26.77
O1A CLA NE . -35.57 27.85 -27.33
O2A CLA NE . -36.75 25.86 -27.32
NB CLA NE . -33.50 20.94 -25.33
C1B CLA NE . -34.15 21.42 -24.27
C2B CLA NE . -34.98 20.44 -23.53
C3B CLA NE . -34.74 19.20 -24.31
C4B CLA NE . -33.82 19.65 -25.40
CMB CLA NE . -35.81 20.68 -22.30
CAB CLA NE . -35.25 17.82 -24.13
CBB CLA NE . -36.43 17.57 -23.59
NC CLA NE . -32.01 20.33 -27.86
C1C CLA NE . -32.51 19.11 -27.60
C2C CLA NE . -32.19 18.09 -28.62
C3C CLA NE . -31.39 18.83 -29.61
C4C CLA NE . -31.35 20.19 -29.04
CMC CLA NE . -32.59 16.64 -28.67
CAC CLA NE . -30.79 18.32 -30.89
CBC CLA NE . -29.35 17.98 -30.56
ND CLA NE . -31.26 22.87 -28.08
C1D CLA NE . -30.57 22.56 -29.30
C2D CLA NE . -29.86 23.69 -29.95
C3D CLA NE . -30.21 24.78 -28.99
C4D CLA NE . -30.98 24.22 -27.99
CMD CLA NE . -29.03 23.88 -31.19
CAD CLA NE . -30.05 26.22 -28.67
OBD CLA NE . -29.39 27.06 -29.37
CBD CLA NE . -30.77 26.53 -27.42
CGD CLA NE . -29.77 27.01 -26.39
O1D CLA NE . -29.42 26.31 -25.46
O2D CLA NE . -29.21 28.34 -26.50
CED CLA NE . -28.35 28.83 -25.48
C1 CLA NE . -37.67 26.30 -28.30
C2 CLA NE . -39.07 25.76 -28.09
C3 CLA NE . -39.40 24.55 -28.58
C4 CLA NE . -38.36 23.77 -29.32
C5 CLA NE . -40.77 23.95 -28.44
C6 CLA NE . -41.68 24.60 -27.40
C7 CLA NE . -42.83 23.67 -27.04
C8 CLA NE . -43.79 23.43 -28.20
C9 CLA NE . -44.25 24.74 -28.82
C10 CLA NE . -45.00 22.64 -27.70
C11 CLA NE . -45.33 21.47 -28.63
C12 CLA NE . -44.50 20.25 -28.28
C13 CLA NE . -45.14 18.94 -28.77
C14 CLA NE . -45.20 18.91 -30.30
C15 CLA NE . -46.54 18.75 -28.19
C16 CLA NE . -46.83 17.26 -27.99
C17 CLA NE . -48.31 16.90 -28.20
C18 CLA NE . -48.67 15.61 -27.47
C19 CLA NE . -47.65 14.51 -27.73
C20 CLA NE . -50.06 15.14 -27.84
C1A DGD OE . 0.04 13.66 -10.94
C2A DGD OE . 1.02 13.18 -11.95
C3A DGD OE . 0.47 13.41 -13.35
C4A DGD OE . 0.47 12.10 -14.12
C5A DGD OE . -0.52 11.14 -13.52
C6A DGD OE . -1.62 10.78 -14.51
C7A DGD OE . -1.45 9.30 -14.77
C8A DGD OE . -2.65 8.52 -14.30
C9A DGD OE . -2.49 7.10 -14.82
CAA DGD OE . -3.32 6.18 -13.99
CBA DGD OE . -3.66 4.92 -14.81
CCA DGD OE . -2.43 4.04 -14.87
CDA DGD OE . -2.89 2.58 -14.69
CEA DGD OE . -2.21 1.71 -15.72
CFA DGD OE . -2.74 0.27 -15.63
CGA DGD OE . -1.54 -0.64 -15.81
CHA DGD OE . -1.89 -1.90 -16.56
CIA DGD OE . -1.79 -3.07 -15.60
O1A DGD OE . -1.17 13.75 -11.03
C1B DGD OE . 1.62 13.51 -6.48
C2B DGD OE . 1.79 12.05 -6.72
C3B DGD OE . 3.15 11.58 -6.34
C4B DGD OE . 3.15 10.11 -5.98
C5B DGD OE . 2.80 9.42 -7.27
C6B DGD OE . 4.13 9.03 -7.91
C7B DGD OE . 4.68 7.99 -6.99
C8B DGD OE . 4.57 6.72 -7.76
C9B DGD OE . 5.88 6.03 -7.62
CAB DGD OE . 6.53 6.18 -8.97
CBB DGD OE . 5.84 5.18 -9.85
CCB DGD OE . 5.98 3.84 -9.19
CDB DGD OE . 7.02 3.20 -10.04
CEB DGD OE . 6.87 1.72 -9.94
CFB DGD OE . 7.30 1.42 -8.52
CGB DGD OE . 8.79 1.28 -8.52
CHB DGD OE . 9.12 -0.20 -8.60
CIB DGD OE . 10.45 -0.42 -7.91
O1B DGD OE . 0.85 13.99 -5.68
O1G DGD OE . 0.69 13.98 -9.81
C1G DGD OE . 0.03 14.77 -8.88
C2G DGD OE . 1.10 15.27 -7.88
O2G DGD OE . 1.95 14.21 -7.55
C3G DGD OE . 1.94 16.30 -8.62
O3G DGD OE . 1.01 17.34 -8.76
C1D DGD OE . 1.58 18.46 -9.30
C2D DGD OE . 0.43 19.37 -9.81
O2D DGD OE . -0.10 18.74 -10.93
C3D DGD OE . 1.14 20.66 -10.26
O3D DGD OE . 0.20 21.58 -10.70
C4D DGD OE . 1.87 21.28 -9.04
O4D DGD OE . 0.98 21.49 -8.00
C5D DGD OE . 2.89 20.22 -8.55
O5D DGD OE . 4.41 21.80 -7.71
C6D DGD OE . 3.69 20.65 -7.30
O6D DGD OE . 2.20 19.05 -8.18
C1E DGD OE . 5.73 21.89 -7.31
C2E DGD OE . 6.09 23.39 -7.09
O2E DGD OE . 5.24 23.88 -6.10
C3E DGD OE . 5.89 24.19 -8.40
O3E DGD OE . 6.41 25.44 -8.16
C4E DGD OE . 6.70 23.49 -9.53
O4E DGD OE . 8.07 23.56 -9.26
C5E DGD OE . 6.30 22.00 -9.61
O6E DGD OE . 6.49 21.36 -8.37
C6E DGD OE . 7.13 21.18 -10.64
O5E DGD OE . 7.98 20.36 -9.91
C24 UNL PE . 15.48 -1.08 -48.99
C25 UNL PE . 15.45 -2.28 -48.05
C26 UNL PE . 14.83 -1.92 -46.70
C27 UNL PE . 14.88 -3.13 -45.78
C28 UNL PE . 14.97 -2.74 -44.31
C29 UNL PE . 13.64 -2.22 -43.77
C30 UNL PE . 13.50 -2.65 -42.31
C31 UNL PE . 12.39 -1.89 -41.62
C32 UNL PE . 12.67 -1.73 -40.14
C33 UNL PE . 12.42 -3.02 -39.37
C34 UNL PE . 10.96 -3.20 -39.02
C35 UNL PE . 10.77 -4.51 -38.27
C36 UNL PE . 9.45 -4.53 -37.51
C37 UNL PE . 9.33 -5.79 -36.66
C38 UNL PE . 9.15 -7.01 -37.54
C26 UNL QE . 22.74 -15.74 -46.29
C27 UNL QE . 23.35 -14.38 -45.96
C28 UNL QE . 22.26 -13.34 -45.68
C29 UNL QE . 22.76 -12.24 -44.76
C30 UNL QE . 22.14 -10.91 -45.15
C31 UNL QE . 22.24 -9.90 -44.01
C32 UNL QE . 21.62 -8.58 -44.44
C33 UNL QE . 20.97 -7.88 -43.24
C26 UNL RE . -5.74 3.28 -61.79
C27 UNL RE . -5.16 3.98 -60.58
C28 UNL RE . -4.12 5.03 -60.96
C29 UNL RE . -3.88 5.99 -59.80
C30 UNL RE . -2.83 7.05 -60.11
C31 UNL RE . -1.42 6.46 -60.14
C32 UNL RE . -0.37 7.52 -60.45
C26 UNL SE . -33.03 2.20 -50.00
C27 UNL SE . -32.79 3.59 -49.47
C28 UNL SE . -31.36 4.05 -49.74
C29 UNL SE . -31.16 5.47 -49.25
C30 UNL SE . -29.75 5.69 -48.71
C31 UNL SE . -29.44 7.17 -48.53
C1 BCR TE . -15.53 19.43 -27.46
C2 BCR TE . -16.29 20.05 -26.32
C3 BCR TE . -15.36 20.79 -25.40
C4 BCR TE . -14.69 21.91 -26.16
C5 BCR TE . -14.17 21.47 -27.47
C6 BCR TE . -14.54 20.35 -28.09
C7 BCR TE . -13.99 19.95 -29.38
C8 BCR TE . -14.42 20.47 -30.53
C9 BCR TE . -13.79 20.22 -31.82
C10 BCR TE . -14.42 20.61 -32.93
C11 BCR TE . -13.85 20.55 -34.26
C33 BCR TE . -13.18 22.39 -28.05
C31 BCR TE . -16.58 18.94 -28.45
C32 BCR TE . -14.81 18.21 -26.93
C34 BCR TE . -12.54 19.45 -31.85
C12 BCR TE . -14.67 20.71 -35.31
C13 BCR TE . -14.32 20.50 -36.68
C14 BCR TE . -15.28 20.66 -37.60
C15 BCR TE . -15.20 20.23 -38.97
C16 BCR TE . -16.31 20.23 -39.72
C17 BCR TE . -16.21 20.18 -41.15
C18 BCR TE . -17.20 20.45 -42.02
C19 BCR TE . -17.00 20.10 -43.42
C20 BCR TE . -17.91 20.33 -44.37
C21 BCR TE . -17.83 19.56 -45.59
C22 BCR TE . -18.34 19.90 -46.78
C23 BCR TE . -17.59 19.56 -47.98
C24 BCR TE . -17.63 20.30 -49.09
C25 BCR TE . -17.01 20.00 -50.37
C26 BCR TE . -17.74 19.55 -51.39
C27 BCR TE . -17.24 19.23 -52.74
C28 BCR TE . -16.00 20.04 -53.04
C29 BCR TE . -15.02 19.87 -51.92
C30 BCR TE . -15.54 20.25 -50.54
C35 BCR TE . -12.91 20.35 -37.08
C36 BCR TE . -18.42 21.15 -41.62
C37 BCR TE . -19.58 20.70 -46.90
C38 BCR TE . -19.18 19.30 -51.27
C39 BCR TE . -15.19 21.69 -50.20
C40 BCR TE . -14.71 19.39 -49.58
C24 UNL UE . 17.45 23.64 -57.07
C25 UNL UE . 16.12 24.39 -57.06
C26 UNL UE . 16.24 25.75 -56.36
C27 UNL UE . 16.30 25.61 -54.84
C28 UNL UE . 16.41 26.99 -54.20
C29 UNL UE . 15.55 27.12 -52.95
C30 UNL UE . 16.31 26.69 -51.70
C31 UNL UE . 16.58 27.86 -50.77
C32 UNL UE . 15.31 28.42 -50.16
C33 UNL UE . 15.01 29.81 -50.71
C26 UNL VE . 24.16 -13.05 -49.72
C27 UNL VE . 23.40 -12.07 -48.82
C28 UNL VE . 23.51 -10.66 -49.35
C29 UNL VE . 22.67 -9.66 -48.57
C30 UNL VE . 22.60 -8.32 -49.29
C31 UNL VE . 21.82 -7.30 -48.47
C27 UNL WE . 23.99 -13.70 -53.81
C28 UNL WE . 25.15 -12.71 -53.77
C29 UNL WE . 24.64 -11.27 -53.70
C30 UNL WE . 23.39 -11.19 -52.83
C31 UNL WE . 22.82 -9.79 -52.78
FE1 SF4 XE . -5.40 29.60 7.57
FE2 SF4 XE . -4.49 31.96 8.65
FE3 SF4 XE . -5.81 31.97 6.26
FE4 SF4 XE . -3.28 30.91 6.43
S1 SF4 XE . -3.88 33.08 6.77
S2 SF4 XE . -5.08 30.01 5.35
S3 SF4 XE . -3.36 29.98 8.51
S4 SF4 XE . -6.66 31.37 8.28
FE1 SF4 YE . -12.53 39.60 3.94
FE2 SF4 YE . -10.71 39.96 5.95
FE3 SF4 YE . -13.19 41.12 6.11
FE4 SF4 YE . -11.35 42.05 4.30
S1 SF4 YE . -11.18 42.10 6.58
S2 SF4 YE . -13.56 41.63 3.92
S3 SF4 YE . -10.31 40.10 3.71
S4 SF4 YE . -12.71 38.89 6.09
C1 BCR ZE . -46.95 4.66 -20.71
C2 BCR ZE . -47.48 3.34 -21.24
C3 BCR ZE . -46.69 2.19 -20.68
C4 BCR ZE . -46.86 2.15 -19.20
C5 BCR ZE . -46.67 3.47 -18.57
C6 BCR ZE . -46.69 4.63 -19.24
C7 BCR ZE . -46.50 5.92 -18.57
C8 BCR ZE . -45.30 6.37 -18.19
C9 BCR ZE . -45.11 7.54 -17.34
C10 BCR ZE . -43.98 7.69 -16.65
C11 BCR ZE . -43.68 8.75 -15.71
C33 BCR ZE . -46.44 3.42 -17.12
C31 BCR ZE . -47.98 5.71 -21.05
C32 BCR ZE . -45.68 4.98 -21.49
C34 BCR ZE . -46.21 8.51 -17.28
C12 BCR ZE . -42.57 8.66 -14.96
C13 BCR ZE . -41.93 9.75 -14.26
C14 BCR ZE . -40.86 9.47 -13.49
C15 BCR ZE . -39.88 10.42 -12.99
C16 BCR ZE . -38.62 10.03 -12.77
C17 BCR ZE . -37.68 10.82 -12.01
C18 BCR ZE . -36.48 10.42 -11.56
C19 BCR ZE . -35.45 11.40 -11.21
C20 BCR ZE . -34.29 11.06 -10.65
C21 BCR ZE . -33.20 12.02 -10.53
C22 BCR ZE . -31.96 11.76 -10.09
C23 BCR ZE . -31.09 12.86 -9.71
C24 BCR ZE . -30.19 13.39 -10.54
C25 BCR ZE . -29.12 14.37 -10.26
C26 BCR ZE . -29.31 15.55 -9.66
C27 BCR ZE . -28.28 16.58 -9.40
C28 BCR ZE . -26.89 16.19 -9.84
C29 BCR ZE . -26.95 15.27 -11.02
C30 BCR ZE . -27.76 14.02 -10.77
C35 BCR ZE . -42.55 11.08 -14.23
C36 BCR ZE . -36.15 8.99 -11.45
C37 BCR ZE . -31.36 10.44 -10.35
C38 BCR ZE . -30.62 16.00 -9.13
C39 BCR ZE . -27.05 13.08 -9.81
C40 BCR ZE . -27.84 13.29 -12.11
C23 UNL AF . -40.27 -5.72 -45.44
C24 UNL AF . -39.08 -4.86 -45.09
C25 UNL AF . -39.15 -3.54 -45.85
C26 UNL AF . -38.30 -2.46 -45.19
C27 UNL AF . -38.48 -1.14 -45.93
C28 UNL AF . -37.45 -0.09 -45.52
C29 UNL AF . -37.24 0.90 -46.66
C30 UNL AF . -36.95 2.32 -46.16
C31 UNL AF . -35.66 2.35 -45.37
C32 UNL AF . -35.10 3.77 -45.26
C33 UNL AF . -33.70 3.74 -44.68
C34 UNL AF . -32.99 5.08 -44.84
C35 UNL AF . -31.48 4.87 -44.80
C36 UNL AF . -30.88 5.51 -43.54
C37 UNL AF . -30.54 6.97 -43.80
C38 UNL AF . -29.42 7.12 -44.79
MG CLA BF . -48.11 11.57 -12.58
CHA CLA BF . -50.44 13.92 -13.54
CHB CLA BF . -49.59 9.37 -14.64
CHC CLA BF . -45.45 9.54 -12.05
CHD CLA BF . -46.43 14.21 -10.61
NA CLA BF . -49.71 11.63 -13.90
C1A CLA BF . -50.58 12.55 -14.11
C2A CLA BF . -51.73 12.21 -15.02
C3A CLA BF . -51.43 10.75 -15.36
C4A CLA BF . -50.16 10.58 -14.58
CMA CLA BF . -52.52 9.83 -14.83
CAA CLA BF . -51.66 13.00 -16.32
CBA CLA BF . -52.75 12.65 -17.31
CGA CLA BF . -54.10 12.96 -16.73
O1A CLA BF . -54.31 14.04 -16.20
O2A CLA BF . -55.16 11.98 -16.74
NB CLA BF . -47.59 9.73 -13.30
C1B CLA BF . -48.36 8.91 -14.00
C2B CLA BF . -47.85 7.52 -14.11
C3B CLA BF . -46.60 7.60 -13.33
C4B CLA BF . -46.54 9.02 -12.88
CMB CLA BF . -48.45 6.34 -14.83
CAB CLA BF . -45.60 6.55 -13.00
CBB CLA BF . -44.72 6.11 -13.87
NC CLA BF . -46.35 11.83 -11.52
C1C CLA BF . -45.37 10.89 -11.49
C2C CLA BF . -44.12 11.33 -10.82
C3C CLA BF . -44.43 12.70 -10.41
C4C CLA BF . -45.81 12.89 -10.88
CMC CLA BF . -42.85 10.56 -10.61
CAC CLA BF . -43.55 13.69 -9.67
CBC CLA BF . -43.80 13.40 -8.22
ND CLA BF . -48.29 13.55 -12.12
C1D CLA BF . -47.63 14.56 -11.35
C2D CLA BF . -48.27 15.91 -11.38
C3D CLA BF . -49.41 15.62 -12.28
C4D CLA BF . -49.33 14.29 -12.65
CMD CLA BF . -48.00 17.25 -10.77
CAD CLA BF . -50.59 16.20 -12.96
OBD CLA BF . -50.98 17.42 -12.84
CBD CLA BF . -51.26 15.15 -13.74
CGD CLA BF . -52.61 14.97 -13.12
O1D CLA BF . -52.81 14.12 -12.28
O2D CLA BF . -53.70 15.85 -13.52
CED CLA BF . -54.92 15.83 -12.79
C1 CLA BF . -56.52 12.36 -16.95
C2 CLA BF . -56.63 13.26 -18.16
C3 CLA BF . -57.02 12.76 -19.34
C4 CLA BF . -57.33 11.30 -19.48
C5 CLA BF . -57.14 13.65 -20.57
C6 CLA BF . -58.24 14.70 -20.48
C7 CLA BF . -58.74 15.05 -21.88
C8 CLA BF . -59.14 16.52 -22.01
C9 CLA BF . -59.94 17.00 -20.79
C10 CLA BF . -59.95 16.72 -23.28
MG CLA CF . -37.71 5.20 -40.07
CHA CLA CF . -41.01 5.81 -40.97
CHB CLA CF . -37.62 8.29 -38.72
CHC CLA CF . -34.36 4.84 -39.86
CHD CLA CF . -37.94 1.98 -41.87
NA CLA CF . -39.04 6.78 -39.91
C1A CLA CF . -40.29 6.85 -40.18
C2A CLA CF . -41.02 8.10 -39.76
C3A CLA CF . -39.92 8.87 -39.06
C4A CLA CF . -38.79 7.91 -39.24
CMA CLA CF . -39.61 10.14 -39.82
CAA CLA CF . -42.16 7.81 -38.78
CBA CLA CF . -43.38 8.59 -39.23
CGA CLA CF . -43.74 9.60 -38.16
O1A CLA CF . -43.81 10.80 -38.42
O2A CLA CF . -44.01 9.16 -36.81
NB CLA CF . -36.21 6.41 -39.40
C1B CLA CF . -36.34 7.58 -38.77
C2B CLA CF . -35.09 8.12 -38.17
C3B CLA CF . -34.12 7.07 -38.51
C4B CLA CF . -34.92 6.07 -39.29
CMB CLA CF . -34.89 9.39 -37.41
CAB CLA CF . -32.66 7.05 -38.17
CBB CLA CF . -31.98 5.93 -37.99
NC CLA CF . -36.44 3.71 -40.74
C1C CLA CF . -35.11 3.77 -40.53
C2C CLA CF . -34.36 2.60 -41.06
C3C CLA CF . -35.42 1.76 -41.65
C4C CLA CF . -36.66 2.54 -41.38
CMC CLA CF . -32.88 2.33 -41.02
CAC CLA CF . -35.28 0.43 -42.35
CBC CLA CF . -35.42 -0.62 -41.27
ND CLA CF . -39.04 4.10 -41.16
C1D CLA CF . -39.11 2.85 -41.86
C2D CLA CF . -40.41 2.56 -42.53
C3D CLA CF . -41.17 3.78 -42.15
C4D CLA CF . -40.32 4.58 -41.39
CMD CLA CF . -41.00 1.45 -43.35
CAD CLA CF . -42.47 4.50 -42.26
OBD CLA CF . -43.50 4.06 -42.88
CBD CLA CF . -42.39 5.77 -41.53
CGD CLA CF . -42.70 6.95 -42.41
O1D CLA CF . -43.85 7.30 -42.56
O2D CLA CF . -41.64 7.70 -43.04
CED CLA CF . -41.81 9.10 -43.28
C1 BCR DF . -40.87 21.90 -20.56
C2 BCR DF . -41.76 21.04 -19.69
C3 BCR DF . -42.83 20.29 -20.43
C4 BCR DF . -43.53 21.17 -21.42
C5 BCR DF . -42.55 21.76 -22.34
C6 BCR DF . -41.31 22.08 -21.98
C7 BCR DF . -40.35 22.66 -22.92
C8 BCR DF . -39.70 21.91 -23.79
C9 BCR DF . -38.68 22.41 -24.71
C10 BCR DF . -38.11 21.57 -25.57
C11 BCR DF . -37.06 21.94 -26.50
C33 BCR DF . -43.04 21.92 -23.73
C31 BCR DF . -39.49 21.30 -20.50
C32 BCR DF . -40.81 23.26 -19.91
C34 BCR DF . -38.37 23.85 -24.66
C12 BCR DF . -36.57 21.03 -27.35
C13 BCR DF . -35.53 21.33 -28.31
C14 BCR DF . -35.19 20.44 -29.25
C15 BCR DF . -35.76 19.13 -29.40
C16 BCR DF . -35.28 18.28 -30.33
C17 BCR DF . -35.93 17.02 -30.57
C18 BCR DF . -35.52 16.07 -31.42
C19 BCR DF . -36.36 14.91 -31.65
C20 BCR DF . -36.12 14.02 -32.62
C21 BCR DF . -36.89 12.81 -32.69
C22 BCR DF . -36.66 11.76 -33.50
C23 BCR DF . -37.52 10.60 -33.41
C24 BCR DF . -37.57 9.67 -34.36
C25 BCR DF . -38.33 8.43 -34.29
C26 BCR DF . -39.66 8.41 -34.48
C27 BCR DF . -40.53 7.22 -34.44
C28 BCR DF . -39.77 5.92 -34.28
C29 BCR DF . -38.53 6.12 -33.45
C30 BCR DF . -37.60 7.16 -34.03
C35 BCR DF . -34.93 22.68 -28.31
C36 BCR DF . -34.21 16.14 -32.09
C37 BCR DF . -35.44 11.69 -34.33
C38 BCR DF . -40.42 9.63 -34.76
C39 BCR DF . -36.93 6.67 -35.31
C40 BCR DF . -36.48 7.35 -33.01
C23 UNL EF . -45.40 2.77 -47.94
C24 UNL EF . -44.45 2.17 -46.94
C25 UNL EF . -43.14 2.96 -46.96
C26 UNL EF . -43.43 4.45 -47.06
C27 UNL EF . -42.17 5.23 -47.36
C28 UNL EF . -41.21 5.27 -46.17
C29 UNL EF . -39.79 5.06 -46.68
C30 UNL EF . -38.75 5.78 -45.81
C31 UNL EF . -38.85 5.32 -44.36
C32 UNL EF . -38.37 6.43 -43.42
C33 UNL EF . -36.86 6.41 -43.28
C34 UNL EF . -36.39 7.65 -42.51
C35 UNL EF . -34.87 7.69 -42.50
C36 UNL EF . -34.36 8.98 -41.87
C37 UNL EF . -32.83 8.92 -41.73
C38 UNL EF . -32.29 10.18 -41.08
C25 UNL FF . -47.44 22.86 -31.30
C26 UNL FF . -48.94 22.93 -31.05
C27 UNL FF . -49.55 24.13 -31.74
C28 UNL FF . -51.06 23.94 -31.89
C29 UNL FF . -51.72 25.18 -32.47
C30 UNL FF . -52.12 26.18 -31.39
C1 BCR GF . 13.96 -6.20 -18.02
C2 BCR GF . 14.72 -7.24 -18.81
C3 BCR GF . 16.00 -6.67 -19.33
C4 BCR GF . 16.89 -6.21 -18.21
C5 BCR GF . 16.14 -5.53 -17.13
C6 BCR GF . 14.81 -5.50 -17.02
C7 BCR GF . 14.13 -4.80 -15.92
C8 BCR GF . 14.01 -5.36 -14.72
C9 BCR GF . 13.47 -4.69 -13.54
C10 BCR GF . 13.59 -5.29 -12.35
C11 BCR GF . 12.85 -4.94 -11.16
C33 BCR GF . 17.01 -4.85 -16.16
C31 BCR GF . 12.78 -6.89 -17.41
C32 BCR GF . 13.44 -5.18 -19.02
C34 BCR GF . 12.69 -3.46 -13.73
C12 BCR GF . 13.15 -5.58 -10.03
C13 BCR GF . 12.45 -5.45 -8.77
C14 BCR GF . 12.80 -6.29 -7.80
C15 BCR GF . 12.38 -6.21 -6.42
C16 BCR GF . 12.99 -7.00 -5.52
C17 BCR GF . 12.43 -7.16 -4.20
C18 BCR GF . 12.81 -8.05 -3.30
C19 BCR GF . 12.03 -8.19 -2.09
C20 BCR GF . 12.18 -9.20 -1.24
C21 BCR GF . 11.33 -9.26 -0.09
C22 BCR GF . 11.24 -10.29 0.77
C23 BCR GF . 10.11 -10.29 1.67
C24 BCR GF . 9.98 -11.14 2.69
C25 BCR GF . 8.87 -11.13 3.63
C26 BCR GF . 8.78 -10.22 4.60
C27 BCR GF . 7.71 -10.14 5.60
C28 BCR GF . 6.44 -10.77 5.08
C29 BCR GF . 6.73 -12.13 4.52
C30 BCR GF . 7.83 -12.20 3.47
C35 BCR GF . 11.57 -4.31 -8.51
C36 BCR GF . 13.82 -9.10 -3.59
C37 BCR GF . 12.03 -11.52 0.55
C38 BCR GF . 9.79 -9.16 4.80
C39 BCR GF . 7.24 -12.21 2.07
C40 BCR GF . 8.44 -13.58 3.70
C1 BCR HF . 11.94 5.10 -8.90
C2 BCR HF . 12.26 5.77 -10.22
C3 BCR HF . 13.69 6.19 -10.30
C4 BCR HF . 14.57 4.96 -10.22
C5 BCR HF . 14.23 4.18 -9.02
C6 BCR HF . 13.05 4.23 -8.40
C7 BCR HF . 12.77 3.43 -7.21
C8 BCR HF . 13.26 3.74 -6.01
C9 BCR HF . 13.22 2.85 -4.87
C10 BCR HF . 14.06 3.02 -3.86
C11 BCR HF . 13.96 2.35 -2.58
C33 BCR HF . 15.33 3.31 -8.55
C31 BCR HF . 10.69 4.28 -9.12
C32 BCR HF . 11.63 6.18 -7.91
C34 BCR HF . 12.09 1.90 -4.78
C12 BCR HF . 14.95 2.46 -1.70
C13 BCR HF . 15.01 1.74 -0.45
C14 BCR HF . 15.85 2.18 0.50
C15 BCR HF . 16.17 1.50 1.72
C16 BCR HF . 16.97 2.06 2.64
C17 BCR HF . 17.45 1.26 3.72
C18 BCR HF . 18.00 1.67 4.87
C19 BCR HF . 18.16 0.71 5.96
C20 BCR HF . 18.82 0.99 7.08
C21 BCR HF . 19.04 -0.06 8.04
C22 BCR HF . 19.60 0.08 9.26
C23 BCR HF . 19.92 -1.13 10.01
C24 BCR HF . 19.92 -1.25 11.35
C25 BCR HF . 20.50 -2.32 12.14
C26 BCR HF . 21.28 -2.05 13.18
C27 BCR HF . 21.93 -3.03 14.07
C28 BCR HF . 21.10 -4.29 14.16
C29 BCR HF . 20.67 -4.79 12.81
C30 BCR HF . 20.20 -3.75 11.78
C35 BCR HF . 13.98 0.73 -0.15
C36 BCR HF . 18.47 3.05 5.08
C37 BCR HF . 19.92 1.41 9.80
C38 BCR HF . 21.61 -0.65 13.59
C39 BCR HF . 18.71 -3.90 11.50
C40 BCR HF . 20.91 -4.20 10.51
C23 UNL IF . -54.01 17.28 0.88
C24 UNL IF . -54.91 17.94 1.89
C25 UNL IF . -54.45 19.36 2.17
C26 UNL IF . -55.63 20.32 2.25
C27 UNL IF . -55.18 21.73 2.62
C28 UNL IF . -56.21 22.77 2.21
C29 UNL IF . -55.92 24.12 2.86
C30 UNL IF . -54.50 24.61 2.56
C31 UNL IF . -53.68 24.77 3.84
C32 UNL IF . -53.13 26.17 3.96
C33 UNL IF . -52.06 26.44 2.90
C23 UNL JF . -48.68 -0.36 -23.68
C24 UNL JF . -47.27 -0.66 -23.23
C25 UNL JF . -46.28 -0.16 -24.28
C26 UNL JF . -44.90 0.06 -23.68
C27 UNL JF . -43.85 0.35 -24.73
C28 UNL JF . -42.47 0.52 -24.10
C29 UNL JF . -41.49 1.26 -24.99
C30 UNL JF . -40.28 1.71 -24.18
C31 UNL JF . -39.41 2.72 -24.91
C32 UNL JF . -38.58 3.54 -23.93
C33 UNL JF . -37.51 4.35 -24.64
C34 UNL JF . -36.60 3.47 -25.49
C35 UNL JF . -35.23 4.10 -25.66
C36 UNL JF . -34.21 3.08 -26.15
C37 UNL JF . -32.83 3.37 -25.58
C38 UNL JF . -32.64 2.77 -24.19
MG CLA KF . -58.55 -0.32 -5.19
CHA CLA KF . -61.38 -2.30 -5.39
CHB CLA KF . -59.73 1.51 -7.75
CHC CLA KF . -56.04 1.86 -4.57
CHD CLA KF . -57.63 -2.19 -2.14
NA CLA KF . -60.26 -0.34 -6.35
C1A CLA KF . -61.22 -1.20 -6.40
C2A CLA KF . -62.23 -1.04 -7.50
C3A CLA KF . -61.66 0.16 -8.24
C4A CLA KF . -60.47 0.46 -7.38
CMA CLA KF . -61.18 -0.28 -9.61
CAA CLA KF . -63.56 -0.59 -6.89
CBA CLA KF . -64.57 -0.14 -7.93
CGA CLA KF . -65.73 0.47 -7.19
O1A CLA KF . -66.58 -0.22 -6.67
O2A CLA KF . -65.83 1.93 -7.07
NB CLA KF . -57.98 1.46 -6.04
C1B CLA KF . -58.52 2.03 -7.11
C2B CLA KF . -57.81 3.24 -7.60
C3B CLA KF . -56.69 3.35 -6.63
C4B CLA KF . -56.91 2.19 -5.72
CMB CLA KF . -58.14 4.13 -8.77
CAB CLA KF . -55.63 4.39 -6.63
CBB CLA KF . -54.73 4.55 -5.68
NC CLA KF . -57.14 -0.21 -3.67
C1C CLA KF . -56.23 0.76 -3.60
C2C CLA KF . -55.33 0.69 -2.42
C3C CLA KF . -55.81 -0.52 -1.72
C4C CLA KF . -56.92 -0.97 -2.58
CMC CLA KF . -54.21 1.61 -2.04
CAC CLA KF . -55.33 -1.14 -0.43
CBC CLA KF . -54.38 -2.25 -0.79
ND CLA KF . -59.25 -1.81 -4.00
C1D CLA KF . -58.85 -2.56 -2.84
C2D CLA KF . -59.76 -3.66 -2.45
C3D CLA KF . -60.78 -3.54 -3.50
C4D CLA KF . -60.41 -2.48 -4.31
CMD CLA KF . -59.79 -4.70 -1.36
CAD CLA KF . -62.05 -4.09 -4.03
OBD CLA KF . -62.70 -5.09 -3.54
CBD CLA KF . -62.45 -3.32 -5.22
CGD CLA KF . -62.46 -4.30 -6.37
O1D CLA KF . -61.62 -4.26 -7.25
O2D CLA KF . -63.49 -5.33 -6.42
CED CLA KF . -63.41 -6.38 -7.37
C1 BCR LF . -43.05 0.81 -13.29
C2 BCR LF . -42.60 0.34 -14.67
C3 BCR LF . -43.76 0.17 -15.61
C4 BCR LF . -44.93 -0.58 -15.02
C5 BCR LF . -44.96 -0.66 -13.55
C6 BCR LF . -44.14 -0.02 -12.73
C7 BCR LF . -44.21 -0.15 -11.28
C8 BCR LF . -44.71 0.78 -10.48
C9 BCR LF . -45.32 0.51 -9.20
C10 BCR LF . -44.59 -0.04 -8.21
C11 BCR LF . -45.16 -0.43 -6.95
C33 BCR LF . -46.05 -1.51 -13.03
C31 BCR LF . -43.46 2.26 -13.43
C32 BCR LF . -41.83 0.73 -12.39
C34 BCR LF . -46.74 0.86 -9.01
C12 BCR LF . -44.38 -0.71 -5.90
C13 BCR LF . -44.78 -0.61 -4.51
C14 BCR LF . -43.99 -1.13 -3.57
C15 BCR LF . -44.15 -0.96 -2.14
C16 BCR LF . -43.29 -1.53 -1.28
C17 BCR LF . -43.44 -1.35 0.13
C18 BCR LF . -42.63 -1.81 1.10
C19 BCR LF . -42.89 -1.41 2.47
C20 BCR LF . -42.24 -1.90 3.53
C21 BCR LF . -42.65 -1.49 4.85
C22 BCR LF . -42.11 -1.85 6.03
C23 BCR LF . -42.46 -1.07 7.21
C24 BCR LF . -42.54 -1.58 8.43
C25 BCR LF . -42.97 -0.84 9.62
C26 BCR LF . -44.25 -0.53 9.84
C27 BCR LF . -44.78 0.21 11.00
C28 BCR LF . -43.80 0.27 12.14
C29 BCR LF . -42.43 0.57 11.60
C30 BCR LF . -41.92 -0.46 10.61
C35 BCR LF . -46.02 0.12 -4.16
C36 BCR LF . -41.40 -2.56 0.82
C37 BCR LF . -41.35 -3.11 6.18
C38 BCR LF . -45.33 -0.88 8.91
C39 BCR LF . -41.42 -1.71 11.32
C40 BCR LF . -40.70 0.17 9.95
C17 5X6 MF . -45.19 3.09 1.46
C18 5X6 MF . -46.05 3.18 0.16
C16 5X6 MF . -45.55 4.27 2.37
C26 5X6 MF . -53.49 -2.20 -4.13
C19 5X6 MF . -47.01 1.98 0.03
C10 5X6 MF . -42.44 10.89 4.59
C11 5X6 MF . -43.18 8.54 6.47
C12 5X6 MF . -43.58 7.93 5.11
C13 5X6 MF . -44.03 6.45 5.14
C20 5X6 MF . -47.87 2.04 -1.25
C14 5X6 MF . -44.65 6.14 3.76
C15 5X6 MF . -44.37 4.71 3.25
C35 5X6 MF . -56.03 -5.67 -2.48
C34 5X6 MF . -56.23 -6.15 -3.93
C33 5X6 MF . -56.44 -7.70 -3.87
C40 5X6 MF . -50.13 1.87 -3.23
C32 5X6 MF . -56.13 -8.50 -5.20
C31 5X6 MF . -54.75 -8.14 -5.76
C30 5X6 MF . -54.54 -6.67 -5.85
C29 5X6 MF . -55.01 -5.81 -4.77
C39 5X6 MF . -54.03 -1.55 -5.39
C28 5X6 MF . -54.79 -4.30 -5.04
C27 5X6 MF . -53.81 -3.71 -3.99
C21 5X6 MF . -48.75 0.78 -1.33
C36 5X6 MF . -57.45 -5.46 -4.55
C22 5X6 MF . -49.46 0.61 -2.70
C23 5X6 MF . -50.32 -0.65 -2.69
C24 5X6 MF . -51.60 -0.57 -3.54
C25 5X6 MF . -51.98 -2.01 -3.94
C38 5X6 MF . -53.11 -6.33 -6.28
C01 5X6 MF . -43.87 9.19 9.07
C02 5X6 MF . -44.13 10.29 8.03
C03 5X6 MF . -43.57 10.02 6.72
C04 5X6 MF . -43.58 11.05 5.61
C05 5X6 MF . -43.41 12.47 6.25
C06 5X6 MF . -44.30 12.73 7.52
C07 5X6 MF . -44.06 11.67 8.59
O08 5X6 MF . -44.01 13.96 8.03
C09 5X6 MF . -44.94 11.00 4.90
O37 5X6 MF . -56.16 -9.84 -4.92
C41 5X6 MF . -45.32 1.74 2.19
C42 5X6 MF . -42.92 5.46 5.53
C26 UNL NF . -61.38 -1.83 -14.81
C27 UNL NF . -60.94 -0.38 -14.68
C28 UNL NF . -59.54 -0.28 -14.08
C29 UNL NF . -59.37 1.04 -13.33
C30 UNL NF . -58.00 1.09 -12.69
C31 UNL NF . -57.79 2.41 -11.95
C26 UNL OF . -63.02 -0.77 -2.06
C27 UNL OF . -62.66 0.57 -2.69
C28 UNL OF . -61.16 0.82 -2.69
C29 UNL OF . -60.64 1.05 -1.27
C30 UNL OF . -59.28 1.74 -1.31
C31 UNL OF . -59.39 3.07 -2.04
C23 UNL PF . 7.18 -27.73 10.95
C24 UNL PF . 8.40 -26.89 11.21
C25 UNL PF . 9.17 -27.41 12.43
C26 UNL PF . 9.72 -26.27 13.28
C27 UNL PF . 8.61 -25.53 14.02
C28 UNL PF . 9.13 -24.27 14.70
C29 UNL PF . 8.08 -23.64 15.63
C30 UNL PF . 8.47 -22.24 16.03
C31 UNL PF . 7.66 -21.75 17.22
C32 UNL PF . 6.25 -21.30 16.84
C33 UNL PF . 5.93 -19.96 17.46
C34 UNL PF . 5.76 -20.06 18.97
C35 UNL PF . 6.17 -18.77 19.66
C36 UNL PF . 5.83 -18.81 21.14
C37 UNL PF . 6.56 -17.71 21.91
C38 UNL PF . 6.13 -16.34 21.45
C1 BCR QF . 16.13 -13.21 -0.98
C2 BCR QF . 17.32 -13.29 -1.92
C3 BCR QF . 18.50 -12.60 -1.31
C4 BCR QF . 18.91 -13.28 -0.03
C5 BCR QF . 17.75 -13.59 0.83
C6 BCR QF . 16.47 -13.56 0.43
C7 BCR QF . 15.36 -13.89 1.32
C8 BCR QF . 14.92 -13.03 2.25
C9 BCR QF . 13.97 -13.35 3.30
C10 BCR QF . 13.85 -12.52 4.33
C11 BCR QF . 12.78 -12.55 5.30
C33 BCR QF . 18.13 -13.94 2.21
C31 BCR QF . 15.07 -14.14 -1.54
C32 BCR QF . 15.60 -11.80 -1.05
C34 BCR QF . 13.00 -14.43 3.06
C12 BCR QF . 12.78 -11.63 6.27
C13 BCR QF . 11.84 -11.50 7.35
C14 BCR QF . 12.11 -10.62 8.33
C15 BCR QF . 11.32 -10.40 9.52
C16 BCR QF . 11.48 -9.27 10.23
C17 BCR QF . 11.04 -9.21 11.59
C18 BCR QF . 11.19 -8.17 12.42
C19 BCR QF . 10.39 -8.12 13.64
C20 BCR QF . 10.58 -7.22 14.59
C21 BCR QF . 10.05 -7.46 15.91
C22 BCR QF . 10.27 -6.75 17.01
C23 BCR QF . 11.51 -6.00 17.16
C24 BCR QF . 11.77 -5.21 18.20
C25 BCR QF . 13.02 -4.53 18.47
C26 BCR QF . 14.05 -5.16 19.05
C27 BCR QF . 15.37 -4.57 19.35
C28 BCR QF . 15.61 -3.30 18.57
C29 BCR QF . 14.39 -2.43 18.65
C30 BCR QF . 13.13 -3.08 18.09
C35 BCR QF . 10.56 -12.26 7.35
C36 BCR QF . 12.32 -7.23 12.28
C37 BCR QF . 9.37 -6.86 18.17
C38 BCR QF . 13.99 -6.58 19.44
C39 BCR QF . 13.06 -2.92 16.58
C40 BCR QF . 11.97 -2.28 18.66
MG CLA RF . 18.07 -6.41 17.60
CHA CLA RF . 20.10 -5.85 20.34
CHB CLA RF . 16.93 -9.21 19.13
CHC CLA RF . 15.75 -6.63 15.14
CHD CLA RF . 18.99 -3.06 16.41
NA CLA RF . 18.40 -7.34 19.42
C1A CLA RF . 19.24 -7.08 20.35
C2A CLA RF . 19.32 -8.00 21.50
C3A CLA RF . 18.36 -9.09 21.08
C4A CLA RF . 17.86 -8.51 19.79
CMA CLA RF . 19.16 -10.35 20.78
CAA CLA RF . 18.70 -7.27 22.72
CBA CLA RF . 17.24 -6.89 22.50
CGA CLA RF . 16.67 -5.90 23.49
O1A CLA RF . 16.94 -5.95 24.68
O2A CLA RF . 15.77 -4.83 23.05
NB CLA RF . 16.57 -7.74 17.20
C1B CLA RF . 16.27 -8.85 17.87
C2B CLA RF . 15.16 -9.66 17.28
C3B CLA RF . 14.82 -8.85 16.08
C4B CLA RF . 15.75 -7.70 16.15
CMB CLA RF . 14.57 -10.95 17.76
CAB CLA RF . 13.80 -9.11 15.02
CBB CLA RF . 13.78 -10.24 14.36
NC CLA RF . 17.54 -5.13 16.08
C1C CLA RF . 16.51 -5.37 15.24
C2C CLA RF . 16.16 -4.23 14.35
C3C CLA RF . 17.12 -3.18 14.74
C4C CLA RF . 17.91 -3.85 15.80
CMC CLA RF . 15.07 -4.15 13.30
CAC CLA RF . 17.27 -1.78 14.21
CBC CLA RF . 16.81 -0.88 15.32
ND CLA RF . 19.16 -4.80 18.18
C1D CLA RF . 19.62 -3.56 17.62
C2D CLA RF . 20.72 -2.88 18.35
C3D CLA RF . 20.91 -3.85 19.46
C4D CLA RF . 20.00 -4.87 19.26
CMD CLA RF . 21.49 -1.62 18.15
CAD CLA RF . 21.67 -4.15 20.69
OBD CLA RF . 22.61 -3.41 21.16
CBD CLA RF . 21.21 -5.43 21.26
CGD CLA RF . 22.34 -6.42 21.11
O1D CLA RF . 22.67 -6.83 20.01
O2D CLA RF . 23.09 -6.88 22.26
CED CLA RF . 24.08 -7.87 22.07
C1 CLA RF . 14.82 -4.26 23.95
C2 CLA RF . 13.55 -3.91 23.23
C3 CLA RF . 13.15 -2.62 23.13
C4 CLA RF . 13.98 -1.53 23.73
C5 CLA RF . 11.88 -2.27 22.40
C6 CLA RF . 10.70 -2.01 23.32
C7 CLA RF . 10.25 -3.27 24.04
C8 CLA RF . 9.02 -3.01 24.90
C9 CLA RF . 9.12 -1.71 25.69
C10 CLA RF . 8.83 -4.19 25.83
C11 CLA RF . 7.52 -4.05 26.61
C12 CLA RF . 7.11 -5.40 27.17
C13 CLA RF . 8.06 -5.85 28.28
C14 CLA RF . 7.78 -7.29 28.67
C15 CLA RF . 7.95 -4.92 29.48
C16 CLA RF . 9.20 -4.96 30.35
C17 CLA RF . 8.90 -4.47 31.76
C18 CLA RF . 10.14 -3.99 32.50
C19 CLA RF . 11.29 -4.97 32.40
C20 CLA RF . 9.80 -3.69 33.96
MG CLA SF . 15.90 -19.67 17.39
CHA CLA SF . 18.08 -21.90 18.86
CHB CLA SF . 14.79 -22.19 15.42
CHC CLA SF . 13.49 -17.56 16.31
CHD CLA SF . 16.87 -17.20 19.96
NA CLA SF . 16.31 -21.70 17.20
C1A CLA SF . 17.21 -22.40 17.75
C2A CLA SF . 17.39 -23.80 17.26
C3A CLA SF . 16.37 -23.85 16.14
C4A CLA SF . 15.79 -22.49 16.26
CMA CLA SF . 17.15 -23.94 14.82
CAA CLA SF . 16.83 -24.71 18.34
CBA CLA SF . 16.51 -26.11 17.82
CGA CLA SF . 17.64 -27.02 18.17
O1A CLA SF . 18.12 -27.76 17.34
O2A CLA SF . 18.20 -27.01 19.53
NB CLA SF . 14.38 -19.84 16.03
C1B CLA SF . 14.04 -20.92 15.34
C2B CLA SF . 12.79 -20.78 14.54
C3B CLA SF . 12.41 -19.38 14.82
C4B CLA SF . 13.47 -18.92 15.75
CMB CLA SF . 12.10 -21.78 13.65
CAB CLA SF . 11.26 -18.60 14.32
CBB CLA SF . 11.15 -18.26 13.05
NC CLA SF . 15.31 -17.79 18.03
C1C CLA SF . 14.32 -17.10 17.43
C2C CLA SF . 14.08 -15.74 18.00
C3C CLA SF . 15.09 -15.65 19.07
C4C CLA SF . 15.77 -16.96 18.99
CMC CLA SF . 13.08 -14.69 17.59
CAC CLA SF . 15.36 -14.52 20.03
CBC CLA SF . 16.35 -13.62 19.34
ND CLA SF . 17.08 -19.50 19.04
C1D CLA SF . 17.52 -18.50 19.98
C2D CLA SF . 18.62 -18.91 20.88
C3D CLA SF . 18.83 -20.31 20.41
C4D CLA SF . 17.92 -20.54 19.39
CMD CLA SF . 19.40 -18.27 21.99
CAD CLA SF . 19.63 -21.55 20.61
OBD CLA SF . 20.55 -21.70 21.47
CBD CLA SF . 19.16 -22.56 19.64
CGD CLA SF . 20.32 -23.02 18.81
O1D CLA SF . 20.47 -22.68 17.66
O2D CLA SF . 21.30 -23.90 19.41
CED CLA SF . 22.44 -24.30 18.66
C1 BCR TF . 13.71 -13.20 28.08
C2 BCR TF . 13.32 -12.98 29.52
C3 BCR TF . 13.98 -13.99 30.41
C4 BCR TF . 15.48 -13.82 30.33
C5 BCR TF . 15.96 -13.66 28.94
C6 BCR TF . 15.17 -13.38 27.89
C7 BCR TF . 15.68 -13.20 26.54
C8 BCR TF . 16.19 -14.19 25.80
C9 BCR TF . 16.92 -13.94 24.58
C10 BCR TF . 18.12 -14.51 24.40
C11 BCR TF . 18.92 -14.33 23.21
C33 BCR TF . 17.41 -13.83 28.80
C31 BCR TF . 13.21 -11.99 27.30
C32 BCR TF . 12.96 -14.41 27.58
C34 BCR TF . 16.31 -13.06 23.56
C12 BCR TF . 20.06 -15.02 23.08
C13 BCR TF . 20.93 -14.92 21.94
C14 BCR TF . 22.14 -15.50 22.00
C15 BCR TF . 23.15 -15.38 20.98
C16 BCR TF . 24.23 -16.17 21.03
C17 BCR TF . 25.31 -15.95 20.11
C18 BCR TF . 26.52 -16.54 20.16
C19 BCR TF . 27.50 -16.18 19.16
C20 BCR TF . 28.71 -16.75 19.11
C21 BCR TF . 29.49 -16.59 17.91
C22 BCR TF . 30.79 -16.87 17.77
C23 BCR TF . 31.41 -16.62 16.48
C24 BCR TF . 32.73 -16.61 16.28
C25 BCR TF . 33.36 -16.34 14.99
C26 BCR TF . 33.57 -15.09 14.55
C27 BCR TF . 34.20 -14.70 13.27
C28 BCR TF . 34.90 -15.86 12.60
C29 BCR TF . 34.07 -17.11 12.74
C30 BCR TF . 33.81 -17.50 14.18
C35 BCR TF . 20.47 -14.25 20.71
C36 BCR TF . 26.76 -17.72 20.99
C37 BCR TF . 31.52 -17.63 18.80
C38 BCR TF . 33.16 -13.90 15.31
C39 BCR TF . 35.04 -18.11 14.80
C40 BCR TF . 32.77 -18.63 14.12
MG CLA UF . 27.37 -9.07 25.60
CHA CLA UF . 30.62 -8.60 26.67
CHB CLA UF . 28.56 -11.22 23.27
CHC CLA UF . 24.18 -9.91 24.95
CHD CLA UF . 26.24 -7.09 28.49
NA CLA UF . 29.23 -9.82 25.09
C1A CLA UF . 30.39 -9.48 25.48
C2A CLA UF . 31.57 -10.08 24.77
C3A CLA UF . 30.89 -10.87 23.67
C4A CLA UF . 29.46 -10.61 24.03
CMA CLA UF . 31.19 -10.21 22.34
CAA CLA UF . 32.21 -11.11 25.69
CBA CLA UF . 31.23 -12.11 26.32
CGA CLA UF . 30.62 -11.62 27.62
O1A CLA UF . 31.33 -11.45 28.61
O2A CLA UF . 29.19 -11.32 27.72
NB CLA UF . 26.50 -10.38 24.28
C1B CLA UF . 27.10 -11.16 23.40
C2B CLA UF . 26.21 -12.04 22.60
C3B CLA UF . 24.88 -11.64 23.12
C4B CLA UF . 25.19 -10.61 24.15
CMB CLA UF . 26.56 -13.04 21.55
CAB CLA UF . 23.57 -12.19 22.68
CBB CLA UF . 22.41 -11.84 23.20
NC CLA UF . 25.61 -8.57 26.52
C1C CLA UF . 24.42 -9.04 26.11
C2C CLA UF . 23.26 -8.62 26.93
C3C CLA UF . 23.88 -7.80 27.99
C4C CLA UF . 25.32 -7.84 27.62
CMC CLA UF . 21.82 -8.98 26.74
CAC CLA UF . 23.23 -7.08 29.13
CBC CLA UF . 22.60 -5.85 28.54
ND CLA UF . 28.13 -8.10 27.21
C1D CLA UF . 27.67 -7.29 28.30
C2D CLA UF . 28.73 -6.71 29.16
C3D CLA UF . 29.93 -7.26 28.47
C4D CLA UF . 29.50 -8.03 27.41
CMD CLA UF . 28.76 -5.82 30.37
CAD CLA UF . 31.42 -7.32 28.48
OBD CLA UF . 32.18 -6.75 29.34
CBD CLA UF . 31.86 -8.19 27.36
CGD CLA UF . 32.85 -7.49 26.47
O1D CLA UF . 34.03 -7.71 26.61
O2D CLA UF . 32.43 -6.57 25.42
CED CLA UF . 33.42 -5.97 24.59
C1 CLA UF . 28.60 -11.07 28.99
C2 CLA UF . 27.19 -11.64 29.08
C3 CLA UF . 26.24 -11.01 29.79
C4 CLA UF . 26.59 -9.76 30.51
C5 CLA UF . 24.82 -11.54 29.91
C6 CLA UF . 24.06 -11.59 28.58
C7 CLA UF . 23.06 -12.75 28.60
C8 CLA UF . 22.27 -12.86 27.30
C9 CLA UF . 20.96 -13.62 27.53
C10 CLA UF . 23.08 -13.49 26.18
C11 CLA UF . 24.00 -14.63 26.64
C12 CLA UF . 24.84 -15.12 25.48
C13 CLA UF . 26.33 -15.10 25.82
C14 CLA UF . 26.74 -13.78 26.47
C15 CLA UF . 27.14 -15.32 24.56
C23 UNL VF . 12.77 -31.02 16.96
C24 UNL VF . 13.43 -30.05 16.01
C25 UNL VF . 13.80 -28.77 16.75
C26 UNL VF . 12.59 -27.85 16.90
C27 UNL VF . 12.94 -26.60 17.71
C28 UNL VF . 12.08 -25.42 17.31
C29 UNL VF . 12.52 -24.14 18.03
C30 UNL VF . 11.62 -22.98 17.65
C31 UNL VF . 11.89 -21.76 18.52
C32 UNL VF . 10.96 -20.62 18.10
C33 UNL VF . 10.72 -19.63 19.23
C34 UNL VF . 11.14 -18.23 18.82
C35 UNL VF . 10.46 -17.17 19.67
C36 UNL VF . 10.91 -17.26 21.13
C37 UNL VF . 11.59 -15.97 21.55
C38 UNL VF . 11.39 -15.71 23.03
C23 UNL WF . 32.12 -24.16 7.90
C24 UNL WF . 32.86 -23.67 9.14
C25 UNL WF . 31.86 -23.01 10.07
C26 UNL WF . 31.66 -21.53 9.75
C27 UNL WF . 32.67 -20.65 10.46
C28 UNL WF . 32.40 -19.18 10.20
C29 UNL WF . 32.52 -18.88 8.71
C30 UNL WF . 31.90 -17.53 8.35
C31 UNL WF . 32.20 -17.16 6.91
C32 UNL WF . 31.86 -15.70 6.66
C33 UNL WF . 32.60 -14.81 7.65
C34 UNL WF . 34.11 -14.89 7.44
C35 UNL WF . 34.84 -15.04 8.76
C36 UNL WF . 35.59 -16.36 8.83
C37 UNL WF . 37.10 -16.14 8.96
C38 UNL WF . 37.83 -17.46 9.13
C DD6 XF . 24.67 -16.89 34.22
C1 DD6 XF . 26.09 -17.45 34.56
C10 DD6 XF . 27.00 -23.31 26.57
C11 DD6 XF . 28.12 -23.96 25.48
C12 DD6 XF . 29.30 -24.54 26.22
C13 DD6 XF . 27.55 -24.85 24.77
C14 DD6 XF . 27.05 -24.45 23.49
C15 DD6 XF . 26.34 -25.18 22.37
C16 DD6 XF . 24.94 -25.55 22.79
C17 DD6 XF . 24.14 -26.23 21.67
C18 DD6 XF . 24.94 -26.87 20.55
C19 DD6 XF . 26.28 -27.40 21.03
C2 DD6 XF . 26.94 -17.46 33.38
C20 DD6 XF . 27.16 -26.13 21.52
C21 DD6 XF . 28.42 -26.50 22.06
C22 DD6 XF . 24.25 -24.25 23.12
C23 DD6 XF . 24.83 -26.56 24.16
C24 DD6 XF . 26.79 -16.57 35.71
C25 DD6 XF . 26.23 -15.45 36.16
C26 DD6 XF . 26.88 -14.68 37.20
C27 DD6 XF . 26.23 -13.94 38.06
C28 DD6 XF . 24.71 -14.09 37.68
C29 DD6 XF . 27.23 -13.40 38.86
C3 DD6 XF . 26.41 -18.37 32.18
C30 DD6 XF . 28.22 -12.85 39.66
C31 DD6 XF . 28.42 -11.90 40.86
C32 DD6 XF . 28.19 -12.62 42.28
C33 DD6 XF . 29.13 -12.26 43.44
C34 DD6 XF . 30.41 -11.50 43.11
C35 DD6 XF . 30.22 -10.50 41.92
C36 DD6 XF . 29.78 -11.30 40.68
C37 DD6 XF . 29.72 -10.35 39.50
C4 DD6 XF . 27.11 -19.39 31.74
C40 DD6 XF . 28.22 -14.15 42.07
C41 DD6 XF . 26.83 -12.23 42.73
C5 DD6 XF . 26.61 -20.24 30.61
C6 DD6 XF . 27.72 -21.18 29.95
C7 DD6 XF . 28.80 -20.33 29.32
C8 DD6 XF . 27.09 -22.02 28.92
C9 DD6 XF . 27.75 -22.34 27.70
O1 DD6 XF . 27.16 -24.68 21.22
O2 DD6 XF . 24.15 -28.00 19.91
O4 DD6 XF . 30.80 -10.76 44.23
C26 UNL YF . 27.33 -38.32 25.16
C27 UNL YF . 27.34 -37.86 26.63
C28 UNL YF . 28.24 -36.64 26.79
C29 UNL YF . 28.31 -36.18 28.25
C30 UNL YF . 29.37 -35.09 28.34
C31 UNL YF . 29.48 -34.44 29.71
C32 UNL YF . 30.45 -33.27 29.62
C33 UNL YF . 30.96 -32.84 30.99
C34 UNL YF . 30.83 -31.33 31.17
C35 UNL YF . 29.38 -30.90 31.17
C36 UNL YF . 29.16 -29.72 32.10
C37 UNL YF . 27.97 -28.86 31.69
C38 UNL YF . 26.72 -29.67 31.53
C28 UNL ZF . 20.09 -27.36 22.16
C29 UNL ZF . 19.68 -25.91 22.39
C30 UNL ZF . 19.54 -25.56 23.86
C31 UNL ZF . 20.88 -25.32 24.55
C32 UNL ZF . 20.72 -24.34 25.71
C33 UNL ZF . 20.94 -22.90 25.26
C34 UNL ZF . 22.25 -22.36 25.83
C35 UNL ZF . 22.93 -21.39 24.86
C36 UNL ZF . 22.28 -20.02 24.89
C37 UNL ZF . 22.79 -19.17 23.74
C38 UNL ZF . 24.30 -19.15 23.70
C23 UNL AG . 25.22 -9.72 -38.04
C24 UNL AG . 26.52 -10.37 -37.63
C25 UNL AG . 27.47 -9.31 -37.08
C26 UNL AG . 26.84 -8.56 -35.92
C27 UNL AG . 27.43 -7.15 -35.83
C28 UNL AG . 27.03 -6.48 -34.53
C29 UNL AG . 27.79 -7.10 -33.36
C30 UNL AG . 27.19 -6.67 -32.04
C31 UNL AG . 27.91 -5.47 -31.45
C32 UNL AG . 29.34 -5.83 -31.06
C33 UNL AG . 30.04 -4.66 -30.38
C1 BCR BG . 16.58 6.93 -21.32
C2 BCR BG . 16.82 8.03 -20.31
C3 BCR BG . 15.54 8.34 -19.60
C4 BCR BG . 15.07 7.13 -18.82
C5 BCR BG . 15.21 5.87 -19.60
C6 BCR BG . 15.89 5.75 -20.73
C7 BCR BG . 15.99 4.49 -21.47
C8 BCR BG . 16.77 3.49 -21.05
C9 BCR BG . 17.11 2.34 -21.88
C10 BCR BG . 17.70 1.30 -21.30
C11 BCR BG . 18.30 0.19 -22.02
C33 BCR BG . 14.49 4.74 -18.98
C31 BCR BG . 17.93 6.57 -21.90
C32 BCR BG . 15.73 7.51 -22.43
C34 BCR BG . 17.02 2.49 -23.34
C12 BCR BG . 18.93 -0.76 -21.34
C13 BCR BG . 19.79 -1.76 -21.93
C14 BCR BG . 20.30 -2.73 -21.16
C15 BCR BG . 21.14 -3.79 -21.67
C16 BCR BG . 21.81 -4.61 -20.85
C17 BCR BG . 22.84 -5.43 -21.46
C18 BCR BG . 23.84 -6.06 -20.82
C19 BCR BG . 24.81 -6.80 -21.60
C20 BCR BG . 25.86 -7.41 -21.04
C21 BCR BG . 26.79 -8.13 -21.88
C22 BCR BG . 27.98 -8.61 -21.49
C23 BCR BG . 28.90 -9.05 -22.53
C24 BCR BG . 29.73 -10.08 -22.36
C25 BCR BG . 30.49 -10.74 -23.43
C26 BCR BG . 29.90 -11.51 -24.35
C27 BCR BG . 30.58 -12.22 -25.46
C28 BCR BG . 31.99 -11.74 -25.66
C29 BCR BG . 32.67 -11.51 -24.34
C30 BCR BG . 31.96 -10.51 -23.46
C35 BCR BG . 20.02 -1.76 -23.39
C36 BCR BG . 23.82 -6.25 -19.37
C37 BCR BG . 28.47 -8.42 -20.12
C38 BCR BG . 28.46 -11.78 -24.36
C39 BCR BG . 32.27 -9.07 -23.85
C40 BCR BG . 32.57 -10.69 -22.07
O1 LHG CG . 27.03 16.93 -10.05
C1 LHG CG . 26.60 15.92 -10.94
C2 LHG CG . 26.47 16.53 -12.31
O2 LHG CG . 26.38 17.93 -12.22
C3 LHG CG . 25.23 16.11 -13.04
O3 LHG CG . 25.76 16.01 -14.34
P LHG CG . 25.54 14.68 -15.22
O4 LHG CG . 24.20 14.77 -15.84
O5 LHG CG . 26.90 14.36 -15.77
O6 LHG CG . 25.27 13.72 -13.90
C4 LHG CG . 26.07 12.62 -13.67
C5 LHG CG . 25.14 11.45 -13.89
C6 LHG CG . 25.88 10.13 -13.71
O7 LHG CG . 24.16 11.53 -12.90
C7 LHG CG . 22.89 11.67 -13.36
O9 LHG CG . 22.57 11.44 -14.51
C8 LHG CG . 21.96 11.92 -12.23
C9 LHG CG . 20.72 11.09 -12.39
C10 LHG CG . 19.81 11.35 -11.22
O8 LHG CG . 24.86 9.17 -13.52
C23 LHG CG . 24.81 8.14 -14.40
O10 LHG CG . 24.30 8.29 -15.49
C24 LHG CG . 25.42 6.80 -14.05
C11 LHG CG . 18.73 10.34 -11.44
C12 LHG CG . 17.47 11.05 -11.78
C13 LHG CG . 16.62 10.15 -12.65
C14 LHG CG . 16.51 8.76 -12.08
C15 LHG CG . 15.34 8.11 -12.79
C16 LHG CG . 15.63 8.04 -14.26
C17 LHG CG . 14.55 7.26 -14.99
C18 LHG CG . 14.65 5.87 -14.43
C19 LHG CG . 13.94 4.84 -15.26
C20 LHG CG . 13.81 3.67 -14.31
C21 LHG CG . 13.48 2.43 -15.08
C22 LHG CG . 14.77 1.84 -15.62
C25 LHG CG . 24.51 5.86 -13.30
C26 LHG CG . 23.92 4.71 -14.11
C27 LHG CG . 24.15 3.50 -13.23
C28 LHG CG . 23.69 2.19 -13.81
C29 LHG CG . 22.34 1.90 -13.16
C30 LHG CG . 22.29 0.71 -12.23
C24 UNL DG . 34.61 -15.06 -27.68
C25 UNL DG . 33.45 -15.99 -28.02
C26 UNL DG . 32.20 -15.20 -28.40
C27 UNL DG . 32.45 -14.37 -29.66
C28 UNL DG . 31.57 -13.14 -29.69
C29 UNL DG . 32.31 -11.95 -29.10
C30 UNL DG . 33.71 -11.80 -29.67
C31 UNL DG . 34.64 -11.04 -28.74
C32 UNL DG . 35.94 -11.79 -28.55
C33 UNL DG . 36.88 -11.07 -27.59
C25 UNL EG . 30.42 -4.32 -26.37
C26 UNL EG . 31.11 -2.96 -26.17
C27 UNL EG . 30.37 -2.12 -25.14
C28 UNL EG . 31.19 -0.92 -24.68
C29 UNL EG . 31.80 -0.18 -25.87
C30 UNL EG . 32.54 1.08 -25.43
C31 UNL EG . 33.93 1.12 -26.06
MG CLA FG . -12.37 26.00 -48.19
CHA CLA FG . -9.83 27.97 -49.43
CHB CLA FG . -14.53 28.49 -48.95
CHC CLA FG . -14.86 23.89 -47.35
CHD CLA FG . -9.95 23.22 -47.93
NA CLA FG . -12.23 27.88 -49.09
C1A CLA FG . -11.20 28.56 -49.40
C2A CLA FG . -11.42 30.00 -49.77
C3A CLA FG . -12.92 30.14 -49.59
C4A CLA FG . -13.24 28.74 -49.18
CMA CLA FG . -13.19 31.08 -48.42
CAA CLA FG . -11.06 30.30 -51.22
CBA CLA FG . -12.06 29.77 -52.24
CGA CLA FG . -11.60 28.50 -52.90
O1A CLA FG . -11.86 27.41 -52.40
O2A CLA FG . -10.84 28.54 -54.14
NB CLA FG . -14.40 26.19 -48.12
C1B CLA FG . -15.14 27.21 -48.55
C2B CLA FG . -16.59 26.97 -48.61
C3B CLA FG . -16.68 25.57 -48.13
C4B CLA FG . -15.27 25.20 -47.85
CMB CLA FG . -17.71 27.89 -49.04
CAB CLA FG . -17.88 24.71 -47.95
CBB CLA FG . -18.83 25.07 -47.11
NC CLA FG . -12.39 23.97 -47.80
C1C CLA FG . -13.49 23.34 -47.37
C2C CLA FG . -13.27 21.95 -46.88
C3C CLA FG . -11.82 21.77 -47.04
C4C CLA FG . -11.38 23.07 -47.62
CMC CLA FG . -14.27 20.98 -46.33
CAC CLA FG . -10.99 20.54 -46.72
CBC CLA FG . -10.46 20.72 -45.33
ND CLA FG . -10.43 25.59 -48.60
C1D CLA FG . -9.48 24.53 -48.43
C2D CLA FG . -8.08 24.85 -48.79
C3D CLA FG . -8.25 26.27 -49.19
C4D CLA FG . -9.59 26.57 -49.06
CMD CLA FG . -6.75 24.16 -48.81
CAD CLA FG . -7.55 27.48 -49.70
OBD CLA FG . -6.30 27.57 -49.93
CBD CLA FG . -8.53 28.58 -49.84
CGD CLA FG . -8.12 29.61 -48.85
O1D CLA FG . -8.36 29.48 -47.66
O2D CLA FG . -7.38 30.78 -49.26
CED CLA FG . -6.55 31.46 -48.34
C1 CLA FG . -11.28 27.68 -55.19
C2 CLA FG . -10.19 26.87 -55.85
C3 CLA FG . -10.35 25.55 -55.99
C4 CLA FG . -11.58 24.90 -55.43
C5 CLA FG . -9.30 24.70 -56.66
C6 CLA FG . -8.88 23.52 -55.80
C7 CLA FG . -9.11 22.16 -56.43
C8 CLA FG . -9.29 21.14 -55.32
C9 CLA FG . -8.59 19.82 -55.64
C10 CLA FG . -10.78 20.95 -55.06
MG CLA GG . -23.25 25.75 -55.30
CHA CLA GG . -24.27 28.61 -56.98
CHB CLA GG . -22.02 27.74 -52.85
CHC CLA GG . -22.74 22.94 -53.50
CHD CLA GG . -25.09 23.77 -57.83
NA CLA GG . -23.20 27.79 -54.94
C1A CLA GG . -23.52 28.78 -55.70
C2A CLA GG . -23.12 30.16 -55.23
C3A CLA GG . -22.41 29.85 -53.93
C4A CLA GG . -22.56 28.36 -53.91
CMA CLA GG . -20.92 30.18 -54.05
CAA CLA GG . -24.34 31.03 -54.89
CBA CLA GG . -25.24 30.38 -53.84
CGA CLA GG . -26.57 29.99 -54.46
O1A CLA GG . -27.10 30.71 -55.29
O2A CLA GG . -27.23 28.75 -54.07
NB CLA GG . -22.50 25.40 -53.44
C1B CLA GG . -22.01 26.30 -52.58
C2B CLA GG . -21.45 25.75 -51.32
C3B CLA GG . -21.66 24.29 -51.51
C4B CLA GG . -22.32 24.20 -52.86
CMB CLA GG . -20.83 26.47 -50.16
CAB CLA GG . -21.30 23.20 -50.57
CBB CLA GG . -21.90 22.03 -50.54
NC CLA GG . -23.79 23.79 -55.63
C1C CLA GG . -23.52 22.80 -54.75
C2C CLA GG . -24.10 21.48 -55.11
C3C CLA GG . -24.78 21.74 -56.39
C4C CLA GG . -24.51 23.18 -56.61
CMC CLA GG . -23.99 20.17 -54.36
CAC CLA GG . -25.56 20.81 -57.29
CBC CLA GG . -24.59 19.82 -57.90
ND CLA GG . -24.43 26.00 -56.95
C1D CLA GG . -25.07 25.22 -57.97
C2D CLA GG . -25.69 25.98 -59.08
C3D CLA GG . -25.35 27.37 -58.66
C4D CLA GG . -24.65 27.28 -57.46
CMD CLA GG . -26.45 25.63 -60.34
CAD CLA GG . -25.47 28.81 -59.00
OBD CLA GG . -26.05 29.28 -60.04
CBD CLA GG . -24.79 29.60 -57.95
CGD CLA GG . -23.70 30.39 -58.59
O1D CLA GG . -23.52 31.56 -58.30
O2D CLA GG . -22.85 29.78 -59.60
CED CLA GG . -21.87 30.56 -60.26
MG CLA HG . 24.41 -16.79 -9.56
CHA CLA HG . 25.11 -19.80 -11.13
CHB CLA HG . 21.89 -18.32 -7.93
CHC CLA HG . 24.14 -13.99 -7.70
CHD CLA HG . 27.47 -15.41 -11.12
NA CLA HG . 23.65 -18.72 -9.49
C1A CLA HG . 23.94 -19.76 -10.19
C2A CLA HG . 23.07 -20.96 -10.02
C3A CLA HG . 22.03 -20.44 -9.03
C4A CLA HG . 22.56 -19.07 -8.81
CMA CLA HG . 20.71 -20.31 -9.76
CAA CLA HG . 23.85 -22.06 -9.28
CBA CLA HG . 23.22 -23.44 -9.42
CGA CLA HG . 22.97 -24.07 -8.06
O1A CLA HG . 22.20 -23.54 -7.28
O2A CLA HG . 23.62 -25.31 -7.67
NB CLA HG . 23.20 -16.24 -8.01
C1B CLA HG . 22.17 -16.93 -7.53
C2B CLA HG . 21.34 -16.19 -6.54
C3B CLA HG . 22.04 -14.89 -6.47
C4B CLA HG . 23.16 -15.05 -7.43
CMB CLA HG . 20.12 -16.65 -5.80
CAB CLA HG . 21.68 -13.70 -5.67
CBB CLA HG . 21.74 -12.49 -6.19
NC CLA HG . 25.56 -15.08 -9.45
C1C CLA HG . 25.30 -14.07 -8.62
C2C CLA HG . 26.27 -12.94 -8.64
C3C CLA HG . 27.24 -13.38 -9.65
C4C CLA HG . 26.70 -14.70 -10.09
CMC CLA HG . 26.27 -11.68 -7.83
CAC CLA HG . 28.48 -12.68 -10.14
CBC CLA HG . 29.62 -13.31 -9.36
ND CLA HG . 25.96 -17.36 -10.77
C1D CLA HG . 27.10 -16.80 -11.42
C2D CLA HG . 27.82 -17.69 -12.36
C3D CLA HG . 26.98 -18.91 -12.22
C4D CLA HG . 25.99 -18.64 -11.31
CMD CLA HG . 29.01 -17.61 -13.26
CAD CLA HG . 26.82 -20.31 -12.66
OBD CLA HG . 27.56 -20.91 -13.51
CBD CLA HG . 25.63 -20.90 -11.99
CGD CLA HG . 24.65 -21.36 -13.02
O1D CLA HG . 23.68 -20.68 -13.30
O2D CLA HG . 24.85 -22.62 -13.70
CED CLA HG . 24.10 -22.94 -14.86
C1 CLA HG . 23.34 -25.88 -6.39
C2 CLA HG . 24.09 -25.06 -5.37
C3 CLA HG . 23.44 -24.47 -4.36
C4 CLA HG . 21.96 -24.61 -4.19
C5 CLA HG . 24.26 -23.65 -3.38
C6 CLA HG . 24.81 -22.40 -4.04
C7 CLA HG . 24.08 -21.16 -3.55
C8 CLA HG . 23.64 -20.29 -4.72
C9 CLA HG . 22.49 -20.95 -5.46
C10 CLA HG . 24.82 -19.99 -5.63
C11 CLA HG . 25.14 -18.51 -5.58
C12 CLA HG . 26.45 -18.20 -6.30
C13 CLA HG . 26.60 -16.72 -6.66
C14 CLA HG . 28.02 -16.39 -7.11
C15 CLA HG . 26.19 -15.85 -5.48
C16 CLA HG . 27.13 -15.98 -4.30
C17 CLA HG . 26.66 -15.11 -3.13
C18 CLA HG . 27.23 -15.62 -1.82
C19 CLA HG . 26.51 -16.88 -1.34
C20 CLA HG . 27.19 -14.53 -0.75
C1 LMG IG . 32.13 2.43 1.41
O1 LMG IG . 30.86 2.61 0.81
C2 LMG IG . 31.84 2.06 2.88
O2 LMG IG . 31.32 3.21 3.45
C3 LMG IG . 33.21 1.75 3.53
O3 LMG IG . 32.91 1.36 4.84
C4 LMG IG . 33.91 0.60 2.77
O4 LMG IG . 33.14 -0.55 2.91
C5 LMG IG . 33.95 0.98 1.26
O5 LMG IG . 35.89 -0.27 0.76
C6 LMG IG . 34.53 -0.21 0.46
O6 LMG IG . 32.68 1.30 0.75
C7 LMG IG . 30.82 2.31 -0.58
C8 LMG IG . 29.71 3.20 -1.18
C9 LMG IG . 30.29 3.94 -2.37
O7 LMG IG . 28.70 2.35 -1.72
C10 LMG IG . 27.57 2.13 -1.01
O9 LMG IG . 27.37 2.75 0.04
C11 LMG IG . 26.72 1.03 -1.58
C12 LMG IG . 25.81 1.59 -2.67
C13 LMG IG . 26.54 1.94 -3.96
C14 LMG IG . 26.68 0.65 -4.77
C15 LMG IG . 27.27 0.99 -6.11
C16 LMG IG . 27.66 -0.29 -6.83
C17 LMG IG . 27.37 -0.12 -8.30
C18 LMG IG . 28.67 0.30 -8.97
C19 LMG IG . 28.87 -0.62 -10.16
C20 LMG IG . 27.93 -0.16 -11.23
C21 LMG IG . 28.66 -0.24 -12.55
O8 LMG IG . 29.47 3.67 -3.47
C28 LMG IG . 28.99 4.75 -4.14
O10 LMG IG . 28.84 5.80 -3.54
C29 LMG IG . 29.11 4.64 -5.63
C30 LMG IG . 29.11 6.04 -6.25
C31 LMG IG . 27.70 6.34 -6.72
C32 LMG IG . 27.12 7.44 -5.84
C33 LMG IG . 25.63 7.45 -6.10
C34 LMG IG . 25.09 8.85 -5.88
C35 LMG IG . 24.78 9.41 -7.28
C36 LMG IG . 23.69 8.56 -7.86
C37 LMG IG . 23.94 8.45 -9.35
C38 LMG IG . 22.81 7.56 -9.79
C39 LMG IG . 21.54 8.36 -9.80
C40 LMG IG . 20.54 7.38 -10.33
C41 LMG IG . 19.82 6.76 -9.17
C42 LMG IG . 18.66 6.04 -9.79
C43 LMG IG . 19.08 4.66 -10.17
C44 LMG IG . 18.84 4.54 -11.67
C45 LMG IG . 17.65 3.64 -11.87
MG CLA JG . 45.09 -0.09 -17.94
CHA CLA JG . 46.60 2.92 -18.73
CHB CLA JG . 42.74 1.65 -16.22
CHC CLA JG . 43.29 -2.94 -17.76
CHD CLA JG . 47.54 -1.78 -20.10
NA CLA JG . 44.70 1.92 -17.58
C1A CLA JG . 45.38 2.95 -17.87
C2A CLA JG . 44.89 4.26 -17.32
C3A CLA JG . 43.69 3.82 -16.50
C4A CLA JG . 43.72 2.35 -16.78
CMA CLA JG . 43.99 4.05 -15.03
CAA CLA JG . 44.30 5.11 -18.46
CBA CLA JG . 43.12 4.43 -19.12
CGA CLA JG . 42.43 5.34 -20.12
O1A CLA JG . 42.72 6.53 -20.16
O2A CLA JG . 41.45 4.81 -21.05
NB CLA JG . 43.27 -0.56 -17.13
C1B CLA JG . 42.50 0.20 -16.37
C2B CLA JG . 41.33 -0.47 -15.75
C3B CLA JG . 41.52 -1.86 -16.24
C4B CLA JG . 42.75 -1.78 -17.07
CMB CLA JG . 40.27 0.11 -14.85
CAB CLA JG . 40.72 -3.09 -16.00
CBB CLA JG . 39.82 -3.18 -15.04
NC CLA JG . 45.41 -1.98 -18.71
C1C CLA JG . 44.48 -2.94 -18.62
C2C CLA JG . 44.70 -4.10 -19.52
C3C CLA JG . 45.96 -3.76 -20.21
C4C CLA JG . 46.31 -2.44 -19.61
CMC CLA JG . 43.84 -5.32 -19.69
CAC CLA JG . 46.70 -4.56 -21.25
CBC CLA JG . 46.22 -4.06 -22.59
ND CLA JG . 46.66 0.34 -19.16
C1D CLA JG . 47.64 -0.33 -19.95
C2D CLA JG . 48.70 0.53 -20.54
C3D CLA JG . 48.26 1.86 -20.03
C4D CLA JG . 47.10 1.65 -19.28
CMD CLA JG . 49.90 0.33 -21.41
CAD CLA JG . 48.53 3.32 -20.00
OBD CLA JG . 49.52 3.89 -20.58
CBD CLA JG . 47.50 4.01 -19.20
CGD CLA JG . 48.14 4.75 -18.07
O1D CLA JG . 48.70 4.17 -17.16
O2D CLA JG . 48.08 6.21 -18.06
CED CLA JG . 48.25 6.93 -16.84
C1 CLA JG . 40.08 5.19 -20.87
C2 CLA JG . 39.19 3.96 -20.85
C3 CLA JG . 37.86 4.09 -20.84
C4 CLA JG . 37.26 5.48 -20.82
C5 CLA JG . 36.93 2.90 -20.82
C6 CLA JG . 36.84 2.15 -22.14
C7 CLA JG . 36.74 0.64 -21.92
C8 CLA JG . 35.85 0.00 -22.98
C9 CLA JG . 34.39 0.07 -22.53
C10 CLA JG . 36.27 -1.43 -23.30
C11 CLA JG . 35.89 -2.42 -22.21
C12 CLA JG . 34.79 -3.38 -22.68
C13 CLA JG . 35.34 -4.64 -23.36
C14 CLA JG . 34.20 -5.42 -24.01
C15 CLA JG . 36.12 -5.47 -22.33
C16 CLA JG . 36.00 -6.98 -22.54
C17 CLA JG . 36.71 -7.73 -21.41
C18 CLA JG . 36.57 -9.25 -21.56
C19 CLA JG . 37.13 -9.96 -20.34
C20 CLA JG . 37.26 -9.72 -22.83
MG CLA KG . 35.81 -5.76 -12.50
CHA CLA KG . 35.63 -3.04 -10.42
CHB CLA KG . 35.42 -7.75 -9.77
CHC CLA KG . 35.47 -8.37 -14.61
CHD CLA KG . 35.78 -3.46 -15.36
NA CLA KG . 35.52 -5.47 -10.48
C1A CLA KG . 35.56 -4.40 -9.80
C2A CLA KG . 35.47 -4.52 -8.31
C3A CLA KG . 35.47 -6.02 -8.13
C4A CLA KG . 35.49 -6.44 -9.57
CMA CLA KG . 36.78 -6.46 -7.48
CAA CLA KG . 34.08 -4.07 -7.84
CBA CLA KG . 32.92 -4.85 -8.45
CGA CLA KG . 31.60 -4.54 -7.76
O1A CLA KG . 31.51 -4.52 -6.55
O2A CLA KG . 30.41 -4.27 -8.53
NB CLA KG . 35.53 -7.76 -12.22
C1B CLA KG . 35.37 -8.40 -11.07
C2B CLA KG . 35.02 -9.84 -11.18
C3B CLA KG . 35.03 -10.02 -12.65
C4B CLA KG . 35.34 -8.67 -13.18
CMB CLA KG . 34.75 -10.86 -10.12
CAB CLA KG . 34.76 -11.25 -13.39
CBB CLA KG . 33.81 -11.26 -14.31
NC CLA KG . 35.64 -5.87 -14.55
C1C CLA KG . 35.55 -7.03 -15.21
C2C CLA KG . 35.50 -6.91 -16.68
C3C CLA KG . 35.59 -5.45 -16.90
C4C CLA KG . 35.68 -4.92 -15.51
CMC CLA KG . 35.37 -8.01 -17.68
CAC CLA KG . 35.58 -4.66 -18.18
CBC CLA KG . 36.96 -4.76 -18.78
ND CLA KG . 35.68 -3.78 -12.90
C1D CLA KG . 35.75 -2.89 -14.02
C2D CLA KG . 35.82 -1.45 -13.69
C3D CLA KG . 35.76 -1.52 -12.20
C4D CLA KG . 35.68 -2.86 -11.88
CMD CLA KG . 35.90 -0.17 -14.48
CAD CLA KG . 35.75 -0.76 -10.92
OBD CLA KG . 35.81 0.51 -10.80
CBD CLA KG . 35.68 -1.70 -9.78
CGD CLA KG . 36.95 -1.53 -9.02
O1D CLA KG . 37.93 -2.21 -9.26
O2D CLA KG . 37.05 -0.52 -7.97
CED CLA KG . 38.30 -0.21 -7.39
C1 CLA KG . 29.16 -4.74 -8.03
C2 CLA KG . 28.79 -6.01 -8.74
C3 CLA KG . 28.44 -7.09 -8.03
C4 CLA KG . 28.05 -8.36 -8.72
C5 CLA KG . 28.43 -6.95 -6.52
C6 CLA KG . 28.02 -8.18 -5.71
C7 CLA KG . 27.66 -7.66 -4.32
C8 CLA KG . 27.32 -8.70 -3.28
C9 CLA KG . 26.35 -9.74 -3.82
C10 CLA KG . 26.71 -7.96 -2.09
C11 CLA KG . 27.53 -6.73 -1.74
C12 CLA KG . 26.79 -5.79 -0.80
C13 CLA KG . 27.70 -4.73 -0.20
C14 CLA KG . 27.23 -4.38 1.20
C15 CLA KG . 27.70 -3.50 -1.10
C16 CLA KG . 29.07 -2.82 -1.22
C17 CLA KG . 29.94 -3.52 -2.26
C18 CLA KG . 30.54 -2.53 -3.24
C19 CLA KG . 31.19 -1.34 -2.52
C20 CLA KG . 29.50 -2.06 -4.25
NB KC1 LG . 36.27 -23.77 3.90
ND KC1 LG . 33.36 -26.22 2.53
C1A KC1 LG . 36.26 -27.40 1.91
C1B KC1 LG . 37.59 -23.85 3.75
C1C KC1 LG . 33.43 -22.86 4.66
C1D KC1 LG . 31.94 -26.33 2.64
C2A KC1 LG . 37.54 -28.04 1.45
C2B KC1 LG . 38.38 -22.80 4.47
C2C KC1 LG . 32.16 -22.28 5.17
C2D KC1 LG . 31.36 -27.66 2.29
C3A KC1 LG . 38.56 -27.01 1.88
C3B KC1 LG . 37.28 -22.01 5.10
C3C KC1 LG . 31.13 -23.14 4.59
C3D KC1 LG . 32.63 -28.39 1.95
C4A KC1 LG . 37.65 -26.01 2.52
C4B KC1 LG . 36.05 -22.71 4.67
C4C KC1 LG . 31.93 -24.12 3.80
C4D KC1 LG . 33.68 -27.51 2.15
CAA KC1 LG . 37.56 -28.17 -0.06
CAB KC1 LG . 37.32 -20.81 5.96
CAC KC1 LG . 29.63 -23.06 4.73
CAD KC1 LG . 33.22 -29.67 1.51
CBA KC1 LG . 38.97 -28.46 -0.57
CBB KC1 LG . 38.28 -19.91 5.85
CBC KC1 LG . 29.30 -23.74 6.03
CBD KC1 LG . 34.70 -29.53 1.41
CED KC1 LG . 35.14 -31.96 4.35
CGA KC1 LG . 39.07 -29.89 -1.05
CGD KC1 LG . 35.33 -30.45 2.40
CHA KC1 LG . 34.96 -28.11 1.76
CHB KC1 LG . 38.25 -24.93 3.03
CHC KC1 LG . 34.72 -22.25 5.06
CHD KC1 LG . 31.17 -25.17 3.08
CMA KC1 LG . 39.51 -27.57 2.94
CMB KC1 LG . 39.88 -22.64 4.53
CMC KC1 LG . 31.98 -21.08 6.06
CMD KC1 LG . 30.00 -28.27 2.23
NA KC1 LG . 36.34 -26.29 2.53
NC KC1 LG . 33.27 -23.94 3.88
O1A KC1 LG . 38.56 -30.80 -0.41
O1D KC1 LG . 36.45 -30.88 2.20
O2A KC1 LG . 39.77 -30.20 -2.29
O2D KC1 LG . 34.63 -30.87 3.59
OBD KC1 LG . 32.54 -30.72 1.24
MG KC1 LG . 34.86 -24.92 3.00
MG CLA MG . 37.20 -10.37 -4.99
CHA CLA MG . 39.79 -10.28 -2.69
CHB CLA MG . 38.09 -13.56 -5.68
CHC CLA MG . 34.27 -10.67 -6.65
CHD CLA MG . 36.21 -7.02 -3.81
NA CLA MG . 38.63 -11.70 -4.28
C1A CLA MG . 39.63 -11.52 -3.49
C2A CLA MG . 40.62 -12.63 -3.36
C3A CLA MG . 40.08 -13.60 -4.36
C4A CLA MG . 38.84 -12.90 -4.79
CMA CLA MG . 40.97 -13.31 -5.54
CAA CLA MG . 40.36 -13.32 -2.02
CBA CLA MG . 40.86 -14.77 -1.96
CGA CLA MG . 42.29 -14.75 -1.47
O1A CLA MG . 42.75 -13.73 -1.04
O2A CLA MG . 43.12 -15.94 -1.50
NB CLA MG . 36.33 -11.89 -6.03
C1B CLA MG . 36.83 -13.10 -6.25
C2B CLA MG . 35.96 -14.01 -7.03
C3B CLA MG . 34.81 -13.13 -7.32
C4B CLA MG . 35.15 -11.86 -6.64
CMB CLA MG . 36.20 -15.44 -7.46
CAB CLA MG . 33.59 -13.46 -8.09
CBB CLA MG . 32.67 -14.19 -7.51
NC CLA MG . 35.60 -9.09 -5.19
C1C CLA MG . 34.49 -9.44 -5.88
C2C CLA MG . 33.39 -8.43 -5.79
C3C CLA MG . 33.97 -7.37 -4.95
C4C CLA MG . 35.33 -7.89 -4.65
CMC CLA MG . 32.02 -8.47 -6.39
CAC CLA MG . 33.31 -6.09 -4.52
CBC CLA MG . 32.54 -6.48 -3.27
ND CLA MG . 37.76 -8.96 -3.62
C1D CLA MG . 37.38 -7.65 -3.20
C2D CLA MG . 38.24 -7.04 -2.14
C3D CLA MG . 39.21 -8.13 -1.94
C4D CLA MG . 38.85 -9.17 -2.79
CMD CLA MG . 38.29 -5.76 -1.36
CAD CLA MG . 40.41 -8.57 -1.19
OBD CLA MG . 41.02 -7.89 -0.28
CBD CLA MG . 40.76 -9.93 -1.61
CGD CLA MG . 42.23 -10.14 -1.89
O1D CLA MG . 42.75 -9.76 -2.92
O2D CLA MG . 43.02 -10.83 -0.88
CED CLA MG . 44.40 -11.05 -1.06
C1 CLA MG . 44.45 -15.83 -2.02
C2 CLA MG . 45.44 -16.47 -1.07
C3 CLA MG . 45.89 -17.70 -1.32
C4 CLA MG . 45.39 -18.43 -2.53
C5 CLA MG . 46.89 -18.35 -0.40
C6 CLA MG . 47.54 -19.59 -0.99
MG CLA NG . 49.50 -7.82 -3.92
CHA CLA NG . 49.25 -5.96 -1.01
CHB CLA NG . 52.75 -6.95 -4.11
CHC CLA NG . 49.81 -10.04 -6.45
CHD CLA NG . 46.05 -9.00 -3.33
NA CLA NG . 50.80 -6.70 -2.75
C1A CLA NG . 50.58 -5.99 -1.72
C2A CLA NG . 51.73 -5.15 -1.19
C3A CLA NG . 52.80 -5.46 -2.20
C4A CLA NG . 52.07 -6.43 -3.09
CMA CLA NG . 53.14 -4.22 -3.01
CAA CLA NG . 52.22 -5.71 0.15
CBA CLA NG . 52.05 -7.21 0.16
CGA CLA NG . 52.75 -7.96 1.27
O1A CLA NG . 53.26 -7.39 2.23
O2A CLA NG . 52.83 -9.41 1.14
NB CLA NG . 51.06 -8.41 -5.11
C1B CLA NG . 52.30 -7.93 -5.10
C2B CLA NG . 53.19 -8.49 -6.16
C3B CLA NG . 52.28 -9.43 -6.85
C4B CLA NG . 51.00 -9.29 -6.11
CMB CLA NG . 54.63 -8.17 -6.42
CAB CLA NG . 52.46 -10.34 -8.02
CBB CLA NG . 53.44 -10.21 -8.90
NC CLA NG . 48.19 -9.20 -4.71
C1C CLA NG . 48.53 -10.03 -5.71
C2C CLA NG . 47.48 -11.01 -6.10
C3C CLA NG . 46.38 -10.69 -5.17
C4C CLA NG . 46.93 -9.57 -4.37
CMC CLA NG . 47.52 -12.06 -7.16
CAC CLA NG . 45.03 -11.36 -5.09
CBC CLA NG . 45.23 -12.55 -4.17
ND CLA NG . 47.99 -7.64 -2.56
C1D CLA NG . 46.63 -8.04 -2.38
C2D CLA NG . 45.92 -7.44 -1.21
C3D CLA NG . 47.01 -6.60 -0.68
C4D CLA NG . 48.13 -6.78 -1.49
CMD CLA NG . 44.56 -7.51 -0.61
CAD CLA NG . 47.39 -5.64 0.40
OBD CLA NG . 46.61 -5.24 1.33
CBD CLA NG . 48.80 -5.24 0.20
CGD CLA NG . 48.89 -3.74 0.07
O1D CLA NG . 48.80 -3.19 -1.00
O2D CLA NG . 49.09 -2.97 1.29
CED CLA NG . 48.57 -1.65 1.41
C1 CLA NG . 53.57 -10.24 2.03
C2 CLA NG . 54.57 -11.05 1.25
C3 CLA NG . 54.36 -12.34 0.96
C4 CLA NG . 55.69 -12.12 0.31
C5 CLA NG . 54.62 -13.73 0.41
C6 CLA NG . 53.35 -14.47 0.01
C7 CLA NG . 53.67 -15.68 -0.86
C8 CLA NG . 53.06 -16.95 -0.30
C9 CLA NG . 53.71 -18.19 -0.92
C10 CLA NG . 51.56 -16.96 -0.53
MG CLA OG . 55.41 -12.08 -13.08
CHA CLA OG . 57.62 -9.43 -12.81
CHB CLA OG . 55.31 -11.51 -16.41
CHC CLA OG . 53.61 -14.92 -13.35
CHD CLA OG . 56.08 -12.85 -9.53
NA CLA OG . 56.33 -10.76 -14.39
C1A CLA OG . 57.08 -9.75 -14.16
C2A CLA OG . 57.42 -8.87 -15.33
C3A CLA OG . 56.66 -9.54 -16.46
C4A CLA OG . 56.05 -10.67 -15.69
CMA CLA OG . 55.57 -8.60 -16.99
CAA CLA OG . 58.89 -9.07 -15.69
CBA CLA OG . 59.59 -7.75 -15.98
CGA CLA OG . 58.84 -6.99 -17.04
O1A CLA OG . 58.57 -7.49 -18.12
O2A CLA OG . 58.43 -5.62 -16.79
NB CLA OG . 54.57 -13.05 -14.66
C1B CLA OG . 54.63 -12.71 -15.94
C2B CLA OG . 54.01 -13.65 -16.89
C3B CLA OG . 53.50 -14.68 -15.97
C4B CLA OG . 53.89 -14.21 -14.61
CMB CLA OG . 53.91 -13.58 -18.39
CAB CLA OG . 52.75 -15.90 -16.37
CBB CLA OG . 51.85 -16.43 -15.56
NC CLA OG . 54.96 -13.56 -11.71
C1C CLA OG . 54.20 -14.63 -12.02
C2C CLA OG . 53.97 -15.57 -10.89
C3C CLA OG . 54.71 -14.95 -9.76
C4C CLA OG . 55.27 -13.73 -10.39
CMC CLA OG . 53.18 -16.85 -10.88
CAC CLA OG . 54.86 -15.43 -8.35
CBC CLA OG . 53.99 -14.59 -7.47
ND CLA OG . 56.56 -11.44 -11.53
C1D CLA OG . 56.72 -11.69 -10.12
C2D CLA OG . 57.56 -10.70 -9.38
C3D CLA OG . 57.90 -9.78 -10.51
C4D CLA OG . 57.31 -10.28 -11.66
CMD CLA OG . 58.01 -10.50 -7.97
CAD CLA OG . 58.64 -8.55 -10.88
OBD CLA OG . 59.32 -7.83 -10.07
CBD CLA OG . 58.48 -8.31 -12.34
CGD CLA OG . 57.88 -6.95 -12.57
O1D CLA OG . 56.75 -6.81 -12.98
O2D CLA OG . 58.67 -5.77 -12.30
CED CLA OG . 58.18 -4.49 -12.66
MG CLA PG . 34.70 -18.97 -14.85
CHA CLA PG . 34.15 -22.29 -15.66
CHB CLA PG . 36.76 -18.77 -17.52
CHC CLA PG . 34.80 -15.63 -14.31
CHD CLA PG . 32.07 -19.31 -12.28
NA CLA PG . 35.30 -20.26 -16.35
C1A CLA PG . 35.11 -21.52 -16.50
C2A CLA PG . 35.85 -22.19 -17.62
C3A CLA PG . 36.69 -21.06 -18.16
C4A CLA PG . 36.21 -19.96 -17.28
CMA CLA PG . 38.16 -21.31 -17.87
CAA CLA PG . 34.99 -22.58 -18.83
CBA CLA PG . 33.50 -22.18 -18.86
CGA CLA PG . 33.23 -20.69 -18.80
O1A CLA PG . 33.78 -19.93 -19.56
O2A CLA PG . 32.28 -20.15 -17.83
NB CLA PG . 35.67 -17.43 -15.76
C1B CLA PG . 36.45 -17.52 -16.85
C2B CLA PG . 36.95 -16.23 -17.39
C3B CLA PG . 36.36 -15.27 -16.44
C4B CLA PG . 35.59 -16.12 -15.46
CMB CLA PG . 37.82 -15.94 -18.57
CAB CLA PG . 36.58 -13.81 -16.54
CBB CLA PG . 36.03 -12.94 -15.76
NC CLA PG . 33.62 -17.75 -13.58
C1C CLA PG . 33.86 -16.42 -13.48
C2C CLA PG . 33.04 -15.74 -12.43
C3C CLA PG . 32.25 -16.84 -11.84
C4C CLA PG . 32.69 -18.01 -12.63
CMC CLA PG . 33.02 -14.28 -12.05
CAC CLA PG . 31.23 -16.78 -10.73
CBC CLA PG . 31.97 -17.16 -9.47
ND CLA PG . 33.37 -20.35 -14.12
C1D CLA PG . 32.41 -20.49 -13.08
C2D CLA PG . 31.83 -21.85 -12.89
C3D CLA PG . 32.56 -22.58 -13.97
C4D CLA PG . 33.39 -21.65 -14.59
CMD CLA PG . 30.84 -22.49 -11.99
CAD CLA PG . 32.76 -23.88 -14.64
OBD CLA PG . 32.16 -24.98 -14.33
CBD CLA PG . 33.77 -23.73 -15.73
CGD CLA PG . 34.92 -24.67 -15.54
O1D CLA PG . 35.99 -24.27 -15.12
O2D CLA PG . 34.78 -26.06 -15.88
CED CLA PG . 35.92 -26.89 -16.09
C1 CLA PG . 31.80 -18.81 -18.05
C2 CLA PG . 31.87 -17.90 -16.84
C3 CLA PG . 31.09 -16.80 -16.81
C4 CLA PG . 30.18 -16.52 -17.97
C5 CLA PG . 31.10 -15.83 -15.64
C6 CLA PG . 29.91 -14.89 -15.64
C7 CLA PG . 30.24 -13.48 -15.15
C8 CLA PG . 29.27 -12.98 -14.07
C9 CLA PG . 27.87 -13.55 -14.24
C10 CLA PG . 29.20 -11.45 -14.08
C11 CLA PG . 30.48 -10.80 -13.58
C12 CLA PG . 30.20 -9.73 -12.54
C13 CLA PG . 31.35 -8.72 -12.49
C14 CLA PG . 31.85 -8.52 -11.06
C15 CLA PG . 30.87 -7.41 -13.08
C16 CLA PG . 31.89 -6.28 -12.94
C17 CLA PG . 31.46 -5.08 -13.79
C18 CLA PG . 32.08 -3.78 -13.31
C19 CLA PG . 31.88 -3.59 -11.81
C20 CLA PG . 31.49 -2.62 -14.07
MG CLA QG . 53.40 -22.15 -23.13
CHA CLA QG . 54.11 -24.42 -25.66
CHB CLA QG . 52.14 -20.08 -25.50
CHC CLA QG . 53.18 -19.76 -20.76
CHD CLA QG . 55.18 -24.37 -20.77
NA CLA QG . 53.20 -22.22 -25.19
C1A CLA QG . 53.45 -23.15 -26.04
C2A CLA QG . 53.06 -22.87 -27.48
C3A CLA QG . 52.47 -21.49 -27.38
C4A CLA QG . 52.61 -21.26 -25.92
CMA CLA QG . 53.39 -20.49 -28.09
CAA CLA QG . 51.95 -23.75 -28.06
CBA CLA QG . 51.89 -23.37 -29.54
CGA CLA QG . 50.51 -23.46 -30.16
O1A CLA QG . 50.09 -24.51 -30.63
O2A CLA QG . 49.66 -22.28 -30.22
NB CLA QG . 52.78 -20.19 -23.15
C1B CLA QG . 52.18 -19.56 -24.14
C2B CLA QG . 51.58 -18.24 -23.78
C3B CLA QG . 51.91 -18.17 -22.35
C4B CLA QG . 52.66 -19.42 -22.07
CMB CLA QG . 50.84 -17.26 -24.64
CAB CLA QG . 51.60 -17.09 -21.38
CBB CLA QG . 52.44 -16.11 -21.18
NC CLA QG . 54.06 -22.09 -21.18
C1C CLA QG . 53.87 -21.02 -20.40
C2C CLA QG . 54.42 -21.17 -19.03
C3C CLA QG . 55.00 -22.51 -19.04
C4C CLA QG . 54.72 -22.99 -20.41
CMC CLA QG . 54.40 -20.17 -17.89
CAC CLA QG . 55.72 -23.21 -17.90
CBC CLA QG . 54.67 -24.09 -17.25
ND CLA QG . 54.44 -23.91 -23.11
C1D CLA QG . 55.05 -24.80 -22.16
C2D CLA QG . 55.50 -26.09 -22.73
C3D CLA QG . 55.10 -25.92 -24.15
C4D CLA QG . 54.51 -24.68 -24.26
CMD CLA QG . 56.17 -27.34 -22.21
CAD CLA QG . 55.07 -26.56 -25.49
OBD CLA QG . 55.53 -27.72 -25.76
CBD CLA QG . 54.44 -25.64 -26.46
CGD CLA QG . 55.38 -25.38 -27.61
O1D CLA QG . 56.50 -24.95 -27.43
O2D CLA QG . 54.96 -25.66 -28.97
CED CLA QG . 55.84 -25.49 -30.08
C1 CLA QG . 50.26 -20.99 -30.22
C2 CLA QG . 49.34 -20.00 -29.56
C3 CLA QG . 49.69 -18.72 -29.35
C4 CLA QG . 51.03 -18.18 -29.76
C5 CLA QG . 48.69 -17.78 -28.70
C6 CLA QG . 49.00 -16.30 -28.95
C7 CLA QG . 48.15 -15.71 -30.06
C8 CLA QG . 47.17 -14.65 -29.55
C9 CLA QG . 46.13 -15.27 -28.62
C10 CLA QG . 46.50 -13.93 -30.72
C11 CLA QG . 45.21 -13.23 -30.30
C12 CLA QG . 45.31 -11.72 -30.38
C13 CLA QG . 43.95 -11.06 -30.60
C14 CLA QG . 43.30 -11.53 -31.91
C15 CLA QG . 44.08 -9.54 -30.59
C16 CLA QG . 44.76 -9.00 -29.35
C17 CLA QG . 43.89 -7.99 -28.60
C18 CLA QG . 44.76 -7.02 -27.81
C19 CLA QG . 45.33 -7.68 -26.55
C20 CLA QG . 44.03 -5.72 -27.47
C1 BCR RG . 50.52 -17.78 -6.30
C2 BCR RG . 50.34 -18.57 -5.02
C3 BCR RG . 48.92 -19.08 -4.94
C4 BCR RG . 47.93 -17.94 -4.96
C5 BCR RG . 48.31 -16.84 -5.87
C6 BCR RG . 49.48 -16.74 -6.49
C7 BCR RG . 49.78 -15.62 -7.38
C8 BCR RG . 49.73 -15.77 -8.71
C9 BCR RG . 50.01 -14.73 -9.68
C10 BCR RG . 49.59 -14.96 -10.94
C11 BCR RG . 50.06 -14.24 -12.10
C33 BCR RG . 47.25 -15.84 -6.05
C31 BCR RG . 50.53 -18.78 -7.42
C32 BCR RG . 51.88 -17.12 -6.20
C34 BCR RG . 51.03 -13.73 -9.40
C12 BCR RG . 49.57 -14.58 -13.29
C13 BCR RG . 49.92 -13.95 -14.53
C14 BCR RG . 49.30 -14.36 -15.65
C15 BCR RG . 49.63 -13.87 -16.97
C16 BCR RG . 49.19 -14.52 -18.06
C17 BCR RG . 49.64 -14.04 -19.33
C18 BCR RG . 49.29 -14.52 -20.53
C19 BCR RG . 49.61 -13.73 -21.69
C20 BCR RG . 49.28 -14.05 -22.94
C21 BCR RG . 49.35 -13.02 -23.95
C22 BCR RG . 49.37 -13.21 -25.27
C23 BCR RG . 50.12 -12.26 -26.09
C24 BCR RG . 49.91 -12.04 -27.38
C25 BCR RG . 50.59 -10.98 -28.14
C26 BCR RG . 50.23 -9.70 -28.05
C27 BCR RG . 50.86 -8.56 -28.76
C28 BCR RG . 52.22 -8.92 -29.30
C29 BCR RG . 52.16 -10.28 -29.96
C30 BCR RG . 51.71 -11.40 -29.04
C35 BCR RG . 50.75 -12.73 -14.53
C36 BCR RG . 48.55 -15.78 -20.67
C37 BCR RG . 48.89 -14.47 -25.87
C38 BCR RG . 49.14 -9.23 -27.17
C39 BCR RG . 52.86 -11.93 -28.21
C40 BCR RG . 51.30 -12.53 -29.98
C DD6 SG . 40.93 -4.44 -23.16
C1 DD6 SG . 39.73 -3.76 -22.41
C10 DD6 SG . 39.61 -10.68 -15.07
C11 DD6 SG . 39.30 -10.87 -13.42
C12 DD6 SG . 38.50 -9.67 -12.96
C13 DD6 SG . 38.63 -11.94 -13.28
C14 DD6 SG . 39.17 -13.17 -12.76
C15 DD6 SG . 38.30 -14.40 -12.63
C16 DD6 SG . 38.06 -14.65 -11.17
C17 DD6 SG . 38.06 -16.15 -10.80
C18 DD6 SG . 37.65 -17.07 -11.91
C19 DD6 SG . 38.68 -17.00 -13.01
C2 DD6 SG . 39.88 -3.93 -20.96
C20 DD6 SG . 38.72 -15.49 -13.61
C21 DD6 SG . 39.92 -15.23 -14.31
C22 DD6 SG . 38.95 -13.89 -10.25
C23 DD6 SG . 36.46 -14.11 -10.91
C24 DD6 SG . 39.71 -2.20 -22.76
C25 DD6 SG . 40.46 -1.71 -23.75
C26 DD6 SG . 40.40 -0.30 -24.02
C27 DD6 SG . 40.42 0.17 -25.25
C28 DD6 SG . 40.51 -1.07 -26.20
C29 DD6 SG . 40.36 1.54 -25.02
C3 DD6 SG . 39.90 -5.45 -20.50
C30 DD6 SG . 40.30 2.92 -24.84
C31 DD6 SG . 40.27 4.20 -25.70
C32 DD6 SG . 38.80 4.82 -25.56
C33 DD6 SG . 38.69 6.28 -25.98
C34 DD6 SG . 39.83 7.13 -25.42
C35 DD6 SG . 41.22 6.52 -25.82
C36 DD6 SG . 41.36 5.11 -25.23
C37 DD6 SG . 42.68 4.52 -25.67
C4 DD6 SG . 40.24 -5.77 -19.26
C40 DD6 SG . 37.85 3.93 -26.39
C41 DD6 SG . 38.37 4.73 -24.13
C5 DD6 SG . 40.26 -7.21 -18.82
C6 DD6 SG . 39.31 -7.52 -17.59
C7 DD6 SG . 39.35 -6.39 -16.57
C8 DD6 SG . 39.71 -8.78 -16.96
C9 DD6 SG . 39.13 -9.22 -15.74
O1 DD6 SG . 37.69 -14.50 -13.99
O2 DD6 SG . 37.56 -18.50 -11.39
O4 DD6 SG . 39.72 8.43 -25.89
C DD6 TG . 40.10 -19.05 3.05
C1 DD6 TG . 41.14 -18.58 1.98
C10 DD6 TG . 36.09 -25.50 -2.20
C11 DD6 TG . 36.02 -26.76 -3.32
C12 DD6 TG . 37.42 -27.11 -3.78
C13 DD6 TG . 35.50 -27.74 -2.68
C14 DD6 TG . 34.70 -28.76 -3.29
C15 DD6 TG . 34.14 -29.88 -2.44
C16 DD6 TG . 34.76 -31.17 -2.94
C17 DD6 TG . 33.75 -32.22 -3.39
C18 DD6 TG . 32.52 -32.36 -2.55
C19 DD6 TG . 31.73 -31.06 -2.49
C2 DD6 TG . 40.56 -18.72 0.65
C20 DD6 TG . 32.64 -29.72 -2.33
C21 DD6 TG . 32.11 -28.68 -3.14
C22 DD6 TG . 35.59 -31.75 -1.85
C23 DD6 TG . 35.76 -30.90 -4.29
C24 DD6 TG . 41.51 -17.04 2.20
C25 DD6 TG . 42.56 -16.65 2.90
C26 DD6 TG . 42.81 -15.23 3.02
C27 DD6 TG . 42.80 -14.58 4.15
C28 DD6 TG . 42.51 -15.63 5.27
C29 DD6 TG . 43.08 -13.30 3.69
C3 DD6 TG . 39.59 -19.95 0.50
C30 DD6 TG . 43.37 -12.02 3.22
C31 DD6 TG . 43.54 -10.58 3.73
C32 DD6 TG . 44.95 -10.30 4.44
C33 DD6 TG . 45.18 -8.80 4.67
C34 DD6 TG . 44.82 -7.90 3.49
C35 DD6 TG . 43.39 -8.21 2.91
C36 DD6 TG . 43.25 -9.70 2.57
C37 DD6 TG . 41.81 -9.97 2.19
C4 DD6 TG . 39.96 -20.99 -0.22
C40 DD6 TG . 44.91 -10.99 5.82
C41 DD6 TG . 46.03 -10.88 3.57
C5 DD6 TG . 39.03 -22.16 -0.35
C6 DD6 TG . 39.02 -22.80 -1.80
C7 DD6 TG . 39.18 -21.72 -2.86
C8 DD6 TG . 37.72 -23.46 -1.96
C9 DD6 TG . 37.61 -24.86 -2.02
O1 DD6 TG . 33.52 -29.14 -1.29
O2 DD6 TG . 31.62 -33.39 -3.23
O4 DD6 TG . 44.83 -6.57 3.91
C1 BCR UG . 29.53 3.29 -16.25
C2 BCR UG . 28.39 4.00 -15.52
C3 BCR UG . 28.88 4.79 -14.36
C4 BCR UG . 29.63 3.92 -13.37
C5 BCR UG . 30.51 2.93 -14.02
C6 BCR UG . 30.50 2.63 -15.32
C7 BCR UG . 31.38 1.63 -15.91
C8 BCR UG . 32.61 1.92 -16.33
C9 BCR UG . 33.56 0.94 -16.84
C10 BCR UG . 34.74 1.36 -17.31
C11 BCR UG . 35.75 0.51 -17.89
C33 BCR UG . 31.44 2.28 -13.09
C31 BCR UG . 30.21 4.34 -17.11
C32 BCR UG . 28.90 2.27 -17.16
C34 BCR UG . 33.17 -0.48 -16.81
C12 BCR UG . 37.02 0.91 -17.86
C13 BCR UG . 38.15 0.17 -18.36
C14 BCR UG . 39.24 0.83 -18.76
C15 BCR UG . 40.41 0.19 -19.31
C16 BCR UG . 41.36 0.89 -19.94
C17 BCR UG . 42.41 0.15 -20.60
C18 BCR UG . 43.41 0.64 -21.33
C19 BCR UG . 44.44 -0.25 -21.80
C20 BCR UG . 45.49 0.18 -22.48
C21 BCR UG . 46.14 -0.72 -23.40
C22 BCR UG . 47.34 -0.53 -23.98
C23 BCR UG . 48.06 -1.69 -24.43
C24 BCR UG . 48.78 -1.73 -25.56
C25 BCR UG . 49.84 -2.68 -25.84
C26 BCR UG . 49.58 -3.88 -26.35
C27 BCR UG . 50.59 -4.91 -26.69
C28 BCR UG . 51.95 -4.29 -26.90
C29 BCR UG . 52.26 -3.36 -25.76
C30 BCR UG . 51.24 -2.24 -25.57
C35 BCR UG . 38.10 -1.30 -18.52
C36 BCR UG . 43.39 2.02 -21.87
C37 BCR UG . 47.77 0.82 -24.40
C38 BCR UG . 48.22 -4.34 -26.65
C39 BCR UG . 51.56 -1.04 -26.44
C40 BCR UG . 51.43 -1.79 -24.13
C DD6 VG . 36.23 -18.92 3.30
C1 DD6 VG . 35.15 -17.77 3.23
C10 DD6 VG . 29.22 -24.90 0.20
C11 DD6 VG . 27.84 -25.56 -0.50
C12 DD6 VG . 27.12 -24.56 -1.38
C13 DD6 VG . 28.28 -26.57 -1.16
C14 DD6 VG . 27.48 -27.60 -1.77
C15 DD6 VG . 28.18 -28.73 -2.47
C16 DD6 VG . 27.71 -28.73 -3.91
C17 DD6 VG . 27.34 -30.10 -4.47
C18 DD6 VG . 28.04 -31.27 -3.82
C19 DD6 VG . 27.65 -31.33 -2.36
C2 DD6 VG . 33.90 -18.24 3.80
C20 DD6 VG . 28.08 -29.97 -1.59
C21 DD6 VG . 27.33 -29.81 -0.42
C22 DD6 VG . 28.84 -28.21 -4.75
C23 DD6 VG . 26.38 -27.70 -4.13
C24 DD6 VG . 35.70 -16.43 3.91
C25 DD6 VG . 36.50 -16.45 4.97
C26 DD6 VG . 37.03 -15.24 5.57
C27 DD6 VG . 38.31 -15.17 5.87
C28 DD6 VG . 38.91 -16.55 5.44
C29 DD6 VG . 38.53 -13.93 6.43
C3 DD6 VG . 33.47 -19.57 3.04
C30 DD6 VG . 39.06 -12.76 7.01
C31 DD6 VG . 38.92 -11.33 7.59
C32 DD6 VG . 39.51 -10.23 6.59
C33 DD6 VG . 39.69 -8.91 7.34
C34 DD6 VG . 38.49 -8.52 8.22
C35 DD6 VG . 37.71 -9.69 8.91
C36 DD6 VG . 37.56 -10.97 8.07
C37 DD6 VG . 37.04 -12.07 8.95
C4 DD6 VG . 32.22 -19.83 2.70
C40 DD6 VG . 38.56 -10.02 5.39
C41 DD6 VG . 40.83 -10.69 6.08
C5 DD6 VG . 31.97 -21.14 1.99
C6 DD6 VG . 30.61 -21.26 1.18
C7 DD6 VG . 29.47 -20.63 1.96
C8 DD6 VG . 30.37 -22.70 1.03
C9 DD6 VG . 29.31 -23.25 0.26
O1 DD6 VG . 29.30 -29.10 -1.54
O2 DD6 VG . 27.59 -32.56 -4.49
O4 DD6 VG . 38.96 -7.65 9.20
C A86 WG . 58.84 -16.87 -9.52
O A86 WG . 50.68 -26.19 -14.51
C1 A86 WG . 58.46 -15.79 -10.58
C10 A86 WG . 52.73 -23.33 -13.90
C11 A86 WG . 51.69 -24.08 -14.57
C12 A86 WG . 50.77 -23.41 -15.55
C13 A86 WG . 51.61 -25.53 -14.23
C14 A86 WG . 52.92 -26.15 -13.38
C15 A86 WG . 53.23 -27.70 -13.45
C16 A86 WG . 53.75 -28.29 -14.76
C17 A86 WG . 52.92 -29.37 -15.45
C18 A86 WG . 52.38 -30.34 -14.51
C19 A86 WG . 51.40 -29.57 -13.57
C2 A86 WG . 57.59 -16.12 -11.64
C20 A86 WG . 52.33 -28.59 -12.68
C21 A86 WG . 51.31 -27.80 -11.79
C22 A86 WG . 55.16 -28.90 -14.45
C23 A86 WG . 53.97 -27.20 -15.80
C24 A86 WG . 59.02 -14.39 -10.49
C25 A86 WG . 59.81 -14.00 -9.38
C26 A86 WG . 60.39 -12.47 -9.32
C27 A86 WG . 61.71 -12.20 -8.88
C28 A86 WG . 62.59 -13.31 -8.46
C29 A86 WG . 62.25 -10.68 -8.83
C3 A86 WG . 57.04 -17.48 -11.73
C30 A86 WG . 62.76 -10.15 -7.57
C31 A86 WG . 63.25 -9.68 -6.30
C32 A86 WG . 64.54 -8.81 -6.18
C33 A86 WG . 65.64 -9.42 -5.28
C34 A86 WG . 65.05 -10.01 -3.98
C35 A86 WG . 64.03 -11.09 -4.34
C36 A86 WG . 62.83 -10.39 -5.00
C37 A86 WG . 61.73 -11.42 -5.31
C38 A86 WG . 65.78 -10.52 -1.73
C39 A86 WG . 64.59 -9.66 -1.19
C4 A86 WG . 56.50 -17.95 -12.94
C40 A86 WG . 65.13 -8.58 -7.61
C41 A86 WG . 64.16 -7.41 -5.61
C5 A86 WG . 55.90 -19.49 -12.95
C6 A86 WG . 54.79 -19.83 -13.72
C7 A86 WG . 54.06 -18.75 -14.64
C8 A86 WG . 54.28 -21.35 -13.63
C9 A86 WG . 52.97 -21.82 -14.11
O1 A86 WG . 53.65 -28.22 -12.13
O2 A86 WG . 51.70 -31.37 -15.20
O3 A86 WG . 62.33 -9.44 -4.09
O4 A86 WG . 66.07 -10.56 -3.15
O5 A86 WG . 66.44 -11.13 -0.98
C A86 XG . 58.15 -17.63 -20.03
O A86 XG . 52.45 -5.97 -23.57
C1 A86 XG . 57.07 -18.40 -20.86
C10 A86 XG . 53.23 -9.39 -22.97
C11 A86 XG . 52.85 -8.27 -23.80
C12 A86 XG . 52.37 -8.45 -25.22
C13 A86 XG . 52.99 -6.94 -23.16
C14 A86 XG . 53.98 -6.95 -21.81
C15 A86 XG . 53.93 -5.78 -20.76
C16 A86 XG . 52.71 -5.64 -19.84
C17 A86 XG . 51.87 -4.38 -19.90
C18 A86 XG . 52.68 -3.17 -20.09
C19 A86 XG . 53.43 -3.30 -21.46
C2 A86 XG . 55.95 -17.75 -21.38
C20 A86 XG . 54.51 -4.47 -21.23
C21 A86 XG . 55.25 -4.60 -22.61
C22 A86 XG . 53.25 -5.75 -18.38
C23 A86 XG . 51.77 -6.81 -20.08
C24 A86 XG . 57.18 -19.87 -21.14
C25 A86 XG . 57.93 -20.76 -20.33
C26 A86 XG . 57.92 -22.31 -20.83
C27 A86 XG . 58.88 -23.22 -20.37
C28 A86 XG . 59.93 -22.80 -19.41
C29 A86 XG . 58.80 -24.74 -20.89
C3 A86 XG . 55.74 -16.32 -21.17
C30 A86 XG . 59.16 -25.78 -19.95
C31 A86 XG . 59.54 -26.77 -18.98
C32 A86 XG . 61.02 -27.22 -18.99
C33 A86 XG . 61.45 -28.11 -17.80
C34 A86 XG . 60.99 -27.63 -16.42
C35 A86 XG . 59.74 -26.71 -16.41
C36 A86 XG . 58.80 -26.87 -17.62
C37 A86 XG . 58.02 -28.22 -17.53
C38 A86 XG . 61.54 -28.89 -14.43
C39 A86 XG . 62.85 -28.07 -14.28
C4 A86 XG . 55.57 -15.53 -22.31
C40 A86 XG . 61.26 -27.99 -20.31
C41 A86 XG . 61.91 -25.95 -19.02
C5 A86 XG . 55.33 -13.90 -22.12
C6 A86 XG . 54.33 -13.28 -22.87
C7 A86 XG . 53.43 -14.09 -23.90
C8 A86 XG . 54.14 -11.69 -22.63
C9 A86 XG . 53.20 -10.86 -23.38
O1 A86 XG . 55.28 -5.36 -20.34
O2 A86 XG . 51.87 -2.02 -20.08
O3 A86 XG . 57.86 -25.83 -17.58
O4 A86 XG . 60.73 -28.78 -15.62
O5 A86 XG . 61.21 -29.62 -13.57
O1 LHG YG . 31.48 -20.36 -28.40
C1 LHG YG . 32.33 -21.48 -28.12
C2 LHG YG . 33.00 -21.28 -26.77
O2 LHG YG . 34.26 -20.68 -26.90
C3 LHG YG . 33.24 -22.57 -26.00
O3 LHG YG . 34.36 -22.19 -25.22
P LHG YG . 34.26 -22.06 -23.61
O4 LHG YG . 33.22 -23.01 -23.15
O5 LHG YG . 35.67 -21.82 -23.19
O6 LHG YG . 33.49 -20.58 -23.63
C4 LHG YG . 34.23 -19.40 -23.71
C5 LHG YG . 33.36 -18.34 -23.02
C6 LHG YG . 34.23 -17.27 -22.34
O7 LHG YG . 32.57 -17.77 -24.07
C7 LHG YG . 32.04 -16.54 -23.80
O9 LHG YG . 32.29 -15.58 -24.49
C8 LHG YG . 30.87 -16.66 -22.89
C9 LHG YG . 30.22 -15.32 -22.79
C10 LHG YG . 29.98 -14.98 -21.34
O8 LHG YG . 33.50 -16.91 -21.14
C23 LHG YG . 34.20 -16.82 -19.97
O10 LHG YG . 35.18 -17.51 -19.80
C24 LHG YG . 33.83 -15.81 -18.92
C11 LHG YG . 28.57 -14.48 -21.40
C12 LHG YG . 28.54 -13.09 -20.88
C13 LHG YG . 28.31 -13.16 -19.40
C14 LHG YG . 26.86 -13.36 -19.09
C15 LHG YG . 26.27 -11.97 -19.02
C16 LHG YG . 26.74 -11.34 -17.75
C17 LHG YG . 26.35 -9.88 -17.70
C18 LHG YG . 26.19 -9.62 -16.23
C19 LHG YG . 27.03 -8.49 -15.70
C20 LHG YG . 26.49 -7.31 -16.49
C25 LHG YG . 33.70 -14.38 -19.38
C26 LHG YG . 32.71 -13.55 -18.57
C27 LHG YG . 33.13 -12.13 -18.80
C28 LHG YG . 32.04 -11.09 -18.66
C29 LHG YG . 32.02 -10.66 -17.22
C30 LHG YG . 31.17 -9.45 -16.91
C31 LHG YG . 31.91 -8.20 -16.50
C32 LHG YG . 31.70 -7.00 -17.40
C23 UNL ZG . 49.49 -19.88 -18.54
C24 UNL ZG . 49.93 -19.79 -17.10
C25 UNL ZG . 49.07 -18.78 -16.36
C26 UNL ZG . 49.48 -18.61 -14.90
C27 UNL ZG . 49.54 -19.95 -14.16
C28 UNL ZG . 49.47 -19.73 -12.65
C29 UNL ZG . 48.89 -20.97 -11.97
C30 UNL ZG . 49.91 -22.08 -11.86
C31 UNL ZG . 49.44 -23.20 -10.92
C32 UNL ZG . 48.49 -24.18 -11.62
C33 UNL ZG . 48.39 -25.49 -10.84
C23 UNL AH . 42.82 -20.56 -2.27
C24 UNL AH . 43.06 -21.53 -3.40
C25 UNL AH . 42.41 -21.00 -4.68
C26 UNL AH . 42.50 -22.03 -5.81
C27 UNL AH . 41.28 -22.94 -5.84
C28 UNL AH . 41.21 -23.70 -7.16
C29 UNL AH . 40.02 -24.66 -7.23
C30 UNL AH . 39.92 -25.32 -8.59
C31 UNL AH . 39.94 -26.84 -8.50
C32 UNL AH . 38.55 -27.44 -8.36
C33 UNL AH . 38.63 -28.92 -8.05
C24 UNL BH . 58.78 -25.82 -25.22
C25 UNL BH . 59.83 -24.79 -25.65
C26 UNL BH . 59.45 -23.39 -25.17
C27 UNL BH . 58.05 -23.00 -25.63
C28 UNL BH . 57.62 -21.68 -25.03
C29 UNL BH . 56.29 -21.24 -25.63
C30 UNL BH . 55.75 -20.02 -24.91
C31 UNL BH . 56.59 -18.80 -25.24
C32 UNL BH . 56.03 -18.10 -26.47
C33 UNL BH . 54.62 -17.59 -26.21
C24 UNL CH . 57.17 -16.43 -16.36
C25 UNL CH . 58.18 -15.52 -15.67
C26 UNL CH . 57.47 -14.37 -14.99
C27 UNL CH . 58.37 -13.63 -14.00
C28 UNL CH . 59.70 -13.26 -14.63
C29 UNL CH . 60.58 -12.60 -13.58
C1B LMT DH . 41.92 -4.29 15.37
C2B LMT DH . 42.14 -3.56 16.72
C3B LMT DH . 41.87 -2.04 16.62
C4B LMT DH . 42.52 -1.45 15.35
C5B LMT DH . 41.95 -2.27 14.21
C6B LMT DH . 42.30 -1.66 12.87
O1B LMT DH . 40.57 -4.56 15.20
O2B LMT DH . 41.28 -4.14 17.59
O3B LMT DH . 42.24 -1.39 17.76
O4' LMT DH . 42.20 -0.11 15.19
O5B LMT DH . 42.41 -3.58 14.27
O6B LMT DH . 42.23 -2.60 11.88
C1' LMT DH . 38.25 -7.66 13.70
C2' LMT DH . 38.60 -7.74 15.21
C3' LMT DH . 39.16 -6.40 15.74
C4' LMT DH . 40.24 -5.85 14.79
C5' LMT DH . 39.53 -5.77 13.43
C6' LMT DH . 40.27 -5.00 12.36
O1' LMT DH . 38.17 -8.92 13.20
O2' LMT DH . 37.45 -8.02 15.89
O3' LMT DH . 39.67 -6.56 16.99
O5' LMT DH . 39.29 -7.06 12.96
O6' LMT DH . 39.54 -3.87 12.16
C1 LMT DH . 36.88 -9.45 13.20
C2 LMT DH . 37.01 -10.75 13.92
C3 LMT DH . 38.05 -11.69 13.41
C4 LMT DH . 37.74 -13.04 13.98
C5 LMT DH . 38.91 -13.94 13.81
C6 LMT DH . 38.52 -15.37 13.72
C7 LMT DH . 39.61 -16.15 13.05
C8 LMT DH . 39.93 -17.35 13.88
C9 LMT DH . 39.22 -18.58 13.45
C10 LMT DH . 40.23 -19.46 12.75
C11 LMT DH . 39.59 -20.67 12.13
C12 LMT DH . 38.64 -21.33 13.07
C26 UNL EH . 30.73 -14.82 -40.31
C27 UNL EH . 29.43 -14.13 -39.89
C28 UNL EH . 29.62 -12.64 -39.64
C29 UNL EH . 30.14 -11.93 -40.88
C30 UNL EH . 30.10 -10.41 -40.70
C31 UNL EH . 31.01 -9.96 -39.56
C32 UNL EH . 30.91 -8.45 -39.36
C33 UNL EH . 31.59 -8.03 -38.07
C27 UNL FH . 28.34 -3.72 -37.84
C28 UNL FH . 29.10 -3.09 -36.68
C29 UNL FH . 28.14 -2.70 -35.56
C30 UNL FH . 28.90 -2.07 -34.40
C25 UNL GH . 44.90 0.29 -28.04
C26 UNL GH . 44.58 1.27 -26.91
C27 UNL GH . 45.33 2.58 -27.13
C28 UNL GH . 44.90 3.25 -28.42
C29 UNL GH . 45.33 4.70 -28.47
C23 UNL HH . 42.35 -6.33 -32.11
C24 UNL HH . 42.21 -5.17 -33.06
C25 UNL HH . 42.07 -3.87 -32.27
C26 UNL HH . 43.24 -3.63 -31.33
C27 UNL HH . 43.46 -2.14 -31.10
C28 UNL HH . 44.03 -1.50 -32.36
C29 UNL HH . 44.23 -0.01 -32.20
C30 UNL HH . 44.78 0.60 -33.48
C31 UNL HH . 45.15 2.07 -33.32
MG CLA IH . 30.25 17.70 -50.66
CHA CLA IH . 30.27 21.14 -50.61
CHB CLA IH . 29.49 17.75 -47.36
CHC CLA IH . 29.79 14.36 -50.86
CHD CLA IH . 30.62 17.84 -54.32
NA CLA IH . 29.90 19.17 -49.25
C1A CLA IH . 30.01 20.43 -49.33
C2A CLA IH . 29.80 21.23 -48.08
C3A CLA IH . 29.63 20.13 -47.06
C4A CLA IH . 29.67 18.94 -47.95
CMA CLA IH . 30.88 20.09 -46.17
CAA CLA IH . 28.40 21.84 -48.25
CBA CLA IH . 27.56 21.96 -46.98
CGA CLA IH . 26.57 20.82 -46.78
O1A CLA IH . 25.67 20.90 -45.97
O2A CLA IH . 26.73 19.60 -47.56
NB CLA IH . 29.69 16.27 -49.31
C1B CLA IH . 29.51 16.43 -48.00
C2B CLA IH . 29.33 15.17 -47.23
C3B CLA IH . 29.41 14.15 -48.31
C4B CLA IH . 29.63 14.96 -49.54
CMB CLA IH . 29.11 15.01 -45.76
CAB CLA IH . 29.33 12.67 -48.26
CBB CLA IH . 28.37 12.05 -47.59
NC CLA IH . 30.19 16.40 -52.27
C1C CLA IH . 30.04 15.06 -52.12
C2C CLA IH . 30.12 14.29 -53.38
C3C CLA IH . 30.37 15.33 -54.39
C4C CLA IH . 30.39 16.58 -53.59
CMC CLA IH . 30.00 12.81 -53.60
CAC CLA IH . 30.54 15.16 -55.88
CBC CLA IH . 29.16 15.35 -56.49
ND CLA IH . 30.36 19.05 -52.17
C1D CLA IH . 30.61 19.09 -53.57
C2D CLA IH . 30.83 20.43 -54.15
C3D CLA IH . 30.70 21.27 -52.91
C4D CLA IH . 30.43 20.40 -51.87
CMD CLA IH . 31.13 20.94 -55.52
CAD CLA IH . 30.72 22.64 -52.35
OBD CLA IH . 30.94 23.71 -53.02
CBD CLA IH . 30.48 22.59 -50.89
CGD CLA IH . 31.69 23.06 -50.15
O1D CLA IH . 32.79 22.65 -50.42
O2D CLA IH . 31.53 24.04 -49.09
CED CLA IH . 32.66 24.46 -48.33
C1 CLA IH . 25.73 18.61 -47.68
C2 CLA IH . 25.36 17.87 -46.41
C3 CLA IH . 25.00 16.58 -46.45
C4 CLA IH . 24.60 15.87 -45.20
C5 CLA IH . 24.95 15.82 -47.75
C6 CLA IH . 23.69 14.96 -47.89
C7 CLA IH . 23.87 13.89 -48.95
C8 CLA IH . 22.67 13.74 -49.88
C9 CLA IH . 21.46 13.23 -49.13
C10 CLA IH . 23.10 12.80 -51.02
C11 CLA IH . 21.97 11.96 -51.59
C12 CLA IH . 21.35 12.57 -52.85
C13 CLA IH . 22.33 12.71 -54.01
C14 CLA IH . 21.61 13.23 -55.24
C15 CLA IH . 23.01 11.37 -54.29
C16 CLA IH . 23.56 11.21 -55.71
C17 CLA IH . 25.03 10.83 -55.66
C18 CLA IH . 25.48 10.01 -56.87
C19 CLA IH . 26.95 9.63 -56.73
C20 CLA IH . 25.21 10.72 -58.19
MG CLA JH . 27.06 8.12 -44.50
CHA CLA JH . 26.71 10.11 -41.70
CHB CLA JH . 25.48 10.51 -46.29
CHC CLA JH . 27.01 5.93 -47.06
CHD CLA JH . 28.29 5.42 -42.27
NA CLA JH . 26.20 9.95 -44.09
C1A CLA JH . 26.25 10.65 -43.02
C2A CLA JH . 25.82 12.07 -43.12
C3A CLA JH . 25.40 12.18 -44.57
C4A CLA JH . 25.72 10.78 -45.02
CMA CLA JH . 23.90 12.41 -44.66
CAA CLA JH . 27.12 12.86 -42.93
CBA CLA JH . 26.98 14.36 -43.11
CGA CLA JH . 26.46 15.02 -41.87
O1A CLA JH . 26.53 14.50 -40.77
O2A CLA JH . 25.84 16.33 -41.99
NB CLA JH . 26.35 8.22 -46.41
C1B CLA JH . 25.71 9.23 -46.97
C2B CLA JH . 25.28 8.99 -48.38
C3B CLA JH . 25.73 7.61 -48.60
C4B CLA JH . 26.39 7.24 -47.31
CMB CLA JH . 24.54 9.93 -49.30
CAB CLA JH . 25.58 6.80 -49.84
CBB CLA JH . 26.05 5.58 -49.99
NC CLA JH . 27.52 6.10 -44.61
C1C CLA JH . 27.49 5.42 -45.76
C2C CLA JH . 27.98 4.02 -45.68
C3C CLA JH . 28.35 3.89 -44.28
C4C CLA JH . 28.03 5.22 -43.72
CMC CLA JH . 28.08 2.99 -46.78
CAC CLA JH . 28.93 2.70 -43.57
CBC CLA JH . 30.41 3.00 -43.51
ND CLA JH . 27.41 7.74 -42.53
C1D CLA JH . 27.94 6.70 -41.68
C2D CLA JH . 28.07 7.05 -40.25
C3D CLA JH . 27.55 8.45 -40.28
C4D CLA JH . 27.19 8.73 -41.58
CMD CLA JH . 28.54 6.36 -39.01
CAD CLA JH . 27.27 9.65 -39.47
OBD CLA JH . 27.46 9.74 -38.21
CBD CLA JH . 26.71 10.72 -40.33
CGD CLA JH . 25.31 10.98 -39.83
O1D CLA JH . 25.06 10.89 -38.64
O2D CLA JH . 24.21 11.33 -40.69
CED CLA JH . 22.98 11.74 -40.11
C1 CLA JH . 24.93 16.74 -40.99
C2 CLA JH . 23.58 16.11 -41.23
C3 CLA JH . 22.61 16.81 -41.81
C4 CLA JH . 22.84 18.24 -42.22
C5 CLA JH . 21.27 16.18 -42.08
C6 CLA JH . 21.16 14.72 -41.67
C7 CLA JH . 19.85 14.50 -40.92
C8 CLA JH . 19.57 13.04 -40.64
C9 CLA JH . 19.83 12.18 -41.86
C10 CLA JH . 18.14 12.90 -40.14
C11 CLA JH . 17.22 12.16 -41.09
C12 CLA JH . 16.48 11.05 -40.37
C13 CLA JH . 15.03 10.96 -40.79
C14 CLA JH . 14.18 12.06 -40.16
C15 CLA JH . 14.46 9.59 -40.47
C16 CLA JH . 14.62 9.20 -39.01
C17 CLA JH . 15.40 7.90 -38.87
C18 CLA JH . 15.45 7.42 -37.42
C19 CLA JH . 16.41 6.24 -37.30
C20 CLA JH . 14.07 7.07 -36.91
MG CLA KH . 41.00 -5.20 -48.77
CHA CLA KH . 41.49 -8.60 -48.46
CHB CLA KH . 38.46 -5.43 -46.56
CHC CLA KH . 40.86 -1.80 -48.78
CHD CLA KH . 44.12 -5.06 -50.73
NA CLA KH . 40.14 -6.72 -47.66
C1A CLA KH . 40.35 -7.98 -47.71
C2A CLA KH . 39.45 -8.86 -46.88
C3A CLA KH . 38.48 -7.84 -46.32
C4A CLA KH . 39.06 -6.58 -46.89
CMA CLA KH . 37.09 -8.08 -46.87
CAA CLA KH . 40.12 -9.47 -45.64
CBA CLA KH . 41.59 -9.19 -45.29
CGA CLA KH . 41.97 -7.74 -45.09
O1A CLA KH . 41.23 -6.97 -44.51
O2A CLA KH . 43.25 -7.25 -45.60
NB CLA KH . 39.82 -3.83 -47.81
C1B CLA KH . 38.83 -4.08 -46.96
C2B CLA KH . 38.12 -2.87 -46.45
C3B CLA KH . 38.87 -1.79 -47.12
C4B CLA KH . 39.89 -2.51 -47.94
CMB CLA KH . 36.96 -2.75 -45.49
CAB CLA KH . 38.66 -0.32 -47.05
CBB CLA KH . 37.61 0.24 -47.61
NC CLA KH . 42.24 -3.76 -49.58
C1C CLA KH . 42.01 -2.44 -49.46
C2C CLA KH . 43.02 -1.57 -50.12
C3C CLA KH . 43.98 -2.54 -50.70
C4C CLA KH . 43.39 -3.84 -50.30
CMC CLA KH . 43.10 -0.07 -50.19
CAC CLA KH . 45.24 -2.28 -51.48
CBC CLA KH . 46.38 -2.34 -50.50
ND CLA KH . 42.49 -6.41 -49.43
C1D CLA KH . 43.66 -6.36 -50.26
C2D CLA KH . 44.28 -7.67 -50.58
C3D CLA KH . 43.37 -8.58 -49.84
C4D CLA KH . 42.41 -7.78 -49.24
CMD CLA KH . 45.46 -8.14 -51.38
CAD CLA KH . 43.08 -9.99 -49.48
OBD CLA KH . 43.74 -11.01 -49.86
CBD CLA KH . 41.87 -10.03 -48.63
CGD CLA KH . 40.83 -10.67 -49.49
O1D CLA KH . 40.67 -10.28 -50.63
O2D CLA KH . 40.02 -11.78 -49.04
CED CLA KH . 39.30 -12.52 -50.01
C1 CLA KH . 43.40 -5.90 -46.07
C2 CLA KH . 44.70 -5.74 -46.82
C3 CLA KH . 45.41 -4.59 -46.85
C4 CLA KH . 46.70 -4.56 -47.62
C5 CLA KH . 44.95 -3.33 -46.15
C6 CLA KH . 44.99 -2.09 -47.05
C7 CLA KH . 45.15 -0.80 -46.25
C8 CLA KH . 43.98 -0.56 -45.30
C9 CLA KH . 42.67 -0.55 -46.08
C10 CLA KH . 44.15 0.76 -44.56
C11 CLA KH . 45.50 0.84 -43.86
C12 CLA KH . 45.89 2.27 -43.55
C13 CLA KH . 44.94 2.91 -42.54
C14 CLA KH . 45.18 4.41 -42.44
C15 CLA KH . 45.13 2.26 -41.17
C16 CLA KH . 43.94 2.54 -40.25
C17 CLA KH . 44.25 2.15 -38.82
C18 CLA KH . 43.22 1.18 -38.25
C19 CLA KH . 43.57 0.82 -36.82
C20 CLA KH . 43.13 -0.08 -39.11
MG CLA LH . 44.77 -9.20 -35.98
CHA CLA LH . 44.23 -11.74 -38.26
CHB CLA LH . 46.63 -11.39 -34.16
CHC CLA LH . 45.61 -6.61 -34.01
CHD CLA LH . 43.27 -6.87 -38.39
NA CLA LH . 45.38 -11.18 -36.19
C1A CLA LH . 45.05 -12.06 -37.05
C2A CLA LH . 45.48 -13.48 -36.79
C3A CLA LH . 46.21 -13.33 -35.47
C4A CLA LH . 46.06 -11.86 -35.26
CMA CLA LH . 45.45 -14.06 -34.37
CAA CLA LH . 46.42 -14.01 -37.87
CBA CLA LH . 47.87 -14.19 -37.39
CGA CLA LH . 48.73 -13.20 -38.15
O1A CLA LH . 49.68 -13.58 -38.82
O2A CLA LH . 48.43 -11.78 -38.08
NB CLA LH . 45.94 -9.03 -34.31
C1B CLA LH . 46.65 -9.98 -33.71
C2B CLA LH . 47.47 -9.54 -32.55
C3B CLA LH . 47.15 -8.10 -32.52
C4B CLA LH . 46.19 -7.91 -33.65
CMB CLA LH . 48.37 -10.36 -31.67
CAB CLA LH . 47.65 -7.07 -31.57
CBB CLA LH . 46.86 -6.16 -31.06
NC CLA LH . 44.41 -7.18 -36.15
C1C CLA LH . 44.99 -6.30 -35.30
C2C CLA LH . 44.98 -4.89 -35.77
C3C CLA LH . 44.29 -4.95 -37.07
C4C CLA LH . 43.99 -6.42 -37.19
CMC CLA LH . 45.55 -3.67 -35.08
CAC CLA LH . 44.01 -3.82 -38.04
CBC CLA LH . 42.52 -3.66 -38.23
ND CLA LH . 44.00 -9.17 -37.87
C1D CLA LH . 43.29 -8.29 -38.74
C2D CLA LH . 42.65 -8.91 -39.93
C3D CLA LH . 43.06 -10.32 -39.71
C4D CLA LH . 43.80 -10.37 -38.55
CMD CLA LH . 41.84 -8.42 -41.10
CAD CLA LH . 42.98 -11.70 -40.25
OBD CLA LH . 42.37 -12.06 -41.32
CBD CLA LH . 43.72 -12.61 -39.35
CGD CLA LH . 42.85 -13.72 -38.86
O1D CLA LH . 42.99 -14.85 -39.31
O2D CLA LH . 41.86 -13.50 -37.82
CED CLA LH . 41.55 -14.57 -36.94
C1 CLA LH . 49.39 -10.86 -37.57
C2 CLA LH . 48.66 -9.61 -37.15
C3 CLA LH . 48.60 -8.57 -37.99
C4 CLA LH . 49.26 -8.65 -39.34
C5 CLA LH . 47.87 -7.31 -37.59
C6 CLA LH . 48.52 -6.56 -36.44
C7 CLA LH . 48.50 -5.06 -36.69
MG CLA MH . 32.64 5.65 -37.53
CHA CLA MH . 31.28 8.76 -38.27
CHB CLA MH . 32.23 6.35 -34.25
CHC CLA MH . 33.30 2.40 -36.92
CHD CLA MH . 32.71 4.96 -41.17
NA CLA MH . 31.85 7.23 -36.45
C1A CLA MH . 31.47 8.40 -36.83
C2A CLA MH . 31.13 9.39 -35.76
C3A CLA MH . 31.49 8.61 -34.51
C4A CLA MH . 31.90 7.30 -35.11
CMA CLA MH . 32.74 9.23 -33.90
CAA CLA MH . 29.62 9.61 -35.70
CBA CLA MH . 28.86 8.33 -35.29
CGA CLA MH . 27.36 8.43 -35.39
O1A CLA MH . 26.72 9.08 -34.58
O2A CLA MH . 26.67 7.71 -36.44
NB CLA MH . 32.76 4.54 -35.82
C1B CLA MH . 32.62 4.97 -34.58
C2B CLA MH . 32.76 3.93 -33.53
C3B CLA MH . 33.07 2.74 -34.34
C4B CLA MH . 33.04 3.23 -35.74
CMB CLA MH . 32.64 4.05 -32.04
CAB CLA MH . 33.34 1.36 -33.84
CBB CLA MH . 33.00 0.28 -34.51
NC CLA MH . 32.90 4.04 -38.79
C1C CLA MH . 33.22 2.82 -38.33
C2C CLA MH . 33.52 1.81 -39.39
C3C CLA MH . 33.35 2.58 -40.63
C4C CLA MH . 32.97 3.93 -40.14
CMC CLA MH . 33.90 0.37 -39.24
CAC CLA MH . 33.51 2.09 -42.05
CBC CLA MH . 34.98 2.20 -42.38
ND CLA MH . 32.15 6.53 -39.32
C1D CLA MH . 32.20 6.26 -40.72
C2D CLA MH . 31.71 7.33 -41.60
C3D CLA MH . 31.33 8.36 -40.58
C4D CLA MH . 31.59 7.80 -39.34
CMD CLA MH . 31.57 7.50 -43.08
CAD CLA MH . 30.76 9.71 -40.36
OBD CLA MH . 30.38 10.53 -41.27
CBD CLA MH . 30.72 9.98 -38.91
CGD CLA MH . 31.57 11.19 -38.64
O1D CLA MH . 32.64 11.10 -38.09
O2D CLA MH . 31.09 12.51 -39.04
CED CLA MH . 31.84 13.67 -38.72
C1 CLA MH . 25.29 7.35 -36.36
C2 CLA MH . 24.66 7.63 -37.69
C3 CLA MH . 24.44 6.69 -38.62
C4 CLA MH . 24.84 5.28 -38.36
C5 CLA MH . 23.81 7.11 -39.93
C6 CLA MH . 24.28 6.31 -41.13
C7 CLA MH . 23.99 7.04 -42.44
C8 CLA MH . 23.59 6.07 -43.56
C9 CLA MH . 24.40 4.78 -43.49
C10 CLA MH . 23.78 6.76 -44.90
C11 CLA MH . 23.56 5.81 -46.07
C12 CLA MH . 22.09 5.42 -46.22
C13 CLA MH . 21.68 5.49 -47.69
MG CLA NH . 45.09 12.33 -46.67
CHA CLA NH . 45.75 14.20 -43.86
CHB CLA NH . 46.19 14.93 -48.54
CHC CLA NH . 44.16 10.55 -49.38
CHD CLA NH . 43.57 9.78 -44.48
NA CLA NH . 45.81 14.24 -46.29
C1A CLA NH . 46.09 14.81 -45.18
C2A CLA NH . 46.77 16.15 -45.26
C3A CLA NH . 46.86 16.38 -46.76
C4A CLA NH . 46.25 15.09 -47.22
CMA CLA NH . 45.95 17.51 -47.18
CAA CLA NH . 48.16 16.09 -44.62
CBA CLA NH . 49.32 15.89 -45.59
CGA CLA NH . 49.41 14.45 -46.04
O1A CLA NH . 48.93 13.56 -45.38
O2A CLA NH . 50.13 14.16 -47.26
NB CLA NH . 45.17 12.71 -48.67
C1B CLA NH . 45.63 13.79 -49.28
C2B CLA NH . 45.54 13.79 -50.75
C3B CLA NH . 44.92 12.47 -50.99
C4B CLA NH . 44.75 11.89 -49.63
CMB CLA NH . 45.96 14.85 -51.75
CAB CLA NH . 44.57 11.83 -52.27
CBB CLA NH . 45.48 11.23 -52.98
NC CLA NH . 44.01 10.58 -46.86
C1C CLA NH . 43.86 9.97 -48.05
C2C CLA NH . 43.37 8.57 -47.96
C3C CLA NH . 43.20 8.36 -46.52
C4C CLA NH . 43.63 9.66 -45.95
CMC CLA NH . 43.08 7.59 -49.07
CAC CLA NH . 42.72 7.12 -45.79
CBC CLA NH . 43.96 6.42 -45.30
ND CLA NH . 44.68 11.99 -44.71
C1D CLA NH . 44.14 10.97 -43.86
C2D CLA NH . 44.22 11.22 -42.41
C3D CLA NH . 44.88 12.56 -42.42
C4D CLA NH . 45.10 12.89 -43.75
CMD CLA NH . 43.81 10.48 -41.18
CAD CLA NH . 45.42 13.67 -41.59
OBD CLA NH . 45.40 13.71 -40.31
CBD CLA NH . 45.96 14.71 -42.48
CGD CLA NH . 45.22 16.01 -42.31
O1D CLA NH . 44.01 16.02 -42.24
O2D CLA NH . 45.96 17.25 -42.26
CED CLA NH . 45.26 18.49 -42.30
C1 CLA NH . 49.58 14.53 -48.54
C2 CLA NH . 49.01 13.33 -49.27
C3 CLA NH . 49.73 12.70 -50.20
C4 CLA NH . 51.12 13.16 -50.52
C5 CLA NH . 49.16 11.52 -50.94
C6 CLA NH . 50.24 10.60 -51.50
C7 CLA NH . 50.20 9.24 -50.84
C8 CLA NH . 50.78 8.13 -51.73
C9 CLA NH . 50.51 8.44 -53.19
C10 CLA NH . 50.21 6.77 -51.34
C11 CLA NH . 50.67 5.68 -52.31
C12 CLA NH . 50.21 4.30 -51.88
C13 CLA NH . 48.70 4.15 -51.98
C14 CLA NH . 48.23 2.78 -51.51
C15 CLA NH . 48.25 4.41 -53.42
NB KC1 OH . 39.72 20.16 -63.65
ND KC1 OH . 41.04 17.55 -60.84
C1A KC1 OH . 42.68 20.28 -60.72
C1B KC1 OH . 40.27 21.32 -64.03
C1C KC1 OH . 38.19 17.49 -63.65
C1D KC1 OH . 40.73 16.23 -60.37
C2A KC1 OH . 43.54 21.50 -60.57
C2B KC1 OH . 39.74 21.89 -65.29
C2C KC1 OH . 37.28 16.32 -63.75
C2D KC1 OH . 41.51 15.76 -59.20
C3A KC1 OH . 43.01 22.41 -61.67
C3B KC1 OH . 38.74 20.87 -65.67
C3C KC1 OH . 37.81 15.40 -62.72
C3D KC1 OH . 42.37 16.96 -58.98
C4A KC1 OH . 41.98 21.49 -62.24
C4B KC1 OH . 38.80 19.86 -64.57
C4C KC1 OH . 38.94 16.14 -62.15
C4D KC1 OH . 42.03 17.90 -59.94
CAA KC1 OH . 44.98 21.18 -60.92
CAB KC1 OH . 37.85 20.88 -66.84
CAC KC1 OH . 37.32 14.02 -62.33
CAD KC1 OH . 43.45 17.55 -58.14
CBA KC1 OH . 45.07 20.28 -62.13
CBB KC1 OH . 36.70 21.51 -66.79
CBC KC1 OH . 38.15 13.07 -63.18
CBD KC1 OH . 43.76 18.90 -58.65
CED KC1 OH . 44.66 21.97 -56.71
CGA KC1 OH . 46.51 20.02 -62.49
CGD KC1 OH . 43.55 19.92 -57.58
CHA KC1 OH . 42.84 19.10 -59.80
CHB KC1 OH . 41.32 21.98 -63.28
CHC KC1 OH . 37.99 18.65 -64.53
CHD KC1 OH . 39.69 15.47 -61.07
CMA KC1 OH . 42.29 23.62 -61.09
CMB KC1 OH . 40.14 23.16 -65.99
CMC KC1 OH . 36.11 16.10 -64.68
CMD KC1 OH . 41.55 14.50 -58.38
NA KC1 OH . 41.83 20.30 -61.67
NC KC1 OH . 39.15 17.36 -62.70
O1A KC1 OH . 47.24 20.95 -62.79
O1D KC1 OH . 42.44 20.25 -57.21
O2A KC1 OH . 47.04 18.67 -62.50
O2D KC1 OH . 44.71 20.58 -57.01
OBD KC1 OH . 44.02 16.97 -57.14
MG KC1 OH . 40.29 18.97 -62.10
MG CLA PH . 45.38 11.71 -58.17
CHA CLA PH . 46.97 14.76 -58.14
CHB CLA PH . 47.51 10.66 -55.74
CHC CLA PH . 43.98 8.67 -58.48
CHD CLA PH . 43.59 12.82 -61.23
NA CLA PH . 46.99 12.53 -57.16
C1A CLA PH . 47.43 13.73 -57.15
C2A CLA PH . 48.47 14.08 -56.12
C3A CLA PH . 48.63 12.76 -55.39
C4A CLA PH . 47.65 11.93 -56.15
CMA CLA PH . 50.03 12.20 -55.55
CAA CLA PH . 47.93 15.09 -55.12
CBA CLA PH . 49.00 15.59 -54.18
CGA CLA PH . 50.00 16.43 -54.93
O1A CLA PH . 49.74 17.59 -55.20
O2A CLA PH . 51.27 15.86 -55.35
NB CLA PH . 45.69 9.93 -57.22
C1B CLA PH . 46.63 9.64 -56.31
C2B CLA PH . 46.70 8.21 -55.93
C3B CLA PH . 45.63 7.61 -56.76
C4B CLA PH . 45.09 8.78 -57.52
CMB CLA PH . 47.60 7.52 -54.95
CAB CLA PH . 45.22 6.18 -56.81
CBB CLA PH . 44.77 5.62 -57.92
NC CLA PH . 44.11 10.92 -59.60
C1C CLA PH . 43.58 9.69 -59.47
C2C CLA PH . 42.51 9.37 -60.45
C3C CLA PH . 42.41 10.61 -61.25
C4C CLA PH . 43.44 11.48 -60.64
CMC CLA PH . 41.70 8.12 -60.61
CAC CLA PH . 41.50 10.94 -62.40
CBC CLA PH . 42.20 10.42 -63.63
ND CLA PH . 45.29 13.28 -59.46
C1D CLA PH . 44.49 13.75 -60.57
C2D CLA PH . 44.67 15.17 -60.95
C3D CLA PH . 45.68 15.56 -59.94
C4D CLA PH . 45.96 14.45 -59.16
CMD CLA PH . 44.09 16.09 -61.99
CAD CLA PH . 46.50 16.68 -59.44
OBD CLA PH . 46.50 17.88 -59.91
CBD CLA PH . 47.32 16.20 -58.30
CGD CLA PH . 48.74 16.42 -58.70
O1D CLA PH . 49.16 17.56 -58.82
O2D CLA PH . 49.64 15.32 -58.94
CED CLA PH . 50.99 15.61 -59.30
MG CLA QH . 29.48 3.60 -64.58
CHA CLA QH . 28.45 1.52 -67.15
CHB CLA QH . 32.37 4.10 -66.27
CHC CLA QH . 30.22 5.95 -62.29
CHD CLA QH . 26.06 3.35 -63.19
NA CLA QH . 30.27 2.98 -66.40
C1A CLA QH . 29.81 2.13 -67.25
C2A CLA QH . 30.72 1.75 -68.38
C3A CLA QH . 31.97 2.56 -68.05
C4A CLA QH . 31.50 3.26 -66.83
CMA CLA QH . 33.10 1.61 -67.69
CAA CLA QH . 30.16 2.29 -69.70
CBA CLA QH . 30.87 3.52 -70.25
CGA CLA QH . 30.05 4.78 -70.14
O1A CLA QH . 30.09 5.46 -69.13
O2A CLA QH . 29.22 5.22 -71.24
NB CLA QH . 31.08 4.83 -64.32
C1B CLA QH . 32.17 4.92 -65.07
C2B CLA QH . 33.16 5.94 -64.64
C3B CLA QH . 32.49 6.51 -63.44
C4B CLA QH . 31.22 5.73 -63.34
CMB CLA QH . 34.47 6.32 -65.26
CAB CLA QH . 32.99 7.58 -62.54
CBB CLA QH . 32.73 7.63 -61.24
NC CLA QH . 28.37 4.43 -63.06
C1C CLA QH . 28.85 5.41 -62.28
C2C CLA QH . 27.85 5.98 -61.32
C3C CLA QH . 26.63 5.20 -61.59
C4C CLA QH . 27.08 4.29 -62.67
CMC CLA QH . 28.03 7.09 -60.32
CAC CLA QH . 25.27 5.32 -60.96
CBC CLA QH . 25.18 4.24 -59.91
ND CLA QH . 27.67 2.76 -64.99
C1D CLA QH . 26.38 2.59 -64.39
C2D CLA QH . 25.47 1.63 -65.04
C3D CLA QH . 26.35 1.19 -66.17
C4D CLA QH . 27.54 1.89 -66.06
CMD CLA QH . 24.08 1.11 -64.80
CAD CLA QH . 26.44 0.34 -67.38
OBD CLA QH . 25.52 -0.45 -67.80
CBD CLA QH . 27.78 0.51 -68.00
CGD CLA QH . 28.51 -0.78 -67.80
O1D CLA QH . 28.63 -1.59 -68.70
O2D CLA QH . 29.11 -1.07 -66.50
CED CLA QH . 30.12 -2.07 -66.37
MG CLA RH . 27.96 24.39 -63.17
CHA CLA RH . 31.23 23.87 -62.24
CHB CLA RH . 29.08 26.66 -65.42
CHC CLA RH . 24.81 24.55 -64.34
CHD CLA RH . 27.00 21.56 -60.95
NA CLA RH . 29.80 25.11 -63.76
C1A CLA RH . 30.98 24.87 -63.31
C2A CLA RH . 32.12 25.67 -63.89
C3A CLA RH . 31.38 26.56 -64.87
C4A CLA RH . 30.00 26.06 -64.67
CMA CLA RH . 31.41 28.01 -64.40
CAA CLA RH . 33.02 24.75 -64.69
CBA CLA RH . 33.86 25.50 -65.70
CGA CLA RH . 34.18 24.57 -66.85
O1A CLA RH . 34.65 25.02 -67.88
O2A CLA RH . 33.93 23.15 -66.73
NB CLA RH . 27.09 25.42 -64.70
C1B CLA RH . 27.63 26.39 -65.42
C2B CLA RH . 26.68 27.20 -66.23
C3B CLA RH . 25.40 26.55 -65.89
C4B CLA RH . 25.79 25.46 -64.95
CMB CLA RH . 26.95 28.36 -67.15
CAB CLA RH . 24.05 26.88 -66.40
CBB CLA RH . 23.31 25.96 -66.99
NC CLA RH . 26.28 23.27 -62.73
C1C CLA RH . 25.10 23.50 -63.33
C2C CLA RH . 24.00 22.60 -62.90
C3C CLA RH . 24.67 21.73 -61.91
C4C CLA RH . 26.06 22.23 -61.88
CMC CLA RH . 22.58 22.59 -63.37
CAC CLA RH . 24.07 20.60 -61.10
CBC CLA RH . 23.19 21.27 -60.07
ND CLA RH . 28.80 22.98 -61.94
C1D CLA RH . 28.41 21.97 -60.99
C2D CLA RH . 29.50 21.44 -60.14
C3D CLA RH . 30.65 22.24 -60.66
C4D CLA RH . 30.16 23.06 -61.66
CMD CLA RH . 29.63 20.42 -59.04
CAD CLA RH . 32.12 22.50 -60.55
OBD CLA RH . 32.91 21.92 -59.72
CBD CLA RH . 32.50 23.55 -61.52
CGD CLA RH . 32.96 24.78 -60.82
O1D CLA RH . 32.18 25.70 -60.60
O2D CLA RH . 34.33 24.95 -60.41
CED CLA RH . 34.79 26.23 -59.98
MG CLA SH . 20.70 2.50 -55.71
CHA CLA SH . 19.60 -0.74 -55.36
CHB CLA SH . 21.68 2.42 -52.47
CHC CLA SH . 22.16 5.49 -56.25
CHD CLA SH . 19.82 2.29 -59.31
NA CLA SH . 20.67 1.09 -54.20
C1A CLA SH . 20.21 -0.09 -54.17
C2A CLA SH . 20.30 -0.85 -52.87
C3A CLA SH . 20.95 0.21 -51.97
C4A CLA SH . 21.12 1.31 -52.96
CMA CLA SH . 19.98 0.69 -50.90
CAA CLA SH . 21.25 -2.04 -53.00
CBA CLA SH . 21.34 -2.85 -51.71
NB CLA SH . 21.81 3.75 -54.53
C1B CLA SH . 21.97 3.66 -53.21
C2B CLA SH . 22.45 4.89 -52.55
C3B CLA SH . 22.60 5.80 -53.70
C4B CLA SH . 22.18 4.98 -54.87
CMB CLA SH . 22.73 5.15 -51.10
CAB CLA SH . 23.04 7.21 -53.69
CBB CLA SH . 22.41 8.10 -54.43
NC CLA SH . 20.93 3.63 -57.42
C1C CLA SH . 21.58 4.81 -57.42
C2C CLA SH . 21.71 5.44 -58.76
C3C CLA SH . 21.02 4.49 -59.65
C4C CLA SH . 20.57 3.43 -58.72
CMC CLA SH . 22.39 6.74 -59.11
CAC CLA SH . 20.82 4.58 -61.14
CBC CLA SH . 19.64 5.50 -61.33
ND CLA SH . 19.95 1.18 -57.08
C1D CLA SH . 19.55 1.14 -58.46
C2D CLA SH . 18.86 -0.11 -58.88
C3D CLA SH . 18.89 -0.86 -57.59
C4D CLA SH . 19.51 -0.06 -56.66
CMD CLA SH . 18.27 -0.63 -60.16
CAD CLA SH . 18.53 -2.14 -56.91
OBD CLA SH . 17.92 -3.14 -57.43
CBD CLA SH . 18.93 -2.07 -55.49
CGD CLA SH . 17.67 -2.02 -54.69
O1D CLA SH . 16.64 -1.62 -55.22
O2D CLA SH . 17.65 -2.44 -53.31
CED CLA SH . 16.46 -2.32 -52.52
C A86 TH . 44.66 5.71 -52.65
O A86 TH . 36.23 5.59 -62.76
C1 A86 TH . 44.76 7.27 -52.69
C10 A86 TH . 38.06 6.18 -59.74
C11 A86 TH . 37.46 6.52 -61.01
C12 A86 TH . 37.54 7.91 -61.59
C13 A86 TH . 36.76 5.42 -61.71
C14 A86 TH . 36.73 3.95 -60.89
C15 A86 TH . 36.10 2.64 -61.51
C16 A86 TH . 36.86 1.88 -62.60
C17 A86 TH . 36.11 0.82 -63.43
C18 A86 TH . 34.64 0.93 -63.51
C19 A86 TH . 34.13 2.38 -63.19
C2 A86 TH . 44.06 8.07 -53.62
C20 A86 TH . 34.63 2.56 -61.67
C21 A86 TH . 33.89 3.85 -61.16
C22 A86 TH . 38.02 1.13 -61.89
C23 A86 TH . 37.51 2.84 -63.59
C24 A86 TH . 45.61 8.03 -51.71
C25 A86 TH . 46.19 7.53 -50.53
C26 A86 TH . 47.06 8.67 -49.74
C27 A86 TH . 47.36 8.65 -48.37
C28 A86 TH . 46.91 7.56 -47.48
C29 A86 TH . 48.24 9.88 -47.80
C3 A86 TH . 43.18 7.55 -54.67
C30 A86 TH . 49.02 9.72 -46.58
C31 A86 TH . 49.79 9.58 -45.38
C32 A86 TH . 51.32 9.33 -45.41
C33 A86 TH . 51.94 8.70 -44.15
C34 A86 TH . 51.24 9.13 -42.85
C35 A86 TH . 49.72 8.89 -42.94
C36 A86 TH . 49.16 9.83 -44.00
C37 A86 TH . 47.63 9.64 -44.10
C38 A86 TH . 51.28 8.99 -40.51
C39 A86 TH . 50.58 8.06 -39.47
C4 A86 TH . 41.98 6.91 -54.43
C40 A86 TH . 51.65 8.38 -46.61
C41 A86 TH . 52.03 10.68 -45.68
C5 A86 TH . 41.03 6.37 -55.68
C6 A86 TH . 40.46 7.23 -56.63
C7 A86 TH . 40.67 8.80 -56.60
C8 A86 TH . 39.57 6.51 -57.75
C9 A86 TH . 38.83 7.16 -58.82
O1 A86 TH . 35.27 1.96 -60.48
O2 A86 TH . 34.17 0.53 -64.78
O3 A86 TH . 49.42 11.16 -43.63
O4 A86 TH . 51.77 8.44 -41.75
O5 A86 TH . 51.41 10.13 -40.30
C DD6 UH . 32.02 5.63 -47.54
C1 DD6 UH . 30.89 4.66 -48.06
C10 DD6 UH . 26.63 12.87 -51.42
C11 DD6 UH . 26.58 14.11 -52.57
C12 DD6 UH . 25.93 13.61 -53.84
C13 DD6 UH . 25.83 15.00 -52.05
C14 DD6 UH . 25.40 16.18 -52.72
C15 DD6 UH . 24.53 17.16 -51.96
C16 DD6 UH . 23.29 17.32 -52.81
C17 DD6 UH . 22.77 18.77 -52.90
C18 DD6 UH . 23.17 19.65 -51.74
C19 DD6 UH . 24.68 19.78 -51.73
C2 DD6 UH . 30.30 5.13 -49.30
C20 DD6 UH . 25.37 18.35 -51.52
C21 DD6 UH . 26.69 18.33 -52.01
C22 DD6 UH . 22.21 16.50 -52.21
C23 DD6 UH . 23.51 16.77 -54.39
C24 DD6 UH . 31.47 3.19 -48.33
C25 DD6 UH . 32.25 2.57 -47.48
C26 DD6 UH . 32.70 1.24 -47.81
C27 DD6 UH . 33.09 0.35 -46.94
C28 DD6 UH . 33.01 1.04 -45.53
C29 DD6 UH . 33.37 -0.70 -47.80
C3 DD6 UH . 30.04 6.69 -49.35
C30 DD6 UH . 33.61 -1.69 -48.74
C31 DD6 UH . 34.07 -3.14 -49.01
C32 DD6 UH . 35.17 -3.13 -50.15
C33 DD6 UH . 35.42 -4.54 -50.63
C34 DD6 UH . 35.74 -5.51 -49.49
C35 DD6 UH . 34.81 -5.36 -48.21
C36 DD6 UH . 34.53 -3.90 -47.81
C37 DD6 UH . 33.45 -3.90 -46.75
C4 DD6 UH . 29.39 7.21 -50.38
C40 DD6 UH . 36.50 -2.52 -49.62
C41 DD6 UH . 34.64 -2.26 -51.25
C5 DD6 UH . 29.15 8.68 -50.44
C6 DD6 UH . 27.96 9.09 -51.39
C7 DD6 UH . 28.41 9.02 -52.84
C8 DD6 UH . 27.54 10.45 -51.05
C9 DD6 UH . 27.08 11.39 -52.01
O1 DD6 UH . 25.14 17.19 -50.60
O2 DD6 UH . 22.55 21.02 -51.86
O4 DD6 UH . 35.60 -6.80 -49.98
C A86 VH . 45.86 -6.83 -40.81
O A86 VH . 39.32 5.20 -43.24
C1 A86 VH . 45.01 -7.29 -42.04
C10 A86 VH . 40.41 1.82 -42.89
C11 A86 VH . 39.59 2.88 -43.43
C12 A86 VH . 38.66 2.63 -44.59
C13 A86 VH . 39.73 4.20 -42.77
C14 A86 VH . 40.54 4.16 -41.30
C15 A86 VH . 40.43 5.36 -40.28
C16 A86 VH . 39.08 5.70 -39.63
C17 A86 VH . 38.59 7.15 -39.69
C18 A86 VH . 39.69 8.10 -39.51
C19 A86 VH . 40.62 7.94 -40.75
C2 A86 VH . 44.16 -6.40 -42.73
C20 A86 VH . 41.33 6.53 -40.52
C21 A86 VH . 42.18 6.31 -41.83
C22 A86 VH . 39.23 5.35 -38.12
C23 A86 VH . 37.96 4.82 -40.15
C24 A86 VH . 45.04 -8.71 -42.58
C25 A86 VH . 45.47 -9.84 -41.84
C26 A86 VH . 45.38 -11.23 -42.70
C27 A86 VH . 46.08 -12.41 -42.36
C28 A86 VH . 46.96 -12.49 -41.17
C29 A86 VH . 45.86 -13.68 -43.33
C3 A86 VH . 44.01 -5.00 -42.35
C30 A86 VH . 46.54 -14.94 -43.02
C31 A86 VH . 47.20 -16.17 -42.73
C32 A86 VH . 46.62 -17.17 -41.71
C33 A86 VH . 47.60 -17.83 -40.71
C34 A86 VH . 49.07 -17.87 -41.15
C35 A86 VH . 49.51 -16.51 -41.75
C36 A86 VH . 48.69 -16.34 -43.04
C37 A86 VH . 49.18 -15.10 -43.82
C38 A86 VH . 51.08 -18.99 -40.48
C39 A86 VH . 52.50 -18.52 -40.07
C4 A86 VH . 42.89 -4.34 -42.85
C40 A86 VH . 45.54 -16.42 -40.88
C41 A86 VH . 45.90 -18.29 -42.52
C5 A86 VH . 42.62 -2.74 -42.49
C6 A86 VH . 41.56 -2.08 -43.10
C7 A86 VH . 40.59 -2.84 -44.11
C8 A86 VH . 41.35 -0.53 -42.72
C9 A86 VH . 40.45 0.37 -43.41
O1 A86 VH . 41.73 5.47 -39.57
O2 A86 VH . 39.21 9.43 -39.39
O3 A86 VH . 48.86 -17.48 -43.84
O4 A86 VH . 49.91 -18.23 -40.07
O5 A86 VH . 50.95 -19.98 -41.11
C A86 WH . 29.39 2.06 -31.67
O A86 WH . 31.38 -3.31 -43.88
C1 A86 WH . 29.25 3.52 -32.19
C10 A86 WH . 30.78 -1.32 -40.97
C11 A86 WH . 30.84 -1.57 -42.40
C12 A86 WH . 30.47 -0.55 -43.44
C13 A86 WH . 31.30 -2.94 -42.76
C14 A86 WH . 31.68 -3.90 -41.44
C15 A86 WH . 33.04 -4.69 -41.41
C16 A86 WH . 34.40 -3.95 -41.46
C17 A86 WH . 35.47 -4.40 -42.46
C18 A86 WH . 35.41 -5.82 -42.80
C19 A86 WH . 33.98 -6.10 -43.40
C2 A86 WH . 29.34 3.78 -33.58
C20 A86 WH . 33.02 -5.99 -42.11
C21 A86 WH . 31.58 -6.33 -42.67
C22 A86 WH . 35.00 -4.13 -40.03
C23 A86 WH . 34.25 -2.46 -41.67
C24 A86 WH . 29.07 4.66 -31.24
C25 A86 WH . 29.88 4.66 -30.08
C26 A86 WH . 29.81 5.86 -28.97
C27 A86 WH . 30.30 5.61 -27.67
C28 A86 WH . 30.86 4.28 -27.34
C29 A86 WH . 30.24 6.78 -26.59
C3 A86 WH . 29.57 2.64 -34.46
C30 A86 WH . 30.70 6.54 -25.22
C31 A86 WH . 31.15 6.30 -23.88
C32 A86 WH . 32.66 6.21 -23.57
C33 A86 WH . 33.09 5.05 -22.66
C34 A86 WH . 32.07 4.49 -21.65
C35 A86 WH . 30.59 4.57 -22.09
C36 A86 WH . 30.21 5.92 -22.72
C37 A86 WH . 28.76 5.79 -23.26
C38 A86 WH . 32.29 2.61 -20.17
C39 A86 WH . 31.93 1.12 -19.94
C4 A86 WH . 29.50 2.76 -35.86
C40 A86 WH . 33.40 6.05 -24.93
C41 A86 WH . 33.12 7.55 -22.94
C5 A86 WH . 29.83 1.41 -36.75
C6 A86 WH . 29.69 1.40 -38.14
C7 A86 WH . 29.17 2.67 -38.92
C8 A86 WH . 30.08 0.04 -38.90
C9 A86 WH . 30.36 0.03 -40.34
O1 A86 WH . 32.86 -5.93 -40.64
O2 A86 WH . 36.39 -6.16 -43.75
O3 A86 WH . 30.23 6.92 -21.74
O4 A86 WH . 32.37 3.12 -21.51
O5 A86 WH . 32.52 3.31 -19.26
C1B LMT XH . 39.33 26.99 -60.86
C2B LMT XH . 40.31 27.93 -61.61
C3B LMT XH . 41.77 27.63 -61.22
C4B LMT XH . 41.95 27.54 -59.69
C5B LMT XH . 40.90 26.56 -59.18
C6B LMT XH . 41.05 26.39 -57.67
O1B LMT XH . 39.39 25.70 -61.38
O2B LMT XH . 40.12 27.73 -62.96
O3B LMT XH . 42.63 28.53 -61.79
O4' LMT XH . 43.20 27.09 -59.37
O5B LMT XH . 39.60 26.97 -59.49
O6B LMT XH . 39.90 25.87 -57.14
C1' LMT XH . 37.02 22.68 -62.84
C2' LMT XH . 36.75 24.05 -63.45
C3' LMT XH . 37.96 24.97 -63.15
C4' LMT XH . 38.17 25.05 -61.62
C5' LMT XH . 38.29 23.57 -61.14
C6' LMT XH . 38.61 23.42 -59.68
O1' LMT XH . 35.98 21.83 -63.08
O2' LMT XH . 36.61 23.92 -64.82
O3' LMT XH . 37.77 26.21 -63.66
O5' LMT XH . 37.12 22.85 -61.43
O6' LMT XH . 38.17 24.56 -59.08
C1 LMT XH . 35.65 20.97 -62.01
C2 LMT XH . 35.00 19.78 -62.68
C3 LMT XH . 34.09 20.07 -63.83
C4 LMT XH . 32.70 19.62 -63.46
C5 LMT XH . 31.72 20.69 -63.81
C6 LMT XH . 30.32 20.16 -64.02
C7 LMT XH . 29.44 21.26 -64.55
C8 LMT XH . 28.11 20.68 -64.95
C9 LMT XH . 27.46 19.83 -63.93
C10 LMT XH . 26.28 19.15 -64.58
C11 LMT XH . 25.27 20.13 -65.08
C12 LMT XH . 24.15 19.45 -65.78
C28 UNL YH . 32.29 -17.88 -35.58
C29 UNL YH . 32.78 -17.33 -34.24
C30 UNL YH . 34.19 -16.76 -34.34
C31 UNL YH . 34.55 -15.99 -33.07
C32 UNL YH . 35.95 -15.42 -33.13
C33 UNL YH . 36.01 -14.04 -32.48
C34 UNL YH . 37.45 -13.58 -32.31
C35 UNL YH . 37.53 -12.10 -31.96
C36 UNL YH . 38.94 -11.58 -32.24
C37 UNL YH . 39.11 -10.14 -31.80
C38 UNL YH . 38.98 -9.99 -30.31
C24 UNL ZH . 51.39 -10.98 -50.92
C25 UNL ZH . 50.24 -10.13 -51.46
C26 UNL ZH . 50.40 -8.68 -51.01
C27 UNL ZH . 49.33 -7.81 -51.65
C28 UNL ZH . 49.12 -6.52 -50.86
C29 UNL ZH . 50.37 -5.65 -50.85
C24 UNL AI . 32.99 13.86 -61.54
C25 UNL AI . 32.88 14.87 -60.40
C26 UNL AI . 34.22 15.50 -60.06
C27 UNL AI . 34.07 16.58 -59.00
C28 UNL AI . 32.85 17.45 -59.27
C29 UNL AI . 32.88 18.74 -58.45
C24 UNL BI . 40.69 14.42 -66.25
C25 UNL BI . 41.03 15.90 -66.11
C26 UNL BI . 41.91 16.15 -64.88
C27 UNL BI . 42.91 17.26 -65.14
C28 UNL BI . 42.25 18.62 -65.33
C29 UNL BI . 43.27 19.70 -65.60
C24 UNL CI . 25.51 -6.82 -53.27
C25 UNL CI . 24.79 -5.64 -52.63
C26 UNL CI . 25.73 -4.44 -52.50
C27 UNL CI . 24.97 -3.16 -52.14
C28 UNL CI . 25.91 -1.96 -52.03
C29 UNL CI . 25.12 -0.66 -51.87
C30 UNL CI . 26.05 0.52 -51.62
C31 UNL CI . 25.30 1.84 -51.61
C23 UNL DI . 30.99 -6.26 -53.79
C24 UNL DI . 31.52 -4.86 -53.52
C25 UNL DI . 30.34 -3.97 -53.14
C26 UNL DI . 29.83 -4.32 -51.75
C27 UNL DI . 30.85 -3.94 -50.69
C28 UNL DI . 30.18 -3.42 -49.41
C29 UNL DI . 29.53 -2.06 -49.67
C30 UNL DI . 29.68 -1.14 -48.46
C31 UNL DI . 28.84 -1.61 -47.28
C25 UNL EI . 45.37 6.59 -61.70
C26 UNL EI . 46.54 7.56 -61.82
C27 UNL EI . 46.09 8.88 -62.43
C28 UNL EI . 47.19 9.93 -62.36
C29 UNL EI . 46.73 11.26 -62.95
C30 UNL EI . 47.77 12.35 -62.75
C31 UNL EI . 47.32 13.69 -63.32
C25 UNL FI . 24.65 1.80 -70.87
C26 UNL FI . 24.81 2.52 -69.54
C27 UNL FI . 25.67 3.77 -69.67
C28 UNL FI . 26.10 4.23 -68.28
C29 UNL FI . 27.04 5.43 -68.34
C30 UNL FI . 27.35 5.91 -66.93
C31 UNL FI . 28.33 7.08 -66.95
C24 UNL GI . -14.67 -34.72 46.20
C25 UNL GI . -14.89 -33.81 45.01
C26 UNL GI . -15.83 -32.65 45.33
C27 UNL GI . -15.31 -31.79 46.47
C28 UNL GI . -15.83 -30.37 46.35
C29 UNL GI . -14.99 -29.54 45.40
C30 UNL GI . -15.69 -28.23 45.04
MG CLA HI . 12.48 -13.59 58.34
CHA CLA HI . 12.46 -10.77 60.34
CHB CLA HI . 15.61 -12.76 57.40
CHC CLA HI . 12.60 -16.54 56.71
CHD CLA HI . 9.28 -14.58 59.90
NA CLA HI . 13.82 -12.08 58.81
C1A CLA HI . 13.69 -11.03 59.52
C2A CLA HI . 14.80 -10.02 59.50
C3A CLA HI . 15.77 -10.67 58.53
C4A CLA HI . 15.01 -11.92 58.23
CMA CLA HI . 15.88 -9.82 57.28
CAA CLA HI . 15.48 -9.87 60.85
CBA CLA HI . 15.52 -11.17 61.65
CGA CLA HI . 16.83 -11.86 61.39
O1A CLA HI . 17.86 -11.20 61.30
O2A CLA HI . 16.92 -13.28 61.20
NB CLA HI . 13.91 -14.52 57.23
C1B CLA HI . 15.11 -14.05 56.91
C2B CLA HI . 15.91 -14.88 56.00
C3B CLA HI . 15.01 -16.03 55.79
C4B CLA HI . 13.80 -15.69 56.61
CMB CLA HI . 17.28 -14.65 55.44
CAB CLA HI . 15.30 -17.22 54.96
CBB CLA HI . 14.45 -17.67 54.07
NC CLA HI . 11.23 -15.22 58.37
C1C CLA HI . 11.42 -16.29 57.55
C2C CLA HI . 10.29 -17.26 57.54
C3C CLA HI . 9.32 -16.66 58.49
C4C CLA HI . 10.00 -15.42 58.93
CMC CLA HI . 10.13 -18.54 56.77
CAC CLA HI . 7.97 -17.18 58.91
CBC CLA HI . 8.23 -17.92 60.19
ND CLA HI . 11.18 -12.97 59.78
C1D CLA HI . 9.88 -13.31 60.29
C2D CLA HI . 9.26 -12.30 61.19
C3D CLA HI . 10.33 -11.27 61.20
C4D CLA HI . 11.35 -11.74 60.38
CMD CLA HI . 7.96 -12.20 61.94
CAD CLA HI . 10.76 -9.94 61.73
OBD CLA HI . 10.08 -9.20 62.51
CBD CLA HI . 12.10 -9.61 61.19
CGD CLA HI . 12.05 -8.32 60.40
O1D CLA HI . 11.75 -8.30 59.24
O2D CLA HI . 12.43 -7.08 61.06
CED CLA HI . 12.79 -5.93 60.29
C1 CLA HI . 17.87 -13.75 60.26
C2 CLA HI . 17.38 -14.97 59.53
C3 CLA HI . 18.30 -15.81 59.04
C4 CLA HI . 19.75 -15.52 59.24
C5 CLA HI . 17.88 -17.04 58.29
C6 CLA HI . 17.28 -18.12 59.21
C7 CLA HI . 17.53 -19.51 58.65
C8 CLA HI . 17.08 -20.57 59.65
C9 CLA HI . 18.08 -20.69 60.80
C10 CLA HI . 16.94 -21.91 58.93
C11 CLA HI . 16.17 -22.90 59.77
C12 CLA HI . 14.85 -22.32 60.23
C13 CLA HI . 14.11 -23.24 61.21
C14 CLA HI . 14.96 -23.56 62.43
C15 CLA HI . 13.69 -24.51 60.50
C16 CLA HI . 12.30 -24.47 59.88
C17 CLA HI . 12.05 -25.80 59.20
C18 CLA HI . 13.15 -26.00 58.16
C19 CLA HI . 12.97 -24.98 57.04
C20 CLA HI . 13.20 -27.43 57.65
MG CLA II . 17.67 -20.80 50.67
CHA CLA II . 20.29 -18.56 50.94
CHB CLA II . 17.42 -20.72 54.03
CHC CLA II . 15.52 -23.41 50.43
CHD CLA II . 18.50 -21.18 47.10
NA CLA II . 18.69 -19.86 52.22
C1A CLA II . 19.54 -18.91 52.18
C2A CLA II . 19.90 -18.26 53.48
C3A CLA II . 18.96 -18.96 54.45
C4A CLA II . 18.32 -19.91 53.50
CMA CLA II . 19.75 -19.78 55.46
CAA CLA II . 19.68 -16.75 53.51
CBA CLA II . 20.26 -16.10 54.75
CGA CLA II . 21.59 -16.67 55.19
O1A CLA II . 22.52 -16.78 54.41
O2A CLA II . 21.75 -17.05 56.58
NB CLA II . 16.59 -21.87 52.03
C1B CLA II . 16.66 -21.77 53.35
C2B CLA II . 15.94 -22.81 54.11
C3B CLA II . 15.36 -23.62 53.01
C4B CLA II . 15.84 -22.94 51.78
CMB CLA II . 15.82 -22.98 55.59
CAB CLA II . 14.51 -24.83 53.12
CBB CLA II . 15.01 -26.01 52.84
NC CLA II . 17.13 -22.01 49.09
C1C CLA II . 16.25 -23.03 49.20
C2C CLA II . 16.06 -23.82 47.96
C3C CLA II . 16.95 -23.15 47.00
C4C CLA II . 17.54 -22.05 47.80
CMC CLA II . 15.18 -25.02 47.72
CAC CLA II . 17.20 -23.48 45.55
CBC CLA II . 16.31 -22.55 44.77
ND CLA II . 19.01 -20.13 49.30
C1D CLA II . 19.32 -20.26 47.90
C2D CLA II . 20.45 -19.45 47.40
C3D CLA II . 20.84 -18.76 48.66
C4D CLA II . 19.98 -19.21 49.66
CMD CLA II . 21.12 -19.25 46.06
CAD CLA II . 21.78 -17.79 49.28
OBD CLA II . 22.71 -17.16 48.66
CBD CLA II . 21.44 -17.65 50.71
CGD CLA II . 22.62 -18.08 51.54
O1D CLA II . 22.66 -19.20 52.02
O2D CLA II . 23.70 -17.15 51.77
CED CLA II . 24.91 -17.60 52.39
C1 CLA II . 23.03 -17.06 57.20
C2 CLA II . 23.42 -18.46 57.59
C3 CLA II . 23.12 -18.96 58.81
C4 CLA II . 22.38 -18.12 59.80
C5 CLA II . 23.52 -20.37 59.17
C6 CLA II . 22.37 -21.36 59.21
C7 CLA II . 22.76 -22.57 58.38
C8 CLA II . 21.83 -23.76 58.60
C9 CLA II . 22.64 -25.05 58.67
C10 CLA II . 20.81 -23.82 57.48
MG CLA JI . 5.62 -24.64 36.66
CHA CLA JI . 5.08 -26.79 34.00
CHB CLA JI . 8.77 -25.85 36.88
CHC CLA JI . 6.24 -22.17 38.90
CHD CLA JI . 2.32 -23.12 35.95
NA CLA JI . 6.75 -26.02 35.61
C1A CLA JI . 6.42 -26.85 34.68
C2A CLA JI . 7.44 -27.90 34.29
C3A CLA JI . 8.59 -27.56 35.22
C4A CLA JI . 7.99 -26.40 35.95
CMA CLA JI . 8.89 -28.72 36.18
CAA CLA JI . 8.03 -27.85 32.88
CBA CLA JI . 7.72 -26.70 31.92
CGA CLA JI . 7.82 -25.33 32.54
O1A CLA JI . 8.84 -24.94 33.08
O2A CLA JI . 6.65 -24.46 32.52
NB CLA JI . 7.27 -24.10 37.74
C1B CLA JI . 8.46 -24.68 37.73
C2B CLA JI . 9.48 -24.06 38.63
C3B CLA JI . 8.70 -22.95 39.23
C4B CLA JI . 7.35 -23.09 38.61
CMB CLA JI . 10.91 -24.46 38.86
CAB CLA JI . 9.09 -21.92 40.22
CBB CLA JI . 9.72 -22.23 41.34
NC CLA JI . 4.48 -23.04 37.33
C1C CLA JI . 4.98 -22.10 38.14
C2C CLA JI . 4.15 -20.87 38.27
C3C CLA JI . 2.99 -21.17 37.39
C4C CLA JI . 3.31 -22.52 36.88
CMC CLA JI . 4.41 -19.62 39.07
CAC CLA JI . 1.80 -20.29 37.09
CBC CLA JI . 2.17 -19.58 35.80
ND CLA JI . 4.07 -24.79 35.33
C1D CLA JI . 2.76 -24.25 35.13
C2D CLA JI . 1.96 -24.89 34.06
C3D CLA JI . 2.93 -25.94 33.62
C4D CLA JI . 4.09 -25.78 34.37
CMD CLA JI . 0.58 -24.72 33.46
CAD CLA JI . 3.16 -27.04 32.67
OBD CLA JI . 2.30 -27.46 31.81
CBD CLA JI . 4.51 -27.61 32.89
CGD CLA JI . 4.38 -29.04 33.30
O1D CLA JI . 4.01 -29.89 32.50
O2D CLA JI . 4.68 -29.48 34.66
CED CLA JI . 4.68 -30.88 34.93
C1 CLA JI . 6.85 -23.06 32.40
C2 CLA JI . 6.61 -22.32 33.68
C3 CLA JI . 6.11 -21.09 33.60
C4 CLA JI . 5.81 -20.49 32.26
C5 CLA JI . 5.86 -20.27 34.84
C6 CLA JI . 6.92 -19.20 35.05
C7 CLA JI . 6.77 -18.53 36.40
C8 CLA JI . 7.94 -17.60 36.67
C9 CLA JI . 7.94 -17.17 38.13
C10 CLA JI . 7.89 -16.40 35.73
C11 CLA JI . 9.06 -15.47 35.98
C12 CLA JI . 9.39 -14.65 34.75
C13 CLA JI . 10.45 -15.37 33.93
C14 CLA JI . 11.76 -15.38 34.71
C15 CLA JI . 10.64 -14.69 32.58
C16 CLA JI . 10.99 -15.72 31.50
NB KC1 KI . 13.22 -20.60 25.14
ND KC1 KI . 12.60 -22.97 28.37
C1A KC1 KI . 11.83 -24.52 25.68
C1B KC1 KI . 13.10 -20.88 23.85
C1C KC1 KI . 13.95 -19.26 27.82
C1D KC1 KI . 12.70 -22.88 29.79
C2A KC1 KI . 11.51 -25.38 24.47
C2B KC1 KI . 13.55 -19.81 22.92
C2C KC1 KI . 14.50 -18.49 28.96
C2D KC1 KI . 12.26 -24.08 30.55
C3A KC1 KI . 11.73 -24.40 23.32
C3B KC1 KI . 13.97 -18.76 23.87
C3C KC1 KI . 14.27 -19.38 30.11
C3D KC1 KI . 11.85 -24.95 29.41
C4A KC1 KI . 12.23 -23.22 24.10
C4B KC1 KI . 13.72 -19.36 25.21
C4C KC1 KI . 13.61 -20.56 29.49
C4D KC1 KI . 12.07 -24.24 28.24
CAA KC1 KI . 10.11 -26.00 24.40
CAB KC1 KI . 14.52 -17.42 23.57
CAC KC1 KI . 14.64 -19.17 31.56
CAD KC1 KI . 11.29 -26.27 29.05
CBA KC1 KI . 10.07 -26.98 23.22
CBB KC1 KI . 15.71 -17.08 24.03
CBC KC1 KI . 13.55 -18.33 32.18
CBD KC1 KI . 11.19 -26.36 27.58
CED KC1 KI . 12.71 -29.90 27.34
CGA KC1 KI . 10.69 -28.32 23.57
CGD KC1 KI . 12.12 -27.47 27.18
CHA KC1 KI . 11.70 -25.05 27.08
CHB KC1 KI . 12.59 -22.17 23.37
CHC KC1 KI . 14.00 -18.66 26.47
CHD KC1 KI . 13.24 -21.66 30.39
CMA KC1 KI . 12.75 -24.87 22.29
CMB KC1 KI . 13.56 -19.80 21.42
CMC KC1 KI . 15.17 -17.14 28.95
CMD KC1 KI . 12.16 -24.49 31.99
NA KC1 KI . 12.25 -23.33 25.44
NC KC1 KI . 13.43 -20.46 28.13
O1A KC1 KI . 10.06 -29.35 23.43
O1D KC1 KI . 13.13 -27.25 26.54
O2A KC1 KI . 12.05 -28.41 24.06
O2D KC1 KI . 11.80 -28.83 27.57
OBD KC1 KI . 10.96 -27.18 29.89
MG KC1 KI . 13.07 -21.90 26.70
MG CLA LI . 20.31 -17.22 42.51
CHA CLA LI . 20.64 -15.81 45.63
CHB CLA LI . 23.41 -16.11 41.78
CHC CLA LI . 20.19 -19.15 39.72
CHD CLA LI . 17.14 -18.73 43.64
NA CLA LI . 21.79 -16.19 43.53
C1A CLA LI . 21.74 -15.58 44.65
C2A CLA LI . 22.88 -14.64 44.97
C3A CLA LI . 23.73 -14.76 43.72
C4A CLA LI . 22.92 -15.75 42.95
CMA CLA LI . 23.56 -13.45 42.96
CAA CLA LI . 23.68 -15.07 46.21
CBA CLA LI . 25.04 -15.68 45.90
CGA CLA LI . 25.02 -17.13 46.30
O1A CLA LI . 24.57 -17.96 45.54
O2A CLA LI . 25.53 -17.52 47.62
NB CLA LI . 21.60 -17.55 40.97
C1B CLA LI . 22.84 -17.06 40.82
C2B CLA LI . 23.60 -17.60 39.67
C3B CLA LI . 22.61 -18.51 39.06
C4B CLA LI . 21.43 -18.40 39.96
CMB CLA LI . 25.00 -17.26 39.25
CAB CLA LI . 22.67 -19.40 37.86
CBB CLA LI . 23.59 -19.27 36.94
NC CLA LI . 18.96 -18.64 41.86
C1C CLA LI . 19.07 -19.29 40.68
C2C CLA LI . 17.95 -20.22 40.36
C3C CLA LI . 17.06 -20.08 41.52
C4C CLA LI . 17.78 -19.08 42.36
CMC CLA LI . 17.74 -21.10 39.17
CAC CLA LI . 15.75 -20.76 41.81
CBC CLA LI . 14.69 -19.98 41.05
ND CLA LI . 19.12 -17.32 44.16
C1D CLA LI . 17.89 -17.90 44.59
C2D CLA LI . 17.49 -17.62 45.98
C3D CLA LI . 18.63 -16.77 46.41
C4D CLA LI . 19.50 -16.68 45.32
CMD CLA LI . 16.34 -17.99 46.87
CAD CLA LI . 19.22 -16.00 47.51
OBD CLA LI . 18.71 -15.87 48.68
CBD CLA LI . 20.49 -15.41 47.06
CGD CLA LI . 20.57 -13.93 47.28
O1D CLA LI . 20.15 -13.14 46.47
O2D CLA LI . 21.14 -13.45 48.52
CED CLA LI . 20.90 -12.12 48.97
C1 CLA LI . 26.12 -18.81 47.86
C2 CLA LI . 25.12 -19.93 47.64
C3 CLA LI . 24.64 -20.68 48.63
C4 CLA LI . 25.09 -20.44 50.05
C5 CLA LI . 23.66 -21.77 48.31
C6 CLA LI . 23.21 -22.55 49.54
C7 CLA LI . 21.72 -22.37 49.79
C8 CLA LI . 21.39 -22.40 51.27
C9 CLA LI . 22.29 -23.38 52.02
C10 CLA LI . 19.90 -22.70 51.49
C11 CLA LI . 19.62 -24.12 52.00
C12 CLA LI . 19.41 -25.07 50.83
C13 CLA LI . 18.64 -26.33 51.25
C14 CLA LI . 19.24 -26.92 52.52
C15 CLA LI . 18.65 -27.33 50.10
C16 CLA LI . 18.56 -26.67 48.73
C17 CLA LI . 19.77 -27.01 47.86
C18 CLA LI . 20.05 -25.93 46.82
C19 CLA LI . 21.36 -26.19 46.09
C20 CLA LI . 20.07 -24.55 47.45
MG CLA MI . 6.62 -9.25 44.49
CHA CLA MI . 8.37 -6.39 43.64
CHB CLA MI . 4.28 -7.27 45.91
CHC CLA MI . 4.70 -12.02 44.81
CHD CLA MI . 9.11 -11.21 42.63
NA CLA MI . 6.34 -7.20 44.71
C1A CLA MI . 7.07 -6.20 44.37
C2A CLA MI . 6.60 -4.83 44.78
C3A CLA MI . 5.32 -5.15 45.52
C4A CLA MI . 5.32 -6.64 45.36
CMA CLA MI . 5.51 -4.82 47.00
CAA CLA MI . 6.15 -3.92 43.62
CBA CLA MI . 6.14 -4.59 42.24
CGA CLA MI . 4.89 -4.29 41.47
O1A CLA MI . 3.87 -4.90 41.73
O2A CLA MI . 4.85 -3.29 40.41
NB CLA MI . 4.74 -9.58 45.20
C1B CLA MI . 4.01 -8.72 45.91
C2B CLA MI . 2.90 -9.31 46.70
C3B CLA MI . 3.04 -10.74 46.37
C4B CLA MI . 4.19 -10.78 45.42
CMB CLA MI . 1.92 -8.63 47.61
CAB CLA MI . 2.22 -11.89 46.85
CBB CLA MI . 0.90 -11.86 46.78
NC CLA MI . 6.87 -11.19 43.85
C1C CLA MI . 5.97 -12.17 44.07
C2C CLA MI . 6.33 -13.49 43.50
C3C CLA MI . 7.62 -13.24 42.86
C4C CLA MI . 7.85 -11.80 43.14
CMC CLA MI . 5.57 -14.79 43.54
CAC CLA MI . 8.50 -14.21 42.11
CBC CLA MI . 8.16 -14.04 40.64
ND CLA MI . 8.30 -8.97 43.37
C1D CLA MI . 9.30 -9.76 42.72
C2D CLA MI . 10.46 -8.99 42.19
C3D CLA MI . 10.06 -7.62 42.58
C4D CLA MI . 8.83 -7.71 43.22
CMD CLA MI . 11.72 -9.33 41.46
CAD CLA MI . 10.45 -6.18 42.55
OBD CLA MI . 11.52 -5.71 42.02
CBD CLA MI . 9.38 -5.40 43.19
CGD CLA MI . 9.85 -4.45 44.25
O1D CLA MI . 9.85 -3.25 44.04
O2D CLA MI . 10.26 -4.93 45.55
CED CLA MI . 10.23 -4.00 46.63
C1 CLA MI . 4.34 -3.62 39.13
C2 CLA MI . 5.36 -3.27 38.06
C3 CLA MI . 5.49 -3.94 36.91
C4 CLA MI . 6.53 -3.52 35.91
C5 CLA MI . 4.61 -5.12 36.60
C6 CLA MI . 5.43 -6.40 36.47
C7 CLA MI . 5.41 -6.96 35.06
C8 CLA MI . 6.80 -7.41 34.64
C9 CLA MI . 6.97 -7.39 33.12
C10 CLA MI . 7.07 -8.81 35.19
C11 CLA MI . 6.19 -9.85 34.52
C12 CLA MI . 6.50 -11.27 35.02
C13 CLA MI . 6.59 -11.32 36.54
C14 CLA MI . 7.71 -12.25 36.98
C15 CLA MI . 5.25 -11.72 37.14
C16 CLA MI . 5.07 -13.23 37.26
C17 CLA MI . 3.72 -13.59 37.87
C18 CLA MI . 3.61 -15.10 38.05
C19 CLA MI . 4.66 -15.61 39.03
C20 CLA MI . 3.73 -15.80 36.71
NB KC1 NI . -2.11 -11.95 61.74
ND KC1 NI . -0.85 -12.49 57.92
C1A KC1 NI . -1.74 -9.48 58.38
C1B KC1 NI . -2.69 -10.88 62.28
C1C KC1 NI . -1.22 -14.83 61.13
C1D KC1 NI . -0.37 -13.56 57.10
C2A KC1 NI . -2.12 -8.02 58.45
C2B KC1 NI . -3.32 -11.10 63.60
C2C KC1 NI . -0.77 -16.24 61.09
C2D KC1 NI . -0.10 -13.21 55.68
C3A KC1 NI . -2.58 -7.89 59.90
C3B KC1 NI . -3.03 -12.53 63.83
C3C KC1 NI . -0.30 -16.41 59.71
C3D KC1 NI . -0.47 -11.77 55.70
C4A KC1 NI . -2.40 -9.31 60.34
C4B KC1 NI . -2.27 -12.94 62.61
C4C KC1 NI . -0.55 -15.07 59.11
C4D KC1 NI . -0.88 -11.47 57.00
CAA KC1 NI . -3.30 -7.70 57.55
CAB KC1 NI . -3.39 -13.37 65.01
CAC KC1 NI . 0.28 -17.64 59.06
CAD KC1 NI . -0.58 -10.53 54.90
CBA KC1 NI . -4.68 -8.05 58.14
CBB KC1 NI . -2.51 -14.19 65.56
CBC KC1 NI . -0.88 -18.33 58.39
CBD KC1 NI . -1.07 -9.44 55.76
CED KC1 NI . 0.01 -5.76 55.88
CGA KC1 NI . -5.09 -9.46 57.79
CGD KC1 NI . -0.18 -8.24 55.77
CHA KC1 NI . -1.24 -10.05 57.10
CHB KC1 NI . -2.73 -9.58 61.60
CHC KC1 NI . -1.77 -14.30 62.39
CHD KC1 NI . -0.19 -14.89 57.69
CMA KC1 NI . -1.60 -7.02 60.66
CMB KC1 NI . -4.05 -10.13 64.49
CMC KC1 NI . -0.76 -17.27 62.19
CMD KC1 NI . 0.38 -13.94 54.46
NA KC1 NI . -1.93 -10.18 59.42
NC KC1 NI . -1.10 -14.16 59.96
O1A KC1 NI . -4.30 -10.26 57.35
O1D KC1 NI . 1.03 -8.34 55.95
O2A KC1 NI . -6.47 -9.89 57.99
O2D KC1 NI . -0.75 -6.92 55.59
OBD KC1 NI . -0.30 -10.43 53.65
MG KC1 NI . -1.31 -12.11 59.86
MG CLA OI . -2.32 -14.93 50.76
CHA CLA OI . -3.13 -11.65 51.52
CHB CLA OI . -2.15 -14.03 47.51
CHC CLA OI . -2.18 -18.21 50.00
CHD CLA OI . -3.03 -15.79 54.28
NA CLA OI . -2.63 -13.18 49.69
C1A CLA OI . -2.83 -11.98 50.09
C2A CLA OI . -2.81 -10.89 49.05
C3A CLA OI . -2.51 -11.69 47.80
C4A CLA OI . -2.41 -13.06 48.37
CMA CLA OI . -3.74 -11.68 46.89
CAA CLA OI . -1.69 -9.87 49.24
CBA CLA OI . -1.70 -8.90 48.06
CGA CLA OI . -2.97 -8.08 48.01
O1A CLA OI . -3.18 -7.20 48.82
O2A CLA OI . -3.98 -8.35 46.99
NB CLA OI . -2.17 -15.95 49.01
C1B CLA OI . -2.07 -15.47 47.78
C2B CLA OI . -1.95 -16.47 46.68
C3B CLA OI . -1.97 -17.73 47.47
C4B CLA OI . -2.10 -17.28 48.87
CMB CLA OI . -1.82 -16.29 45.20
CAB CLA OI . -1.86 -19.14 47.02
CBB CLA OI . -0.94 -19.53 46.18
NC CLA OI . -2.51 -16.62 51.92
C1C CLA OI . -2.53 -17.86 51.39
C2C CLA OI . -2.98 -18.92 52.30
C3C CLA OI . -3.22 -18.20 53.56
C4C CLA OI . -2.88 -16.80 53.20
CMC CLA OI . -3.15 -20.39 52.03
CAC CLA OI . -3.70 -18.72 54.88
CBC CLA OI . -5.20 -18.84 54.75
ND CLA OI . -2.94 -14.06 52.49
C1D CLA OI . -3.15 -14.39 53.88
C2D CLA OI . -3.50 -13.27 54.77
C3D CLA OI . -3.49 -12.15 53.78
C4D CLA OI . -3.17 -12.69 52.56
CMD CLA OI . -3.79 -13.11 56.23
CAD CLA OI . -3.66 -10.68 53.59
OBD CLA OI . -3.97 -9.84 54.50
CBD CLA OI . -3.45 -10.35 52.16
CGD CLA OI . -4.72 -9.82 51.56
O1D CLA OI . -4.69 -8.87 50.79
O2D CLA OI . -6.00 -10.41 51.90
CED CLA OI . -7.19 -9.94 51.27
C1 CLA OI . -5.12 -7.49 46.84
C2 CLA OI . -6.44 -8.22 46.91
C3 CLA OI . -6.95 -8.84 45.83
C4 CLA OI . -6.20 -8.82 44.53
C5 CLA OI . -8.28 -9.55 45.91
C6 CLA OI . -8.45 -10.55 44.78
MG CLA PI . 3.11 -29.69 57.92
CHA CLA PI . 1.75 -32.61 59.10
CHB CLA PI . -0.03 -28.55 57.38
CHC CLA PI . 4.50 -26.75 56.99
CHD CLA PI . 6.37 -30.80 59.27
NA CLA PI . 1.19 -30.40 58.24
C1A CLA PI . 0.80 -31.57 58.57
C2A CLA PI . -0.66 -31.88 58.43
C3A CLA PI . -1.20 -30.58 57.86
C4A CLA PI . 0.08 -29.80 57.82
CMA CLA PI . -1.65 -30.83 56.43
CAA CLA PI . -1.36 -32.19 59.76
CBA CLA PI . -1.70 -30.97 60.60
CGA CLA PI . -0.53 -30.57 61.47
O1A CLA PI . 0.47 -31.28 61.53
O2A CLA PI . -0.57 -29.33 62.22
NB CLA PI . 2.35 -27.93 57.21
C1B CLA PI . 1.06 -27.58 57.23
C2B CLA PI . 0.79 -26.12 57.13
C3B CLA PI . 2.17 -25.59 57.01
C4B CLA PI . 3.03 -26.80 57.06
CMB CLA PI . -0.51 -25.37 57.14
CAB CLA PI . 2.57 -24.18 56.88
CBB CLA PI . 3.14 -23.73 55.77
NC CLA PI . 5.01 -28.94 58.14
C1C CLA PI . 5.39 -27.76 57.61
C2C CLA PI . 6.86 -27.48 57.67
C3C CLA PI . 7.38 -28.68 58.36
C4C CLA PI . 6.16 -29.50 58.58
CMC CLA PI . 7.61 -26.28 57.18
CAC CLA PI . 8.80 -29.01 58.71
CBC CLA PI . 9.37 -29.77 57.54
ND CLA PI . 3.94 -31.22 58.99
C1D CLA PI . 5.23 -31.71 59.38
C2D CLA PI . 5.26 -33.11 59.90
C3D CLA PI . 3.82 -33.46 59.77
C4D CLA PI . 3.17 -32.34 59.26
CMD CLA PI . 6.31 -34.05 60.42
CAD CLA PI . 2.79 -34.51 59.96
OBD CLA PI . 3.02 -35.69 60.42
CBD CLA PI . 1.47 -34.00 59.53
CGD CLA PI . 1.08 -34.73 58.29
O1D CLA PI . 1.75 -34.66 57.28
O2D CLA PI . -0.14 -35.52 58.27
CED CLA PI . -0.32 -36.54 57.30
NB KC1 QI . -6.20 -25.23 48.43
ND KC1 QI . -8.49 -28.43 47.46
C1A KC1 QI . -5.67 -28.58 46.00
C1B KC1 QI . -4.94 -24.95 48.08
C1C KC1 QI . -9.03 -25.11 49.61
C1D KC1 QI . -9.81 -28.92 47.74
C2A KC1 QI . -4.39 -28.78 45.25
C2B KC1 QI . -4.41 -23.67 48.59
C2C KC1 QI . -10.38 -24.76 50.13
C2D KC1 QI . -10.19 -30.16 47.01
C3A KC1 QI . -3.56 -27.61 45.73
C3B KC1 QI . -5.57 -23.16 49.37
C3C KC1 QI . -11.17 -25.97 49.81
C3D KC1 QI . -8.94 -30.40 46.24
C4A KC1 QI . -4.56 -26.95 46.62
C4B KC1 QI . -6.61 -24.21 49.19
C4C KC1 QI . -10.18 -26.86 49.15
C4D KC1 QI . -8.06 -29.38 46.55
CAA KC1 QI . -4.59 -28.55 43.75
CAB KC1 QI . -5.66 -21.89 50.15
CAC KC1 QI . -12.64 -26.21 50.06
CAD KC1 QI . -8.25 -31.28 45.26
CBA KC1 QI . -4.71 -27.07 43.39
CBB KC1 QI . -6.34 -21.81 51.28
CBC KC1 QI . -13.33 -25.88 48.76
CBD KC1 QI . -6.89 -30.76 44.99
CED KC1 QI . -4.64 -33.88 44.71
CGA KC1 QI . -5.37 -26.84 42.05
CGD KC1 QI . -5.89 -31.81 45.37
CHA KC1 QI . -6.79 -29.55 45.84
CHB KC1 QI . -4.16 -25.83 47.20
CHC KC1 QI . -7.95 -24.13 49.79
CHD KC1 QI . -10.65 -28.18 48.68
CMA KC1 QI . -2.42 -28.18 46.56
CMB KC1 QI . -3.06 -23.05 48.39
CMC KC1 QI . -10.84 -23.51 50.80
CMD KC1 QI . -11.41 -31.03 46.95
NA KC1 QI . -5.76 -27.54 46.74
NC KC1 QI . -8.94 -26.33 49.05
O1A KC1 QI . -4.90 -27.28 41.03
O1D KC1 QI . -5.37 -31.83 46.47
O2A KC1 QI . -6.60 -26.07 41.98
O2D KC1 QI . -5.51 -32.80 44.38
OBD KC1 QI . -8.75 -32.34 44.73
MG KC1 QI . -7.21 -26.97 48.11
C A86 RI . 2.11 -16.84 43.27
O A86 RI . -0.87 -24.82 54.00
C1 A86 RI . 1.86 -15.69 44.28
C10 A86 RI . -0.04 -22.31 51.60
C11 A86 RI . -0.39 -22.80 52.92
C12 A86 RI . -0.56 -21.89 54.12
C13 A86 RI . -0.56 -24.27 53.01
C14 A86 RI . -0.27 -25.08 51.57
C15 A86 RI . -0.56 -26.62 51.47
C16 A86 RI . -2.00 -27.09 51.32
C17 A86 RI . -2.38 -28.54 51.65
C18 A86 RI . -1.46 -29.31 52.49
C19 A86 RI . -0.58 -28.36 53.39
C2 A86 RI . 1.66 -15.91 45.64
C20 A86 RI . 0.27 -27.54 52.31
C21 A86 RI . 1.42 -26.81 53.11
C22 A86 RI . -2.29 -26.92 49.81
C23 A86 RI . -2.98 -26.18 52.02
C24 A86 RI . 1.82 -14.25 43.86
C25 A86 RI . 1.58 -13.86 42.53
C26 A86 RI . 1.51 -12.25 42.28
C27 A86 RI . 0.96 -11.74 41.09
C28 A86 RI . 0.46 -12.66 40.03
C29 A86 RI . 0.91 -10.15 40.92
C3 A86 RI . 1.61 -17.24 46.22
C30 A86 RI . 0.50 -9.48 39.69
C31 A86 RI . 0.12 -8.79 38.51
C32 A86 RI . -1.33 -8.78 37.98
C33 A86 RI . -1.52 -7.91 36.71
C34 A86 RI . -0.50 -8.20 35.58
C35 A86 RI . 0.92 -8.57 36.10
C36 A86 RI . 1.16 -8.17 37.56
C37 A86 RI . 2.55 -8.70 38.00
C38 A86 RI . -0.83 -9.07 33.34
C39 A86 RI . 0.12 -7.96 32.78
C4 A86 RI . 1.54 -17.33 47.61
C40 A86 RI . -1.80 -10.23 37.69
C41 A86 RI . -2.23 -8.20 39.10
C5 A86 RI . 1.42 -18.83 48.28
C6 A86 RI . 1.30 -19.01 49.65
C7 A86 RI . 1.31 -17.78 50.67
C8 A86 RI . 1.12 -20.53 50.12
C9 A86 RI . 0.18 -20.84 51.20
O1 A86 RI . 0.62 -27.30 50.88
O2 A86 RI . -2.20 -30.19 53.29
O3 A86 RI . 1.17 -6.77 37.67
O4 A86 RI . -0.98 -9.25 34.77
O5 A86 RI . -1.43 -9.75 32.61
C DD6 SI . 11.33 -22.06 54.94
C1 DD6 SI . 12.81 -21.50 54.81
C10 DD6 SI . 11.32 -24.27 45.51
C11 DD6 SI . 11.50 -24.45 43.84
C12 DD6 SI . 12.96 -24.38 43.44
C13 DD6 SI . 10.99 -25.60 43.66
C14 DD6 SI . 10.19 -25.93 42.51
C15 DD6 SI . 9.51 -27.26 42.29
C16 DD6 SI . 10.52 -28.18 41.65
C17 DD6 SI . 9.94 -29.29 40.76
C18 DD6 SI . 8.46 -29.27 40.48
C19 DD6 SI . 7.99 -27.87 40.23
C2 DD6 SI . 13.05 -20.90 53.50
C20 DD6 SI . 8.23 -26.95 41.56
C21 DD6 SI . 8.02 -25.60 41.24
C22 DD6 SI . 11.28 -28.89 42.74
C23 DD6 SI . 11.67 -27.33 40.73
C24 DD6 SI . 13.13 -20.46 55.99
C25 DD6 SI . 12.75 -20.73 57.23
C26 DD6 SI . 13.05 -19.84 58.34
C27 DD6 SI . 12.40 -19.81 59.47
C28 DD6 SI . 11.25 -20.88 59.36
C29 DD6 SI . 13.08 -18.82 60.15
C3 DD6 SI . 12.43 -21.71 52.30
C30 DD6 SI . 13.78 -17.83 60.81
C31 DD6 SI . 13.78 -17.08 62.15
C32 DD6 SI . 14.40 -17.98 63.33
C33 DD6 SI . 14.71 -17.16 64.58
C34 DD6 SI . 15.57 -15.94 64.23
C35 DD6 SI . 14.82 -15.04 63.20
C36 DD6 SI . 14.57 -15.83 61.90
C37 DD6 SI . 13.81 -14.97 60.92
C4 DD6 SI . 12.77 -21.45 51.05
C40 DD6 SI . 15.70 -18.63 62.79
C41 DD6 SI . 13.43 -19.07 63.69
C5 DD6 SI . 12.14 -22.25 49.94
C6 DD6 SI . 12.84 -22.15 48.53
C7 DD6 SI . 12.80 -20.75 47.97
C8 DD6 SI . 12.12 -23.08 47.65
C9 DD6 SI . 12.23 -23.09 46.24
O1 DD6 SI . 8.21 -27.16 43.03
O2 DD6 SI . 8.16 -30.08 39.22
O4 DD6 SI . 15.84 -15.20 65.39
C A86 TI . 9.90 -20.87 28.67
O A86 TI . 12.13 -16.21 40.92
C1 A86 TI . 9.47 -21.89 29.76
C10 A86 TI . 11.70 -18.06 37.85
C11 A86 TI . 11.53 -17.73 39.26
C12 A86 TI . 10.64 -18.55 40.15
C13 A86 TI . 12.25 -16.57 39.80
C14 A86 TI . 13.27 -15.78 38.71
C15 A86 TI . 14.12 -14.55 39.16
C16 A86 TI . 15.43 -14.82 39.92
C17 A86 TI . 15.98 -13.78 40.91
C18 A86 TI . 15.27 -12.51 40.94
C19 A86 TI . 13.73 -12.78 41.04
C2 A86 TI . 9.74 -21.60 31.12
C20 A86 TI . 13.43 -13.29 39.55
C21 A86 TI . 11.85 -13.38 39.44
C22 A86 TI . 16.53 -15.01 38.84
C23 A86 TI . 15.34 -16.14 40.69
C24 A86 TI . 8.79 -23.19 29.39
C25 A86 TI . 8.74 -23.60 28.04
C26 A86 TI . 8.01 -25.02 27.71
C27 A86 TI . 7.32 -25.26 26.49
C28 A86 TI . 7.23 -24.21 25.44
C29 A86 TI . 6.64 -26.70 26.27
C3 A86 TI . 10.42 -20.34 31.43
C30 A86 TI . 5.83 -26.96 25.08
C31 A86 TI . 5.01 -27.22 23.93
C32 A86 TI . 5.44 -28.25 22.84
C33 A86 TI . 4.56 -28.37 21.59
C34 A86 TI . 3.07 -27.98 21.79
C35 A86 TI . 2.92 -26.69 22.62
C36 A86 TI . 3.49 -27.00 24.00
C37 A86 TI . 3.18 -25.85 24.98
C38 A86 TI . 1.33 -28.72 20.35
C39 A86 TI . 0.70 -28.88 18.95
C4 A86 TI . 10.54 -19.97 32.77
C40 A86 TI . 5.54 -29.66 23.49
C41 A86 TI . 6.87 -27.87 22.37
C5 A86 TI . 9.89 -20.99 33.88
C6 A86 TI . 10.06 -20.74 35.25
C7 A86 TI . 9.42 -21.74 36.28
C8 A86 TI . 10.89 -19.47 35.78
C9 A86 TI . 10.95 -19.26 37.24
O1 A86 TI . 13.91 -13.48 38.17
O2 A86 TI . 15.73 -11.73 42.01
O3 A86 TI . 2.90 -28.18 24.50
O4 A86 TI . 2.45 -27.82 20.54
O5 A86 TI . 0.90 -29.33 21.26
O1 LHG UI . -3.11 4.16 52.69
C1 LHG UI . -2.63 4.41 51.38
C2 LHG UI . -3.31 3.45 50.41
O2 LHG UI . -4.70 3.67 50.35
C3 LHG UI . -3.14 2.00 50.79
O3 LHG UI . -4.46 1.66 51.12
P LHG UI . -4.78 0.59 52.28
O4 LHG UI . -3.51 -0.11 52.57
O5 LHG UI . -5.79 1.29 53.13
O6 LHG UI . -5.58 -0.48 51.29
C4 LHG UI . -6.07 -1.67 51.81
C5 LHG UI . -6.39 -2.52 50.58
C6 LHG UI . -7.89 -2.59 50.32
O7 LHG UI . -5.77 -1.88 49.49
C7 LHG UI . -4.88 -2.66 48.83
O9 LHG UI . -3.70 -2.67 49.09
C8 LHG UI . -5.47 -3.18 47.58
C9 LHG UI . -4.44 -3.95 46.81
C10 LHG UI . -4.76 -3.89 45.33
O8 LHG UI . -8.04 -3.77 49.51
C23 LHG UI . -8.76 -4.79 50.03
O10 LHG UI . -9.12 -4.75 51.18
C24 LHG UI . -8.82 -6.11 49.28
C11 LHG UI . -3.86 -4.95 44.76
C12 LHG UI . -4.63 -5.71 43.73
C13 LHG UI . -3.66 -6.43 42.86
C25 LHG UI . -10.18 -6.77 49.20
C26 LHG UI . -11.35 -5.88 48.84
C27 LHG UI . -12.09 -6.69 47.81
C28 LHG UI . -13.53 -6.31 47.59
C29 LHG UI . -13.79 -6.51 46.11
C30 LHG UI . -13.44 -7.87 45.57
C31 LHG UI . -13.88 -8.15 44.16
C32 LHG UI . -15.37 -8.29 43.97
C1B LMT VI . 16.65 -38.82 32.17
C2B LMT VI . 16.75 -40.17 32.92
C3B LMT VI . 17.96 -40.99 32.42
C4B LMT VI . 18.03 -41.04 30.88
C5B LMT VI . 17.84 -39.61 30.33
C6B LMT VI . 17.87 -39.65 28.80
O1B LMT VI . 17.69 -38.01 32.56
O2B LMT VI . 16.89 -39.88 34.25
O3B LMT VI . 17.97 -42.24 32.98
O4' LMT VI . 19.25 -41.52 30.46
O5B LMT VI . 16.66 -39.03 30.79
O6B LMT VI . 16.63 -39.38 28.29
C1' LMT VI . 18.09 -34.43 34.56
C2' LMT VI . 16.64 -34.73 34.17
C3' LMT VI . 16.47 -36.19 33.68
C4' LMT VI . 17.56 -36.60 32.65
C5' LMT VI . 18.90 -36.11 33.23
C6' LMT VI . 20.10 -36.48 32.40
O1' LMT VI . 18.29 -33.11 34.84
O2' LMT VI . 15.84 -34.53 35.27
O3' LMT VI . 15.22 -36.36 33.17
O5' LMT VI . 18.90 -34.73 33.44
O6' LMT VI . 19.88 -35.94 31.15
C1 LMT VI . 19.64 -32.72 34.93
C2 LMT VI . 19.63 -31.24 35.17
C3 LMT VI . 20.84 -30.48 34.73
C4 LMT VI . 20.91 -29.18 35.51
C5 LMT VI . 22.32 -28.85 35.85
C6 LMT VI . 22.52 -27.38 36.10
C7 LMT VI . 23.97 -27.09 36.40
C8 LMT VI . 24.68 -26.77 35.13
C9 LMT VI . 24.44 -25.38 34.62
C10 LMT VI . 25.78 -24.69 34.59
C11 LMT VI . 25.64 -23.20 34.60
C12 LMT VI . 26.95 -22.55 34.87
C23 UNL WI . 11.96 -32.44 21.63
C24 UNL WI . 13.46 -32.55 21.45
C25 UNL WI . 14.15 -32.35 22.80
C26 UNL WI . 13.84 -30.99 23.38
C27 UNL WI . 14.24 -29.87 22.42
C28 UNL WI . 15.31 -28.97 23.03
C29 UNL WI . 15.11 -27.50 22.68
C30 UNL WI . 16.27 -26.68 23.23
C31 UNL WI . 16.01 -25.17 23.28
C32 UNL WI . 16.33 -24.46 21.98
C33 UNL WI . 16.36 -22.96 22.19
C34 UNL WI . 17.40 -22.59 23.24
C35 UNL WI . 17.21 -21.17 23.74
C36 UNL WI . 17.91 -20.99 25.08
C37 UNL WI . 18.02 -19.53 25.48
C38 UNL WI . 18.49 -19.40 26.91
C23 UNL XI . 31.54 -18.32 27.10
C24 UNL XI . 30.18 -17.73 27.32
C25 UNL XI . 30.28 -16.60 28.35
C26 UNL XI . 28.89 -16.09 28.74
C27 UNL XI . 29.01 -15.15 29.93
C28 UNL XI . 27.70 -15.08 30.72
C29 UNL XI . 27.72 -13.92 31.70
C30 UNL XI . 29.03 -13.90 32.48
C31 UNL XI . 29.30 -12.54 33.11
C32 UNL XI . 30.07 -11.61 32.17
C33 UNL XI . 30.69 -10.45 32.93
C34 UNL XI . 30.73 -9.19 32.08
C35 UNL XI . 31.39 -8.05 32.85
C36 UNL XI . 30.85 -7.94 34.27
C37 UNL XI . 31.04 -6.52 34.81
C38 UNL XI . 30.27 -6.34 36.10
C26 UNL YI . -10.86 -35.05 41.02
C27 UNL YI . -9.74 -34.45 41.88
C28 UNL YI . -9.14 -33.20 41.24
C29 UNL YI . -10.22 -32.22 40.79
C30 UNL YI . -9.58 -31.01 40.11
C31 UNL YI . -8.86 -30.11 41.11
C32 UNL YI . -9.86 -29.43 42.04
C33 UNL YI . -9.12 -28.61 43.09
C34 UNL YI . -10.07 -27.65 43.80
C35 UNL YI . -9.29 -26.63 44.61
C36 UNL YI . -10.20 -25.63 45.30
C37 UNL YI . -9.39 -24.61 46.08
C38 UNL YI . -10.23 -23.42 46.48
C23 UNL ZI . 18.09 -40.59 38.88
C24 UNL ZI . 16.79 -40.46 38.11
C25 UNL ZI . 16.76 -39.13 37.39
C26 UNL ZI . 16.97 -37.98 38.36
C27 UNL ZI . 17.51 -36.77 37.61
C28 UNL ZI . 17.82 -35.63 38.57
C29 UNL ZI . 16.87 -34.46 38.33
C30 UNL ZI . 17.25 -33.25 39.17
C31 UNL ZI . 16.67 -31.99 38.54
C32 UNL ZI . 16.45 -30.92 39.60
C33 UNL ZI . 16.34 -29.53 38.98
C34 UNL ZI . 16.35 -28.48 40.09
C35 UNL ZI . 16.22 -27.07 39.49
C36 UNL ZI . 16.13 -26.03 40.60
C23 UNL AJ . 7.69 -26.03 19.68
C24 UNL AJ . 7.24 -24.65 20.08
C25 UNL AJ . 8.41 -23.90 20.72
C26 UNL AJ . 7.94 -22.63 21.43
C27 UNL AJ . 9.12 -21.86 22.02
C28 UNL AJ . 8.78 -21.24 23.37
C29 UNL AJ . 9.73 -20.09 23.69
C30 UNL AJ . 10.00 -19.97 25.19
C31 UNL AJ . 9.33 -18.73 25.77
C32 UNL AJ . 10.34 -17.64 26.10
C33 UNL AJ . 10.62 -17.55 27.60
C24 UNL BJ . 12.99 -35.81 45.32
C25 UNL BJ . 13.71 -34.67 46.01
C26 UNL BJ . 13.27 -33.32 45.48
C27 UNL BJ . 14.11 -32.20 46.06
C28 UNL BJ . 13.64 -30.82 45.62
C29 UNL BJ . 13.33 -29.96 46.84
C30 UNL BJ . 13.09 -28.50 46.48
C31 UNL BJ . 12.44 -27.74 47.63
C32 UNL BJ . 13.08 -28.09 48.97
C33 UNL BJ . 12.61 -27.12 50.05
C26 UNL CJ . -5.67 -16.90 48.47
C27 UNL CJ . -6.02 -15.55 49.07
C28 UNL CJ . -5.98 -15.60 50.61
C29 UNL CJ . -6.55 -14.30 51.17
C30 UNL CJ . -6.59 -14.30 52.69
C31 UNL CJ . -7.40 -13.11 53.17
C32 UNL CJ . -6.90 -12.53 54.49
C33 UNL CJ . -7.36 -11.09 54.68
C27 UNL DJ . -4.96 -15.57 58.57
C28 UNL DJ . -4.56 -14.43 59.51
C29 UNL DJ . -5.78 -13.62 59.90
C30 UNL DJ . -5.41 -12.42 60.76
C31 UNL DJ . -6.53 -11.39 60.73
C32 UNL DJ . -6.35 -10.36 61.84
C33 UNL DJ . -6.88 -8.98 61.42
C28 UNL EJ . -11.10 -9.28 51.62
C29 UNL EJ . -11.39 -8.11 52.54
C30 UNL EJ . -10.10 -7.50 53.07
C31 UNL EJ . -10.40 -6.21 53.83
C32 UNL EJ . -9.18 -5.75 54.60
C33 UNL EJ . -9.55 -4.65 55.59
C28 UNL FJ . -2.17 -15.12 41.73
C29 UNL FJ . -2.86 -14.08 42.62
C30 UNL FJ . -1.96 -12.87 42.79
C31 UNL FJ . -2.71 -11.70 43.40
C32 UNL FJ . -1.77 -10.52 43.57
C33 UNL FJ . -2.43 -9.42 44.38
C24 UNL GJ . 29.86 -18.09 36.77
C25 UNL GJ . 31.09 -17.38 36.24
C26 UNL GJ . 30.92 -15.87 36.27
C27 UNL GJ . 32.05 -15.19 35.53
C28 UNL GJ . 31.77 -13.71 35.31
C29 UNL GJ . 31.88 -12.92 36.62
C30 UNL GJ . 33.15 -12.10 36.65
C31 UNL GJ . 33.19 -11.18 37.86
C32 UNL GJ . 34.52 -10.44 37.97
C33 UNL GJ . 34.58 -9.60 39.24
C A86 HJ . 22.86 -28.19 52.00
O A86 HJ . 34.12 -23.67 46.53
C1 A86 HJ . 23.27 -29.07 50.78
C10 A86 HJ . 31.25 -25.27 47.95
C11 A86 HJ . 32.49 -25.17 47.19
C12 A86 HJ . 32.89 -26.27 46.25
C13 A86 HJ . 33.34 -23.96 47.36
C14 A86 HJ . 33.14 -23.05 48.75
C15 A86 HJ . 33.10 -21.47 48.71
C16 A86 HJ . 31.97 -20.72 48.00
C17 A86 HJ . 32.22 -19.22 47.87
C18 A86 HJ . 33.43 -18.84 47.12
C19 A86 HJ . 34.64 -19.83 47.34
C2 A86 HJ . 24.55 -28.97 50.23
C20 A86 HJ . 34.40 -20.75 48.64
C21 A86 HJ . 35.60 -21.76 48.63
C22 A86 HJ . 30.71 -20.93 48.88
C23 A86 HJ . 31.63 -21.28 46.63
C24 A86 HJ . 22.28 -30.04 50.17
C25 A86 HJ . 21.27 -30.70 50.92
C26 A86 HJ . 20.27 -31.69 50.08
C27 A86 HJ . 19.13 -32.28 50.69
C28 A86 HJ . 18.82 -32.00 52.11
C29 A86 HJ . 18.18 -33.24 49.82
C3 A86 HJ . 24.93 -29.81 49.08
C30 A86 HJ . 16.89 -33.64 50.41
C31 A86 HJ . 15.64 -34.00 51.01
C32 A86 HJ . 14.34 -33.20 50.74
C33 A86 HJ . 13.82 -32.48 51.99
C34 A86 HJ . 13.63 -33.47 53.14
C35 A86 HJ . 14.97 -34.13 53.52
C36 A86 HJ . 15.62 -34.84 52.31
C37 A86 HJ . 17.08 -35.15 52.72
C38 A86 HJ . 11.69 -32.48 54.07
C39 A86 HJ . 11.07 -31.30 54.85
C4 A86 HJ . 26.05 -29.48 48.30
C40 A86 HJ . 14.60 -32.16 49.62
C41 A86 HJ . 13.23 -34.18 50.26
C5 A86 HJ . 26.96 -28.14 48.67
C6 A86 HJ . 28.31 -28.07 48.25
C7 A86 HJ . 28.97 -29.24 47.41
C8 A86 HJ . 29.18 -26.76 48.58
C9 A86 HJ . 30.35 -26.51 47.74
O1 A86 HJ . 33.73 -20.94 49.94
O2 A86 HJ . 33.14 -18.73 45.75
O3 A86 HJ . 14.96 -36.04 52.06
O4 A86 HJ . 13.09 -32.79 54.25
O5 A86 HJ . 11.04 -33.11 53.32
MG CLA IJ . 35.46 -20.93 56.98
CHA CLA IJ . 35.14 -17.49 57.09
CHB CLA IJ . 36.68 -20.82 60.11
CHC CLA IJ . 35.34 -24.31 56.98
CHD CLA IJ . 33.72 -20.87 53.73
NA CLA IJ . 35.81 -19.44 58.37
C1A CLA IJ . 35.73 -18.17 58.29
C2A CLA IJ . 36.20 -17.36 59.45
C3A CLA IJ . 36.74 -18.44 60.38
C4A CLA IJ . 36.38 -19.65 59.56
CMA CLA IJ . 38.25 -18.32 60.44
CAA CLA IJ . 35.00 -16.67 60.13
CBA CLA IJ . 34.45 -17.34 61.40
CGA CLA IJ . 33.63 -18.56 61.07
O1A CLA IJ . 32.67 -18.49 60.35
O2A CLA IJ . 34.01 -19.85 61.63
NB CLA IJ . 35.91 -22.36 58.36
C1B CLA IJ . 36.48 -22.15 59.55
C2B CLA IJ . 36.91 -23.37 60.27
C3B CLA IJ . 36.51 -24.44 59.31
C4B CLA IJ . 35.90 -23.68 58.18
CMB CLA IJ . 37.59 -23.48 61.61
CAB CLA IJ . 36.67 -25.90 59.45
CBB CLA IJ . 35.76 -26.66 60.00
NC CLA IJ . 34.66 -22.28 55.64
C1C CLA IJ . 34.76 -23.61 55.81
C2C CLA IJ . 34.22 -24.41 54.68
C3C CLA IJ . 33.74 -23.39 53.73
C4C CLA IJ . 34.07 -22.12 54.42
CMC CLA IJ . 34.16 -25.91 54.54
CAC CLA IJ . 33.09 -23.58 52.38
CBC CLA IJ . 31.61 -23.32 52.53
ND CLA IJ . 34.58 -19.61 55.69
C1D CLA IJ . 33.98 -19.59 54.40
C2D CLA IJ . 33.67 -18.24 53.85
C3D CLA IJ . 34.16 -17.39 54.97
C4D CLA IJ . 34.64 -18.25 55.94
CMD CLA IJ . 33.07 -17.69 52.58
CAD CLA IJ . 34.34 -16.00 55.47
OBD CLA IJ . 34.02 -14.94 54.84
CBD CLA IJ . 34.97 -16.05 56.81
CGD CLA IJ . 36.30 -15.36 56.76
O1D CLA IJ . 37.31 -15.96 56.45
O2D CLA IJ . 36.41 -13.95 57.09
CED CLA IJ . 37.68 -13.32 57.13
C1 CLA IJ . 33.34 -21.05 61.21
C2 CLA IJ . 33.03 -21.94 62.39
C3 CLA IJ . 33.19 -23.27 62.33
C4 CLA IJ . 33.67 -23.91 61.08
C5 CLA IJ . 32.86 -24.13 63.52
C6 CLA IJ . 31.38 -24.45 63.56
C7 CLA IJ . 31.06 -25.68 62.72
C8 CLA IJ . 29.57 -25.86 62.53
C9 CLA IJ . 28.77 -25.34 63.72
C10 CLA IJ . 29.27 -27.34 62.32
C11 CLA IJ . 28.21 -27.53 61.25
C12 CLA IJ . 28.85 -27.53 59.87
C13 CLA IJ . 28.05 -28.45 58.96
C14 CLA IJ . 28.19 -29.90 59.39
C15 CLA IJ . 28.49 -28.26 57.52
C16 CLA IJ . 27.27 -28.10 56.64
C17 CLA IJ . 27.59 -28.39 55.18
C18 CLA IJ . 26.40 -29.07 54.50
C19 CLA IJ . 26.54 -28.98 52.99
C20 CLA IJ . 25.07 -28.51 54.96
NB KC1 JJ . 35.55 -30.89 61.62
ND KC1 JJ . 38.62 -31.63 64.17
C1A KC1 JJ . 37.20 -28.89 64.87
C1B KC1 JJ . 34.56 -30.03 61.77
C1C KC1 JJ . 37.04 -33.52 61.06
C1D KC1 JJ . 39.63 -32.63 64.37
C2A KC1 JJ . 36.66 -27.55 65.30
C2B KC1 JJ . 33.33 -30.32 61.00
C2C KC1 JJ . 37.60 -34.83 60.62
C2D KC1 JJ . 40.58 -32.37 65.49
C3A KC1 JJ . 35.46 -27.40 64.37
C3B KC1 JJ . 33.71 -31.57 60.30
C3C KC1 JJ . 38.70 -35.07 61.56
C3D KC1 JJ . 40.05 -31.07 65.97
C4A KC1 JJ . 35.59 -28.67 63.59
C4B KC1 JJ . 35.10 -31.81 60.76
C4C KC1 JJ . 38.64 -33.87 62.43
C4D KC1 JJ . 38.96 -30.75 65.18
CAA KC1 JJ . 37.65 -26.48 64.88
CAB KC1 JJ . 32.92 -32.42 59.36
CAC KC1 JJ . 39.64 -36.24 61.63
CAD KC1 JJ . 40.22 -29.96 66.95
CBA KC1 JJ . 37.05 -25.09 65.08
CBB KC1 JJ . 32.53 -31.97 58.19
CBC KC1 JJ . 38.90 -37.25 62.48
CBD KC1 JJ . 39.17 -28.95 66.74
CED KC1 JJ . 36.56 -28.01 69.42
CGA KC1 JJ . 37.66 -24.46 66.30
CGD KC1 JJ . 38.29 -29.02 67.95
CHA KC1 JJ . 38.40 -29.46 65.57
CHB KC1 JJ . 34.68 -28.86 62.65
CHC KC1 JJ . 35.89 -32.97 60.33
CHD KC1 JJ . 39.65 -33.80 63.52
CMA KC1 JJ . 34.18 -27.50 65.17
CMB KC1 JJ . 32.03 -29.55 60.94
CMC KC1 JJ . 37.12 -35.67 59.49
CMD KC1 JJ . 41.76 -33.10 66.08
NA KC1 JJ . 36.59 -29.49 63.94
NC KC1 JJ . 37.66 -32.99 62.12
O1A KC1 JJ . 38.85 -24.21 66.36
O1D KC1 JJ . 38.28 -30.02 68.64
O2A KC1 JJ . 36.81 -24.12 67.44
O2D KC1 JJ . 37.47 -27.89 68.33
OBD KC1 JJ . 41.12 -29.91 67.87
MG KC1 JJ . 37.21 -31.11 62.80
MG CLA KJ . 45.22 -42.91 50.82
CHA CLA KJ . 45.62 -46.32 50.42
CHB CLA KJ . 44.36 -43.49 54.06
CHC CLA KJ . 45.25 -39.58 51.28
CHD CLA KJ . 46.72 -42.46 47.47
NA CLA KJ . 45.07 -44.59 52.05
C1A CLA KJ . 45.16 -45.83 51.76
C2A CLA KJ . 44.78 -46.80 52.85
C3A CLA KJ . 44.35 -45.87 53.96
C4A CLA KJ . 44.62 -44.56 53.30
CMA CLA KJ . 42.86 -45.98 54.23
CAA CLA KJ . 45.97 -47.53 53.47
CBA CLA KJ . 47.36 -47.33 52.88
CGA CLA KJ . 47.97 -45.97 53.10
O1A CLA KJ . 48.10 -45.53 54.24
O2A CLA KJ . 48.44 -45.16 51.97
NB CLA KJ . 44.83 -41.71 52.43
C1B CLA KJ . 44.53 -42.09 53.67
C2B CLA KJ . 44.42 -40.98 54.66
C3B CLA KJ . 44.70 -39.81 53.81
C4B CLA KJ . 44.92 -40.39 52.46
CMB CLA KJ . 44.12 -41.03 56.13
CAB CLA KJ . 44.73 -38.38 54.20
CBB CLA KJ . 43.70 -37.59 54.05
NC CLA KJ . 45.82 -41.37 49.60
C1C CLA KJ . 45.84 -40.08 50.02
C2C CLA KJ . 46.53 -39.13 49.11
C3C CLA KJ . 46.95 -40.00 47.99
C4C CLA KJ . 46.46 -41.34 48.40
CMC CLA KJ . 46.75 -37.66 49.28
CAC CLA KJ . 47.71 -39.63 46.74
CBC CLA KJ . 46.67 -39.61 45.64
ND CLA KJ . 46.04 -44.01 49.31
C1D CLA KJ . 46.53 -43.82 47.96
C2D CLA KJ . 46.77 -45.08 47.19
C3D CLA KJ . 46.40 -46.07 48.22
C4D CLA KJ . 46.01 -45.39 49.36
CMD CLA KJ . 47.26 -45.44 45.81
CAD CLA KJ . 46.28 -47.53 48.51
OBD CLA KJ . 46.55 -48.48 47.69
CBD CLA KJ . 45.79 -47.69 49.89
CGD CLA KJ . 44.55 -48.53 49.93
O1D CLA KJ . 44.50 -49.50 50.65
O2D CLA KJ . 43.38 -48.20 49.15
CED CLA KJ . 42.20 -48.99 49.31
C1 CLA KJ . 49.17 -43.97 52.22
C2 CLA KJ . 48.85 -42.85 51.26
C3 CLA KJ . 49.63 -41.75 51.16
C4 CLA KJ . 49.28 -40.66 50.20
C5 CLA KJ . 50.85 -41.53 52.01
C6 CLA KJ . 50.98 -40.02 52.30
C7 CLA KJ . 52.42 -39.52 52.31
C8 CLA KJ . 52.44 -38.01 52.07
C9 CLA KJ . 51.71 -37.25 53.18
C10 CLA KJ . 51.82 -37.70 50.71
MG CLA LJ . 46.26 -34.08 64.43
CHA CLA LJ . 44.50 -31.24 65.40
CHB CLA LJ . 47.72 -34.09 67.48
CHC CLA LJ . 47.28 -37.21 63.74
CHD CLA LJ . 44.37 -34.02 61.26
NA CLA LJ . 46.11 -32.92 66.15
C1A CLA LJ . 45.50 -31.82 66.34
C2A CLA LJ . 45.74 -31.15 67.67
C3A CLA LJ . 46.80 -32.03 68.30
C4A CLA LJ . 46.88 -33.08 67.23
CMA CLA LJ . 48.13 -31.29 68.39
CAA CLA LJ . 44.45 -31.44 68.46
CBA CLA LJ . 44.48 -32.49 69.60
CGA CLA LJ . 44.46 -33.97 69.22
O1A CLA LJ . 45.43 -34.66 69.44
O2A CLA LJ . 43.32 -34.64 68.62
NB CLA LJ . 47.35 -35.44 65.47
C1B CLA LJ . 47.94 -35.28 66.66
C2B CLA LJ . 48.70 -36.45 67.15
C3B CLA LJ . 48.56 -37.39 66.02
C4B CLA LJ . 47.70 -36.66 65.04
CMB CLA LJ . 49.46 -36.62 68.44
CAB CLA LJ . 49.12 -38.75 65.89
CBB CLA LJ . 48.38 -39.74 65.41
NC CLA LJ . 45.95 -35.30 62.80
C1C CLA LJ . 46.35 -36.58 62.79
C2C CLA LJ . 45.75 -37.41 61.69
C3C CLA LJ . 44.90 -36.45 60.98
C4C CLA LJ . 45.12 -35.20 61.73
CMC CLA LJ . 45.94 -38.87 61.35
CAC CLA LJ . 44.04 -36.67 59.77
CBC CLA LJ . 45.00 -36.56 58.61
ND CLA LJ . 44.81 -32.98 63.49
C1D CLA LJ . 44.07 -32.98 62.25
C2D CLA LJ . 43.06 -31.90 62.10
C3D CLA LJ . 43.24 -31.21 63.41
C4D CLA LJ . 44.22 -31.89 64.11
CMD CLA LJ . 42.07 -31.45 61.07
CAD CLA LJ . 42.79 -30.08 64.26
OBD CLA LJ . 41.87 -29.24 63.93
CBD CLA LJ . 43.56 -30.10 65.52
CGD CLA LJ . 44.25 -28.78 65.71
O1D CLA LJ . 45.42 -28.63 65.40
O2D CLA LJ . 43.51 -27.68 66.31
CED CLA LJ . 44.22 -26.57 66.88
C1 CLA LJ . 43.54 -35.97 68.14
C2 CLA LJ . 43.43 -36.03 66.63
C3 CLA LJ . 43.55 -37.19 65.97
C4 CLA LJ . 43.84 -38.45 66.73
C5 CLA LJ . 43.42 -37.22 64.47
MG CLA MJ . 50.09 -24.95 50.96
CHA CLA MJ . 52.58 -23.22 52.62
CHB CLA MJ . 49.97 -22.44 48.71
CHC CLA MJ . 48.02 -26.89 49.12
CHD CLA MJ . 50.64 -27.77 53.27
NA CLA MJ . 51.11 -23.17 50.68
C1A CLA MJ . 51.99 -22.58 51.40
C2A CLA MJ . 52.38 -21.19 51.00
C3A CLA MJ . 51.49 -20.96 49.80
C4A CLA MJ . 50.82 -22.29 49.72
CMA CLA MJ . 50.46 -19.91 50.17
CAA CLA MJ . 53.83 -21.09 50.52
CBA CLA MJ . 54.28 -22.21 49.57
CGA CLA MJ . 53.97 -21.95 48.11
O1A CLA MJ . 53.91 -20.82 47.66
O2A CLA MJ . 53.74 -23.08 47.22
NB CLA MJ . 49.15 -24.68 49.17
C1B CLA MJ . 49.16 -23.61 48.39
C2B CLA MJ . 48.32 -23.69 47.18
C3B CLA MJ . 47.74 -25.05 47.31
C4B CLA MJ . 48.32 -25.55 48.58
CMB CLA MJ . 48.11 -22.68 46.10
CAB CLA MJ . 46.80 -25.75 46.42
CBB CLA MJ . 45.55 -25.34 46.33
NC CLA MJ . 49.50 -26.91 51.16
C1C CLA MJ . 48.62 -27.49 50.33
C2C CLA MJ . 48.23 -28.88 50.68
C3C CLA MJ . 49.01 -29.14 51.91
C4C CLA MJ . 49.74 -27.86 52.10
CMC CLA MJ . 47.27 -29.81 49.97
CAC CLA MJ . 49.04 -30.39 52.76
CBC CLA MJ . 50.29 -31.14 52.37
ND CLA MJ . 51.29 -25.49 52.51
C1D CLA MJ . 51.43 -26.55 53.46
C2D CLA MJ . 52.39 -26.30 54.56
C3D CLA MJ . 52.85 -24.93 54.21
C4D CLA MJ . 52.20 -24.58 53.04
CMD CLA MJ . 52.87 -27.07 55.76
CAD CLA MJ . 53.74 -23.80 54.58
OBD CLA MJ . 54.52 -23.79 55.61
CBD CLA MJ . 53.59 -22.72 53.59
CGD CLA MJ . 53.35 -21.38 54.19
O1D CLA MJ . 52.53 -21.21 55.07
O2D CLA MJ . 54.14 -20.25 53.72
CED CLA MJ . 54.62 -19.26 54.64
C1 CLA MJ . 52.52 -23.25 46.50
C2 CLA MJ . 52.62 -22.69 45.10
C3 CLA MJ . 51.88 -23.20 44.10
C4 CLA MJ . 52.02 -22.62 42.73
C5 CLA MJ . 50.95 -24.36 44.34
C6 CLA MJ . 51.18 -25.53 43.38
C7 CLA MJ . 49.94 -26.41 43.25
C8 CLA MJ . 50.17 -27.58 42.29
C9 CLA MJ . 48.84 -28.09 41.75
C10 CLA MJ . 50.93 -28.71 42.97
C11 CLA MJ . 50.97 -29.95 42.07
C12 CLA MJ . 50.41 -31.19 42.75
C13 CLA MJ . 51.44 -32.31 42.81
C14 CLA MJ . 50.77 -33.67 42.87
C15 CLA MJ . 52.37 -32.09 44.01
C16 CLA MJ . 51.96 -32.89 45.24
C17 CLA MJ . 52.64 -32.36 46.49
C18 CLA MJ . 54.08 -32.81 46.62
C19 CLA MJ . 54.25 -34.26 46.19
C20 CLA MJ . 54.56 -32.61 48.05
MG CLA NJ . 35.78 -18.24 42.95
CHA CLA NJ . 39.21 -18.38 43.22
CHB CLA NJ . 36.13 -15.20 41.46
CHC CLA NJ . 32.50 -18.40 42.19
CHD CLA NJ . 35.65 -21.73 44.16
NA CLA NJ . 37.37 -17.02 42.38
C1A CLA NJ . 38.62 -17.15 42.62
C2A CLA NJ . 39.51 -16.01 42.23
C3A CLA NJ . 38.50 -15.00 41.68
C4A CLA NJ . 37.25 -15.79 41.86
CMA CLA NJ . 38.47 -13.72 42.50
CAA CLA NJ . 40.40 -16.41 41.06
CBA CLA NJ . 39.65 -17.27 40.05
CGA CLA NJ . 40.53 -17.63 38.88
O1A CLA NJ . 41.31 -16.83 38.42
O2A CLA NJ . 40.46 -18.96 38.29
NB CLA NJ . 34.50 -16.98 41.96
C1B CLA NJ . 34.77 -15.76 41.49
C2B CLA NJ . 33.61 -15.03 40.92
C3B CLA NJ . 32.52 -16.00 41.15
C4B CLA NJ . 33.19 -17.17 41.78
CMB CLA NJ . 33.57 -13.65 40.33
CAB CLA NJ . 31.08 -15.89 40.81
CBB CLA NJ . 30.52 -16.83 40.09
NC CLA NJ . 34.37 -19.72 43.22
C1C CLA NJ . 33.14 -19.63 42.68
C2C CLA NJ . 32.40 -20.92 42.58
C3C CLA NJ . 33.35 -21.90 43.15
C4C CLA NJ . 34.50 -21.04 43.53
CMC CLA NJ . 31.03 -21.15 42.01
CAC CLA NJ . 33.21 -23.39 43.33
CBC CLA NJ . 31.95 -23.66 44.13
ND CLA NJ . 37.02 -19.75 43.52
C1D CLA NJ . 36.95 -21.07 44.07
C2D CLA NJ . 38.25 -21.67 44.49
C3D CLA NJ . 39.15 -20.55 44.14
C4D CLA NJ . 38.38 -19.53 43.60
CMD CLA NJ . 38.69 -22.97 45.09
CAD CLA NJ . 40.56 -20.07 44.12
OBD CLA NJ . 41.56 -20.75 44.54
CBD CLA NJ . 40.61 -18.70 43.55
CGD CLA NJ . 41.15 -17.75 44.56
O1D CLA NJ . 40.78 -17.78 45.71
O2D CLA NJ . 42.15 -16.78 44.14
CED CLA NJ . 42.66 -15.84 45.09
C1 CLA NJ . 39.85 -19.18 37.02
C2 CLA NJ . 39.13 -20.51 37.06
C3 CLA NJ . 39.76 -21.60 36.61
C4 CLA NJ . 41.17 -21.47 36.10
C5 CLA NJ . 39.08 -22.95 36.62
C6 CLA NJ . 40.09 -24.08 36.65
C7 CLA NJ . 40.64 -24.31 38.06
C8 CLA NJ . 41.95 -25.09 38.05
C9 CLA NJ . 42.86 -24.68 36.90
C10 CLA NJ . 41.65 -26.58 37.97
C11 CLA NJ . 40.85 -27.02 39.20
C12 CLA NJ . 39.92 -28.17 38.86
C13 CLA NJ . 38.67 -27.65 38.16
NB KC1 OJ . 42.87 -27.95 42.45
ND KC1 OJ . 40.89 -24.49 41.76
C1A KC1 OJ . 44.03 -24.02 41.70
C1B KC1 OJ . 44.17 -28.19 42.45
C1C KC1 OJ . 39.80 -28.26 42.37
C1D KC1 OJ . 39.53 -24.05 41.60
C2A KC1 OJ . 45.48 -23.63 41.69
C2B KC1 OJ . 44.56 -29.61 42.61
C2C KC1 OJ . 38.40 -28.68 42.18
C2D KC1 OJ . 39.38 -22.62 41.23
C3A KC1 OJ . 46.15 -24.97 41.93
C3B KC1 OJ . 43.25 -30.28 42.70
C3C KC1 OJ . 37.70 -27.41 41.94
C3D KC1 OJ . 40.81 -22.21 41.16
C4A KC1 OJ . 44.93 -25.83 42.06
C4B KC1 OJ . 42.28 -29.14 42.60
C4C KC1 OJ . 38.79 -26.42 42.02
C4D KC1 OJ . 41.57 -23.32 41.46
CAA KC1 OJ . 45.82 -22.75 42.89
CAB KC1 OJ . 43.00 -31.73 42.88
CAC KC1 OJ . 36.22 -27.17 41.71
CAD KC1 OJ . 41.76 -21.10 40.90
CBA KC1 OJ . 46.77 -21.63 42.50
CBB KC1 OJ . 41.81 -32.26 42.98
CBC KC1 OJ . 35.85 -27.74 40.35
CBD KC1 OJ . 43.16 -21.57 41.06
CED KC1 OJ . 45.59 -20.41 38.29
CGA KC1 OJ . 47.87 -22.13 41.59
CGD KC1 OJ . 43.85 -21.48 39.72
CHA KC1 OJ . 42.99 -22.99 41.43
CHB KC1 OJ . 45.17 -27.11 42.31
CHC KC1 OJ . 40.81 -29.30 42.63
CHD KC1 OJ . 38.44 -24.99 41.82
CMA KC1 OJ . 46.87 -25.35 40.64
CMB KC1 OJ . 45.94 -30.21 42.66
CMC KC1 OJ . 37.84 -30.07 42.23
CMD KC1 OJ . 38.23 -21.69 40.95
NA KC1 OJ . 43.75 -25.25 41.90
NC KC1 OJ . 40.02 -26.94 42.26
O1A KC1 OJ . 48.83 -22.74 42.03
O1D KC1 OJ . 43.52 -22.20 38.80
O2A KC1 OJ . 47.78 -21.89 40.16
O2D KC1 OJ . 44.93 -20.53 39.54
OBD KC1 OJ . 41.43 -19.91 40.59
MG KC1 OJ . 41.92 -26.14 42.34
MG CLA PJ . 24.18 -34.29 47.43
CHA CLA PJ . 20.97 -35.55 47.50
CHB CLA PJ . 23.77 -33.75 44.10
CHC CLA PJ . 27.21 -32.85 47.45
CHD CLA PJ . 24.11 -34.24 51.13
NA CLA PJ . 22.64 -34.54 46.05
C1A CLA PJ . 21.51 -35.11 46.18
C2A CLA PJ . 20.70 -35.33 44.93
C3A CLA PJ . 21.61 -34.76 43.86
C4A CLA PJ . 22.75 -34.33 44.74
CMA CLA PJ . 22.11 -35.83 42.88
CAA CLA PJ . 19.43 -34.47 44.99
CBA CLA PJ . 19.75 -32.99 44.95
CGA CLA PJ . 18.83 -32.21 45.87
O1A CLA PJ . 17.62 -32.33 45.78
O2A CLA PJ . 19.38 -31.31 46.86
NB CLA PJ . 25.33 -33.46 45.97
C1B CLA PJ . 25.00 -33.24 44.70
C2B CLA PJ . 25.97 -32.45 43.92
C3B CLA PJ . 27.00 -32.17 44.93
C4B CLA PJ . 26.51 -32.85 46.16
CMB CLA PJ . 25.89 -32.03 42.47
CAB CLA PJ . 28.27 -31.41 44.77
CBB CLA PJ . 29.08 -31.67 43.77
NC CLA PJ . 25.42 -33.75 48.97
C1C CLA PJ . 26.54 -33.03 48.75
C2C CLA PJ . 27.10 -32.37 49.96
C3C CLA PJ . 26.19 -32.79 51.03
C4C CLA PJ . 25.20 -33.64 50.31
CMC CLA PJ . 28.30 -31.48 50.09
CAC CLA PJ . 26.20 -32.43 52.50
CBC CLA PJ . 26.94 -33.51 53.23
ND CLA PJ . 22.92 -34.66 48.99
C1D CLA PJ . 22.97 -34.81 50.42
C2D CLA PJ . 21.84 -35.53 51.05
C3D CLA PJ . 21.03 -35.84 49.83
C4D CLA PJ . 21.72 -35.32 48.75
CMD CLA PJ . 21.44 -35.94 52.44
CAD CLA PJ . 19.79 -36.48 49.31
OBD CLA PJ . 18.91 -37.07 50.03
CBD CLA PJ . 19.75 -36.31 47.84
CGD CLA PJ . 19.78 -37.63 47.16
O1D CLA PJ . 18.86 -37.97 46.44
O2D CLA PJ . 20.92 -38.52 47.29
CED CLA PJ . 21.12 -39.56 46.35
MG CLA QJ . 33.85 -43.07 59.59
CHA CLA QJ . 31.00 -44.81 60.37
CHB CLA QJ . 31.91 -40.67 58.21
CHC CLA QJ . 36.68 -41.38 58.97
CHD CLA QJ . 35.74 -45.38 61.80
NA CLA QJ . 31.81 -42.75 59.38
C1A CLA QJ . 30.83 -43.52 59.65
C2A CLA QJ . 29.47 -43.07 59.17
C3A CLA QJ . 29.79 -41.75 58.48
C4A CLA QJ . 31.27 -41.73 58.71
CMA CLA QJ . 29.51 -41.86 56.99
CAA CLA QJ . 28.49 -42.83 60.31
CBA CLA QJ . 28.85 -41.64 61.18
CGA CLA QJ . 27.65 -41.35 62.06
O1A CLA QJ . 26.64 -40.83 61.59
O2A CLA QJ . 27.68 -41.67 63.48
NB CLA QJ . 34.23 -41.29 58.69
C1B CLA QJ . 33.35 -40.38 58.25
C2B CLA QJ . 33.93 -39.10 57.78
C3B CLA QJ . 35.38 -39.33 58.01
C4B CLA QJ . 35.43 -40.71 58.57
CMB CLA QJ . 33.23 -37.89 57.22
CAB CLA QJ . 36.52 -38.41 57.75
CBB CLA QJ . 37.76 -38.66 58.12
NC CLA QJ . 35.79 -43.36 60.25
C1C CLA QJ . 36.79 -42.51 59.91
C2C CLA QJ . 38.10 -42.79 60.56
C3C CLA QJ . 37.81 -43.98 61.38
C4C CLA QJ . 36.36 -44.23 61.11
CMC CLA QJ . 39.40 -42.05 60.40
CAC CLA QJ . 38.74 -44.73 62.30
CBC CLA QJ . 38.95 -43.85 63.50
ND CLA QJ . 33.55 -44.63 60.87
C1D CLA QJ . 34.32 -45.62 61.57
C2D CLA QJ . 33.57 -46.84 61.99
C3D CLA QJ . 32.23 -46.49 61.47
C4D CLA QJ . 32.32 -45.25 60.87
CMD CLA QJ . 33.92 -48.12 62.71
CAD CLA QJ . 30.81 -46.94 61.36
OBD CLA QJ . 30.35 -48.06 61.79
CBD CLA QJ . 30.02 -45.91 60.63
CGD CLA QJ . 29.63 -46.53 59.33
O1D CLA QJ . 28.46 -46.69 59.04
O2D CLA QJ . 30.66 -46.93 58.39
CED CLA QJ . 30.29 -47.42 57.10
MG CLA RJ . 53.64 -51.57 50.05
CHA CLA RJ . 56.13 -53.58 48.82
CHB CLA RJ . 52.61 -54.18 51.97
CHC CLA RJ . 51.39 -49.47 51.45
CHD CLA RJ . 55.28 -48.69 48.38
NA CLA RJ . 54.28 -53.51 50.38
C1A CLA RJ . 55.21 -54.17 49.83
C2A CLA RJ . 55.33 -55.63 50.18
C3A CLA RJ . 54.19 -55.80 51.17
C4A CLA RJ . 53.66 -54.40 51.17
CMA CLA RJ . 53.14 -56.74 50.60
CAA CLA RJ . 56.66 -55.87 50.89
CBA CLA RJ . 57.13 -57.31 50.71
CGA CLA RJ . 56.72 -58.12 51.93
O1A CLA RJ . 56.76 -57.63 53.04
O2A CLA RJ . 56.27 -59.50 51.75
NB CLA RJ . 52.23 -51.80 51.51
C1B CLA RJ . 51.90 -52.92 52.15
C2B CLA RJ . 50.74 -52.80 53.07
C3B CLA RJ . 50.38 -51.38 52.91
C4B CLA RJ . 51.37 -50.87 51.91
CMB CLA RJ . 50.12 -53.87 53.93
CAB CLA RJ . 49.28 -50.63 53.56
CBB CLA RJ . 48.11 -50.57 52.97
NC CLA RJ . 53.37 -49.52 49.87
C1C CLA RJ . 52.48 -48.87 50.63
C2C CLA RJ . 52.63 -47.38 50.62
C3C CLA RJ . 53.77 -47.17 49.70
C4C CLA RJ . 54.14 -48.56 49.31
CMC CLA RJ . 51.80 -46.37 51.35
CAC CLA RJ . 54.44 -45.88 49.27
CBC CLA RJ . 53.62 -45.32 48.13
ND CLA RJ . 55.30 -51.12 48.95
C1D CLA RJ . 55.84 -50.03 48.18
C2D CLA RJ . 56.91 -50.40 47.22
C3D CLA RJ . 57.02 -51.86 47.49
C4D CLA RJ . 56.08 -52.16 48.46
CMD CLA RJ . 57.77 -49.71 46.20
CAD CLA RJ . 57.71 -53.12 47.14
OBD CLA RJ . 58.63 -53.22 46.25
CBD CLA RJ . 57.15 -54.24 47.94
CGD CLA RJ . 56.38 -55.17 47.05
O1D CLA RJ . 55.17 -55.10 47.01
O2D CLA RJ . 57.05 -56.16 46.26
CED CLA RJ . 56.30 -57.26 45.75
MG CLA SJ . 47.45 -39.75 40.72
CHA CLA SJ . 50.61 -41.10 40.30
CHB CLA SJ . 46.18 -42.81 40.11
CHC CLA SJ . 44.39 -38.30 40.66
CHD CLA SJ . 49.02 -36.42 40.97
NA CLA SJ . 48.23 -41.61 40.24
C1A CLA SJ . 49.44 -42.03 40.24
C2A CLA SJ . 49.66 -43.51 40.07
C3A CLA SJ . 48.23 -44.02 40.01
C4A CLA SJ . 47.50 -42.72 40.13
CMA CLA SJ . 47.92 -44.64 38.65
CAA CLA SJ . 50.31 -44.12 41.31
CBA CLA SJ . 49.81 -43.54 42.63
CGA CLA SJ . 50.93 -42.72 43.24
O1A CLA SJ . 52.05 -43.19 43.30
O2A CLA SJ . 50.70 -41.39 43.75
NB CLA SJ . 45.56 -40.46 40.41
C1B CLA SJ . 45.21 -41.72 40.22
C2B CLA SJ . 43.76 -41.98 40.13
C3B CLA SJ . 43.20 -40.61 40.29
C4B CLA SJ . 44.42 -39.76 40.46
CMB CLA SJ . 43.04 -43.29 39.91
CAB CLA SJ . 41.76 -40.23 40.28
CBB CLA SJ . 41.30 -39.10 40.77
NC CLA SJ . 46.86 -37.78 40.77
C1C CLA SJ . 45.56 -37.41 40.78
C2C CLA SJ . 45.33 -35.95 40.93
C3C CLA SJ . 46.70 -35.40 41.02
C4C CLA SJ . 47.55 -36.62 40.91
CMC CLA SJ . 44.03 -35.22 40.96
CAC CLA SJ . 47.13 -33.96 41.16
CBC CLA SJ . 47.21 -33.67 42.64
ND CLA SJ . 49.29 -38.88 40.65
C1D CLA SJ . 49.89 -37.57 40.76
C2D CLA SJ . 51.37 -37.55 40.66
C3D CLA SJ . 51.65 -39.01 40.46
C4D CLA SJ . 50.43 -39.66 40.46
CMD CLA SJ . 52.45 -36.50 40.71
CAD CLA SJ . 52.71 -40.04 40.26
OBD CLA SJ . 53.96 -39.81 40.20
CBD CLA SJ . 52.07 -41.38 40.13
CGD CLA SJ . 52.31 -41.96 38.78
O1D CLA SJ . 52.25 -41.25 37.78
O2D CLA SJ . 52.60 -43.37 38.63
CED CLA SJ . 52.95 -43.91 37.36
C1 CLA SJ . 51.70 -40.39 43.56
C2 CLA SJ . 52.75 -40.40 44.65
C3 CLA SJ . 52.93 -39.32 45.43
C4 CLA SJ . 52.10 -38.10 45.21
C5 CLA SJ . 53.98 -39.34 46.51
MG CLA TJ . 46.39 -36.36 33.37
CHA CLA TJ . 49.72 -36.31 34.23
CHB CLA TJ . 45.72 -37.63 36.43
CHC CLA TJ . 43.10 -36.01 32.64
CHD CLA TJ . 47.25 -34.35 30.38
NA CLA TJ . 47.49 -36.83 35.06
C1A CLA TJ . 48.76 -36.89 35.22
C2A CLA TJ . 49.27 -37.53 36.48
C3A CLA TJ . 47.98 -37.96 37.15
C4A CLA TJ . 47.00 -37.45 36.13
CMA CLA TJ . 47.89 -39.48 37.23
CAA CLA TJ . 49.90 -36.45 37.38
CBA CLA TJ . 48.86 -35.42 37.79
CGA CLA TJ . 49.44 -34.10 38.25
O1A CLA TJ . 50.32 -34.05 39.09
O2A CLA TJ . 48.94 -32.86 37.66
NB CLA TJ . 44.67 -36.82 34.36
C1B CLA TJ . 44.58 -37.20 35.64
C2B CLA TJ . 43.24 -37.09 36.24
C3B CLA TJ . 42.44 -36.60 35.11
C4B CLA TJ . 43.43 -36.48 33.99
CMB CLA TJ . 42.80 -37.42 37.65
CAB CLA TJ . 40.98 -36.31 35.09
CBB CLA TJ . 40.18 -36.93 34.26
NC CLA TJ . 45.41 -35.39 31.82
C1C CLA TJ . 44.06 -35.35 31.72
C2C CLA TJ . 43.55 -34.54 30.58
C3C CLA TJ . 44.79 -34.07 29.92
C4C CLA TJ . 45.86 -34.65 30.77
CMC CLA TJ . 42.13 -34.28 30.18
CAC CLA TJ . 44.95 -33.18 28.70
CBC CLA TJ . 45.53 -34.00 27.57
ND CLA TJ . 47.99 -35.47 32.49
C1D CLA TJ . 48.34 -34.78 31.27
C2D CLA TJ . 49.78 -34.57 31.03
C3D CLA TJ . 50.33 -35.21 32.25
C4D CLA TJ . 49.26 -35.66 33.00
CMD CLA TJ . 50.64 -33.95 29.97
CAD CLA TJ . 51.57 -35.54 33.01
OBD CLA TJ . 52.77 -35.27 32.63
CBD CLA TJ . 51.20 -36.25 34.25
CGD CLA TJ . 51.77 -37.62 34.20
O1D CLA TJ . 51.67 -38.31 33.20
O2D CLA TJ . 52.44 -38.16 35.37
CED CLA TJ . 53.08 -39.44 35.28
C1 CLA TJ . 49.20 -31.62 38.30
C2 CLA TJ . 47.92 -31.04 38.88
C3 CLA TJ . 47.39 -29.92 38.37
C4 CLA TJ . 48.05 -29.24 37.21
C5 CLA TJ . 46.12 -29.34 38.95
C6 CLA TJ . 44.93 -30.28 38.90
C7 CLA TJ . 43.64 -29.48 38.81
MG CLA UJ . 60.69 -27.62 51.56
CHA CLA UJ . 63.32 -26.35 49.72
CHB CLA UJ . 58.85 -24.94 50.61
CHC CLA UJ . 58.00 -29.20 52.86
CHD CLA UJ . 62.75 -30.63 52.23
NA CLA UJ . 61.00 -25.97 50.35
C1A CLA UJ . 62.06 -25.55 49.77
C2A CLA UJ . 61.99 -24.20 49.10
C3A CLA UJ . 60.57 -23.78 49.42
C4A CLA UJ . 60.11 -24.98 50.18
CMA CLA UJ . 60.62 -22.62 50.39
CAA CLA UJ . 62.10 -24.32 47.58
CBA CLA UJ . 61.35 -25.55 47.08
CGA CLA UJ . 61.25 -25.56 45.58
O1A CLA UJ . 61.60 -24.59 44.93
O2A CLA UJ . 60.76 -26.74 44.90
NB CLA UJ . 58.71 -27.15 51.68
C1B CLA UJ . 58.14 -25.98 51.37
C2B CLA UJ . 56.73 -25.83 51.82
C3B CLA UJ . 56.49 -27.12 52.50
C4B CLA UJ . 57.78 -27.85 52.32
CMB CLA UJ . 55.80 -24.67 51.65
CAB CLA UJ . 55.27 -27.63 53.17
CBB CLA UJ . 54.80 -28.83 52.91
NC CLA UJ . 60.44 -29.52 52.33
C1C CLA UJ . 59.27 -29.93 52.87
C2C CLA UJ . 59.31 -31.26 53.51
C3C CLA UJ . 60.72 -31.68 53.32
C4C CLA UJ . 61.31 -30.53 52.59
CMC CLA UJ . 58.20 -32.00 54.18
CAC CLA UJ . 61.39 -32.95 53.75
CBC CLA UJ . 61.45 -33.82 52.51
ND CLA UJ . 62.52 -28.40 51.13
C1D CLA UJ . 63.34 -29.54 51.43
C2D CLA UJ . 64.72 -29.52 50.89
C3D CLA UJ . 64.69 -28.19 50.19
C4D CLA UJ . 63.43 -27.67 50.37
CMD CLA UJ . 65.91 -30.43 50.93
CAD CLA UJ . 65.47 -27.23 49.38
OBD CLA UJ . 66.69 -27.37 49.00
CBD CLA UJ . 64.62 -26.05 49.07
CGD CLA UJ . 65.19 -24.87 49.80
O1D CLA UJ . 64.75 -24.55 50.89
O2D CLA UJ . 66.28 -24.09 49.25
CED CLA UJ . 66.79 -22.98 49.99
C1 CLA UJ . 60.03 -26.63 43.68
C2 CLA UJ . 59.14 -27.84 43.52
C3 CLA UJ . 59.67 -29.00 43.13
C4 CLA UJ . 61.15 -29.11 42.84
C5 CLA UJ . 58.79 -30.23 42.96
C6 CLA UJ . 59.19 -31.38 43.86
C7 CLA UJ . 58.43 -31.32 45.20
C8 CLA UJ . 58.86 -32.46 46.13
C9 CLA UJ . 58.61 -33.81 45.51
C10 CLA UJ . 58.10 -32.34 47.45
C A86 VJ . 45.17 -32.30 46.85
O A86 VJ . 31.91 -32.07 44.93
C1 A86 VJ . 44.99 -30.81 46.42
C10 A86 VJ . 35.48 -32.02 45.12
C11 A86 VJ . 34.15 -31.42 45.12
C12 A86 VJ . 33.88 -29.94 45.22
C13 A86 VJ . 33.04 -32.40 45.00
C14 A86 VJ . 33.50 -34.00 45.01
C15 A86 VJ . 32.95 -34.90 43.84
C16 A86 VJ . 33.18 -34.48 42.39
C17 A86 VJ . 31.97 -33.90 41.67
C18 A86 VJ . 30.89 -34.88 41.72
C19 A86 VJ . 30.40 -34.95 43.21
C2 A86 VJ . 43.74 -30.22 46.14
C20 A86 VJ . 31.63 -35.52 44.09
C21 A86 VJ . 31.16 -35.29 45.58
C22 A86 VJ . 34.37 -33.48 42.25
C23 A86 VJ . 33.59 -35.74 41.65
C24 A86 VJ . 46.17 -29.90 46.27
C25 A86 VJ . 47.53 -30.29 46.47
C26 A86 VJ . 48.57 -29.06 46.20
C27 A86 VJ . 49.84 -28.96 46.81
C28 A86 VJ . 50.32 -29.98 47.77
C29 A86 VJ . 50.73 -27.67 46.42
C3 A86 VJ . 42.44 -30.90 46.22
C30 A86 VJ . 52.16 -27.61 46.71
C31 A86 VJ . 53.56 -27.52 46.97
C32 A86 VJ . 54.62 -27.89 45.90
C33 A86 VJ . 55.93 -28.49 46.43
C34 A86 VJ . 56.35 -28.08 47.86
C35 A86 VJ . 55.16 -28.06 48.85
C36 A86 VJ . 54.11 -27.07 48.33
C37 A86 VJ . 52.95 -26.98 49.34
C38 A86 VJ . 58.67 -28.48 48.27
C39 A86 VJ . 59.86 -29.42 48.62
C4 A86 VJ . 41.36 -30.11 45.84
C40 A86 VJ . 53.98 -28.93 44.94
C41 A86 VJ . 54.94 -26.62 45.08
C5 A86 VJ . 39.78 -30.63 45.84
C6 A86 VJ . 38.79 -29.64 45.77
C7 A86 VJ . 39.21 -28.11 45.71
C8 A86 VJ . 37.24 -30.08 45.78
C9 A86 VJ . 36.90 -31.38 45.22
O1 A86 VJ . 32.86 -36.33 44.22
O2 A86 VJ . 29.84 -34.49 40.87
O3 A86 VJ . 54.71 -25.81 48.19
O4 A86 VJ . 57.32 -28.98 48.33
O5 A86 VJ . 58.86 -27.37 47.97
C A86 WJ . 33.20 -29.75 55.61
O A86 WJ . 41.10 -40.67 55.79
C1 A86 WJ . 34.01 -29.21 56.82
C10 A86 WJ . 39.74 -37.41 55.85
C11 A86 WJ . 40.73 -38.41 56.18
C12 A86 WJ . 41.86 -38.12 57.13
C13 A86 WJ . 40.53 -39.69 55.49
C14 A86 WJ . 39.37 -39.61 54.27
C15 A86 WJ . 39.04 -40.89 53.43
C16 A86 WJ . 38.13 -41.95 54.08
C17 A86 WJ . 38.55 -43.43 54.03
C18 A86 WJ . 39.41 -43.76 52.91
C19 A86 WJ . 40.69 -42.86 52.95
C2 A86 WJ . 35.08 -29.92 57.38
C20 A86 WJ . 40.11 -41.42 52.53
C21 A86 WJ . 41.39 -40.48 52.47
C22 A86 WJ . 36.73 -41.84 53.41
C23 A86 WJ . 37.90 -41.61 55.54
C24 A86 WJ . 33.68 -27.88 57.44
C25 A86 WJ . 32.35 -27.41 57.53
C26 A86 WJ . 32.20 -25.96 58.26
C27 A86 WJ . 31.59 -24.86 57.62
C28 A86 WJ . 31.04 -24.97 56.26
C29 A86 WJ . 31.52 -23.48 58.44
C3 A86 WJ . 35.46 -31.22 56.85
C30 A86 WJ . 30.41 -22.58 58.18
C31 A86 WJ . 29.31 -21.71 57.89
C32 A86 WJ . 27.92 -21.98 58.51
C33 A86 WJ . 26.83 -22.26 57.47
C34 A86 WJ . 26.81 -21.18 56.39
C35 A86 WJ . 28.18 -21.02 55.69
C36 A86 WJ . 29.35 -20.80 56.66
C37 A86 WJ . 30.67 -21.08 55.91
C38 A86 WJ . 25.02 -20.41 55.08
C39 A86 WJ . 23.53 -20.63 54.67
C4 A86 WJ . 36.79 -31.63 56.95
C40 A86 WJ . 28.02 -23.20 59.45
C41 A86 WJ . 27.51 -20.74 59.34
C5 A86 WJ . 37.11 -33.14 56.38
C6 A86 WJ . 38.33 -33.75 56.69
C7 A86 WJ . 39.43 -33.03 57.59
C8 A86 WJ . 38.54 -35.23 56.13
C9 A86 WJ . 39.73 -36.00 56.45
O1 A86 WJ . 39.02 -40.58 51.99
O2 A86 WJ . 39.79 -45.11 52.96
O3 A86 WJ . 29.38 -19.45 57.07
O4 A86 WJ . 25.84 -21.53 55.43
O5 A86 WJ . 25.47 -19.32 55.08
C A86 XJ . 53.92 -45.27 56.14
O A86 XJ . 47.61 -33.75 56.62
C1 A86 XJ . 52.73 -45.79 55.27
C10 A86 XJ . 49.38 -36.86 56.45
C11 A86 XJ . 48.26 -35.95 56.17
C12 A86 XJ . 47.04 -36.27 55.36
C13 A86 XJ . 48.42 -34.58 56.75
C14 A86 XJ . 49.85 -34.35 57.59
C15 A86 XJ . 50.08 -33.00 58.34
C16 A86 XJ . 49.39 -32.79 59.67
C17 A86 XJ . 49.55 -31.36 60.21
C18 A86 XJ . 49.05 -30.29 59.33
C19 A86 XJ . 49.06 -30.67 57.80
C2 A86 XJ . 51.68 -44.93 54.87
C20 A86 XJ . 50.23 -31.75 57.55
C21 A86 XJ . 50.22 -32.00 55.99
C22 A86 XJ . 50.11 -33.74 60.66
C23 A86 XJ . 47.93 -33.20 59.70
C24 A86 XJ . 52.65 -47.25 54.85
C25 A86 XJ . 52.43 -48.24 55.85
C26 A86 XJ . 52.31 -49.83 55.46
C27 A86 XJ . 53.07 -50.81 56.15
C28 A86 XJ . 54.00 -50.42 57.24
C29 A86 XJ . 52.91 -52.37 55.77
C3 A86 XJ . 51.63 -43.51 55.24
C30 A86 XJ . 53.42 -53.34 56.74
C31 A86 XJ . 53.93 -54.27 57.70
C32 A86 XJ . 53.05 -54.89 58.82
C33 A86 XJ . 53.70 -56.03 59.65
C34 A86 XJ . 54.93 -56.74 59.04
C35 A86 XJ . 55.88 -55.88 58.15
C36 A86 XJ . 55.45 -54.42 57.91
C37 A86 XJ . 55.96 -53.51 59.05
C38 A86 XJ . 56.40 -58.47 59.86
C39 A86 XJ . 57.66 -58.85 60.69
C4 A86 XJ . 50.36 -42.90 55.17
C40 A86 XJ . 52.57 -53.76 59.78
C41 A86 XJ . 51.80 -55.48 58.13
C5 A86 XJ . 50.04 -41.32 55.57
C6 A86 XJ . 48.81 -40.76 55.19
C7 A86 XJ . 47.74 -41.61 54.38
C8 A86 XJ . 48.47 -39.24 55.60
C9 A86 XJ . 49.55 -38.34 56.01
O1 A86 XJ . 51.42 -32.47 58.01
O2 A86 XJ . 47.75 -29.93 59.73
O3 A86 XJ . 56.07 -53.99 56.71
O4 A86 XJ . 55.70 -57.23 60.11
O5 A86 XJ . 56.01 -59.21 59.03
O1 LHG YJ . 35.79 -17.34 44.83
C1 LHG YJ . 36.24 -16.66 46.00
C2 LHG YJ . 36.57 -15.22 45.65
O2 LHG YJ . 37.97 -14.97 45.70
C3 LHG YJ . 35.97 -14.23 46.60
O3 LHG YJ . 35.69 -13.18 45.69
P LHG YJ . 34.23 -13.01 45.01
O4 LHG YJ . 33.65 -11.74 45.56
O5 LHG YJ . 34.43 -13.49 43.62
O6 LHG YJ . 33.43 -14.19 45.88
C4 LHG YJ . 32.85 -15.28 45.24
C5 LHG YJ . 31.34 -15.13 45.46
C6 LHG YJ . 30.54 -15.70 44.30
O7 LHG YJ . 31.03 -15.91 46.59
C7 LHG YJ . 30.30 -15.25 47.53
O9 LHG YJ . 29.95 -14.08 47.40
C8 LHG YJ . 30.23 -16.04 48.78
C9 LHG YJ . 28.80 -16.15 49.24
C10 LHG YJ . 28.73 -15.97 50.73
O8 LHG YJ . 29.69 -16.69 44.88
C23 LHG YJ . 28.83 -17.34 44.04
O10 LHG YJ . 29.10 -17.46 42.87
C24 LHG YJ . 27.65 -18.10 44.59
C11 LHG YJ . 29.39 -17.22 51.22
C12 LHG YJ . 28.37 -18.06 51.92
C13 LHG YJ . 28.33 -19.41 51.25
C14 LHG YJ . 28.93 -20.48 52.12
C15 LHG YJ . 27.89 -21.57 52.25
C16 LHG YJ . 27.97 -22.50 51.08
C17 LHG YJ . 28.11 -23.95 51.55
C18 LHG YJ . 26.91 -24.16 52.44
C19 LHG YJ . 27.01 -25.39 53.32
C20 LHG YJ . 26.11 -25.04 54.50
C21 LHG YJ . 24.68 -25.04 54.06
C22 LHG YJ . 23.80 -24.71 55.25
C25 LHG YJ . 27.14 -19.22 43.72
C26 LHG YJ . 25.96 -18.91 42.79
C27 LHG YJ . 25.01 -20.04 43.06
C28 LHG YJ . 23.56 -19.80 42.69
C29 LHG YJ . 22.82 -21.08 43.03
C30 LHG YJ . 22.24 -21.85 41.87
C31 LHG YJ . 20.74 -22.04 41.86
C32 LHG YJ . 20.24 -23.05 40.85
C33 LHG YJ . 19.14 -23.88 41.51
C34 LHG YJ . 19.48 -25.34 41.74
C35 LHG YJ . 20.97 -25.58 41.88
C36 LHG YJ . 21.45 -26.38 40.68
C37 LHG YJ . 22.96 -26.34 40.70
C38 LHG YJ . 23.57 -25.04 40.22
C25 UNL ZJ . 43.30 -33.16 36.02
C26 UNL ZJ . 44.63 -33.18 35.27
C27 UNL ZJ . 44.59 -32.19 34.11
C28 UNL ZJ . 45.86 -32.25 33.28
C29 UNL ZJ . 47.03 -31.53 33.94
C30 UNL ZJ . 48.28 -31.69 33.09
C31 UNL ZJ . 49.48 -31.03 33.73
C32 UNL ZJ . 50.72 -31.89 33.53
C33 UNL ZJ . 51.94 -31.30 34.23
C28 UNL AK . 39.34 -35.08 43.50
C29 UNL AK . 38.69 -34.46 42.29
C30 UNL AK . 39.61 -34.56 41.08
C31 UNL AK . 38.99 -33.92 39.84
C32 UNL AK . 39.91 -34.04 38.64
C33 UNL AK . 40.90 -32.88 38.61
C28 UNL BK . 27.10 -22.58 45.65
C29 UNL BK . 27.14 -24.08 45.46
C30 UNL BK . 28.50 -24.55 44.97
C31 UNL BK . 28.41 -25.95 44.37
C32 UNL BK . 29.74 -26.40 43.81
C33 UNL BK . 29.59 -27.58 42.85
C25 UNL CK . 28.59 -34.02 10.42
C26 UNL CK . 28.64 -32.63 9.81
C27 UNL CK . 29.56 -31.73 10.62
C28 UNL CK . 29.75 -30.38 9.94
C29 UNL CK . 30.42 -29.39 10.88
C30 UNL CK . 31.91 -29.22 10.58
C31 UNL CK . 32.61 -28.51 11.73
C32 UNL CK . 33.70 -27.58 11.26
C33 UNL CK . 35.02 -27.87 11.96
C34 UNL CK . 36.06 -26.81 11.63
C35 UNL CK . 37.43 -27.17 12.20
C36 UNL CK . 38.37 -25.98 12.12
C37 UNL CK . 39.80 -26.36 12.49
C38 UNL CK . 40.79 -25.35 11.96
C23 UNL DK . 27.45 -32.38 4.29
C24 UNL DK . 28.89 -31.99 4.03
C25 UNL DK . 29.38 -31.03 5.11
C26 UNL DK . 30.88 -30.78 4.96
C27 UNL DK . 31.29 -29.44 5.57
C28 UNL DK . 32.81 -29.35 5.62
C29 UNL DK . 33.28 -28.29 6.62
C30 UNL DK . 34.12 -27.22 5.94
C31 UNL DK . 35.50 -27.73 5.53
C32 UNL DK . 36.51 -27.57 6.66
C33 UNL DK . 36.92 -26.11 6.84
C34 UNL DK . 37.99 -25.98 7.92
C35 UNL DK . 38.12 -24.53 8.40
C36 UNL DK . 36.93 -24.11 9.26
C37 UNL DK . 37.23 -22.80 9.98
C38 UNL DK . 36.02 -22.25 10.69
C28 UNL EK . 32.46 -41.27 25.03
C29 UNL EK . 31.76 -40.25 25.91
C30 UNL EK . 32.73 -39.68 26.93
C31 UNL EK . 31.99 -39.11 28.14
C32 UNL EK . 31.71 -37.63 27.94
C33 UNL EK . 32.90 -36.78 28.36
C34 UNL EK . 33.09 -36.80 29.87
C35 UNL EK . 33.99 -35.66 30.32
C36 UNL EK . 34.03 -35.55 31.84
C37 UNL EK . 35.04 -34.51 32.30
C38 UNL EK . 34.76 -33.18 31.67
C24 UNL FK . 42.04 -16.62 30.86
C25 UNL FK . 42.66 -16.62 32.25
C26 UNL FK . 44.06 -17.21 32.21
C27 UNL FK . 44.43 -17.88 33.52
C28 UNL FK . 44.75 -16.88 34.62
C29 UNL FK . 45.64 -15.75 34.09
C30 UNL FK . 46.11 -14.84 35.21
C31 UNL FK . 47.12 -15.56 36.10
C32 UNL FK . 47.22 -14.89 37.46
C33 UNL FK . 47.89 -13.53 37.37
C23 UNL GK . 34.91 -21.93 39.74
C24 UNL GK . 34.40 -20.79 38.88
C25 UNL GK . 35.16 -19.51 39.22
C26 UNL GK . 34.94 -18.49 38.13
C27 UNL GK . 35.51 -17.12 38.50
C28 UNL GK . 35.79 -16.29 37.26
C29 UNL GK . 35.40 -14.84 37.43
C30 UNL GK . 36.56 -13.95 37.86
C31 UNL GK . 37.88 -14.41 37.26
C32 UNL GK . 38.94 -13.33 37.42
C33 UNL GK . 40.34 -13.94 37.37
C34 UNL GK . 41.36 -12.99 37.97
C35 UNL GK . 40.90 -12.51 39.34
C36 UNL GK . 41.90 -11.56 39.97
C37 UNL GK . 41.33 -10.95 41.24
C38 UNL GK . 42.29 -9.95 41.86
C28 UNL HK . 36.58 -19.29 34.00
C29 UNL HK . 35.90 -20.35 34.85
C30 UNL HK . 34.47 -20.58 34.41
C31 UNL HK . 33.96 -21.95 34.86
C32 UNL HK . 32.78 -22.43 34.04
C33 UNL HK . 31.57 -21.51 34.14
MG CLA IK . 58.73 -12.47 12.26
CHA CLA IK . 60.79 -9.70 12.46
CHB CLA IK . 56.09 -10.37 12.17
CHC CLA IK . 56.81 -15.16 11.58
CHD CLA IK . 61.76 -14.57 12.02
NA CLA IK . 58.47 -10.42 12.27
C1A CLA IK . 59.32 -9.48 12.41
C2A CLA IK . 58.78 -8.08 12.47
C3A CLA IK . 57.29 -8.32 12.45
C4A CLA IK . 57.29 -9.81 12.29
CMA CLA IK . 56.72 -7.98 13.82
CAA CLA IK . 59.15 -7.42 11.13
CBA CLA IK . 57.97 -6.87 10.32
CGA CLA IK . 57.48 -7.80 9.21
O1A CLA IK . 57.40 -7.38 8.07
O2A CLA IK . 57.08 -9.17 9.47
NB CLA IK . 56.74 -12.71 11.89
C1B CLA IK . 55.79 -11.79 12.00
C2B CLA IK . 54.39 -12.30 11.93
C3B CLA IK . 54.63 -13.76 11.76
C4B CLA IK . 56.11 -13.88 11.74
CMB CLA IK . 53.10 -11.54 12.02
CAB CLA IK . 53.65 -14.86 11.63
CBB CLA IK . 52.76 -14.85 10.67
NC CLA IK . 59.22 -14.43 11.84
C1C CLA IK . 58.27 -15.38 11.66
C2C CLA IK . 58.81 -16.76 11.53
C3C CLA IK . 60.26 -16.57 11.67
C4C CLA IK . 60.39 -15.10 11.85
CMC CLA IK . 58.07 -18.05 11.32
CAC CLA IK . 61.34 -17.60 11.62
CBC CLA IK . 61.84 -17.63 10.19
ND CLA IK . 60.76 -12.30 12.20
C1D CLA IK . 61.93 -13.13 12.17
C2D CLA IK . 63.22 -12.41 12.32
C3D CLA IK . 62.73 -11.01 12.44
C4D CLA IK . 61.36 -11.05 12.35
CMD CLA IK . 64.67 -12.80 12.36
CAD CLA IK . 63.12 -9.59 12.59
OBD CLA IK . 64.31 -9.16 12.71
CBD CLA IK . 61.91 -8.74 12.64
CGD CLA IK . 61.87 -8.16 14.03
O1D CLA IK . 61.50 -8.81 14.98
O2D CLA IK . 62.27 -6.79 14.26
CED CLA IK . 62.34 -6.29 15.60
C1 CLA IK . 56.54 -10.02 8.45
C2 CLA IK . 55.18 -9.55 7.99
C3 CLA IK . 54.21 -10.41 7.66
C4 CLA IK . 52.89 -9.87 7.20
C5 CLA IK . 54.41 -11.91 7.74
C6 CLA IK . 53.78 -12.62 6.56
C7 CLA IK . 54.24 -14.07 6.45
C8 CLA IK . 54.96 -14.37 5.12
C9 CLA IK . 55.04 -13.15 4.23
C10 CLA IK . 54.21 -15.48 4.40
C11 CLA IK . 55.15 -16.51 3.81
C12 CLA IK . 55.48 -17.60 4.82
C13 CLA IK . 55.98 -18.88 4.13
C14 CLA IK . 54.88 -19.53 3.31
C15 CLA IK . 56.48 -19.83 5.20
MG CLA JK . 48.06 -16.77 10.44
CHA CLA JK . 47.07 -13.48 10.75
CHB CLA JK . 50.54 -15.72 8.42
CHC CLA JK . 48.72 -20.03 9.79
CHD CLA JK . 44.93 -17.77 12.13
NA CLA JK . 48.67 -14.95 9.67
C1A CLA JK . 48.31 -13.76 9.98
C2A CLA JK . 49.13 -12.63 9.41
C3A CLA JK . 50.23 -13.38 8.68
C4A CLA JK . 49.78 -14.77 8.95
CMA CLA JK . 50.16 -13.13 7.18
CAA CLA JK . 49.74 -11.67 10.42
CBA CLA JK . 50.40 -10.50 9.70
CGA CLA JK . 49.39 -9.63 8.99
O1A CLA JK . 48.51 -9.08 9.62
O2A CLA JK . 49.45 -9.45 7.55
NB CLA JK . 49.46 -17.73 9.29
C1B CLA JK . 50.35 -17.16 8.49
C2B CLA JK . 51.12 -18.11 7.63
C3B CLA JK . 50.55 -19.41 8.05
C4B CLA JK . 49.54 -19.04 9.09
CMB CLA JK . 52.18 -17.84 6.61
CAB CLA JK . 50.88 -20.77 7.59
CBB CLA JK . 52.06 -21.29 7.85
NC CLA JK . 47.04 -18.51 10.89
C1C CLA JK . 47.46 -19.72 10.49
C2C CLA JK . 46.55 -20.85 10.84
C3C CLA JK . 45.44 -20.17 11.51
C4C CLA JK . 45.85 -18.74 11.50
CMC CLA JK . 46.70 -22.32 10.54
CAC CLA JK . 44.19 -20.78 12.11
CBC CLA JK . 44.62 -21.20 13.49
ND CLA JK . 46.38 -15.95 11.23
C1D CLA JK . 45.19 -16.35 11.93
C2D CLA JK . 44.33 -15.23 12.41
C3D CLA JK . 45.12 -14.07 11.90
C4D CLA JK . 46.24 -14.58 11.27
CMD CLA JK . 43.03 -15.11 13.15
CAD CLA JK . 45.19 -12.59 11.83
OBD CLA JK . 44.34 -11.77 12.31
CBD CLA JK . 46.42 -12.20 11.10
CGD CLA JK . 46.03 -11.38 9.91
O1D CLA JK . 45.84 -11.90 8.82
O2D CLA JK . 45.88 -9.94 10.07
CED CLA JK . 45.01 -9.20 9.22
C1 CLA JK . 49.07 -8.19 6.98
C2 CLA JK . 48.53 -8.33 5.57
C3 CLA JK . 49.34 -8.43 4.49
C4 CLA JK . 50.82 -8.43 4.67
C5 CLA JK . 48.73 -8.54 3.12
C6 CLA JK . 49.44 -9.44 2.10
C7 CLA JK . 48.77 -9.21 0.75
C8 CLA JK . 48.91 -10.37 -0.24
C9 CLA JK . 48.35 -11.65 0.38
C10 CLA JK . 50.36 -10.54 -0.68
C11 CLA JK . 50.50 -11.53 -1.82
C12 CLA JK . 51.57 -11.09 -2.82
C13 CLA JK . 52.30 -12.25 -3.49
C14 CLA JK . 53.72 -11.87 -3.88
C15 CLA JK . 51.52 -12.73 -4.71
MG CLA KK . 44.92 -32.16 20.65
CHA CLA KK . 42.72 -34.82 20.70
CHB CLA KK . 42.77 -30.56 18.57
CHC CLA KK . 46.84 -29.40 21.00
CHD CLA KK . 46.84 -33.81 23.32
NA CLA KK . 43.07 -32.57 19.82
C1A CLA KK . 42.38 -33.65 19.84
C2A CLA KK . 41.14 -33.69 19.02
C3A CLA KK . 41.19 -32.35 18.32
C4A CLA KK . 42.43 -31.80 18.94
CMA CLA KK . 41.39 -32.56 16.83
CAA CLA KK . 39.95 -33.64 19.99
CBA CLA KK . 40.00 -32.48 21.01
CGA CLA KK . 40.71 -32.84 22.30
O1A CLA KK . 40.15 -33.50 23.15
O2A CLA KK . 42.08 -32.42 22.53
NB CLA KK . 44.83 -30.27 19.88
C1B CLA KK . 43.90 -29.77 19.06
C2B CLA KK . 44.07 -28.34 18.73
C3B CLA KK . 45.30 -28.01 19.47
C4B CLA KK . 45.67 -29.28 20.13
CMB CLA KK . 43.23 -27.44 17.88
CAB CLA KK . 46.01 -26.73 19.56
CBB CLA KK . 46.80 -26.35 18.58
NC CLA KK . 46.53 -31.74 21.88
C1C CLA KK . 47.11 -30.52 21.92
C2C CLA KK . 48.08 -30.33 23.01
C3C CLA KK . 48.09 -31.63 23.69
C4C CLA KK . 47.10 -32.42 22.90
CMC CLA KK . 48.89 -29.10 23.34
CAC CLA KK . 48.89 -32.06 24.90
CBC CLA KK . 48.12 -31.61 26.11
ND CLA KK . 44.87 -33.83 21.81
C1D CLA KK . 45.67 -34.51 22.78
C2D CLA KK . 45.23 -35.88 23.13
C3D CLA KK . 44.02 -35.98 22.26
C4D CLA KK . 43.91 -34.79 21.57
CMD CLA KK . 45.70 -36.97 24.04
CAD CLA KK . 42.89 -36.86 21.86
OBD CLA KK . 42.67 -38.04 22.29
CBD CLA KK . 42.06 -36.14 20.86
CGD CLA KK . 42.04 -36.93 19.59
O1D CLA KK . 40.98 -37.28 19.13
O2D CLA KK . 43.28 -37.27 18.92
CED CLA KK . 43.27 -38.23 17.88
C1 CLA KK . 42.56 -32.01 23.82
C2 CLA KK . 43.42 -30.77 23.67
C3 CLA KK . 44.09 -30.25 24.72
C4 CLA KK . 43.99 -30.89 26.07
C5 CLA KK . 44.93 -29.00 24.52
C6 CLA KK . 45.39 -28.31 25.80
C7 CLA KK . 44.54 -27.08 26.12
C8 CLA KK . 45.30 -25.75 26.00
C9 CLA KK . 46.63 -25.89 25.29
C10 CLA KK . 45.47 -25.10 27.37
C11 CLA KK . 46.14 -23.73 27.28
C12 CLA KK . 45.63 -22.77 28.35
C13 CLA KK . 46.74 -21.88 28.90
C14 CLA KK . 47.41 -22.53 30.12
C15 CLA KK . 46.21 -20.50 29.28
C16 CLA KK . 45.94 -19.59 28.09
C17 CLA KK . 46.71 -18.28 28.22
C18 CLA KK . 45.98 -17.10 27.59
C19 CLA KK . 44.57 -16.93 28.15
C20 CLA KK . 45.95 -17.22 26.08
MG CLA LK . 30.86 -28.93 27.63
CHA CLA LK . 30.69 -31.91 25.90
CHB CLA LK . 27.69 -28.29 26.69
CHC CLA LK . 30.92 -26.32 29.78
CHD CLA LK . 34.16 -30.01 28.90
NA CLA LK . 29.41 -29.94 26.54
C1A CLA LK . 29.52 -30.98 25.81
C2A CLA LK . 28.37 -31.30 24.89
C3A CLA LK . 27.46 -30.13 25.16
C4A CLA LK . 28.25 -29.40 26.20
CMA CLA LK . 27.39 -29.30 23.90
CAA CLA LK . 27.57 -32.51 25.36
CBA CLA LK . 27.56 -32.53 26.88
CGA CLA LK . 26.29 -33.09 27.42
O1A CLA LK . 25.56 -33.80 26.75
O2A CLA LK . 25.97 -32.78 28.81
NB CLA LK . 29.52 -27.48 28.11
C1B CLA LK . 28.24 -27.42 27.74
C2B CLA LK . 27.40 -26.47 28.51
C3B CLA LK . 28.38 -25.89 29.45
C4B CLA LK . 29.65 -26.59 29.10
CMB CLA LK . 25.93 -26.16 28.37
CAB CLA LK . 28.18 -24.86 30.49
CBB CLA LK . 28.70 -24.96 31.70
NC CLA LK . 32.22 -28.35 29.07
C1C CLA LK . 32.10 -27.20 29.75
C2C CLA LK . 33.27 -26.81 30.56
C3C CLA LK . 34.22 -27.90 30.29
C4C CLA LK . 33.47 -28.78 29.37
CMC CLA LK . 33.45 -25.59 31.44
CAC CLA LK . 35.62 -28.09 30.82
CBC CLA LK . 36.52 -27.52 29.75
ND CLA LK . 32.15 -30.51 27.51
C1D CLA LK . 33.44 -30.90 28.01
C2D CLA LK . 33.92 -32.22 27.54
C3D CLA LK . 32.77 -32.63 26.69
C4D CLA LK . 31.84 -31.61 26.76
CMD CLA LK . 35.14 -33.07 27.75
CAD CLA LK . 32.23 -33.68 25.82
OBD CLA LK . 32.82 -34.78 25.53
CBD CLA LK . 30.91 -33.25 25.29
CGD CLA LK . 31.18 -33.03 23.83
O1D CLA LK . 31.47 -31.93 23.41
O2D CLA LK . 31.13 -34.15 22.90
CED CLA LK . 31.97 -34.12 21.74
C1 CLA LK . 25.18 -33.68 29.58
C2 CLA LK . 24.64 -33.00 30.81
C3 CLA LK . 25.35 -32.95 31.96
C4 CLA LK . 26.72 -33.56 32.01
C5 CLA LK . 24.77 -32.27 33.18
C6 CLA LK . 25.62 -32.40 34.44
C7 CLA LK . 26.40 -31.12 34.70
C8 CLA LK . 26.80 -30.97 36.16
C9 CLA LK . 27.37 -29.58 36.42
C10 CLA LK . 27.78 -32.06 36.57
C11 CLA LK . 29.21 -31.77 36.11
C12 CLA LK . 29.60 -32.63 34.91
C13 CLA LK . 30.20 -33.95 35.37
C14 CLA LK . 31.39 -33.71 36.29
C15 CLA LK . 30.61 -34.81 34.17
C16 CLA LK . 30.53 -36.30 34.51
C17 CLA LK . 31.42 -37.15 33.61
C18 CLA LK . 30.74 -38.44 33.19
C19 CLA LK . 31.74 -39.49 32.74
C20 CLA LK . 29.72 -38.17 32.08
MG CLA MK . 41.53 -14.74 17.22
CHA CLA MK . 43.98 -12.65 16.00
CHB CLA MK . 39.51 -12.04 17.53
CHC CLA MK . 38.97 -16.87 17.78
CHD CLA MK . 43.71 -17.60 16.43
NA CLA MK . 41.68 -12.71 16.80
C1A CLA MK . 42.70 -12.02 16.47
C2A CLA MK . 42.55 -10.52 16.50
C3A CLA MK . 41.14 -10.35 16.99
C4A CLA MK . 40.76 -11.80 17.12
CMA CLA MK . 41.18 -9.67 18.35
CAA CLA MK . 42.56 -9.97 15.07
CBA CLA MK . 41.45 -10.60 14.26
CGA CLA MK . 41.50 -10.19 12.81
O1A CLA MK . 41.39 -9.02 12.48
O2A CLA MK . 41.70 -11.20 11.81
NB CLA MK . 39.53 -14.48 17.60
C1B CLA MK . 38.87 -13.34 17.71
C2B CLA MK . 37.41 -13.47 17.98
C3B CLA MK . 37.25 -14.94 18.04
C4B CLA MK . 38.63 -15.45 17.81
CMB CLA MK . 36.37 -12.40 18.13
CAB CLA MK . 36.01 -15.71 18.30
CBB CLA MK . 35.98 -16.88 18.91
NC CLA MK . 41.40 -16.80 17.15
C1C CLA MK . 40.24 -17.46 17.34
C2C CLA MK . 40.28 -18.90 17.05
C3C CLA MK . 41.69 -19.12 16.65
C4C CLA MK . 42.27 -17.75 16.75
CMC CLA MK . 39.17 -19.92 17.14
CAC CLA MK . 42.35 -20.41 16.22
CBC CLA MK . 43.21 -20.83 17.39
ND CLA MK . 43.35 -15.14 16.42
C1D CLA MK . 44.21 -16.26 16.14
C2D CLA MK . 45.52 -15.93 15.54
C3D CLA MK . 45.41 -14.44 15.48
C4D CLA MK . 44.16 -14.11 15.99
CMD CLA MK . 46.72 -16.70 15.07
CAD CLA MK . 46.10 -13.20 15.10
OBD CLA MK . 47.27 -13.11 14.60
CBD CLA MK . 45.19 -12.06 15.40
CGD CLA MK . 45.84 -10.98 16.20
O1D CLA MK . 45.70 -10.91 17.40
O2D CLA MK . 46.64 -9.98 15.52
CED CLA MK . 46.94 -8.75 16.15
C1 CLA MK . 40.88 -11.24 10.65
C2 CLA MK . 40.78 -12.67 10.16
C3 CLA MK . 41.66 -13.10 9.26
C4 CLA MK . 42.73 -12.17 8.76
C5 CLA MK . 41.59 -14.50 8.73
C6 CLA MK . 41.95 -15.55 9.77
C7 CLA MK . 41.69 -16.97 9.28
C8 CLA MK . 42.85 -17.59 8.48
C9 CLA MK . 43.08 -19.03 8.90
C10 CLA MK . 44.15 -16.79 8.58
C11 CLA MK . 45.21 -17.39 7.67
C12 CLA MK . 46.14 -16.30 7.14
C13 CLA MK . 47.30 -16.91 6.38
MG CLA NK . 54.30 -16.79 26.88
CHA CLA NK . 53.47 -14.02 28.77
CHB CLA NK . 57.45 -16.52 28.06
CHC CLA NK . 54.93 -19.79 25.46
CHD CLA NK . 50.74 -17.12 25.99
NA CLA NK . 55.29 -15.54 28.21
C1A CLA NK . 54.89 -14.47 28.79
C2A CLA NK . 55.93 -13.70 29.55
C3A CLA NK . 57.18 -14.49 29.25
C4A CLA NK . 56.59 -15.60 28.45
CMA CLA NK . 58.08 -13.68 28.32
CAA CLA NK . 55.69 -13.86 31.06
CBA CLA NK . 55.88 -15.28 31.64
CGA CLA NK . 57.28 -15.55 32.17
O1A CLA NK . 57.69 -15.02 33.18
O2A CLA NK . 58.20 -16.42 31.46
NB CLA NK . 55.95 -17.98 26.79
C1B CLA NK . 57.16 -17.72 27.26
C2B CLA NK . 58.20 -18.73 26.97
C3B CLA NK . 57.42 -19.72 26.19
C4B CLA NK . 56.05 -19.14 26.14
CMB CLA NK . 59.64 -18.70 27.38
CAB CLA NK . 57.85 -20.99 25.58
CBB CLA NK . 59.03 -21.08 25.01
NC CLA NK . 53.07 -18.15 25.95
C1C CLA NK . 53.53 -19.30 25.41
C2C CLA NK . 52.51 -20.10 24.70
C3C CLA NK . 51.28 -19.30 24.87
C4C CLA NK . 51.75 -18.14 25.65
CMC CLA NK . 52.65 -21.41 23.99
CAC CLA NK . 49.90 -19.61 24.37
CBC CLA NK . 49.18 -20.32 25.50
ND CLA NK . 52.50 -15.89 27.24
C1D CLA NK . 51.13 -16.01 26.85
C2D CLA NK . 50.23 -14.97 27.40
C3D CLA NK . 51.21 -14.17 28.18
C4D CLA NK . 52.44 -14.77 28.05
CMD CLA NK . 48.76 -14.67 27.29
CAD CLA NK . 51.38 -12.98 29.07
OBD CLA NK . 50.44 -12.18 29.43
CBD CLA NK . 52.81 -12.88 29.46
CGD CLA NK . 53.38 -11.54 29.15
O1D CLA NK . 53.71 -11.21 28.03
O2D CLA NK . 53.56 -10.60 30.25
CED CLA NK . 54.08 -9.29 30.05
C1 CLA NK . 57.81 -17.77 31.23
C2 CLA NK . 58.84 -18.81 31.62
C3 CLA NK . 58.86 -20.01 31.01
C4 CLA NK . 60.01 -20.16 31.96
C5 CLA NK . 59.31 -21.40 30.63
C6 CLA NK . 58.25 -22.30 30.02
C7 CLA NK . 57.50 -23.06 31.12
C8 CLA NK . 57.16 -24.52 30.81
C9 CLA NK . 58.32 -25.30 30.22
C10 CLA NK . 55.93 -24.62 29.90
C11 CLA NK . 55.23 -25.96 30.10
MG CLA OK . 70.30 -20.21 19.20
CHA CLA OK . 68.69 -19.23 22.10
CHB CLA OK . 73.21 -19.22 20.62
CHC CLA OK . 71.90 -21.65 16.62
CHD CLA OK . 67.12 -21.73 18.07
NA CLA OK . 70.87 -19.43 21.04
C1A CLA OK . 70.16 -18.99 22.00
C2A CLA OK . 70.88 -18.21 23.07
C3A CLA OK . 72.31 -18.21 22.56
C4A CLA OK . 72.11 -19.01 21.32
CMA CLA OK . 72.71 -16.80 22.18
CAA CLA OK . 70.89 -18.91 24.42
CBA CLA OK . 71.88 -18.21 25.35
CGA CLA OK . 71.21 -18.00 26.70
O1A CLA OK . 71.16 -16.89 27.18
O2A CLA OK . 70.62 -19.12 27.40
NB CLA OK . 72.27 -20.38 18.69
C1B CLA OK . 73.33 -19.96 19.37
C2B CLA OK . 74.66 -20.33 18.81
C3B CLA OK . 74.26 -21.07 17.59
C4B CLA OK . 72.76 -21.03 17.63
CMB CLA OK . 76.02 -20.02 19.35
CAB CLA OK . 75.15 -21.71 16.58
CBB CLA OK . 74.82 -22.82 15.94
NC CLA OK . 69.61 -21.36 17.63
C1C CLA OK . 70.47 -21.96 16.79
C2C CLA OK . 69.89 -23.06 15.98
C3C CLA OK . 68.48 -23.08 16.40
C4C CLA OK . 68.43 -21.98 17.42
CMC CLA OK . 70.59 -23.94 14.97
CAC CLA OK . 67.37 -24.00 15.94
CBC CLA OK . 66.57 -23.25 14.92
ND CLA OK . 68.38 -20.51 19.84
C1D CLA OK . 67.13 -21.03 19.35
C2D CLA OK . 65.96 -20.80 20.23
C3D CLA OK . 66.61 -20.07 21.35
C4D CLA OK . 67.97 -19.97 21.05
CMD CLA OK . 64.50 -21.13 20.17
CAD CLA OK . 66.40 -19.40 22.67
OBD CLA OK . 65.28 -19.32 23.28
CBD CLA OK . 67.71 -18.90 23.16
CGD CLA OK . 67.74 -17.45 23.56
O1D CLA OK . 67.98 -16.57 22.76
O2D CLA OK . 67.52 -17.11 24.95
CED CLA OK . 67.94 -15.84 25.45
MG CLA PK . 62.31 -24.78 23.66
CHA CLA PK . 64.57 -22.85 25.44
CHB CLA PK . 60.30 -24.72 26.37
CHC CLA PK . 60.43 -27.11 22.11
CHD CLA PK . 64.88 -25.11 21.01
NA CLA PK . 62.42 -23.99 25.58
C1A CLA PK . 63.27 -23.18 26.08
C2A CLA PK . 62.94 -22.59 27.42
C3A CLA PK . 61.60 -23.22 27.70
C4A CLA PK . 61.43 -24.03 26.46
CMA CLA PK . 61.71 -24.18 28.87
CAA CLA PK . 62.73 -21.08 27.35
CBA CLA PK . 62.22 -20.56 28.68
CGA CLA PK . 63.22 -20.84 29.78
O1A CLA PK . 62.86 -21.28 30.86
O2A CLA PK . 64.63 -20.59 29.55
NB CLA PK . 60.61 -25.78 24.19
C1B CLA PK . 59.88 -25.61 25.28
C2B CLA PK . 58.64 -26.43 25.35
C3B CLA PK . 58.69 -27.14 24.06
C4B CLA PK . 59.95 -26.67 23.43
CMB CLA PK . 57.60 -26.49 26.43
CAB CLA PK . 57.72 -28.12 23.52
CBB CLA PK . 58.12 -29.28 23.04
NC CLA PK . 62.61 -25.84 21.91
C1C CLA PK . 61.73 -26.79 21.51
C2C CLA PK . 62.18 -27.57 20.32
C3C CLA PK . 63.49 -26.98 20.01
C4C CLA PK . 63.64 -25.92 21.04
CMC CLA PK . 61.46 -28.70 19.63
CAC CLA PK . 64.45 -27.35 18.90
CBC CLA PK . 65.31 -28.49 19.39
ND CLA PK . 64.23 -24.21 23.24
C1D CLA PK . 65.20 -24.31 22.18
C2D CLA PK . 66.47 -23.57 22.41
C3D CLA PK . 66.20 -22.99 23.76
C4D CLA PK . 64.93 -23.41 24.12
CMD CLA PK . 67.76 -23.36 21.66
CAD CLA PK . 66.72 -22.13 24.85
OBD CLA PK . 67.88 -21.57 24.87
CBD CLA PK . 65.72 -22.05 25.94
CGD CLA PK . 66.28 -22.76 27.13
O1D CLA PK . 66.33 -23.98 27.16
O2D CLA PK . 66.77 -22.02 28.27
CED CLA PK . 67.32 -22.73 29.38
MG CLA QK . 61.56 -28.58 2.41
CHA CLA QK . 60.97 -29.35 -0.89
CHB CLA QK . 64.72 -29.79 2.03
CHC CLA QK . 62.10 -27.69 5.60
CHD CLA QK . 58.41 -26.63 2.42
NA CLA QK . 62.67 -29.38 0.85
C1A CLA QK . 62.32 -29.67 -0.34
C2A CLA QK . 63.33 -30.38 -1.20
C3A CLA QK . 64.50 -30.54 -0.24
C4A CLA QK . 63.92 -29.86 0.96
CMA CLA QK . 64.74 -32.00 0.11
CAA CLA QK . 63.78 -29.45 -2.31
CBA CLA QK . 63.90 -28.01 -1.78
CGA CLA QK . 64.47 -27.06 -2.79
O1A CLA QK . 64.30 -27.24 -3.99
O2A CLA QK . 65.24 -25.93 -2.33
NB CLA QK . 63.18 -28.74 3.63
C1B CLA QK . 64.39 -29.19 3.34
C2B CLA QK . 65.41 -29.05 4.41
C3B CLA QK . 64.61 -28.42 5.48
C4B CLA QK . 63.25 -28.28 4.89
CMB CLA QK . 66.87 -29.45 4.41
CAB CLA QK . 65.04 -28.01 6.83
CBB CLA QK . 64.33 -28.29 7.90
NC CLA QK . 60.45 -27.44 3.72
C1C CLA QK . 60.90 -27.13 4.96
C2C CLA QK . 60.07 -26.15 5.70
C3C CLA QK . 58.98 -25.84 4.75
C4C CLA QK . 59.33 -26.69 3.57
CMC CLA QK . 60.28 -25.59 7.08
CAC CLA QK . 57.83 -24.88 4.90
CBC CLA QK . 56.60 -25.69 5.24
ND CLA QK . 60.08 -27.98 1.14
C1D CLA QK . 58.77 -27.40 1.22
C2D CLA QK . 57.89 -27.63 0.04
C3D CLA QK . 58.81 -28.44 -0.80
C4D CLA QK . 59.99 -28.59 -0.10
CMD CLA QK . 56.49 -27.24 -0.34
CAD CLA QK . 58.97 -29.16 -2.10
OBD CLA QK . 58.06 -29.25 -3.00
CBD CLA QK . 60.32 -29.77 -2.16
CGD CLA QK . 60.19 -31.26 -2.18
O1D CLA QK . 60.94 -31.94 -2.86
O2D CLA QK . 59.17 -31.94 -1.40
CED CLA QK . 59.01 -33.35 -1.53
MG CLA RK . 71.99 -16.15 10.41
CHA CLA RK . 74.99 -16.48 12.05
CHB CLA RK . 73.12 -13.20 9.15
CHC CLA RK . 69.17 -16.01 8.61
CHD CLA RK . 71.28 -19.68 11.24
NA CLA RK . 73.75 -15.06 10.51
C1A CLA RK . 74.79 -15.24 11.25
C2A CLA RK . 75.80 -14.14 11.29
C3A CLA RK . 75.18 -13.11 10.36
C4A CLA RK . 73.93 -13.84 9.99
CMA CLA RK . 74.84 -11.80 11.06
CAA CLA RK . 77.13 -14.59 10.69
CBA CLA RK . 76.97 -15.12 9.26
NB CLA RK . 71.22 -14.77 9.12
C1B CLA RK . 71.86 -13.71 8.60
C2B CLA RK . 71.21 -13.08 7.42
C3B CLA RK . 70.01 -13.94 7.27
C4B CLA RK . 70.14 -14.93 8.37
CMB CLA RK . 71.67 -11.89 6.62
CAB CLA RK . 68.94 -13.84 6.25
CBB CLA RK . 68.43 -14.88 5.64
NC CLA RK . 70.50 -17.55 10.09
C1C CLA RK . 69.52 -17.32 9.18
C2C CLA RK . 68.78 -18.53 8.74
C3C CLA RK . 69.40 -19.61 9.54
C4C CLA RK . 70.44 -18.88 10.31
CMC CLA RK . 67.66 -18.63 7.75
CAC CLA RK . 69.10 -21.09 9.53
CBC CLA RK . 68.49 -21.48 10.85
ND CLA RK . 72.86 -17.77 11.29
C1D CLA RK . 72.51 -19.07 11.75
C2D CLA RK . 73.43 -19.71 12.72
C3D CLA RK . 74.44 -18.63 12.85
C4D CLA RK . 74.03 -17.59 12.01
CMD CLA RK . 73.48 -21.01 13.45
CAD CLA RK . 75.71 -18.22 13.49
OBD CLA RK . 76.38 -18.92 14.33
CBD CLA RK . 76.08 -16.86 13.01
CGD CLA RK . 76.14 -15.90 14.16
O1D CLA RK . 75.45 -16.07 15.15
O2D CLA RK . 77.04 -14.76 14.09
CED CLA RK . 77.22 -13.93 15.24
C A86 SK . 59.20 -24.45 19.73
O A86 SK . 50.55 -21.14 29.92
C1 A86 SK . 58.30 -25.72 19.67
C10 A86 SK . 52.80 -22.83 27.76
C11 A86 SK . 51.49 -22.52 28.30
C12 A86 SK . 50.30 -23.39 28.01
C13 A86 SK . 51.39 -21.30 29.13
C14 A86 SK . 52.58 -20.15 28.83
C15 A86 SK . 53.32 -19.48 30.05
C16 A86 SK . 53.88 -20.34 31.19
C17 A86 SK . 53.24 -20.17 32.56
C18 A86 SK . 53.25 -18.76 32.92
C19 A86 SK . 52.18 -18.07 32.01
C2 A86 SK . 57.31 -25.97 20.64
C20 A86 SK . 52.77 -18.17 30.51
C21 A86 SK . 51.52 -17.78 29.63
C22 A86 SK . 53.91 -21.86 30.86
C23 A86 SK . 55.32 -19.97 31.35
C24 A86 SK . 58.41 -26.73 18.56
C25 A86 SK . 59.38 -26.71 17.53
C26 A86 SK . 59.21 -27.93 16.45
C27 A86 SK . 59.95 -27.96 15.24
C28 A86 SK . 60.90 -26.89 14.89
C29 A86 SK . 59.68 -29.20 14.23
C3 A86 SK . 57.06 -25.07 21.75
C30 A86 SK . 60.79 -29.85 13.55
C31 A86 SK . 61.86 -30.51 12.89
C32 A86 SK . 62.95 -31.27 13.68
C33 A86 SK . 64.39 -30.88 13.28
C34 A86 SK . 64.60 -30.89 11.76
C35 A86 SK . 63.58 -29.98 11.03
C36 A86 SK . 62.12 -30.34 11.38
C37 A86 SK . 61.20 -29.20 10.90
C38 A86 SK . 66.59 -30.98 10.40
C39 A86 SK . 66.54 -32.51 10.15
C4 A86 SK . 55.95 -25.40 22.55
C40 A86 SK . 62.76 -30.98 15.19
C41 A86 SK . 62.76 -32.80 13.44
C5 A86 SK . 55.50 -24.43 23.81
C6 A86 SK . 54.55 -24.86 24.75
C7 A86 SK . 53.86 -26.29 24.61
C8 A86 SK . 54.13 -23.82 25.89
C9 A86 SK . 53.03 -24.03 26.82
O1 A86 SK . 53.93 -18.22 29.61
O2 A86 SK . 52.92 -18.58 34.28
O3 A86 SK . 61.75 -31.53 10.72
O4 A86 SK . 65.90 -30.40 11.53
O5 A86 SK . 67.20 -30.28 9.68
C DD6 TK . 55.14 -20.19 9.75
C1 DD6 TK . 54.12 -19.03 9.48
C10 DD6 TK . 47.25 -24.86 13.95
C11 DD6 TK . 46.30 -25.09 15.32
C12 DD6 TK . 45.14 -24.13 15.34
C13 DD6 TK . 45.83 -26.29 15.39
C14 DD6 TK . 45.98 -27.39 14.49
C15 DD6 TK . 45.32 -28.70 14.85
C16 DD6 TK . 46.45 -29.67 15.13
C17 DD6 TK . 46.05 -31.16 15.13
C18 DD6 TK . 44.60 -31.46 14.86
C19 DD6 TK . 44.17 -30.73 13.61
C2 DD6 TK . 53.22 -18.87 10.63
C20 DD6 TK . 44.24 -29.14 13.88
C21 DD6 TK . 44.27 -28.40 12.69
C22 DD6 TK . 47.61 -29.46 14.21
C23 DD6 TK . 46.98 -29.37 16.71
C24 DD6 TK . 54.92 -17.67 9.17
C25 DD6 TK . 56.05 -17.74 8.47
C26 DD6 TK . 56.84 -16.58 8.10
C27 DD6 TK . 58.08 -16.64 7.68
C28 DD6 TK . 58.48 -18.17 7.72
C29 DD6 TK . 58.38 -15.32 7.43
C3 DD6 TK . 52.59 -20.24 11.12
C30 DD6 TK . 58.65 -13.97 7.18
C31 DD6 TK . 59.78 -13.02 6.71
C32 DD6 TK . 59.92 -13.00 5.12
C33 DD6 TK . 60.63 -11.75 4.57
C34 DD6 TK . 60.11 -10.47 5.19
C35 DD6 TK . 60.22 -10.51 6.75
C36 DD6 TK . 59.42 -11.70 7.31
C37 DD6 TK . 59.65 -11.78 8.81
C4 DD6 TK . 51.50 -20.29 11.87
C40 DD6 TK . 60.73 -14.23 4.65
C41 DD6 TK . 58.56 -13.05 4.49
C5 DD6 TK . 50.95 -21.63 12.32
C6 DD6 TK . 49.45 -21.61 12.83
C7 DD6 TK . 49.33 -20.76 14.07
C8 DD6 TK . 49.00 -23.00 13.10
C9 DD6 TK . 47.75 -23.29 13.70
O1 DD6 TK . 43.89 -28.31 15.06
O2 DD6 TK . 44.36 -32.95 14.66
O4 DD6 TK . 60.88 -9.40 4.73
C A86 UK . 39.04 -29.89 27.67
O A86 UK . 45.75 -20.23 19.43
C1 A86 UK . 39.80 -30.55 26.49
C10 A86 UK . 43.95 -22.66 21.27
C11 A86 UK . 44.96 -22.22 20.33
C12 A86 UK . 45.75 -23.17 19.47
C13 A86 UK . 45.18 -20.76 20.29
C14 A86 UK . 44.54 -19.95 21.61
C15 A86 UK . 44.82 -18.41 21.78
C16 A86 UK . 44.06 -17.44 20.89
C17 A86 UK . 44.84 -16.45 20.03
C18 A86 UK . 45.94 -15.87 20.80
C19 A86 UK . 46.96 -17.03 21.06
C2 A86 UK . 40.53 -29.78 25.55
C20 A86 UK . 46.21 -17.98 22.13
C21 A86 UK . 47.18 -19.22 22.27
C22 A86 UK . 43.11 -16.61 21.80
C23 A86 UK . 43.16 -18.22 19.96
C24 A86 UK . 39.83 -32.02 26.17
C25 A86 UK . 39.40 -33.16 26.91
C26 A86 UK . 38.74 -33.17 28.40
C27 A86 UK . 38.66 -34.46 28.99
C28 A86 UK . 38.07 -34.64 30.33
C29 A86 UK . 39.23 -35.72 28.18
C3 A86 UK . 40.73 -28.33 25.53
C30 A86 UK . 38.97 -37.07 28.71
C31 A86 UK . 38.69 -38.33 29.29
C32 A86 UK . 37.33 -39.03 29.02
C33 A86 UK . 36.31 -38.86 30.17
C34 A86 UK . 36.92 -39.19 31.53
C35 A86 UK . 38.23 -38.40 31.80
C36 A86 UK . 39.26 -38.62 30.70
C37 A86 UK . 40.44 -37.66 30.93
C38 A86 UK . 36.20 -39.61 33.76
C39 A86 UK . 35.60 -39.08 35.09
C4 A86 UK . 41.32 -27.88 24.35
C40 A86 UK . 36.71 -38.43 27.74
C41 A86 UK . 37.53 -40.55 28.78
C5 A86 UK . 41.68 -26.29 24.06
C6 A86 UK . 42.50 -26.02 22.97
C7 A86 UK . 43.05 -27.17 22.03
C8 A86 UK . 42.88 -24.48 22.68
C9 A86 UK . 43.62 -24.15 21.47
O1 A86 UK . 45.19 -18.13 23.19
O2 A86 UK . 46.52 -14.81 20.08
O3 A86 UK . 39.78 -39.93 30.77
O4 A86 UK . 35.98 -38.88 32.53
O5 A86 UK . 36.83 -40.60 33.75
C A86 VK . 59.40 -22.20 2.06
O A86 VK . 66.49 -20.75 13.16
C1 A86 VK . 60.57 -23.24 2.14
C10 A86 VK . 64.86 -20.97 10.01
C11 A86 VK . 65.20 -21.39 11.35
C12 A86 VK . 65.13 -22.86 11.66
C13 A86 VK . 65.63 -20.45 12.43
C14 A86 VK . 64.90 -18.96 12.67
C15 A86 VK . 65.70 -18.28 13.83
C16 A86 VK . 65.18 -18.46 15.24
C17 A86 VK . 64.40 -17.27 15.82
C18 A86 VK . 65.16 -16.04 15.71
C19 A86 VK . 65.39 -15.72 14.20
C2 A86 VK . 61.60 -23.05 3.08
C20 A86 VK . 66.21 -16.92 13.52
C21 A86 VK . 66.11 -16.61 11.98
C22 A86 VK . 64.21 -19.68 15.30
C23 A86 VK . 66.37 -18.74 16.12
C24 A86 VK . 60.57 -24.48 1.26
C25 A86 VK . 60.37 -24.53 -0.16
C26 A86 VK . 60.13 -23.23 -1.14
C27 A86 VK . 59.32 -23.33 -2.30
C28 A86 VK . 59.14 -22.13 -3.17
C29 A86 VK . 58.57 -24.71 -2.69
C3 A86 VK . 61.59 -21.85 3.94
C30 A86 VK . 57.60 -24.79 -3.81
C31 A86 VK . 56.66 -24.91 -4.89
C32 A86 VK . 56.69 -26.08 -5.91
C33 A86 VK . 56.38 -25.75 -7.39
C34 A86 VK . 55.57 -24.47 -7.66
C35 A86 VK . 55.97 -23.32 -6.72
C36 A86 VK . 55.68 -23.78 -5.29
C37 A86 VK . 55.80 -22.59 -4.31
C38 A86 VK . 54.57 -23.32 -9.49
C39 A86 VK . 53.51 -24.02 -10.40
C4 A86 VK . 62.05 -21.92 5.25
C40 A86 VK . 55.67 -27.14 -5.42
C41 A86 VK . 58.11 -26.70 -5.86
C5 A86 VK . 62.63 -23.35 5.85
C6 A86 VK . 63.40 -23.36 7.03
C7 A86 VK . 63.95 -24.74 7.62
C8 A86 VK . 63.71 -21.98 7.82
C9 A86 VK . 64.45 -22.13 9.08
O1 A86 VK . 67.15 -18.06 13.56
O2 A86 VK . 64.45 -14.99 16.31
O3 A86 VK . 54.35 -24.25 -5.26
O4 A86 VK . 55.72 -24.06 -9.00
O5 A86 VK . 54.43 -22.19 -9.20
C A86 WK . 37.17 -26.54 25.66
O A86 WK . 32.58 -15.61 31.62
C1 A86 WK . 35.69 -26.86 26.05
C10 A86 WK . 33.45 -18.82 30.23
C11 A86 WK . 32.65 -17.83 30.93
C12 A86 WK . 31.30 -18.17 31.48
C13 A86 WK . 33.20 -16.45 31.08
C14 A86 WK . 34.70 -16.16 30.44
C15 A86 WK . 35.39 -14.82 30.89
C16 A86 WK . 35.63 -14.60 32.37
C17 A86 WK . 34.64 -13.66 33.06
C18 A86 WK . 34.59 -12.37 32.36
C19 A86 WK . 33.99 -12.60 30.94
C2 A86 WK . 34.91 -25.91 26.76
C20 A86 WK . 34.94 -13.62 30.14
C21 A86 WK . 34.06 -14.02 28.88
C22 A86 WK . 37.04 -13.98 32.52
C23 A86 WK . 35.65 -15.91 33.12
C24 A86 WK . 35.09 -28.17 25.64
C25 A86 WK . 35.90 -29.32 25.39
C26 A86 WK . 35.09 -30.65 24.93
C27 A86 WK . 35.73 -31.76 24.34
C28 A86 WK . 37.18 -31.79 24.10
C29 A86 WK . 34.82 -33.01 23.92
C3 A86 WK . 35.54 -24.63 27.11
C30 A86 WK . 35.50 -34.23 23.50
C31 A86 WK . 36.17 -35.40 23.10
C32 A86 WK . 36.64 -36.43 24.16
C33 A86 WK . 37.82 -37.33 23.74
C34 A86 WK . 37.82 -37.72 22.26
C35 A86 WK . 37.59 -36.51 21.32
C36 A86 WK . 36.25 -35.84 21.63
C37 A86 WK . 36.08 -34.59 20.74
C38 A86 WK . 39.01 -39.39 21.04
C39 A86 WK . 40.12 -40.48 21.07
C4 A86 WK . 34.91 -23.63 27.87
C40 A86 WK . 37.07 -35.62 25.40
C41 A86 WK . 35.43 -37.33 24.53
C5 A86 WK . 33.39 -23.81 28.52
C6 A86 WK . 32.80 -22.73 29.18
C7 A86 WK . 31.34 -22.86 29.80
C8 A86 WK . 33.54 -21.30 29.31
C9 A86 WK . 32.86 -20.25 30.06
O1 A86 WK . 36.26 -14.22 29.84
O2 A86 WK . 33.77 -11.47 33.06
O3 A86 WK . 35.19 -36.72 21.37
O4 A86 WK . 39.06 -38.29 21.96
O5 A86 WK . 38.13 -39.49 20.27
C23 UNL XK . 30.56 -14.82 21.78
C24 UNL XK . 31.78 -15.51 22.35
C25 UNL XK . 33.04 -15.04 21.64
C26 UNL XK . 33.31 -13.56 21.87
C27 UNL XK . 34.71 -13.16 21.42
C28 UNL XK . 34.80 -11.66 21.21
C29 UNL XK . 35.99 -11.04 21.92
C30 UNL XK . 36.92 -10.32 20.93
C31 UNL XK . 37.57 -9.07 21.52
C32 UNL XK . 38.56 -8.48 20.53
C33 UNL XK . 38.93 -7.06 20.90
C34 UNL XK . 40.15 -6.55 20.16
C35 UNL XK . 41.15 -5.93 21.14
C36 UNL XK . 42.13 -5.00 20.45
C37 UNL XK . 42.35 -3.73 21.29
C38 UNL XK . 43.44 -2.87 20.69
C28 UNL YK . 50.51 -24.44 8.59
C29 UNL YK . 49.49 -24.59 9.71
C30 UNL YK . 48.58 -25.79 9.45
C31 UNL YK . 47.92 -26.23 10.75
C32 UNL YK . 46.80 -27.23 10.48
C33 UNL YK . 45.59 -26.54 9.87
C28 UNL ZK . 39.48 -30.13 7.42
C29 UNL ZK . 40.11 -31.24 6.58
C30 UNL ZK . 39.09 -32.31 6.24
C31 UNL ZK . 39.33 -32.88 4.85
C32 UNL ZK . 40.37 -33.98 4.89
C33 UNL ZK . 39.77 -35.28 5.41
C24 UNL AL . 61.57 -29.10 27.13
C25 UNL AL . 62.36 -28.43 26.03
C26 UNL AL . 63.62 -27.75 26.58
C27 UNL AL . 64.20 -26.79 25.55
C28 UNL AL . 64.86 -27.53 24.39
C29 UNL AL . 66.27 -27.95 24.72
C30 UNL AL . 67.32 -27.12 23.97
C31 UNL AL . 68.15 -26.28 24.92
C32 UNL AL . 69.53 -25.99 24.33
C33 UNL AL . 70.24 -24.87 25.09
#